data_3H0G
#
_entry.id   3H0G
#
_cell.length_a   163.034
_cell.length_b   202.684
_cell.length_c   391.258
_cell.angle_alpha   90.000
_cell.angle_beta   90.000
_cell.angle_gamma   90.000
#
_symmetry.space_group_name_H-M   'P 21 21 21'
#
loop_
_entity.id
_entity.type
_entity.pdbx_description
1 polymer 'DNA-directed RNA polymerase II subunit rpb1'
2 polymer 'DNA-directed RNA polymerase II subunit RPB2'
3 polymer 'DNA-directed RNA polymerase II subunit RPB3'
4 polymer 'DNA-directed RNA polymerase II subunit rpb4'
5 polymer 'DNA-directed RNA polymerases I, II, and III subunit RPABC1'
6 polymer 'DNA-directed RNA polymerases I, II, and III subunit RPABC2'
7 polymer 'DNA-directed RNA polymerase II subunit rpb7'
8 polymer 'DNA-directed RNA polymerases I, II, and III subunit RPABC3'
9 polymer 'DNA-directed RNA polymerase II subunit RPB9'
10 polymer 'DNA-directed RNA polymerases I, II, and III subunit RPABC5'
11 polymer 'DNA-directed RNA polymerase II subunit RPB11'
12 polymer 'DNA-directed RNA polymerases I, II, and III subunit RPABC4'
13 non-polymer 'ZINC ION'
14 non-polymer 'MAGNESIUM ION'
#
loop_
_entity_poly.entity_id
_entity_poly.type
_entity_poly.pdbx_seq_one_letter_code
_entity_poly.pdbx_strand_id
1 'polypeptide(L)'
;MSGIQFSPSSVPLRRVEEVQFGILSPEEIRSMSVAKIEFPETMDESGQRPRVGGLLDPRLGTIDRQFKCQTCGETMADCP
GHFGHIELAKPVFHIGFLSKIKKILECVCWNCGKLKIDSSNPKFNDTQRYRDPKNRLNAVWNVCKTKMVCDTGLSAGSDN
FDLSNPSANMGHGGCGAAQPTIRKDGLRLWGSWKRGKDESDLPEKRLLSPLEVHTIFTHISSEDLAHLGLNEQYARPDWM
IITVLPVPPPSVRPSISVDGTSRGEDDLTHKLSDIIKANANVRRCEQEGAPAHIVSEYEQLLQFHVATYMDNEIAGQPQA
LQKSGRPLKSIRARLKGKEGRLRGNLMGKRVDFSARTVITGDPNLSLDELGVPRSIAKTLTYPETVTPYNIYQLQELVRN
GPDEHPGAKYIIRDTGERIDLRYHKRAGDIPLRYGWRVERHIRDGDVVIFNRQPSLHKMSMMGHRIRVMPYSTFRLNLSV
TSPYNADFDGDEMNMHVPQSEETRAEIQEITMVPKQIVSPQSNKPVMGIVQDTLAGVRKFSLRDNFLTRNAVMNIMLWVP
DWDGILPPPVILKPKVLWTGKQILSLIIPKGINLIRDDDKQSLSNPTDSGMLIENGEIIYGVVDKKTVGASQGGLVHTIW
KEKGPEICKGFFNGIQRVVNYWLLHNGFSIGIGDTIADADTMKEVTRTVKEARRQVAECIQDAQHNRLKPEPGMTLRESF
EAKVSRILNQARDNAGRSAEHSLKDSNNVKQMVAAGSKGSFINISQMSACVGQQIVEGKRIPFGFKYRTLPHFPKDDDSP
ESRGFIENSYLRGLTPQEFFFHAMAGREGLIDTAVKTAETGYIQRRLVKAMEDVMVRYDGTVRNAMGDIIQFAYGEDGLD
ATLVEYQVFDSLRLSTKQFEKKYRIDLMEDRSLSLYMENSIENDSSVQDLLDEEYTQLVADRELLCKFIFPKGDARWPLP
VNVQRIIQNALQIFHLEAKKPTDLLPSDIINGLNELIAKLTIFRGSDRITRDVQNNATLLFQILLRSKFAVKRVIMEYRL
NKVAFEWIMGEVEARFQQAVVSPGEMVGTLAAQSIGEPATQMTLNTFHYAGVSSKNVTLGVPRLKEILNVAKNIKTPSLT
IYLMPWIAANMDLAKNVQTQIEHTTLSTVTSATEIHYDPDPQDTVIEEDKDFVEAFFAIPDEEVEENLYKQSPWLLRLEL
DRAKMLDKKLSMSDVAGKIAESFERDLFTIWSEDNADKLIIRCRIIRDDDRKAEDDDNMIEEDVFLKTIEGHMLESISLR
GVPNITRVYMMEHKIVRQIEDGTFERADEWVLETDGINLTEAMTVEGVDATRTYSNSFVEILQILGIEATRSALLKELRN
VIEFDGSYVNYRHLALLCDVMTSRGHLMAITRHGINRAETGALMRCSFEETVEILMDAAASGEKDDCKGISENIMLGQLA
PMGTGAFDIYLDQDMLMNYSLGTAVPTLAGSGMGTSQLPEGAGTPYERSPMVDSGFVGSPDAAAFSPLVQGGSEGREGFG
DYGLLGAASPYKGVQSPGYTSPFSSAMSPGYGLTSPSYSPSSPGYSTSPAYMPSSPSYSPTSPSYSPTSPSYSPTSPSYS
PTSPSYSATSPSYSPTSPSYSPTSPSYSPTSPSYSPTSPSYSPTSPSYSPTSPSYSPTSPSYSPTSPSYSPTSPSYSPTS
PSYSPTSPSYSPTSPSYSPTSPSYSPTSPSYSPTSPSYSPTSPSYSPTSPSYSPTSPSYSPTSPSYSPTSPS
;
A,M
2 'polypeptide(L)'
;MSYEDYQYNETLTQEDCWTVISSFFEETSLARQQLFSFDEFVQNTMQEIVDDDSTLTLDQYAQHTGAQGDVTRRYEINFG
QIYLSRPTMTEADGSTTTMFPQEARLRNLTYSSPLYVDMRKKVMVAADSNVPIGEEEWLVEEEDEEPSKVFIGKIPIMLR
STFCILNGVSDSELYDLNECPYDQGGYFIINGSEKVIIAQERSAANIVQVFKKAAPSPIAYVAEIRSALERGSRLISSMQ
IKLMARNTENSGQTIRATLPYIRSDIPIVIVFRALGVVPDRDILEHICYDPNDFQMLEMMKPCIEEAFVIQDKDIALDYI
GKRGSTTGVTREKRLRYAHDILQKELLPHITTMEGFETRKAFFLGYMIHRMLLCALERREPDDRDHFGKKRLDLAGPLLA
SLFRMLFRKMTRDVYKYMQKCVETNREFNLTLAVKSNIITNGLRYSLATGNWGDQKRSMVNRVGVSQVLNRYTFASTLSH
LRRTNTPIGRDGKLAKPRQLHNTHWGMVCPAETPEGQACGLVKNLSLMSYVSVGSPSAPIIEFLEEWGLETLEDYNPSAS
PNATKVFVNGVWLGVHRDPAHLTETLRSLRRRLDISAEVSIVRDIREKELRLFTDAGRICRPLFIVDNNPNSERRGELCI
RKEHIQQLIEDKDRYDIDPEQRFGWTALVSSGLIEYLDAEEEETVMIAMSPEDLEASRQMQAGYEVKEELDPAQRVKPAP
NPHVHAWTHCEIHPAMILGILASIIPFPDHNQSPRNTYQSAMGKQAMGVYLTNYQVRMDTMANILYYPQKPLATTRSMEY
LKFRELPAGQNAIVAILCYSGYNQEDSIIMNQASIDRGLFRSIFYRTYTDQEKKIGMTVMEEFERPVRSTTLRMKHGTYD
KLEDDGLIAPGTRVSGEDIIIGKTAPIPLDHEELGQRTQLHAKRDVSTPLRSTESGIVDQVMVTTNQEGLKFVKVRMRST
RIPQIGDKFASRHGQKGTIGMTYRHEDMPFSAQGIVPDIIINPHAIPSRMTVAHLVECQLSKVSALSGFEGDATPFTDVT
VEAVSKLLRSHGFQSRGFEVMYHGHTGRKLVAQVFLGPTYYQRLKHLVDDKIHARARGPVQILTRQPVEGRSRDGGLRFG
EMERDCQISHGCSSVLRERLFDCSDAYRVIVCDICGLIAIASYKKDSYECRSCQNRTRFSQVYLPYAAKLLFQELMSMNI
APRLFTKNHK
;
B,N
3 'polypeptide(L)'
;MDSETHITIRNISKNSVDFVLTNTSLAVANSLRRVVLAEIPTVAIDLVEINVNTSVMPDEFLAHRLGMIPLDSSNIDEPP
PVGLEYTRNCDCDQYCPKCSVELFLNAKCTGEGTMEIYARDLVVSSNSSLGHPILADPKSRGPLICKLRKEQEISLRCIA
KKGIAKEHAKWSPTSAVAFEYDPWNKLQHTDYWFENDADAEWPKSKNADWEEPPREGEPFNFQEEPRRFYMDVESVGSIP
PNEIMVQGLRILQEKLAVLVRDLDEEQPTQLSANELNMEENAEMNWSPYQNGEENTW
;
C,O
4 'polypeptide(L)'
;MPRAIFEEDAAQLKLGPEFENEDMLTVSEAKILIETVLAQRARETNGEIPMTDVMKKTVAYFNVFARFKTAEATYACERI
LGNRFHKFERAQLGTLCCEDAEEARTLIPSLANKIDDQNLQGILDELSTLRKFQD
;
D,P
5 'polypeptide(L)'
;MSAEEKNIVRVFRAWKTAHQLVHDRGYGVSQAELDLTLDQFKAMHCGMGRNLDRTTLSFYAKPSNDSNKGTIYIEFAKEP
SVGIKEMRTFVHTLGDHNHKTGILIYANSMTPSAAKIIATVTGQFTIETFQESDLIVNITHHELVPKHILLSPDEKKELL
DRYKLRETQLPRIQLADPVARYLGLKRGEVVKIVRRSETSGRYNSYRICA
;
E,Q
6 'polypeptide(L)'
;MSDYEEDEAFGMDGAVMEEEVDELEMIDENGQSQQGVSHPGEPSTTVITEDVASSKTAQSGKAVAKEDRTTTPYMTKYER
ARILGTRALQISMNAPVLVDLEGETDPLQIAMKELAQKKIPLLVRRYLPDGSYEDWSVAELI
;
F,R
7 'polypeptide(L)'
;MPFFLKELSLTISLHPSYFGPRMQDYLKAKLLADVEGTCSGQYGYIICVLDSNTIDIDKGRVVPGQGFAEFEVKYRAVLW
RPFRGEVVDAIVTTVNKMGFFANIGPLNVFVSSHLVPPDMKFDPTANPPNYSGEDQVIEKGSNVRLKIVGTRTDATEIFA
IATMKEDYLGVL
;
G,S
8 'polypeptide(L)'
;MSESVLLDEIFTVTSVDKQKYQRVSRITAVSGQNDMNLTLDINSQIYPLEKDATFSLQITSNLNSPDLKEAADYIMYGKV
YRVEEAKDEKVSVYVSFGGLLMAIEGSHRKLYRLSLDHVYLLLRR
;
H,T
9 'polypeptide(L)'
;MSNFQYCIECNNMLYPREDKVDRVLRLACRNCDYSEIAATSKVYRHELQSSNVENTTVSHDASTDPTLPRSDKECPRCHQ
HEAVFYQTHSRRGDTMMTLIYVCVHCGFAFEEQ
;
I,U
10 'polypeptide(L)' MIIPIRCFSCGKVIGDKWDTYLTLLQEDNTEGEALDKLGLQRYCCRRMILTHVDLIEKLLCYNPLSKQKNL J,V
11 'polypeptide(L)'
;MNQPERYELIELMGLPKVTYELDSKSPNAAVVTLEKEDHTLANMLANQLLSDERVLFAGYKVPHPLNHNFILRVQTVEDC
SPKQVIVDAAKSLITHLEEIKVNFMREWELKMISVEGVEMEFS
;
K,W
12 'polypeptide(L)' MNHPTSTGGTAFNPPRPATMIYLCADCGARNTIQAKEVIRCRECGHRVMYKMRTKRMVQFEAR L,X
#
# COMPACT_ATOMS: atom_id res chain seq x y z
N SER A 2 23.76 -5.71 -13.20
CA SER A 2 23.92 -6.97 -13.90
C SER A 2 22.75 -7.92 -13.62
N GLY A 3 21.99 -7.60 -12.58
CA GLY A 3 20.84 -8.41 -12.20
C GLY A 3 21.17 -9.41 -11.11
N ILE A 4 20.29 -10.37 -10.91
CA ILE A 4 20.48 -11.40 -9.89
C ILE A 4 20.47 -12.78 -10.51
N GLN A 5 21.13 -13.73 -9.85
CA GLN A 5 21.20 -15.11 -10.32
C GLN A 5 21.39 -16.08 -9.17
N PHE A 6 20.40 -16.15 -8.29
CA PHE A 6 20.45 -17.04 -7.14
C PHE A 6 21.65 -16.73 -6.25
N SER A 7 21.86 -15.45 -5.99
CA SER A 7 22.97 -15.01 -5.15
C SER A 7 24.03 -16.10 -5.02
N PRO A 8 24.44 -16.67 -6.14
CA PRO A 8 25.44 -17.73 -6.16
C PRO A 8 26.62 -17.40 -5.25
N SER A 9 27.09 -16.16 -5.31
CA SER A 9 28.22 -15.74 -4.48
C SER A 9 29.43 -16.63 -4.70
N SER A 10 29.55 -17.67 -3.88
CA SER A 10 30.67 -18.60 -3.97
C SER A 10 31.79 -18.02 -4.82
N VAL A 11 32.21 -18.77 -5.84
CA VAL A 11 33.28 -18.34 -6.72
C VAL A 11 33.08 -16.90 -7.17
N PRO A 12 33.64 -15.97 -6.41
CA PRO A 12 33.53 -14.54 -6.73
C PRO A 12 32.80 -14.30 -8.05
N LEU A 13 33.55 -13.91 -9.08
CA LEU A 13 32.96 -13.66 -10.39
C LEU A 13 34.03 -13.72 -11.48
N ARG A 14 34.82 -12.66 -11.60
CA ARG A 14 35.87 -12.60 -12.60
C ARG A 14 35.34 -12.97 -13.98
N ARG A 15 35.05 -11.96 -14.79
CA ARG A 15 34.54 -12.19 -16.14
C ARG A 15 35.55 -12.94 -17.00
N VAL A 16 35.05 -13.60 -18.05
CA VAL A 16 35.91 -14.35 -18.94
C VAL A 16 36.89 -13.38 -19.57
N GLU A 17 38.17 -13.73 -19.55
CA GLU A 17 39.19 -12.83 -20.09
C GLU A 17 39.88 -13.37 -21.34
N GLU A 18 40.08 -14.69 -21.40
CA GLU A 18 40.70 -15.31 -22.56
C GLU A 18 39.84 -16.50 -22.89
N VAL A 19 39.93 -16.95 -24.14
CA VAL A 19 39.21 -18.12 -24.59
C VAL A 19 40.21 -19.07 -25.26
N GLN A 20 40.44 -20.23 -24.66
CA GLN A 20 41.40 -21.19 -25.19
C GLN A 20 40.73 -22.26 -26.03
N PHE A 21 40.97 -22.23 -27.34
CA PHE A 21 40.38 -23.20 -28.25
C PHE A 21 41.29 -24.43 -28.39
N GLY A 22 40.86 -25.54 -27.79
CA GLY A 22 41.63 -26.77 -27.85
C GLY A 22 40.92 -27.86 -28.63
N ILE A 23 41.43 -29.09 -28.54
CA ILE A 23 40.84 -30.21 -29.24
C ILE A 23 40.56 -31.37 -28.29
N LEU A 24 39.31 -31.51 -27.87
CA LEU A 24 38.92 -32.57 -26.96
C LEU A 24 39.77 -33.82 -27.16
N SER A 25 39.97 -34.57 -26.08
CA SER A 25 40.78 -35.78 -26.13
C SER A 25 40.05 -36.96 -25.48
N PRO A 26 40.11 -38.12 -26.11
CA PRO A 26 39.46 -39.32 -25.60
C PRO A 26 39.63 -39.44 -24.08
N GLU A 27 40.86 -39.35 -23.61
CA GLU A 27 41.15 -39.46 -22.19
C GLU A 27 40.34 -38.44 -21.38
N GLU A 28 40.39 -37.18 -21.80
CA GLU A 28 39.66 -36.12 -21.12
C GLU A 28 38.15 -36.34 -21.22
N ILE A 29 37.69 -36.65 -22.43
CA ILE A 29 36.27 -36.89 -22.65
C ILE A 29 35.71 -37.91 -21.66
N ARG A 30 36.50 -38.93 -21.36
CA ARG A 30 36.10 -39.96 -20.41
C ARG A 30 36.05 -39.42 -18.99
N SER A 31 37.13 -38.76 -18.58
CA SER A 31 37.21 -38.19 -17.24
C SER A 31 36.07 -37.21 -16.99
N MET A 32 35.92 -36.23 -17.87
CA MET A 32 34.87 -35.24 -17.74
C MET A 32 33.52 -35.91 -17.52
N SER A 33 33.15 -36.82 -18.40
CA SER A 33 31.90 -37.55 -18.30
C SER A 33 31.86 -38.40 -17.03
N VAL A 34 30.69 -38.45 -16.39
CA VAL A 34 30.53 -39.22 -15.16
C VAL A 34 29.45 -40.29 -15.32
N ALA A 35 28.99 -40.49 -16.55
CA ALA A 35 27.96 -41.47 -16.83
C ALA A 35 28.52 -42.64 -17.64
N LYS A 36 27.67 -43.64 -17.88
CA LYS A 36 28.07 -44.82 -18.64
C LYS A 36 27.54 -44.76 -20.06
N ILE A 37 26.32 -45.25 -20.25
CA ILE A 37 25.69 -45.27 -21.57
C ILE A 37 25.88 -46.61 -22.25
N GLU A 38 25.26 -47.64 -21.71
CA GLU A 38 25.35 -48.99 -22.27
C GLU A 38 24.02 -49.44 -22.85
N PHE A 39 22.98 -48.65 -22.62
CA PHE A 39 21.64 -48.98 -23.11
C PHE A 39 21.34 -48.23 -24.41
N PRO A 40 22.18 -48.46 -25.41
CA PRO A 40 22.01 -47.82 -26.72
C PRO A 40 20.57 -47.35 -26.93
N GLU A 41 19.67 -48.29 -27.19
CA GLU A 41 18.26 -47.96 -27.40
C GLU A 41 17.57 -47.61 -26.09
N THR A 42 18.15 -46.65 -25.36
CA THR A 42 17.60 -46.23 -24.08
C THR A 42 16.19 -45.65 -24.25
N MET A 43 16.02 -44.38 -23.90
CA MET A 43 14.74 -43.72 -24.01
C MET A 43 13.76 -44.22 -22.94
N ASP A 44 14.31 -44.63 -21.80
CA ASP A 44 13.50 -45.13 -20.70
C ASP A 44 12.80 -46.43 -21.07
N GLU A 45 13.33 -47.11 -22.08
CA GLU A 45 12.74 -48.36 -22.55
C GLU A 45 13.02 -49.50 -21.57
N SER A 46 12.57 -49.32 -20.33
CA SER A 46 12.77 -50.32 -19.29
C SER A 46 11.45 -51.04 -18.96
N GLY A 47 10.39 -50.67 -19.67
CA GLY A 47 9.09 -51.27 -19.46
C GLY A 47 8.19 -50.42 -18.59
N GLN A 48 8.75 -49.32 -18.06
CA GLN A 48 8.00 -48.42 -17.21
C GLN A 48 8.28 -46.97 -17.57
N ARG A 49 7.89 -46.05 -16.67
CA ARG A 49 8.10 -44.63 -16.89
C ARG A 49 9.15 -44.07 -15.93
N PRO A 50 10.26 -44.79 -15.78
CA PRO A 50 11.34 -44.36 -14.89
C PRO A 50 12.55 -43.87 -15.67
N ARG A 51 13.53 -44.74 -15.87
CA ARG A 51 14.75 -44.38 -16.61
C ARG A 51 15.90 -45.31 -16.26
N VAL A 52 17.02 -45.12 -16.93
CA VAL A 52 18.21 -45.94 -16.70
C VAL A 52 18.36 -47.03 -17.76
N GLY A 53 19.60 -47.41 -18.04
CA GLY A 53 20.74 -46.84 -17.36
C GLY A 53 21.82 -46.36 -18.31
N GLY A 54 21.87 -45.05 -18.53
CA GLY A 54 22.85 -44.47 -19.42
C GLY A 54 22.21 -43.69 -20.55
N LEU A 55 21.26 -42.82 -20.21
CA LEU A 55 20.55 -42.02 -21.20
C LEU A 55 19.89 -40.81 -20.56
N LEU A 56 18.81 -41.05 -19.82
CA LEU A 56 18.08 -39.98 -19.16
C LEU A 56 18.71 -39.64 -17.81
N ASP A 57 18.65 -40.59 -16.88
CA ASP A 57 19.23 -40.40 -15.55
C ASP A 57 20.73 -40.14 -15.62
N PRO A 58 21.50 -40.98 -14.95
CA PRO A 58 22.96 -40.85 -14.93
C PRO A 58 23.43 -39.70 -15.84
N ARG A 59 23.17 -38.47 -15.42
CA ARG A 59 22.47 -38.21 -14.17
C ARG A 59 21.03 -37.77 -14.42
N LEU A 60 20.85 -36.82 -15.32
CA LEU A 60 21.99 -36.21 -16.02
C LEU A 60 22.02 -34.70 -15.81
N GLY A 61 20.87 -34.05 -15.98
CA GLY A 61 20.76 -32.63 -15.81
C GLY A 61 19.33 -32.21 -15.59
N THR A 62 18.45 -33.20 -15.43
CA THR A 62 17.04 -32.94 -15.20
C THR A 62 16.36 -32.46 -16.48
N ILE A 63 15.04 -32.57 -16.52
CA ILE A 63 14.27 -32.15 -17.70
C ILE A 63 12.92 -31.55 -17.29
N ASP A 64 12.58 -31.70 -16.02
CA ASP A 64 11.31 -31.18 -15.51
C ASP A 64 11.49 -30.60 -14.11
N ARG A 65 10.41 -30.05 -13.56
CA ARG A 65 10.43 -29.46 -12.23
C ARG A 65 10.77 -30.50 -11.16
N GLN A 66 9.79 -31.32 -10.83
CA GLN A 66 9.97 -32.36 -9.82
C GLN A 66 11.20 -33.23 -10.14
N PHE A 67 12.38 -32.67 -9.91
CA PHE A 67 13.62 -33.38 -10.17
C PHE A 67 14.83 -32.56 -9.74
N LYS A 68 15.68 -33.16 -8.90
CA LYS A 68 16.87 -32.48 -8.41
C LYS A 68 18.14 -33.16 -8.91
N CYS A 69 18.11 -33.63 -10.15
CA CYS A 69 19.25 -34.30 -10.75
C CYS A 69 20.52 -34.09 -9.92
N GLN A 70 20.74 -34.97 -8.95
CA GLN A 70 21.91 -34.88 -8.08
C GLN A 70 23.11 -34.31 -8.84
N THR A 71 23.91 -33.51 -8.14
CA THR A 71 25.09 -32.89 -8.74
C THR A 71 24.97 -31.38 -8.76
N CYS A 72 23.74 -30.88 -8.78
CA CYS A 72 23.49 -29.44 -8.80
C CYS A 72 21.99 -29.15 -8.76
N GLY A 73 21.57 -28.16 -9.53
CA GLY A 73 20.16 -27.78 -9.57
C GLY A 73 19.94 -26.34 -9.14
N GLU A 74 18.68 -25.94 -9.06
CA GLU A 74 17.57 -26.83 -9.36
C GLU A 74 17.29 -26.87 -10.85
N THR A 75 16.05 -27.21 -11.22
CA THR A 75 15.65 -27.28 -12.61
C THR A 75 14.51 -26.31 -12.91
N MET A 76 14.23 -26.12 -14.19
CA MET A 76 14.95 -26.81 -15.26
C MET A 76 16.24 -26.07 -15.60
N ALA A 77 16.27 -24.76 -15.33
CA ALA A 77 17.44 -23.95 -15.61
C ALA A 77 18.47 -24.08 -14.49
N ASP A 78 19.41 -23.13 -14.44
CA ASP A 78 20.46 -23.15 -13.43
C ASP A 78 21.21 -24.48 -13.43
N CYS A 79 20.64 -25.47 -14.10
CA CYS A 79 21.25 -26.79 -14.18
C CYS A 79 21.71 -27.09 -15.60
N PRO A 80 23.00 -26.86 -15.86
CA PRO A 80 23.57 -27.09 -17.19
C PRO A 80 23.68 -28.58 -17.51
N GLY A 81 23.73 -28.92 -18.79
CA GLY A 81 23.84 -30.31 -19.21
C GLY A 81 25.13 -30.96 -18.73
N HIS A 82 25.03 -32.24 -18.37
CA HIS A 82 26.20 -32.98 -17.90
C HIS A 82 26.72 -33.93 -18.98
N PHE A 83 27.69 -33.45 -19.75
CA PHE A 83 28.29 -34.27 -20.81
C PHE A 83 28.66 -35.65 -20.30
N GLY A 84 28.76 -36.61 -21.23
CA GLY A 84 29.10 -37.97 -20.87
C GLY A 84 29.75 -38.73 -22.02
N HIS A 85 30.66 -39.63 -21.69
CA HIS A 85 31.35 -40.43 -22.70
C HIS A 85 30.50 -41.62 -23.14
N ILE A 86 30.80 -42.16 -24.31
CA ILE A 86 30.07 -43.30 -24.84
C ILE A 86 31.02 -44.39 -25.34
N GLU A 87 31.95 -44.79 -24.47
CA GLU A 87 32.92 -45.82 -24.81
C GLU A 87 33.14 -45.89 -26.31
N LEU A 88 33.27 -47.12 -26.83
CA LEU A 88 33.48 -47.32 -28.25
C LEU A 88 34.06 -48.71 -28.52
N ALA A 89 35.39 -48.82 -28.45
CA ALA A 89 36.06 -50.09 -28.68
C ALA A 89 35.88 -50.56 -30.13
N LYS A 90 35.72 -49.60 -31.04
CA LYS A 90 35.53 -49.92 -32.45
C LYS A 90 36.01 -48.78 -33.34
N PRO A 91 37.31 -48.54 -33.34
CA PRO A 91 37.90 -47.47 -34.15
C PRO A 91 36.87 -46.84 -35.09
N VAL A 92 36.50 -45.60 -34.80
CA VAL A 92 35.53 -44.88 -35.63
C VAL A 92 36.19 -43.73 -36.38
N PHE A 93 35.59 -43.35 -37.51
CA PHE A 93 36.12 -42.27 -38.33
C PHE A 93 35.65 -40.92 -37.82
N HIS A 94 35.88 -39.88 -38.62
CA HIS A 94 35.47 -38.52 -38.25
C HIS A 94 35.58 -37.58 -39.44
N ILE A 95 34.52 -37.51 -40.23
CA ILE A 95 34.49 -36.63 -41.40
C ILE A 95 35.36 -35.40 -41.19
N GLY A 96 34.76 -34.33 -40.71
CA GLY A 96 35.47 -33.09 -40.45
C GLY A 96 36.95 -33.31 -40.23
N PHE A 97 37.34 -33.42 -38.96
CA PHE A 97 38.74 -33.64 -38.62
C PHE A 97 39.38 -34.69 -39.52
N LEU A 98 38.54 -35.53 -40.12
CA LEU A 98 39.02 -36.58 -41.01
C LEU A 98 39.74 -35.99 -42.22
N SER A 99 39.13 -34.97 -42.83
CA SER A 99 39.71 -34.32 -43.99
C SER A 99 41.17 -33.93 -43.74
N LYS A 100 41.41 -33.27 -42.62
CA LYS A 100 42.75 -32.83 -42.26
C LYS A 100 43.70 -34.02 -42.12
N ILE A 101 43.33 -34.96 -41.27
CA ILE A 101 44.14 -36.16 -41.04
C ILE A 101 44.55 -36.80 -42.37
N LYS A 102 43.66 -36.76 -43.35
CA LYS A 102 43.92 -37.33 -44.66
C LYS A 102 44.98 -36.53 -45.41
N LYS A 103 44.86 -35.21 -45.35
CA LYS A 103 45.81 -34.33 -46.02
C LYS A 103 47.23 -34.55 -45.52
N ILE A 104 47.37 -34.67 -44.20
CA ILE A 104 48.67 -34.89 -43.58
C ILE A 104 49.46 -35.97 -44.32
N LEU A 105 48.98 -37.20 -44.23
CA LEU A 105 49.62 -38.33 -44.88
C LEU A 105 50.99 -37.92 -45.46
N GLU A 106 52.04 -38.24 -44.70
CA GLU A 106 53.40 -37.91 -45.13
C GLU A 106 54.05 -36.91 -44.18
N CYS A 107 53.56 -36.86 -42.94
CA CYS A 107 54.08 -35.96 -41.93
C CYS A 107 54.86 -36.72 -40.87
N VAL A 108 55.00 -38.03 -41.05
CA VAL A 108 55.73 -38.87 -40.11
C VAL A 108 56.06 -40.23 -40.72
N CYS A 109 55.31 -40.60 -41.76
CA CYS A 109 55.53 -41.87 -42.44
C CYS A 109 55.24 -43.04 -41.51
N TRP A 110 54.56 -44.06 -42.03
CA TRP A 110 54.21 -45.24 -41.25
C TRP A 110 55.32 -46.30 -41.34
N ASN A 111 55.66 -46.87 -40.19
CA ASN A 111 55.03 -46.51 -38.93
C ASN A 111 56.00 -45.85 -37.96
N CYS A 112 57.28 -45.86 -38.31
CA CYS A 112 58.32 -45.26 -37.49
C CYS A 112 57.85 -43.94 -36.89
N GLY A 113 56.97 -43.24 -37.61
CA GLY A 113 56.44 -41.97 -37.16
C GLY A 113 57.53 -40.96 -36.90
N LYS A 114 58.15 -40.47 -37.97
CA LYS A 114 59.22 -39.48 -37.86
C LYS A 114 59.17 -38.48 -39.01
N LEU A 115 59.01 -37.20 -38.66
CA LEU A 115 58.95 -36.14 -39.66
C LEU A 115 59.62 -36.57 -40.96
N LYS A 116 58.98 -36.22 -42.08
CA LYS A 116 59.51 -36.58 -43.40
C LYS A 116 60.87 -35.93 -43.65
N ILE A 117 60.90 -34.61 -43.61
CA ILE A 117 62.14 -33.86 -43.82
C ILE A 117 63.30 -34.50 -43.08
N ASP A 118 64.50 -33.98 -43.31
CA ASP A 118 65.69 -34.51 -42.67
C ASP A 118 66.33 -33.47 -41.75
N SER A 119 67.13 -32.58 -42.34
CA SER A 119 67.81 -31.53 -41.59
C SER A 119 68.12 -30.33 -42.47
N SER A 120 68.25 -30.56 -43.76
CA SER A 120 68.08 -31.90 -44.32
C SER A 120 69.02 -32.13 -45.51
N ASN A 121 68.65 -31.60 -46.67
CA ASN A 121 67.42 -30.84 -46.83
C ASN A 121 67.18 -29.86 -45.68
N PRO A 122 68.15 -28.99 -45.45
CA PRO A 122 68.06 -27.99 -44.37
C PRO A 122 67.15 -26.83 -44.75
N LYS A 123 67.02 -26.58 -46.05
CA LYS A 123 66.18 -25.49 -46.53
C LYS A 123 64.70 -25.83 -46.43
N PHE A 124 64.32 -26.98 -46.98
CA PHE A 124 62.94 -27.43 -46.93
C PHE A 124 62.39 -27.37 -45.51
N ASN A 125 63.10 -27.99 -44.58
CA ASN A 125 62.69 -28.02 -43.18
C ASN A 125 62.70 -26.63 -42.55
N ASP A 126 63.75 -25.86 -42.86
CA ASP A 126 63.88 -24.51 -42.33
C ASP A 126 62.83 -23.58 -42.91
N THR A 127 62.54 -23.74 -44.19
CA THR A 127 61.54 -22.92 -44.87
C THR A 127 60.16 -23.13 -44.27
N GLN A 128 59.82 -24.39 -43.98
CA GLN A 128 58.53 -24.72 -43.40
C GLN A 128 58.36 -24.08 -42.02
N ARG A 129 59.47 -23.87 -41.33
CA ARG A 129 59.45 -23.27 -40.01
C ARG A 129 59.40 -21.75 -40.10
N TYR A 130 59.95 -21.21 -41.18
CA TYR A 130 59.96 -19.76 -41.39
C TYR A 130 58.55 -19.21 -41.58
N ARG A 131 57.57 -19.88 -40.96
CA ARG A 131 56.18 -19.46 -41.06
C ARG A 131 55.40 -19.83 -39.81
N ASP A 132 54.73 -18.84 -39.23
CA ASP A 132 53.94 -19.05 -38.01
C ASP A 132 53.22 -20.39 -38.05
N PRO A 133 52.83 -20.89 -36.89
CA PRO A 133 52.12 -22.17 -36.79
C PRO A 133 50.74 -22.10 -37.43
N LYS A 134 50.14 -23.26 -37.67
CA LYS A 134 48.81 -23.33 -38.28
C LYS A 134 48.88 -23.02 -39.78
N ASN A 135 50.10 -22.90 -40.30
CA ASN A 135 50.31 -22.61 -41.70
C ASN A 135 51.39 -23.48 -42.33
N ARG A 136 52.46 -23.70 -41.58
CA ARG A 136 53.57 -24.52 -42.05
C ARG A 136 53.07 -25.75 -42.81
N LEU A 137 51.78 -26.03 -42.67
CA LEU A 137 51.17 -27.17 -43.34
C LEU A 137 51.56 -27.21 -44.82
N ASN A 138 51.43 -26.08 -45.49
CA ASN A 138 51.76 -25.99 -46.90
C ASN A 138 53.09 -26.67 -47.23
N ALA A 139 54.10 -26.42 -46.41
CA ALA A 139 55.41 -27.01 -46.60
C ALA A 139 55.36 -28.53 -46.49
N VAL A 140 54.63 -29.01 -45.49
CA VAL A 140 54.48 -30.45 -45.28
C VAL A 140 53.86 -31.14 -46.49
N TRP A 141 52.74 -30.59 -46.95
CA TRP A 141 52.04 -31.15 -48.11
C TRP A 141 52.96 -31.24 -49.31
N ASN A 142 53.76 -30.20 -49.52
CA ASN A 142 54.70 -30.16 -50.64
C ASN A 142 55.75 -31.27 -50.54
N VAL A 143 56.19 -31.56 -49.32
CA VAL A 143 57.19 -32.59 -49.09
C VAL A 143 56.61 -33.98 -49.31
N CYS A 144 55.35 -34.16 -48.93
CA CYS A 144 54.68 -35.44 -49.07
C CYS A 144 54.50 -35.80 -50.55
N LYS A 145 54.17 -34.80 -51.36
CA LYS A 145 53.97 -35.01 -52.80
C LYS A 145 55.27 -35.41 -53.47
N THR A 146 56.38 -35.02 -52.89
CA THR A 146 57.70 -35.33 -53.44
C THR A 146 58.35 -36.49 -52.70
N LYS A 147 57.72 -36.92 -51.60
CA LYS A 147 58.24 -38.01 -50.80
C LYS A 147 57.69 -39.36 -51.28
N MET A 148 58.08 -40.42 -50.61
CA MET A 148 57.64 -41.76 -50.96
C MET A 148 58.73 -42.80 -50.70
N VAL A 149 59.66 -42.46 -49.80
CA VAL A 149 60.76 -43.36 -49.46
C VAL A 149 61.54 -42.83 -48.26
N CYS A 150 62.25 -43.73 -47.59
CA CYS A 150 63.04 -43.36 -46.43
C CYS A 150 64.54 -43.30 -46.76
N ASP A 151 65.37 -43.59 -45.78
CA ASP A 151 66.82 -43.57 -45.96
C ASP A 151 67.52 -44.43 -44.92
N THR A 152 68.69 -43.97 -44.47
CA THR A 152 69.46 -44.69 -43.48
C THR A 152 68.72 -44.78 -42.15
N GLY A 153 69.28 -44.17 -41.11
CA GLY A 153 68.68 -44.17 -39.80
C GLY A 153 69.05 -42.96 -38.98
N LEU A 154 68.13 -42.00 -38.88
CA LEU A 154 68.37 -40.79 -38.12
C LEU A 154 69.75 -40.21 -38.41
N SER A 155 70.08 -39.11 -37.75
CA SER A 155 71.37 -38.45 -37.94
C SER A 155 72.36 -38.84 -36.85
N ALA A 156 72.66 -40.14 -36.77
CA ALA A 156 73.59 -40.64 -35.77
C ALA A 156 75.04 -40.46 -36.21
N GLY A 157 75.71 -39.49 -35.61
CA GLY A 157 77.09 -39.19 -35.94
C GLY A 157 77.55 -39.93 -37.18
N SER A 158 78.61 -40.73 -37.03
CA SER A 158 79.16 -41.49 -38.15
C SER A 158 79.71 -40.57 -39.22
N ASP A 159 80.96 -40.13 -39.03
CA ASP A 159 81.73 -40.50 -37.87
C ASP A 159 81.09 -39.96 -36.58
N ASN A 160 81.28 -40.68 -35.49
CA ASN A 160 80.73 -40.29 -34.20
C ASN A 160 81.50 -39.14 -33.57
N PHE A 161 80.78 -38.12 -33.12
CA PHE A 161 81.39 -36.95 -32.49
C PHE A 161 80.34 -35.92 -32.10
N ASP A 162 80.78 -34.85 -31.46
CA ASP A 162 79.88 -33.78 -31.02
C ASP A 162 80.60 -32.77 -30.13
N LEU A 163 81.03 -31.67 -30.72
CA LEU A 163 81.73 -30.63 -29.98
C LEU A 163 82.08 -29.45 -30.88
N SER A 164 81.05 -28.77 -31.38
CA SER A 164 79.68 -29.13 -31.08
C SER A 164 79.04 -29.85 -32.26
N ASN A 165 78.80 -31.16 -32.11
CA ASN A 165 78.19 -31.96 -33.16
C ASN A 165 76.98 -32.73 -32.66
N PRO A 166 76.67 -33.84 -33.33
CA PRO A 166 77.47 -34.29 -34.47
C PRO A 166 76.69 -34.17 -35.78
N SER A 167 77.40 -34.09 -36.89
CA SER A 167 76.77 -33.98 -38.20
C SER A 167 77.59 -34.69 -39.27
N ALA A 168 77.57 -36.02 -39.24
CA ALA A 168 76.82 -36.75 -38.22
C ALA A 168 75.32 -36.59 -38.42
N ASN A 169 74.76 -37.38 -39.33
CA ASN A 169 73.33 -37.33 -39.61
C ASN A 169 72.99 -37.95 -40.97
N MET A 170 71.96 -37.42 -41.62
CA MET A 170 71.53 -37.92 -42.93
C MET A 170 71.06 -39.36 -42.82
N GLY A 171 69.73 -39.54 -42.87
CA GLY A 171 68.82 -38.42 -43.00
C GLY A 171 67.40 -38.79 -42.62
N HIS A 172 66.62 -37.78 -42.23
CA HIS A 172 65.23 -38.00 -41.84
C HIS A 172 65.05 -39.35 -41.17
N GLY A 173 65.89 -39.63 -40.17
CA GLY A 173 65.83 -40.88 -39.45
C GLY A 173 66.18 -42.08 -40.31
N GLY A 174 65.45 -43.17 -40.14
CA GLY A 174 65.69 -44.38 -40.90
C GLY A 174 64.46 -45.27 -40.98
N CYS A 175 64.42 -46.12 -42.00
CA CYS A 175 63.29 -47.02 -42.19
C CYS A 175 63.13 -47.39 -43.66
N GLY A 176 62.10 -46.82 -44.30
CA GLY A 176 61.83 -47.08 -45.69
C GLY A 176 60.65 -46.28 -46.21
N ALA A 177 59.52 -46.38 -45.51
CA ALA A 177 58.31 -45.67 -45.90
C ALA A 177 57.07 -46.42 -45.47
N ALA A 178 55.91 -46.02 -46.01
CA ALA A 178 55.87 -44.94 -46.97
C ALA A 178 56.21 -45.42 -48.37
N GLN A 179 56.12 -44.53 -49.35
CA GLN A 179 56.42 -44.86 -50.73
C GLN A 179 55.15 -44.94 -51.58
N PRO A 180 54.00 -44.96 -50.90
CA PRO A 180 52.71 -45.03 -51.59
C PRO A 180 51.83 -43.84 -51.27
N THR A 181 51.43 -43.10 -52.30
CA THR A 181 50.58 -41.93 -52.12
C THR A 181 49.14 -42.33 -51.85
N ILE A 182 48.24 -41.35 -51.88
CA ILE A 182 46.83 -41.61 -51.64
C ILE A 182 45.88 -40.58 -52.25
N ARG A 183 44.68 -41.05 -52.57
CA ARG A 183 43.64 -40.21 -53.17
C ARG A 183 42.31 -40.47 -52.49
N LYS A 184 41.41 -39.49 -52.56
CA LYS A 184 40.10 -39.57 -51.95
C LYS A 184 39.02 -39.98 -52.94
N ASP A 185 38.40 -41.13 -52.66
CA ASP A 185 37.32 -41.64 -53.50
C ASP A 185 36.13 -41.79 -52.57
N GLY A 186 35.09 -40.99 -52.77
CA GLY A 186 33.92 -41.07 -51.92
C GLY A 186 34.33 -40.96 -50.46
N LEU A 187 33.86 -41.90 -49.65
CA LEU A 187 34.20 -41.89 -48.23
C LEU A 187 35.25 -42.93 -47.86
N ARG A 188 36.09 -43.28 -48.82
CA ARG A 188 37.13 -44.28 -48.60
C ARG A 188 38.49 -43.80 -49.12
N LEU A 189 39.56 -44.28 -48.49
CA LEU A 189 40.90 -43.91 -48.90
C LEU A 189 41.60 -45.03 -49.67
N TRP A 190 42.19 -44.67 -50.80
CA TRP A 190 42.89 -45.64 -51.63
C TRP A 190 44.28 -45.17 -52.02
N GLY A 191 45.18 -46.13 -52.21
CA GLY A 191 46.54 -45.80 -52.58
C GLY A 191 47.22 -46.90 -53.37
N SER A 192 48.19 -46.51 -54.19
CA SER A 192 48.94 -47.45 -55.02
C SER A 192 50.33 -47.64 -54.42
N TRP A 193 50.97 -48.76 -54.76
CA TRP A 193 52.29 -49.07 -54.25
C TRP A 193 53.23 -49.51 -55.38
N LYS A 194 54.07 -48.59 -55.84
CA LYS A 194 55.02 -48.89 -56.91
C LYS A 194 56.45 -48.59 -56.49
N ARG A 195 57.40 -48.94 -57.35
CA ARG A 195 58.81 -48.70 -57.08
C ARG A 195 59.52 -48.10 -58.28
N GLY A 196 59.77 -48.92 -59.29
CA GLY A 196 59.37 -50.32 -59.25
C GLY A 196 59.85 -51.09 -60.47
N LYS A 197 59.11 -52.15 -60.82
CA LYS A 197 59.45 -52.97 -61.97
C LYS A 197 59.57 -54.44 -61.58
N ASP A 198 58.52 -54.97 -60.97
CA ASP A 198 58.50 -56.37 -60.53
C ASP A 198 57.14 -56.75 -59.95
N GLU A 199 56.34 -55.74 -59.64
CA GLU A 199 55.01 -55.97 -59.07
C GLU A 199 54.64 -54.87 -58.07
N SER A 200 53.49 -54.25 -58.27
CA SER A 200 53.02 -53.19 -57.38
C SER A 200 51.52 -52.96 -57.54
N ASP A 201 51.11 -51.70 -57.40
CA ASP A 201 49.70 -51.34 -57.53
C ASP A 201 49.53 -49.85 -57.76
N LEU A 202 48.48 -49.48 -58.50
CA LEU A 202 48.21 -48.07 -58.79
C LEU A 202 46.89 -47.63 -58.18
N PRO A 203 46.16 -46.79 -58.90
CA PRO A 203 44.86 -46.28 -58.43
C PRO A 203 43.72 -47.23 -58.79
N GLU A 204 43.28 -48.02 -57.81
CA GLU A 204 42.18 -48.96 -58.03
C GLU A 204 41.54 -49.37 -56.70
N LYS A 205 42.37 -49.81 -55.76
CA LYS A 205 41.89 -50.23 -54.45
C LYS A 205 42.96 -50.08 -53.39
N ARG A 206 42.82 -50.82 -52.29
CA ARG A 206 43.79 -50.77 -51.20
C ARG A 206 43.45 -49.66 -50.22
N LEU A 207 42.76 -50.02 -49.13
CA LEU A 207 42.37 -49.04 -48.12
C LEU A 207 43.33 -49.10 -46.92
N LEU A 208 42.91 -48.48 -45.82
CA LEU A 208 43.72 -48.45 -44.61
C LEU A 208 42.88 -48.76 -43.37
N SER A 209 42.75 -47.77 -42.50
CA SER A 209 41.97 -47.93 -41.28
C SER A 209 42.29 -46.83 -40.27
N PRO A 210 41.52 -46.78 -39.19
CA PRO A 210 41.72 -45.77 -38.15
C PRO A 210 42.64 -46.28 -37.04
N LEU A 211 42.33 -47.45 -36.49
CA LEU A 211 43.14 -48.04 -35.43
C LEU A 211 44.62 -48.02 -35.79
N GLU A 212 44.92 -48.22 -37.07
CA GLU A 212 46.29 -48.23 -37.55
C GLU A 212 46.91 -46.84 -37.49
N VAL A 213 46.18 -45.86 -38.03
CA VAL A 213 46.65 -44.47 -38.04
C VAL A 213 46.92 -43.97 -36.63
N HIS A 214 45.91 -44.05 -35.77
CA HIS A 214 46.04 -43.61 -34.39
C HIS A 214 47.30 -44.16 -33.74
N THR A 215 47.49 -45.47 -33.85
CA THR A 215 48.66 -46.13 -33.29
C THR A 215 49.95 -45.43 -33.73
N ILE A 216 50.06 -45.19 -35.03
CA ILE A 216 51.24 -44.53 -35.59
C ILE A 216 51.44 -43.14 -34.97
N PHE A 217 50.34 -42.40 -34.86
CA PHE A 217 50.39 -41.06 -34.29
C PHE A 217 50.89 -41.08 -32.85
N THR A 218 50.25 -41.89 -32.02
CA THR A 218 50.63 -42.02 -30.62
C THR A 218 52.14 -42.24 -30.47
N HIS A 219 52.72 -42.93 -31.45
CA HIS A 219 54.15 -43.22 -31.44
C HIS A 219 54.97 -41.98 -31.76
N ILE A 220 54.36 -41.06 -32.51
CA ILE A 220 55.02 -39.82 -32.89
C ILE A 220 55.85 -39.26 -31.74
N SER A 221 57.06 -38.81 -32.04
CA SER A 221 57.95 -38.25 -31.04
C SER A 221 57.45 -36.90 -30.54
N SER A 222 57.56 -36.67 -29.25
CA SER A 222 57.12 -35.41 -28.65
C SER A 222 57.73 -34.16 -29.25
N GLU A 223 59.02 -34.19 -29.54
CA GLU A 223 59.68 -33.03 -30.12
C GLU A 223 59.22 -32.92 -31.55
N ASP A 224 58.56 -33.98 -32.01
CA ASP A 224 58.02 -34.04 -33.37
C ASP A 224 56.60 -33.46 -33.42
N LEU A 225 55.80 -33.72 -32.39
CA LEU A 225 54.43 -33.22 -32.33
C LEU A 225 54.41 -31.70 -32.43
N ALA A 226 55.48 -31.06 -31.98
CA ALA A 226 55.59 -29.61 -32.01
C ALA A 226 56.14 -29.13 -33.35
N HIS A 227 57.03 -29.93 -33.93
CA HIS A 227 57.66 -29.59 -35.21
C HIS A 227 56.60 -29.15 -36.22
N LEU A 228 55.37 -29.60 -36.03
CA LEU A 228 54.27 -29.25 -36.92
C LEU A 228 53.24 -28.38 -36.21
N GLY A 229 52.26 -27.88 -36.97
CA GLY A 229 51.22 -27.04 -36.42
C GLY A 229 50.32 -27.79 -35.46
N LEU A 230 50.92 -28.47 -34.48
CA LEU A 230 50.18 -29.24 -33.50
C LEU A 230 50.48 -28.76 -32.08
N ASN A 231 49.68 -29.22 -31.13
CA ASN A 231 49.86 -28.84 -29.73
C ASN A 231 49.88 -30.05 -28.80
N GLU A 232 51.08 -30.43 -28.35
CA GLU A 232 51.23 -31.57 -27.46
C GLU A 232 50.54 -31.32 -26.12
N GLN A 233 49.63 -30.35 -26.10
CA GLN A 233 48.90 -30.01 -24.88
C GLN A 233 47.42 -29.79 -25.17
N TYR A 234 47.13 -29.21 -26.33
CA TYR A 234 45.76 -28.93 -26.73
C TYR A 234 45.35 -29.81 -27.91
N ALA A 235 46.09 -29.70 -29.01
CA ALA A 235 45.80 -30.49 -30.21
C ALA A 235 46.83 -31.59 -30.41
N ARG A 236 46.36 -32.83 -30.45
CA ARG A 236 47.24 -33.98 -30.65
C ARG A 236 46.68 -34.93 -31.70
N PRO A 237 47.32 -34.96 -32.86
CA PRO A 237 46.88 -35.83 -33.96
C PRO A 237 46.18 -37.08 -33.44
N ASP A 238 46.77 -37.73 -32.45
CA ASP A 238 46.19 -38.94 -31.89
C ASP A 238 44.81 -38.67 -31.31
N TRP A 239 44.31 -37.46 -31.52
CA TRP A 239 42.99 -37.08 -31.02
C TRP A 239 41.98 -36.98 -32.16
N MET A 240 42.48 -36.88 -33.38
CA MET A 240 41.61 -36.80 -34.56
C MET A 240 40.67 -38.00 -34.64
N ILE A 241 41.06 -39.09 -34.00
CA ILE A 241 40.25 -40.31 -34.00
C ILE A 241 39.40 -40.40 -32.74
N ILE A 242 38.10 -40.66 -32.93
CA ILE A 242 37.18 -40.78 -31.80
C ILE A 242 37.25 -42.17 -31.18
N THR A 243 37.03 -42.23 -29.87
CA THR A 243 37.06 -43.50 -29.15
C THR A 243 36.09 -43.49 -27.98
N VAL A 244 35.92 -42.32 -27.37
CA VAL A 244 35.01 -42.18 -26.23
C VAL A 244 33.90 -41.19 -26.55
N LEU A 245 33.63 -40.99 -27.84
CA LEU A 245 32.59 -40.07 -28.27
C LEU A 245 31.79 -39.54 -27.09
N PRO A 246 31.90 -38.25 -26.84
CA PRO A 246 31.17 -37.61 -25.73
C PRO A 246 29.67 -37.56 -25.99
N VAL A 247 28.90 -37.25 -24.96
CA VAL A 247 27.44 -37.17 -25.09
C VAL A 247 26.88 -35.93 -24.38
N PRO A 248 26.48 -34.95 -25.16
CA PRO A 248 25.92 -33.70 -24.62
C PRO A 248 24.63 -33.95 -23.85
N PRO A 249 24.37 -33.12 -22.84
CA PRO A 249 23.17 -33.26 -22.01
C PRO A 249 21.92 -32.79 -22.76
N PRO A 250 20.77 -33.36 -22.41
CA PRO A 250 19.51 -32.98 -23.05
C PRO A 250 19.39 -31.48 -23.24
N SER A 251 19.82 -30.71 -22.24
CA SER A 251 19.78 -29.26 -22.32
C SER A 251 20.10 -28.76 -23.72
N VAL A 252 20.97 -29.49 -24.41
CA VAL A 252 21.36 -29.13 -25.77
C VAL A 252 20.39 -29.72 -26.78
N ARG A 253 19.65 -30.73 -26.37
CA ARG A 253 18.68 -31.38 -27.24
C ARG A 253 17.25 -30.95 -26.90
N PRO A 254 16.28 -31.50 -27.62
CA PRO A 254 14.87 -31.18 -27.39
C PRO A 254 14.05 -32.41 -27.05
N SER A 255 12.76 -32.21 -26.81
CA SER A 255 11.86 -33.31 -26.47
C SER A 255 10.44 -33.03 -26.96
N ILE A 256 9.48 -33.18 -26.07
CA ILE A 256 8.07 -32.93 -26.40
C ILE A 256 7.16 -33.94 -25.73
N SER A 257 5.86 -33.63 -25.70
CA SER A 257 4.88 -34.52 -25.09
C SER A 257 3.46 -34.11 -25.48
N VAL A 258 2.88 -34.85 -26.41
CA VAL A 258 1.52 -34.58 -26.87
C VAL A 258 0.50 -34.75 -25.76
N ASP A 259 0.94 -34.51 -24.53
CA ASP A 259 0.07 -34.64 -23.37
C ASP A 259 -1.39 -34.76 -23.78
N GLY A 260 -1.99 -35.92 -23.51
CA GLY A 260 -1.28 -37.01 -22.86
C GLY A 260 -0.75 -38.12 -23.75
N THR A 261 -1.00 -39.35 -23.34
CA THR A 261 -0.53 -40.50 -24.06
C THR A 261 0.40 -40.07 -25.17
N SER A 262 1.70 -40.17 -24.92
CA SER A 262 2.71 -39.78 -25.90
C SER A 262 3.78 -38.90 -25.27
N ARG A 263 4.82 -38.61 -26.04
CA ARG A 263 5.91 -37.77 -25.57
C ARG A 263 7.18 -37.99 -26.39
N GLY A 264 7.02 -38.03 -27.71
CA GLY A 264 8.14 -38.24 -28.60
C GLY A 264 9.27 -37.25 -28.37
N GLU A 265 10.41 -37.51 -28.99
CA GLU A 265 11.58 -36.64 -28.85
C GLU A 265 12.17 -36.28 -30.21
N ASP A 266 13.40 -35.75 -30.20
CA ASP A 266 14.08 -35.36 -31.42
C ASP A 266 15.37 -36.16 -31.61
N ASP A 267 15.69 -36.46 -32.86
CA ASP A 267 14.86 -36.06 -33.99
C ASP A 267 15.56 -36.29 -35.33
N LEU A 268 16.86 -35.99 -35.37
CA LEU A 268 17.57 -35.48 -34.20
C LEU A 268 18.03 -36.61 -33.29
N THR A 269 18.66 -36.24 -32.18
CA THR A 269 19.16 -37.21 -31.21
C THR A 269 18.89 -38.64 -31.68
N HIS A 270 17.62 -39.04 -31.65
CA HIS A 270 17.23 -40.38 -32.07
C HIS A 270 18.40 -41.13 -32.68
N LYS A 271 18.93 -40.60 -33.79
CA LYS A 271 20.05 -41.21 -34.47
C LYS A 271 21.10 -41.70 -33.47
N LEU A 272 21.43 -40.84 -32.51
CA LEU A 272 22.41 -41.18 -31.49
C LEU A 272 22.13 -42.57 -30.93
N SER A 273 20.87 -42.85 -30.67
CA SER A 273 20.48 -44.16 -30.18
C SER A 273 20.72 -45.22 -31.25
N ASP A 274 20.52 -44.85 -32.52
CA ASP A 274 20.70 -45.78 -33.64
C ASP A 274 22.15 -46.21 -33.78
N ILE A 275 23.04 -45.34 -33.34
CA ILE A 275 24.47 -45.62 -33.44
C ILE A 275 24.91 -46.63 -32.39
N ILE A 276 24.40 -46.49 -31.17
CA ILE A 276 24.72 -47.46 -30.13
C ILE A 276 24.11 -48.81 -30.48
N LYS A 277 22.98 -48.79 -31.18
CA LYS A 277 22.37 -50.02 -31.68
C LYS A 277 23.34 -50.74 -32.60
N ALA A 278 24.05 -49.96 -33.41
CA ALA A 278 25.00 -50.51 -34.38
C ALA A 278 26.39 -50.76 -33.80
N ASN A 279 26.60 -50.31 -32.55
CA ASN A 279 27.87 -50.54 -31.88
C ASN A 279 27.85 -51.73 -30.93
N ALA A 280 26.81 -51.81 -30.11
CA ALA A 280 26.65 -52.93 -29.18
C ALA A 280 26.53 -54.25 -29.92
N ASN A 281 25.93 -54.22 -31.11
CA ASN A 281 25.82 -55.42 -31.94
C ASN A 281 27.14 -55.79 -32.61
N VAL A 282 28.08 -54.86 -32.60
CA VAL A 282 29.40 -55.11 -33.17
C VAL A 282 30.42 -55.48 -32.09
N ARG A 283 30.25 -54.93 -30.89
CA ARG A 283 31.18 -55.18 -29.80
C ARG A 283 31.02 -56.58 -29.21
N ARG A 284 29.80 -57.10 -29.22
CA ARG A 284 29.52 -58.42 -28.65
C ARG A 284 30.16 -59.54 -29.47
N CYS A 285 30.46 -59.25 -30.74
CA CYS A 285 31.05 -60.22 -31.66
C CYS A 285 32.56 -60.28 -31.52
N GLU A 286 33.09 -59.62 -30.50
CA GLU A 286 34.53 -59.55 -30.31
C GLU A 286 35.11 -60.94 -30.15
N GLN A 287 34.36 -61.83 -29.50
CA GLN A 287 34.79 -63.20 -29.30
C GLN A 287 34.75 -63.99 -30.61
N GLU A 288 34.42 -63.29 -31.69
CA GLU A 288 34.32 -63.91 -33.00
C GLU A 288 35.02 -63.09 -34.06
N GLY A 289 35.71 -63.77 -34.97
CA GLY A 289 35.76 -65.21 -34.97
C GLY A 289 34.95 -65.79 -36.12
N ALA A 290 33.71 -65.30 -36.25
CA ALA A 290 32.82 -65.73 -37.31
C ALA A 290 31.61 -64.81 -37.34
N PRO A 291 31.19 -64.38 -38.54
CA PRO A 291 31.87 -64.70 -39.80
C PRO A 291 33.15 -63.90 -39.99
N ALA A 292 33.41 -62.94 -39.12
CA ALA A 292 34.60 -62.09 -39.21
C ALA A 292 34.61 -61.16 -40.44
N HIS A 293 34.75 -61.73 -41.63
CA HIS A 293 34.80 -60.92 -42.84
C HIS A 293 33.48 -60.19 -43.10
N ILE A 294 32.39 -60.76 -42.60
CA ILE A 294 31.09 -60.14 -42.71
C ILE A 294 30.88 -59.10 -41.61
N VAL A 295 31.60 -59.23 -40.50
CA VAL A 295 31.48 -58.31 -39.37
C VAL A 295 31.91 -56.88 -39.74
N SER A 296 32.79 -56.75 -40.73
CA SER A 296 33.29 -55.43 -41.16
C SER A 296 32.23 -54.65 -41.91
N GLU A 297 31.31 -55.37 -42.54
CA GLU A 297 30.23 -54.78 -43.30
C GLU A 297 29.31 -53.96 -42.40
N TYR A 298 29.12 -54.43 -41.17
CA TYR A 298 28.33 -53.71 -40.17
C TYR A 298 29.16 -52.62 -39.48
N GLU A 299 30.47 -52.80 -39.48
CA GLU A 299 31.38 -51.78 -38.92
C GLU A 299 31.37 -50.53 -39.78
N GLN A 300 31.15 -50.71 -41.09
CA GLN A 300 31.10 -49.59 -42.00
C GLN A 300 29.91 -48.69 -41.70
N LEU A 301 28.92 -49.23 -41.00
CA LEU A 301 27.73 -48.46 -40.64
C LEU A 301 27.99 -47.41 -39.54
N LEU A 302 28.86 -47.72 -38.59
CA LEU A 302 29.26 -46.72 -37.58
C LEU A 302 30.07 -45.62 -38.24
N GLN A 303 30.70 -45.96 -39.36
CA GLN A 303 31.49 -45.00 -40.11
C GLN A 303 30.58 -43.96 -40.75
N PHE A 304 29.33 -44.35 -40.97
CA PHE A 304 28.35 -43.47 -41.63
C PHE A 304 27.47 -42.72 -40.62
N HIS A 305 26.96 -43.42 -39.62
CA HIS A 305 26.07 -42.82 -38.64
C HIS A 305 26.73 -41.68 -37.82
N VAL A 306 27.86 -41.97 -37.18
CA VAL A 306 28.69 -40.96 -36.49
C VAL A 306 29.16 -39.82 -37.43
N ALA A 307 28.85 -39.96 -38.71
CA ALA A 307 29.20 -38.90 -39.63
C ALA A 307 27.96 -38.08 -39.91
N THR A 308 26.87 -38.78 -40.23
CA THR A 308 25.59 -38.11 -40.50
C THR A 308 25.22 -37.26 -39.31
N TYR A 309 25.69 -37.66 -38.13
CA TYR A 309 25.44 -36.91 -36.91
C TYR A 309 26.18 -35.59 -36.92
N MET A 310 27.22 -35.51 -37.74
CA MET A 310 28.02 -34.30 -37.85
C MET A 310 27.71 -33.54 -39.13
N ASP A 311 28.01 -34.15 -40.27
CA ASP A 311 27.76 -33.55 -41.57
C ASP A 311 26.80 -34.39 -42.40
N ASN A 312 25.51 -34.12 -42.25
CA ASN A 312 24.48 -34.86 -42.97
C ASN A 312 24.91 -35.16 -44.41
N GLU A 313 25.34 -34.13 -45.12
CA GLU A 313 25.78 -34.28 -46.50
C GLU A 313 27.23 -33.85 -46.68
N ILE A 314 28.15 -34.76 -46.42
CA ILE A 314 29.58 -34.46 -46.55
C ILE A 314 30.04 -34.60 -48.00
N ALA A 315 29.10 -34.46 -48.93
CA ALA A 315 29.40 -34.56 -50.35
C ALA A 315 29.92 -35.95 -50.70
N GLY A 316 29.09 -36.97 -50.46
CA GLY A 316 29.47 -38.34 -50.75
C GLY A 316 28.29 -39.16 -51.24
N GLN A 317 27.09 -38.70 -50.95
CA GLN A 317 25.87 -39.40 -51.36
C GLN A 317 25.46 -40.45 -50.33
N PRO A 318 25.33 -40.02 -49.08
CA PRO A 318 24.94 -40.92 -47.99
C PRO A 318 23.43 -40.99 -47.82
N GLN A 319 22.78 -39.83 -47.78
CA GLN A 319 21.33 -39.77 -47.64
C GLN A 319 20.94 -39.27 -46.24
N ALA A 320 21.33 -40.03 -45.23
CA ALA A 320 21.03 -39.68 -43.84
C ALA A 320 19.53 -39.45 -43.65
N LEU A 321 18.72 -40.34 -44.22
CA LEU A 321 17.28 -40.23 -44.12
C LEU A 321 16.77 -40.84 -42.81
N GLN A 322 16.05 -40.05 -42.03
CA GLN A 322 15.50 -40.51 -40.76
C GLN A 322 14.00 -40.74 -40.86
N LYS A 323 13.30 -39.81 -41.50
CA LYS A 323 11.86 -39.91 -41.67
C LYS A 323 11.41 -39.37 -43.02
N SER A 324 10.99 -40.26 -43.91
CA SER A 324 10.54 -39.86 -45.24
C SER A 324 11.70 -39.41 -46.10
N GLY A 325 12.84 -40.07 -45.96
CA GLY A 325 14.04 -39.74 -46.71
C GLY A 325 14.36 -38.26 -46.66
N ARG A 326 14.65 -37.78 -45.45
CA ARG A 326 14.98 -36.36 -45.26
C ARG A 326 16.19 -36.20 -44.34
N PRO A 327 17.20 -35.47 -44.81
CA PRO A 327 18.41 -35.24 -44.03
C PRO A 327 18.15 -35.34 -42.53
N LEU A 328 19.12 -35.86 -41.79
CA LEU A 328 18.98 -36.01 -40.35
C LEU A 328 19.59 -34.82 -39.60
N LYS A 329 18.75 -33.86 -39.24
CA LYS A 329 19.21 -32.67 -38.52
C LYS A 329 20.53 -32.94 -37.80
N SER A 330 21.63 -32.53 -38.42
CA SER A 330 22.95 -32.74 -37.83
C SER A 330 23.32 -31.58 -36.91
N ILE A 331 24.52 -31.63 -36.36
CA ILE A 331 25.00 -30.58 -35.46
C ILE A 331 25.55 -29.39 -36.23
N ARG A 332 26.12 -29.66 -37.41
CA ARG A 332 26.68 -28.61 -38.25
C ARG A 332 25.58 -27.77 -38.88
N ALA A 333 24.37 -28.33 -38.92
CA ALA A 333 23.23 -27.64 -39.51
C ALA A 333 22.78 -26.46 -38.63
N ARG A 334 22.69 -26.71 -37.33
CA ARG A 334 22.28 -25.68 -36.39
C ARG A 334 23.26 -24.53 -36.36
N LEU A 335 24.54 -24.87 -36.21
CA LEU A 335 25.60 -23.86 -36.16
C LEU A 335 25.42 -22.82 -37.26
N LYS A 336 25.88 -23.14 -38.47
CA LYS A 336 25.77 -22.24 -39.60
C LYS A 336 24.54 -22.57 -40.45
N GLY A 337 23.38 -22.12 -39.99
CA GLY A 337 22.14 -22.37 -40.70
C GLY A 337 22.21 -21.96 -42.15
N LYS A 338 21.71 -20.77 -42.46
CA LYS A 338 21.13 -19.90 -41.45
C LYS A 338 19.92 -20.56 -40.80
N GLU A 339 18.91 -19.75 -40.49
CA GLU A 339 17.69 -20.24 -39.86
C GLU A 339 17.99 -20.87 -38.49
N GLY A 340 19.05 -20.41 -37.86
CA GLY A 340 19.45 -20.92 -36.56
C GLY A 340 20.33 -19.95 -35.79
N ARG A 341 21.28 -20.50 -35.04
CA ARG A 341 22.19 -19.68 -34.25
C ARG A 341 22.97 -18.70 -35.13
N LEU A 342 24.28 -18.68 -34.97
CA LEU A 342 25.13 -17.79 -35.76
C LEU A 342 24.48 -16.43 -35.94
N ARG A 343 23.63 -16.32 -36.97
CA ARG A 343 22.94 -15.07 -37.26
C ARG A 343 21.46 -15.17 -36.89
N GLY A 344 21.19 -15.41 -35.61
CA GLY A 344 19.82 -15.52 -35.14
C GLY A 344 19.76 -15.83 -33.66
N ASN A 345 20.84 -16.37 -33.12
CA ASN A 345 20.90 -16.72 -31.70
C ASN A 345 22.15 -16.18 -31.03
N LEU A 346 23.01 -15.53 -31.81
CA LEU A 346 24.25 -14.97 -31.30
C LEU A 346 24.44 -13.53 -31.78
N MET A 347 24.03 -13.14 -32.86
CA MET A 347 24.15 -11.80 -33.43
C MET A 347 22.90 -10.98 -33.18
N GLY A 348 21.79 -11.39 -33.79
CA GLY A 348 20.53 -10.68 -33.63
C GLY A 348 19.53 -11.47 -32.81
N LYS A 349 19.51 -11.21 -31.51
CA LYS A 349 18.59 -11.91 -30.61
C LYS A 349 17.36 -11.05 -30.30
N ARG A 350 16.19 -11.67 -30.34
CA ARG A 350 14.94 -10.97 -30.06
C ARG A 350 15.10 -9.99 -28.90
N VAL A 351 14.79 -10.46 -27.70
CA VAL A 351 14.89 -9.64 -26.51
C VAL A 351 13.55 -9.48 -25.81
N ASP A 352 13.55 -8.76 -24.70
CA ASP A 352 12.33 -8.54 -23.93
C ASP A 352 12.13 -7.06 -23.62
N PHE A 353 11.43 -6.77 -22.53
CA PHE A 353 11.18 -5.40 -22.12
C PHE A 353 11.16 -4.45 -23.31
N SER A 354 10.32 -4.77 -24.30
CA SER A 354 10.22 -3.95 -25.49
C SER A 354 8.80 -4.03 -26.03
N ALA A 355 8.56 -3.31 -27.12
CA ALA A 355 7.22 -3.22 -27.67
C ALA A 355 7.26 -2.36 -28.92
N ARG A 356 6.17 -2.36 -29.67
CA ARG A 356 6.11 -1.57 -30.88
C ARG A 356 4.66 -1.38 -31.29
N THR A 357 4.41 -0.36 -32.09
CA THR A 357 3.07 -0.14 -32.59
C THR A 357 3.11 0.88 -33.67
N VAL A 358 1.96 1.25 -34.19
CA VAL A 358 1.89 2.21 -35.28
C VAL A 358 2.24 3.60 -34.79
N ILE A 359 2.91 4.42 -35.59
CA ILE A 359 3.21 5.76 -35.10
C ILE A 359 2.17 6.74 -35.55
N THR A 360 2.11 7.88 -34.90
CA THR A 360 1.18 8.94 -35.23
C THR A 360 1.92 10.25 -35.00
N GLY A 361 1.43 11.33 -35.60
CA GLY A 361 2.02 12.64 -35.36
C GLY A 361 1.44 13.28 -34.12
N ASP A 362 2.23 14.17 -33.51
CA ASP A 362 1.73 15.10 -32.49
C ASP A 362 2.58 16.39 -32.43
N PRO A 363 1.94 17.56 -32.51
CA PRO A 363 2.67 18.83 -32.62
C PRO A 363 2.95 19.44 -31.27
N ASN A 364 2.49 18.71 -30.28
CA ASN A 364 2.40 19.32 -28.98
C ASN A 364 3.35 18.77 -27.95
N LEU A 365 4.24 17.88 -28.39
CA LEU A 365 5.24 17.27 -27.53
C LEU A 365 6.57 17.97 -27.72
N SER A 366 7.38 18.01 -26.68
CA SER A 366 8.67 18.65 -26.84
C SER A 366 9.38 17.71 -27.80
N LEU A 367 10.51 18.14 -28.33
CA LEU A 367 11.25 17.29 -29.27
C LEU A 367 11.60 15.95 -28.62
N ASP A 368 12.34 16.02 -27.51
CA ASP A 368 12.75 14.82 -26.80
C ASP A 368 11.59 14.21 -26.01
N GLU A 369 10.41 14.21 -26.61
CA GLU A 369 9.22 13.67 -25.98
C GLU A 369 8.61 12.54 -26.81
N LEU A 370 8.04 11.55 -26.13
CA LEU A 370 7.42 10.42 -26.80
C LEU A 370 6.16 9.96 -26.07
N GLY A 371 5.01 10.04 -26.75
CA GLY A 371 3.75 9.63 -26.16
C GLY A 371 3.65 8.12 -26.02
N VAL A 372 3.60 7.66 -24.77
CA VAL A 372 3.50 6.24 -24.49
C VAL A 372 2.11 5.87 -23.97
N PRO A 373 1.38 5.08 -24.73
CA PRO A 373 0.03 4.66 -24.35
C PRO A 373 0.02 3.90 -23.02
N ARG A 374 -0.96 4.19 -22.17
CA ARG A 374 -1.07 3.54 -20.87
C ARG A 374 -1.04 2.03 -21.02
N SER A 375 -1.76 1.52 -22.02
CA SER A 375 -1.81 0.08 -22.27
C SER A 375 -0.43 -0.55 -22.14
N ILE A 376 0.58 0.13 -22.65
CA ILE A 376 1.95 -0.37 -22.59
C ILE A 376 2.60 -0.03 -21.26
N ALA A 377 2.51 1.24 -20.86
CA ALA A 377 3.08 1.71 -19.60
C ALA A 377 2.67 0.76 -18.49
N LYS A 378 1.48 0.18 -18.62
CA LYS A 378 0.96 -0.75 -17.62
C LYS A 378 1.56 -2.14 -17.79
N THR A 379 2.63 -2.23 -18.57
CA THR A 379 3.29 -3.50 -18.83
C THR A 379 4.72 -3.29 -19.33
N LEU A 380 5.61 -2.90 -18.41
CA LEU A 380 7.00 -2.66 -18.76
C LEU A 380 7.90 -2.80 -17.53
N THR A 381 8.79 -1.83 -17.33
CA THR A 381 9.70 -1.85 -16.20
C THR A 381 10.95 -2.68 -16.51
N TYR A 382 12.08 -2.27 -15.97
CA TYR A 382 12.14 -1.08 -15.12
C TYR A 382 12.05 -1.45 -13.65
N PRO A 383 13.07 -2.14 -13.15
CA PRO A 383 13.10 -2.56 -11.75
C PRO A 383 13.14 -1.36 -10.79
N GLU A 384 14.34 -0.97 -10.39
CA GLU A 384 14.51 0.16 -9.48
C GLU A 384 14.60 -0.31 -8.03
N THR A 385 15.80 -0.28 -7.47
CA THR A 385 16.02 -0.70 -6.09
C THR A 385 15.39 0.29 -5.11
N VAL A 386 15.12 -0.19 -3.89
CA VAL A 386 14.52 0.64 -2.86
C VAL A 386 15.50 1.59 -2.18
N THR A 387 15.41 2.85 -2.54
CA THR A 387 16.27 3.82 -1.90
C THR A 387 15.56 4.17 -0.64
N PRO A 388 16.29 4.69 0.34
CA PRO A 388 15.82 5.27 1.60
C PRO A 388 15.10 6.56 1.32
N TYR A 389 15.11 6.98 0.06
CA TYR A 389 14.47 8.23 -0.37
C TYR A 389 13.12 7.90 -0.98
N ASN A 390 12.89 6.62 -1.23
CA ASN A 390 11.74 6.17 -1.99
C ASN A 390 10.70 5.55 -1.10
N ILE A 391 11.16 4.78 -0.11
CA ILE A 391 10.31 3.88 0.67
C ILE A 391 8.86 4.34 0.68
N TYR A 392 8.62 5.59 1.07
CA TYR A 392 7.26 6.07 1.22
C TYR A 392 6.63 6.27 -0.16
N GLN A 393 7.28 7.06 -1.00
CA GLN A 393 6.81 7.32 -2.35
C GLN A 393 6.64 5.99 -3.07
N LEU A 394 7.65 5.15 -3.03
CA LEU A 394 7.66 3.92 -3.81
C LEU A 394 6.59 2.96 -3.36
N GLN A 395 6.22 3.02 -2.09
CA GLN A 395 5.25 2.10 -1.53
C GLN A 395 3.86 2.36 -2.09
N GLU A 396 3.49 3.64 -2.15
CA GLU A 396 2.20 4.07 -2.67
C GLU A 396 1.91 3.35 -3.96
N LEU A 397 2.93 3.22 -4.81
CA LEU A 397 2.76 2.54 -6.09
C LEU A 397 2.19 1.13 -5.85
N VAL A 398 2.87 0.31 -5.06
CA VAL A 398 2.39 -1.03 -4.86
C VAL A 398 0.95 -1.03 -4.36
N ARG A 399 0.69 -0.27 -3.32
CA ARG A 399 -0.63 -0.27 -2.68
C ARG A 399 -1.68 0.14 -3.69
N ASN A 400 -1.24 0.73 -4.80
CA ASN A 400 -2.14 1.17 -5.86
C ASN A 400 -2.63 0.01 -6.71
N GLY A 401 -1.69 -0.76 -7.25
CA GLY A 401 -2.02 -1.91 -8.08
C GLY A 401 -1.34 -1.86 -9.43
N PRO A 402 -1.22 -3.02 -10.06
CA PRO A 402 -0.58 -3.12 -11.38
C PRO A 402 -1.54 -2.77 -12.51
N ASP A 403 -2.79 -2.47 -12.16
CA ASP A 403 -3.81 -2.11 -13.15
C ASP A 403 -4.10 -0.62 -13.11
N GLU A 404 -3.31 0.12 -12.34
CA GLU A 404 -3.48 1.56 -12.22
C GLU A 404 -2.19 2.30 -12.56
N HIS A 405 -2.05 2.67 -13.82
CA HIS A 405 -0.86 3.38 -14.29
C HIS A 405 0.13 3.59 -13.15
N PRO A 406 -0.12 4.58 -12.30
CA PRO A 406 0.77 4.88 -11.17
C PRO A 406 0.87 3.70 -10.21
N GLY A 407 1.04 2.50 -10.76
CA GLY A 407 1.17 1.30 -9.95
C GLY A 407 2.39 0.48 -10.31
N ALA A 408 2.43 -0.76 -9.84
CA ALA A 408 3.54 -1.65 -10.11
C ALA A 408 3.14 -3.14 -10.20
N LYS A 409 4.12 -3.97 -10.52
CA LYS A 409 3.94 -5.42 -10.62
C LYS A 409 5.16 -5.96 -9.91
N TYR A 410 5.10 -7.17 -9.40
CA TYR A 410 6.28 -7.75 -8.74
C TYR A 410 7.06 -6.98 -7.66
N ILE A 411 7.41 -7.68 -6.60
CA ILE A 411 8.23 -7.10 -5.53
C ILE A 411 9.33 -8.13 -5.21
N ILE A 412 10.57 -7.72 -5.41
CA ILE A 412 11.72 -8.57 -5.21
C ILE A 412 12.38 -8.43 -3.84
N ARG A 413 12.70 -9.55 -3.21
CA ARG A 413 13.30 -9.56 -1.88
C ARG A 413 14.70 -10.12 -1.77
N ASP A 414 15.31 -9.91 -0.60
CA ASP A 414 16.66 -10.36 -0.26
C ASP A 414 17.02 -11.75 -0.83
N THR A 415 16.19 -12.74 -0.49
CA THR A 415 16.42 -14.11 -0.93
C THR A 415 16.34 -14.29 -2.44
N GLY A 416 15.69 -13.36 -3.12
CA GLY A 416 15.56 -13.45 -4.56
C GLY A 416 14.22 -14.00 -4.97
N GLU A 417 13.20 -13.74 -4.16
CA GLU A 417 11.85 -14.29 -4.41
C GLU A 417 10.85 -13.25 -4.90
N ARG A 418 10.14 -13.59 -5.97
CA ARG A 418 9.27 -12.66 -6.65
C ARG A 418 7.84 -12.69 -6.13
N ILE A 419 7.44 -11.62 -5.45
CA ILE A 419 6.09 -11.52 -4.90
C ILE A 419 5.12 -10.92 -5.90
N ASP A 420 4.73 -11.73 -6.89
CA ASP A 420 3.80 -11.28 -7.92
C ASP A 420 2.65 -10.48 -7.31
N LEU A 421 2.50 -9.23 -7.75
CA LEU A 421 1.43 -8.37 -7.25
C LEU A 421 0.07 -8.82 -7.76
N ARG A 422 0.08 -9.57 -8.86
CA ARG A 422 -1.16 -10.06 -9.45
C ARG A 422 -1.92 -10.93 -8.45
N TYR A 423 -2.71 -11.87 -8.98
CA TYR A 423 -3.50 -12.76 -8.14
C TYR A 423 -2.75 -13.13 -6.87
N HIS A 424 -1.48 -13.49 -7.02
CA HIS A 424 -0.65 -13.87 -5.88
C HIS A 424 -0.85 -12.92 -4.71
N LYS A 425 -0.05 -11.85 -4.68
CA LYS A 425 -0.14 -10.86 -3.61
C LYS A 425 -1.53 -10.26 -3.54
N ARG A 426 -1.66 -9.04 -4.06
CA ARG A 426 -2.94 -8.34 -4.05
C ARG A 426 -3.39 -8.01 -2.62
N ALA A 427 -2.44 -8.01 -1.70
CA ALA A 427 -2.73 -7.72 -0.30
C ALA A 427 -1.47 -7.70 0.54
N GLY A 428 -1.56 -8.24 1.75
CA GLY A 428 -0.42 -8.29 2.65
C GLY A 428 0.35 -6.97 2.69
N ASP A 429 -0.03 -6.11 3.61
CA ASP A 429 0.63 -4.81 3.75
C ASP A 429 2.11 -4.89 3.40
N ILE A 430 2.71 -6.03 3.71
CA ILE A 430 4.13 -6.25 3.43
C ILE A 430 4.88 -4.92 3.34
N PRO A 431 4.71 -4.08 4.35
CA PRO A 431 5.36 -2.77 4.39
C PRO A 431 6.27 -2.56 3.17
N LEU A 432 7.55 -2.85 3.33
CA LEU A 432 8.51 -2.70 2.25
C LEU A 432 9.94 -2.61 2.77
N ARG A 433 10.74 -3.64 2.50
CA ARG A 433 12.13 -3.68 2.95
C ARG A 433 12.82 -2.34 2.72
N TYR A 434 14.08 -2.25 3.15
CA TYR A 434 14.85 -1.03 2.99
C TYR A 434 16.15 -1.30 2.26
N GLY A 435 16.14 -2.28 1.36
CA GLY A 435 17.32 -2.63 0.59
C GLY A 435 17.00 -3.56 -0.56
N TRP A 436 15.76 -4.01 -0.63
CA TRP A 436 15.33 -4.90 -1.70
C TRP A 436 15.01 -4.13 -2.99
N ARG A 437 14.37 -4.81 -3.93
CA ARG A 437 14.02 -4.18 -5.20
C ARG A 437 12.53 -4.31 -5.50
N VAL A 438 12.00 -3.36 -6.25
CA VAL A 438 10.59 -3.36 -6.61
C VAL A 438 10.40 -2.87 -8.05
N GLU A 439 9.65 -3.64 -8.83
CA GLU A 439 9.41 -3.29 -10.25
C GLU A 439 8.15 -2.43 -10.47
N ARG A 440 8.32 -1.25 -11.04
CA ARG A 440 7.21 -0.33 -11.16
C ARG A 440 6.75 -0.21 -12.61
N HIS A 441 5.67 0.53 -12.87
CA HIS A 441 5.37 0.85 -14.25
C HIS A 441 6.23 2.03 -14.66
N ILE A 442 6.13 2.43 -15.93
CA ILE A 442 6.85 3.61 -16.44
C ILE A 442 5.93 4.83 -16.40
N ARG A 443 6.50 6.03 -16.29
CA ARG A 443 5.68 7.21 -15.94
C ARG A 443 6.06 8.57 -16.54
N ASP A 444 7.30 8.98 -16.33
CA ASP A 444 7.69 10.27 -16.85
C ASP A 444 9.17 10.22 -17.09
N GLY A 445 9.54 10.49 -18.32
CA GLY A 445 10.91 10.42 -18.77
C GLY A 445 11.87 10.59 -17.64
N ASP A 446 12.35 9.48 -17.08
CA ASP A 446 12.12 8.10 -17.57
C ASP A 446 12.47 7.84 -19.04
N VAL A 447 13.75 7.94 -19.36
CA VAL A 447 14.18 7.85 -20.73
C VAL A 447 13.99 6.44 -21.22
N VAL A 448 13.91 6.31 -22.54
CA VAL A 448 13.74 5.03 -23.24
C VAL A 448 14.15 5.26 -24.67
N ILE A 449 14.67 4.21 -25.33
CA ILE A 449 15.16 4.35 -26.69
C ILE A 449 14.25 3.75 -27.75
N PHE A 450 14.19 4.45 -28.88
CA PHE A 450 13.18 4.26 -29.89
C PHE A 450 13.93 4.11 -31.18
N ASN A 451 13.69 3.04 -31.95
CA ASN A 451 14.34 2.86 -33.25
C ASN A 451 13.36 2.55 -34.39
N ARG A 452 13.88 2.57 -35.62
CA ARG A 452 13.10 2.17 -36.80
C ARG A 452 13.91 1.23 -37.68
N GLN A 453 13.47 -0.02 -37.78
CA GLN A 453 14.06 -0.95 -38.73
C GLN A 453 13.60 -0.48 -40.10
N PRO A 454 14.53 -0.23 -41.05
CA PRO A 454 15.99 -0.43 -41.06
C PRO A 454 16.75 0.77 -40.52
N SER A 455 17.66 0.51 -39.59
CA SER A 455 18.35 1.57 -38.88
C SER A 455 19.77 1.78 -39.39
N LEU A 456 19.88 2.55 -40.47
CA LEU A 456 21.18 2.83 -41.07
C LEU A 456 21.97 3.90 -40.33
N HIS A 457 21.39 5.11 -40.19
CA HIS A 457 22.07 6.26 -39.60
C HIS A 457 22.39 5.96 -38.13
N LYS A 458 23.44 6.58 -37.60
CA LYS A 458 23.69 6.54 -36.17
C LYS A 458 22.42 6.78 -35.37
N MET A 459 21.55 7.65 -35.87
CA MET A 459 20.40 8.08 -35.10
C MET A 459 19.09 7.44 -35.55
N SER A 460 19.11 6.16 -35.87
CA SER A 460 17.83 5.49 -36.01
C SER A 460 17.38 4.93 -34.65
N MET A 461 18.29 4.96 -33.67
CA MET A 461 17.99 4.65 -32.28
C MET A 461 18.43 5.85 -31.51
N MET A 462 17.50 6.68 -31.07
CA MET A 462 17.88 7.75 -30.19
C MET A 462 16.95 7.70 -29.01
N GLY A 463 17.26 8.44 -27.96
CA GLY A 463 16.54 8.29 -26.72
C GLY A 463 15.66 9.45 -26.36
N HIS A 464 14.38 9.16 -26.12
CA HIS A 464 13.33 10.14 -25.78
C HIS A 464 12.97 10.14 -24.30
N ARG A 465 11.90 10.84 -23.92
CA ARG A 465 11.38 10.71 -22.57
C ARG A 465 9.91 10.37 -22.62
N ILE A 466 9.55 9.16 -22.20
CA ILE A 466 8.17 8.68 -22.29
C ILE A 466 7.14 9.65 -21.80
N ARG A 467 6.04 9.10 -21.30
CA ARG A 467 4.95 9.89 -20.81
C ARG A 467 4.18 10.45 -21.99
N VAL A 468 3.02 9.87 -22.31
CA VAL A 468 2.40 8.79 -21.53
C VAL A 468 0.97 8.67 -21.97
N MET A 469 0.59 9.52 -22.92
CA MET A 469 -0.78 9.67 -23.43
C MET A 469 -1.71 8.40 -23.57
N PRO A 470 -2.97 8.57 -23.99
CA PRO A 470 -3.82 7.42 -24.31
C PRO A 470 -4.01 7.20 -25.79
N TYR A 471 -4.80 6.19 -26.16
CA TYR A 471 -4.90 5.74 -27.56
C TYR A 471 -3.66 4.96 -27.92
N SER A 472 -3.78 3.94 -28.75
CA SER A 472 -2.73 2.96 -28.83
C SER A 472 -1.62 3.11 -29.83
N THR A 473 -1.15 4.32 -30.04
CA THR A 473 -0.02 4.45 -30.94
C THR A 473 1.03 5.24 -30.24
N PHE A 474 2.22 5.25 -30.82
CA PHE A 474 3.31 6.09 -30.35
C PHE A 474 3.24 7.53 -30.89
N ARG A 475 2.84 8.51 -30.10
CA ARG A 475 2.93 9.86 -30.62
C ARG A 475 4.39 10.25 -30.60
N LEU A 476 4.90 10.74 -31.73
CA LEU A 476 6.23 11.35 -31.75
C LEU A 476 6.28 12.67 -32.54
N ASN A 477 7.43 13.36 -32.47
CA ASN A 477 7.51 14.76 -32.89
C ASN A 477 7.89 14.95 -34.34
N LEU A 478 7.07 15.64 -35.12
CA LEU A 478 7.28 15.71 -36.57
C LEU A 478 8.67 16.08 -37.00
N SER A 479 9.34 16.96 -36.29
CA SER A 479 10.63 17.42 -36.78
C SER A 479 11.67 16.30 -36.63
N VAL A 480 11.23 15.20 -36.06
CA VAL A 480 12.09 14.04 -35.79
C VAL A 480 11.81 12.94 -36.81
N THR A 481 10.99 13.25 -37.80
CA THR A 481 10.61 12.23 -38.74
C THR A 481 11.68 11.97 -39.79
N SER A 482 12.39 13.03 -40.19
CA SER A 482 13.49 12.91 -41.17
C SER A 482 14.58 11.88 -40.81
N PRO A 483 14.98 11.83 -39.55
CA PRO A 483 16.00 10.88 -39.10
C PRO A 483 15.52 9.44 -39.20
N TYR A 484 14.20 9.24 -39.15
CA TYR A 484 13.62 7.91 -39.24
C TYR A 484 13.07 7.63 -40.64
N ASN A 485 13.54 8.41 -41.61
CA ASN A 485 13.10 8.25 -43.00
C ASN A 485 11.88 7.35 -43.11
N ALA A 486 10.77 7.79 -42.53
CA ALA A 486 9.53 7.01 -42.57
C ALA A 486 8.34 7.86 -42.15
N ASP A 487 7.33 7.91 -43.01
CA ASP A 487 6.13 8.69 -42.75
C ASP A 487 5.17 7.92 -41.83
N PHE A 488 3.91 8.33 -41.84
CA PHE A 488 2.89 7.69 -41.01
C PHE A 488 2.00 6.77 -41.83
N ASP A 489 2.60 6.12 -42.83
CA ASP A 489 1.86 5.20 -43.70
C ASP A 489 1.36 3.98 -42.94
N GLY A 490 1.22 4.14 -41.62
CA GLY A 490 0.87 3.03 -40.76
C GLY A 490 2.11 2.25 -40.37
N ASP A 491 3.23 2.96 -40.25
CA ASP A 491 4.50 2.34 -39.91
C ASP A 491 4.55 1.89 -38.45
N GLU A 492 5.39 0.92 -38.15
CA GLU A 492 5.61 0.52 -36.76
C GLU A 492 7.00 1.00 -36.30
N MET A 493 7.19 1.27 -35.02
CA MET A 493 8.53 1.57 -34.51
C MET A 493 8.71 0.90 -33.18
N ASN A 494 9.88 0.32 -32.96
CA ASN A 494 10.13 -0.43 -31.74
C ASN A 494 10.61 0.44 -30.56
N MET A 495 10.23 0.04 -29.34
CA MET A 495 10.71 0.71 -28.14
C MET A 495 11.46 -0.26 -27.26
N HIS A 496 12.68 0.09 -26.88
CA HIS A 496 13.45 -0.71 -25.94
C HIS A 496 13.66 0.10 -24.66
N VAL A 497 13.08 -0.37 -23.54
CA VAL A 497 13.16 0.25 -22.20
C VAL A 497 14.44 -0.20 -21.52
N PRO A 498 15.20 0.73 -20.86
CA PRO A 498 16.42 0.21 -20.24
C PRO A 498 16.00 -0.38 -18.93
N GLN A 499 16.84 -1.15 -18.26
CA GLN A 499 16.56 -1.52 -16.88
C GLN A 499 17.55 -0.83 -15.98
N SER A 500 18.71 -1.47 -15.80
CA SER A 500 19.70 -0.94 -14.86
C SER A 500 19.91 0.59 -14.90
N GLU A 501 20.18 1.16 -13.73
CA GLU A 501 20.31 2.60 -13.63
C GLU A 501 21.64 3.06 -14.20
N GLU A 502 22.40 2.15 -14.80
CA GLU A 502 23.69 2.53 -15.36
C GLU A 502 23.66 2.72 -16.88
N THR A 503 22.67 2.11 -17.55
CA THR A 503 22.40 2.34 -18.98
C THR A 503 21.48 3.53 -19.13
N ARG A 504 20.58 3.68 -18.16
CA ARG A 504 19.62 4.77 -18.18
C ARG A 504 20.38 6.03 -18.30
N ALA A 505 21.64 5.91 -17.99
CA ALA A 505 22.51 7.04 -17.94
C ALA A 505 23.16 7.18 -19.29
N GLU A 506 23.57 6.07 -19.85
CA GLU A 506 24.16 6.20 -21.15
C GLU A 506 23.14 6.90 -22.06
N ILE A 507 22.04 6.22 -22.40
CA ILE A 507 21.06 6.83 -23.30
C ILE A 507 20.39 8.09 -22.74
N GLN A 508 21.06 8.79 -21.84
CA GLN A 508 20.58 10.10 -21.44
C GLN A 508 21.63 11.15 -21.71
N GLU A 509 22.90 10.76 -21.57
CA GLU A 509 23.99 11.74 -21.57
C GLU A 509 24.71 11.78 -22.90
N ILE A 510 24.57 10.71 -23.67
CA ILE A 510 25.21 10.62 -24.98
C ILE A 510 24.17 10.58 -26.10
N THR A 511 23.26 9.63 -26.02
CA THR A 511 22.22 9.48 -27.03
C THR A 511 20.92 10.16 -26.60
N MET A 512 20.58 11.26 -27.28
CA MET A 512 19.38 12.01 -26.96
C MET A 512 18.94 12.86 -28.15
N VAL A 513 17.71 12.66 -28.60
CA VAL A 513 17.17 13.42 -29.72
C VAL A 513 17.79 14.82 -29.79
N PRO A 514 18.13 15.37 -28.64
CA PRO A 514 18.73 16.71 -28.57
C PRO A 514 20.20 16.68 -28.97
N LYS A 515 20.99 15.86 -28.29
CA LYS A 515 22.42 15.75 -28.58
C LYS A 515 22.66 14.92 -29.83
N GLN A 516 21.61 14.73 -30.62
CA GLN A 516 21.71 13.95 -31.85
C GLN A 516 21.08 14.69 -33.02
N ILE A 517 20.90 15.99 -32.86
CA ILE A 517 20.31 16.83 -33.91
C ILE A 517 21.36 17.25 -34.94
N VAL A 518 22.57 16.72 -34.79
CA VAL A 518 23.66 17.04 -35.71
C VAL A 518 24.65 15.89 -35.83
N SER A 519 24.42 15.04 -36.84
CA SER A 519 25.28 13.89 -37.10
C SER A 519 26.56 14.36 -37.75
N PRO A 520 27.66 13.65 -37.47
CA PRO A 520 28.99 14.05 -37.88
C PRO A 520 29.24 13.46 -39.25
N GLN A 521 28.28 12.65 -39.70
CA GLN A 521 28.29 12.22 -41.08
C GLN A 521 28.70 13.40 -41.97
N SER A 522 28.08 14.56 -41.72
CA SER A 522 28.20 15.73 -42.57
C SER A 522 28.48 17.02 -41.81
N ASN A 523 28.77 16.92 -40.52
CA ASN A 523 28.77 18.07 -39.64
C ASN A 523 27.72 19.04 -40.12
N LYS A 524 26.52 18.52 -40.33
CA LYS A 524 25.35 19.32 -40.63
C LYS A 524 24.20 18.70 -39.89
N PRO A 525 23.21 19.50 -39.47
CA PRO A 525 21.99 19.04 -38.81
C PRO A 525 21.25 17.97 -39.59
N VAL A 526 20.45 17.18 -38.89
CA VAL A 526 19.71 16.11 -39.51
C VAL A 526 18.24 16.26 -39.22
N MET A 527 17.87 17.26 -38.42
CA MET A 527 16.46 17.54 -38.22
C MET A 527 16.24 19.01 -38.40
N GLY A 528 15.04 19.35 -38.82
CA GLY A 528 14.73 20.74 -39.05
C GLY A 528 13.24 20.90 -39.23
N ILE A 529 12.81 22.15 -39.24
CA ILE A 529 11.43 22.44 -39.40
C ILE A 529 11.02 21.87 -40.73
N VAL A 530 10.06 20.95 -40.75
CA VAL A 530 9.56 20.47 -42.04
C VAL A 530 8.08 20.17 -42.01
N GLN A 531 7.48 20.17 -43.20
CA GLN A 531 6.04 20.00 -43.43
C GLN A 531 5.22 21.25 -43.06
N ASP A 532 4.03 21.05 -42.52
CA ASP A 532 3.13 22.17 -42.30
C ASP A 532 3.72 23.33 -41.48
N THR A 533 4.48 23.05 -40.43
CA THR A 533 5.05 24.13 -39.61
C THR A 533 6.00 24.95 -40.50
N LEU A 534 6.59 24.30 -41.50
CA LEU A 534 7.48 24.98 -42.45
C LEU A 534 6.70 25.80 -43.48
N ALA A 535 5.78 25.19 -44.18
CA ALA A 535 4.92 25.91 -45.11
C ALA A 535 4.39 27.14 -44.40
N GLY A 536 4.09 26.96 -43.12
CA GLY A 536 3.52 28.00 -42.28
C GLY A 536 4.48 29.15 -42.04
N VAL A 537 5.74 28.84 -41.74
CA VAL A 537 6.71 29.88 -41.50
C VAL A 537 6.74 30.93 -42.59
N ARG A 538 7.09 30.54 -43.81
CA ARG A 538 6.95 31.46 -44.93
C ARG A 538 5.66 32.27 -44.78
N LYS A 539 4.51 31.60 -44.93
CA LYS A 539 3.24 32.30 -44.92
C LYS A 539 2.92 32.89 -43.53
N PHE A 540 3.81 33.77 -43.07
CA PHE A 540 3.73 34.27 -41.71
C PHE A 540 4.99 35.04 -41.34
N SER A 541 6.06 34.79 -42.07
CA SER A 541 7.25 35.56 -41.85
C SER A 541 7.24 36.68 -42.86
N LEU A 542 6.15 36.75 -43.62
CA LEU A 542 6.01 37.79 -44.63
C LEU A 542 5.78 39.11 -43.96
N ARG A 543 6.31 40.17 -44.52
CA ARG A 543 6.02 41.46 -43.94
C ARG A 543 4.69 41.97 -44.48
N ASP A 544 3.86 41.06 -44.98
CA ASP A 544 2.50 41.42 -45.40
C ASP A 544 1.55 41.04 -44.27
N ASN A 545 2.06 40.25 -43.34
CA ASN A 545 1.21 39.71 -42.29
C ASN A 545 1.40 40.44 -40.99
N PHE A 546 0.43 41.27 -40.65
CA PHE A 546 0.42 41.94 -39.34
C PHE A 546 -0.44 41.16 -38.35
N LEU A 547 -0.15 41.37 -37.07
CA LEU A 547 -0.91 40.72 -36.03
C LEU A 547 -1.75 41.72 -35.25
N THR A 548 -3.05 41.44 -35.16
CA THR A 548 -3.94 42.25 -34.34
C THR A 548 -3.56 42.08 -32.88
N ARG A 549 -3.58 43.21 -32.16
CA ARG A 549 -3.30 43.19 -30.74
C ARG A 549 -4.10 42.06 -30.07
N ASN A 550 -5.25 41.72 -30.64
CA ASN A 550 -6.14 40.70 -30.08
C ASN A 550 -5.43 39.40 -29.79
N ALA A 551 -4.23 39.25 -30.37
CA ALA A 551 -3.38 38.11 -30.10
C ALA A 551 -2.59 37.94 -31.35
N VAL A 552 -1.25 38.02 -31.35
CA VAL A 552 -0.34 38.27 -30.22
C VAL A 552 -0.65 37.59 -28.90
N MET A 553 -1.38 38.28 -28.04
CA MET A 553 -1.69 37.73 -26.74
C MET A 553 -1.87 36.22 -26.83
N ASN A 554 -2.98 35.78 -27.42
CA ASN A 554 -3.23 34.36 -27.46
C ASN A 554 -1.96 33.57 -27.77
N ILE A 555 -1.24 33.95 -28.83
CA ILE A 555 -0.10 33.15 -29.30
C ILE A 555 1.14 33.27 -28.43
N MET A 556 1.10 34.20 -27.49
CA MET A 556 2.24 34.36 -26.61
C MET A 556 2.34 33.23 -25.58
N LEU A 557 1.32 32.39 -25.47
CA LEU A 557 1.34 31.35 -24.43
C LEU A 557 2.13 30.12 -24.84
N TRP A 558 2.74 30.21 -26.00
CA TRP A 558 3.79 29.30 -26.34
C TRP A 558 5.10 30.05 -26.44
N VAL A 559 6.16 29.39 -26.00
CA VAL A 559 7.49 29.96 -26.07
C VAL A 559 8.67 29.01 -25.67
N PRO A 560 8.45 28.03 -24.78
CA PRO A 560 7.32 27.97 -23.86
C PRO A 560 7.74 28.71 -22.60
N ASP A 561 9.01 29.14 -22.57
CA ASP A 561 9.58 29.82 -21.41
C ASP A 561 9.50 31.33 -21.58
N TRP A 562 8.40 31.91 -21.14
CA TRP A 562 8.08 33.29 -21.51
C TRP A 562 8.63 34.29 -20.55
N ASP A 563 9.37 35.25 -21.09
CA ASP A 563 9.82 36.40 -20.32
C ASP A 563 8.70 36.91 -19.41
N GLY A 564 7.47 36.90 -19.91
CA GLY A 564 6.32 37.38 -19.17
C GLY A 564 5.94 38.76 -19.72
N ILE A 565 6.96 39.40 -20.30
CA ILE A 565 6.83 40.72 -20.87
C ILE A 565 6.29 40.65 -22.29
N LEU A 566 5.28 41.46 -22.57
CA LEU A 566 4.65 41.52 -23.89
C LEU A 566 5.42 42.43 -24.82
N PRO A 567 5.80 41.91 -25.99
CA PRO A 567 6.77 42.54 -26.89
C PRO A 567 6.36 43.93 -27.31
N PRO A 568 7.31 44.87 -27.34
CA PRO A 568 7.00 46.25 -27.73
C PRO A 568 6.52 46.34 -29.18
N PRO A 569 5.25 46.74 -29.38
CA PRO A 569 4.52 46.86 -30.66
C PRO A 569 5.27 47.67 -31.68
N VAL A 570 5.19 47.25 -32.95
CA VAL A 570 5.95 47.83 -34.08
C VAL A 570 5.13 48.88 -34.76
N ILE A 571 3.88 48.96 -34.36
CA ILE A 571 2.98 49.89 -35.00
C ILE A 571 2.08 50.54 -33.97
N LEU A 572 2.21 51.86 -33.87
CA LEU A 572 1.50 52.64 -32.88
C LEU A 572 0.47 53.54 -33.56
N LYS A 573 0.41 53.45 -34.89
CA LYS A 573 -0.52 54.20 -35.70
C LYS A 573 -1.93 53.85 -35.25
N PRO A 574 -2.94 54.22 -36.06
CA PRO A 574 -4.34 54.06 -35.67
C PRO A 574 -4.68 52.75 -34.94
N LYS A 575 -4.39 51.60 -35.53
CA LYS A 575 -4.50 50.34 -34.79
C LYS A 575 -3.10 49.97 -34.30
N VAL A 576 -3.01 49.18 -33.24
CA VAL A 576 -1.70 48.72 -32.79
C VAL A 576 -1.40 47.38 -33.42
N LEU A 577 -0.38 47.32 -34.27
CA LEU A 577 -0.10 46.11 -35.05
C LEU A 577 1.30 45.54 -34.84
N TRP A 578 1.39 44.23 -34.97
CA TRP A 578 2.64 43.55 -34.79
C TRP A 578 3.00 42.85 -36.08
N THR A 579 4.26 42.98 -36.48
CA THR A 579 4.71 42.30 -37.66
C THR A 579 4.92 40.82 -37.38
N GLY A 580 4.70 40.00 -38.40
CA GLY A 580 4.89 38.56 -38.29
C GLY A 580 6.31 38.15 -38.00
N LYS A 581 7.27 38.99 -38.35
CA LYS A 581 8.64 38.68 -38.02
C LYS A 581 8.83 38.93 -36.56
N GLN A 582 8.46 40.12 -36.09
CA GLN A 582 8.54 40.42 -34.67
C GLN A 582 8.31 39.14 -33.87
N ILE A 583 7.05 38.81 -33.59
CA ILE A 583 6.73 37.74 -32.61
C ILE A 583 7.35 36.41 -32.96
N LEU A 584 7.82 36.25 -34.18
CA LEU A 584 8.52 35.01 -34.53
C LEU A 584 9.90 35.04 -33.94
N SER A 585 10.63 36.13 -34.17
CA SER A 585 12.01 36.25 -33.69
C SER A 585 12.06 36.10 -32.17
N LEU A 586 10.87 35.97 -31.57
CA LEU A 586 10.78 35.79 -30.12
C LEU A 586 11.24 34.40 -29.75
N ILE A 587 10.86 33.40 -30.51
CA ILE A 587 11.26 32.08 -30.12
C ILE A 587 12.65 31.72 -30.56
N ILE A 588 13.44 32.68 -31.04
CA ILE A 588 14.88 32.43 -31.28
C ILE A 588 15.73 33.03 -30.17
N PRO A 589 16.76 32.27 -29.75
CA PRO A 589 17.67 32.61 -28.66
C PRO A 589 18.15 34.02 -28.80
N LYS A 590 18.82 34.54 -27.78
CA LYS A 590 19.27 35.92 -27.78
C LYS A 590 20.75 35.95 -28.03
N GLY A 591 21.11 36.55 -29.15
CA GLY A 591 22.51 36.73 -29.49
C GLY A 591 23.06 35.72 -30.47
N ILE A 592 22.26 35.39 -31.48
CA ILE A 592 22.77 34.59 -32.59
C ILE A 592 22.72 35.43 -33.85
N ASN A 593 23.82 35.55 -34.60
CA ASN A 593 23.79 36.37 -35.81
C ASN A 593 23.82 35.56 -37.11
N LEU A 594 23.19 36.10 -38.17
CA LEU A 594 23.24 35.48 -39.51
C LEU A 594 23.20 36.47 -40.70
N ILE A 595 24.06 36.24 -41.69
CA ILE A 595 24.11 37.12 -42.85
C ILE A 595 23.97 36.20 -44.04
N ARG A 596 22.73 35.87 -44.39
CA ARG A 596 22.50 34.86 -45.40
C ARG A 596 22.92 35.31 -46.79
N ASP A 597 22.54 36.52 -47.16
CA ASP A 597 22.95 37.08 -48.45
C ASP A 597 22.71 36.11 -49.59
N ASP A 598 21.51 36.12 -50.12
CA ASP A 598 21.16 35.22 -51.20
C ASP A 598 21.63 35.81 -52.52
N ASP A 599 21.07 35.35 -53.63
CA ASP A 599 21.49 35.79 -54.94
C ASP A 599 21.44 37.30 -55.07
N LYS A 600 20.48 37.76 -55.86
CA LYS A 600 20.28 39.17 -56.06
C LYS A 600 19.92 39.80 -54.74
N GLN A 601 20.75 40.74 -54.28
CA GLN A 601 20.46 41.45 -53.05
C GLN A 601 21.21 42.75 -53.03
N SER A 602 20.52 43.82 -52.61
CA SER A 602 21.07 45.17 -52.74
C SER A 602 21.10 45.96 -51.44
N LEU A 603 21.79 47.09 -51.46
CA LEU A 603 21.76 47.98 -50.32
C LEU A 603 20.32 48.10 -49.87
N SER A 604 19.40 47.98 -50.82
CA SER A 604 17.97 48.10 -50.53
C SER A 604 17.49 46.89 -49.75
N ASN A 605 16.27 46.45 -50.06
CA ASN A 605 15.59 45.35 -49.38
C ASN A 605 15.90 44.00 -50.02
N PRO A 606 15.82 43.96 -51.36
CA PRO A 606 15.15 45.00 -52.15
C PRO A 606 13.67 44.69 -52.05
N THR A 607 13.42 43.41 -51.79
CA THR A 607 12.08 42.88 -51.76
C THR A 607 12.13 41.59 -50.96
N ASP A 608 12.22 41.74 -49.64
CA ASP A 608 12.29 40.60 -48.74
C ASP A 608 13.17 39.54 -49.34
N SER A 609 14.40 39.91 -49.70
CA SER A 609 15.28 38.95 -50.37
C SER A 609 16.55 38.72 -49.58
N GLY A 610 16.67 37.54 -48.99
CA GLY A 610 17.81 37.26 -48.16
C GLY A 610 17.30 37.00 -46.78
N MET A 611 18.17 37.12 -45.77
CA MET A 611 17.79 36.89 -44.37
C MET A 611 18.96 37.27 -43.47
N LEU A 612 18.66 37.73 -42.24
CA LEU A 612 19.67 38.35 -41.37
C LEU A 612 19.10 38.61 -39.99
N ILE A 613 19.69 37.98 -38.97
CA ILE A 613 19.21 38.15 -37.59
C ILE A 613 20.29 38.81 -36.71
N GLU A 614 19.83 39.48 -35.64
CA GLU A 614 20.75 40.12 -34.69
C GLU A 614 20.58 39.58 -33.29
N ASN A 615 20.42 40.46 -32.32
CA ASN A 615 20.31 39.96 -30.97
C ASN A 615 19.05 39.11 -30.85
N GLY A 616 19.06 37.97 -31.53
CA GLY A 616 17.96 37.04 -31.48
C GLY A 616 16.67 37.67 -31.97
N GLU A 617 16.80 38.49 -33.02
CA GLU A 617 15.65 39.13 -33.66
C GLU A 617 15.92 39.30 -35.16
N ILE A 618 14.95 38.92 -36.00
CA ILE A 618 15.18 39.02 -37.44
C ILE A 618 14.77 40.40 -37.86
N ILE A 619 15.23 40.79 -39.03
CA ILE A 619 14.99 42.15 -39.47
C ILE A 619 15.01 42.30 -40.98
N TYR A 620 15.02 41.17 -41.69
CA TYR A 620 15.52 41.19 -43.06
C TYR A 620 15.09 39.92 -43.75
N GLY A 621 14.32 40.04 -44.83
CA GLY A 621 13.94 38.87 -45.58
C GLY A 621 12.89 37.98 -44.93
N VAL A 622 12.93 36.69 -45.27
CA VAL A 622 11.81 35.80 -44.97
C VAL A 622 12.20 34.38 -44.66
N VAL A 623 11.64 33.82 -43.61
CA VAL A 623 12.05 32.49 -43.18
C VAL A 623 11.42 31.39 -44.04
N ASP A 624 12.27 30.48 -44.54
CA ASP A 624 11.85 29.30 -45.29
C ASP A 624 12.81 28.14 -45.04
N LYS A 625 12.77 27.09 -45.86
CA LYS A 625 13.70 25.99 -45.67
C LYS A 625 15.16 26.43 -45.71
N LYS A 626 15.40 27.53 -46.39
CA LYS A 626 16.76 28.00 -46.56
C LYS A 626 17.46 28.13 -45.23
N THR A 627 16.67 28.31 -44.16
CA THR A 627 17.21 28.75 -42.87
C THR A 627 16.71 27.94 -41.65
N VAL A 628 15.52 27.38 -41.74
CA VAL A 628 15.09 26.55 -40.64
C VAL A 628 15.00 25.08 -41.07
N GLY A 629 15.96 24.67 -41.90
CA GLY A 629 16.06 23.29 -42.37
C GLY A 629 17.52 22.93 -42.31
N ALA A 630 17.87 21.67 -42.45
CA ALA A 630 19.25 21.22 -42.24
C ALA A 630 20.35 21.90 -43.05
N SER A 631 20.21 23.20 -43.28
CA SER A 631 21.16 23.93 -44.14
C SER A 631 22.58 23.95 -43.60
N GLN A 632 23.56 24.23 -44.45
CA GLN A 632 24.96 24.37 -44.04
C GLN A 632 25.02 25.27 -42.82
N GLY A 633 25.26 26.56 -43.05
CA GLY A 633 25.23 27.57 -42.00
C GLY A 633 23.82 27.81 -41.55
N GLY A 634 23.07 26.72 -41.40
CA GLY A 634 21.66 26.76 -41.08
C GLY A 634 21.30 27.31 -39.71
N LEU A 635 20.15 27.98 -39.60
CA LEU A 635 19.83 28.59 -38.34
C LEU A 635 19.75 27.47 -37.34
N VAL A 636 19.28 26.31 -37.76
CA VAL A 636 19.18 25.21 -36.84
C VAL A 636 20.54 24.81 -36.38
N HIS A 637 21.48 24.83 -37.31
CA HIS A 637 22.87 24.48 -37.06
C HIS A 637 23.48 25.45 -36.10
N THR A 638 23.08 26.71 -36.20
CA THR A 638 23.81 27.80 -35.58
C THR A 638 23.54 27.96 -34.08
N ILE A 639 22.45 27.39 -33.59
CA ILE A 639 22.23 27.39 -32.16
C ILE A 639 22.35 25.99 -31.60
N TRP A 640 23.54 25.42 -31.66
CA TRP A 640 23.58 24.05 -31.29
C TRP A 640 24.68 23.50 -30.34
N LYS A 641 25.97 23.83 -30.48
CA LYS A 641 26.55 24.87 -31.32
C LYS A 641 25.99 26.24 -30.99
N GLU A 642 26.18 26.69 -29.74
CA GLU A 642 25.83 28.04 -29.32
C GLU A 642 24.32 28.22 -29.22
N LYS A 643 23.74 27.88 -28.08
CA LYS A 643 24.51 27.37 -26.95
C LYS A 643 24.07 25.96 -26.57
N GLY A 644 24.48 24.97 -27.37
CA GLY A 644 24.13 23.59 -27.11
C GLY A 644 22.63 23.37 -27.16
N PRO A 645 22.23 22.09 -27.16
CA PRO A 645 20.81 21.73 -27.20
C PRO A 645 20.04 22.32 -26.03
N GLU A 646 19.20 23.31 -26.31
CA GLU A 646 18.41 23.97 -25.27
C GLU A 646 19.14 25.17 -24.70
N ILE A 647 18.46 26.32 -24.69
CA ILE A 647 17.10 26.40 -25.20
C ILE A 647 17.00 25.79 -26.59
N CYS A 648 18.13 25.32 -27.11
CA CYS A 648 18.17 24.70 -28.44
C CYS A 648 16.99 23.76 -28.63
N LYS A 649 16.87 22.76 -27.76
CA LYS A 649 15.79 21.79 -27.84
C LYS A 649 14.43 22.48 -27.82
N GLY A 650 14.40 23.69 -27.28
CA GLY A 650 13.17 24.46 -27.20
C GLY A 650 12.81 25.14 -28.51
N PHE A 651 13.84 25.42 -29.32
CA PHE A 651 13.63 26.06 -30.61
C PHE A 651 12.55 25.35 -31.41
N PHE A 652 12.68 24.03 -31.54
CA PHE A 652 11.72 23.24 -32.29
C PHE A 652 10.35 23.27 -31.62
N ASN A 653 10.33 23.43 -30.30
CA ASN A 653 9.09 23.48 -29.55
C ASN A 653 8.37 24.83 -29.70
N GLY A 654 9.16 25.89 -29.84
CA GLY A 654 8.60 27.22 -29.99
C GLY A 654 7.99 27.44 -31.36
N ILE A 655 8.84 27.48 -32.39
CA ILE A 655 8.37 27.67 -33.76
C ILE A 655 7.35 26.61 -34.15
N GLN A 656 7.67 25.35 -33.87
CA GLN A 656 6.77 24.25 -34.19
C GLN A 656 5.53 24.27 -33.31
N ARG A 657 5.39 25.34 -32.52
CA ARG A 657 4.24 25.49 -31.63
C ARG A 657 3.57 26.81 -31.85
N VAL A 658 4.38 27.85 -31.98
CA VAL A 658 3.87 29.17 -32.29
C VAL A 658 3.20 29.14 -33.64
N VAL A 659 3.96 28.75 -34.66
CA VAL A 659 3.48 28.75 -36.02
C VAL A 659 2.31 27.81 -36.21
N ASN A 660 2.44 26.54 -35.84
CA ASN A 660 1.28 25.68 -35.90
C ASN A 660 0.10 26.43 -35.37
N TYR A 661 0.28 27.24 -34.31
CA TYR A 661 -0.85 27.92 -33.69
C TYR A 661 -1.30 29.04 -34.58
N TRP A 662 -0.36 29.74 -35.18
CA TRP A 662 -0.74 30.75 -36.15
C TRP A 662 -1.54 30.11 -37.26
N LEU A 663 -0.96 29.10 -37.88
CA LEU A 663 -1.55 28.46 -39.04
C LEU A 663 -2.94 27.95 -38.75
N LEU A 664 -3.17 27.43 -37.55
CA LEU A 664 -4.50 26.96 -37.19
C LEU A 664 -5.55 27.99 -37.59
N HIS A 665 -5.29 29.25 -37.36
CA HIS A 665 -6.32 30.26 -37.60
C HIS A 665 -6.03 31.07 -38.86
N ASN A 666 -5.00 30.67 -39.57
CA ASN A 666 -4.65 31.31 -40.85
C ASN A 666 -5.22 30.48 -41.99
N GLY A 667 -5.35 29.18 -41.75
CA GLY A 667 -5.88 28.26 -42.75
C GLY A 667 -4.93 28.19 -43.90
N PHE A 668 -4.79 26.98 -44.42
CA PHE A 668 -4.03 26.78 -45.65
C PHE A 668 -4.34 25.44 -46.28
N SER A 669 -4.32 25.42 -47.62
CA SER A 669 -4.88 24.29 -48.35
C SER A 669 -4.69 24.47 -49.85
N ILE A 670 -4.99 23.43 -50.61
CA ILE A 670 -4.90 23.48 -52.07
C ILE A 670 -5.95 22.65 -52.79
N GLY A 671 -6.47 23.20 -53.89
CA GLY A 671 -7.45 22.51 -54.71
C GLY A 671 -6.96 22.45 -56.15
N ILE A 672 -7.86 22.11 -57.07
CA ILE A 672 -7.46 21.96 -58.47
C ILE A 672 -7.06 23.29 -59.03
N GLY A 673 -7.89 24.31 -58.86
CA GLY A 673 -7.59 25.64 -59.34
C GLY A 673 -6.11 25.95 -59.26
N ASP A 674 -5.44 25.42 -58.23
CA ASP A 674 -4.03 25.67 -58.03
C ASP A 674 -3.21 24.89 -59.05
N THR A 675 -3.90 24.14 -59.89
CA THR A 675 -3.22 23.26 -60.83
C THR A 675 -3.51 23.62 -62.28
N ILE A 676 -4.46 24.53 -62.46
CA ILE A 676 -4.95 24.88 -63.80
C ILE A 676 -4.41 26.22 -64.30
N ALA A 677 -3.44 26.15 -65.19
CA ALA A 677 -2.71 27.32 -65.63
C ALA A 677 -3.59 28.30 -66.36
N ASP A 678 -3.22 29.59 -66.36
CA ASP A 678 -4.05 30.62 -67.01
C ASP A 678 -4.47 30.23 -68.43
N ALA A 679 -5.72 30.52 -68.79
CA ALA A 679 -6.23 30.15 -70.11
C ALA A 679 -5.45 30.80 -71.25
N ASP A 680 -5.25 32.12 -71.18
CA ASP A 680 -4.46 32.82 -72.19
C ASP A 680 -3.05 32.22 -72.25
N THR A 681 -2.40 32.16 -71.09
CA THR A 681 -0.99 31.75 -70.94
C THR A 681 -0.79 30.25 -71.15
N MET A 682 -1.88 29.56 -71.45
CA MET A 682 -1.85 28.14 -71.67
C MET A 682 -1.86 27.92 -73.17
N LYS A 683 -2.37 28.91 -73.90
CA LYS A 683 -2.29 28.90 -75.37
C LYS A 683 -0.82 28.88 -75.78
N GLU A 684 -0.02 29.65 -75.07
CA GLU A 684 1.40 29.84 -75.37
C GLU A 684 2.24 28.64 -74.93
N VAL A 685 1.60 27.70 -74.24
CA VAL A 685 2.28 26.50 -73.76
C VAL A 685 2.26 25.51 -74.89
N THR A 686 1.03 25.29 -75.32
CA THR A 686 0.69 24.36 -76.39
C THR A 686 1.36 24.84 -77.70
N ARG A 687 1.71 26.11 -77.74
CA ARG A 687 2.42 26.65 -78.91
C ARG A 687 3.87 26.23 -78.92
N THR A 688 4.54 26.27 -77.77
CA THR A 688 5.98 25.97 -77.72
C THR A 688 6.26 24.47 -77.65
N VAL A 689 5.19 23.70 -77.63
CA VAL A 689 5.30 22.26 -77.63
C VAL A 689 5.15 21.76 -79.04
N LYS A 690 4.08 22.19 -79.69
CA LYS A 690 3.84 21.82 -81.07
C LYS A 690 4.86 22.53 -81.96
N GLU A 691 5.55 23.52 -81.39
CA GLU A 691 6.57 24.26 -82.12
C GLU A 691 7.91 23.58 -81.95
N ALA A 692 7.90 22.41 -81.32
CA ALA A 692 9.10 21.59 -81.13
C ALA A 692 8.88 20.26 -81.85
N ARG A 693 7.70 20.10 -82.42
CA ARG A 693 7.48 19.07 -83.41
C ARG A 693 8.35 19.41 -84.60
N ARG A 694 8.17 20.61 -85.15
CA ARG A 694 8.95 21.10 -86.30
C ARG A 694 10.43 20.91 -86.10
N GLN A 695 10.86 20.89 -84.84
CA GLN A 695 12.26 20.70 -84.51
C GLN A 695 12.64 19.21 -84.58
N VAL A 696 11.65 18.34 -84.59
CA VAL A 696 11.91 16.90 -84.81
C VAL A 696 11.73 16.56 -86.28
N ALA A 697 10.68 17.13 -86.88
CA ALA A 697 10.49 17.01 -88.31
C ALA A 697 11.81 17.26 -89.01
N GLU A 698 12.48 18.34 -88.61
CA GLU A 698 13.78 18.68 -89.19
C GLU A 698 14.89 17.77 -88.64
N CYS A 699 14.50 16.62 -88.11
CA CYS A 699 15.47 15.63 -87.64
C CYS A 699 15.09 14.23 -88.09
N ILE A 700 13.80 13.91 -88.03
CA ILE A 700 13.35 12.60 -88.48
C ILE A 700 13.62 12.41 -89.97
N GLN A 701 13.54 13.49 -90.74
CA GLN A 701 13.69 13.40 -92.20
C GLN A 701 15.06 13.88 -92.66
N ASP A 702 15.69 14.75 -91.87
CA ASP A 702 17.00 15.28 -92.26
C ASP A 702 18.13 14.32 -91.95
N ALA A 703 17.85 13.31 -91.13
CA ALA A 703 18.84 12.29 -90.85
C ALA A 703 18.47 11.00 -91.59
N GLN A 704 17.69 11.16 -92.66
CA GLN A 704 17.46 10.11 -93.64
C GLN A 704 18.21 10.46 -94.94
N HIS A 705 18.82 11.66 -94.95
CA HIS A 705 19.65 12.12 -96.04
C HIS A 705 21.12 12.19 -95.60
N ASN A 706 21.48 11.35 -94.64
CA ASN A 706 22.82 11.31 -94.05
C ASN A 706 23.47 12.66 -93.70
N ARG A 707 22.66 13.61 -93.23
CA ARG A 707 23.20 14.91 -92.89
C ARG A 707 23.01 15.24 -91.41
N LEU A 708 23.59 14.39 -90.57
CA LEU A 708 23.49 14.53 -89.12
C LEU A 708 24.36 15.68 -88.62
N LYS A 709 25.58 15.35 -88.20
CA LYS A 709 26.05 13.97 -88.22
C LYS A 709 26.10 13.39 -86.81
N PRO A 710 27.13 12.60 -86.53
CA PRO A 710 27.29 11.98 -85.22
C PRO A 710 28.60 12.40 -84.55
N GLU A 711 29.01 11.67 -83.51
CA GLU A 711 30.24 11.98 -82.80
C GLU A 711 29.99 13.00 -81.69
N PRO A 712 30.61 12.79 -80.54
CA PRO A 712 31.46 11.62 -80.34
C PRO A 712 30.74 10.51 -79.58
N GLY A 713 31.49 9.72 -78.81
CA GLY A 713 30.91 8.64 -78.04
C GLY A 713 30.17 7.64 -78.92
N MET A 714 29.68 8.11 -80.05
CA MET A 714 28.94 7.26 -80.99
C MET A 714 27.69 6.69 -80.33
N THR A 715 26.84 6.06 -81.14
CA THR A 715 27.11 5.92 -82.57
C THR A 715 26.37 6.98 -83.37
N LEU A 716 25.92 6.62 -84.57
CA LEU A 716 25.20 7.55 -85.45
C LEU A 716 23.71 7.47 -85.15
N ARG A 717 23.20 6.26 -84.92
CA ARG A 717 21.80 6.10 -84.55
C ARG A 717 21.57 6.67 -83.16
N GLU A 718 22.55 6.48 -82.30
CA GLU A 718 22.49 6.99 -80.94
C GLU A 718 22.65 8.52 -80.85
N SER A 719 23.61 9.08 -81.59
CA SER A 719 23.79 10.52 -81.62
C SER A 719 22.60 11.21 -82.28
N PHE A 720 21.69 10.44 -82.85
CA PHE A 720 20.38 10.95 -83.25
C PHE A 720 19.43 10.93 -82.06
N GLU A 721 19.27 9.75 -81.47
CA GLU A 721 18.46 9.62 -80.27
C GLU A 721 18.81 10.77 -79.33
N ALA A 722 20.10 11.09 -79.24
CA ALA A 722 20.57 12.16 -78.38
C ALA A 722 19.97 13.51 -78.75
N LYS A 723 20.21 13.97 -79.97
CA LYS A 723 19.74 15.27 -80.40
C LYS A 723 18.22 15.44 -80.32
N VAL A 724 17.51 14.40 -79.87
CA VAL A 724 16.05 14.46 -79.70
C VAL A 724 15.66 14.52 -78.20
N SER A 725 16.06 13.50 -77.44
CA SER A 725 15.80 13.52 -76.01
C SER A 725 16.32 14.84 -75.45
N ARG A 726 17.21 15.49 -76.19
CA ARG A 726 17.72 16.80 -75.80
C ARG A 726 16.72 17.90 -76.11
N ILE A 727 16.14 17.83 -77.31
CA ILE A 727 15.16 18.83 -77.74
C ILE A 727 13.84 18.65 -76.99
N LEU A 728 13.46 17.40 -76.76
CA LEU A 728 12.22 17.09 -76.05
C LEU A 728 12.31 17.50 -74.59
N ASN A 729 13.46 17.24 -73.97
CA ASN A 729 13.67 17.59 -72.57
C ASN A 729 13.73 19.10 -72.36
N GLN A 730 14.50 19.78 -73.20
CA GLN A 730 14.64 21.23 -73.11
C GLN A 730 13.33 21.92 -73.50
N ALA A 731 12.72 21.45 -74.57
CA ALA A 731 11.46 22.02 -75.05
C ALA A 731 10.39 21.97 -73.97
N ARG A 732 10.45 20.96 -73.11
CA ARG A 732 9.49 20.86 -72.04
C ARG A 732 9.72 21.99 -71.05
N ASP A 733 10.96 22.16 -70.64
CA ASP A 733 11.29 23.17 -69.64
C ASP A 733 10.64 24.51 -69.97
N ASN A 734 10.67 24.87 -71.25
CA ASN A 734 10.09 26.12 -71.70
C ASN A 734 8.60 26.21 -71.37
N ALA A 735 7.88 25.13 -71.62
CA ALA A 735 6.46 25.07 -71.35
C ALA A 735 6.17 25.16 -69.84
N GLY A 736 7.01 24.49 -69.06
CA GLY A 736 6.86 24.50 -67.61
C GLY A 736 7.31 25.80 -66.99
N ARG A 737 8.45 26.31 -67.46
CA ARG A 737 9.00 27.56 -66.94
C ARG A 737 8.03 28.71 -67.15
N SER A 738 7.30 28.67 -68.27
CA SER A 738 6.33 29.71 -68.59
C SER A 738 5.04 29.52 -67.80
N ALA A 739 4.68 28.26 -67.55
CA ALA A 739 3.47 27.95 -66.80
C ALA A 739 3.54 28.50 -65.39
N GLU A 740 4.73 28.45 -64.79
CA GLU A 740 4.92 28.93 -63.44
C GLU A 740 5.12 30.44 -63.43
N HIS A 741 5.92 30.94 -64.37
CA HIS A 741 6.19 32.37 -64.46
C HIS A 741 4.91 33.15 -64.76
N SER A 742 3.79 32.43 -64.84
CA SER A 742 2.50 33.05 -65.13
C SER A 742 1.47 32.70 -64.05
N LEU A 743 1.95 32.26 -62.90
CA LEU A 743 1.08 31.89 -61.80
C LEU A 743 1.25 32.85 -60.62
N LYS A 744 0.18 33.55 -60.27
CA LYS A 744 0.20 34.49 -59.17
C LYS A 744 1.15 33.95 -58.08
N ASP A 745 2.02 34.79 -57.51
CA ASP A 745 2.91 34.35 -56.42
C ASP A 745 2.13 33.69 -55.28
N SER A 746 0.91 34.16 -55.07
CA SER A 746 0.05 33.63 -54.02
C SER A 746 -0.84 32.52 -54.55
N ASN A 747 -0.22 31.50 -55.10
CA ASN A 747 -0.98 30.38 -55.60
C ASN A 747 -0.57 29.13 -54.87
N ASN A 748 -1.45 28.59 -54.03
CA ASN A 748 -1.14 27.39 -53.26
C ASN A 748 -0.31 26.48 -54.15
N VAL A 749 0.41 25.54 -53.56
CA VAL A 749 1.31 24.64 -54.32
C VAL A 749 2.51 25.34 -54.90
N LYS A 750 2.37 26.60 -55.24
CA LYS A 750 3.52 27.33 -55.71
C LYS A 750 4.19 27.93 -54.49
N GLN A 751 3.38 28.26 -53.48
CA GLN A 751 3.94 28.80 -52.24
C GLN A 751 4.40 27.63 -51.37
N MET A 752 3.72 26.50 -51.47
CA MET A 752 4.11 25.31 -50.73
C MET A 752 5.50 24.88 -51.14
N VAL A 753 5.83 25.24 -52.36
CA VAL A 753 7.12 24.92 -52.91
C VAL A 753 8.17 25.95 -52.53
N ALA A 754 7.82 27.22 -52.68
CA ALA A 754 8.77 28.26 -52.36
C ALA A 754 9.26 28.03 -50.95
N ALA A 755 8.33 27.67 -50.07
CA ALA A 755 8.69 27.36 -48.69
C ALA A 755 9.79 26.30 -48.68
N GLY A 756 9.51 25.19 -49.34
CA GLY A 756 10.47 24.11 -49.46
C GLY A 756 9.79 22.88 -48.93
N SER A 757 8.68 23.15 -48.27
CA SER A 757 7.98 22.14 -47.53
C SER A 757 7.88 20.83 -48.27
N LYS A 758 7.49 20.86 -49.54
CA LYS A 758 7.15 19.63 -50.28
C LYS A 758 7.04 19.84 -51.79
N GLY A 759 7.76 19.06 -52.55
CA GLY A 759 7.58 19.13 -53.99
C GLY A 759 8.29 20.27 -54.65
N SER A 760 8.31 20.29 -55.98
CA SER A 760 9.26 21.13 -56.72
C SER A 760 8.82 21.56 -58.11
N PHE A 761 9.60 22.46 -58.70
CA PHE A 761 9.31 23.02 -60.02
C PHE A 761 8.86 21.96 -61.03
N ILE A 762 9.54 20.81 -61.03
CA ILE A 762 9.17 19.70 -61.92
C ILE A 762 7.87 19.00 -61.57
N ASN A 763 7.31 19.33 -60.41
CA ASN A 763 6.04 18.76 -59.99
C ASN A 763 4.90 19.59 -60.52
N ILE A 764 5.15 20.89 -60.70
CA ILE A 764 4.13 21.81 -61.16
C ILE A 764 4.02 21.74 -62.66
N SER A 765 5.18 21.73 -63.32
CA SER A 765 5.19 21.71 -64.78
C SER A 765 4.49 20.45 -65.31
N GLN A 766 4.65 19.34 -64.59
CA GLN A 766 4.06 18.07 -65.00
C GLN A 766 2.57 18.00 -64.67
N MET A 767 2.09 18.88 -63.81
CA MET A 767 0.72 18.75 -63.41
C MET A 767 -0.13 19.68 -64.24
N SER A 768 0.44 20.82 -64.64
CA SER A 768 -0.38 21.81 -65.31
C SER A 768 -0.01 22.01 -66.78
N ALA A 769 1.23 21.65 -67.15
CA ALA A 769 1.66 21.76 -68.54
C ALA A 769 1.59 20.41 -69.29
N CYS A 770 2.73 19.75 -69.42
CA CYS A 770 2.80 18.46 -70.09
C CYS A 770 3.11 17.33 -69.11
N VAL A 771 4.05 16.47 -69.48
CA VAL A 771 4.45 15.35 -68.64
C VAL A 771 5.65 14.62 -69.22
N GLY A 772 5.45 13.99 -70.37
CA GLY A 772 6.52 13.26 -71.03
C GLY A 772 7.70 14.14 -71.38
N GLN A 773 8.69 13.55 -72.03
CA GLN A 773 8.60 12.15 -72.44
C GLN A 773 9.20 11.24 -71.37
N GLN A 774 8.64 10.04 -71.24
CA GLN A 774 9.14 9.12 -70.24
C GLN A 774 10.19 8.20 -70.83
N ILE A 775 11.02 7.63 -69.97
CA ILE A 775 12.21 6.91 -70.38
C ILE A 775 12.21 5.46 -69.96
N VAL A 776 13.41 4.90 -69.94
CA VAL A 776 13.60 3.50 -69.63
C VAL A 776 14.98 3.12 -70.09
N GLU A 777 15.78 2.60 -69.16
CA GLU A 777 17.12 2.19 -69.51
C GLU A 777 17.73 3.13 -70.54
N GLY A 778 17.67 4.43 -70.28
CA GLY A 778 18.50 5.37 -70.99
C GLY A 778 18.19 5.41 -72.47
N LYS A 779 16.92 5.18 -72.81
CA LYS A 779 16.48 5.19 -74.20
C LYS A 779 14.96 5.25 -74.30
N ARG A 780 14.46 6.33 -74.87
CA ARG A 780 13.01 6.52 -75.02
C ARG A 780 12.33 5.21 -75.37
N ILE A 781 11.12 5.03 -74.86
CA ILE A 781 10.35 3.82 -75.12
C ILE A 781 11.03 2.95 -76.18
N PRO A 782 11.38 1.73 -75.80
CA PRO A 782 12.04 0.80 -76.72
C PRO A 782 11.05 0.16 -77.70
N PHE A 783 11.55 -0.27 -78.84
CA PHE A 783 10.70 -0.91 -79.86
C PHE A 783 10.37 -2.32 -79.44
N GLY A 784 10.17 -3.21 -80.40
CA GLY A 784 9.74 -4.56 -80.05
C GLY A 784 8.39 -4.42 -79.36
N PHE A 785 7.40 -5.16 -79.83
CA PHE A 785 7.54 -6.10 -80.92
C PHE A 785 7.82 -5.46 -82.29
N LYS A 786 8.40 -6.28 -83.18
CA LYS A 786 8.77 -5.87 -84.53
C LYS A 786 9.56 -4.56 -84.61
N TYR A 787 9.29 -3.75 -85.61
CA TYR A 787 10.02 -2.50 -85.73
C TYR A 787 9.02 -1.38 -85.44
N ARG A 788 8.53 -1.34 -84.21
CA ARG A 788 7.47 -0.40 -83.85
C ARG A 788 7.27 -0.41 -82.34
N THR A 789 6.85 0.72 -81.81
CA THR A 789 6.63 0.88 -80.38
C THR A 789 5.41 0.11 -79.91
N LEU A 790 4.38 0.10 -80.75
CA LEU A 790 3.07 -0.45 -80.43
C LEU A 790 2.24 -0.65 -81.71
N PRO A 791 1.13 -1.43 -81.61
CA PRO A 791 0.31 -1.72 -82.79
C PRO A 791 -0.67 -0.61 -83.17
N HIS A 792 -0.39 0.63 -82.79
CA HIS A 792 -1.24 1.75 -83.19
C HIS A 792 -0.33 2.69 -83.92
N PHE A 793 0.79 2.15 -84.38
CA PHE A 793 1.76 2.96 -85.08
C PHE A 793 2.38 2.23 -86.30
N PRO A 794 2.80 3.02 -87.31
CA PRO A 794 3.54 2.53 -88.47
C PRO A 794 4.74 1.78 -88.00
N LYS A 795 5.78 1.86 -88.82
CA LYS A 795 7.04 1.22 -88.51
C LYS A 795 8.12 2.26 -88.71
N ASP A 796 9.15 2.21 -87.89
CA ASP A 796 10.20 3.21 -87.93
C ASP A 796 9.62 4.58 -87.55
N ASP A 797 8.72 4.60 -86.58
CA ASP A 797 8.10 5.84 -86.12
C ASP A 797 8.92 6.50 -85.03
N ASP A 798 10.13 6.94 -85.37
CA ASP A 798 11.01 7.58 -84.41
C ASP A 798 10.50 8.98 -84.05
N SER A 799 9.20 9.08 -83.78
CA SER A 799 8.60 10.35 -83.42
C SER A 799 8.03 10.32 -82.01
N PRO A 800 8.02 11.47 -81.35
CA PRO A 800 7.51 11.58 -79.99
C PRO A 800 6.01 11.30 -79.92
N GLU A 801 5.29 11.72 -80.95
CA GLU A 801 3.84 11.51 -81.00
C GLU A 801 3.48 10.05 -80.74
N SER A 802 4.49 9.24 -80.45
CA SER A 802 4.29 7.82 -80.18
C SER A 802 5.23 7.32 -79.10
N ARG A 803 6.51 7.25 -79.42
CA ARG A 803 7.52 6.78 -78.47
C ARG A 803 7.49 7.62 -77.20
N GLY A 804 7.19 6.96 -76.08
CA GLY A 804 7.13 7.63 -74.79
C GLY A 804 7.30 9.13 -74.91
N PHE A 805 6.21 9.86 -74.72
CA PHE A 805 6.24 11.32 -74.81
C PHE A 805 4.84 11.90 -74.81
N ILE A 806 4.39 12.36 -73.64
CA ILE A 806 3.06 12.94 -73.50
C ILE A 806 3.10 14.45 -73.74
N GLU A 807 1.97 15.00 -74.18
CA GLU A 807 1.87 16.43 -74.46
C GLU A 807 0.96 17.11 -73.44
N ASN A 808 0.13 16.32 -72.77
CA ASN A 808 -0.79 16.85 -71.77
C ASN A 808 -0.37 16.49 -70.34
N SER A 809 -1.00 17.13 -69.36
CA SER A 809 -0.70 16.89 -67.96
C SER A 809 -1.85 16.19 -67.26
N TYR A 810 -1.62 15.76 -66.02
CA TYR A 810 -2.64 15.08 -65.23
C TYR A 810 -3.86 15.97 -65.01
N LEU A 811 -4.26 16.68 -66.06
CA LEU A 811 -5.41 17.57 -65.98
C LEU A 811 -6.41 17.27 -67.08
N ARG A 812 -5.92 17.03 -68.29
CA ARG A 812 -6.76 16.73 -69.43
C ARG A 812 -7.21 15.28 -69.41
N GLY A 813 -6.25 14.37 -69.32
CA GLY A 813 -4.85 14.75 -69.23
C GLY A 813 -3.96 13.88 -70.09
N LEU A 814 -3.99 12.57 -69.85
CA LEU A 814 -3.18 11.63 -70.61
C LEU A 814 -4.04 10.85 -71.61
N THR A 815 -3.44 10.49 -72.73
CA THR A 815 -4.15 9.74 -73.77
C THR A 815 -3.73 8.27 -73.77
N PRO A 816 -4.68 7.38 -74.05
CA PRO A 816 -4.41 5.95 -74.09
C PRO A 816 -3.03 5.64 -74.66
N GLN A 817 -2.87 5.83 -75.97
CA GLN A 817 -1.60 5.58 -76.63
C GLN A 817 -0.43 6.13 -75.82
N GLU A 818 -0.76 6.88 -74.77
CA GLU A 818 0.26 7.48 -73.90
C GLU A 818 0.27 6.81 -72.55
N PHE A 819 -0.92 6.57 -72.01
CA PHE A 819 -1.15 6.14 -70.60
C PHE A 819 -0.27 4.99 -70.15
N PHE A 820 -0.15 4.05 -71.06
CA PHE A 820 0.67 2.87 -70.94
C PHE A 820 2.16 3.22 -70.94
N PHE A 821 2.63 3.90 -71.98
CA PHE A 821 4.01 4.31 -71.97
C PHE A 821 4.43 4.81 -70.59
N HIS A 822 3.56 5.61 -69.96
CA HIS A 822 3.84 6.19 -68.66
C HIS A 822 3.92 5.13 -67.57
N ALA A 823 2.95 4.21 -67.58
CA ALA A 823 2.93 3.17 -66.58
C ALA A 823 4.13 2.23 -66.63
N MET A 824 4.72 2.06 -67.81
CA MET A 824 5.80 1.09 -67.93
C MET A 824 7.13 1.75 -67.67
N ALA A 825 7.13 3.09 -67.65
CA ALA A 825 8.35 3.81 -67.28
C ALA A 825 8.28 3.86 -65.80
N GLY A 826 7.05 3.89 -65.31
CA GLY A 826 6.80 3.96 -63.90
C GLY A 826 7.24 2.68 -63.24
N ARG A 827 7.08 1.56 -63.91
CA ARG A 827 7.39 0.30 -63.29
C ARG A 827 8.88 0.03 -63.30
N GLU A 828 9.69 1.05 -63.64
CA GLU A 828 11.12 0.85 -63.61
C GLU A 828 11.65 1.38 -62.29
N GLY A 829 11.37 2.65 -61.99
CA GLY A 829 11.72 3.24 -60.71
C GLY A 829 10.85 2.62 -59.63
N LEU A 830 10.21 1.51 -59.97
CA LEU A 830 9.26 0.85 -59.10
C LEU A 830 9.87 -0.47 -58.73
N ILE A 831 10.95 -0.80 -59.41
CA ILE A 831 11.72 -1.97 -59.05
C ILE A 831 13.07 -1.48 -58.61
N ASP A 832 13.48 -0.32 -59.15
CA ASP A 832 14.75 0.31 -58.75
C ASP A 832 14.60 0.86 -57.34
N THR A 833 13.36 0.92 -56.87
CA THR A 833 13.05 1.22 -55.49
C THR A 833 12.87 -0.08 -54.70
N ALA A 834 12.71 -1.20 -55.41
CA ALA A 834 12.62 -2.49 -54.74
C ALA A 834 14.02 -2.99 -54.34
N VAL A 835 15.03 -2.50 -55.06
CA VAL A 835 16.42 -2.89 -54.79
C VAL A 835 16.99 -2.11 -53.62
N LYS A 836 17.14 -0.80 -53.80
CA LYS A 836 17.69 0.06 -52.76
C LYS A 836 17.11 -0.29 -51.40
N THR A 837 16.08 -1.12 -51.39
CA THR A 837 15.42 -1.54 -50.15
C THR A 837 16.21 -2.67 -49.49
N ALA A 838 16.91 -3.45 -50.29
CA ALA A 838 17.71 -4.56 -49.78
C ALA A 838 19.19 -4.32 -49.98
N GLU A 839 19.63 -4.30 -51.23
CA GLU A 839 21.04 -4.08 -51.56
C GLU A 839 21.66 -3.04 -50.62
N THR A 840 21.12 -1.84 -50.64
CA THR A 840 21.61 -0.76 -49.78
C THR A 840 21.98 -1.29 -48.41
N GLY A 841 21.19 -2.23 -47.91
CA GLY A 841 21.44 -2.82 -46.60
C GLY A 841 22.65 -3.75 -46.62
N TYR A 842 22.77 -4.53 -47.69
CA TYR A 842 23.89 -5.46 -47.82
C TYR A 842 25.22 -4.73 -47.76
N ILE A 843 25.38 -3.72 -48.60
CA ILE A 843 26.60 -2.93 -48.62
C ILE A 843 26.87 -2.29 -47.27
N GLN A 844 25.82 -1.95 -46.55
CA GLN A 844 26.01 -1.35 -45.25
C GLN A 844 26.84 -2.28 -44.38
N ARG A 845 26.33 -3.48 -44.16
CA ARG A 845 27.03 -4.43 -43.31
C ARG A 845 28.46 -4.69 -43.73
N ARG A 846 28.74 -4.61 -45.01
CA ARG A 846 30.10 -4.89 -45.41
C ARG A 846 30.98 -4.01 -44.55
N LEU A 847 30.90 -2.70 -44.76
CA LEU A 847 31.82 -1.78 -44.07
C LEU A 847 31.93 -2.12 -42.60
N VAL A 848 30.81 -2.10 -41.90
CA VAL A 848 30.79 -2.38 -40.46
C VAL A 848 31.64 -3.59 -40.14
N LYS A 849 31.50 -4.65 -40.93
CA LYS A 849 32.12 -5.90 -40.57
C LYS A 849 33.63 -5.82 -40.79
N ALA A 850 34.10 -4.71 -41.35
CA ALA A 850 35.53 -4.53 -41.46
C ALA A 850 36.04 -3.32 -40.67
N MET A 851 35.15 -2.54 -40.07
CA MET A 851 35.57 -1.32 -39.38
C MET A 851 35.26 -1.36 -37.88
N GLU A 852 34.46 -2.32 -37.42
CA GLU A 852 34.18 -2.49 -35.99
C GLU A 852 35.53 -2.44 -35.28
N ASP A 853 36.45 -3.23 -35.82
CA ASP A 853 37.84 -3.27 -35.37
C ASP A 853 38.30 -1.89 -34.80
N VAL A 854 38.22 -0.83 -35.60
CA VAL A 854 38.83 0.47 -35.25
C VAL A 854 38.06 1.27 -34.23
N MET A 855 38.82 2.18 -33.58
CA MET A 855 38.40 3.00 -32.42
C MET A 855 39.54 3.91 -31.96
N VAL A 856 39.21 5.00 -31.29
CA VAL A 856 40.26 5.93 -30.86
C VAL A 856 40.82 5.65 -29.45
N ARG A 857 42.10 5.31 -29.41
CA ARG A 857 42.75 5.00 -28.15
C ARG A 857 43.13 6.28 -27.42
N TYR A 858 43.13 6.20 -26.08
CA TYR A 858 43.39 7.30 -25.17
C TYR A 858 44.69 8.05 -25.42
N ASP A 859 45.46 7.57 -26.38
CA ASP A 859 46.75 8.17 -26.70
C ASP A 859 46.57 9.29 -27.69
N GLY A 860 45.40 9.34 -28.32
CA GLY A 860 45.19 10.28 -29.40
C GLY A 860 45.59 9.65 -30.71
N THR A 861 45.03 8.47 -30.97
CA THR A 861 45.36 7.73 -32.17
C THR A 861 44.32 6.63 -32.37
N VAL A 862 43.98 6.32 -33.61
CA VAL A 862 42.99 5.29 -33.90
C VAL A 862 43.62 3.96 -34.26
N ARG A 863 43.20 2.89 -33.58
CA ARG A 863 43.88 1.61 -33.72
C ARG A 863 42.99 0.39 -33.94
N ASN A 864 43.61 -0.64 -34.49
CA ASN A 864 42.96 -1.90 -34.77
C ASN A 864 42.64 -2.68 -33.52
N ALA A 865 41.90 -3.75 -33.70
CA ALA A 865 41.70 -4.72 -32.64
C ALA A 865 43.06 -5.06 -32.05
N MET A 866 43.98 -5.52 -32.91
CA MET A 866 45.26 -6.04 -32.46
C MET A 866 46.21 -4.95 -32.01
N GLY A 867 45.83 -3.70 -32.19
CA GLY A 867 46.71 -2.62 -31.81
C GLY A 867 47.35 -1.98 -33.00
N ASP A 868 47.33 -2.71 -34.12
CA ASP A 868 47.81 -2.21 -35.39
C ASP A 868 47.13 -0.88 -35.63
N ILE A 869 47.92 0.18 -35.68
CA ILE A 869 47.39 1.54 -35.76
C ILE A 869 47.14 2.01 -37.19
N ILE A 870 46.00 2.66 -37.38
CA ILE A 870 45.57 3.04 -38.72
C ILE A 870 45.62 4.55 -38.94
N GLN A 871 45.48 5.32 -37.87
CA GLN A 871 45.67 6.77 -38.00
C GLN A 871 46.47 7.29 -36.79
N PHE A 872 47.30 8.33 -37.02
CA PHE A 872 48.03 9.00 -35.95
C PHE A 872 47.35 10.24 -35.38
N ALA A 873 46.27 10.69 -36.02
CA ALA A 873 45.40 11.75 -35.50
C ALA A 873 44.10 11.13 -34.99
N TYR A 874 42.98 11.85 -35.17
CA TYR A 874 41.68 11.38 -34.64
C TYR A 874 40.79 11.26 -35.89
N GLY A 875 41.46 11.68 -36.95
CA GLY A 875 40.94 11.70 -38.29
C GLY A 875 41.81 12.68 -39.04
N GLU A 876 43.13 12.57 -38.89
CA GLU A 876 44.09 13.47 -39.55
C GLU A 876 43.99 14.89 -38.98
N ASP A 877 42.74 15.30 -38.79
CA ASP A 877 42.41 16.58 -38.17
C ASP A 877 42.74 16.47 -36.71
N GLY A 878 42.10 15.51 -36.06
CA GLY A 878 42.20 15.36 -34.62
C GLY A 878 40.90 15.74 -33.92
N LEU A 879 39.92 16.17 -34.71
CA LEU A 879 38.66 16.69 -34.15
C LEU A 879 37.43 15.83 -34.41
N ASP A 880 36.36 16.05 -33.65
CA ASP A 880 35.11 15.27 -33.82
C ASP A 880 34.26 15.83 -34.95
N ALA A 881 34.12 15.04 -36.02
CA ALA A 881 33.39 15.49 -37.18
C ALA A 881 32.19 16.36 -36.81
N THR A 882 31.42 15.88 -35.84
CA THR A 882 30.13 16.42 -35.46
C THR A 882 30.13 17.87 -34.97
N LEU A 883 31.30 18.40 -34.67
CA LEU A 883 31.34 19.75 -34.16
C LEU A 883 32.08 20.67 -35.11
N VAL A 884 31.66 20.73 -36.35
CA VAL A 884 32.50 21.44 -37.29
C VAL A 884 31.71 22.20 -38.31
N GLU A 885 32.25 23.35 -38.72
CA GLU A 885 31.55 24.19 -39.68
C GLU A 885 32.44 24.64 -40.83
N TYR A 886 32.07 24.23 -42.05
CA TYR A 886 32.85 24.63 -43.20
C TYR A 886 33.11 26.15 -42.96
N GLN A 887 34.30 26.60 -43.32
CA GLN A 887 34.74 27.97 -43.08
C GLN A 887 35.44 28.52 -44.34
N VAL A 888 35.87 29.77 -44.32
CA VAL A 888 36.48 30.38 -45.52
C VAL A 888 37.79 31.11 -45.23
N PHE A 889 38.80 30.91 -46.09
CA PHE A 889 40.09 31.64 -45.95
C PHE A 889 40.15 32.93 -46.75
N ASP A 890 39.84 34.04 -46.10
CA ASP A 890 39.86 35.32 -46.77
C ASP A 890 41.19 35.51 -47.50
N SER A 891 42.26 35.07 -46.84
CA SER A 891 43.64 35.35 -47.24
C SER A 891 44.15 34.55 -48.45
N LEU A 892 43.25 33.88 -49.16
CA LEU A 892 43.68 32.99 -50.24
C LEU A 892 43.48 33.56 -51.63
N ARG A 893 42.25 33.58 -52.09
CA ARG A 893 41.97 34.01 -53.46
C ARG A 893 42.15 35.54 -53.62
N LEU A 894 43.18 36.09 -52.98
CA LEU A 894 43.42 37.54 -53.00
C LEU A 894 44.65 37.91 -53.81
N SER A 895 44.56 39.03 -54.52
CA SER A 895 45.64 39.51 -55.33
C SER A 895 46.69 40.06 -54.40
N THR A 896 47.94 39.79 -54.72
CA THR A 896 49.05 40.20 -53.86
C THR A 896 48.91 41.67 -53.63
N LYS A 897 48.42 42.34 -54.66
CA LYS A 897 48.26 43.79 -54.67
C LYS A 897 47.29 44.22 -53.58
N GLN A 898 46.26 43.42 -53.35
CA GLN A 898 45.28 43.78 -52.33
C GLN A 898 45.60 43.11 -51.01
N PHE A 899 46.38 42.03 -51.07
CA PHE A 899 46.86 41.38 -49.88
C PHE A 899 47.56 42.44 -49.04
N GLU A 900 48.57 43.10 -49.63
CA GLU A 900 49.32 44.15 -48.95
C GLU A 900 48.39 45.21 -48.38
N LYS A 901 47.29 45.48 -49.07
CA LYS A 901 46.31 46.46 -48.60
C LYS A 901 45.32 45.88 -47.59
N LYS A 902 45.81 45.07 -46.67
CA LYS A 902 44.93 44.44 -45.68
C LYS A 902 45.69 44.01 -44.44
N TYR A 903 46.97 43.73 -44.61
CA TYR A 903 47.76 43.20 -43.52
C TYR A 903 49.06 43.99 -43.32
N ARG A 904 49.77 44.25 -44.41
CA ARG A 904 51.05 44.96 -44.35
C ARG A 904 50.89 46.39 -43.82
N ILE A 905 51.91 46.84 -43.09
CA ILE A 905 51.92 48.17 -42.50
C ILE A 905 53.35 48.72 -42.39
N ASP A 906 53.48 50.04 -42.50
CA ASP A 906 54.78 50.67 -42.54
C ASP A 906 54.70 52.14 -42.12
N LEU A 907 55.86 52.79 -42.08
CA LEU A 907 55.93 54.20 -41.77
C LEU A 907 56.11 55.02 -43.05
N MET A 908 56.23 54.31 -44.16
CA MET A 908 56.41 54.97 -45.46
C MET A 908 55.14 55.69 -45.88
N GLU A 909 55.19 57.01 -45.81
CA GLU A 909 54.04 57.87 -46.17
C GLU A 909 52.69 57.22 -45.87
N ASP A 910 52.62 56.53 -44.73
CA ASP A 910 51.39 55.87 -44.32
C ASP A 910 50.90 56.40 -43.00
N ARG A 911 51.14 55.63 -41.93
CA ARG A 911 50.72 56.03 -40.60
C ARG A 911 49.27 56.50 -40.64
N SER A 912 48.39 55.61 -41.09
CA SER A 912 46.98 55.94 -41.15
C SER A 912 46.28 55.39 -39.93
N LEU A 913 46.89 54.38 -39.32
CA LEU A 913 46.33 53.73 -38.14
C LEU A 913 46.29 54.65 -36.95
N SER A 914 47.23 55.58 -36.88
CA SER A 914 47.32 56.50 -35.77
C SER A 914 45.98 57.18 -35.55
N LEU A 915 45.16 57.16 -36.59
CA LEU A 915 43.82 57.74 -36.51
C LEU A 915 42.91 56.83 -35.73
N TYR A 916 43.35 55.60 -35.48
CA TYR A 916 42.58 54.63 -34.73
C TYR A 916 43.23 54.30 -33.40
N MET A 917 44.55 54.35 -33.37
CA MET A 917 45.30 54.06 -32.15
C MET A 917 44.60 54.63 -30.92
N GLU A 918 43.66 55.54 -31.14
CA GLU A 918 42.91 56.16 -30.05
C GLU A 918 42.21 55.12 -29.20
N ASN A 919 42.31 55.29 -27.88
CA ASN A 919 43.04 56.41 -27.31
C ASN A 919 44.46 56.03 -26.91
N SER A 920 45.43 56.84 -27.31
CA SER A 920 46.83 56.59 -27.00
C SER A 920 47.58 56.09 -28.22
N ILE A 921 48.59 56.85 -28.65
CA ILE A 921 49.39 56.49 -29.81
C ILE A 921 50.79 56.03 -29.39
N GLU A 922 51.45 56.83 -28.56
CA GLU A 922 52.79 56.51 -28.08
C GLU A 922 53.65 57.77 -27.98
N ASN A 923 54.05 58.31 -29.13
CA ASN A 923 53.68 57.73 -30.41
C ASN A 923 54.85 56.98 -31.06
N ASP A 924 54.58 55.78 -31.56
CA ASP A 924 55.60 54.97 -32.21
C ASP A 924 56.67 54.51 -31.22
N SER A 925 56.67 55.13 -30.05
CA SER A 925 57.64 54.82 -28.99
C SER A 925 59.04 54.57 -29.57
N SER A 926 59.68 53.50 -29.13
CA SER A 926 61.02 53.19 -29.60
C SER A 926 61.11 51.80 -30.22
N VAL A 927 61.55 51.73 -31.47
CA VAL A 927 61.63 50.48 -32.22
C VAL A 927 60.55 49.51 -31.80
N GLN A 928 60.93 48.25 -31.64
CA GLN A 928 60.04 47.20 -31.16
C GLN A 928 58.79 47.11 -32.04
N ASP A 929 57.87 48.06 -31.87
CA ASP A 929 56.62 48.07 -32.61
C ASP A 929 56.87 48.02 -34.11
N LEU A 930 57.60 48.99 -34.61
CA LEU A 930 57.96 49.01 -36.02
C LEU A 930 58.43 47.64 -36.48
N LEU A 931 59.03 46.89 -35.54
CA LEU A 931 59.63 45.60 -35.84
C LEU A 931 58.63 44.44 -35.75
N ASP A 932 57.66 44.54 -34.83
CA ASP A 932 56.65 43.50 -34.70
C ASP A 932 55.80 43.41 -35.94
N GLU A 933 55.64 44.54 -36.59
CA GLU A 933 54.73 44.70 -37.71
C GLU A 933 55.19 44.00 -38.97
N GLU A 934 56.50 43.82 -39.11
CA GLU A 934 57.04 43.18 -40.30
C GLU A 934 57.33 41.72 -39.99
N TYR A 935 57.37 41.39 -38.72
CA TYR A 935 57.59 40.01 -38.28
C TYR A 935 56.28 39.23 -38.33
N THR A 936 55.17 39.90 -38.00
CA THR A 936 53.84 39.29 -38.12
C THR A 936 53.66 38.86 -39.58
N GLN A 937 53.94 39.78 -40.50
CA GLN A 937 53.69 39.51 -41.91
C GLN A 937 54.70 38.52 -42.51
N LEU A 938 55.85 38.33 -41.87
CA LEU A 938 56.78 37.30 -42.35
C LEU A 938 56.08 35.95 -42.29
N VAL A 939 55.30 35.71 -41.24
CA VAL A 939 54.61 34.43 -41.11
C VAL A 939 53.24 34.46 -41.78
N ALA A 940 52.55 35.60 -41.73
CA ALA A 940 51.24 35.68 -42.42
C ALA A 940 51.49 35.54 -43.92
N ASP A 941 52.75 35.73 -44.31
CA ASP A 941 53.20 35.65 -45.70
C ASP A 941 53.74 34.27 -46.07
N ARG A 942 54.39 33.57 -45.13
CA ARG A 942 54.81 32.20 -45.37
C ARG A 942 53.58 31.30 -45.40
N GLU A 943 52.42 31.90 -45.15
CA GLU A 943 51.16 31.15 -45.16
C GLU A 943 50.40 31.38 -46.46
N LEU A 944 50.66 32.51 -47.11
CA LEU A 944 49.99 32.84 -48.36
C LEU A 944 50.56 32.03 -49.51
N LEU A 945 51.84 31.70 -49.43
CA LEU A 945 52.50 30.91 -50.47
C LEU A 945 52.27 29.41 -50.27
N CYS A 946 52.01 29.03 -49.01
CA CYS A 946 51.77 27.63 -48.68
C CYS A 946 50.75 27.50 -47.55
N LYS A 947 49.49 27.29 -47.93
CA LYS A 947 49.11 27.19 -49.33
C LYS A 947 49.40 28.49 -50.08
N PHE A 948 49.25 28.46 -51.39
CA PHE A 948 48.84 27.24 -52.09
C PHE A 948 49.87 26.14 -51.93
N ILE A 949 50.58 25.84 -53.01
CA ILE A 949 51.61 24.80 -52.98
C ILE A 949 51.08 23.52 -52.35
N PHE A 950 49.82 23.55 -51.94
CA PHE A 950 49.18 22.39 -51.32
C PHE A 950 47.73 22.24 -51.77
N PRO A 951 46.99 23.35 -51.70
CA PRO A 951 45.58 23.34 -52.10
C PRO A 951 45.39 23.85 -53.51
N LYS A 952 44.58 23.15 -54.31
CA LYS A 952 44.32 23.54 -55.68
C LYS A 952 43.97 25.02 -55.79
N GLY A 953 42.68 25.33 -55.64
CA GLY A 953 42.21 26.70 -55.72
C GLY A 953 41.09 26.98 -54.74
N ASP A 954 40.31 25.95 -54.43
CA ASP A 954 39.20 26.08 -53.50
C ASP A 954 39.60 26.89 -52.27
N ALA A 955 38.61 27.37 -51.52
CA ALA A 955 38.86 28.15 -50.33
C ALA A 955 38.00 27.66 -49.15
N ARG A 956 36.76 27.28 -49.45
CA ARG A 956 35.85 26.79 -48.43
C ARG A 956 36.28 25.42 -47.92
N TRP A 957 36.59 25.34 -46.63
CA TRP A 957 37.01 24.09 -46.03
C TRP A 957 36.41 23.96 -44.62
N PRO A 958 36.25 22.72 -44.11
CA PRO A 958 35.56 22.65 -42.82
C PRO A 958 36.53 22.61 -41.66
N LEU A 959 36.50 23.68 -40.88
CA LEU A 959 37.34 23.79 -39.67
C LEU A 959 36.52 23.74 -38.38
N PRO A 960 37.20 23.50 -37.24
CA PRO A 960 36.46 23.48 -35.96
C PRO A 960 36.26 24.89 -35.45
N VAL A 961 35.15 25.18 -34.77
CA VAL A 961 34.98 26.51 -34.18
C VAL A 961 34.85 27.63 -35.22
N ASN A 962 33.62 28.04 -35.49
CA ASN A 962 33.40 29.14 -36.41
C ASN A 962 34.04 30.41 -35.85
N VAL A 963 35.16 30.83 -36.41
CA VAL A 963 35.76 32.09 -36.00
C VAL A 963 35.00 33.29 -36.63
N GLN A 964 34.71 33.23 -37.94
CA GLN A 964 34.05 34.33 -38.63
C GLN A 964 32.80 34.77 -37.89
N ARG A 965 32.36 33.95 -36.94
CA ARG A 965 31.16 34.27 -36.16
C ARG A 965 31.45 34.73 -34.73
N ILE A 966 32.44 34.13 -34.08
CA ILE A 966 32.76 34.54 -32.71
C ILE A 966 33.02 36.05 -32.68
N ILE A 967 33.33 36.66 -33.83
CA ILE A 967 33.53 38.11 -33.91
C ILE A 967 32.19 38.82 -34.19
N GLN A 968 31.25 38.13 -34.81
CA GLN A 968 29.87 38.60 -34.95
C GLN A 968 28.99 37.35 -34.93
N ASN A 969 28.25 37.15 -33.85
CA ASN A 969 28.21 38.11 -32.76
C ASN A 969 29.43 38.17 -31.87
N ALA A 970 29.97 39.37 -31.77
CA ALA A 970 30.86 39.78 -30.69
C ALA A 970 30.74 41.28 -30.76
N LEU A 971 30.64 41.77 -31.98
CA LEU A 971 30.37 43.18 -32.22
C LEU A 971 28.89 43.42 -32.01
N GLN A 972 28.27 42.55 -31.22
CA GLN A 972 26.90 42.77 -30.80
C GLN A 972 27.00 42.97 -29.31
N ILE A 973 27.84 42.15 -28.70
CA ILE A 973 27.96 42.13 -27.25
C ILE A 973 28.52 43.44 -26.73
N PHE A 974 29.54 43.94 -27.40
CA PHE A 974 30.20 45.17 -26.95
C PHE A 974 29.90 46.37 -27.86
N HIS A 975 29.50 46.08 -29.09
CA HIS A 975 29.19 47.08 -30.10
C HIS A 975 30.38 47.98 -30.43
N LEU A 976 30.27 49.24 -30.06
CA LEU A 976 31.31 50.20 -30.35
C LEU A 976 31.55 50.30 -31.84
N GLU A 977 31.28 51.48 -32.38
CA GLU A 977 31.41 51.69 -33.80
C GLU A 977 32.72 52.40 -34.16
N ALA A 978 32.92 52.65 -35.44
CA ALA A 978 34.12 53.31 -35.92
C ALA A 978 34.43 54.52 -35.03
N LYS A 979 33.37 55.19 -34.58
CA LYS A 979 33.50 56.38 -33.74
C LYS A 979 34.39 56.12 -32.54
N LYS A 980 34.30 54.92 -31.97
CA LYS A 980 35.20 54.53 -30.89
C LYS A 980 36.40 53.78 -31.48
N PRO A 981 37.59 54.39 -31.40
CA PRO A 981 38.85 53.77 -31.83
C PRO A 981 39.34 52.83 -30.74
N THR A 982 40.28 51.95 -31.08
CA THR A 982 40.67 50.83 -30.23
C THR A 982 41.56 51.11 -29.01
N ASP A 983 41.09 50.68 -27.86
CA ASP A 983 41.81 50.84 -26.61
C ASP A 983 42.86 49.74 -26.48
N LEU A 984 43.17 49.11 -27.61
CA LEU A 984 44.10 48.01 -27.64
C LEU A 984 45.52 48.48 -27.83
N LEU A 985 46.34 47.58 -28.35
CA LEU A 985 47.74 47.87 -28.56
C LEU A 985 48.29 46.75 -29.43
N PRO A 986 48.89 47.13 -30.57
CA PRO A 986 49.49 46.18 -31.52
C PRO A 986 50.40 45.14 -30.86
N SER A 987 50.91 45.46 -29.66
CA SER A 987 51.81 44.54 -28.98
C SER A 987 51.02 43.55 -28.11
N ASP A 988 49.70 43.62 -28.18
CA ASP A 988 48.84 42.74 -27.40
C ASP A 988 48.22 41.67 -28.28
N ILE A 989 47.57 42.09 -29.36
CA ILE A 989 46.87 41.15 -30.20
C ILE A 989 47.83 40.07 -30.67
N ILE A 990 49.10 40.44 -30.86
CA ILE A 990 50.09 39.47 -31.33
C ILE A 990 50.48 38.52 -30.22
N ASN A 991 50.58 39.03 -28.99
CA ASN A 991 50.76 38.16 -27.86
C ASN A 991 49.48 37.37 -27.63
N GLY A 992 48.34 38.01 -27.80
CA GLY A 992 47.04 37.37 -27.61
C GLY A 992 46.99 35.98 -28.23
N LEU A 993 47.37 35.90 -29.49
CA LEU A 993 47.36 34.65 -30.23
C LEU A 993 48.34 33.69 -29.66
N ASN A 994 49.60 34.07 -29.78
CA ASN A 994 50.71 33.19 -29.43
C ASN A 994 50.44 32.47 -28.12
N GLU A 995 49.67 33.13 -27.26
CA GLU A 995 49.35 32.56 -25.97
C GLU A 995 48.09 31.71 -26.04
N LEU A 996 47.26 31.95 -27.04
CA LEU A 996 46.01 31.21 -27.15
C LEU A 996 45.87 30.45 -28.44
N ILE A 997 47.00 30.14 -29.05
CA ILE A 997 47.04 29.11 -30.06
C ILE A 997 47.77 28.00 -29.35
N ALA A 998 48.71 28.38 -28.50
CA ALA A 998 49.46 27.40 -27.74
C ALA A 998 48.60 26.92 -26.58
N LYS A 999 47.36 27.41 -26.52
CA LYS A 999 46.43 26.79 -25.62
C LYS A 999 45.51 25.77 -26.31
N LEU A 1000 45.62 25.63 -27.64
CA LEU A 1000 44.75 24.73 -28.42
C LEU A 1000 45.30 23.33 -28.56
N THR A 1001 45.96 22.80 -27.54
CA THR A 1001 46.69 21.56 -27.73
C THR A 1001 45.76 20.34 -27.82
N ILE A 1002 46.13 19.36 -28.64
CA ILE A 1002 45.34 18.11 -28.68
C ILE A 1002 46.17 16.86 -28.56
N PHE A 1003 47.47 16.99 -28.79
CA PHE A 1003 48.38 15.90 -28.48
C PHE A 1003 49.26 16.26 -27.29
N ARG A 1004 49.19 15.45 -26.25
CA ARG A 1004 49.94 15.75 -25.06
C ARG A 1004 51.01 14.68 -24.88
N GLY A 1005 52.20 15.11 -24.49
CA GLY A 1005 52.48 16.51 -24.28
C GLY A 1005 53.91 16.78 -24.71
N SER A 1006 54.75 17.21 -23.78
CA SER A 1006 56.17 17.37 -24.06
C SER A 1006 57.04 17.02 -22.87
N ASP A 1007 57.81 15.94 -22.96
CA ASP A 1007 57.81 15.04 -24.13
C ASP A 1007 58.16 15.74 -25.45
N ARG A 1008 59.38 16.26 -25.54
CA ARG A 1008 59.84 16.94 -26.76
C ARG A 1008 59.57 16.12 -28.02
N ILE A 1009 59.55 16.80 -29.16
CA ILE A 1009 59.30 16.14 -30.44
C ILE A 1009 57.84 15.64 -30.57
N THR A 1010 57.26 15.17 -29.47
CA THR A 1010 55.83 14.82 -29.42
C THR A 1010 55.01 16.12 -29.48
N ARG A 1011 55.69 17.26 -29.48
CA ARG A 1011 55.00 18.52 -29.60
C ARG A 1011 54.93 18.85 -31.07
N ASP A 1012 55.62 18.06 -31.88
CA ASP A 1012 55.58 18.28 -33.33
C ASP A 1012 54.27 17.80 -33.91
N VAL A 1013 53.88 16.57 -33.60
CA VAL A 1013 52.62 16.04 -34.11
C VAL A 1013 51.51 17.02 -33.83
N GLN A 1014 51.67 17.83 -32.79
CA GLN A 1014 50.65 18.78 -32.39
C GLN A 1014 50.78 20.12 -33.11
N ASN A 1015 52.01 20.59 -33.25
CA ASN A 1015 52.25 21.86 -33.93
C ASN A 1015 51.63 21.90 -35.31
N ASN A 1016 51.61 20.75 -35.98
CA ASN A 1016 51.02 20.69 -37.30
C ASN A 1016 49.80 19.77 -37.39
N ALA A 1017 49.26 19.41 -36.25
CA ALA A 1017 47.99 18.72 -36.27
C ALA A 1017 46.95 19.78 -36.07
N THR A 1018 47.39 21.02 -36.04
CA THR A 1018 46.43 22.10 -35.97
C THR A 1018 46.90 23.23 -36.86
N LEU A 1019 47.98 22.98 -37.60
CA LEU A 1019 48.56 23.97 -38.50
C LEU A 1019 47.55 24.65 -39.42
N LEU A 1020 46.61 23.90 -39.97
CA LEU A 1020 45.62 24.55 -40.82
C LEU A 1020 44.78 25.50 -39.96
N PHE A 1021 44.17 25.00 -38.89
CA PHE A 1021 43.32 25.85 -38.08
C PHE A 1021 44.06 27.11 -37.70
N GLN A 1022 45.38 27.03 -37.76
CA GLN A 1022 46.22 28.10 -37.28
C GLN A 1022 46.31 29.26 -38.24
N ILE A 1023 46.55 28.97 -39.50
CA ILE A 1023 46.68 30.03 -40.47
C ILE A 1023 45.43 30.88 -40.51
N LEU A 1024 44.32 30.36 -40.02
CA LEU A 1024 43.08 31.14 -39.90
C LEU A 1024 43.27 32.23 -38.88
N LEU A 1025 43.78 31.84 -37.72
CA LEU A 1025 43.90 32.74 -36.60
C LEU A 1025 44.99 33.80 -36.79
N ARG A 1026 45.72 33.76 -37.89
CA ARG A 1026 46.70 34.81 -38.16
C ARG A 1026 46.25 35.62 -39.36
N SER A 1027 45.03 35.32 -39.78
CA SER A 1027 44.46 35.90 -41.00
C SER A 1027 43.21 36.66 -40.64
N LYS A 1028 42.56 36.25 -39.57
CA LYS A 1028 41.40 37.00 -39.12
C LYS A 1028 41.69 37.75 -37.83
N PHE A 1029 42.93 37.66 -37.36
CA PHE A 1029 43.36 38.40 -36.17
C PHE A 1029 44.75 39.03 -36.33
N ALA A 1030 45.29 39.01 -37.54
CA ALA A 1030 46.52 39.74 -37.82
C ALA A 1030 46.28 41.22 -37.52
N VAL A 1031 47.34 41.98 -37.25
CA VAL A 1031 47.21 43.33 -36.68
C VAL A 1031 46.29 44.31 -37.43
N LYS A 1032 46.72 44.71 -38.62
CA LYS A 1032 45.98 45.68 -39.43
C LYS A 1032 44.51 45.31 -39.53
N ARG A 1033 44.20 44.05 -39.32
CA ARG A 1033 42.85 43.57 -39.52
C ARG A 1033 41.99 43.98 -38.34
N VAL A 1034 42.56 44.05 -37.15
CA VAL A 1034 41.74 44.26 -35.96
C VAL A 1034 41.57 45.76 -35.66
N ILE A 1035 42.18 46.59 -36.48
CA ILE A 1035 42.07 48.01 -36.23
C ILE A 1035 41.42 48.70 -37.43
N MET A 1036 41.69 48.20 -38.64
CA MET A 1036 40.99 48.71 -39.81
C MET A 1036 39.57 48.16 -39.83
N GLU A 1037 39.44 46.85 -39.95
CA GLU A 1037 38.14 46.19 -39.96
C GLU A 1037 37.75 45.83 -38.54
N TYR A 1038 36.49 46.06 -38.21
CA TYR A 1038 35.96 45.71 -36.89
C TYR A 1038 36.91 46.01 -35.72
N ARG A 1039 36.95 47.27 -35.32
CA ARG A 1039 37.73 47.73 -34.18
C ARG A 1039 37.34 46.98 -32.91
N LEU A 1040 38.33 46.39 -32.26
CA LEU A 1040 38.11 45.68 -30.99
C LEU A 1040 38.75 46.39 -29.80
N ASN A 1041 38.32 46.01 -28.59
CA ASN A 1041 38.91 46.56 -27.39
C ASN A 1041 39.30 45.45 -26.41
N LYS A 1042 40.36 45.69 -25.64
CA LYS A 1042 40.87 44.76 -24.62
C LYS A 1042 39.81 43.77 -24.13
N VAL A 1043 38.65 44.26 -23.72
CA VAL A 1043 37.61 43.41 -23.18
C VAL A 1043 37.04 42.47 -24.23
N ALA A 1044 36.66 43.02 -25.38
CA ALA A 1044 36.13 42.25 -26.49
C ALA A 1044 37.12 41.18 -26.92
N PHE A 1045 38.23 41.62 -27.46
CA PHE A 1045 39.31 40.72 -27.79
C PHE A 1045 39.60 39.67 -26.70
N GLU A 1046 39.78 40.10 -25.45
CA GLU A 1046 40.05 39.16 -24.38
C GLU A 1046 38.95 38.10 -24.27
N TRP A 1047 37.75 38.46 -24.71
CA TRP A 1047 36.62 37.55 -24.59
C TRP A 1047 36.48 36.68 -25.83
N ILE A 1048 36.82 37.27 -26.97
CA ILE A 1048 36.87 36.54 -28.23
C ILE A 1048 37.82 35.36 -28.06
N MET A 1049 39.10 35.66 -27.84
CA MET A 1049 40.10 34.61 -27.67
C MET A 1049 39.69 33.66 -26.56
N GLY A 1050 38.63 34.02 -25.86
CA GLY A 1050 38.12 33.19 -24.79
C GLY A 1050 37.33 32.06 -25.40
N GLU A 1051 36.25 32.42 -26.09
CA GLU A 1051 35.36 31.41 -26.65
C GLU A 1051 36.11 30.46 -27.59
N VAL A 1052 36.99 31.02 -28.44
CA VAL A 1052 37.77 30.19 -29.34
C VAL A 1052 38.43 29.06 -28.56
N GLU A 1053 39.46 29.37 -27.76
CA GLU A 1053 40.09 28.38 -26.89
C GLU A 1053 39.08 27.33 -26.43
N ALA A 1054 37.99 27.79 -25.83
CA ALA A 1054 36.99 26.93 -25.23
C ALA A 1054 36.21 26.09 -26.25
N ARG A 1055 35.77 26.72 -27.33
CA ARG A 1055 34.99 26.00 -28.32
C ARG A 1055 35.87 25.00 -29.03
N PHE A 1056 37.17 25.27 -29.04
CA PHE A 1056 38.12 24.34 -29.62
C PHE A 1056 38.22 23.06 -28.81
N GLN A 1057 38.66 23.15 -27.56
CA GLN A 1057 38.83 21.95 -26.74
C GLN A 1057 37.52 21.18 -26.56
N GLN A 1058 36.41 21.88 -26.75
CA GLN A 1058 35.08 21.26 -26.67
C GLN A 1058 34.79 20.53 -27.98
N ALA A 1059 35.71 20.67 -28.94
CA ALA A 1059 35.56 20.09 -30.28
C ALA A 1059 36.53 18.93 -30.50
N VAL A 1060 37.43 18.69 -29.54
CA VAL A 1060 38.36 17.57 -29.63
C VAL A 1060 37.62 16.28 -29.42
N VAL A 1061 37.76 15.36 -30.37
CA VAL A 1061 36.98 14.12 -30.36
C VAL A 1061 37.53 13.12 -29.37
N SER A 1062 36.65 12.41 -28.68
CA SER A 1062 37.09 11.19 -28.01
C SER A 1062 38.14 11.51 -26.94
N PRO A 1063 38.99 10.54 -26.51
CA PRO A 1063 39.09 9.08 -26.77
C PRO A 1063 37.75 8.47 -26.68
N GLY A 1064 37.66 7.17 -26.92
CA GLY A 1064 36.39 6.47 -26.85
C GLY A 1064 36.48 5.05 -27.40
N GLU A 1065 35.85 4.83 -28.55
CA GLU A 1065 35.11 5.88 -29.23
C GLU A 1065 34.33 5.32 -30.42
N MET A 1066 35.04 4.68 -31.34
CA MET A 1066 34.42 4.11 -32.53
C MET A 1066 34.30 5.13 -33.64
N VAL A 1067 35.42 5.44 -34.30
CA VAL A 1067 35.43 6.40 -35.38
C VAL A 1067 35.18 5.73 -36.73
N GLY A 1068 35.35 4.41 -36.76
CA GLY A 1068 35.14 3.64 -37.97
C GLY A 1068 33.69 3.26 -38.18
N THR A 1069 33.07 2.73 -37.12
CA THR A 1069 31.67 2.32 -37.17
C THR A 1069 30.78 3.46 -37.65
N LEU A 1070 30.79 4.56 -36.91
CA LEU A 1070 29.99 5.73 -37.25
C LEU A 1070 30.33 6.24 -38.65
N ALA A 1071 31.63 6.38 -38.92
CA ALA A 1071 32.09 6.86 -40.21
C ALA A 1071 31.65 5.92 -41.33
N ALA A 1072 31.75 4.61 -41.09
CA ALA A 1072 31.36 3.62 -42.07
C ALA A 1072 29.88 3.73 -42.42
N GLN A 1073 29.05 3.91 -41.39
CA GLN A 1073 27.61 4.04 -41.59
C GLN A 1073 27.27 5.23 -42.45
N SER A 1074 27.94 6.36 -42.20
CA SER A 1074 27.72 7.57 -42.97
C SER A 1074 28.13 7.40 -44.42
N ILE A 1075 29.14 6.57 -44.65
CA ILE A 1075 29.63 6.31 -46.00
C ILE A 1075 28.65 5.46 -46.79
N GLY A 1076 27.86 4.66 -46.08
CA GLY A 1076 26.88 3.81 -46.71
C GLY A 1076 25.65 4.56 -47.17
N GLU A 1077 25.20 5.50 -46.35
CA GLU A 1077 24.03 6.29 -46.67
C GLU A 1077 24.24 7.09 -47.95
N PRO A 1078 25.42 7.69 -48.08
CA PRO A 1078 25.75 8.49 -49.26
C PRO A 1078 25.60 7.69 -50.56
N ALA A 1079 26.18 6.49 -50.58
CA ALA A 1079 26.11 5.63 -51.75
C ALA A 1079 24.66 5.41 -52.18
N THR A 1080 23.81 5.10 -51.21
CA THR A 1080 22.39 4.86 -51.49
C THR A 1080 21.75 6.06 -52.17
N GLN A 1081 22.21 7.25 -51.80
CA GLN A 1081 21.68 8.49 -52.38
C GLN A 1081 22.09 8.62 -53.84
N MET A 1082 23.24 8.07 -54.18
CA MET A 1082 23.74 8.13 -55.55
C MET A 1082 23.13 7.04 -56.43
N THR A 1083 23.35 5.79 -56.05
CA THR A 1083 22.82 4.65 -56.79
C THR A 1083 21.57 5.04 -57.57
N LEU A 1084 20.52 5.42 -56.85
CA LEU A 1084 19.26 5.82 -57.48
C LEU A 1084 19.50 6.86 -58.56
N ASN A 1085 20.05 8.00 -58.16
CA ASN A 1085 20.33 9.09 -59.11
C ASN A 1085 21.08 8.60 -60.34
N THR A 1086 22.27 8.03 -60.12
CA THR A 1086 23.08 7.53 -61.22
C THR A 1086 22.25 6.74 -62.22
N PHE A 1087 21.02 6.42 -61.83
CA PHE A 1087 20.12 5.68 -62.70
C PHE A 1087 18.82 6.45 -62.94
N HIS A 1088 18.25 6.99 -61.86
CA HIS A 1088 17.02 7.76 -61.97
C HIS A 1088 16.44 7.70 -63.38
N TYR A 1089 16.51 8.83 -64.08
CA TYR A 1089 16.00 8.91 -65.44
C TYR A 1089 16.08 10.33 -65.98
N ALA A 1090 17.21 10.66 -66.61
CA ALA A 1090 18.29 9.69 -66.78
C ALA A 1090 18.22 9.01 -68.13
N GLY A 1091 19.30 9.08 -68.89
CA GLY A 1091 19.37 8.46 -70.20
C GLY A 1091 20.09 7.13 -70.18
N VAL A 1092 20.89 6.89 -71.23
CA VAL A 1092 21.05 7.85 -72.31
C VAL A 1092 22.26 8.76 -72.07
N SER A 1093 23.32 8.53 -72.84
CA SER A 1093 24.54 9.32 -72.70
C SER A 1093 25.69 8.68 -73.45
N SER A 1094 26.90 9.23 -73.27
CA SER A 1094 28.09 8.71 -73.93
C SER A 1094 29.35 9.38 -73.40
N LYS A 1095 30.49 8.73 -73.60
CA LYS A 1095 31.77 9.25 -73.13
C LYS A 1095 31.75 9.49 -71.63
N ASN A 1096 32.91 9.34 -71.00
CA ASN A 1096 33.03 9.52 -69.56
C ASN A 1096 32.21 8.50 -68.77
N VAL A 1097 31.26 7.86 -69.44
CA VAL A 1097 30.41 6.87 -68.82
C VAL A 1097 31.17 6.10 -67.73
N THR A 1098 30.44 5.66 -66.71
CA THR A 1098 31.05 4.91 -65.61
C THR A 1098 29.98 4.38 -64.66
N LEU A 1099 29.15 5.27 -64.14
CA LEU A 1099 28.09 4.90 -63.21
C LEU A 1099 28.55 5.01 -61.77
N GLY A 1100 27.60 4.94 -60.84
CA GLY A 1100 27.90 5.04 -59.42
C GLY A 1100 27.72 3.72 -58.70
N VAL A 1101 27.05 3.77 -57.55
CA VAL A 1101 26.80 2.57 -56.76
C VAL A 1101 27.28 1.32 -57.49
N PRO A 1102 26.50 0.88 -58.47
CA PRO A 1102 26.84 -0.32 -59.25
C PRO A 1102 28.35 -0.52 -59.35
N ARG A 1103 29.11 0.58 -59.31
CA ARG A 1103 30.56 0.51 -59.40
C ARG A 1103 31.18 0.26 -58.03
N LEU A 1104 30.73 1.01 -57.02
CA LEU A 1104 31.25 0.87 -55.67
C LEU A 1104 31.81 -0.53 -55.43
N LYS A 1105 30.92 -1.52 -55.48
CA LYS A 1105 31.33 -2.91 -55.27
C LYS A 1105 32.61 -3.24 -56.02
N GLU A 1106 32.74 -2.69 -57.23
CA GLU A 1106 33.93 -2.93 -58.05
C GLU A 1106 35.19 -2.43 -57.35
N ILE A 1107 35.10 -1.25 -56.75
CA ILE A 1107 36.24 -0.68 -56.04
C ILE A 1107 36.59 -1.49 -54.80
N LEU A 1108 35.59 -1.80 -53.99
CA LEU A 1108 35.79 -2.58 -52.77
C LEU A 1108 36.28 -3.98 -53.09
N ASN A 1109 35.82 -4.52 -54.22
CA ASN A 1109 36.20 -5.86 -54.64
C ASN A 1109 37.53 -5.87 -55.40
N VAL A 1110 38.08 -4.68 -55.61
CA VAL A 1110 39.36 -4.55 -56.32
C VAL A 1110 39.42 -5.49 -57.52
N ALA A 1111 38.26 -5.91 -57.99
CA ALA A 1111 38.18 -6.81 -59.14
C ALA A 1111 38.87 -6.21 -60.36
N LYS A 1112 39.47 -7.06 -61.18
CA LYS A 1112 40.16 -6.63 -62.38
C LYS A 1112 39.19 -6.06 -63.41
N ASN A 1113 38.14 -6.83 -63.70
CA ASN A 1113 37.13 -6.40 -64.66
C ASN A 1113 36.17 -5.38 -64.08
N ILE A 1114 36.52 -4.10 -64.22
CA ILE A 1114 35.68 -3.02 -63.71
C ILE A 1114 35.00 -2.27 -64.84
N LYS A 1115 34.16 -2.97 -65.58
CA LYS A 1115 33.44 -2.37 -66.70
C LYS A 1115 34.21 -1.19 -67.28
N THR A 1116 33.91 0.01 -66.78
CA THR A 1116 34.56 1.22 -67.25
C THR A 1116 35.92 1.39 -66.59
N PRO A 1117 36.95 0.80 -67.19
CA PRO A 1117 38.32 0.89 -66.66
C PRO A 1117 38.92 2.27 -66.89
N SER A 1118 38.29 3.07 -67.75
CA SER A 1118 38.78 4.43 -68.05
C SER A 1118 40.17 4.82 -67.51
N LEU A 1119 40.52 6.08 -67.70
CA LEU A 1119 41.80 6.59 -67.23
C LEU A 1119 42.04 7.89 -67.94
N THR A 1120 42.25 8.93 -67.13
CA THR A 1120 42.47 10.28 -67.64
C THR A 1120 43.95 10.66 -67.63
N ILE A 1121 44.44 11.11 -68.79
CA ILE A 1121 45.83 11.54 -68.95
C ILE A 1121 45.83 13.00 -69.36
N TYR A 1122 46.61 13.81 -68.65
CA TYR A 1122 46.73 15.22 -68.96
C TYR A 1122 47.98 15.46 -69.78
N LEU A 1123 48.19 16.71 -70.18
CA LEU A 1123 49.36 17.09 -70.99
C LEU A 1123 50.19 18.19 -70.34
N MET A 1124 50.82 19.06 -71.14
CA MET A 1124 51.72 20.11 -70.57
C MET A 1124 51.13 21.54 -70.23
N PRO A 1125 50.79 22.37 -71.23
CA PRO A 1125 51.16 22.40 -72.62
C PRO A 1125 52.44 23.17 -72.62
N TRP A 1126 53.16 23.15 -73.73
CA TRP A 1126 52.85 22.26 -74.83
C TRP A 1126 53.44 20.91 -74.46
N ILE A 1127 52.86 19.83 -74.96
CA ILE A 1127 51.69 19.89 -75.80
C ILE A 1127 50.51 19.22 -75.11
N ALA A 1128 49.39 19.93 -75.01
CA ALA A 1128 49.33 21.27 -75.56
C ALA A 1128 48.21 22.14 -74.96
N ALA A 1129 48.23 23.41 -75.35
CA ALA A 1129 47.21 24.35 -74.95
C ALA A 1129 46.44 24.70 -76.19
N ASN A 1130 46.89 24.16 -77.32
CA ASN A 1130 46.30 24.49 -78.60
C ASN A 1130 45.08 23.64 -78.88
N MET A 1131 45.24 22.76 -79.86
CA MET A 1131 44.16 21.91 -80.33
C MET A 1131 44.83 21.02 -81.35
N ASP A 1132 45.01 21.54 -82.57
CA ASP A 1132 45.58 20.75 -83.65
C ASP A 1132 46.93 20.15 -83.24
N LEU A 1133 47.55 20.74 -82.22
CA LEU A 1133 48.80 20.20 -81.73
C LEU A 1133 48.49 18.97 -80.90
N ALA A 1134 47.44 19.09 -80.09
CA ALA A 1134 46.97 18.05 -79.18
C ALA A 1134 46.74 16.73 -79.90
N LYS A 1135 46.25 16.82 -81.13
CA LYS A 1135 45.97 15.64 -81.93
C LYS A 1135 47.25 14.84 -82.17
N ASN A 1136 48.40 15.50 -82.09
CA ASN A 1136 49.67 14.79 -82.21
C ASN A 1136 49.66 13.60 -81.26
N VAL A 1137 49.22 13.85 -80.04
CA VAL A 1137 49.18 12.79 -79.04
C VAL A 1137 47.89 11.98 -79.17
N GLN A 1138 46.76 12.64 -79.40
CA GLN A 1138 45.46 11.95 -79.53
C GLN A 1138 45.62 10.66 -80.33
N THR A 1139 46.39 10.77 -81.41
CA THR A 1139 46.65 9.65 -82.32
C THR A 1139 48.10 9.18 -82.17
N GLN A 1140 48.63 9.28 -80.96
CA GLN A 1140 50.00 8.85 -80.69
C GLN A 1140 50.04 7.83 -79.55
N ILE A 1141 48.86 7.43 -79.09
CA ILE A 1141 48.75 6.46 -77.99
C ILE A 1141 47.52 5.58 -78.16
N GLU A 1142 47.37 5.00 -79.34
CA GLU A 1142 46.24 4.14 -79.63
C GLU A 1142 46.69 2.77 -80.12
N HIS A 1143 45.89 1.75 -79.84
CA HIS A 1143 46.20 0.38 -80.26
C HIS A 1143 46.71 0.35 -81.70
N THR A 1144 45.90 0.88 -82.62
CA THR A 1144 46.26 0.92 -84.04
C THR A 1144 46.32 -0.45 -84.76
N THR A 1145 47.49 -1.10 -84.75
CA THR A 1145 47.64 -2.40 -85.39
C THR A 1145 46.93 -2.49 -86.73
N LEU A 1146 46.40 -3.67 -87.04
CA LEU A 1146 45.69 -3.89 -88.29
C LEU A 1146 44.21 -3.59 -88.16
N SER A 1147 43.87 -2.32 -87.99
CA SER A 1147 42.48 -1.91 -87.83
C SER A 1147 42.00 -1.16 -89.08
N THR A 1148 42.93 -0.77 -89.93
CA THR A 1148 42.61 -0.04 -91.16
C THR A 1148 42.21 -1.00 -92.28
N VAL A 1149 42.67 -2.24 -92.18
CA VAL A 1149 42.36 -3.25 -93.18
C VAL A 1149 40.90 -3.69 -93.09
N THR A 1150 40.53 -4.25 -91.94
CA THR A 1150 39.17 -4.71 -91.71
C THR A 1150 38.41 -4.83 -93.04
N SER A 1151 38.92 -5.66 -93.94
CA SER A 1151 38.29 -5.87 -95.23
C SER A 1151 39.25 -5.55 -96.37
N ALA A 1152 40.30 -6.36 -96.48
CA ALA A 1152 40.51 -7.48 -95.58
C ALA A 1152 41.67 -8.36 -96.04
N THR A 1153 41.54 -9.67 -95.86
CA THR A 1153 42.56 -10.61 -96.26
C THR A 1153 42.04 -11.58 -97.32
N GLU A 1154 42.74 -11.63 -98.45
CA GLU A 1154 42.34 -12.51 -99.53
C GLU A 1154 43.54 -13.41 -99.85
N ILE A 1155 43.25 -14.66 -100.22
CA ILE A 1155 44.29 -15.60 -100.58
C ILE A 1155 44.21 -16.01 -102.05
N HIS A 1156 45.21 -15.60 -102.82
CA HIS A 1156 45.28 -15.93 -104.23
C HIS A 1156 46.49 -16.82 -104.49
N TYR A 1157 46.31 -17.86 -105.31
CA TYR A 1157 47.42 -18.72 -105.69
C TYR A 1157 48.02 -18.30 -107.05
N ASP A 1158 49.28 -17.89 -106.99
CA ASP A 1158 49.95 -17.34 -108.16
C ASP A 1158 51.31 -18.01 -108.32
N PRO A 1159 51.41 -18.87 -109.33
CA PRO A 1159 52.66 -19.58 -109.60
C PRO A 1159 53.82 -18.62 -109.83
N ASP A 1160 54.29 -18.53 -111.06
CA ASP A 1160 55.40 -17.65 -111.40
C ASP A 1160 55.32 -16.34 -110.61
N PRO A 1161 56.47 -15.87 -110.16
CA PRO A 1161 56.54 -14.62 -109.39
C PRO A 1161 55.92 -13.45 -110.15
N GLN A 1162 55.48 -13.71 -111.38
CA GLN A 1162 54.87 -12.68 -112.20
C GLN A 1162 53.43 -13.02 -112.56
N ASP A 1163 52.67 -13.47 -111.56
CA ASP A 1163 51.28 -13.85 -111.76
C ASP A 1163 50.34 -12.92 -110.99
N THR A 1164 49.16 -12.68 -111.55
CA THR A 1164 48.18 -11.81 -110.92
C THR A 1164 46.78 -12.05 -111.50
N VAL A 1165 46.18 -11.00 -112.03
CA VAL A 1165 44.84 -11.09 -112.60
C VAL A 1165 44.02 -9.85 -112.28
N ILE A 1166 43.02 -10.02 -111.40
CA ILE A 1166 42.15 -8.92 -111.01
C ILE A 1166 41.10 -8.64 -112.08
N GLU A 1167 39.92 -8.19 -111.63
CA GLU A 1167 39.67 -7.99 -110.21
C GLU A 1167 39.92 -6.54 -109.81
N GLU A 1168 40.20 -5.70 -110.79
CA GLU A 1168 40.47 -4.28 -110.54
C GLU A 1168 41.55 -3.75 -111.48
N ASP A 1169 42.43 -2.93 -110.93
CA ASP A 1169 43.51 -2.34 -111.71
C ASP A 1169 44.87 -2.88 -111.27
N LYS A 1170 45.48 -2.21 -110.30
CA LYS A 1170 46.78 -2.62 -109.79
C LYS A 1170 47.60 -3.33 -110.86
N ASP A 1171 48.24 -4.44 -110.49
CA ASP A 1171 49.05 -5.20 -111.41
C ASP A 1171 50.19 -4.36 -111.98
N PHE A 1172 49.85 -3.23 -112.57
CA PHE A 1172 50.84 -2.33 -113.15
C PHE A 1172 51.94 -2.01 -112.14
N VAL A 1173 51.53 -1.63 -110.93
CA VAL A 1173 52.47 -1.29 -109.88
C VAL A 1173 53.44 -2.44 -109.62
N GLU A 1174 52.89 -3.66 -109.56
CA GLU A 1174 53.71 -4.84 -109.31
C GLU A 1174 54.76 -5.03 -110.40
N ALA A 1175 54.35 -4.83 -111.65
CA ALA A 1175 55.26 -4.97 -112.78
C ALA A 1175 56.41 -3.97 -112.70
N PHE A 1176 56.09 -2.75 -112.25
CA PHE A 1176 57.10 -1.71 -112.13
C PHE A 1176 58.14 -2.06 -111.06
N PHE A 1177 57.68 -2.73 -110.00
CA PHE A 1177 58.56 -3.14 -108.92
C PHE A 1177 59.52 -4.25 -109.36
N ALA A 1178 59.04 -5.10 -110.27
CA ALA A 1178 59.84 -6.20 -110.78
C ALA A 1178 60.81 -5.72 -111.85
N ILE A 1179 60.38 -4.77 -112.66
CA ILE A 1179 61.21 -4.23 -113.72
C ILE A 1179 62.54 -3.70 -113.18
N PRO A 1180 62.47 -3.03 -112.04
CA PRO A 1180 63.67 -2.47 -111.40
C PRO A 1180 64.64 -3.58 -110.97
N ASP A 1181 64.39 -4.80 -111.43
CA ASP A 1181 65.25 -5.93 -111.10
C ASP A 1181 66.51 -5.48 -110.38
N GLU A 1182 66.39 -5.22 -109.08
CA GLU A 1182 67.53 -4.79 -108.28
C GLU A 1182 68.09 -5.95 -107.46
N GLU A 1183 67.53 -7.13 -107.66
CA GLU A 1183 67.97 -8.32 -106.93
C GLU A 1183 66.98 -9.47 -107.11
N VAL A 1184 65.90 -9.21 -107.83
CA VAL A 1184 64.88 -10.22 -108.09
C VAL A 1184 65.40 -11.62 -107.75
N GLU A 1185 66.43 -12.05 -108.49
CA GLU A 1185 67.02 -13.37 -108.27
C GLU A 1185 67.42 -13.57 -106.82
N GLU A 1186 68.26 -12.66 -106.32
CA GLU A 1186 68.72 -12.73 -104.94
C GLU A 1186 69.36 -14.08 -104.63
N ASN A 1187 70.03 -14.16 -103.49
CA ASN A 1187 70.70 -15.40 -103.09
C ASN A 1187 69.79 -16.62 -103.25
N LEU A 1188 68.49 -16.39 -103.31
CA LEU A 1188 67.51 -17.46 -103.47
C LEU A 1188 67.03 -17.58 -104.90
N TYR A 1189 65.85 -17.03 -105.17
CA TYR A 1189 65.27 -17.07 -106.51
C TYR A 1189 63.79 -16.69 -106.48
N LYS A 1190 62.99 -17.38 -107.29
CA LYS A 1190 61.56 -17.09 -107.36
C LYS A 1190 60.77 -18.11 -106.52
N GLN A 1191 60.45 -17.73 -105.29
CA GLN A 1191 59.70 -18.59 -104.40
C GLN A 1191 58.72 -17.78 -103.55
N SER A 1192 57.48 -18.26 -103.48
CA SER A 1192 56.44 -17.58 -102.71
C SER A 1192 55.07 -17.76 -103.35
N PRO A 1193 54.68 -19.02 -103.58
CA PRO A 1193 53.39 -19.32 -104.20
C PRO A 1193 52.24 -19.18 -103.20
N TRP A 1194 52.19 -18.06 -102.49
CA TRP A 1194 51.14 -17.82 -101.51
C TRP A 1194 50.84 -16.33 -101.37
N LEU A 1195 50.51 -15.68 -102.49
CA LEU A 1195 50.21 -14.26 -102.48
C LEU A 1195 49.03 -13.96 -101.56
N LEU A 1196 49.14 -12.87 -100.81
CA LEU A 1196 48.07 -12.44 -99.92
C LEU A 1196 47.89 -10.93 -100.01
N ARG A 1197 46.66 -10.49 -100.17
CA ARG A 1197 46.40 -9.06 -100.39
C ARG A 1197 45.68 -8.37 -99.24
N LEU A 1198 45.80 -7.05 -99.21
CA LEU A 1198 45.29 -6.29 -98.08
C LEU A 1198 44.69 -4.96 -98.49
N GLU A 1199 43.39 -4.83 -98.27
CA GLU A 1199 42.69 -3.58 -98.58
C GLU A 1199 42.69 -2.63 -97.38
N LEU A 1200 43.54 -1.60 -97.44
CA LEU A 1200 43.61 -0.60 -96.38
C LEU A 1200 42.59 0.52 -96.56
N ASP A 1201 41.62 0.58 -95.66
CA ASP A 1201 40.56 1.58 -95.74
C ASP A 1201 41.06 3.01 -95.54
N ARG A 1202 40.74 3.88 -96.49
CA ARG A 1202 41.01 5.30 -96.37
C ARG A 1202 39.98 5.93 -95.42
N ALA A 1203 39.30 5.08 -94.66
CA ALA A 1203 38.36 5.54 -93.65
C ALA A 1203 39.11 5.80 -92.36
N LYS A 1204 40.27 5.16 -92.21
CA LYS A 1204 41.13 5.38 -91.06
C LYS A 1204 42.51 5.88 -91.48
N MET A 1205 42.67 6.18 -92.76
CA MET A 1205 43.93 6.72 -93.25
C MET A 1205 44.01 8.23 -93.06
N LEU A 1206 42.86 8.87 -92.83
CA LEU A 1206 42.80 10.31 -92.65
C LEU A 1206 42.83 10.72 -91.18
N ASP A 1207 42.09 9.98 -90.36
CA ASP A 1207 42.01 10.27 -88.93
C ASP A 1207 43.30 9.94 -88.19
N LYS A 1208 44.13 9.11 -88.82
CA LYS A 1208 45.40 8.70 -88.24
C LYS A 1208 46.53 8.78 -89.25
N LYS A 1209 47.41 9.75 -89.06
CA LYS A 1209 48.49 10.02 -90.01
C LYS A 1209 49.32 8.79 -90.29
N LEU A 1210 48.95 8.07 -91.35
CA LEU A 1210 49.65 6.85 -91.75
C LEU A 1210 49.93 6.82 -93.24
N SER A 1211 51.20 6.60 -93.57
CA SER A 1211 51.57 6.42 -94.95
C SER A 1211 51.44 4.95 -95.29
N MET A 1212 51.71 4.60 -96.55
CA MET A 1212 51.60 3.23 -97.00
C MET A 1212 52.93 2.49 -96.90
N SER A 1213 54.04 3.25 -96.93
CA SER A 1213 55.37 2.68 -96.82
C SER A 1213 55.72 2.37 -95.36
N ASP A 1214 54.97 2.98 -94.45
CA ASP A 1214 55.08 2.73 -93.03
C ASP A 1214 54.24 1.49 -92.69
N VAL A 1215 52.96 1.53 -93.07
CA VAL A 1215 52.03 0.43 -92.83
C VAL A 1215 52.69 -0.93 -93.07
N ALA A 1216 53.41 -1.02 -94.18
CA ALA A 1216 54.13 -2.24 -94.52
C ALA A 1216 55.63 -2.03 -94.41
N GLY A 1217 56.01 -0.98 -93.69
CA GLY A 1217 57.41 -0.67 -93.49
C GLY A 1217 57.95 -1.29 -92.22
N LYS A 1218 57.05 -1.71 -91.33
CA LYS A 1218 57.46 -2.31 -90.06
C LYS A 1218 57.05 -3.76 -89.91
N ILE A 1219 56.42 -4.33 -90.93
CA ILE A 1219 56.03 -5.73 -90.85
C ILE A 1219 57.25 -6.61 -90.76
N ALA A 1220 58.20 -6.37 -91.66
CA ALA A 1220 59.39 -7.19 -91.82
C ALA A 1220 60.42 -6.87 -90.74
N GLU A 1221 59.97 -6.21 -89.69
CA GLU A 1221 60.82 -5.88 -88.56
C GLU A 1221 60.50 -6.81 -87.40
N SER A 1222 59.75 -7.87 -87.71
CA SER A 1222 59.36 -8.87 -86.71
C SER A 1222 59.20 -10.25 -87.35
N PHE A 1223 59.47 -10.35 -88.65
CA PHE A 1223 59.38 -11.62 -89.37
C PHE A 1223 60.58 -11.87 -90.28
N GLU A 1224 61.68 -11.15 -90.02
CA GLU A 1224 62.90 -11.27 -90.81
C GLU A 1224 62.69 -10.84 -92.26
N ARG A 1225 62.74 -11.80 -93.18
CA ARG A 1225 62.49 -11.54 -94.59
C ARG A 1225 61.48 -12.52 -95.15
N ASP A 1226 60.73 -13.18 -94.27
CA ASP A 1226 59.78 -14.21 -94.68
C ASP A 1226 58.68 -13.64 -95.58
N LEU A 1227 58.58 -12.31 -95.60
CA LEU A 1227 57.54 -11.63 -96.38
C LEU A 1227 58.11 -10.45 -97.16
N PHE A 1228 57.61 -10.25 -98.38
CA PHE A 1228 58.02 -9.11 -99.21
C PHE A 1228 56.83 -8.25 -99.60
N THR A 1229 56.80 -7.03 -99.06
CA THR A 1229 55.67 -6.14 -99.28
C THR A 1229 55.93 -5.19 -100.43
N ILE A 1230 54.87 -4.93 -101.17
CA ILE A 1230 54.93 -4.01 -102.28
C ILE A 1230 53.62 -3.22 -102.29
N TRP A 1231 53.71 -1.97 -101.88
CA TRP A 1231 52.55 -1.09 -101.82
C TRP A 1231 52.48 -0.20 -103.07
N SER A 1232 51.58 0.80 -103.02
CA SER A 1232 51.49 1.79 -104.10
C SER A 1232 51.41 3.20 -103.52
N GLU A 1233 51.51 4.22 -104.38
CA GLU A 1233 51.40 5.60 -103.93
C GLU A 1233 49.97 5.93 -103.50
N ASP A 1234 49.79 7.09 -102.88
CA ASP A 1234 48.47 7.53 -102.45
C ASP A 1234 47.58 7.89 -103.63
N ASN A 1235 48.16 7.82 -104.84
CA ASN A 1235 47.41 8.15 -106.05
C ASN A 1235 46.45 7.03 -106.48
N ALA A 1236 46.53 5.89 -105.81
CA ALA A 1236 45.68 4.74 -106.13
C ALA A 1236 44.23 4.99 -105.70
N ASP A 1237 43.34 4.08 -106.10
CA ASP A 1237 41.92 4.20 -105.76
C ASP A 1237 41.49 3.12 -104.77
N LYS A 1238 42.38 2.15 -104.53
CA LYS A 1238 42.10 1.08 -103.60
C LYS A 1238 43.20 0.94 -102.55
N LEU A 1239 44.40 1.41 -102.89
CA LEU A 1239 45.56 1.30 -102.00
C LEU A 1239 45.72 -0.12 -101.49
N ILE A 1240 46.44 -0.95 -102.23
CA ILE A 1240 46.61 -2.35 -101.83
C ILE A 1240 48.08 -2.68 -101.58
N ILE A 1241 48.33 -3.72 -100.80
CA ILE A 1241 49.69 -4.15 -100.48
C ILE A 1241 49.83 -5.67 -100.43
N ARG A 1242 50.82 -6.20 -101.15
CA ARG A 1242 51.03 -7.64 -101.22
C ARG A 1242 51.96 -8.13 -100.12
N CYS A 1243 51.97 -9.44 -99.91
CA CYS A 1243 52.83 -10.05 -98.89
C CYS A 1243 53.07 -11.54 -99.17
N ARG A 1244 54.17 -11.80 -99.88
CA ARG A 1244 54.49 -13.15 -100.31
C ARG A 1244 55.30 -13.92 -99.28
N ILE A 1245 55.59 -15.19 -99.58
CA ILE A 1245 56.36 -16.04 -98.69
C ILE A 1245 57.32 -16.92 -99.47
N ILE A 1246 58.61 -16.80 -99.17
CA ILE A 1246 59.64 -17.59 -99.84
C ILE A 1246 60.50 -18.34 -98.83
N ARG A 1247 61.12 -19.43 -99.29
CA ARG A 1247 61.97 -20.24 -98.43
C ARG A 1247 62.74 -21.28 -99.24
N ASP A 1248 62.09 -22.41 -99.51
CA ASP A 1248 62.72 -23.48 -100.27
C ASP A 1248 63.81 -22.94 -101.20
N ASP A 1249 64.91 -23.69 -101.29
CA ASP A 1249 65.05 -24.95 -100.57
C ASP A 1249 65.50 -24.71 -99.13
N ASP A 1250 64.52 -24.66 -98.22
CA ASP A 1250 64.81 -24.44 -96.80
C ASP A 1250 65.04 -25.75 -96.08
N ARG A 1251 65.83 -25.69 -95.00
CA ARG A 1251 66.13 -26.88 -94.21
C ARG A 1251 64.85 -27.64 -93.84
N LYS A 1252 63.79 -26.90 -93.56
CA LYS A 1252 62.51 -27.50 -93.20
C LYS A 1252 62.57 -28.11 -91.80
N ALA A 1253 61.40 -28.50 -91.28
CA ALA A 1253 61.31 -29.10 -89.96
C ALA A 1253 60.86 -28.07 -88.92
N GLU A 1254 60.70 -28.53 -87.68
CA GLU A 1254 60.95 -29.92 -87.34
C GLU A 1254 59.76 -30.52 -86.58
N ASP A 1255 59.95 -30.77 -85.29
CA ASP A 1255 58.90 -31.33 -84.46
C ASP A 1255 57.52 -31.00 -85.01
N ASP A 1256 56.97 -31.90 -85.81
CA ASP A 1256 55.64 -31.69 -86.40
C ASP A 1256 55.73 -31.64 -87.92
N ASP A 1257 55.17 -32.66 -88.57
CA ASP A 1257 55.18 -32.73 -90.03
C ASP A 1257 54.00 -31.97 -90.63
N ASN A 1258 54.08 -31.70 -91.93
CA ASN A 1258 53.02 -30.98 -92.63
C ASN A 1258 52.78 -31.57 -94.01
N MET A 1259 51.80 -32.46 -94.13
CA MET A 1259 51.48 -33.09 -95.40
C MET A 1259 50.00 -32.91 -95.75
N ILE A 1260 49.71 -31.90 -96.57
CA ILE A 1260 48.34 -31.63 -96.98
C ILE A 1260 47.63 -30.75 -95.96
N GLU A 1261 47.67 -29.44 -96.18
CA GLU A 1261 48.35 -28.87 -97.35
C GLU A 1261 48.61 -27.38 -97.17
N GLU A 1262 49.84 -26.96 -97.41
CA GLU A 1262 50.21 -25.56 -97.29
C GLU A 1262 48.99 -24.68 -97.06
N ASP A 1263 48.61 -24.50 -95.79
CA ASP A 1263 47.45 -23.69 -95.44
C ASP A 1263 47.49 -23.29 -93.98
N VAL A 1264 47.05 -24.20 -93.11
CA VAL A 1264 47.02 -23.94 -91.67
C VAL A 1264 48.13 -22.98 -91.26
N PHE A 1265 49.38 -23.41 -91.44
CA PHE A 1265 50.53 -22.60 -91.10
C PHE A 1265 50.32 -21.15 -91.50
N LEU A 1266 49.44 -20.93 -92.48
CA LEU A 1266 49.14 -19.58 -92.95
C LEU A 1266 48.22 -18.84 -91.99
N LYS A 1267 46.98 -19.31 -91.90
CA LYS A 1267 46.00 -18.70 -91.02
C LYS A 1267 46.62 -18.32 -89.67
N THR A 1268 47.51 -19.17 -89.18
CA THR A 1268 48.18 -18.93 -87.91
C THR A 1268 49.00 -17.65 -87.94
N ILE A 1269 49.79 -17.48 -89.02
CA ILE A 1269 50.62 -16.30 -89.18
C ILE A 1269 49.79 -15.02 -89.11
N GLU A 1270 48.62 -15.05 -89.76
CA GLU A 1270 47.74 -13.89 -89.77
C GLU A 1270 47.44 -13.41 -88.36
N GLY A 1271 47.10 -14.35 -87.48
CA GLY A 1271 46.80 -14.03 -86.10
C GLY A 1271 47.84 -13.11 -85.47
N HIS A 1272 49.10 -13.35 -85.81
CA HIS A 1272 50.19 -12.54 -85.28
C HIS A 1272 50.33 -11.23 -86.05
N MET A 1273 50.18 -11.30 -87.37
CA MET A 1273 50.30 -10.12 -88.22
C MET A 1273 49.28 -9.06 -87.82
N LEU A 1274 48.00 -9.44 -87.80
CA LEU A 1274 46.93 -8.53 -87.43
C LEU A 1274 47.03 -8.11 -85.97
N GLU A 1275 47.91 -8.79 -85.23
CA GLU A 1275 48.09 -8.50 -83.81
C GLU A 1275 49.54 -8.10 -83.52
N SER A 1276 50.08 -7.21 -84.34
CA SER A 1276 51.45 -6.75 -84.17
C SER A 1276 51.93 -5.98 -85.40
N ILE A 1277 52.02 -4.66 -85.27
CA ILE A 1277 51.70 -3.99 -84.01
C ILE A 1277 52.35 -2.61 -83.93
N SER A 1278 52.89 -2.16 -85.06
CA SER A 1278 53.55 -0.86 -85.11
C SER A 1278 52.60 0.26 -84.72
N LEU A 1279 53.14 1.46 -84.56
CA LEU A 1279 52.34 2.62 -84.18
C LEU A 1279 52.29 2.79 -82.67
N ARG A 1280 52.13 4.03 -82.22
CA ARG A 1280 52.07 4.33 -80.79
C ARG A 1280 50.88 3.63 -80.14
N GLY A 1281 50.74 2.33 -80.42
CA GLY A 1281 49.65 1.55 -79.85
C GLY A 1281 50.02 0.94 -78.51
N VAL A 1282 49.65 1.62 -77.44
CA VAL A 1282 49.93 1.15 -76.09
C VAL A 1282 49.18 -0.15 -75.79
N PRO A 1283 49.67 -1.25 -76.36
CA PRO A 1283 49.05 -2.56 -76.16
C PRO A 1283 47.98 -2.52 -75.08
N ASN A 1284 46.73 -2.76 -75.47
CA ASN A 1284 45.61 -2.75 -74.53
C ASN A 1284 44.79 -1.47 -74.63
N ILE A 1285 45.49 -0.34 -74.71
CA ILE A 1285 44.82 0.96 -74.81
C ILE A 1285 43.96 1.05 -76.07
N THR A 1286 42.65 0.96 -75.89
CA THR A 1286 41.72 1.03 -77.01
C THR A 1286 41.55 2.47 -77.49
N ARG A 1287 40.32 2.81 -77.89
CA ARG A 1287 40.02 4.15 -78.38
C ARG A 1287 40.13 5.17 -77.25
N VAL A 1288 40.52 6.38 -77.62
CA VAL A 1288 40.65 7.47 -76.64
C VAL A 1288 39.74 8.65 -76.99
N TYR A 1289 39.57 9.57 -76.05
CA TYR A 1289 38.73 10.74 -76.26
C TYR A 1289 39.44 11.99 -75.77
N MET A 1290 38.83 13.15 -76.04
CA MET A 1290 39.38 14.43 -75.61
C MET A 1290 38.27 15.39 -75.19
N MET A 1291 38.31 15.81 -73.92
CA MET A 1291 37.31 16.72 -73.39
C MET A 1291 37.97 17.88 -72.64
N GLU A 1292 37.41 19.07 -72.81
CA GLU A 1292 37.94 20.26 -72.15
C GLU A 1292 37.69 20.22 -70.65
N HIS A 1293 38.76 20.13 -69.88
CA HIS A 1293 38.66 20.08 -68.43
C HIS A 1293 39.02 21.42 -67.80
N LYS A 1294 38.02 22.10 -67.25
CA LYS A 1294 38.24 23.40 -66.61
C LYS A 1294 39.20 23.29 -65.44
N ILE A 1295 40.49 23.45 -65.72
CA ILE A 1295 41.53 23.37 -64.69
C ILE A 1295 41.85 24.75 -64.17
N VAL A 1296 41.97 24.88 -62.85
CA VAL A 1296 42.22 26.18 -62.23
C VAL A 1296 43.71 26.41 -62.02
N ARG A 1297 44.22 27.55 -62.42
CA ARG A 1297 45.65 27.81 -62.25
C ARG A 1297 45.85 29.05 -61.46
N GLN A 1298 47.11 29.35 -61.16
CA GLN A 1298 47.47 30.53 -60.43
C GLN A 1298 48.12 31.50 -61.38
N ILE A 1299 48.32 32.73 -60.90
CA ILE A 1299 48.95 33.75 -61.71
C ILE A 1299 50.04 34.43 -60.90
N GLU A 1300 50.93 35.13 -61.59
CA GLU A 1300 51.94 35.91 -60.91
C GLU A 1300 51.29 37.05 -60.14
N ASP A 1301 50.03 37.31 -60.47
CA ASP A 1301 49.27 38.40 -59.87
C ASP A 1301 48.86 38.10 -58.44
N GLY A 1302 48.22 36.95 -58.28
CA GLY A 1302 47.62 36.54 -57.02
C GLY A 1302 46.37 35.75 -57.37
N THR A 1303 45.51 36.38 -58.15
CA THR A 1303 44.29 35.75 -58.60
C THR A 1303 44.50 34.32 -59.15
N PHE A 1304 43.42 33.58 -59.31
CA PHE A 1304 43.43 32.28 -59.98
C PHE A 1304 42.58 32.38 -61.25
N GLU A 1305 42.90 31.56 -62.26
CA GLU A 1305 42.16 31.56 -63.51
C GLU A 1305 41.77 30.15 -63.92
N ARG A 1306 40.78 30.05 -64.80
CA ARG A 1306 40.30 28.76 -65.28
C ARG A 1306 40.92 28.40 -66.62
N ALA A 1307 42.08 27.77 -66.58
CA ALA A 1307 42.78 27.37 -67.81
C ALA A 1307 42.11 26.16 -68.46
N ASP A 1308 41.13 26.43 -69.32
CA ASP A 1308 40.40 25.37 -70.01
C ASP A 1308 41.33 24.60 -70.94
N GLU A 1309 42.01 23.60 -70.39
CA GLU A 1309 42.93 22.78 -71.18
C GLU A 1309 42.28 21.47 -71.59
N TRP A 1310 42.72 20.93 -72.73
CA TRP A 1310 42.18 19.67 -73.24
C TRP A 1310 42.75 18.48 -72.48
N VAL A 1311 42.05 17.36 -72.53
CA VAL A 1311 42.48 16.15 -71.85
C VAL A 1311 41.90 14.90 -72.50
N LEU A 1312 42.70 13.84 -72.54
CA LEU A 1312 42.27 12.59 -73.13
C LEU A 1312 41.69 11.67 -72.09
N GLU A 1313 40.64 10.94 -72.46
CA GLU A 1313 39.99 10.01 -71.54
C GLU A 1313 40.13 8.57 -72.02
N THR A 1314 41.14 7.89 -71.51
CA THR A 1314 41.40 6.50 -71.89
C THR A 1314 40.11 5.68 -71.88
N ASP A 1315 40.23 4.39 -72.20
CA ASP A 1315 39.08 3.51 -72.24
C ASP A 1315 39.46 2.09 -71.78
N GLY A 1316 40.56 2.00 -71.05
CA GLY A 1316 41.03 0.71 -70.55
C GLY A 1316 42.53 0.69 -70.34
N ILE A 1317 43.00 -0.31 -69.60
CA ILE A 1317 44.42 -0.45 -69.32
C ILE A 1317 45.24 -0.45 -70.61
N ASN A 1318 46.54 -0.17 -70.47
CA ASN A 1318 47.13 0.12 -69.18
C ASN A 1318 48.01 1.36 -69.22
N LEU A 1319 48.66 1.66 -68.10
CA LEU A 1319 49.54 2.82 -68.01
C LEU A 1319 51.00 2.44 -68.25
N THR A 1320 51.83 2.64 -67.24
CA THR A 1320 53.25 2.32 -67.34
C THR A 1320 53.89 2.78 -68.65
N GLU A 1321 53.67 2.03 -69.72
CA GLU A 1321 54.18 2.43 -71.03
C GLU A 1321 53.35 3.61 -71.51
N ALA A 1322 52.71 4.29 -70.57
CA ALA A 1322 51.78 5.33 -70.93
C ALA A 1322 52.32 6.71 -70.65
N MET A 1323 53.31 6.79 -69.77
CA MET A 1323 53.96 8.07 -69.48
C MET A 1323 55.23 8.17 -70.32
N THR A 1324 55.64 7.06 -70.92
CA THR A 1324 56.84 7.05 -71.73
C THR A 1324 56.62 7.94 -72.95
N VAL A 1325 55.36 8.32 -73.14
CA VAL A 1325 54.95 9.14 -74.30
C VAL A 1325 55.43 10.58 -74.27
N GLU A 1326 55.40 11.25 -75.43
CA GLU A 1326 55.79 12.64 -75.49
C GLU A 1326 54.58 13.56 -75.29
N GLY A 1327 54.28 13.92 -74.05
CA GLY A 1327 53.13 14.77 -73.83
C GLY A 1327 53.14 15.41 -72.46
N VAL A 1328 52.79 14.63 -71.45
CA VAL A 1328 52.24 13.31 -71.69
C VAL A 1328 50.98 13.05 -70.82
N ASP A 1329 51.02 13.34 -69.52
CA ASP A 1329 52.17 13.93 -68.82
C ASP A 1329 52.43 13.20 -67.51
N ALA A 1330 53.70 12.82 -67.30
CA ALA A 1330 54.06 11.89 -66.21
C ALA A 1330 53.66 12.40 -64.85
N THR A 1331 53.85 13.69 -64.63
CA THR A 1331 53.56 14.25 -63.32
C THR A 1331 52.08 14.21 -62.96
N ARG A 1332 51.22 13.89 -63.92
CA ARG A 1332 49.79 14.03 -63.64
C ARG A 1332 48.89 12.90 -64.16
N THR A 1333 49.44 11.90 -64.81
CA THR A 1333 48.59 10.87 -65.40
C THR A 1333 47.92 10.08 -64.29
N TYR A 1334 46.70 9.63 -64.58
CA TYR A 1334 45.82 9.06 -63.58
C TYR A 1334 45.07 7.86 -64.18
N SER A 1335 44.55 7.00 -63.31
CA SER A 1335 43.77 5.87 -63.81
C SER A 1335 42.69 5.44 -62.83
N ASN A 1336 41.95 4.42 -63.24
CA ASN A 1336 40.83 3.92 -62.47
C ASN A 1336 41.11 2.55 -61.86
N SER A 1337 42.26 1.99 -62.15
CA SER A 1337 42.62 0.72 -61.54
C SER A 1337 43.72 0.92 -60.52
N PHE A 1338 43.30 1.04 -59.26
CA PHE A 1338 44.20 1.05 -58.12
C PHE A 1338 45.14 -0.15 -58.21
N VAL A 1339 44.57 -1.32 -58.46
CA VAL A 1339 45.36 -2.51 -58.73
C VAL A 1339 46.69 -2.05 -59.32
N GLU A 1340 46.62 -1.34 -60.44
CA GLU A 1340 47.82 -0.91 -61.16
C GLU A 1340 48.56 0.24 -60.48
N ILE A 1341 47.81 1.20 -59.95
CA ILE A 1341 48.44 2.37 -59.33
C ILE A 1341 49.40 1.97 -58.21
N LEU A 1342 49.09 0.88 -57.52
CA LEU A 1342 49.95 0.37 -56.48
C LEU A 1342 51.22 -0.25 -57.06
N GLN A 1343 51.12 -0.74 -58.29
CA GLN A 1343 52.21 -1.47 -58.91
C GLN A 1343 53.17 -0.51 -59.58
N ILE A 1344 52.68 0.70 -59.85
CA ILE A 1344 53.44 1.64 -60.69
C ILE A 1344 53.68 3.05 -60.13
N LEU A 1345 52.93 3.41 -59.06
CA LEU A 1345 53.18 4.63 -58.29
C LEU A 1345 53.68 4.30 -56.91
N GLY A 1346 53.05 4.91 -55.91
CA GLY A 1346 53.39 4.59 -54.54
C GLY A 1346 52.30 3.71 -53.93
N ILE A 1347 52.47 3.34 -52.66
CA ILE A 1347 51.34 2.84 -51.91
C ILE A 1347 50.59 4.03 -51.35
N GLU A 1348 51.33 5.08 -50.96
CA GLU A 1348 50.71 6.33 -50.50
C GLU A 1348 49.90 6.93 -51.63
N ALA A 1349 50.49 6.91 -52.82
CA ALA A 1349 49.79 7.37 -54.01
C ALA A 1349 48.43 6.70 -54.06
N THR A 1350 48.40 5.38 -53.91
CA THR A 1350 47.17 4.68 -54.18
C THR A 1350 46.06 5.01 -53.17
N ARG A 1351 46.45 5.43 -51.98
CA ARG A 1351 45.48 5.86 -51.00
C ARG A 1351 44.75 7.08 -51.55
N SER A 1352 45.49 8.12 -51.90
CA SER A 1352 44.90 9.29 -52.50
C SER A 1352 43.94 8.91 -53.64
N ALA A 1353 44.30 7.88 -54.40
CA ALA A 1353 43.49 7.37 -55.49
C ALA A 1353 42.12 6.93 -55.01
N LEU A 1354 42.10 6.12 -53.95
CA LEU A 1354 40.84 5.71 -53.35
C LEU A 1354 39.98 6.91 -52.95
N LEU A 1355 40.54 7.73 -52.07
CA LEU A 1355 39.87 8.91 -51.56
C LEU A 1355 39.19 9.63 -52.71
N LYS A 1356 39.95 9.85 -53.79
CA LYS A 1356 39.41 10.57 -54.95
C LYS A 1356 38.32 9.77 -55.61
N GLU A 1357 38.53 8.46 -55.74
CA GLU A 1357 37.61 7.61 -56.52
C GLU A 1357 36.31 7.30 -55.79
N LEU A 1358 36.29 7.62 -54.48
CA LEU A 1358 35.11 7.43 -53.65
C LEU A 1358 34.31 8.72 -53.62
N ARG A 1359 35.01 9.85 -53.58
CA ARG A 1359 34.35 11.13 -53.71
C ARG A 1359 33.55 11.16 -55.02
N ASN A 1360 34.20 10.76 -56.12
CA ASN A 1360 33.55 10.75 -57.43
C ASN A 1360 32.38 9.79 -57.50
N VAL A 1361 32.16 9.02 -56.44
CA VAL A 1361 31.04 8.06 -56.41
C VAL A 1361 29.82 8.62 -55.70
N ILE A 1362 30.09 9.34 -54.61
CA ILE A 1362 29.06 9.97 -53.78
C ILE A 1362 29.33 11.45 -53.66
N GLU A 1363 29.04 12.20 -54.70
CA GLU A 1363 29.11 13.65 -54.63
C GLU A 1363 28.31 14.24 -55.76
N PHE A 1364 28.29 13.52 -56.88
CA PHE A 1364 27.55 13.97 -58.05
C PHE A 1364 26.26 13.20 -58.22
N ASP A 1365 25.18 13.83 -57.74
CA ASP A 1365 25.33 15.18 -57.16
C ASP A 1365 24.75 15.41 -55.76
N GLY A 1366 25.03 16.63 -55.26
CA GLY A 1366 24.64 17.09 -53.94
C GLY A 1366 24.69 15.99 -52.93
N SER A 1367 25.88 15.71 -52.39
CA SER A 1367 26.01 14.57 -51.49
C SER A 1367 26.82 14.80 -50.20
N TYR A 1368 26.19 14.40 -49.10
CA TYR A 1368 26.70 14.38 -47.71
C TYR A 1368 28.16 13.95 -47.51
N VAL A 1369 29.11 14.81 -47.81
CA VAL A 1369 30.48 14.32 -47.75
C VAL A 1369 31.15 14.67 -46.43
N ASN A 1370 31.80 13.68 -45.79
CA ASN A 1370 32.80 14.07 -44.78
C ASN A 1370 34.22 13.55 -44.95
N TYR A 1371 35.17 14.45 -45.18
CA TYR A 1371 36.56 14.06 -45.46
C TYR A 1371 37.15 13.11 -44.44
N ARG A 1372 36.52 13.06 -43.28
CA ARG A 1372 37.06 12.36 -42.12
C ARG A 1372 36.85 10.85 -42.27
N HIS A 1373 35.59 10.48 -42.47
CA HIS A 1373 35.17 9.10 -42.59
C HIS A 1373 35.66 8.52 -43.91
N LEU A 1374 35.68 9.32 -44.97
CA LEU A 1374 36.26 8.89 -46.20
C LEU A 1374 37.70 8.60 -45.91
N ALA A 1375 38.36 9.56 -45.29
CA ALA A 1375 39.76 9.37 -44.92
C ALA A 1375 39.97 8.01 -44.25
N LEU A 1376 39.10 7.67 -43.31
CA LEU A 1376 39.35 6.46 -42.50
C LEU A 1376 39.24 5.19 -43.35
N LEU A 1377 38.18 5.09 -44.16
CA LEU A 1377 38.02 3.92 -45.01
C LEU A 1377 39.34 3.70 -45.77
N CYS A 1378 39.90 4.75 -46.35
CA CYS A 1378 41.12 4.60 -47.14
C CYS A 1378 42.28 4.02 -46.33
N ASP A 1379 42.58 4.63 -45.17
CA ASP A 1379 43.70 4.20 -44.35
C ASP A 1379 43.57 2.74 -43.95
N VAL A 1380 42.33 2.30 -43.75
CA VAL A 1380 42.09 0.90 -43.42
C VAL A 1380 42.45 0.01 -44.57
N MET A 1381 42.15 0.45 -45.79
CA MET A 1381 42.46 -0.33 -46.98
C MET A 1381 43.96 -0.41 -47.22
N THR A 1382 44.61 0.75 -47.24
CA THR A 1382 46.05 0.81 -47.46
C THR A 1382 46.80 1.10 -46.16
N SER A 1383 46.70 0.16 -45.22
CA SER A 1383 47.37 0.30 -43.93
C SER A 1383 48.23 -0.92 -43.61
N ARG A 1384 48.17 -1.91 -44.49
CA ARG A 1384 48.95 -3.14 -44.32
C ARG A 1384 49.68 -3.52 -45.59
N GLY A 1385 49.90 -2.54 -46.46
CA GLY A 1385 50.58 -2.77 -47.71
C GLY A 1385 49.64 -3.09 -48.85
N HIS A 1386 49.41 -4.37 -49.08
CA HIS A 1386 48.52 -4.81 -50.15
C HIS A 1386 47.15 -4.17 -50.03
N LEU A 1387 46.39 -4.20 -51.12
CA LEU A 1387 45.05 -3.62 -51.14
C LEU A 1387 44.02 -4.60 -50.58
N MET A 1388 43.74 -4.48 -49.29
CA MET A 1388 42.77 -5.35 -48.64
C MET A 1388 41.34 -4.99 -49.05
N ALA A 1389 40.71 -5.87 -49.83
CA ALA A 1389 39.35 -5.65 -50.30
C ALA A 1389 38.35 -5.82 -49.16
N ILE A 1390 37.12 -5.39 -49.40
CA ILE A 1390 36.06 -5.49 -48.41
C ILE A 1390 34.84 -6.22 -48.96
N THR A 1391 35.02 -7.50 -49.27
CA THR A 1391 33.94 -8.33 -49.81
C THR A 1391 32.99 -8.79 -48.71
N ARG A 1392 31.77 -9.15 -49.10
CA ARG A 1392 30.78 -9.62 -48.14
C ARG A 1392 31.38 -10.62 -47.17
N HIS A 1393 32.05 -10.11 -46.14
CA HIS A 1393 32.67 -10.98 -45.14
C HIS A 1393 33.56 -10.17 -44.20
N GLY A 1394 34.29 -9.21 -44.76
CA GLY A 1394 35.18 -8.38 -43.97
C GLY A 1394 36.65 -8.65 -44.27
N ILE A 1395 37.35 -7.77 -44.84
CA ILE A 1395 38.76 -7.91 -45.16
C ILE A 1395 39.25 -9.34 -44.90
N ASN A 1396 39.46 -10.10 -45.96
CA ASN A 1396 39.93 -11.47 -45.84
C ASN A 1396 41.27 -11.56 -45.15
N ARG A 1397 41.33 -11.09 -43.90
CA ARG A 1397 42.55 -11.11 -43.12
C ARG A 1397 42.64 -12.37 -42.28
N ALA A 1398 43.09 -12.22 -41.03
CA ALA A 1398 43.22 -13.35 -40.13
C ALA A 1398 44.43 -13.19 -39.20
N GLU A 1399 44.23 -12.43 -38.13
CA GLU A 1399 45.31 -12.19 -37.16
C GLU A 1399 44.74 -12.02 -35.75
N THR A 1400 43.41 -12.12 -35.63
CA THR A 1400 42.76 -11.98 -34.34
C THR A 1400 42.07 -13.27 -33.93
N GLY A 1401 42.72 -14.39 -34.19
CA GLY A 1401 42.18 -15.70 -33.85
C GLY A 1401 40.90 -16.00 -34.62
N ALA A 1402 40.17 -16.99 -34.14
CA ALA A 1402 38.91 -17.39 -34.79
C ALA A 1402 37.72 -16.68 -34.16
N LEU A 1403 37.45 -16.99 -32.90
CA LEU A 1403 36.34 -16.37 -32.18
C LEU A 1403 35.81 -15.14 -32.91
N MET A 1404 36.72 -14.23 -33.23
CA MET A 1404 36.34 -13.00 -33.94
C MET A 1404 35.79 -13.31 -35.32
N ARG A 1405 36.59 -13.98 -36.15
CA ARG A 1405 36.18 -14.34 -37.50
C ARG A 1405 34.79 -14.99 -37.49
N CYS A 1406 34.60 -15.93 -36.58
CA CYS A 1406 33.32 -16.64 -36.47
C CYS A 1406 32.15 -15.66 -36.53
N SER A 1407 32.42 -14.40 -36.18
CA SER A 1407 31.39 -13.37 -36.19
C SER A 1407 31.11 -12.90 -37.62
N PHE A 1408 32.17 -12.69 -38.38
CA PHE A 1408 32.04 -12.23 -39.76
C PHE A 1408 31.30 -13.25 -40.61
N GLU A 1409 31.22 -14.49 -40.11
CA GLU A 1409 30.53 -15.55 -40.82
C GLU A 1409 31.13 -15.77 -42.21
N GLU A 1410 30.93 -16.96 -42.76
CA GLU A 1410 30.20 -18.01 -42.06
C GLU A 1410 31.11 -18.85 -41.19
N THR A 1411 30.68 -19.10 -39.96
CA THR A 1411 31.45 -19.89 -39.01
C THR A 1411 31.78 -21.27 -39.58
N VAL A 1412 31.71 -22.29 -38.73
CA VAL A 1412 32.00 -23.66 -39.15
C VAL A 1412 33.49 -23.85 -39.42
N GLU A 1413 33.81 -24.42 -40.57
CA GLU A 1413 35.19 -24.67 -40.94
C GLU A 1413 36.16 -23.96 -40.00
N ILE A 1414 36.12 -22.63 -40.00
CA ILE A 1414 36.99 -21.84 -39.14
C ILE A 1414 37.24 -22.54 -37.81
N LEU A 1415 36.16 -22.83 -37.08
CA LEU A 1415 36.26 -23.49 -35.79
C LEU A 1415 36.71 -24.93 -35.95
N MET A 1416 36.24 -25.58 -37.02
CA MET A 1416 36.58 -26.97 -37.30
C MET A 1416 38.07 -27.11 -37.65
N ASP A 1417 38.66 -26.00 -38.09
CA ASP A 1417 40.08 -25.99 -38.46
C ASP A 1417 40.93 -25.40 -37.35
N ALA A 1418 40.56 -24.20 -36.89
CA ALA A 1418 41.30 -23.53 -35.83
C ALA A 1418 41.40 -24.41 -34.59
N ALA A 1419 40.39 -25.25 -34.38
CA ALA A 1419 40.37 -26.15 -33.23
C ALA A 1419 41.55 -27.10 -33.26
N ALA A 1420 41.90 -27.50 -34.48
CA ALA A 1420 43.01 -28.41 -34.69
C ALA A 1420 44.35 -27.69 -34.57
N SER A 1421 44.40 -26.63 -33.76
CA SER A 1421 45.63 -25.86 -33.61
C SER A 1421 45.66 -24.95 -32.36
N GLY A 1422 44.57 -24.94 -31.61
CA GLY A 1422 44.54 -24.22 -30.35
C GLY A 1422 44.93 -22.78 -30.53
N GLU A 1423 44.09 -22.03 -31.23
CA GLU A 1423 44.35 -20.63 -31.56
C GLU A 1423 43.87 -19.68 -30.47
N LYS A 1424 44.84 -19.04 -29.81
CA LYS A 1424 44.58 -18.16 -28.69
C LYS A 1424 43.95 -16.85 -29.15
N ASP A 1425 42.83 -16.48 -28.53
CA ASP A 1425 42.12 -15.25 -28.85
C ASP A 1425 42.15 -14.26 -27.71
N ASP A 1426 43.08 -13.31 -27.77
CA ASP A 1426 43.21 -12.29 -26.73
C ASP A 1426 41.86 -11.66 -26.41
N CYS A 1427 40.84 -12.01 -27.20
CA CYS A 1427 39.50 -11.49 -27.02
C CYS A 1427 39.48 -9.96 -26.93
N LYS A 1428 40.50 -9.36 -27.52
CA LYS A 1428 40.57 -7.91 -27.64
C LYS A 1428 39.54 -7.48 -28.67
N GLY A 1429 38.84 -8.46 -29.23
CA GLY A 1429 37.79 -8.22 -30.21
C GLY A 1429 36.59 -7.49 -29.64
N ILE A 1430 35.69 -7.08 -30.53
CA ILE A 1430 34.49 -6.32 -30.14
C ILE A 1430 33.19 -7.05 -30.44
N SER A 1431 33.26 -8.01 -31.37
CA SER A 1431 32.14 -8.91 -31.67
C SER A 1431 32.40 -10.24 -30.96
N GLU A 1432 33.66 -10.61 -30.89
CA GLU A 1432 34.06 -11.74 -30.09
C GLU A 1432 33.57 -11.46 -28.68
N ASN A 1433 33.59 -10.18 -28.32
CA ASN A 1433 33.33 -9.78 -26.95
C ASN A 1433 31.84 -9.75 -26.64
N ILE A 1434 31.06 -9.16 -27.55
CA ILE A 1434 29.61 -9.17 -27.42
C ILE A 1434 29.08 -10.57 -27.65
N MET A 1435 29.94 -11.56 -27.53
CA MET A 1435 29.55 -12.93 -27.80
C MET A 1435 29.50 -13.63 -26.47
N LEU A 1436 30.28 -13.12 -25.52
CA LEU A 1436 30.49 -13.77 -24.23
C LEU A 1436 29.73 -13.04 -23.13
N GLY A 1437 29.38 -11.80 -23.39
CA GLY A 1437 28.62 -11.06 -22.41
C GLY A 1437 29.51 -10.25 -21.50
N GLN A 1438 30.82 -10.49 -21.58
CA GLN A 1438 31.75 -9.60 -20.91
C GLN A 1438 31.46 -8.22 -21.50
N LEU A 1439 31.67 -7.17 -20.70
CA LEU A 1439 31.40 -5.81 -21.16
C LEU A 1439 32.42 -5.39 -22.21
N ALA A 1440 31.89 -4.91 -23.34
CA ALA A 1440 32.71 -4.67 -24.51
C ALA A 1440 33.36 -3.30 -24.47
N PRO A 1441 34.56 -3.16 -25.04
CA PRO A 1441 35.28 -1.87 -25.15
C PRO A 1441 34.70 -0.89 -26.17
N MET A 1442 33.38 -0.81 -26.23
CA MET A 1442 32.67 0.12 -27.11
C MET A 1442 32.72 1.56 -26.61
N GLY A 1443 33.88 2.19 -26.63
CA GLY A 1443 33.96 3.59 -26.25
C GLY A 1443 33.67 3.80 -24.76
N THR A 1444 32.42 3.55 -24.35
CA THR A 1444 32.02 3.79 -22.98
C THR A 1444 32.26 2.54 -22.20
N GLY A 1445 33.07 1.66 -22.78
CA GLY A 1445 33.42 0.44 -22.12
C GLY A 1445 34.89 0.17 -22.33
N ALA A 1446 35.43 1.29 -22.62
CA ALA A 1446 36.85 1.20 -22.87
C ALA A 1446 37.58 1.86 -21.74
N PHE A 1447 37.06 1.67 -20.54
CA PHE A 1447 37.79 2.08 -19.34
C PHE A 1447 37.12 1.52 -18.11
N ASP A 1448 37.87 1.46 -17.03
CA ASP A 1448 37.31 0.94 -15.79
C ASP A 1448 37.24 2.04 -14.73
N ILE A 1449 36.63 1.73 -13.60
CA ILE A 1449 36.49 2.69 -12.51
C ILE A 1449 36.80 2.06 -11.16
N TYR A 1450 37.20 2.88 -10.20
CA TYR A 1450 37.54 2.41 -8.87
C TYR A 1450 36.85 3.25 -7.79
N LEU A 1451 37.65 3.96 -7.00
CA LEU A 1451 37.12 4.80 -5.93
C LEU A 1451 38.20 5.70 -5.36
N ASP A 1452 37.85 6.97 -5.13
CA ASP A 1452 38.78 7.94 -4.58
C ASP A 1452 38.72 7.96 -3.06
N GLN A 1453 38.96 6.80 -2.44
CA GLN A 1453 38.93 6.69 -0.99
C GLN A 1453 39.59 7.90 -0.33
N ASP A 1454 40.63 8.42 -0.97
CA ASP A 1454 41.35 9.58 -0.44
C ASP A 1454 40.39 10.71 -0.08
N MET A 1455 39.43 10.96 -0.95
CA MET A 1455 38.44 12.01 -0.72
C MET A 1455 37.57 11.70 0.50
N LEU A 1456 37.10 10.47 0.58
CA LEU A 1456 36.27 10.03 1.69
C LEU A 1456 37.03 10.07 3.01
N MET A 1457 38.34 9.86 2.94
CA MET A 1457 39.19 9.87 4.12
C MET A 1457 39.35 11.29 4.68
N ASN A 1458 40.23 12.06 4.05
CA ASN A 1458 40.49 13.43 4.47
C ASN A 1458 39.24 14.30 4.39
N TYR A 1459 38.24 13.82 3.66
CA TYR A 1459 36.99 14.55 3.51
C TYR A 1459 36.81 15.59 4.62
N SER A 1460 36.26 16.74 4.26
CA SER A 1460 36.03 17.81 5.23
C SER A 1460 35.80 17.25 6.63
N LEU A 1461 36.14 18.05 7.64
CA LEU A 1461 35.98 17.64 9.03
C LEU A 1461 34.57 17.09 9.28
N GLY A 1462 34.27 16.81 10.55
CA GLY A 1462 35.23 17.01 11.63
C GLY A 1462 34.95 18.27 12.42
N THR A 1463 34.34 18.10 13.59
CA THR A 1463 34.02 19.22 14.46
C THR A 1463 33.51 18.75 15.82
N ALA A 1464 34.45 18.55 16.75
CA ALA A 1464 34.10 18.10 18.09
C ALA A 1464 35.36 17.83 18.92
N VAL A 1465 35.34 16.71 19.65
CA VAL A 1465 36.47 16.34 20.48
C VAL A 1465 36.40 17.01 21.85
N PRO A 1466 37.16 16.48 22.81
CA PRO A 1466 38.01 15.31 22.56
C PRO A 1466 37.58 14.12 23.41
N THR A 1467 37.18 14.38 24.65
CA THR A 1467 36.75 13.31 25.54
C THR A 1467 36.33 12.06 24.76
N LEU A 1468 35.07 12.02 24.37
CA LEU A 1468 34.54 10.88 23.62
C LEU A 1468 35.58 10.34 22.64
N ALA A 1469 36.35 11.26 22.03
CA ALA A 1469 37.37 10.87 21.08
C ALA A 1469 38.13 9.63 21.54
N GLY A 1470 38.85 9.77 22.65
CA GLY A 1470 39.61 8.66 23.20
C GLY A 1470 39.18 8.30 24.61
N SER A 1471 38.18 7.44 24.70
CA SER A 1471 37.66 7.01 26.00
C SER A 1471 37.41 5.50 26.02
N GLY A 1472 36.48 5.07 26.86
CA GLY A 1472 36.16 3.66 26.98
C GLY A 1472 35.84 3.26 28.41
N MET A 1473 34.72 3.76 28.93
CA MET A 1473 34.31 3.45 30.29
C MET A 1473 32.89 3.93 30.57
N GLY A 1474 32.14 4.19 29.49
CA GLY A 1474 30.77 4.66 29.61
C GLY A 1474 29.77 3.53 29.64
N THR A 1475 30.25 2.32 29.92
CA THR A 1475 29.39 1.14 29.97
C THR A 1475 30.15 -0.12 29.59
N SER A 1476 30.89 -0.05 28.50
CA SER A 1476 31.68 -1.18 28.03
C SER A 1476 32.75 -1.57 29.04
N GLN A 1477 32.43 -2.54 29.88
CA GLN A 1477 33.36 -3.01 30.90
C GLN A 1477 34.81 -2.88 30.42
N LEU A 1478 35.03 -3.11 29.13
CA LEU A 1478 36.35 -3.02 28.56
C LEU A 1478 36.88 -1.59 28.60
N PRO A 1479 38.19 -1.45 28.56
CA PRO A 1479 38.83 -0.12 28.60
C PRO A 1479 39.52 0.22 27.28
N GLU A 1480 40.18 1.37 27.24
CA GLU A 1480 40.89 1.80 26.04
C GLU A 1480 41.83 2.97 26.34
N GLY A 1481 41.45 4.16 25.88
CA GLY A 1481 42.24 5.35 26.10
C GLY A 1481 42.93 5.83 24.84
N ALA A 1482 42.17 5.89 23.75
CA ALA A 1482 42.71 6.33 22.46
C ALA A 1482 43.65 5.29 21.87
N GLY A 1483 44.80 5.09 22.52
CA GLY A 1483 45.78 4.13 22.05
C GLY A 1483 47.19 4.48 22.50
N THR A 1484 47.39 4.56 23.81
CA THR A 1484 48.70 4.89 24.37
C THR A 1484 48.74 4.61 25.86
N PRO A 1485 48.37 3.40 26.25
CA PRO A 1485 48.37 2.99 27.65
C PRO A 1485 49.65 2.26 28.03
N TYR A 1486 50.58 2.17 27.09
CA TYR A 1486 51.86 1.50 27.33
C TYR A 1486 51.90 0.13 26.66
N GLU A 1487 51.99 0.13 25.34
CA GLU A 1487 52.04 -1.12 24.58
C GLU A 1487 52.54 -0.88 23.16
N ARG A 1488 53.36 -1.80 22.66
CA ARG A 1488 53.91 -1.68 21.32
C ARG A 1488 53.37 -2.78 20.41
N SER A 1489 54.22 -3.28 19.52
CA SER A 1489 53.84 -4.34 18.60
C SER A 1489 55.03 -4.82 17.78
N PRO A 1490 54.98 -4.60 16.47
CA PRO A 1490 56.06 -5.01 15.56
C PRO A 1490 57.25 -5.57 16.33
N MET A 1491 58.29 -4.75 16.51
CA MET A 1491 59.48 -5.18 17.23
C MET A 1491 59.46 -6.68 17.51
N VAL A 1492 58.70 -7.07 18.52
CA VAL A 1492 58.58 -8.47 18.90
C VAL A 1492 58.48 -9.36 17.67
N ASP A 1493 57.57 -8.99 16.75
CA ASP A 1493 57.37 -9.76 15.53
C ASP A 1493 58.68 -9.93 14.77
N SER A 1494 59.41 -8.83 14.60
CA SER A 1494 60.68 -8.85 13.89
C SER A 1494 61.66 -9.83 14.53
N GLY A 1495 61.71 -9.82 15.86
CA GLY A 1495 62.58 -10.71 16.60
C GLY A 1495 62.25 -12.17 16.38
N PHE A 1496 60.97 -12.49 16.36
CA PHE A 1496 60.51 -13.85 16.14
C PHE A 1496 60.94 -14.37 14.78
N VAL A 1497 60.78 -13.53 13.76
CA VAL A 1497 61.16 -13.91 12.39
C VAL A 1497 62.65 -14.18 12.30
N GLU B 10 -24.52 6.78 -89.90
CA GLU B 10 -23.27 6.08 -90.19
C GLU B 10 -22.07 6.92 -89.81
N THR B 11 -21.48 6.62 -88.65
CA THR B 11 -20.28 7.33 -88.17
C THR B 11 -19.68 6.58 -86.99
N LEU B 12 -20.55 6.19 -86.07
CA LEU B 12 -20.16 5.47 -84.86
C LEU B 12 -19.64 6.39 -83.76
N THR B 13 -20.30 6.34 -82.60
CA THR B 13 -19.91 7.13 -81.43
C THR B 13 -19.38 6.24 -80.32
N GLN B 14 -18.66 6.83 -79.37
CA GLN B 14 -18.03 6.10 -78.26
C GLN B 14 -19.02 5.46 -77.29
N GLU B 15 -20.12 6.14 -76.97
CA GLU B 15 -21.10 5.61 -76.02
C GLU B 15 -21.68 4.26 -76.48
N ASP B 16 -21.45 3.97 -77.76
CA ASP B 16 -21.91 2.74 -78.37
C ASP B 16 -20.96 1.60 -78.02
N CYS B 17 -19.66 1.87 -78.01
CA CYS B 17 -18.68 0.82 -77.77
C CYS B 17 -18.96 0.07 -76.49
N TRP B 18 -19.39 0.80 -75.47
CA TRP B 18 -19.66 0.19 -74.17
C TRP B 18 -20.85 -0.71 -74.35
N THR B 19 -21.80 -0.26 -75.15
CA THR B 19 -23.04 -1.01 -75.29
C THR B 19 -22.76 -2.34 -76.01
N VAL B 20 -21.55 -2.44 -76.56
CA VAL B 20 -21.02 -3.69 -77.18
C VAL B 20 -20.32 -4.57 -76.15
N ILE B 21 -19.37 -3.97 -75.44
CA ILE B 21 -18.52 -4.69 -74.50
C ILE B 21 -19.29 -5.04 -73.24
N SER B 22 -20.50 -4.52 -73.12
CA SER B 22 -21.36 -4.97 -72.04
C SER B 22 -21.88 -6.36 -72.38
N SER B 23 -22.09 -6.60 -73.66
CA SER B 23 -22.55 -7.91 -74.13
C SER B 23 -21.54 -8.97 -73.76
N PHE B 24 -20.26 -8.68 -73.98
CA PHE B 24 -19.21 -9.62 -73.63
C PHE B 24 -19.29 -10.12 -72.18
N PHE B 25 -19.65 -9.22 -71.26
CA PHE B 25 -19.73 -9.58 -69.84
C PHE B 25 -21.10 -10.13 -69.47
N GLU B 26 -22.03 -10.13 -70.42
CA GLU B 26 -23.34 -10.72 -70.19
C GLU B 26 -23.21 -12.23 -70.26
N GLU B 27 -22.42 -12.70 -71.20
CA GLU B 27 -22.23 -14.14 -71.43
C GLU B 27 -20.91 -14.64 -70.86
N THR B 28 -19.83 -14.07 -71.36
CA THR B 28 -18.48 -14.49 -70.96
C THR B 28 -18.20 -14.32 -69.46
N SER B 29 -18.78 -13.28 -68.86
CA SER B 29 -18.60 -13.05 -67.42
C SER B 29 -17.12 -13.01 -67.04
N LEU B 30 -16.84 -12.81 -65.76
CA LEU B 30 -15.47 -12.75 -65.29
C LEU B 30 -15.01 -14.14 -64.94
N ALA B 31 -13.70 -14.32 -64.92
CA ALA B 31 -13.11 -15.60 -64.52
C ALA B 31 -13.55 -16.74 -65.43
N ARG B 32 -14.32 -16.37 -66.45
CA ARG B 32 -14.87 -17.32 -67.43
C ARG B 32 -13.92 -18.46 -67.71
N GLN B 33 -12.67 -18.13 -68.00
CA GLN B 33 -11.68 -19.17 -68.22
C GLN B 33 -10.91 -19.48 -66.95
N GLN B 34 -11.30 -20.54 -66.28
CA GLN B 34 -10.60 -20.94 -65.07
C GLN B 34 -10.97 -22.31 -64.48
N LEU B 35 -12.24 -22.74 -64.39
CA LEU B 35 -13.53 -22.11 -64.78
C LEU B 35 -13.96 -22.46 -66.19
N PHE B 36 -13.01 -22.94 -66.99
CA PHE B 36 -13.27 -23.35 -68.36
C PHE B 36 -12.08 -24.17 -68.82
N SER B 37 -10.90 -23.80 -68.36
CA SER B 37 -9.74 -24.62 -68.63
C SER B 37 -9.84 -25.89 -67.80
N PHE B 38 -10.90 -25.96 -67.00
CA PHE B 38 -11.19 -27.15 -66.24
C PHE B 38 -12.52 -27.73 -66.69
N ASP B 39 -13.37 -26.89 -67.27
CA ASP B 39 -14.62 -27.38 -67.85
C ASP B 39 -14.28 -28.32 -68.99
N GLU B 40 -12.99 -28.44 -69.29
CA GLU B 40 -12.53 -29.25 -70.42
C GLU B 40 -11.40 -30.15 -69.96
N PHE B 41 -11.75 -31.21 -69.25
CA PHE B 41 -10.74 -32.03 -68.62
C PHE B 41 -10.97 -33.55 -68.62
N VAL B 42 -12.19 -34.08 -68.45
CA VAL B 42 -13.49 -33.41 -68.32
C VAL B 42 -14.08 -32.81 -69.61
N GLN B 43 -14.59 -33.66 -70.51
CA GLN B 43 -14.66 -35.11 -70.31
C GLN B 43 -13.32 -35.77 -69.98
N ASN B 44 -12.27 -35.50 -70.76
CA ASN B 44 -12.32 -34.77 -72.02
C ASN B 44 -11.17 -35.24 -72.89
N THR B 45 -10.02 -34.62 -72.67
CA THR B 45 -8.79 -35.04 -73.32
C THR B 45 -8.20 -36.16 -72.49
N MET B 46 -8.70 -36.29 -71.27
CA MET B 46 -8.19 -37.24 -70.31
C MET B 46 -8.49 -38.74 -70.62
N GLN B 47 -9.64 -39.01 -71.25
CA GLN B 47 -10.00 -40.37 -71.61
C GLN B 47 -9.05 -40.96 -72.66
N GLU B 48 -8.30 -40.10 -73.34
CA GLU B 48 -7.35 -40.53 -74.36
C GLU B 48 -5.93 -40.71 -73.76
N ILE B 49 -5.66 -39.98 -72.68
CA ILE B 49 -4.36 -40.07 -72.01
C ILE B 49 -4.21 -41.37 -71.22
N VAL B 50 -5.34 -41.91 -70.78
CA VAL B 50 -5.33 -43.19 -70.09
C VAL B 50 -5.17 -44.33 -71.09
N ASP B 51 -5.37 -44.01 -72.37
CA ASP B 51 -5.28 -45.02 -73.43
C ASP B 51 -3.88 -45.07 -74.02
N ASP B 52 -3.03 -44.11 -73.64
CA ASP B 52 -1.65 -44.08 -74.12
C ASP B 52 -0.81 -45.15 -73.44
N ASP B 53 -1.27 -45.59 -72.27
CA ASP B 53 -0.58 -46.64 -71.52
C ASP B 53 -1.58 -47.58 -70.85
N SER B 54 -2.54 -48.07 -71.63
CA SER B 54 -3.54 -48.99 -71.13
C SER B 54 -3.15 -50.43 -71.47
N THR B 55 -1.94 -50.81 -71.08
CA THR B 55 -1.41 -52.13 -71.37
C THR B 55 -0.76 -52.77 -70.14
N LEU B 56 -0.72 -54.09 -70.10
CA LEU B 56 -0.15 -54.83 -68.98
C LEU B 56 -0.27 -56.35 -69.21
N THR B 57 0.86 -57.05 -69.27
CA THR B 57 0.86 -58.50 -69.49
C THR B 57 0.07 -59.25 -68.41
N ILE B 77 -5.35 -56.76 -68.96
CA ILE B 77 -5.62 -55.54 -68.20
C ILE B 77 -5.61 -54.29 -69.09
N ASN B 78 -6.79 -53.94 -69.61
CA ASN B 78 -6.91 -52.76 -70.46
C ASN B 78 -7.85 -51.74 -69.88
N PHE B 79 -7.59 -50.47 -70.17
CA PHE B 79 -8.39 -49.36 -69.66
C PHE B 79 -9.37 -48.81 -70.70
N GLY B 80 -10.64 -48.68 -70.32
CA GLY B 80 -11.67 -48.23 -71.24
C GLY B 80 -12.02 -46.75 -71.12
N GLN B 81 -13.21 -46.40 -71.58
CA GLN B 81 -13.70 -45.05 -71.37
C GLN B 81 -14.13 -44.97 -69.92
N ILE B 82 -14.30 -43.76 -69.40
CA ILE B 82 -14.63 -43.61 -68.00
C ILE B 82 -15.95 -42.91 -67.74
N TYR B 83 -16.84 -43.57 -67.01
CA TYR B 83 -18.14 -43.00 -66.68
C TYR B 83 -18.01 -41.72 -65.85
N LEU B 84 -18.76 -40.70 -66.25
CA LEU B 84 -18.75 -39.41 -65.58
C LEU B 84 -19.74 -39.45 -64.41
N SER B 85 -19.27 -39.15 -63.21
CA SER B 85 -20.13 -39.22 -62.02
C SER B 85 -20.10 -37.96 -61.18
N ARG B 86 -21.29 -37.50 -60.76
CA ARG B 86 -21.39 -36.29 -59.95
C ARG B 86 -20.88 -36.52 -58.53
N PRO B 87 -20.40 -35.43 -57.91
CA PRO B 87 -19.73 -35.40 -56.60
C PRO B 87 -20.62 -35.89 -55.48
N THR B 88 -20.23 -36.99 -54.85
CA THR B 88 -21.06 -37.60 -53.82
C THR B 88 -20.30 -37.78 -52.52
N MET B 89 -20.94 -38.42 -51.55
CA MET B 89 -20.24 -38.83 -50.34
C MET B 89 -20.75 -40.15 -49.79
N THR B 90 -19.81 -40.97 -49.34
CA THR B 90 -20.14 -42.24 -48.73
C THR B 90 -19.44 -42.32 -47.38
N GLU B 91 -20.17 -42.72 -46.35
CA GLU B 91 -19.64 -42.77 -45.00
C GLU B 91 -20.27 -43.90 -44.17
N ALA B 92 -19.59 -44.27 -43.10
CA ALA B 92 -20.07 -45.33 -42.22
C ALA B 92 -21.31 -44.87 -41.48
N ASP B 93 -22.17 -45.82 -41.13
CA ASP B 93 -23.39 -45.53 -40.38
C ASP B 93 -24.14 -44.37 -41.04
N GLY B 94 -23.94 -44.23 -42.34
CA GLY B 94 -24.59 -43.20 -43.10
C GLY B 94 -25.12 -43.80 -44.38
N SER B 95 -24.91 -43.10 -45.48
CA SER B 95 -25.45 -43.53 -46.75
C SER B 95 -24.81 -42.80 -47.93
N THR B 96 -25.40 -42.99 -49.10
CA THR B 96 -24.91 -42.37 -50.32
C THR B 96 -25.75 -41.14 -50.68
N THR B 97 -25.41 -39.99 -50.10
CA THR B 97 -26.03 -38.74 -50.50
C THR B 97 -25.01 -37.79 -51.12
N THR B 98 -25.37 -37.27 -52.29
CA THR B 98 -24.50 -36.38 -53.04
C THR B 98 -24.13 -35.21 -52.16
N MET B 99 -23.11 -34.46 -52.57
CA MET B 99 -22.72 -33.25 -51.84
C MET B 99 -23.63 -32.08 -52.20
N PHE B 100 -23.83 -31.16 -51.27
CA PHE B 100 -24.50 -29.91 -51.59
C PHE B 100 -23.65 -28.82 -50.96
N PRO B 101 -22.60 -28.35 -51.65
CA PRO B 101 -21.84 -27.23 -51.08
C PRO B 101 -22.67 -25.96 -51.27
N GLN B 102 -22.39 -24.93 -50.48
CA GLN B 102 -21.30 -24.91 -49.54
C GLN B 102 -21.76 -25.42 -48.18
N GLU B 103 -22.95 -25.99 -48.12
CA GLU B 103 -23.43 -26.64 -46.90
C GLU B 103 -22.42 -27.70 -46.45
N ALA B 104 -21.52 -28.07 -47.37
CA ALA B 104 -20.38 -28.90 -47.02
C ALA B 104 -19.33 -27.94 -46.52
N ARG B 105 -18.12 -28.00 -47.08
CA ARG B 105 -17.03 -27.15 -46.62
C ARG B 105 -16.77 -27.33 -45.14
N LEU B 106 -17.64 -26.73 -44.31
CA LEU B 106 -17.46 -26.68 -42.86
C LEU B 106 -17.34 -28.07 -42.23
N ARG B 107 -17.95 -29.06 -42.86
CA ARG B 107 -17.70 -30.44 -42.48
C ARG B 107 -16.27 -30.82 -42.92
N ASN B 108 -15.41 -29.81 -43.11
CA ASN B 108 -14.07 -30.00 -43.68
C ASN B 108 -13.98 -31.03 -44.79
N LEU B 109 -15.08 -31.22 -45.51
CA LEU B 109 -15.18 -32.26 -46.52
C LEU B 109 -14.52 -31.81 -47.82
N THR B 110 -13.76 -32.71 -48.44
CA THR B 110 -13.19 -32.44 -49.76
C THR B 110 -14.26 -32.69 -50.82
N TYR B 111 -14.31 -31.80 -51.80
CA TYR B 111 -15.38 -31.78 -52.80
C TYR B 111 -15.00 -32.44 -54.13
N SER B 112 -14.96 -33.77 -54.12
CA SER B 112 -14.61 -34.53 -55.29
C SER B 112 -15.73 -35.48 -55.74
N SER B 113 -15.50 -36.16 -56.84
CA SER B 113 -16.38 -37.24 -57.29
C SER B 113 -15.54 -38.43 -57.69
N PRO B 114 -16.16 -39.63 -57.73
CA PRO B 114 -15.39 -40.84 -57.96
C PRO B 114 -15.17 -41.07 -59.44
N LEU B 115 -14.00 -41.61 -59.80
CA LEU B 115 -13.77 -42.04 -61.17
C LEU B 115 -14.09 -43.52 -61.36
N TYR B 116 -14.66 -43.84 -62.50
CA TYR B 116 -15.02 -45.21 -62.78
C TYR B 116 -14.57 -45.57 -64.19
N VAL B 117 -13.51 -46.35 -64.28
CA VAL B 117 -12.96 -46.76 -65.56
C VAL B 117 -13.22 -48.25 -65.83
N ASP B 118 -13.82 -48.53 -66.98
CA ASP B 118 -14.10 -49.90 -67.39
C ASP B 118 -12.82 -50.67 -67.62
N MET B 119 -12.60 -51.71 -66.82
CA MET B 119 -11.38 -52.49 -66.89
C MET B 119 -11.62 -53.80 -67.64
N ARG B 120 -10.59 -54.26 -68.34
CA ARG B 120 -10.73 -55.47 -69.16
C ARG B 120 -9.77 -56.56 -68.72
N LYS B 121 -10.35 -57.71 -68.36
CA LYS B 121 -9.56 -58.89 -67.98
C LYS B 121 -9.55 -59.96 -69.06
N GLU B 143 -11.67 -63.38 -70.16
CA GLU B 143 -12.48 -62.33 -70.75
C GLU B 143 -13.95 -62.70 -70.72
N ASP B 144 -14.78 -61.79 -70.20
CA ASP B 144 -16.19 -62.06 -70.00
C ASP B 144 -17.10 -61.06 -70.71
N GLU B 145 -16.76 -60.72 -71.95
CA GLU B 145 -17.58 -59.83 -72.76
C GLU B 145 -17.74 -58.44 -72.14
N GLU B 146 -18.46 -58.38 -71.04
CA GLU B 146 -18.69 -57.14 -70.32
C GLU B 146 -17.43 -56.70 -69.58
N PRO B 147 -17.26 -55.37 -69.40
CA PRO B 147 -16.11 -54.75 -68.74
C PRO B 147 -16.03 -55.03 -67.24
N SER B 148 -16.16 -54.00 -66.40
CA SER B 148 -16.06 -54.20 -64.96
C SER B 148 -16.49 -53.00 -64.08
N LYS B 149 -16.56 -51.81 -64.66
CA LYS B 149 -16.95 -50.58 -63.94
C LYS B 149 -16.40 -50.47 -62.52
N VAL B 150 -15.07 -50.46 -62.39
CA VAL B 150 -14.45 -50.39 -61.08
C VAL B 150 -13.99 -48.98 -60.72
N PHE B 151 -14.07 -48.64 -59.44
CA PHE B 151 -13.71 -47.33 -58.89
C PHE B 151 -12.19 -47.12 -58.76
N ILE B 152 -11.71 -45.98 -59.23
CA ILE B 152 -10.28 -45.69 -59.23
C ILE B 152 -9.98 -44.33 -58.60
N GLY B 153 -9.91 -44.27 -57.29
CA GLY B 153 -9.62 -43.01 -56.60
C GLY B 153 -10.64 -41.91 -56.87
N LYS B 154 -10.44 -40.74 -56.27
CA LYS B 154 -11.39 -39.64 -56.41
C LYS B 154 -10.76 -38.34 -56.90
N ILE B 155 -11.48 -37.64 -57.78
CA ILE B 155 -11.02 -36.38 -58.39
C ILE B 155 -11.84 -35.16 -57.98
N PRO B 156 -11.19 -34.14 -57.34
CA PRO B 156 -11.78 -32.93 -56.75
C PRO B 156 -12.32 -31.98 -57.80
N ILE B 157 -13.62 -31.71 -57.76
CA ILE B 157 -14.28 -30.91 -58.76
C ILE B 157 -14.17 -29.42 -58.46
N MET B 158 -14.19 -28.61 -59.51
CA MET B 158 -14.12 -27.16 -59.38
C MET B 158 -15.50 -26.50 -59.48
N LEU B 159 -15.87 -25.78 -58.42
CA LEU B 159 -17.18 -25.18 -58.31
C LEU B 159 -17.60 -24.38 -59.54
N ARG B 160 -18.87 -24.51 -59.90
CA ARG B 160 -19.45 -23.87 -61.09
C ARG B 160 -18.70 -24.24 -62.37
N SER B 161 -18.95 -25.46 -62.83
CA SER B 161 -18.34 -25.97 -64.05
C SER B 161 -19.40 -26.59 -64.93
N THR B 162 -18.96 -27.18 -66.03
CA THR B 162 -19.86 -27.91 -66.92
C THR B 162 -20.43 -29.12 -66.19
N PHE B 163 -19.60 -29.76 -65.37
CA PHE B 163 -20.05 -30.89 -64.57
C PHE B 163 -19.99 -30.57 -63.05
N CYS B 164 -20.61 -29.47 -62.63
CA CYS B 164 -20.72 -29.15 -61.21
C CYS B 164 -22.15 -29.29 -60.72
N ILE B 165 -22.38 -29.06 -59.44
CA ILE B 165 -23.71 -29.28 -58.87
C ILE B 165 -24.62 -28.09 -59.09
N LEU B 166 -24.11 -27.09 -59.78
CA LEU B 166 -24.83 -25.83 -59.94
C LEU B 166 -24.99 -25.42 -61.41
N ASN B 167 -23.88 -25.01 -62.01
CA ASN B 167 -23.89 -24.70 -63.41
C ASN B 167 -25.14 -23.89 -63.80
N GLY B 168 -26.15 -24.60 -64.33
CA GLY B 168 -27.39 -23.97 -64.74
C GLY B 168 -28.41 -23.85 -63.64
N VAL B 169 -28.09 -23.05 -62.64
CA VAL B 169 -29.03 -22.78 -61.55
C VAL B 169 -29.36 -21.28 -61.47
N SER B 170 -30.65 -20.96 -61.47
CA SER B 170 -31.10 -19.57 -61.48
C SER B 170 -30.82 -18.86 -60.16
N ASP B 171 -30.61 -17.55 -60.22
CA ASP B 171 -30.30 -16.79 -59.02
C ASP B 171 -31.23 -17.14 -57.87
N SER B 172 -32.53 -17.05 -58.10
CA SER B 172 -33.51 -17.28 -57.04
C SER B 172 -33.34 -18.64 -56.35
N GLU B 173 -32.62 -19.54 -57.01
CA GLU B 173 -32.44 -20.90 -56.47
C GLU B 173 -31.04 -21.11 -55.88
N LEU B 174 -30.15 -20.13 -56.07
CA LEU B 174 -28.81 -20.23 -55.49
C LEU B 174 -28.86 -19.97 -53.99
N TYR B 175 -29.72 -19.04 -53.60
CA TYR B 175 -29.90 -18.70 -52.19
C TYR B 175 -30.34 -19.93 -51.40
N ASP B 176 -31.41 -20.57 -51.84
CA ASP B 176 -31.95 -21.74 -51.14
C ASP B 176 -30.81 -22.63 -50.67
N LEU B 177 -29.76 -22.68 -51.46
CA LEU B 177 -28.63 -23.55 -51.18
C LEU B 177 -27.54 -22.88 -50.33
N ASN B 178 -27.79 -21.67 -49.85
CA ASN B 178 -26.79 -20.92 -49.09
C ASN B 178 -25.59 -20.58 -49.96
N GLU B 179 -25.82 -20.08 -51.16
CA GLU B 179 -24.75 -19.67 -52.03
C GLU B 179 -24.87 -18.18 -52.25
N CYS B 180 -24.01 -17.63 -53.10
CA CYS B 180 -24.08 -16.21 -53.43
C CYS B 180 -23.96 -15.88 -54.92
N PRO B 181 -25.07 -15.47 -55.54
CA PRO B 181 -25.17 -15.14 -56.96
C PRO B 181 -23.98 -14.37 -57.51
N TYR B 182 -23.06 -13.97 -56.64
CA TYR B 182 -21.93 -13.21 -57.12
C TYR B 182 -20.70 -14.09 -57.27
N ASP B 183 -20.64 -15.17 -56.49
CA ASP B 183 -19.53 -16.12 -56.61
C ASP B 183 -19.38 -16.41 -58.09
N GLN B 184 -18.15 -16.50 -58.56
CA GLN B 184 -17.95 -16.82 -59.97
C GLN B 184 -17.16 -18.10 -60.15
N GLY B 185 -17.15 -18.94 -59.11
CA GLY B 185 -16.39 -20.16 -59.12
C GLY B 185 -14.93 -19.84 -59.26
N GLY B 186 -14.15 -20.82 -59.71
CA GLY B 186 -12.73 -20.61 -59.96
C GLY B 186 -11.87 -21.41 -59.00
N TYR B 187 -12.51 -21.87 -57.93
CA TYR B 187 -11.82 -22.45 -56.79
C TYR B 187 -12.23 -23.88 -56.46
N PHE B 188 -11.40 -24.53 -55.67
CA PHE B 188 -11.72 -25.85 -55.12
C PHE B 188 -11.88 -25.82 -53.60
N ILE B 189 -12.75 -26.68 -53.07
CA ILE B 189 -12.94 -26.70 -51.63
C ILE B 189 -12.43 -28.00 -51.04
N ILE B 190 -11.15 -28.25 -51.23
CA ILE B 190 -10.50 -29.44 -50.70
C ILE B 190 -10.17 -29.33 -49.19
N ASN B 191 -10.52 -30.34 -48.41
CA ASN B 191 -10.33 -30.32 -46.94
C ASN B 191 -11.10 -29.22 -46.20
N GLY B 192 -12.05 -28.59 -46.88
CA GLY B 192 -12.94 -27.65 -46.23
C GLY B 192 -12.64 -26.19 -46.51
N SER B 193 -11.54 -25.93 -47.19
CA SER B 193 -11.12 -24.56 -47.42
C SER B 193 -10.92 -24.31 -48.89
N GLU B 194 -11.28 -23.10 -49.35
CA GLU B 194 -11.07 -22.69 -50.74
C GLU B 194 -9.61 -22.88 -51.15
N LYS B 195 -9.38 -23.35 -52.36
CA LYS B 195 -8.04 -23.20 -52.95
C LYS B 195 -8.24 -22.75 -54.39
N VAL B 196 -7.27 -22.03 -54.92
CA VAL B 196 -7.37 -21.54 -56.29
C VAL B 196 -6.10 -21.84 -57.02
N ILE B 197 -6.17 -22.59 -58.10
CA ILE B 197 -4.95 -22.85 -58.82
C ILE B 197 -4.52 -21.53 -59.41
N ILE B 198 -3.22 -21.37 -59.64
CA ILE B 198 -2.72 -20.13 -60.21
C ILE B 198 -1.85 -20.41 -61.42
N ALA B 199 -1.98 -19.58 -62.45
CA ALA B 199 -1.26 -19.82 -63.69
C ALA B 199 0.25 -20.00 -63.51
N GLN B 200 0.97 -19.90 -64.62
CA GLN B 200 2.43 -20.00 -64.63
C GLN B 200 2.96 -19.67 -66.02
N GLU B 201 4.20 -19.18 -66.10
CA GLU B 201 4.76 -18.80 -67.40
C GLU B 201 6.16 -19.39 -67.53
N ARG B 202 6.29 -20.56 -68.13
CA ARG B 202 7.62 -21.15 -68.26
C ARG B 202 8.22 -20.77 -69.62
N SER B 203 8.15 -21.68 -70.57
CA SER B 203 8.77 -21.46 -71.84
C SER B 203 7.68 -21.08 -72.82
N ALA B 204 7.82 -21.65 -74.01
CA ALA B 204 6.83 -21.54 -75.06
C ALA B 204 6.75 -22.85 -75.80
N ALA B 205 7.92 -23.36 -76.19
CA ALA B 205 8.05 -24.56 -77.01
C ALA B 205 8.07 -24.18 -78.50
N ASN B 206 8.30 -25.18 -79.34
CA ASN B 206 8.19 -25.00 -80.78
C ASN B 206 8.89 -23.76 -81.38
N ILE B 207 9.91 -23.26 -80.69
CA ILE B 207 10.76 -22.18 -81.21
C ILE B 207 12.13 -22.75 -81.60
N VAL B 208 12.78 -22.32 -82.68
CA VAL B 208 12.49 -21.10 -83.44
C VAL B 208 12.84 -19.90 -82.56
N GLN B 209 13.91 -20.06 -81.78
CA GLN B 209 14.36 -19.01 -80.88
C GLN B 209 15.88 -18.91 -80.78
N VAL B 210 16.43 -17.82 -81.30
CA VAL B 210 17.87 -17.60 -81.28
C VAL B 210 18.43 -17.75 -79.87
N PHE B 211 18.33 -16.69 -79.08
CA PHE B 211 18.83 -16.69 -77.71
C PHE B 211 20.32 -17.05 -77.66
N LYS B 212 21.16 -16.01 -77.55
CA LYS B 212 22.60 -16.21 -77.49
C LYS B 212 23.12 -16.04 -76.06
N LYS B 213 24.38 -15.65 -75.95
CA LYS B 213 25.00 -15.46 -74.63
C LYS B 213 26.45 -15.02 -74.77
N ALA B 214 27.08 -14.74 -73.64
CA ALA B 214 28.47 -14.30 -73.63
C ALA B 214 28.79 -13.49 -72.37
N ALA B 215 30.05 -13.55 -71.93
CA ALA B 215 31.05 -14.34 -72.62
C ALA B 215 32.07 -14.92 -71.63
N PRO B 216 31.57 -15.63 -70.62
CA PRO B 216 32.43 -16.23 -69.60
C PRO B 216 33.87 -16.35 -70.08
N SER B 217 34.07 -17.00 -71.22
CA SER B 217 32.97 -17.57 -71.98
C SER B 217 33.35 -18.94 -72.55
N PRO B 218 32.35 -19.75 -72.83
CA PRO B 218 32.58 -21.08 -73.39
C PRO B 218 32.03 -21.21 -74.80
N ILE B 219 30.72 -21.06 -74.95
CA ILE B 219 30.06 -21.15 -76.24
C ILE B 219 29.87 -19.77 -76.87
N ALA B 220 29.02 -19.71 -77.90
CA ALA B 220 28.74 -18.45 -78.57
C ALA B 220 27.68 -18.63 -79.65
N TYR B 221 26.41 -18.54 -79.23
CA TYR B 221 25.30 -18.70 -80.15
C TYR B 221 24.57 -20.02 -79.93
N VAL B 222 23.42 -19.95 -79.29
CA VAL B 222 22.62 -21.15 -79.01
C VAL B 222 21.32 -21.18 -79.80
N ALA B 223 20.70 -22.37 -79.83
CA ALA B 223 19.43 -22.57 -80.54
C ALA B 223 18.50 -23.50 -79.76
N GLU B 224 17.98 -23.00 -78.64
CA GLU B 224 17.16 -23.83 -77.78
C GLU B 224 15.83 -24.13 -78.47
N ILE B 225 15.27 -25.32 -78.22
CA ILE B 225 14.00 -25.70 -78.78
C ILE B 225 13.00 -26.28 -77.79
N ARG B 226 13.46 -27.15 -76.89
CA ARG B 226 12.64 -27.69 -75.80
C ARG B 226 11.19 -27.92 -76.17
N SER B 227 10.94 -28.28 -77.42
CA SER B 227 9.57 -28.58 -77.81
C SER B 227 9.32 -30.07 -77.65
N ALA B 228 8.05 -30.43 -77.48
CA ALA B 228 7.67 -31.83 -77.32
C ALA B 228 6.18 -31.97 -77.04
N LEU B 229 5.53 -32.91 -77.71
CA LEU B 229 4.10 -33.14 -77.52
C LEU B 229 3.75 -33.17 -76.03
N GLU B 230 2.69 -32.46 -75.68
CA GLU B 230 1.91 -31.69 -76.64
C GLU B 230 0.70 -32.48 -77.13
N ARG B 231 0.82 -33.81 -77.11
CA ARG B 231 -0.26 -34.68 -77.56
C ARG B 231 -1.42 -34.66 -76.57
N GLY B 232 -1.15 -34.17 -75.36
CA GLY B 232 -2.17 -34.11 -74.33
C GLY B 232 -1.61 -34.41 -72.95
N SER B 233 -0.44 -33.87 -72.65
CA SER B 233 0.20 -34.08 -71.36
C SER B 233 1.72 -34.03 -71.48
N ARG B 234 2.33 -35.17 -71.77
CA ARG B 234 3.78 -35.25 -71.91
C ARG B 234 4.36 -33.95 -72.46
N LEU B 235 5.63 -33.70 -72.16
CA LEU B 235 6.29 -32.49 -72.63
C LEU B 235 7.74 -32.44 -72.14
N ILE B 236 8.27 -33.60 -71.74
CA ILE B 236 9.64 -33.69 -71.26
C ILE B 236 10.61 -33.87 -72.42
N SER B 237 11.57 -32.96 -72.54
CA SER B 237 12.56 -33.02 -73.60
C SER B 237 13.10 -31.63 -73.93
N SER B 238 14.25 -31.59 -74.58
CA SER B 238 14.88 -30.32 -74.96
C SER B 238 15.66 -30.46 -76.26
N MET B 239 16.63 -29.57 -76.46
CA MET B 239 17.46 -29.60 -77.66
C MET B 239 18.76 -28.84 -77.48
N GLN B 240 18.74 -27.55 -77.81
CA GLN B 240 19.92 -26.73 -77.70
C GLN B 240 21.01 -27.22 -78.63
N ILE B 241 21.77 -26.29 -79.20
CA ILE B 241 22.95 -26.62 -80.01
C ILE B 241 23.95 -25.45 -79.96
N LYS B 242 25.24 -25.76 -80.01
CA LYS B 242 26.26 -24.76 -79.74
C LYS B 242 26.79 -24.04 -80.98
N LEU B 243 28.02 -23.54 -80.92
CA LEU B 243 28.62 -22.85 -82.04
C LEU B 243 30.11 -22.60 -81.81
N MET B 244 30.42 -22.03 -80.65
CA MET B 244 31.80 -21.74 -80.29
C MET B 244 32.47 -20.86 -81.34
N ALA B 245 33.39 -20.00 -80.90
CA ALA B 245 34.10 -19.10 -81.81
C ALA B 245 35.27 -18.43 -81.10
N ARG B 246 35.79 -19.07 -80.06
CA ARG B 246 36.91 -18.54 -79.30
C ARG B 246 38.21 -19.23 -79.68
N ASN B 247 39.19 -19.19 -78.78
CA ASN B 247 40.49 -19.81 -79.02
C ASN B 247 40.97 -19.59 -80.45
N THR B 248 41.48 -18.40 -80.71
CA THR B 248 41.98 -18.07 -82.05
C THR B 248 43.01 -19.09 -82.53
N GLU B 249 43.30 -20.07 -81.67
CA GLU B 249 44.26 -21.11 -82.00
C GLU B 249 43.56 -22.43 -82.34
N ASN B 250 42.30 -22.54 -81.94
CA ASN B 250 41.52 -23.74 -82.19
C ASN B 250 40.02 -23.45 -82.25
N SER B 251 39.48 -23.44 -83.47
CA SER B 251 40.27 -23.67 -84.67
C SER B 251 39.85 -22.77 -85.81
N GLY B 252 38.60 -22.90 -86.23
CA GLY B 252 38.07 -22.10 -87.32
C GLY B 252 36.60 -21.74 -87.12
N GLN B 253 36.15 -21.78 -85.86
CA GLN B 253 34.75 -21.55 -85.49
C GLN B 253 33.85 -22.70 -85.96
N THR B 254 33.68 -23.71 -85.11
CA THR B 254 32.93 -24.92 -85.45
C THR B 254 31.66 -25.13 -84.63
N ILE B 255 30.61 -25.64 -85.27
CA ILE B 255 29.30 -25.81 -84.62
C ILE B 255 28.96 -27.27 -84.27
N ARG B 256 28.23 -27.45 -83.16
CA ARG B 256 27.91 -28.78 -82.64
C ARG B 256 26.41 -28.91 -82.27
N ALA B 257 26.10 -29.92 -81.46
CA ALA B 257 24.73 -30.19 -80.99
C ALA B 257 24.74 -31.01 -79.72
N THR B 258 23.57 -31.23 -79.12
CA THR B 258 23.49 -32.00 -77.86
C THR B 258 22.57 -33.20 -77.95
N LEU B 259 21.35 -32.97 -78.41
CA LEU B 259 20.40 -34.07 -78.62
C LEU B 259 20.16 -34.83 -77.34
N PRO B 260 19.41 -34.23 -76.42
CA PRO B 260 19.04 -34.79 -75.12
C PRO B 260 18.49 -36.20 -75.24
N TYR B 261 18.55 -36.95 -74.14
CA TYR B 261 19.07 -36.44 -72.89
C TYR B 261 20.50 -36.92 -72.64
N ILE B 262 21.14 -37.45 -73.68
CA ILE B 262 22.50 -37.99 -73.59
C ILE B 262 23.26 -37.92 -74.93
N ARG B 263 24.53 -37.51 -74.88
CA ARG B 263 25.21 -37.21 -73.63
C ARG B 263 26.07 -35.94 -73.71
N SER B 264 26.95 -35.89 -74.71
CA SER B 264 27.90 -34.78 -74.84
C SER B 264 27.59 -33.86 -76.02
N ASP B 265 28.63 -33.52 -76.76
CA ASP B 265 28.51 -32.69 -77.94
C ASP B 265 28.69 -33.55 -79.19
N ILE B 266 27.88 -33.29 -80.21
CA ILE B 266 27.86 -34.11 -81.41
C ILE B 266 27.77 -33.26 -82.68
N PRO B 267 28.89 -33.05 -83.39
CA PRO B 267 28.85 -32.17 -84.57
C PRO B 267 27.66 -32.44 -85.48
N ILE B 268 27.30 -31.47 -86.29
CA ILE B 268 26.03 -31.52 -87.01
C ILE B 268 25.97 -32.59 -88.10
N VAL B 269 26.96 -32.59 -88.99
CA VAL B 269 26.95 -33.52 -90.10
C VAL B 269 26.64 -34.94 -89.61
N ILE B 270 27.12 -35.27 -88.41
CA ILE B 270 26.89 -36.59 -87.82
C ILE B 270 25.43 -36.99 -87.77
N VAL B 271 24.54 -36.03 -87.63
CA VAL B 271 23.13 -36.37 -87.50
C VAL B 271 22.39 -36.47 -88.82
N PHE B 272 22.74 -35.63 -89.78
CA PHE B 272 22.18 -35.74 -91.12
C PHE B 272 22.53 -37.12 -91.68
N ARG B 273 23.77 -37.52 -91.45
CA ARG B 273 24.26 -38.81 -91.89
C ARG B 273 23.59 -39.94 -91.11
N ALA B 274 22.73 -39.58 -90.17
CA ALA B 274 22.09 -40.58 -89.36
C ALA B 274 20.60 -40.62 -89.67
N LEU B 275 20.19 -39.92 -90.71
CA LEU B 275 18.78 -39.91 -91.07
C LEU B 275 18.58 -40.55 -92.42
N GLY B 276 19.26 -40.00 -93.43
CA GLY B 276 19.17 -40.53 -94.77
C GLY B 276 19.92 -39.67 -95.75
N VAL B 277 20.68 -38.72 -95.23
CA VAL B 277 21.46 -37.85 -96.09
C VAL B 277 22.92 -37.85 -95.65
N VAL B 278 23.68 -38.82 -96.18
CA VAL B 278 25.09 -38.94 -95.85
C VAL B 278 25.95 -38.11 -96.80
N PRO B 279 25.68 -38.24 -98.10
CA PRO B 279 26.43 -37.50 -99.12
C PRO B 279 26.44 -36.00 -98.83
N ASP B 280 27.61 -35.37 -98.99
CA ASP B 280 27.74 -33.94 -98.75
C ASP B 280 26.87 -33.14 -99.72
N ARG B 281 27.17 -31.84 -99.82
CA ARG B 281 26.42 -30.96 -100.72
C ARG B 281 24.93 -30.95 -100.36
N ASP B 282 24.29 -32.11 -100.52
CA ASP B 282 22.87 -32.24 -100.23
C ASP B 282 22.56 -31.77 -98.81
N ILE B 283 23.49 -32.03 -97.89
CA ILE B 283 23.33 -31.64 -96.49
C ILE B 283 23.23 -30.12 -96.36
N LEU B 284 24.07 -29.41 -97.11
CA LEU B 284 24.08 -27.95 -97.07
C LEU B 284 22.81 -27.38 -97.67
N GLU B 285 22.18 -28.14 -98.56
CA GLU B 285 20.95 -27.70 -99.20
C GLU B 285 19.83 -27.48 -98.18
N HIS B 286 19.87 -28.24 -97.10
CA HIS B 286 18.87 -28.12 -96.04
C HIS B 286 19.12 -26.89 -95.18
N ILE B 287 20.38 -26.49 -95.09
CA ILE B 287 20.76 -25.32 -94.31
C ILE B 287 20.60 -24.04 -95.11
N CYS B 288 21.53 -23.79 -96.02
CA CYS B 288 21.49 -22.60 -96.86
C CYS B 288 21.05 -22.94 -98.28
N TYR B 289 21.02 -21.93 -99.15
CA TYR B 289 20.63 -22.13 -100.53
C TYR B 289 21.43 -21.22 -101.46
N ASP B 290 22.38 -21.81 -102.17
CA ASP B 290 23.22 -21.07 -103.11
C ASP B 290 22.47 -20.76 -104.40
N PRO B 291 22.72 -19.59 -104.96
CA PRO B 291 23.66 -18.63 -104.37
C PRO B 291 23.00 -17.78 -103.27
N ASN B 292 23.69 -17.61 -102.16
CA ASN B 292 25.02 -18.20 -101.97
C ASN B 292 26.12 -17.27 -102.47
N ASP B 293 26.74 -16.54 -101.54
CA ASP B 293 26.36 -16.62 -100.14
C ASP B 293 27.27 -17.60 -99.38
N PHE B 294 28.45 -17.85 -99.93
CA PHE B 294 29.40 -18.76 -99.31
C PHE B 294 29.66 -18.39 -97.85
N GLN B 295 29.66 -17.09 -97.57
CA GLN B 295 29.89 -16.62 -96.21
C GLN B 295 29.12 -17.45 -95.19
N MET B 296 27.80 -17.43 -95.29
CA MET B 296 26.96 -18.19 -94.37
C MET B 296 27.30 -19.67 -94.40
N LEU B 297 27.69 -20.16 -95.58
CA LEU B 297 28.04 -21.57 -95.75
C LEU B 297 29.44 -21.84 -95.20
N GLU B 298 30.42 -21.11 -95.71
CA GLU B 298 31.81 -21.28 -95.28
C GLU B 298 31.87 -21.84 -93.85
N MET B 299 31.25 -21.14 -92.92
CA MET B 299 31.24 -21.56 -91.52
C MET B 299 31.07 -23.08 -91.41
N MET B 300 30.62 -23.70 -92.50
CA MET B 300 30.42 -25.14 -92.52
C MET B 300 31.75 -25.88 -92.52
N LYS B 301 32.70 -25.38 -93.31
CA LYS B 301 34.02 -26.00 -93.41
C LYS B 301 34.39 -26.71 -92.11
N PRO B 302 34.54 -25.94 -91.03
CA PRO B 302 34.89 -26.50 -89.73
C PRO B 302 33.84 -27.49 -89.24
N CYS B 303 32.59 -27.28 -89.63
CA CYS B 303 31.51 -28.16 -89.24
C CYS B 303 31.64 -29.54 -89.88
N ILE B 304 31.85 -29.55 -91.19
CA ILE B 304 32.01 -30.80 -91.93
C ILE B 304 33.22 -31.59 -91.44
N GLU B 305 34.36 -30.91 -91.32
CA GLU B 305 35.58 -31.53 -90.87
C GLU B 305 35.32 -32.47 -89.69
N GLU B 306 34.32 -32.11 -88.88
CA GLU B 306 33.96 -32.93 -87.72
C GLU B 306 33.36 -34.27 -88.14
N ALA B 307 32.95 -34.35 -89.40
CA ALA B 307 32.36 -35.57 -89.93
C ALA B 307 33.29 -36.24 -90.94
N PHE B 308 34.55 -35.81 -90.94
CA PHE B 308 35.54 -36.37 -91.86
C PHE B 308 35.92 -37.78 -91.47
N VAL B 309 35.16 -38.37 -90.55
CA VAL B 309 35.42 -39.73 -90.10
C VAL B 309 34.12 -40.54 -89.97
N ILE B 310 33.00 -39.83 -89.95
CA ILE B 310 31.70 -40.47 -89.84
C ILE B 310 31.81 -41.98 -90.01
N GLN B 311 31.73 -42.43 -91.26
CA GLN B 311 31.53 -41.53 -92.39
C GLN B 311 30.31 -41.92 -93.21
N ASP B 312 29.63 -42.98 -92.78
CA ASP B 312 28.43 -43.45 -93.47
C ASP B 312 27.23 -43.48 -92.52
N LYS B 313 26.77 -44.69 -92.20
CA LYS B 313 25.62 -44.85 -91.32
C LYS B 313 25.98 -45.71 -90.12
N ASP B 314 26.98 -46.56 -90.27
CA ASP B 314 27.43 -47.44 -89.20
C ASP B 314 28.05 -46.64 -88.06
N ILE B 315 29.22 -46.06 -88.31
CA ILE B 315 29.92 -45.26 -87.31
C ILE B 315 28.97 -44.23 -86.68
N ALA B 316 28.28 -43.48 -87.52
CA ALA B 316 27.36 -42.46 -87.04
C ALA B 316 26.60 -42.94 -85.80
N LEU B 317 25.80 -43.99 -85.96
CA LEU B 317 25.04 -44.55 -84.87
C LEU B 317 25.96 -45.06 -83.77
N ASP B 318 27.19 -45.40 -84.14
CA ASP B 318 28.18 -45.91 -83.19
C ASP B 318 28.50 -44.86 -82.14
N TYR B 319 29.02 -43.71 -82.59
CA TYR B 319 29.39 -42.63 -81.69
C TYR B 319 28.17 -42.11 -80.93
N ILE B 320 27.45 -43.03 -80.27
CA ILE B 320 26.27 -42.67 -79.50
C ILE B 320 26.14 -43.55 -78.25
N GLY B 321 27.24 -44.18 -77.86
CA GLY B 321 27.25 -45.04 -76.69
C GLY B 321 27.66 -44.31 -75.43
N LYS B 322 26.71 -43.59 -74.84
CA LYS B 322 26.97 -42.84 -73.62
C LYS B 322 25.69 -42.30 -73.01
N ARG B 323 24.96 -43.16 -72.30
CA ARG B 323 23.72 -42.77 -71.67
C ARG B 323 23.95 -41.78 -70.53
N GLY B 324 24.05 -42.30 -69.31
CA GLY B 324 23.95 -43.73 -69.08
C GLY B 324 24.41 -44.12 -67.69
N SER B 325 24.37 -45.42 -67.40
CA SER B 325 24.78 -45.92 -66.09
C SER B 325 25.64 -47.18 -66.23
N THR B 326 26.44 -47.22 -67.30
CA THR B 326 27.31 -48.36 -67.55
C THR B 326 26.52 -49.54 -68.11
N THR B 327 26.51 -49.67 -69.43
CA THR B 327 25.80 -50.76 -70.09
C THR B 327 26.24 -50.90 -71.54
N GLY B 328 25.51 -51.72 -72.30
CA GLY B 328 25.83 -51.94 -73.71
C GLY B 328 26.69 -53.18 -73.90
N VAL B 329 27.17 -53.37 -75.11
CA VAL B 329 28.02 -54.53 -75.42
C VAL B 329 27.53 -55.26 -76.67
N THR B 330 27.56 -54.58 -77.80
CA THR B 330 28.06 -53.20 -77.86
C THR B 330 27.50 -52.47 -79.07
N ARG B 331 27.85 -52.93 -80.26
CA ARG B 331 27.38 -52.31 -81.50
C ARG B 331 25.88 -52.49 -81.67
N GLU B 332 25.48 -53.58 -82.31
CA GLU B 332 24.07 -53.87 -82.54
C GLU B 332 23.18 -53.11 -81.56
N LYS B 333 23.42 -53.33 -80.27
CA LYS B 333 22.65 -52.68 -79.22
C LYS B 333 22.68 -51.16 -79.39
N ARG B 334 23.88 -50.61 -79.52
CA ARG B 334 24.05 -49.17 -79.69
C ARG B 334 23.19 -48.64 -80.84
N LEU B 335 23.23 -49.34 -81.97
CA LEU B 335 22.46 -48.95 -83.14
C LEU B 335 20.97 -48.84 -82.81
N ARG B 336 20.46 -49.84 -82.09
CA ARG B 336 19.05 -49.86 -81.71
C ARG B 336 18.68 -48.63 -80.90
N TYR B 337 19.53 -48.29 -79.94
CA TYR B 337 19.29 -47.12 -79.08
C TYR B 337 19.25 -45.84 -79.91
N ALA B 338 20.13 -45.75 -80.91
CA ALA B 338 20.19 -44.58 -81.78
C ALA B 338 18.87 -44.37 -82.50
N HIS B 339 18.33 -45.45 -83.06
CA HIS B 339 17.06 -45.39 -83.77
C HIS B 339 15.93 -44.95 -82.85
N ASP B 340 15.95 -45.47 -81.63
CA ASP B 340 14.92 -45.14 -80.63
C ASP B 340 14.92 -43.63 -80.37
N ILE B 341 16.12 -43.11 -80.19
CA ILE B 341 16.35 -41.69 -79.92
C ILE B 341 15.78 -40.85 -81.07
N LEU B 342 16.08 -41.25 -82.30
CA LEU B 342 15.61 -40.53 -83.48
C LEU B 342 14.09 -40.56 -83.57
N GLN B 343 13.46 -41.41 -82.75
CA GLN B 343 12.01 -41.53 -82.73
C GLN B 343 11.46 -41.30 -81.34
N LYS B 344 11.71 -40.12 -80.78
CA LYS B 344 11.22 -39.77 -79.45
C LYS B 344 12.02 -38.61 -78.86
N GLU B 345 13.34 -38.68 -79.01
CA GLU B 345 14.22 -37.64 -78.48
C GLU B 345 14.52 -36.58 -79.55
N LEU B 346 15.04 -37.02 -80.68
CA LEU B 346 15.38 -36.11 -81.77
C LEU B 346 14.15 -35.43 -82.32
N LEU B 347 13.92 -34.22 -81.85
CA LEU B 347 12.79 -33.43 -82.28
C LEU B 347 11.49 -34.18 -82.13
N PRO B 348 11.15 -34.54 -80.88
CA PRO B 348 10.02 -35.38 -80.46
C PRO B 348 8.68 -34.98 -81.05
N HIS B 349 8.44 -33.69 -81.32
CA HIS B 349 7.21 -33.33 -82.00
C HIS B 349 7.36 -33.67 -83.46
N ILE B 350 6.52 -33.08 -84.30
CA ILE B 350 6.46 -33.47 -85.72
C ILE B 350 5.78 -34.81 -85.82
N THR B 351 6.58 -35.87 -85.70
CA THR B 351 6.05 -37.22 -85.76
C THR B 351 6.93 -38.22 -85.03
N THR B 352 6.26 -39.14 -84.34
CA THR B 352 6.91 -40.13 -83.51
C THR B 352 6.67 -41.50 -84.07
N MET B 353 6.29 -41.55 -85.34
CA MET B 353 6.05 -42.83 -85.98
C MET B 353 7.37 -43.54 -86.22
N GLU B 354 7.57 -44.02 -87.44
CA GLU B 354 8.79 -44.74 -87.77
C GLU B 354 9.37 -44.21 -89.06
N GLY B 355 8.58 -44.24 -90.11
CA GLY B 355 9.03 -43.84 -91.43
C GLY B 355 8.83 -42.35 -91.67
N PHE B 356 9.55 -41.54 -90.91
CA PHE B 356 9.47 -40.10 -91.05
C PHE B 356 10.75 -39.44 -90.54
N GLU B 357 11.87 -39.83 -91.12
CA GLU B 357 13.17 -39.28 -90.76
C GLU B 357 13.63 -38.23 -91.76
N THR B 358 12.89 -38.12 -92.86
CA THR B 358 13.24 -37.15 -93.88
C THR B 358 12.65 -35.79 -93.53
N ARG B 359 11.68 -35.79 -92.62
CA ARG B 359 11.02 -34.56 -92.18
C ARG B 359 11.91 -33.80 -91.20
N LYS B 360 12.53 -34.54 -90.27
CA LYS B 360 13.41 -33.93 -89.26
C LYS B 360 14.75 -33.54 -89.84
N ALA B 361 14.90 -33.74 -91.15
CA ALA B 361 16.17 -33.49 -91.81
C ALA B 361 16.32 -32.03 -92.21
N PHE B 362 15.18 -31.38 -92.44
CA PHE B 362 15.17 -29.98 -92.83
C PHE B 362 15.23 -29.06 -91.61
N PHE B 363 14.41 -29.35 -90.59
CA PHE B 363 14.32 -28.55 -89.37
C PHE B 363 15.68 -28.17 -88.84
N LEU B 364 16.52 -29.18 -88.63
CA LEU B 364 17.90 -28.92 -88.25
C LEU B 364 18.52 -27.88 -89.18
N GLY B 365 18.30 -28.05 -90.48
CA GLY B 365 18.80 -27.09 -91.45
C GLY B 365 18.20 -25.72 -91.19
N TYR B 366 16.94 -25.70 -90.76
CA TYR B 366 16.22 -24.48 -90.46
C TYR B 366 16.74 -23.83 -89.19
N MET B 367 16.83 -24.62 -88.13
CA MET B 367 17.49 -24.20 -86.90
C MET B 367 18.76 -23.48 -87.29
N ILE B 368 19.73 -24.23 -87.80
CA ILE B 368 21.06 -23.68 -87.98
C ILE B 368 21.06 -22.58 -89.03
N HIS B 369 19.97 -22.46 -89.77
CA HIS B 369 19.86 -21.38 -90.73
C HIS B 369 19.82 -20.09 -89.96
N ARG B 370 19.04 -20.10 -88.88
CA ARG B 370 18.87 -18.94 -88.03
C ARG B 370 20.19 -18.52 -87.43
N MET B 371 20.85 -19.46 -86.75
CA MET B 371 22.15 -19.17 -86.17
C MET B 371 23.01 -18.33 -87.15
N LEU B 372 23.33 -18.92 -88.30
CA LEU B 372 24.21 -18.24 -89.26
C LEU B 372 23.83 -16.77 -89.47
N LEU B 373 22.54 -16.46 -89.35
CA LEU B 373 22.05 -15.11 -89.61
C LEU B 373 22.52 -14.13 -88.56
N CYS B 374 23.01 -14.66 -87.44
CA CYS B 374 23.37 -13.79 -86.33
C CYS B 374 24.87 -13.56 -86.19
N ALA B 375 25.65 -14.63 -86.27
CA ALA B 375 27.10 -14.47 -86.24
C ALA B 375 27.54 -13.59 -87.41
N LEU B 376 27.01 -13.85 -88.59
CA LEU B 376 27.31 -13.02 -89.76
C LEU B 376 26.72 -11.64 -89.52
N GLU B 377 25.89 -11.53 -88.49
CA GLU B 377 25.28 -10.26 -88.13
C GLU B 377 24.29 -9.85 -89.22
N ARG B 378 23.30 -10.70 -89.47
CA ARG B 378 22.31 -10.45 -90.52
C ARG B 378 20.94 -10.13 -89.94
N ARG B 379 20.78 -10.37 -88.65
CA ARG B 379 19.54 -10.01 -87.96
C ARG B 379 19.83 -9.79 -86.49
N GLU B 380 18.87 -10.13 -85.63
CA GLU B 380 19.07 -9.93 -84.21
C GLU B 380 18.51 -11.09 -83.43
N PRO B 381 19.20 -11.46 -82.34
CA PRO B 381 18.80 -12.55 -81.44
C PRO B 381 17.38 -12.35 -80.94
N ASP B 382 16.52 -13.34 -81.19
CA ASP B 382 15.12 -13.31 -80.73
C ASP B 382 15.03 -12.77 -79.30
N ASP B 383 13.85 -12.26 -78.95
CA ASP B 383 13.63 -11.59 -77.67
C ASP B 383 12.83 -12.42 -76.69
N ARG B 384 13.41 -12.72 -75.53
CA ARG B 384 12.81 -13.64 -74.59
C ARG B 384 11.75 -12.92 -73.75
N ASP B 385 11.64 -11.62 -73.99
CA ASP B 385 10.69 -10.76 -73.25
C ASP B 385 9.27 -11.28 -73.36
N HIS B 386 8.78 -11.46 -74.59
CA HIS B 386 7.56 -12.24 -74.78
C HIS B 386 7.73 -13.41 -73.81
N PHE B 387 6.69 -13.80 -73.08
CA PHE B 387 5.32 -13.29 -73.14
C PHE B 387 4.54 -13.46 -74.44
N GLY B 388 4.70 -12.54 -75.38
CA GLY B 388 4.10 -12.78 -76.68
C GLY B 388 4.38 -14.20 -77.17
N LYS B 389 5.54 -14.72 -76.77
CA LYS B 389 5.93 -16.07 -77.12
C LYS B 389 5.71 -17.09 -76.01
N LYS B 390 5.62 -16.64 -74.75
CA LYS B 390 5.32 -17.54 -73.62
C LYS B 390 3.83 -17.79 -73.42
N ARG B 391 3.49 -18.96 -72.89
CA ARG B 391 2.10 -19.34 -72.72
C ARG B 391 1.76 -19.59 -71.25
N LEU B 392 0.51 -19.25 -70.89
CA LEU B 392 0.06 -19.34 -69.51
C LEU B 392 -0.57 -20.67 -69.33
N ASP B 393 -0.08 -21.46 -68.40
CA ASP B 393 -0.65 -22.79 -68.12
C ASP B 393 -1.75 -22.69 -67.06
N LEU B 394 -3.00 -22.51 -67.48
CA LEU B 394 -4.13 -22.40 -66.55
C LEU B 394 -4.39 -23.68 -65.76
N ALA B 395 -5.58 -23.80 -65.19
CA ALA B 395 -5.92 -24.95 -64.33
C ALA B 395 -6.05 -26.25 -65.12
N GLY B 396 -5.95 -26.14 -66.45
CA GLY B 396 -6.05 -27.29 -67.34
C GLY B 396 -4.74 -28.03 -67.43
N PRO B 397 -3.88 -27.63 -68.38
CA PRO B 397 -2.57 -28.25 -68.60
C PRO B 397 -1.80 -28.50 -67.30
N LEU B 398 -2.25 -27.88 -66.21
CA LEU B 398 -1.64 -28.07 -64.90
C LEU B 398 -2.16 -29.35 -64.29
N LEU B 399 -3.49 -29.45 -64.21
CA LEU B 399 -4.12 -30.68 -63.75
C LEU B 399 -3.90 -31.87 -64.71
N ALA B 400 -3.30 -31.59 -65.86
CA ALA B 400 -2.89 -32.63 -66.75
C ALA B 400 -1.70 -33.34 -66.13
N SER B 401 -0.57 -32.65 -66.18
CA SER B 401 0.71 -33.25 -65.80
C SER B 401 0.70 -33.92 -64.44
N LEU B 402 -0.32 -33.64 -63.64
CA LEU B 402 -0.40 -34.23 -62.31
C LEU B 402 -1.09 -35.55 -62.43
N PHE B 403 -2.34 -35.49 -62.83
CA PHE B 403 -3.13 -36.67 -63.10
C PHE B 403 -2.23 -37.76 -63.71
N ARG B 404 -1.59 -37.45 -64.83
CA ARG B 404 -0.67 -38.38 -65.46
C ARG B 404 0.40 -38.89 -64.48
N MET B 405 0.87 -38.00 -63.62
CA MET B 405 1.91 -38.32 -62.64
C MET B 405 1.36 -39.05 -61.42
N LEU B 406 0.10 -39.48 -61.56
CA LEU B 406 -0.49 -40.29 -60.48
C LEU B 406 -1.15 -41.56 -61.02
N PHE B 407 -1.42 -41.57 -62.30
CA PHE B 407 -2.03 -42.73 -62.92
C PHE B 407 -0.92 -43.73 -63.24
N ARG B 408 0.18 -43.25 -63.81
CA ARG B 408 1.31 -44.13 -64.17
C ARG B 408 1.84 -44.91 -62.97
N LYS B 409 1.46 -44.48 -61.77
CA LYS B 409 1.75 -45.26 -60.57
C LYS B 409 0.67 -46.31 -60.35
N MET B 410 -0.57 -45.96 -60.68
CA MET B 410 -1.65 -46.94 -60.72
C MET B 410 -1.19 -48.19 -61.44
N THR B 411 -0.91 -48.02 -62.73
CA THR B 411 -0.53 -49.14 -63.57
C THR B 411 0.73 -49.85 -63.08
N ARG B 412 1.39 -49.27 -62.08
CA ARG B 412 2.59 -49.86 -61.52
C ARG B 412 2.28 -50.61 -60.22
N ASP B 413 1.48 -50.01 -59.36
CA ASP B 413 1.09 -50.63 -58.10
C ASP B 413 0.25 -51.88 -58.35
N VAL B 414 -0.60 -51.81 -59.36
CA VAL B 414 -1.45 -52.94 -59.71
C VAL B 414 -0.66 -54.03 -60.42
N TYR B 415 0.26 -53.61 -61.30
CA TYR B 415 1.10 -54.54 -62.03
C TYR B 415 1.82 -55.49 -61.08
N LYS B 416 2.29 -54.94 -59.97
CA LYS B 416 3.00 -55.72 -58.96
C LYS B 416 2.06 -56.72 -58.30
N TYR B 417 0.80 -56.32 -58.14
CA TYR B 417 -0.20 -57.19 -57.53
C TYR B 417 -0.42 -58.45 -58.36
N MET B 418 -0.40 -58.29 -59.68
CA MET B 418 -0.59 -59.41 -60.59
C MET B 418 0.51 -60.45 -60.41
N GLN B 419 1.74 -59.98 -60.23
CA GLN B 419 2.87 -60.87 -60.02
C GLN B 419 2.68 -61.73 -58.77
N LYS B 420 2.18 -61.11 -57.71
CA LYS B 420 1.93 -61.82 -56.45
C LYS B 420 0.75 -62.77 -56.60
N CYS B 421 -0.19 -62.42 -57.47
CA CYS B 421 -1.37 -63.24 -57.70
C CYS B 421 -1.02 -64.48 -58.52
N VAL B 422 -0.38 -64.26 -59.66
CA VAL B 422 0.02 -65.35 -60.54
C VAL B 422 0.89 -66.37 -59.80
N GLU B 423 1.56 -65.92 -58.75
CA GLU B 423 2.42 -66.78 -57.97
C GLU B 423 1.78 -67.14 -56.63
N THR B 424 1.62 -68.43 -56.38
CA THR B 424 1.02 -68.90 -55.14
C THR B 424 -0.49 -68.67 -55.14
N ASN B 425 -0.92 -67.55 -55.70
CA ASN B 425 -2.33 -67.21 -55.77
C ASN B 425 -2.96 -67.58 -57.11
N ARG B 426 -3.36 -66.57 -57.87
CA ARG B 426 -3.97 -66.78 -59.18
C ARG B 426 -5.44 -66.39 -59.18
N GLU B 427 -6.31 -67.39 -59.26
CA GLU B 427 -7.75 -67.15 -59.26
C GLU B 427 -8.16 -66.30 -60.46
N PHE B 428 -7.32 -65.34 -60.81
CA PHE B 428 -7.59 -64.45 -61.93
C PHE B 428 -7.36 -62.99 -61.56
N ASN B 429 -8.43 -62.32 -61.13
CA ASN B 429 -8.34 -60.92 -60.74
C ASN B 429 -9.56 -60.46 -59.94
N LEU B 430 -10.02 -59.25 -60.21
CA LEU B 430 -11.18 -58.70 -59.53
C LEU B 430 -10.80 -57.45 -58.73
N THR B 431 -11.82 -56.69 -58.32
CA THR B 431 -11.60 -55.46 -57.56
C THR B 431 -10.87 -55.76 -56.25
N LEU B 432 -10.04 -56.80 -56.26
CA LEU B 432 -9.29 -57.19 -55.07
C LEU B 432 -8.14 -56.22 -54.80
N ALA B 433 -7.65 -55.59 -55.86
CA ALA B 433 -6.56 -54.63 -55.73
C ALA B 433 -7.05 -53.20 -55.91
N VAL B 434 -6.67 -52.59 -57.03
CA VAL B 434 -7.08 -51.22 -57.32
C VAL B 434 -7.18 -50.39 -56.04
N LYS B 435 -6.04 -50.13 -55.42
CA LYS B 435 -6.00 -49.35 -54.18
C LYS B 435 -6.92 -48.13 -54.27
N SER B 436 -7.69 -47.91 -53.21
CA SER B 436 -8.61 -46.76 -53.17
C SER B 436 -7.90 -45.46 -52.85
N ASN B 437 -7.02 -45.51 -51.86
CA ASN B 437 -6.28 -44.35 -51.37
C ASN B 437 -5.00 -44.12 -52.20
N ILE B 438 -5.17 -43.73 -53.47
CA ILE B 438 -4.03 -43.64 -54.40
C ILE B 438 -3.85 -42.26 -54.99
N ILE B 439 -4.97 -41.58 -55.20
CA ILE B 439 -5.00 -40.23 -55.76
C ILE B 439 -6.09 -39.45 -55.02
N THR B 440 -7.04 -40.17 -54.45
CA THR B 440 -8.07 -39.54 -53.64
C THR B 440 -7.36 -38.76 -52.54
N ASN B 441 -6.61 -39.47 -51.69
CA ASN B 441 -5.74 -38.83 -50.72
C ASN B 441 -4.55 -38.19 -51.42
N GLY B 442 -4.23 -38.70 -52.60
CA GLY B 442 -3.08 -38.21 -53.36
C GLY B 442 -3.27 -36.92 -54.15
N LEU B 443 -4.40 -36.24 -53.94
CA LEU B 443 -4.69 -34.92 -54.51
C LEU B 443 -4.97 -33.94 -53.40
N ARG B 444 -5.62 -34.42 -52.35
CA ARG B 444 -5.89 -33.64 -51.16
C ARG B 444 -4.65 -32.91 -50.71
N TYR B 445 -3.57 -33.64 -50.47
CA TYR B 445 -2.36 -33.02 -49.95
C TYR B 445 -1.36 -32.70 -51.07
N SER B 446 -1.86 -32.58 -52.30
CA SER B 446 -1.05 -32.14 -53.41
C SER B 446 -1.58 -30.84 -54.00
N LEU B 447 -2.87 -30.62 -53.79
CA LEU B 447 -3.56 -29.41 -54.20
C LEU B 447 -3.55 -28.48 -52.99
N ALA B 448 -3.73 -29.07 -51.79
CA ALA B 448 -3.79 -28.33 -50.53
C ALA B 448 -2.49 -27.61 -50.29
N THR B 449 -1.42 -28.16 -50.81
CA THR B 449 -0.13 -27.52 -50.65
C THR B 449 0.48 -27.18 -52.00
N GLY B 450 1.66 -26.58 -52.02
CA GLY B 450 2.31 -26.18 -53.26
C GLY B 450 3.15 -27.26 -53.92
N ASN B 451 2.97 -28.48 -53.45
CA ASN B 451 3.72 -29.61 -53.97
C ASN B 451 2.99 -30.31 -55.12
N TRP B 452 3.69 -31.21 -55.79
CA TRP B 452 3.12 -31.95 -56.91
C TRP B 452 3.44 -33.43 -56.81
N GLY B 453 3.02 -34.06 -55.71
CA GLY B 453 3.25 -35.47 -55.49
C GLY B 453 3.63 -35.78 -54.04
N ASP B 454 2.91 -35.15 -53.11
CA ASP B 454 3.17 -35.36 -51.69
C ASP B 454 2.25 -36.43 -51.12
N GLN B 455 2.61 -36.95 -49.95
CA GLN B 455 3.83 -36.53 -49.27
C GLN B 455 5.04 -37.36 -49.72
N LYS B 456 5.00 -37.82 -50.97
CA LYS B 456 6.08 -38.62 -51.52
C LYS B 456 7.43 -37.93 -51.33
N ARG B 457 8.44 -38.46 -52.00
CA ARG B 457 9.79 -37.90 -51.92
C ARG B 457 9.87 -36.56 -52.65
N SER B 458 9.05 -36.40 -53.67
CA SER B 458 9.03 -35.18 -54.46
C SER B 458 9.20 -33.95 -53.57
N MET B 459 10.45 -33.62 -53.26
CA MET B 459 10.75 -32.47 -52.41
C MET B 459 10.63 -31.16 -53.18
N VAL B 460 11.74 -30.72 -53.77
CA VAL B 460 11.75 -29.48 -54.53
C VAL B 460 10.96 -29.63 -55.83
N ASN B 461 9.64 -29.52 -55.73
CA ASN B 461 8.76 -29.64 -56.89
C ASN B 461 7.96 -28.37 -57.14
N ARG B 462 8.67 -27.28 -57.42
CA ARG B 462 8.02 -25.97 -57.68
C ARG B 462 6.79 -25.68 -56.80
N VAL B 463 6.87 -24.61 -56.02
CA VAL B 463 5.79 -24.22 -55.11
C VAL B 463 4.53 -23.75 -55.85
N GLY B 464 3.37 -24.16 -55.33
CA GLY B 464 2.10 -23.80 -55.92
C GLY B 464 1.98 -22.29 -55.98
N VAL B 465 0.99 -21.76 -56.69
CA VAL B 465 0.02 -22.51 -57.49
C VAL B 465 -0.82 -23.41 -56.61
N SER B 466 -1.69 -22.80 -55.81
CA SER B 466 -2.64 -23.53 -54.96
C SER B 466 -3.15 -22.65 -53.83
N GLN B 467 -2.60 -21.44 -53.74
CA GLN B 467 -2.96 -20.43 -52.74
C GLN B 467 -4.43 -20.50 -52.29
N VAL B 468 -4.67 -20.29 -51.00
CA VAL B 468 -6.02 -20.19 -50.46
C VAL B 468 -6.71 -18.96 -51.04
N LEU B 469 -8.03 -18.85 -50.91
CA LEU B 469 -8.75 -17.94 -51.79
C LEU B 469 -8.40 -16.46 -51.70
N ASN B 470 -8.35 -15.90 -50.50
CA ASN B 470 -8.01 -14.49 -50.31
C ASN B 470 -9.24 -13.58 -50.42
N ARG B 471 -10.26 -13.91 -49.65
CA ARG B 471 -11.56 -13.26 -49.72
C ARG B 471 -11.71 -12.03 -48.80
N TYR B 472 -10.75 -11.11 -48.85
CA TYR B 472 -10.82 -9.93 -47.99
C TYR B 472 -11.92 -9.04 -48.49
N THR B 473 -11.77 -8.59 -49.73
CA THR B 473 -12.77 -7.76 -50.37
C THR B 473 -13.18 -8.44 -51.65
N PHE B 474 -14.45 -8.34 -51.98
CA PHE B 474 -14.93 -8.97 -53.21
C PHE B 474 -13.96 -8.68 -54.34
N ALA B 475 -13.72 -7.40 -54.57
CA ALA B 475 -12.77 -6.98 -55.58
C ALA B 475 -11.56 -7.92 -55.58
N SER B 476 -11.01 -8.17 -54.41
CA SER B 476 -9.85 -9.03 -54.32
C SER B 476 -10.15 -10.41 -54.87
N THR B 477 -11.19 -11.05 -54.34
CA THR B 477 -11.52 -12.43 -54.72
C THR B 477 -11.22 -12.62 -56.20
N LEU B 478 -11.77 -11.73 -57.01
CA LEU B 478 -11.64 -11.81 -58.43
C LEU B 478 -10.21 -11.65 -58.87
N SER B 479 -9.52 -10.61 -58.41
CA SER B 479 -8.13 -10.41 -58.82
C SER B 479 -7.24 -11.56 -58.42
N HIS B 480 -7.74 -12.44 -57.55
CA HIS B 480 -6.99 -13.65 -57.25
C HIS B 480 -7.17 -14.69 -58.36
N LEU B 481 -8.44 -15.07 -58.90
CA LEU B 481 -8.74 -16.03 -59.96
C LEU B 481 -8.16 -15.58 -61.29
N ARG B 482 -7.15 -14.73 -61.24
CA ARG B 482 -6.50 -14.22 -62.45
C ARG B 482 -5.04 -13.87 -62.19
N ARG B 483 -4.34 -14.76 -61.47
CA ARG B 483 -2.94 -14.55 -61.16
C ARG B 483 -2.06 -15.60 -61.82
N THR B 484 -0.79 -15.27 -62.01
CA THR B 484 0.15 -16.19 -62.64
C THR B 484 1.58 -15.93 -62.14
N ASN B 485 2.23 -16.98 -61.65
CA ASN B 485 3.59 -16.87 -61.16
C ASN B 485 4.55 -16.34 -62.21
N THR B 486 5.60 -17.10 -62.50
CA THR B 486 6.59 -16.72 -63.50
C THR B 486 7.89 -17.48 -63.31
N PRO B 487 7.78 -18.78 -63.07
CA PRO B 487 8.96 -19.64 -62.86
C PRO B 487 10.03 -19.38 -63.91
N ILE B 488 11.05 -18.62 -63.55
CA ILE B 488 11.15 -18.06 -62.20
C ILE B 488 11.49 -16.57 -62.25
N GLY B 489 12.07 -16.08 -61.15
CA GLY B 489 12.34 -16.90 -60.00
C GLY B 489 13.83 -17.04 -59.72
N ARG B 490 14.27 -18.27 -59.50
CA ARG B 490 15.68 -18.54 -59.24
C ARG B 490 16.51 -18.52 -60.51
N ASP B 491 16.80 -17.31 -61.00
CA ASP B 491 17.59 -17.15 -62.22
C ASP B 491 17.92 -15.70 -62.47
N GLY B 492 18.12 -14.94 -61.39
CA GLY B 492 18.44 -13.54 -61.48
C GLY B 492 19.14 -13.01 -60.23
N LYS B 493 18.43 -12.18 -59.48
CA LYS B 493 17.07 -11.78 -59.84
C LYS B 493 16.99 -10.29 -60.12
N LEU B 494 17.66 -9.84 -61.17
CA LEU B 494 17.67 -8.44 -61.55
C LEU B 494 16.98 -8.22 -62.89
N ALA B 495 15.90 -7.45 -62.87
CA ALA B 495 15.14 -7.17 -64.09
C ALA B 495 14.87 -8.44 -64.88
N LYS B 496 14.09 -8.32 -65.95
CA LYS B 496 13.74 -9.46 -66.79
C LYS B 496 13.18 -10.60 -65.96
N PRO B 497 11.87 -10.82 -66.07
CA PRO B 497 11.02 -10.00 -66.95
C PRO B 497 10.49 -8.77 -66.23
N ARG B 498 10.17 -8.93 -64.94
CA ARG B 498 9.64 -7.82 -64.15
C ARG B 498 9.23 -6.65 -65.04
N GLN B 499 10.20 -5.86 -65.46
CA GLN B 499 9.93 -4.70 -66.32
C GLN B 499 8.74 -4.96 -67.22
N LEU B 500 7.99 -3.90 -67.52
CA LEU B 500 6.83 -4.00 -68.39
C LEU B 500 7.23 -3.97 -69.86
N HIS B 501 6.77 -4.96 -70.61
CA HIS B 501 7.09 -5.05 -72.05
C HIS B 501 5.96 -4.62 -73.00
N ASN B 502 6.31 -3.87 -74.04
CA ASN B 502 5.30 -3.30 -74.93
C ASN B 502 4.27 -4.37 -75.23
N THR B 503 4.76 -5.60 -75.44
CA THR B 503 3.96 -6.81 -75.74
C THR B 503 2.71 -6.98 -74.87
N HIS B 504 2.76 -6.50 -73.63
CA HIS B 504 1.70 -6.70 -72.62
C HIS B 504 0.41 -5.92 -72.93
N TRP B 505 0.59 -4.78 -73.57
CA TRP B 505 -0.50 -3.92 -73.97
C TRP B 505 -1.58 -4.76 -74.57
N GLY B 506 -2.79 -4.58 -74.09
CA GLY B 506 -3.92 -5.37 -74.53
C GLY B 506 -4.36 -6.37 -73.49
N MET B 507 -3.58 -7.42 -73.29
CA MET B 507 -3.90 -8.45 -72.30
C MET B 507 -3.48 -7.94 -70.97
N VAL B 508 -3.00 -6.70 -70.97
CA VAL B 508 -2.66 -5.92 -69.79
C VAL B 508 -3.69 -6.03 -68.66
N CYS B 509 -3.26 -6.43 -67.46
CA CYS B 509 -1.85 -6.54 -67.05
C CYS B 509 -1.20 -5.19 -66.94
N PRO B 510 -1.95 -4.18 -66.48
CA PRO B 510 -1.52 -2.79 -66.67
C PRO B 510 -0.37 -2.47 -65.76
N ALA B 511 -0.73 -1.87 -64.63
CA ALA B 511 0.18 -1.66 -63.51
C ALA B 511 -0.52 -2.07 -62.19
N GLU B 512 -0.41 -3.35 -61.84
CA GLU B 512 -1.08 -3.94 -60.67
C GLU B 512 -0.31 -5.14 -60.10
N THR B 513 0.93 -4.92 -59.68
CA THR B 513 1.72 -5.99 -59.07
C THR B 513 1.99 -5.75 -57.59
N PRO B 514 2.68 -6.68 -56.94
CA PRO B 514 3.01 -6.47 -55.53
C PRO B 514 4.10 -5.42 -55.29
N GLU B 515 4.07 -4.77 -54.14
CA GLU B 515 5.12 -3.82 -53.79
C GLU B 515 6.43 -4.58 -53.53
N GLY B 516 7.38 -4.48 -54.46
CA GLY B 516 8.70 -5.08 -54.28
C GLY B 516 8.78 -6.60 -54.29
N GLN B 517 9.99 -7.12 -54.21
CA GLN B 517 10.25 -8.54 -54.30
C GLN B 517 9.71 -9.06 -55.60
N ALA B 518 8.53 -9.63 -55.55
CA ALA B 518 7.93 -10.14 -56.78
C ALA B 518 7.16 -9.07 -57.60
N CYS B 519 7.82 -7.96 -57.99
CA CYS B 519 7.19 -6.98 -58.85
C CYS B 519 7.11 -7.58 -60.23
N GLY B 520 5.99 -7.39 -60.90
CA GLY B 520 5.87 -7.79 -62.30
C GLY B 520 6.18 -9.25 -62.55
N LEU B 521 6.25 -10.03 -61.48
CA LEU B 521 6.36 -11.48 -61.59
C LEU B 521 4.95 -12.03 -61.51
N VAL B 522 4.13 -11.39 -60.70
CA VAL B 522 2.70 -11.65 -60.75
C VAL B 522 2.07 -10.60 -61.66
N LYS B 523 1.01 -10.99 -62.33
CA LYS B 523 0.34 -10.09 -63.25
C LYS B 523 -1.10 -10.48 -63.17
N ASN B 524 -1.99 -9.59 -63.62
CA ASN B 524 -3.41 -9.94 -63.70
C ASN B 524 -3.98 -9.84 -65.12
N LEU B 525 -4.95 -10.70 -65.40
CA LEU B 525 -5.58 -10.77 -66.69
C LEU B 525 -6.45 -9.57 -66.82
N SER B 526 -6.21 -8.79 -67.88
CA SER B 526 -7.10 -7.69 -68.28
C SER B 526 -8.58 -8.04 -68.21
N LEU B 527 -9.45 -7.11 -68.60
CA LEU B 527 -10.88 -7.37 -68.60
C LEU B 527 -11.30 -8.17 -69.84
N MET B 528 -10.54 -8.01 -70.92
CA MET B 528 -10.89 -8.65 -72.18
C MET B 528 -10.03 -9.89 -72.45
N SER B 529 -9.01 -10.09 -71.63
CA SER B 529 -8.12 -11.23 -71.81
C SER B 529 -8.91 -12.52 -71.99
N TYR B 530 -8.52 -13.31 -72.99
CA TYR B 530 -9.11 -14.63 -73.21
C TYR B 530 -8.00 -15.64 -73.34
N VAL B 531 -8.00 -16.65 -72.49
CA VAL B 531 -6.93 -17.62 -72.54
C VAL B 531 -7.32 -18.85 -73.32
N SER B 532 -6.38 -19.30 -74.15
CA SER B 532 -6.54 -20.41 -75.10
C SER B 532 -6.75 -21.77 -74.47
N VAL B 533 -7.99 -22.26 -74.54
CA VAL B 533 -8.32 -23.61 -74.10
C VAL B 533 -7.48 -24.63 -74.86
N GLY B 534 -7.32 -24.38 -76.16
CA GLY B 534 -6.65 -25.29 -77.06
C GLY B 534 -7.67 -25.91 -78.00
N SER B 535 -7.24 -26.27 -79.19
CA SER B 535 -8.13 -26.90 -80.14
C SER B 535 -7.35 -27.98 -80.82
N PRO B 536 -8.06 -29.02 -81.28
CA PRO B 536 -7.42 -30.16 -81.95
C PRO B 536 -6.50 -29.73 -83.08
N SER B 537 -5.31 -30.33 -83.15
CA SER B 537 -4.31 -30.00 -84.17
C SER B 537 -4.52 -30.80 -85.45
N ALA B 538 -5.56 -31.63 -85.46
CA ALA B 538 -5.90 -32.40 -86.65
C ALA B 538 -6.68 -31.58 -87.68
N PRO B 539 -8.02 -31.41 -87.49
CA PRO B 539 -8.83 -30.79 -88.56
C PRO B 539 -8.26 -29.50 -89.14
N ILE B 540 -7.11 -29.09 -88.63
CA ILE B 540 -6.50 -27.84 -89.03
C ILE B 540 -5.67 -28.04 -90.28
N ILE B 541 -4.96 -29.17 -90.33
CA ILE B 541 -4.18 -29.51 -91.50
C ILE B 541 -5.11 -29.92 -92.63
N GLU B 542 -6.33 -30.32 -92.29
CA GLU B 542 -7.33 -30.67 -93.31
C GLU B 542 -7.57 -29.50 -94.23
N PHE B 543 -7.59 -28.30 -93.65
CA PHE B 543 -7.78 -27.08 -94.42
C PHE B 543 -6.44 -26.56 -94.95
N LEU B 544 -5.39 -27.36 -94.86
CA LEU B 544 -4.09 -26.90 -95.36
C LEU B 544 -3.47 -27.80 -96.43
N GLU B 545 -3.22 -29.06 -96.10
CA GLU B 545 -2.74 -30.00 -97.10
C GLU B 545 -3.74 -30.01 -98.25
N GLU B 546 -5.03 -29.97 -97.92
CA GLU B 546 -6.08 -30.07 -98.93
C GLU B 546 -6.20 -28.78 -99.73
N TRP B 547 -5.81 -27.67 -99.15
CA TRP B 547 -6.06 -26.42 -99.83
C TRP B 547 -5.05 -25.39 -99.39
N GLY B 548 -4.13 -25.04 -100.28
CA GLY B 548 -4.12 -25.62 -101.60
C GLY B 548 -3.19 -24.82 -102.51
N LEU B 549 -2.36 -25.52 -103.27
CA LEU B 549 -2.30 -26.97 -103.16
C LEU B 549 -1.53 -27.37 -101.89
N GLU B 550 -0.36 -26.76 -101.69
CA GLU B 550 0.45 -27.02 -100.51
C GLU B 550 1.00 -28.44 -100.51
N THR B 551 2.24 -28.62 -100.93
CA THR B 551 2.82 -29.96 -101.04
C THR B 551 3.88 -30.23 -99.98
N LEU B 552 3.87 -31.45 -99.44
CA LEU B 552 4.75 -31.82 -98.35
C LEU B 552 6.02 -32.49 -98.85
N GLU B 553 6.32 -33.66 -98.28
CA GLU B 553 7.45 -34.48 -98.71
C GLU B 553 8.67 -33.63 -98.93
N ASP B 554 9.47 -34.01 -99.92
CA ASP B 554 10.65 -33.27 -100.33
C ASP B 554 10.27 -31.92 -100.93
N TYR B 555 10.72 -31.68 -102.17
CA TYR B 555 10.50 -30.43 -102.86
C TYR B 555 11.42 -29.34 -102.31
N ASN B 556 12.72 -29.51 -102.53
CA ASN B 556 13.71 -28.61 -101.99
C ASN B 556 14.85 -28.24 -102.93
N PRO B 557 15.53 -29.23 -103.52
CA PRO B 557 16.72 -28.90 -104.33
C PRO B 557 16.43 -27.75 -105.27
N SER B 558 17.22 -26.69 -105.17
CA SER B 558 17.02 -25.52 -106.00
C SER B 558 15.62 -24.93 -105.80
N ALA B 559 14.78 -25.07 -106.82
CA ALA B 559 13.43 -24.51 -106.80
C ALA B 559 12.64 -24.96 -105.59
N SER B 560 11.84 -24.05 -105.06
CA SER B 560 11.02 -24.32 -103.89
C SER B 560 11.90 -24.88 -102.77
N PRO B 561 12.43 -24.00 -101.90
CA PRO B 561 12.25 -22.54 -101.84
C PRO B 561 12.84 -21.80 -103.05
N ASN B 562 12.47 -20.53 -103.25
CA ASN B 562 11.58 -19.77 -102.36
C ASN B 562 10.69 -18.79 -103.11
N ALA B 563 9.37 -19.01 -103.11
CA ALA B 563 8.69 -20.12 -102.45
C ALA B 563 8.84 -20.18 -100.94
N THR B 564 7.92 -19.54 -100.23
CA THR B 564 7.94 -19.47 -98.76
C THR B 564 7.45 -20.77 -98.13
N LYS B 565 7.70 -20.96 -96.83
CA LYS B 565 7.27 -22.17 -96.11
C LYS B 565 6.06 -21.96 -95.16
N VAL B 566 5.76 -22.98 -94.34
CA VAL B 566 4.56 -23.01 -93.47
C VAL B 566 4.72 -23.94 -92.25
N PHE B 567 4.81 -23.34 -91.05
CA PHE B 567 4.83 -24.11 -89.79
C PHE B 567 3.40 -24.18 -89.24
N VAL B 568 3.14 -25.16 -88.37
CA VAL B 568 1.88 -25.22 -87.58
C VAL B 568 2.05 -25.89 -86.22
N ASN B 569 2.02 -25.08 -85.16
CA ASN B 569 2.47 -25.54 -83.88
C ASN B 569 3.94 -25.88 -84.01
N GLY B 570 4.64 -25.10 -84.83
CA GLY B 570 6.05 -25.30 -85.06
C GLY B 570 6.34 -26.48 -85.97
N VAL B 571 5.29 -27.21 -86.38
CA VAL B 571 5.46 -28.41 -87.20
C VAL B 571 5.50 -28.10 -88.70
N TRP B 572 6.70 -27.85 -89.20
CA TRP B 572 6.88 -27.42 -90.59
C TRP B 572 6.63 -28.49 -91.61
N LEU B 573 5.38 -28.90 -91.77
CA LEU B 573 5.06 -29.87 -92.82
C LEU B 573 4.37 -29.13 -93.94
N GLY B 574 5.14 -28.71 -94.93
CA GLY B 574 4.57 -28.06 -96.09
C GLY B 574 5.47 -26.97 -96.63
N VAL B 575 5.27 -26.64 -97.91
CA VAL B 575 6.05 -25.61 -98.57
C VAL B 575 5.16 -24.45 -98.99
N HIS B 576 4.06 -24.74 -99.66
CA HIS B 576 3.16 -23.69 -100.21
C HIS B 576 3.74 -22.44 -100.95
N ARG B 577 3.10 -22.07 -102.07
CA ARG B 577 3.53 -20.94 -102.87
C ARG B 577 2.73 -19.69 -102.52
N ASP B 578 2.00 -19.11 -103.46
CA ASP B 578 1.30 -17.83 -103.21
C ASP B 578 0.55 -17.79 -101.89
N PRO B 579 1.13 -17.13 -100.88
CA PRO B 579 0.55 -17.16 -99.53
C PRO B 579 -0.72 -16.34 -99.59
N ALA B 580 -0.67 -15.35 -100.48
CA ALA B 580 -1.79 -14.50 -100.78
C ALA B 580 -3.11 -15.21 -100.51
N HIS B 581 -3.54 -15.99 -101.49
CA HIS B 581 -4.84 -16.62 -101.43
C HIS B 581 -4.99 -17.43 -100.16
N LEU B 582 -3.91 -18.06 -99.74
CA LEU B 582 -3.95 -18.97 -98.60
C LEU B 582 -4.41 -18.30 -97.30
N THR B 583 -3.92 -17.08 -97.06
CA THR B 583 -4.23 -16.42 -95.81
C THR B 583 -5.65 -15.86 -95.77
N GLU B 584 -5.97 -14.91 -96.65
CA GLU B 584 -7.30 -14.29 -96.64
C GLU B 584 -8.38 -15.33 -96.40
N THR B 585 -8.20 -16.50 -97.00
CA THR B 585 -9.21 -17.56 -96.98
C THR B 585 -9.24 -18.29 -95.63
N LEU B 586 -8.10 -18.34 -94.95
CA LEU B 586 -8.03 -18.86 -93.58
C LEU B 586 -8.73 -17.90 -92.64
N ARG B 587 -8.34 -16.63 -92.71
CA ARG B 587 -8.87 -15.61 -91.82
C ARG B 587 -10.39 -15.55 -91.92
N SER B 588 -10.93 -15.94 -93.07
CA SER B 588 -12.38 -15.91 -93.24
C SER B 588 -13.01 -17.16 -92.65
N LEU B 589 -12.17 -18.11 -92.26
CA LEU B 589 -12.65 -19.30 -91.59
C LEU B 589 -12.87 -19.02 -90.09
N ARG B 590 -12.15 -18.02 -89.56
CA ARG B 590 -12.33 -17.60 -88.17
C ARG B 590 -13.52 -16.67 -88.04
N ARG B 591 -13.83 -15.95 -89.10
CA ARG B 591 -14.96 -15.03 -89.11
C ARG B 591 -16.31 -15.73 -89.26
N ARG B 592 -16.29 -16.97 -89.71
CA ARG B 592 -17.53 -17.77 -89.82
C ARG B 592 -17.52 -18.82 -88.71
N LEU B 593 -16.39 -18.94 -88.03
CA LEU B 593 -16.19 -19.90 -86.95
C LEU B 593 -16.10 -21.36 -87.40
N ASP B 594 -16.00 -21.56 -88.71
CA ASP B 594 -15.78 -22.89 -89.27
C ASP B 594 -14.61 -23.57 -88.56
N ILE B 595 -13.68 -22.75 -88.05
CA ILE B 595 -12.57 -23.22 -87.23
C ILE B 595 -12.51 -22.51 -85.86
N SER B 596 -11.92 -23.16 -84.86
CA SER B 596 -11.80 -22.57 -83.53
C SER B 596 -11.31 -21.14 -83.66
N ALA B 597 -11.87 -20.22 -82.87
CA ALA B 597 -11.52 -18.80 -83.00
C ALA B 597 -10.21 -18.44 -82.28
N GLU B 598 -9.61 -19.45 -81.64
CA GLU B 598 -8.37 -19.32 -80.87
C GLU B 598 -7.13 -19.46 -81.73
N VAL B 599 -7.29 -19.49 -83.05
CA VAL B 599 -6.15 -19.71 -83.93
C VAL B 599 -5.50 -18.43 -84.42
N SER B 600 -4.19 -18.33 -84.23
CA SER B 600 -3.45 -17.18 -84.72
C SER B 600 -2.94 -17.47 -86.13
N ILE B 601 -2.44 -16.43 -86.79
CA ILE B 601 -1.89 -16.55 -88.13
C ILE B 601 -0.71 -15.58 -88.24
N VAL B 602 0.33 -15.94 -88.98
CA VAL B 602 1.47 -15.03 -89.11
C VAL B 602 2.02 -14.99 -90.54
N ARG B 603 2.49 -13.82 -90.97
CA ARG B 603 2.99 -13.68 -92.31
C ARG B 603 4.30 -12.91 -92.36
N ASP B 604 5.38 -13.52 -91.87
CA ASP B 604 6.64 -12.80 -91.72
C ASP B 604 7.34 -12.53 -93.05
N ILE B 605 6.89 -11.48 -93.72
CA ILE B 605 7.42 -11.09 -95.01
C ILE B 605 8.88 -10.63 -94.98
N ARG B 606 9.59 -10.89 -93.89
CA ARG B 606 11.01 -10.52 -93.82
C ARG B 606 11.85 -11.76 -93.56
N GLU B 607 11.18 -12.81 -93.08
CA GLU B 607 11.84 -14.06 -92.73
C GLU B 607 11.10 -15.19 -93.42
N LYS B 608 10.21 -14.81 -94.35
CA LYS B 608 9.35 -15.75 -95.05
C LYS B 608 8.36 -16.35 -94.07
N GLU B 609 8.11 -17.65 -94.20
CA GLU B 609 7.35 -18.37 -93.18
C GLU B 609 5.91 -17.87 -92.99
N LEU B 610 5.10 -18.76 -92.42
CA LEU B 610 3.73 -18.44 -92.04
C LEU B 610 3.40 -19.33 -90.85
N ARG B 611 3.79 -18.89 -89.64
CA ARG B 611 3.55 -19.66 -88.41
C ARG B 611 2.06 -19.67 -88.08
N LEU B 612 1.57 -20.82 -87.61
CA LEU B 612 0.14 -20.96 -87.32
C LEU B 612 -0.05 -21.70 -86.02
N PHE B 613 -0.16 -20.97 -84.92
CA PHE B 613 -0.32 -21.59 -83.61
C PHE B 613 -1.77 -21.91 -83.28
N THR B 614 -1.97 -22.74 -82.27
CA THR B 614 -3.31 -23.18 -81.86
C THR B 614 -3.30 -23.85 -80.49
N ASP B 615 -2.10 -24.13 -79.99
CA ASP B 615 -1.97 -24.86 -78.73
C ASP B 615 -2.35 -23.93 -77.62
N ALA B 616 -3.01 -24.50 -76.61
CA ALA B 616 -3.55 -23.80 -75.45
C ALA B 616 -2.52 -23.09 -74.57
N GLY B 617 -2.85 -21.88 -74.15
CA GLY B 617 -1.92 -21.01 -73.47
C GLY B 617 -1.71 -19.69 -74.20
N ARG B 618 -2.32 -19.57 -75.38
CA ARG B 618 -2.28 -18.31 -76.12
C ARG B 618 -3.01 -17.25 -75.24
N ILE B 619 -2.72 -15.98 -75.45
CA ILE B 619 -3.61 -14.93 -74.95
C ILE B 619 -4.32 -14.16 -76.10
N CYS B 620 -5.59 -13.81 -75.90
CA CYS B 620 -6.34 -13.10 -76.92
C CYS B 620 -6.60 -11.64 -76.55
N ARG B 621 -7.59 -11.01 -77.18
CA ARG B 621 -7.91 -9.60 -76.98
C ARG B 621 -8.86 -9.14 -78.09
N PRO B 622 -10.16 -9.38 -77.91
CA PRO B 622 -11.18 -9.02 -78.89
C PRO B 622 -11.11 -7.60 -79.45
N LEU B 623 -10.85 -7.47 -80.76
CA LEU B 623 -10.81 -6.19 -81.46
C LEU B 623 -11.92 -6.03 -82.50
N PHE B 624 -12.01 -4.83 -83.05
CA PHE B 624 -12.86 -4.60 -84.18
C PHE B 624 -11.98 -4.70 -85.41
N ILE B 625 -12.60 -4.92 -86.58
CA ILE B 625 -11.84 -5.03 -87.84
C ILE B 625 -12.22 -3.98 -88.91
N VAL B 626 -11.68 -4.12 -90.11
CA VAL B 626 -12.00 -3.15 -91.16
C VAL B 626 -12.38 -3.82 -92.47
N ASP B 627 -11.65 -4.89 -92.81
CA ASP B 627 -11.85 -5.60 -94.06
C ASP B 627 -11.83 -4.61 -95.23
N ASN B 628 -10.66 -4.40 -95.80
CA ASN B 628 -10.51 -3.51 -96.94
C ASN B 628 -10.07 -4.30 -98.19
N ASN B 629 -10.96 -4.37 -99.18
CA ASN B 629 -10.67 -5.12 -100.41
C ASN B 629 -9.89 -4.31 -101.47
N PRO B 630 -10.40 -3.12 -101.87
CA PRO B 630 -11.68 -2.50 -101.53
C PRO B 630 -12.79 -3.09 -102.36
N ASN B 631 -14.03 -2.78 -102.01
CA ASN B 631 -15.17 -3.31 -102.73
C ASN B 631 -16.38 -2.46 -102.38
N SER B 632 -17.03 -2.83 -101.29
CA SER B 632 -18.19 -2.10 -100.82
C SER B 632 -17.78 -0.81 -100.13
N GLU B 633 -18.74 0.10 -99.97
CA GLU B 633 -18.51 1.37 -99.29
C GLU B 633 -17.19 2.02 -99.69
N ARG B 634 -17.09 2.40 -100.97
CA ARG B 634 -15.88 3.01 -101.50
C ARG B 634 -14.63 2.21 -101.15
N ARG B 635 -13.91 2.67 -100.13
CA ARG B 635 -12.69 2.01 -99.70
C ARG B 635 -12.90 1.29 -98.36
N GLY B 636 -13.16 2.05 -97.31
CA GLY B 636 -13.40 1.48 -95.99
C GLY B 636 -14.87 1.24 -95.67
N GLU B 637 -15.21 1.29 -94.39
CA GLU B 637 -14.25 1.59 -93.33
C GLU B 637 -14.56 0.85 -92.03
N LEU B 638 -15.61 1.28 -91.33
CA LEU B 638 -16.04 0.59 -90.12
C LEU B 638 -16.71 -0.71 -90.49
N CYS B 639 -16.45 -1.78 -89.75
CA CYS B 639 -17.03 -3.08 -90.10
C CYS B 639 -18.34 -3.40 -89.37
N ILE B 640 -18.76 -2.53 -88.46
CA ILE B 640 -20.06 -2.65 -87.80
C ILE B 640 -20.92 -1.48 -88.22
N ARG B 641 -22.23 -1.68 -88.23
CA ARG B 641 -23.14 -0.57 -88.53
C ARG B 641 -24.07 -0.30 -87.35
N LYS B 642 -24.48 0.96 -87.18
CA LYS B 642 -25.39 1.32 -86.10
C LYS B 642 -26.46 0.24 -86.04
N GLU B 643 -26.87 -0.24 -87.21
CA GLU B 643 -27.83 -1.33 -87.30
C GLU B 643 -27.46 -2.42 -86.31
N HIS B 644 -26.26 -2.94 -86.47
CA HIS B 644 -25.77 -4.00 -85.61
C HIS B 644 -26.08 -3.71 -84.15
N ILE B 645 -25.64 -2.56 -83.71
CA ILE B 645 -25.75 -2.21 -82.32
C ILE B 645 -27.18 -2.26 -81.84
N GLN B 646 -28.07 -1.51 -82.49
CA GLN B 646 -29.47 -1.50 -82.07
C GLN B 646 -29.93 -2.93 -81.90
N GLN B 647 -29.48 -3.81 -82.78
CA GLN B 647 -29.88 -5.21 -82.72
C GLN B 647 -29.41 -5.84 -81.43
N LEU B 648 -28.17 -5.54 -81.03
CA LEU B 648 -27.63 -6.03 -79.77
C LEU B 648 -28.55 -5.73 -78.60
N ILE B 649 -28.98 -4.47 -78.52
CA ILE B 649 -29.86 -4.04 -77.45
C ILE B 649 -31.18 -4.82 -77.45
N GLU B 650 -31.56 -5.42 -78.57
CA GLU B 650 -32.79 -6.22 -78.56
C GLU B 650 -32.69 -7.42 -77.64
N ASP B 651 -31.48 -7.73 -77.18
CA ASP B 651 -31.25 -8.90 -76.35
C ASP B 651 -31.01 -8.55 -74.87
N LYS B 652 -30.63 -7.31 -74.60
CA LYS B 652 -30.51 -6.85 -73.23
C LYS B 652 -31.86 -6.93 -72.57
N ASP B 653 -32.91 -6.61 -73.32
CA ASP B 653 -34.27 -6.64 -72.82
C ASP B 653 -34.74 -8.07 -72.57
N ARG B 654 -33.96 -9.04 -73.08
CA ARG B 654 -34.30 -10.45 -72.93
C ARG B 654 -34.18 -10.88 -71.47
N TYR B 655 -34.22 -12.19 -71.25
CA TYR B 655 -34.38 -13.16 -72.34
C TYR B 655 -35.72 -12.99 -73.03
N ASP B 656 -36.27 -14.11 -73.52
CA ASP B 656 -37.56 -14.09 -74.20
C ASP B 656 -37.44 -14.66 -75.61
N ILE B 657 -36.96 -15.90 -75.71
CA ILE B 657 -36.80 -16.55 -76.99
C ILE B 657 -36.17 -17.95 -76.83
N ASP B 658 -35.36 -18.34 -77.79
CA ASP B 658 -34.70 -19.64 -77.76
C ASP B 658 -33.37 -19.61 -78.48
N PRO B 659 -32.90 -20.77 -78.93
CA PRO B 659 -31.64 -20.87 -79.65
C PRO B 659 -31.83 -21.45 -81.05
N GLU B 660 -31.91 -20.59 -82.05
CA GLU B 660 -31.82 -19.15 -81.82
C GLU B 660 -30.79 -18.82 -80.75
N GLN B 661 -31.06 -17.76 -79.99
CA GLN B 661 -30.16 -17.34 -78.92
C GLN B 661 -29.71 -15.89 -79.12
N ARG B 662 -30.17 -15.02 -78.23
CA ARG B 662 -29.82 -13.59 -78.31
C ARG B 662 -28.35 -13.42 -78.70
N PHE B 663 -28.09 -13.34 -80.00
CA PHE B 663 -26.73 -13.17 -80.50
C PHE B 663 -26.02 -12.01 -79.81
N GLY B 664 -25.59 -12.24 -78.57
CA GLY B 664 -24.90 -11.22 -77.80
C GLY B 664 -23.43 -11.55 -77.61
N TRP B 665 -22.63 -11.25 -78.62
CA TRP B 665 -21.20 -11.52 -78.57
C TRP B 665 -20.90 -12.96 -78.96
N THR B 666 -21.68 -13.89 -78.43
CA THR B 666 -21.51 -15.30 -78.73
C THR B 666 -21.64 -15.54 -80.22
N ALA B 667 -22.13 -14.53 -80.94
CA ALA B 667 -22.28 -14.61 -82.38
C ALA B 667 -21.52 -13.50 -83.10
N LEU B 668 -21.20 -12.43 -82.38
CA LEU B 668 -20.47 -11.30 -82.97
C LEU B 668 -19.09 -11.68 -83.50
N VAL B 669 -18.74 -12.94 -83.30
CA VAL B 669 -17.57 -13.51 -83.91
C VAL B 669 -18.01 -14.40 -85.06
N SER B 670 -19.17 -15.06 -84.91
CA SER B 670 -19.71 -15.90 -85.98
C SER B 670 -20.03 -15.06 -87.20
N SER B 671 -19.99 -13.74 -87.03
CA SER B 671 -20.35 -12.82 -88.09
C SER B 671 -19.18 -11.96 -88.53
N GLY B 672 -17.97 -12.43 -88.25
CA GLY B 672 -16.75 -11.76 -88.69
C GLY B 672 -16.65 -10.26 -88.41
N LEU B 673 -17.06 -9.86 -87.22
CA LEU B 673 -17.09 -8.46 -86.82
C LEU B 673 -15.88 -8.11 -85.96
N ILE B 674 -15.69 -8.92 -84.92
CA ILE B 674 -14.56 -8.81 -84.02
C ILE B 674 -13.68 -10.06 -84.09
N GLU B 675 -12.38 -9.86 -84.30
CA GLU B 675 -11.44 -10.96 -84.36
C GLU B 675 -10.67 -10.98 -83.04
N TYR B 676 -10.52 -12.14 -82.42
CA TYR B 676 -9.60 -12.23 -81.28
C TYR B 676 -8.18 -12.27 -81.80
N LEU B 677 -7.32 -11.40 -81.28
CA LEU B 677 -5.91 -11.40 -81.66
C LEU B 677 -4.97 -11.97 -80.61
N ASP B 678 -4.07 -12.82 -81.08
CA ASP B 678 -3.03 -13.40 -80.25
C ASP B 678 -1.98 -12.33 -80.03
N ALA B 679 -1.03 -12.60 -79.15
CA ALA B 679 0.06 -11.69 -78.90
C ALA B 679 1.06 -11.67 -80.07
N GLU B 680 1.22 -12.79 -80.75
CA GLU B 680 2.20 -12.88 -81.82
C GLU B 680 1.57 -12.44 -83.14
N GLU B 681 0.22 -12.44 -83.16
CA GLU B 681 -0.55 -11.96 -84.31
C GLU B 681 -0.50 -10.44 -84.45
N GLU B 682 -0.25 -9.75 -83.34
CA GLU B 682 -0.16 -8.31 -83.36
C GLU B 682 0.85 -7.85 -84.36
N GLU B 683 2.05 -8.42 -84.27
CA GLU B 683 3.16 -8.00 -85.10
C GLU B 683 2.70 -7.64 -86.53
N THR B 684 1.86 -8.51 -87.13
CA THR B 684 1.44 -8.39 -88.54
C THR B 684 0.22 -7.53 -88.75
N VAL B 685 -0.24 -6.91 -87.67
CA VAL B 685 -1.47 -6.14 -87.71
C VAL B 685 -1.20 -4.66 -87.40
N MET B 686 -2.21 -3.84 -87.64
CA MET B 686 -2.11 -2.40 -87.46
C MET B 686 -3.39 -1.83 -86.86
N ILE B 687 -3.52 -1.85 -85.54
CA ILE B 687 -4.76 -1.41 -84.90
C ILE B 687 -4.91 0.11 -84.82
N ALA B 688 -6.13 0.57 -84.61
CA ALA B 688 -6.38 1.99 -84.43
C ALA B 688 -6.74 2.21 -82.96
N MET B 689 -6.72 3.46 -82.52
CA MET B 689 -7.05 3.78 -81.13
C MET B 689 -8.52 4.14 -80.98
N SER B 690 -8.94 5.20 -81.65
CA SER B 690 -10.33 5.65 -81.59
C SER B 690 -10.91 5.88 -82.98
N PRO B 691 -12.19 5.57 -83.14
CA PRO B 691 -12.87 5.75 -84.43
C PRO B 691 -12.58 7.11 -85.04
N GLU B 692 -12.52 8.14 -84.19
CA GLU B 692 -12.25 9.49 -84.66
C GLU B 692 -11.00 9.54 -85.52
N ASP B 693 -9.97 8.80 -85.10
CA ASP B 693 -8.71 8.75 -85.84
C ASP B 693 -8.92 8.12 -87.22
N LEU B 694 -9.74 7.08 -87.28
CA LEU B 694 -10.03 6.39 -88.53
C LEU B 694 -10.80 7.30 -89.49
N GLU B 695 -11.74 8.06 -88.95
CA GLU B 695 -12.54 8.97 -89.75
C GLU B 695 -11.67 10.07 -90.35
N ALA B 696 -10.75 10.59 -89.57
CA ALA B 696 -9.85 11.64 -90.02
C ALA B 696 -8.95 11.15 -91.16
N SER B 697 -8.48 9.91 -91.02
CA SER B 697 -7.61 9.32 -92.04
C SER B 697 -8.36 9.11 -93.35
N ARG B 698 -9.64 8.75 -93.24
CA ARG B 698 -10.48 8.53 -94.41
C ARG B 698 -10.72 9.84 -95.17
N GLN B 699 -10.87 10.92 -94.42
CA GLN B 699 -11.10 12.24 -95.02
C GLN B 699 -9.86 12.75 -95.71
N MET B 700 -8.69 12.43 -95.16
CA MET B 700 -7.43 12.86 -95.75
C MET B 700 -7.18 12.19 -97.08
N GLN B 701 -7.54 10.92 -97.18
CA GLN B 701 -7.36 10.15 -98.41
C GLN B 701 -7.90 10.91 -99.61
N ALA B 702 -8.47 12.08 -99.36
CA ALA B 702 -9.03 12.91 -100.42
C ALA B 702 -8.88 14.40 -100.10
N GLY B 703 -8.22 14.69 -98.99
CA GLY B 703 -8.00 16.06 -98.57
C GLY B 703 -9.22 16.67 -97.92
N TYR B 704 -9.20 16.75 -96.58
CA TYR B 704 -10.31 17.31 -95.83
C TYR B 704 -9.81 18.08 -94.61
N GLU B 705 -10.31 19.30 -94.45
CA GLU B 705 -9.93 20.14 -93.33
C GLU B 705 -9.72 19.32 -92.06
N VAL B 706 -8.90 19.84 -91.15
CA VAL B 706 -8.63 19.15 -89.89
C VAL B 706 -9.47 19.72 -88.75
N LYS B 707 -9.57 21.05 -88.70
CA LYS B 707 -10.35 21.71 -87.66
C LYS B 707 -9.74 21.49 -86.29
N GLU B 708 -8.59 22.12 -86.03
CA GLU B 708 -7.92 21.99 -84.75
C GLU B 708 -8.06 23.26 -83.91
N GLU B 709 -8.81 24.21 -84.44
CA GLU B 709 -9.03 25.48 -83.74
C GLU B 709 -10.42 25.55 -83.13
N LEU B 710 -11.00 24.38 -82.86
CA LEU B 710 -12.34 24.31 -82.27
C LEU B 710 -12.34 23.41 -81.04
N ASP B 711 -11.34 22.54 -80.93
CA ASP B 711 -11.23 21.64 -79.79
C ASP B 711 -10.91 22.40 -78.51
N PRO B 712 -11.43 21.92 -77.39
CA PRO B 712 -11.19 22.56 -76.10
C PRO B 712 -10.52 21.60 -75.12
N ALA B 713 -9.71 22.15 -74.21
CA ALA B 713 -9.02 21.34 -73.22
C ALA B 713 -9.40 19.86 -73.33
N GLN B 714 -8.44 19.04 -73.75
CA GLN B 714 -8.68 17.61 -73.90
C GLN B 714 -7.38 16.86 -74.16
N ARG B 715 -7.49 15.56 -74.37
CA ARG B 715 -6.32 14.72 -74.63
C ARG B 715 -5.74 14.99 -76.02
N VAL B 716 -4.89 15.99 -76.12
CA VAL B 716 -4.26 16.36 -77.38
C VAL B 716 -3.75 15.13 -78.13
N LYS B 717 -4.54 14.57 -79.05
CA LYS B 717 -4.05 13.45 -79.86
C LYS B 717 -2.87 13.81 -80.80
N PRO B 718 -2.24 12.80 -81.41
CA PRO B 718 -1.18 12.98 -82.42
C PRO B 718 -1.76 13.18 -83.83
N ALA B 719 -1.96 14.42 -84.23
CA ALA B 719 -2.63 14.67 -85.50
C ALA B 719 -1.62 15.10 -86.54
N PRO B 720 -1.91 14.77 -87.82
CA PRO B 720 -3.12 14.01 -88.17
C PRO B 720 -2.87 12.52 -88.07
N ASN B 721 -2.16 11.99 -89.08
CA ASN B 721 -1.91 10.57 -89.19
C ASN B 721 -0.76 10.29 -90.15
N PRO B 722 0.38 9.86 -89.58
CA PRO B 722 1.63 9.64 -90.31
C PRO B 722 1.46 8.58 -91.36
N HIS B 723 1.34 8.95 -92.64
CA HIS B 723 1.31 7.91 -93.65
C HIS B 723 0.18 6.96 -93.28
N VAL B 724 0.41 5.65 -93.32
CA VAL B 724 -0.66 4.68 -92.94
C VAL B 724 -1.94 4.94 -93.76
N HIS B 725 -2.12 4.29 -94.91
CA HIS B 725 -3.26 4.64 -95.77
C HIS B 725 -4.58 4.06 -95.27
N ALA B 726 -4.54 2.81 -94.84
CA ALA B 726 -5.71 2.21 -94.27
C ALA B 726 -5.28 1.35 -93.08
N TRP B 727 -6.17 1.22 -92.11
CA TRP B 727 -5.94 0.50 -90.87
C TRP B 727 -6.46 -0.91 -90.99
N THR B 728 -6.25 -1.71 -89.96
CA THR B 728 -6.70 -3.08 -90.05
C THR B 728 -7.79 -3.40 -89.00
N HIS B 729 -7.47 -3.19 -87.73
CA HIS B 729 -8.44 -3.32 -86.65
C HIS B 729 -8.49 -2.02 -85.81
N CYS B 730 -9.56 -1.81 -85.04
CA CYS B 730 -9.50 -0.73 -84.08
C CYS B 730 -9.97 -1.15 -82.70
N GLU B 731 -9.20 -0.77 -81.68
CA GLU B 731 -9.41 -1.17 -80.29
C GLU B 731 -10.81 -0.80 -79.77
N ILE B 732 -11.44 -1.76 -79.11
CA ILE B 732 -12.82 -1.62 -78.63
C ILE B 732 -13.01 -0.38 -77.74
N HIS B 733 -12.12 -0.21 -76.77
CA HIS B 733 -12.05 0.96 -75.91
C HIS B 733 -10.77 0.80 -75.14
N PRO B 734 -10.03 1.89 -74.92
CA PRO B 734 -8.69 1.71 -74.34
C PRO B 734 -8.78 1.42 -72.84
N ALA B 735 -10.01 1.37 -72.34
CA ALA B 735 -10.18 1.23 -70.90
C ALA B 735 -10.42 -0.20 -70.48
N MET B 736 -10.36 -1.12 -71.42
CA MET B 736 -10.46 -2.52 -71.10
C MET B 736 -9.05 -3.04 -70.98
N ILE B 737 -8.10 -2.13 -71.18
CA ILE B 737 -6.70 -2.46 -71.03
C ILE B 737 -6.33 -2.37 -69.56
N LEU B 738 -7.21 -2.77 -68.65
CA LEU B 738 -6.96 -2.53 -67.24
C LEU B 738 -7.10 -3.77 -66.38
N GLY B 739 -6.38 -3.74 -65.25
CA GLY B 739 -6.51 -4.77 -64.23
C GLY B 739 -7.96 -4.89 -63.83
N ILE B 740 -8.28 -5.91 -63.06
CA ILE B 740 -9.65 -6.14 -62.65
C ILE B 740 -9.92 -5.24 -61.48
N LEU B 741 -8.86 -5.03 -60.70
CA LEU B 741 -8.93 -4.30 -59.46
C LEU B 741 -8.55 -2.85 -59.66
N ALA B 742 -7.87 -2.58 -60.77
CA ALA B 742 -7.48 -1.22 -61.11
C ALA B 742 -8.55 -0.48 -61.91
N SER B 743 -9.55 -1.21 -62.37
CA SER B 743 -10.62 -0.63 -63.17
C SER B 743 -11.67 0.00 -62.27
N ILE B 744 -11.32 0.13 -60.99
CA ILE B 744 -12.25 0.67 -60.04
C ILE B 744 -11.73 2.02 -59.58
N ILE B 745 -10.72 2.54 -60.24
CA ILE B 745 -10.09 3.75 -59.72
C ILE B 745 -10.40 5.03 -60.49
N PRO B 746 -11.08 5.99 -59.86
CA PRO B 746 -11.48 7.16 -60.64
C PRO B 746 -10.34 7.72 -61.41
N PHE B 747 -10.58 8.13 -62.63
CA PHE B 747 -9.62 8.83 -63.45
C PHE B 747 -8.22 8.24 -63.59
N PRO B 748 -8.11 6.92 -63.70
CA PRO B 748 -6.82 6.24 -63.84
C PRO B 748 -5.92 7.01 -64.73
N ASP B 749 -6.23 7.16 -66.01
CA ASP B 749 -5.29 7.87 -66.86
C ASP B 749 -5.33 9.33 -66.45
N HIS B 750 -4.51 9.66 -65.46
CA HIS B 750 -4.43 11.04 -64.96
C HIS B 750 -3.47 11.15 -63.79
N ASN B 751 -3.02 10.00 -63.29
CA ASN B 751 -2.10 9.96 -62.16
C ASN B 751 -0.65 9.95 -62.62
N GLN B 752 0.28 9.92 -61.66
CA GLN B 752 1.71 9.96 -61.97
C GLN B 752 2.24 8.60 -62.38
N SER B 753 1.37 7.60 -62.39
CA SER B 753 1.77 6.24 -62.76
C SER B 753 2.11 5.43 -61.51
N PRO B 754 3.24 5.74 -60.90
CA PRO B 754 3.66 5.06 -59.68
C PRO B 754 2.51 4.95 -58.69
N ARG B 755 1.70 6.00 -58.59
CA ARG B 755 0.55 6.00 -57.71
C ARG B 755 -0.50 5.00 -58.21
N ASN B 756 -0.57 4.84 -59.52
CA ASN B 756 -1.50 3.89 -60.12
C ASN B 756 -1.22 2.47 -59.66
N THR B 757 0.05 2.07 -59.70
CA THR B 757 0.46 0.75 -59.25
C THR B 757 -0.14 0.44 -57.89
N TYR B 758 -0.24 1.48 -57.06
CA TYR B 758 -0.83 1.35 -55.72
C TYR B 758 -2.34 1.25 -55.82
N GLN B 759 -3.01 1.42 -54.68
CA GLN B 759 -4.47 1.34 -54.64
C GLN B 759 -4.95 -0.05 -55.06
N SER B 760 -4.41 -0.54 -56.16
CA SER B 760 -4.75 -1.87 -56.65
C SER B 760 -4.27 -2.94 -55.68
N ALA B 761 -2.97 -2.91 -55.37
CA ALA B 761 -2.40 -3.86 -54.44
C ALA B 761 -2.95 -3.64 -53.04
N MET B 762 -3.16 -2.37 -52.69
CA MET B 762 -3.73 -2.02 -51.40
C MET B 762 -5.23 -2.24 -51.39
N GLY B 763 -5.87 -1.99 -52.53
CA GLY B 763 -7.30 -2.19 -52.66
C GLY B 763 -7.74 -3.53 -52.13
N LYS B 764 -7.00 -4.58 -52.51
CA LYS B 764 -7.30 -5.93 -52.04
C LYS B 764 -7.36 -5.96 -50.52
N GLN B 765 -6.67 -5.02 -49.89
CA GLN B 765 -6.65 -4.91 -48.44
C GLN B 765 -7.75 -3.97 -47.98
N ALA B 766 -8.74 -3.73 -48.82
CA ALA B 766 -9.80 -2.81 -48.44
C ALA B 766 -10.67 -3.52 -47.46
N MET B 767 -11.84 -2.93 -47.22
CA MET B 767 -12.81 -3.52 -46.31
C MET B 767 -14.19 -3.26 -46.85
N GLY B 768 -15.05 -4.25 -46.75
CA GLY B 768 -16.42 -4.11 -47.20
C GLY B 768 -17.10 -5.46 -47.22
N VAL B 769 -18.21 -5.58 -47.95
CA VAL B 769 -18.90 -6.87 -48.02
C VAL B 769 -18.40 -7.71 -49.18
N TYR B 770 -17.99 -8.94 -48.89
CA TYR B 770 -17.33 -9.79 -49.87
C TYR B 770 -18.27 -10.76 -50.51
N LEU B 771 -19.38 -11.05 -49.85
CA LEU B 771 -20.35 -12.03 -50.32
C LEU B 771 -21.68 -11.85 -49.59
N THR B 772 -22.77 -11.80 -50.33
CA THR B 772 -24.07 -11.62 -49.71
C THR B 772 -24.36 -12.66 -48.61
N ASN B 773 -23.64 -13.77 -48.61
CA ASN B 773 -23.94 -14.83 -47.65
C ASN B 773 -22.83 -15.09 -46.65
N TYR B 774 -22.21 -14.04 -46.11
CA TYR B 774 -21.12 -14.21 -45.15
C TYR B 774 -21.70 -14.70 -43.84
N GLN B 775 -22.95 -14.34 -43.60
CA GLN B 775 -23.61 -14.63 -42.34
C GLN B 775 -23.73 -16.13 -42.15
N VAL B 776 -23.80 -16.86 -43.25
CA VAL B 776 -24.03 -18.29 -43.17
C VAL B 776 -22.71 -19.05 -43.23
N ARG B 777 -21.81 -18.56 -44.07
CA ARG B 777 -20.48 -19.12 -44.16
C ARG B 777 -19.70 -18.93 -42.84
N MET B 778 -19.42 -20.04 -42.16
CA MET B 778 -18.46 -20.02 -41.06
C MET B 778 -17.07 -19.94 -41.71
N ASP B 779 -16.28 -18.93 -41.33
CA ASP B 779 -15.06 -18.59 -42.05
C ASP B 779 -14.15 -17.81 -41.09
N THR B 780 -12.88 -18.18 -41.03
CA THR B 780 -11.93 -17.51 -40.15
C THR B 780 -11.53 -16.14 -40.67
N MET B 781 -11.36 -15.17 -39.77
CA MET B 781 -11.00 -13.81 -40.16
C MET B 781 -11.87 -13.28 -41.30
N ALA B 782 -12.95 -12.61 -40.94
CA ALA B 782 -13.78 -11.94 -41.93
C ALA B 782 -14.05 -10.50 -41.50
N ASN B 783 -14.08 -9.59 -42.47
CA ASN B 783 -14.24 -8.17 -42.20
C ASN B 783 -15.32 -7.56 -43.09
N ILE B 784 -16.43 -7.11 -42.51
CA ILE B 784 -17.48 -6.46 -43.31
C ILE B 784 -17.72 -5.00 -42.91
N LEU B 785 -18.55 -4.30 -43.68
CA LEU B 785 -18.83 -2.88 -43.41
C LEU B 785 -20.25 -2.65 -42.87
N TYR B 786 -20.38 -1.88 -41.80
CA TYR B 786 -21.70 -1.52 -41.32
C TYR B 786 -22.50 -0.83 -42.42
N TYR B 787 -21.87 0.12 -43.09
CA TYR B 787 -22.57 0.91 -44.11
C TYR B 787 -21.71 1.19 -45.34
N PRO B 788 -21.80 0.33 -46.36
CA PRO B 788 -21.08 0.50 -47.62
C PRO B 788 -21.79 1.47 -48.56
N GLN B 789 -21.05 2.07 -49.48
CA GLN B 789 -21.61 3.03 -50.44
C GLN B 789 -21.03 3.02 -51.85
N LYS B 790 -21.85 3.37 -52.83
CA LYS B 790 -21.39 3.53 -54.22
C LYS B 790 -20.40 4.69 -54.41
N PRO B 791 -19.27 4.41 -55.04
CA PRO B 791 -18.19 5.33 -55.31
C PRO B 791 -18.55 6.71 -55.85
N LEU B 792 -19.81 7.15 -55.79
CA LEU B 792 -20.13 8.50 -56.24
C LEU B 792 -19.69 8.77 -57.68
N ALA B 793 -18.40 9.07 -57.85
CA ALA B 793 -17.81 9.26 -59.17
C ALA B 793 -17.13 7.97 -59.56
N THR B 794 -17.82 7.20 -60.38
CA THR B 794 -17.38 5.86 -60.74
C THR B 794 -17.28 5.67 -62.25
N THR B 795 -16.49 4.70 -62.69
CA THR B 795 -16.29 4.42 -64.11
C THR B 795 -17.36 3.51 -64.68
N ARG B 796 -17.65 3.69 -65.95
CA ARG B 796 -18.63 2.87 -66.64
C ARG B 796 -18.08 1.48 -66.87
N SER B 797 -17.33 0.96 -65.89
CA SER B 797 -16.77 -0.38 -66.04
C SER B 797 -16.88 -1.20 -64.77
N MET B 798 -17.90 -0.90 -63.99
CA MET B 798 -18.15 -1.61 -62.75
C MET B 798 -19.41 -2.41 -62.85
N GLU B 799 -20.34 -1.95 -63.68
CA GLU B 799 -21.57 -2.71 -63.89
C GLU B 799 -21.23 -4.17 -64.05
N TYR B 800 -20.02 -4.42 -64.57
CA TYR B 800 -19.56 -5.77 -64.85
C TYR B 800 -18.82 -6.33 -63.64
N LEU B 801 -18.06 -5.48 -62.95
CA LEU B 801 -17.33 -5.92 -61.77
C LEU B 801 -18.25 -6.05 -60.55
N LYS B 802 -19.55 -6.04 -60.82
CA LYS B 802 -20.57 -6.14 -59.79
C LYS B 802 -20.18 -5.30 -58.58
N PHE B 803 -19.51 -4.18 -58.82
CA PHE B 803 -18.88 -3.43 -57.74
C PHE B 803 -19.82 -2.52 -56.97
N ARG B 804 -20.72 -1.85 -57.67
CA ARG B 804 -21.72 -1.01 -57.01
C ARG B 804 -22.61 -1.81 -56.07
N GLU B 805 -22.61 -3.14 -56.19
CA GLU B 805 -23.53 -4.00 -55.43
C GLU B 805 -22.90 -4.46 -54.14
N LEU B 806 -21.58 -4.36 -54.07
CA LEU B 806 -20.83 -4.77 -52.90
C LEU B 806 -19.59 -3.92 -52.69
N PRO B 807 -19.79 -2.61 -52.46
CA PRO B 807 -18.73 -1.60 -52.39
C PRO B 807 -17.69 -1.84 -51.30
N ALA B 808 -16.47 -1.40 -51.59
CA ALA B 808 -15.35 -1.45 -50.66
C ALA B 808 -15.30 -0.07 -50.06
N GLY B 809 -15.89 0.87 -50.79
CA GLY B 809 -15.76 2.28 -50.45
C GLY B 809 -16.75 2.77 -49.41
N GLN B 810 -16.63 4.06 -49.10
CA GLN B 810 -17.58 4.77 -48.25
C GLN B 810 -17.31 6.27 -48.39
N ASN B 811 -18.31 7.02 -48.83
CA ASN B 811 -18.10 8.39 -49.25
C ASN B 811 -18.01 9.35 -48.12
N ALA B 812 -16.93 10.12 -48.11
CA ALA B 812 -16.65 10.92 -46.94
C ALA B 812 -16.39 12.38 -47.26
N ILE B 813 -17.22 13.26 -46.75
CA ILE B 813 -16.99 14.67 -46.99
C ILE B 813 -15.61 15.02 -46.57
N VAL B 814 -14.65 14.96 -47.49
CA VAL B 814 -13.26 15.25 -47.18
C VAL B 814 -12.92 16.71 -47.39
N ALA B 815 -11.98 17.22 -46.61
CA ALA B 815 -11.50 18.58 -46.81
C ALA B 815 -10.00 18.67 -46.59
N ILE B 816 -9.29 18.99 -47.66
CA ILE B 816 -7.86 19.15 -47.58
C ILE B 816 -7.51 20.45 -46.88
N LEU B 817 -7.21 20.40 -45.57
CA LEU B 817 -6.78 21.60 -44.84
C LEU B 817 -5.54 21.36 -44.03
N CYS B 818 -4.74 22.40 -43.86
CA CYS B 818 -3.62 22.37 -42.95
C CYS B 818 -4.14 22.97 -41.65
N TYR B 819 -4.55 22.13 -40.70
CA TYR B 819 -5.36 22.61 -39.58
C TYR B 819 -5.08 21.85 -38.31
N SER B 820 -4.39 22.52 -37.39
CA SER B 820 -3.82 21.93 -36.20
C SER B 820 -2.39 21.56 -36.51
N GLY B 821 -2.17 20.25 -36.64
CA GLY B 821 -0.87 19.73 -37.01
C GLY B 821 -0.84 18.23 -36.85
N TYR B 822 -2.01 17.66 -36.60
CA TYR B 822 -2.13 16.23 -36.36
C TYR B 822 -2.32 15.44 -37.66
N ASN B 823 -2.74 16.14 -38.72
CA ASN B 823 -2.86 15.58 -40.06
C ASN B 823 -1.62 15.88 -40.88
N GLN B 824 -0.48 15.37 -40.45
CA GLN B 824 0.77 15.77 -41.07
C GLN B 824 1.41 14.64 -41.88
N GLU B 825 2.43 14.98 -42.68
CA GLU B 825 3.22 13.99 -43.42
C GLU B 825 2.46 12.68 -43.59
N ASP B 826 1.66 12.63 -44.65
CA ASP B 826 0.86 11.44 -44.95
C ASP B 826 0.13 10.92 -43.72
N SER B 827 -0.82 11.72 -43.22
CA SER B 827 -1.68 11.31 -42.12
C SER B 827 -2.92 12.19 -42.04
N ILE B 828 -4.01 11.66 -41.50
CA ILE B 828 -5.29 12.36 -41.55
C ILE B 828 -6.03 12.45 -40.24
N ILE B 829 -6.84 13.51 -40.09
CA ILE B 829 -7.65 13.67 -38.88
C ILE B 829 -9.12 13.60 -39.15
N MET B 830 -9.82 12.76 -38.42
CA MET B 830 -11.20 12.46 -38.71
C MET B 830 -12.13 13.01 -37.66
N ASN B 831 -13.35 13.30 -38.10
CA ASN B 831 -14.37 13.85 -37.24
C ASN B 831 -15.04 12.82 -36.34
N GLN B 832 -14.93 13.00 -35.03
CA GLN B 832 -15.50 12.05 -34.08
C GLN B 832 -17.03 11.95 -34.16
N ALA B 833 -17.70 13.08 -34.39
CA ALA B 833 -19.15 13.09 -34.50
C ALA B 833 -19.61 12.05 -35.49
N SER B 834 -18.83 11.93 -36.56
CA SER B 834 -19.16 11.05 -37.66
C SER B 834 -18.91 9.61 -37.25
N ILE B 835 -17.70 9.34 -36.78
CA ILE B 835 -17.35 7.98 -36.43
C ILE B 835 -18.33 7.47 -35.38
N ASP B 836 -19.02 8.40 -34.73
CA ASP B 836 -19.99 8.10 -33.69
C ASP B 836 -21.32 7.64 -34.28
N ARG B 837 -21.56 8.00 -35.53
CA ARG B 837 -22.83 7.66 -36.17
C ARG B 837 -22.62 6.54 -37.13
N GLY B 838 -21.36 6.23 -37.39
CA GLY B 838 -21.03 5.01 -38.03
C GLY B 838 -19.99 5.12 -39.11
N LEU B 839 -19.22 6.21 -39.18
CA LEU B 839 -18.24 6.20 -40.24
C LEU B 839 -17.44 4.94 -40.07
N PHE B 840 -17.13 4.32 -41.18
CA PHE B 840 -16.21 3.19 -41.23
C PHE B 840 -16.26 2.35 -39.96
N ARG B 841 -17.44 1.95 -39.55
CA ARG B 841 -17.52 0.98 -38.49
C ARG B 841 -17.51 -0.38 -39.14
N SER B 842 -16.69 -1.29 -38.64
CA SER B 842 -16.59 -2.62 -39.21
C SER B 842 -16.75 -3.68 -38.14
N ILE B 843 -17.03 -4.90 -38.59
CA ILE B 843 -17.11 -6.10 -37.74
C ILE B 843 -15.93 -7.05 -38.02
N PHE B 844 -15.54 -7.89 -37.05
CA PHE B 844 -14.39 -8.79 -37.23
C PHE B 844 -14.67 -10.19 -36.77
N TYR B 845 -15.32 -11.01 -37.61
CA TYR B 845 -15.65 -12.37 -37.19
C TYR B 845 -14.40 -13.20 -37.19
N ARG B 846 -14.22 -14.01 -36.14
CA ARG B 846 -13.16 -14.98 -36.13
C ARG B 846 -13.79 -16.29 -35.74
N THR B 847 -13.23 -17.38 -36.26
CA THR B 847 -13.83 -18.70 -36.08
C THR B 847 -12.80 -19.74 -35.68
N TYR B 848 -13.17 -20.52 -34.67
CA TYR B 848 -12.28 -21.51 -34.08
C TYR B 848 -12.71 -22.91 -34.46
N THR B 849 -11.85 -23.60 -35.19
CA THR B 849 -12.12 -24.95 -35.62
C THR B 849 -11.62 -25.91 -34.55
N ASP B 850 -12.35 -26.99 -34.32
CA ASP B 850 -11.87 -28.07 -33.45
C ASP B 850 -12.61 -29.41 -33.63
N GLN B 851 -11.87 -30.47 -33.99
CA GLN B 851 -12.42 -31.81 -34.19
C GLN B 851 -12.31 -32.68 -32.92
N GLU B 852 -12.02 -33.96 -33.12
CA GLU B 852 -11.89 -34.91 -32.02
C GLU B 852 -11.04 -36.13 -32.43
N LYS B 853 -9.73 -35.94 -32.46
CA LYS B 853 -8.81 -37.01 -32.84
C LYS B 853 -9.05 -38.24 -31.97
N LYS B 854 -8.84 -39.41 -32.56
CA LYS B 854 -8.92 -40.66 -31.83
C LYS B 854 -7.95 -41.68 -32.40
N ILE B 855 -6.90 -41.98 -31.66
CA ILE B 855 -5.94 -42.99 -32.06
C ILE B 855 -6.38 -44.36 -31.59
N GLY B 856 -5.97 -44.74 -30.39
CA GLY B 856 -6.27 -46.06 -29.87
C GLY B 856 -5.67 -47.14 -30.76
N MET B 857 -6.01 -48.40 -30.51
CA MET B 857 -6.94 -48.78 -29.45
C MET B 857 -8.27 -48.06 -29.58
N THR B 858 -8.88 -47.76 -28.44
CA THR B 858 -10.13 -47.01 -28.41
C THR B 858 -10.02 -45.92 -27.37
N VAL B 859 -9.41 -44.81 -27.75
CA VAL B 859 -9.25 -43.68 -26.85
C VAL B 859 -10.31 -42.64 -27.14
N MET B 860 -11.20 -42.44 -26.19
CA MET B 860 -12.24 -41.42 -26.35
C MET B 860 -11.70 -40.06 -25.93
N GLU B 861 -12.40 -39.01 -26.34
CA GLU B 861 -11.99 -37.63 -26.06
C GLU B 861 -13.19 -36.74 -26.32
N GLU B 862 -14.13 -36.71 -25.39
CA GLU B 862 -15.36 -35.94 -25.60
C GLU B 862 -15.20 -34.49 -25.20
N PHE B 863 -16.13 -33.67 -25.67
CA PHE B 863 -16.13 -32.24 -25.39
C PHE B 863 -16.72 -31.96 -24.00
N GLU B 864 -16.46 -32.87 -23.07
CA GLU B 864 -16.95 -32.73 -21.71
C GLU B 864 -16.38 -31.47 -21.05
N ARG B 865 -17.14 -30.86 -20.17
CA ARG B 865 -16.67 -29.70 -19.41
C ARG B 865 -15.64 -30.11 -18.36
N PRO B 866 -14.41 -29.64 -18.54
CA PRO B 866 -13.32 -29.96 -17.59
C PRO B 866 -13.76 -29.80 -16.15
N VAL B 867 -13.44 -30.79 -15.32
CA VAL B 867 -13.81 -30.75 -13.90
C VAL B 867 -12.58 -30.58 -13.03
N ARG B 868 -12.48 -29.44 -12.36
CA ARG B 868 -11.35 -29.14 -11.48
C ARG B 868 -11.29 -30.13 -10.31
N SER B 869 -11.41 -31.42 -10.63
CA SER B 869 -11.38 -32.46 -9.61
C SER B 869 -10.40 -33.57 -10.00
N THR B 870 -9.91 -33.52 -11.23
CA THR B 870 -8.97 -34.52 -11.72
C THR B 870 -8.48 -34.17 -13.13
N THR B 871 -8.46 -32.88 -13.44
CA THR B 871 -8.01 -32.41 -14.74
C THR B 871 -6.49 -32.47 -14.85
N LEU B 872 -5.86 -31.30 -14.90
CA LEU B 872 -4.41 -31.20 -15.01
C LEU B 872 -3.96 -31.13 -16.46
N ARG B 873 -3.70 -29.91 -16.93
CA ARG B 873 -3.83 -28.72 -16.10
C ARG B 873 -4.28 -27.53 -16.92
N MET B 874 -4.97 -26.59 -16.27
CA MET B 874 -5.46 -25.39 -16.94
C MET B 874 -6.06 -24.42 -15.94
N LYS B 875 -5.48 -23.22 -15.87
CA LYS B 875 -5.96 -22.18 -14.96
C LYS B 875 -6.45 -20.96 -15.72
N HIS B 876 -6.53 -19.83 -15.03
CA HIS B 876 -7.00 -18.59 -15.64
C HIS B 876 -8.11 -18.85 -16.66
N GLY B 877 -9.11 -19.60 -16.23
CA GLY B 877 -10.24 -19.93 -17.11
C GLY B 877 -10.85 -18.68 -17.74
N THR B 878 -12.14 -18.47 -17.46
CA THR B 878 -12.89 -19.34 -16.60
C THR B 878 -13.79 -20.22 -17.43
N TYR B 879 -14.01 -21.44 -16.97
CA TYR B 879 -14.87 -22.35 -17.67
C TYR B 879 -16.30 -22.11 -17.23
N ASP B 880 -16.48 -21.13 -16.33
CA ASP B 880 -17.80 -20.78 -15.84
C ASP B 880 -18.72 -20.38 -16.98
N LYS B 881 -18.16 -20.22 -18.17
CA LYS B 881 -18.93 -19.79 -19.34
C LYS B 881 -19.31 -20.93 -20.29
N LEU B 882 -18.96 -22.16 -19.96
CA LEU B 882 -19.35 -23.32 -20.75
C LEU B 882 -20.65 -23.91 -20.25
N GLU B 883 -21.47 -24.42 -21.17
CA GLU B 883 -22.73 -25.03 -20.80
C GLU B 883 -22.49 -26.45 -20.31
N ASP B 884 -23.56 -27.20 -20.06
CA ASP B 884 -23.44 -28.60 -19.68
C ASP B 884 -22.82 -29.38 -20.84
N ASP B 885 -22.92 -28.80 -22.02
CA ASP B 885 -22.44 -29.40 -23.27
C ASP B 885 -20.93 -29.22 -23.44
N GLY B 886 -20.32 -28.42 -22.56
CA GLY B 886 -18.92 -28.12 -22.66
C GLY B 886 -18.62 -27.10 -23.75
N LEU B 887 -19.68 -26.52 -24.32
CA LEU B 887 -19.55 -25.49 -25.35
C LEU B 887 -20.30 -24.24 -24.95
N ILE B 888 -19.86 -23.09 -25.47
CA ILE B 888 -20.50 -21.83 -25.10
C ILE B 888 -21.80 -21.54 -25.87
N ALA B 889 -22.66 -20.73 -25.27
CA ALA B 889 -23.91 -20.37 -25.91
C ALA B 889 -23.90 -18.92 -26.35
N PRO B 890 -24.11 -18.70 -27.63
CA PRO B 890 -24.26 -17.34 -28.17
C PRO B 890 -25.45 -16.69 -27.51
N GLY B 891 -25.34 -15.39 -27.26
CA GLY B 891 -24.12 -14.67 -27.55
C GLY B 891 -23.53 -14.17 -26.25
N THR B 892 -22.88 -15.07 -25.53
CA THR B 892 -22.29 -14.71 -24.23
C THR B 892 -21.07 -13.80 -24.33
N ARG B 893 -21.19 -12.62 -23.72
CA ARG B 893 -20.10 -11.65 -23.71
C ARG B 893 -18.79 -12.32 -23.34
N VAL B 894 -17.99 -12.67 -24.34
CA VAL B 894 -16.69 -13.25 -24.05
C VAL B 894 -15.60 -12.21 -24.18
N SER B 895 -14.65 -12.22 -23.26
CA SER B 895 -13.49 -11.36 -23.33
C SER B 895 -12.26 -12.17 -22.96
N GLY B 896 -11.16 -11.46 -22.67
CA GLY B 896 -9.94 -12.05 -22.16
C GLY B 896 -9.56 -13.42 -22.68
N GLU B 897 -8.81 -14.15 -21.87
CA GLU B 897 -8.34 -15.49 -22.22
C GLU B 897 -9.41 -16.55 -21.91
N ASP B 898 -10.67 -16.09 -21.83
CA ASP B 898 -11.80 -16.98 -21.61
C ASP B 898 -11.74 -18.21 -22.51
N ILE B 899 -12.38 -19.29 -22.09
CA ILE B 899 -12.38 -20.51 -22.88
C ILE B 899 -13.77 -20.84 -23.38
N ILE B 900 -13.85 -21.65 -24.42
CA ILE B 900 -15.09 -21.78 -25.17
C ILE B 900 -15.46 -23.23 -25.46
N ILE B 901 -14.46 -24.09 -25.46
CA ILE B 901 -14.68 -25.54 -25.62
C ILE B 901 -13.86 -26.27 -24.53
N GLY B 902 -14.05 -27.59 -24.38
CA GLY B 902 -13.30 -28.31 -23.39
C GLY B 902 -12.97 -29.69 -23.88
N LYS B 903 -11.74 -30.15 -23.66
CA LYS B 903 -11.34 -31.48 -24.12
C LYS B 903 -10.94 -32.40 -22.97
N THR B 904 -10.72 -33.67 -23.30
CA THR B 904 -10.29 -34.62 -22.27
C THR B 904 -9.64 -35.85 -22.91
N ALA B 905 -8.51 -36.27 -22.34
CA ALA B 905 -7.73 -37.39 -22.88
C ALA B 905 -7.20 -38.33 -21.79
N PRO B 906 -7.72 -39.56 -21.75
CA PRO B 906 -7.29 -40.53 -20.76
C PRO B 906 -5.78 -40.78 -20.78
N ILE B 907 -5.24 -41.37 -19.71
CA ILE B 907 -3.83 -41.73 -19.64
C ILE B 907 -3.64 -43.16 -19.08
N GLN B 919 -6.09 -42.20 -9.49
CA GLN B 919 -6.84 -41.54 -8.43
C GLN B 919 -6.15 -40.25 -8.01
N LEU B 920 -6.69 -39.11 -8.45
CA LEU B 920 -7.84 -39.10 -9.35
C LEU B 920 -7.37 -38.93 -10.79
N HIS B 921 -7.28 -40.06 -11.50
CA HIS B 921 -6.74 -40.09 -12.86
C HIS B 921 -7.67 -40.85 -13.80
N ALA B 922 -7.70 -40.46 -15.07
CA ALA B 922 -6.88 -39.36 -15.56
C ALA B 922 -7.59 -38.58 -16.66
N LYS B 923 -7.68 -37.28 -16.49
CA LYS B 923 -8.27 -36.40 -17.50
C LYS B 923 -7.32 -35.24 -17.84
N ARG B 924 -6.94 -35.14 -19.12
CA ARG B 924 -6.08 -34.06 -19.57
C ARG B 924 -6.94 -32.91 -20.09
N ASP B 925 -6.28 -31.93 -20.72
CA ASP B 925 -7.01 -30.78 -21.27
C ASP B 925 -6.37 -30.26 -22.55
N VAL B 926 -6.93 -30.66 -23.71
CA VAL B 926 -6.41 -30.24 -25.00
C VAL B 926 -7.38 -29.25 -25.59
N SER B 927 -8.08 -28.54 -24.71
CA SER B 927 -9.06 -27.55 -25.15
C SER B 927 -8.38 -26.26 -25.54
N THR B 928 -9.03 -25.53 -26.45
CA THR B 928 -8.50 -24.28 -26.98
C THR B 928 -9.16 -23.06 -26.31
N PRO B 929 -8.33 -22.13 -25.78
CA PRO B 929 -8.75 -20.85 -25.15
C PRO B 929 -9.07 -19.79 -26.19
N LEU B 930 -8.90 -18.52 -25.83
CA LEU B 930 -9.18 -17.43 -26.76
C LEU B 930 -8.16 -16.31 -26.63
N ARG B 931 -7.42 -16.02 -27.70
CA ARG B 931 -6.36 -15.03 -27.60
C ARG B 931 -6.86 -13.74 -26.94
N SER B 932 -6.19 -13.34 -25.86
CA SER B 932 -6.60 -12.17 -25.10
C SER B 932 -6.79 -10.95 -26.00
N THR B 933 -5.91 -10.81 -26.98
CA THR B 933 -5.95 -9.67 -27.87
C THR B 933 -7.34 -9.44 -28.53
N GLU B 934 -8.20 -10.45 -28.48
CA GLU B 934 -9.55 -10.37 -29.07
C GLU B 934 -10.60 -10.23 -27.98
N SER B 935 -11.80 -9.78 -28.34
CA SER B 935 -12.90 -9.68 -27.39
C SER B 935 -14.24 -9.84 -28.08
N GLY B 936 -15.31 -9.36 -27.44
CA GLY B 936 -16.63 -9.32 -28.03
C GLY B 936 -17.46 -10.60 -27.93
N ILE B 937 -18.72 -10.54 -28.36
CA ILE B 937 -19.61 -11.67 -28.19
C ILE B 937 -19.40 -12.78 -29.20
N VAL B 938 -20.32 -13.74 -29.19
CA VAL B 938 -20.20 -14.98 -29.93
C VAL B 938 -21.32 -15.13 -30.95
N ASP B 939 -21.00 -15.04 -32.25
CA ASP B 939 -22.05 -15.05 -33.26
C ASP B 939 -22.88 -16.34 -33.18
N GLN B 940 -22.26 -17.45 -33.57
CA GLN B 940 -22.93 -18.74 -33.46
C GLN B 940 -21.98 -19.91 -33.58
N VAL B 941 -22.41 -21.07 -33.10
CA VAL B 941 -21.60 -22.28 -33.10
C VAL B 941 -22.33 -23.40 -33.85
N MET B 942 -21.55 -24.24 -34.52
CA MET B 942 -22.11 -25.30 -35.37
C MET B 942 -21.44 -26.63 -35.03
N VAL B 943 -22.24 -27.53 -34.48
CA VAL B 943 -21.75 -28.85 -34.08
C VAL B 943 -22.23 -29.95 -35.01
N THR B 944 -21.30 -30.52 -35.76
CA THR B 944 -21.64 -31.57 -36.71
C THR B 944 -20.80 -32.82 -36.49
N THR B 945 -20.78 -33.70 -37.49
CA THR B 945 -20.07 -34.96 -37.37
C THR B 945 -19.02 -35.08 -38.46
N ASN B 946 -17.88 -35.68 -38.13
CA ASN B 946 -16.83 -35.91 -39.12
C ASN B 946 -16.64 -37.39 -39.39
N GLN B 947 -15.79 -37.71 -40.36
CA GLN B 947 -15.55 -39.09 -40.74
C GLN B 947 -14.16 -39.29 -41.34
N GLU B 948 -13.15 -39.53 -40.52
CA GLU B 948 -13.24 -39.58 -39.05
C GLU B 948 -14.32 -40.52 -38.52
N GLY B 949 -15.10 -40.02 -37.57
CA GLY B 949 -16.17 -40.80 -36.97
C GLY B 949 -16.58 -40.30 -35.60
N LEU B 950 -16.21 -39.06 -35.29
CA LEU B 950 -16.54 -38.46 -33.98
C LEU B 950 -17.35 -37.18 -34.11
N LYS B 951 -17.19 -36.29 -33.13
CA LYS B 951 -17.85 -34.98 -33.13
C LYS B 951 -16.92 -33.90 -33.67
N PHE B 952 -17.49 -32.75 -33.99
CA PHE B 952 -16.77 -31.71 -34.73
C PHE B 952 -17.45 -30.36 -34.57
N VAL B 953 -16.82 -29.45 -33.81
CA VAL B 953 -17.45 -28.19 -33.47
C VAL B 953 -16.71 -27.01 -34.09
N LYS B 954 -17.48 -25.97 -34.44
CA LYS B 954 -16.95 -24.69 -34.90
C LYS B 954 -17.63 -23.50 -34.19
N VAL B 955 -16.82 -22.60 -33.62
CA VAL B 955 -17.30 -21.45 -32.87
C VAL B 955 -16.90 -20.18 -33.60
N ARG B 956 -17.85 -19.26 -33.77
CA ARG B 956 -17.57 -17.97 -34.38
C ARG B 956 -18.00 -16.85 -33.45
N MET B 957 -17.09 -15.92 -33.18
CA MET B 957 -17.43 -14.76 -32.37
C MET B 957 -17.22 -13.47 -33.16
N ARG B 958 -18.15 -12.53 -32.99
CA ARG B 958 -18.09 -11.23 -33.65
C ARG B 958 -17.49 -10.20 -32.71
N SER B 959 -16.88 -9.14 -33.26
CA SER B 959 -16.27 -8.12 -32.41
C SER B 959 -16.29 -6.78 -33.15
N THR B 960 -17.31 -5.97 -32.93
CA THR B 960 -17.38 -4.70 -33.65
C THR B 960 -16.02 -4.01 -33.57
N ARG B 961 -15.64 -3.28 -34.61
CA ARG B 961 -14.43 -2.49 -34.52
C ARG B 961 -14.72 -1.09 -35.03
N ILE B 962 -14.50 -0.12 -34.15
CA ILE B 962 -14.70 1.30 -34.46
C ILE B 962 -13.37 1.91 -34.91
N PRO B 963 -13.44 3.07 -35.55
CA PRO B 963 -12.22 3.79 -35.93
C PRO B 963 -11.59 4.40 -34.70
N GLN B 964 -10.27 4.31 -34.60
CA GLN B 964 -9.52 4.82 -33.46
C GLN B 964 -8.27 5.41 -34.02
N ILE B 965 -7.68 6.36 -33.31
CA ILE B 965 -6.45 6.94 -33.77
C ILE B 965 -5.45 5.85 -34.08
N GLY B 966 -4.87 5.86 -35.27
CA GLY B 966 -3.92 4.84 -35.61
C GLY B 966 -4.40 3.82 -36.64
N ASP B 967 -5.68 3.85 -37.00
CA ASP B 967 -6.22 2.99 -38.07
C ASP B 967 -5.85 3.53 -39.43
N LYS B 968 -5.71 2.63 -40.40
CA LYS B 968 -5.35 3.04 -41.77
C LYS B 968 -6.59 3.41 -42.61
N PHE B 969 -6.46 4.47 -43.40
CA PHE B 969 -7.41 4.71 -44.47
C PHE B 969 -6.63 5.24 -45.66
N ALA B 970 -7.11 4.94 -46.86
CA ALA B 970 -6.55 5.50 -48.07
C ALA B 970 -7.62 5.59 -49.18
N SER B 971 -7.52 6.60 -50.03
CA SER B 971 -8.46 6.78 -51.12
C SER B 971 -8.19 5.78 -52.22
N ARG B 972 -8.63 6.06 -53.43
CA ARG B 972 -8.35 5.12 -54.48
C ARG B 972 -7.27 5.68 -55.37
N HIS B 973 -6.31 6.32 -54.73
CA HIS B 973 -5.17 6.85 -55.47
C HIS B 973 -3.84 6.64 -54.78
N GLY B 974 -3.85 5.85 -53.71
CA GLY B 974 -2.61 5.52 -53.01
C GLY B 974 -2.22 6.68 -52.14
N GLN B 975 -3.20 7.16 -51.38
CA GLN B 975 -2.98 8.14 -50.33
C GLN B 975 -3.05 7.39 -49.02
N LYS B 976 -2.22 6.37 -48.88
CA LYS B 976 -2.07 5.67 -47.62
C LYS B 976 -2.12 6.76 -46.57
N GLY B 977 -3.16 6.74 -45.74
CA GLY B 977 -3.24 7.63 -44.59
C GLY B 977 -3.48 6.89 -43.27
N THR B 978 -3.13 7.52 -42.16
CA THR B 978 -3.49 7.02 -40.82
C THR B 978 -4.14 8.13 -39.98
N ILE B 979 -5.05 7.77 -39.08
CA ILE B 979 -5.72 8.77 -38.26
C ILE B 979 -4.78 9.34 -37.22
N GLY B 980 -4.80 10.66 -37.05
CA GLY B 980 -3.88 11.31 -36.13
C GLY B 980 -4.61 11.87 -34.93
N MET B 981 -5.90 12.14 -35.11
CA MET B 981 -6.69 12.78 -34.08
C MET B 981 -8.16 12.70 -34.35
N THR B 982 -8.96 12.83 -33.31
CA THR B 982 -10.39 12.80 -33.49
C THR B 982 -11.01 14.02 -32.82
N TYR B 983 -11.19 15.09 -33.59
CA TYR B 983 -11.89 16.29 -33.15
C TYR B 983 -13.41 16.09 -33.17
N ARG B 984 -14.08 16.55 -32.10
CA ARG B 984 -15.55 16.50 -31.96
C ARG B 984 -16.13 17.57 -32.88
N HIS B 985 -17.44 17.67 -32.98
CA HIS B 985 -18.05 18.42 -34.09
C HIS B 985 -17.79 19.95 -34.12
N GLU B 986 -17.75 20.54 -32.93
CA GLU B 986 -17.56 21.99 -32.78
C GLU B 986 -16.21 22.46 -33.29
N ASP B 987 -15.14 21.79 -32.84
CA ASP B 987 -13.78 22.16 -33.22
C ASP B 987 -13.62 22.24 -34.73
N MET B 988 -14.05 21.20 -35.44
CA MET B 988 -13.84 21.11 -36.87
C MET B 988 -14.40 22.32 -37.54
N PRO B 989 -13.79 22.76 -38.65
CA PRO B 989 -14.14 23.95 -39.41
C PRO B 989 -15.57 23.95 -39.92
N PHE B 990 -16.53 24.18 -39.03
CA PHE B 990 -17.91 24.28 -39.49
C PHE B 990 -18.11 25.52 -40.31
N SER B 991 -18.32 25.24 -41.60
CA SER B 991 -18.35 26.24 -42.65
C SER B 991 -19.06 25.73 -43.91
N ALA B 992 -19.85 26.57 -44.57
CA ALA B 992 -20.35 27.80 -44.01
C ALA B 992 -21.77 27.55 -44.38
N GLN B 993 -21.92 26.39 -44.99
CA GLN B 993 -23.18 25.95 -45.55
C GLN B 993 -24.20 25.59 -44.46
N GLY B 994 -23.75 25.19 -43.28
CA GLY B 994 -22.35 24.97 -42.98
C GLY B 994 -22.13 23.53 -42.55
N ILE B 995 -21.45 22.76 -43.39
CA ILE B 995 -21.17 21.37 -43.07
C ILE B 995 -19.85 21.24 -42.35
N VAL B 996 -19.43 20.00 -42.12
CA VAL B 996 -18.19 19.74 -41.40
C VAL B 996 -17.50 18.58 -42.08
N PRO B 997 -16.19 18.74 -42.36
CA PRO B 997 -15.44 17.67 -42.98
C PRO B 997 -15.54 16.40 -42.19
N ASP B 998 -15.71 15.27 -42.87
CA ASP B 998 -15.71 13.97 -42.20
C ASP B 998 -14.28 13.54 -41.91
N ILE B 999 -13.37 13.75 -42.85
CA ILE B 999 -11.94 13.60 -42.56
C ILE B 999 -11.21 14.67 -43.31
N ILE B 1000 -10.01 15.06 -42.84
CA ILE B 1000 -9.25 16.10 -43.56
C ILE B 1000 -7.77 15.83 -43.72
N ILE B 1001 -7.35 15.70 -44.96
CA ILE B 1001 -5.99 15.35 -45.29
C ILE B 1001 -5.23 16.62 -45.47
N ASN B 1002 -3.93 16.49 -45.43
CA ASN B 1002 -3.07 17.62 -45.49
C ASN B 1002 -2.59 17.90 -46.87
N PRO B 1003 -2.57 19.17 -47.25
CA PRO B 1003 -2.13 19.62 -48.55
C PRO B 1003 -0.72 19.20 -48.95
N HIS B 1004 0.14 18.76 -48.07
CA HIS B 1004 1.45 18.41 -48.58
C HIS B 1004 1.46 17.02 -49.21
N ALA B 1005 0.33 16.31 -49.13
CA ALA B 1005 0.25 15.03 -49.77
C ALA B 1005 -0.32 15.20 -51.17
N ILE B 1006 0.02 16.30 -51.82
CA ILE B 1006 -0.41 16.52 -53.20
C ILE B 1006 0.74 16.75 -54.15
N PRO B 1007 1.33 17.94 -54.16
CA PRO B 1007 2.28 18.36 -55.18
C PRO B 1007 3.40 17.38 -55.49
N SER B 1008 3.87 16.61 -54.52
CA SER B 1008 5.08 15.79 -54.72
C SER B 1008 4.68 14.43 -55.23
N ARG B 1009 3.54 13.96 -54.74
CA ARG B 1009 2.96 12.67 -55.17
C ARG B 1009 2.05 12.85 -56.38
N MET B 1010 2.12 14.02 -57.01
CA MET B 1010 1.29 14.37 -58.17
C MET B 1010 0.16 13.44 -58.37
N THR B 1011 -1.00 13.75 -57.87
CA THR B 1011 -2.00 12.76 -57.93
C THR B 1011 -3.24 13.56 -58.13
N VAL B 1012 -3.24 14.25 -59.26
CA VAL B 1012 -4.29 15.20 -59.59
C VAL B 1012 -5.64 14.53 -59.78
N ALA B 1013 -5.65 13.21 -59.74
CA ALA B 1013 -6.90 12.52 -59.84
C ALA B 1013 -7.67 12.63 -58.54
N HIS B 1014 -6.98 12.46 -57.43
CA HIS B 1014 -7.63 12.59 -56.13
C HIS B 1014 -8.42 13.88 -56.17
N LEU B 1015 -7.79 14.97 -56.64
CA LEU B 1015 -8.47 16.24 -56.74
C LEU B 1015 -9.72 16.10 -57.59
N VAL B 1016 -9.52 15.81 -58.86
CA VAL B 1016 -10.63 15.77 -59.81
C VAL B 1016 -11.82 15.05 -59.22
N GLU B 1017 -11.59 13.88 -58.65
CA GLU B 1017 -12.66 13.04 -58.15
C GLU B 1017 -13.56 13.83 -57.22
N CYS B 1018 -12.93 14.64 -56.36
CA CYS B 1018 -13.62 15.42 -55.35
C CYS B 1018 -14.42 16.57 -55.94
N GLN B 1019 -13.93 17.16 -57.03
CA GLN B 1019 -14.66 18.22 -57.70
C GLN B 1019 -15.88 17.61 -58.37
N LEU B 1020 -15.76 16.35 -58.78
CA LEU B 1020 -16.82 15.66 -59.49
C LEU B 1020 -17.83 15.01 -58.55
N SER B 1021 -17.34 14.38 -57.50
CA SER B 1021 -18.23 13.85 -56.48
C SER B 1021 -19.20 14.95 -56.08
N LYS B 1022 -18.64 16.07 -55.63
CA LYS B 1022 -19.45 17.23 -55.30
C LYS B 1022 -20.58 17.36 -56.35
N VAL B 1023 -20.24 17.42 -57.63
CA VAL B 1023 -21.22 17.71 -58.68
C VAL B 1023 -22.34 16.68 -58.77
N SER B 1024 -22.22 15.56 -58.07
CA SER B 1024 -23.37 14.72 -57.84
C SER B 1024 -24.04 15.25 -56.56
N ALA B 1025 -23.95 16.57 -56.41
CA ALA B 1025 -24.71 17.33 -55.44
C ALA B 1025 -26.11 17.50 -55.98
N LEU B 1026 -26.44 18.74 -56.33
CA LEU B 1026 -27.78 19.06 -56.83
C LEU B 1026 -27.95 18.50 -58.24
N SER B 1027 -27.86 17.19 -58.33
CA SER B 1027 -28.02 16.47 -59.58
C SER B 1027 -28.31 15.03 -59.23
N GLY B 1028 -27.33 14.38 -58.62
CA GLY B 1028 -27.48 12.98 -58.27
C GLY B 1028 -27.08 12.17 -59.49
N PHE B 1029 -26.90 12.88 -60.60
CA PHE B 1029 -26.38 12.22 -61.78
C PHE B 1029 -25.06 11.55 -61.39
N GLU B 1030 -25.13 10.24 -61.20
CA GLU B 1030 -23.93 9.45 -60.99
C GLU B 1030 -22.88 9.87 -61.98
N GLY B 1031 -21.90 10.63 -61.53
CA GLY B 1031 -20.88 11.13 -62.46
C GLY B 1031 -19.85 10.11 -62.90
N ASP B 1032 -19.88 9.70 -64.15
CA ASP B 1032 -18.94 8.70 -64.65
C ASP B 1032 -17.51 9.20 -64.58
N ALA B 1033 -16.59 8.29 -64.28
CA ALA B 1033 -15.19 8.67 -64.11
C ALA B 1033 -14.34 7.92 -65.11
N THR B 1034 -14.97 7.50 -66.20
CA THR B 1034 -14.36 6.66 -67.24
C THR B 1034 -13.00 7.12 -67.74
N PRO B 1035 -11.98 6.26 -67.59
CA PRO B 1035 -10.56 6.47 -67.88
C PRO B 1035 -10.20 7.43 -69.02
N PHE B 1036 -10.81 7.26 -70.20
CA PHE B 1036 -10.54 8.18 -71.31
C PHE B 1036 -11.82 8.68 -71.92
N THR B 1037 -12.22 9.87 -71.56
CA THR B 1037 -13.46 10.40 -72.08
C THR B 1037 -13.22 11.88 -72.31
N ASP B 1038 -14.21 12.54 -72.92
CA ASP B 1038 -14.11 13.95 -73.26
C ASP B 1038 -14.25 14.81 -72.02
N VAL B 1039 -14.69 14.18 -70.93
CA VAL B 1039 -14.99 14.90 -69.68
C VAL B 1039 -13.75 15.58 -69.11
N THR B 1040 -13.81 16.89 -68.97
CA THR B 1040 -12.62 17.61 -68.50
C THR B 1040 -12.86 18.47 -67.25
N VAL B 1041 -11.77 18.89 -66.64
CA VAL B 1041 -11.83 19.78 -65.48
C VAL B 1041 -12.66 20.99 -65.86
N GLU B 1042 -12.23 21.67 -66.92
CA GLU B 1042 -12.91 22.86 -67.41
C GLU B 1042 -14.38 22.57 -67.67
N ALA B 1043 -14.73 21.30 -67.82
CA ALA B 1043 -16.11 20.93 -68.11
C ALA B 1043 -16.93 20.89 -66.84
N VAL B 1044 -16.36 20.25 -65.82
CA VAL B 1044 -17.05 20.03 -64.55
C VAL B 1044 -17.18 21.34 -63.82
N SER B 1045 -16.15 22.16 -63.94
CA SER B 1045 -16.17 23.48 -63.36
C SER B 1045 -17.45 24.23 -63.74
N LYS B 1046 -17.70 24.43 -65.04
CA LYS B 1046 -18.92 25.11 -65.46
C LYS B 1046 -20.09 24.48 -64.75
N LEU B 1047 -20.06 23.16 -64.63
CA LEU B 1047 -21.14 22.45 -63.96
C LEU B 1047 -21.19 22.83 -62.51
N LEU B 1048 -20.13 23.48 -62.00
CA LEU B 1048 -20.11 23.84 -60.58
C LEU B 1048 -20.89 25.09 -60.23
N ARG B 1049 -20.46 26.26 -60.68
CA ARG B 1049 -21.19 27.44 -60.26
C ARG B 1049 -22.64 27.22 -60.65
N SER B 1050 -22.86 26.31 -61.60
CA SER B 1050 -24.20 25.94 -62.01
C SER B 1050 -25.10 25.64 -60.81
N HIS B 1051 -24.50 25.42 -59.64
CA HIS B 1051 -25.29 25.14 -58.44
C HIS B 1051 -25.08 26.18 -57.35
N GLY B 1052 -24.23 27.16 -57.63
CA GLY B 1052 -24.05 28.30 -56.74
C GLY B 1052 -22.68 28.38 -56.08
N PHE B 1053 -21.86 27.35 -56.30
CA PHE B 1053 -20.55 27.19 -55.66
C PHE B 1053 -19.39 27.74 -56.50
N GLN B 1054 -18.17 27.48 -56.10
CA GLN B 1054 -17.00 27.99 -56.82
C GLN B 1054 -16.48 27.02 -57.89
N SER B 1055 -16.42 27.52 -59.12
CA SER B 1055 -16.08 26.68 -60.27
C SER B 1055 -14.67 26.06 -60.21
N ARG B 1056 -14.33 25.42 -59.10
CA ARG B 1056 -12.93 25.05 -58.87
C ARG B 1056 -12.78 24.23 -57.60
N GLY B 1057 -13.91 24.06 -56.92
CA GLY B 1057 -14.03 23.20 -55.75
C GLY B 1057 -14.13 23.98 -54.47
N PHE B 1058 -13.24 24.96 -54.32
CA PHE B 1058 -13.03 25.74 -53.11
C PHE B 1058 -14.29 26.12 -52.33
N GLU B 1059 -14.11 26.82 -51.21
CA GLU B 1059 -15.21 27.37 -50.42
C GLU B 1059 -14.56 28.17 -49.27
N VAL B 1060 -15.28 29.12 -48.70
CA VAL B 1060 -14.75 29.89 -47.57
C VAL B 1060 -14.97 29.04 -46.37
N MET B 1061 -14.20 29.24 -45.32
CA MET B 1061 -14.27 28.32 -44.19
C MET B 1061 -14.16 29.00 -42.83
N TYR B 1062 -15.03 28.64 -41.90
CA TYR B 1062 -15.00 29.30 -40.61
C TYR B 1062 -14.40 28.42 -39.54
N HIS B 1063 -13.38 28.95 -38.86
CA HIS B 1063 -12.70 28.26 -37.79
C HIS B 1063 -13.63 27.81 -36.69
N GLY B 1064 -13.29 26.70 -36.07
CA GLY B 1064 -14.16 26.10 -35.08
C GLY B 1064 -14.06 26.73 -33.70
N HIS B 1065 -12.88 27.23 -33.39
CA HIS B 1065 -12.68 27.90 -32.13
C HIS B 1065 -13.27 29.31 -32.21
N THR B 1066 -12.68 30.16 -33.04
CA THR B 1066 -13.05 31.57 -33.04
C THR B 1066 -14.26 32.02 -33.90
N GLY B 1067 -14.40 31.53 -35.12
CA GLY B 1067 -15.43 32.03 -36.01
C GLY B 1067 -14.80 32.89 -37.07
N ARG B 1068 -13.52 33.17 -36.88
CA ARG B 1068 -12.77 33.85 -37.91
C ARG B 1068 -12.86 33.06 -39.22
N LYS B 1069 -13.12 33.74 -40.31
CA LYS B 1069 -12.91 33.16 -41.62
C LYS B 1069 -11.46 32.73 -41.69
N LEU B 1070 -11.19 31.65 -42.39
CA LEU B 1070 -9.80 31.34 -42.69
C LEU B 1070 -9.32 32.20 -43.87
N VAL B 1071 -8.15 32.82 -43.70
CA VAL B 1071 -7.51 33.55 -44.76
C VAL B 1071 -7.60 32.80 -46.08
N ALA B 1072 -7.16 31.55 -46.09
CA ALA B 1072 -7.17 30.75 -47.30
C ALA B 1072 -8.49 30.05 -47.51
N GLN B 1073 -8.71 29.66 -48.75
CA GLN B 1073 -9.90 28.95 -49.15
C GLN B 1073 -9.66 27.46 -49.19
N VAL B 1074 -10.60 26.71 -48.63
CA VAL B 1074 -10.41 25.28 -48.50
C VAL B 1074 -11.00 24.56 -49.69
N PHE B 1075 -10.29 23.52 -50.12
CA PHE B 1075 -10.80 22.57 -51.08
C PHE B 1075 -11.55 21.50 -50.34
N LEU B 1076 -12.83 21.75 -50.16
CA LEU B 1076 -13.70 20.83 -49.49
C LEU B 1076 -14.51 20.12 -50.56
N GLY B 1077 -14.57 18.80 -50.50
CA GLY B 1077 -15.37 18.06 -51.44
C GLY B 1077 -15.28 16.57 -51.24
N PRO B 1078 -16.42 15.94 -51.01
CA PRO B 1078 -16.63 14.50 -50.83
C PRO B 1078 -15.65 13.68 -51.62
N THR B 1079 -15.40 12.49 -51.10
CA THR B 1079 -14.82 11.41 -51.86
C THR B 1079 -14.95 10.18 -50.98
N TYR B 1080 -14.70 9.02 -51.54
CA TYR B 1080 -14.78 7.84 -50.70
C TYR B 1080 -13.40 7.37 -50.42
N TYR B 1081 -13.19 7.13 -49.13
CA TYR B 1081 -11.98 6.53 -48.63
C TYR B 1081 -12.30 5.11 -48.26
N GLN B 1082 -11.29 4.27 -48.42
CA GLN B 1082 -11.40 2.86 -48.07
C GLN B 1082 -10.90 2.54 -46.64
N ARG B 1083 -11.73 1.90 -45.82
CA ARG B 1083 -11.31 1.42 -44.52
C ARG B 1083 -10.36 0.25 -44.73
N LEU B 1084 -9.05 0.49 -44.68
CA LEU B 1084 -8.05 -0.56 -44.85
C LEU B 1084 -8.09 -1.57 -43.71
N LYS B 1085 -7.54 -2.76 -43.93
CA LYS B 1085 -7.48 -3.77 -42.86
C LYS B 1085 -6.19 -3.59 -42.09
N HIS B 1086 -5.88 -4.55 -41.25
CA HIS B 1086 -4.87 -4.33 -40.23
C HIS B 1086 -5.12 -3.00 -39.53
N LEU B 1087 -5.86 -3.13 -38.44
CA LEU B 1087 -6.17 -2.07 -37.50
C LEU B 1087 -5.05 -1.99 -36.45
N VAL B 1088 -5.17 -1.11 -35.47
CA VAL B 1088 -4.09 -0.95 -34.51
C VAL B 1088 -4.11 -1.98 -33.40
N ASP B 1089 -5.24 -2.07 -32.72
CA ASP B 1089 -5.39 -2.99 -31.59
C ASP B 1089 -4.95 -4.42 -31.91
N ASP B 1090 -4.54 -4.67 -33.15
CA ASP B 1090 -4.06 -5.98 -33.52
C ASP B 1090 -2.54 -5.93 -33.70
N LYS B 1091 -2.02 -4.72 -33.90
CA LYS B 1091 -0.59 -4.53 -34.15
C LYS B 1091 0.27 -4.07 -32.96
N ILE B 1092 -0.33 -3.73 -31.81
CA ILE B 1092 0.46 -3.31 -30.64
C ILE B 1092 1.08 -4.53 -30.02
N HIS B 1093 2.27 -4.38 -29.46
CA HIS B 1093 3.02 -5.51 -28.92
C HIS B 1093 3.85 -5.05 -27.74
N ALA B 1094 3.90 -5.86 -26.67
CA ALA B 1094 4.66 -5.51 -25.48
C ALA B 1094 5.19 -6.76 -24.78
N ARG B 1095 6.49 -6.79 -24.51
CA ARG B 1095 7.11 -7.92 -23.84
C ARG B 1095 7.67 -7.52 -22.47
N ALA B 1096 8.02 -8.52 -21.68
CA ALA B 1096 8.56 -8.27 -20.34
C ALA B 1096 8.61 -9.57 -19.52
N ARG B 1097 9.68 -10.34 -19.74
CA ARG B 1097 9.85 -11.60 -19.02
C ARG B 1097 8.81 -12.64 -19.45
N GLY B 1098 8.56 -12.70 -20.75
CA GLY B 1098 7.59 -13.64 -21.30
C GLY B 1098 8.19 -15.01 -21.56
N PRO B 1099 7.35 -15.95 -21.96
CA PRO B 1099 7.80 -17.32 -22.26
C PRO B 1099 9.04 -17.31 -23.14
N VAL B 1100 9.70 -18.47 -23.24
CA VAL B 1100 10.89 -18.60 -24.07
C VAL B 1100 11.02 -19.99 -24.66
N GLN B 1101 11.72 -20.10 -25.78
CA GLN B 1101 11.90 -21.39 -26.46
C GLN B 1101 12.47 -22.39 -25.48
N ILE B 1102 12.45 -23.66 -25.84
CA ILE B 1102 12.98 -24.65 -24.94
C ILE B 1102 14.42 -24.95 -25.32
N LEU B 1103 14.68 -25.00 -26.61
CA LEU B 1103 15.99 -25.38 -27.13
C LEU B 1103 17.02 -24.29 -26.97
N THR B 1104 16.65 -23.06 -27.30
CA THR B 1104 17.57 -21.95 -27.24
C THR B 1104 17.41 -21.14 -25.97
N ARG B 1105 16.22 -21.21 -25.38
CA ARG B 1105 15.93 -20.52 -24.13
C ARG B 1105 15.90 -19.00 -24.30
N GLN B 1106 15.68 -18.53 -25.51
CA GLN B 1106 15.47 -17.11 -25.76
C GLN B 1106 14.01 -16.89 -25.99
N PRO B 1107 13.63 -15.63 -26.16
CA PRO B 1107 12.21 -15.23 -26.20
C PRO B 1107 11.45 -15.74 -27.44
N VAL B 1108 10.20 -16.16 -27.27
CA VAL B 1108 9.40 -16.64 -28.39
C VAL B 1108 9.24 -15.58 -29.47
N GLU B 1109 8.51 -15.91 -30.52
CA GLU B 1109 8.29 -14.98 -31.62
C GLU B 1109 6.93 -14.29 -31.49
N GLY B 1110 6.67 -13.32 -32.36
CA GLY B 1110 5.42 -12.59 -32.35
C GLY B 1110 4.23 -13.48 -32.01
N ARG B 1111 3.14 -12.86 -31.57
CA ARG B 1111 1.93 -13.58 -31.22
C ARG B 1111 2.11 -14.34 -29.91
N SER B 1112 1.39 -15.45 -29.77
CA SER B 1112 1.46 -16.26 -28.56
C SER B 1112 0.93 -15.50 -27.35
N ARG B 1113 1.84 -14.97 -26.54
CA ARG B 1113 1.46 -14.21 -25.35
C ARG B 1113 2.68 -13.90 -24.49
N ASP B 1114 3.55 -13.03 -25.01
CA ASP B 1114 3.35 -12.43 -26.32
C ASP B 1114 4.60 -11.72 -26.79
N GLY B 1115 5.76 -12.28 -26.46
CA GLY B 1115 7.04 -11.70 -26.85
C GLY B 1115 7.92 -12.69 -27.58
N GLY B 1116 9.12 -12.24 -27.96
CA GLY B 1116 9.54 -10.87 -27.68
C GLY B 1116 9.53 -10.00 -28.91
N LEU B 1117 10.56 -9.17 -29.05
CA LEU B 1117 10.68 -8.28 -30.19
C LEU B 1117 11.70 -8.79 -31.20
N ARG B 1118 12.81 -8.07 -31.33
CA ARG B 1118 13.87 -8.45 -32.26
C ARG B 1118 14.93 -7.35 -32.40
N PHE B 1119 16.19 -7.66 -32.05
CA PHE B 1119 17.29 -6.68 -32.00
C PHE B 1119 18.34 -6.98 -33.07
N GLY B 1120 18.10 -6.49 -34.29
CA GLY B 1120 18.86 -6.92 -35.44
C GLY B 1120 20.35 -6.70 -35.38
N GLU B 1121 21.11 -7.36 -36.25
CA GLU B 1121 22.52 -7.07 -36.42
C GLU B 1121 22.60 -5.59 -36.71
N MET B 1122 21.86 -5.18 -37.74
CA MET B 1122 21.75 -3.78 -38.10
C MET B 1122 21.68 -2.98 -36.81
N GLU B 1123 20.67 -3.28 -35.99
CA GLU B 1123 20.39 -2.51 -34.80
C GLU B 1123 21.60 -2.31 -33.91
N ARG B 1124 22.28 -3.41 -33.59
CA ARG B 1124 23.43 -3.42 -32.67
C ARG B 1124 24.60 -2.57 -33.18
N ASP B 1125 24.80 -2.58 -34.50
CA ASP B 1125 25.87 -1.81 -35.11
C ASP B 1125 25.67 -0.32 -34.82
N CYS B 1126 24.50 0.04 -34.30
CA CYS B 1126 24.20 1.46 -34.09
C CYS B 1126 24.49 1.88 -32.68
N GLN B 1127 24.36 0.97 -31.73
CA GLN B 1127 24.77 1.33 -30.40
C GLN B 1127 26.23 1.66 -30.51
N ILE B 1128 26.96 0.78 -31.20
CA ILE B 1128 28.40 0.88 -31.25
C ILE B 1128 28.84 2.22 -31.79
N SER B 1129 28.13 2.73 -32.79
CA SER B 1129 28.38 4.07 -33.27
C SER B 1129 28.34 5.10 -32.12
N HIS B 1130 27.24 5.16 -31.36
CA HIS B 1130 27.16 6.09 -30.22
C HIS B 1130 28.28 5.80 -29.27
N GLY B 1131 28.30 4.57 -28.76
CA GLY B 1131 29.33 4.10 -27.84
C GLY B 1131 28.79 3.61 -26.50
N CYS B 1132 27.73 2.81 -26.53
CA CYS B 1132 27.11 2.38 -25.28
C CYS B 1132 27.46 0.94 -24.89
N SER B 1133 28.64 0.78 -24.28
CA SER B 1133 29.06 -0.54 -23.83
C SER B 1133 27.93 -1.19 -23.05
N SER B 1134 27.31 -0.43 -22.15
CA SER B 1134 26.44 -0.98 -21.13
C SER B 1134 25.03 -1.25 -21.62
N VAL B 1135 24.46 -0.32 -22.38
CA VAL B 1135 23.18 -0.58 -23.04
C VAL B 1135 23.31 -1.83 -23.89
N LEU B 1136 24.36 -1.86 -24.69
CA LEU B 1136 24.62 -2.99 -25.56
C LEU B 1136 24.61 -4.29 -24.75
N ARG B 1137 25.50 -4.36 -23.77
CA ARG B 1137 25.62 -5.54 -22.91
C ARG B 1137 24.30 -5.86 -22.25
N GLU B 1138 23.52 -4.83 -21.91
CA GLU B 1138 22.27 -5.05 -21.21
C GLU B 1138 21.24 -5.71 -22.13
N ARG B 1139 21.17 -5.25 -23.38
CA ARG B 1139 20.15 -5.71 -24.33
C ARG B 1139 20.58 -6.91 -25.13
N LEU B 1140 21.50 -7.71 -24.60
CA LEU B 1140 21.93 -8.93 -25.26
C LEU B 1140 22.29 -10.05 -24.28
N PHE B 1141 22.90 -9.69 -23.16
CA PHE B 1141 23.35 -10.71 -22.21
C PHE B 1141 22.64 -10.63 -20.88
N ASP B 1142 21.52 -9.90 -20.86
CA ASP B 1142 20.78 -9.67 -19.63
C ASP B 1142 19.29 -9.73 -19.91
N CYS B 1143 18.86 -8.86 -20.81
CA CYS B 1143 17.44 -8.69 -21.09
C CYS B 1143 16.96 -9.79 -22.02
N SER B 1144 17.71 -10.88 -22.11
CA SER B 1144 17.27 -11.99 -22.93
C SER B 1144 17.73 -13.34 -22.36
N ASP B 1145 19.04 -13.49 -22.14
CA ASP B 1145 19.60 -14.78 -21.73
C ASP B 1145 20.32 -14.76 -20.37
N ALA B 1146 19.89 -13.90 -19.48
CA ALA B 1146 20.55 -13.81 -18.18
C ALA B 1146 20.87 -15.22 -17.70
N TYR B 1147 22.05 -15.71 -18.09
CA TYR B 1147 22.50 -17.02 -17.64
C TYR B 1147 23.93 -17.08 -17.08
N ARG B 1148 24.08 -17.64 -15.88
CA ARG B 1148 25.38 -17.75 -15.21
C ARG B 1148 25.79 -19.21 -15.04
N VAL B 1149 27.09 -19.46 -15.20
CA VAL B 1149 27.66 -20.79 -15.08
C VAL B 1149 29.00 -20.69 -14.34
N ILE B 1150 29.46 -21.83 -13.80
CA ILE B 1150 30.72 -21.86 -13.06
C ILE B 1150 31.81 -22.66 -13.75
N VAL B 1151 33.09 -22.12 -14.09
CA VAL B 1151 34.15 -22.64 -14.94
C VAL B 1151 35.35 -23.05 -14.11
N CYS B 1152 35.93 -24.19 -14.47
CA CYS B 1152 37.17 -24.64 -13.86
C CYS B 1152 38.33 -23.77 -14.30
N ASP B 1153 39.28 -23.52 -13.40
CA ASP B 1153 40.34 -22.58 -13.72
C ASP B 1153 41.43 -23.16 -14.61
N ILE B 1154 41.64 -24.47 -14.54
CA ILE B 1154 42.65 -25.09 -15.40
C ILE B 1154 42.10 -25.41 -16.80
N CYS B 1155 41.13 -26.32 -16.88
CA CYS B 1155 40.45 -26.61 -18.14
C CYS B 1155 39.05 -25.97 -18.15
N GLY B 1156 38.95 -24.81 -18.78
CA GLY B 1156 37.76 -23.97 -18.71
C GLY B 1156 36.47 -24.60 -19.21
N LEU B 1157 35.79 -25.32 -18.32
CA LEU B 1157 34.58 -26.05 -18.69
C LEU B 1157 33.56 -26.09 -17.56
N ILE B 1158 32.33 -26.43 -17.92
CA ILE B 1158 31.25 -26.52 -16.95
C ILE B 1158 31.63 -27.50 -15.84
N ALA B 1159 31.30 -27.12 -14.62
CA ALA B 1159 31.68 -27.93 -13.47
C ALA B 1159 30.48 -28.70 -12.92
N ILE B 1160 30.69 -29.30 -11.77
CA ILE B 1160 29.60 -29.89 -11.03
C ILE B 1160 29.22 -28.89 -9.96
N ALA B 1161 28.64 -27.78 -10.37
CA ALA B 1161 28.31 -26.68 -9.48
C ALA B 1161 26.93 -26.85 -8.81
N SER B 1162 26.76 -26.26 -7.62
CA SER B 1162 25.51 -26.39 -6.89
C SER B 1162 25.02 -25.07 -6.29
N TYR B 1163 25.90 -24.07 -6.27
CA TYR B 1163 25.56 -22.75 -5.74
C TYR B 1163 24.62 -22.83 -4.54
N LYS B 1164 24.78 -23.86 -3.72
CA LYS B 1164 23.96 -24.01 -2.53
C LYS B 1164 24.83 -24.51 -1.41
N LYS B 1165 25.34 -25.72 -1.59
CA LYS B 1165 26.21 -26.33 -0.62
C LYS B 1165 27.66 -26.05 -0.98
N ASP B 1166 27.88 -24.94 -1.70
CA ASP B 1166 29.23 -24.54 -2.11
C ASP B 1166 30.07 -25.68 -2.65
N SER B 1167 29.41 -26.73 -3.15
CA SER B 1167 30.13 -27.87 -3.68
C SER B 1167 30.32 -27.70 -5.18
N TYR B 1168 31.57 -27.69 -5.61
CA TYR B 1168 31.88 -27.49 -7.02
C TYR B 1168 32.51 -28.74 -7.61
N GLU B 1169 33.74 -29.01 -7.20
CA GLU B 1169 34.42 -30.26 -7.55
C GLU B 1169 34.63 -30.42 -9.06
N CYS B 1170 35.64 -31.19 -9.42
CA CYS B 1170 35.94 -31.43 -10.82
C CYS B 1170 36.50 -32.82 -11.05
N ARG B 1171 35.70 -33.68 -11.65
CA ARG B 1171 36.12 -35.03 -11.95
C ARG B 1171 36.97 -35.04 -13.21
N SER B 1172 38.17 -34.46 -13.13
CA SER B 1172 39.06 -34.41 -14.27
C SER B 1172 40.34 -33.69 -13.92
N CYS B 1173 40.23 -32.39 -13.67
CA CYS B 1173 41.39 -31.61 -13.23
C CYS B 1173 41.58 -31.82 -11.72
N GLN B 1174 40.64 -32.53 -11.10
CA GLN B 1174 40.71 -32.83 -9.68
C GLN B 1174 40.69 -31.56 -8.83
N ASN B 1175 39.81 -30.63 -9.19
CA ASN B 1175 39.72 -29.35 -8.48
C ASN B 1175 38.55 -29.27 -7.52
N ARG B 1176 38.75 -28.52 -6.43
CA ARG B 1176 37.70 -28.31 -5.46
C ARG B 1176 37.85 -26.95 -4.77
N THR B 1177 39.01 -26.31 -4.97
CA THR B 1177 39.26 -25.01 -4.34
C THR B 1177 39.40 -23.90 -5.36
N ARG B 1178 40.01 -24.20 -6.51
CA ARG B 1178 40.23 -23.23 -7.56
C ARG B 1178 39.07 -23.15 -8.53
N PHE B 1179 38.28 -22.08 -8.44
CA PHE B 1179 37.17 -21.87 -9.37
C PHE B 1179 36.90 -20.40 -9.65
N SER B 1180 36.16 -20.16 -10.72
CA SER B 1180 35.72 -18.81 -11.08
C SER B 1180 34.36 -18.87 -11.78
N GLN B 1181 33.59 -17.79 -11.67
CA GLN B 1181 32.28 -17.74 -12.29
C GLN B 1181 32.29 -16.92 -13.56
N VAL B 1182 31.40 -17.25 -14.48
CA VAL B 1182 31.31 -16.56 -15.78
C VAL B 1182 29.87 -16.32 -16.19
N TYR B 1183 29.65 -15.14 -16.75
CA TYR B 1183 28.37 -14.82 -17.36
C TYR B 1183 28.43 -15.12 -18.87
N LEU B 1184 27.53 -15.99 -19.33
CA LEU B 1184 27.40 -16.36 -20.75
C LEU B 1184 25.93 -16.48 -21.11
N PRO B 1185 25.58 -16.17 -22.36
CA PRO B 1185 24.20 -16.46 -22.76
C PRO B 1185 23.99 -17.95 -22.96
N TYR B 1186 22.92 -18.50 -22.40
CA TYR B 1186 22.52 -19.89 -22.64
C TYR B 1186 22.71 -20.12 -24.11
N ALA B 1187 22.68 -19.02 -24.83
CA ALA B 1187 23.01 -18.99 -26.24
C ALA B 1187 24.44 -19.52 -26.38
N ALA B 1188 25.38 -18.76 -25.87
CA ALA B 1188 26.74 -19.21 -25.80
C ALA B 1188 26.78 -20.65 -25.27
N LYS B 1189 26.22 -20.86 -24.08
CA LYS B 1189 26.25 -22.16 -23.45
C LYS B 1189 26.08 -23.30 -24.45
N LEU B 1190 24.97 -23.27 -25.17
CA LEU B 1190 24.66 -24.31 -26.15
C LEU B 1190 25.83 -24.56 -27.07
N LEU B 1191 26.30 -23.51 -27.71
CA LEU B 1191 27.42 -23.63 -28.66
C LEU B 1191 28.62 -24.37 -28.05
N PHE B 1192 29.10 -23.91 -26.90
CA PHE B 1192 30.24 -24.59 -26.28
C PHE B 1192 29.94 -26.08 -26.07
N GLN B 1193 28.73 -26.36 -25.62
CA GLN B 1193 28.28 -27.73 -25.43
C GLN B 1193 28.26 -28.47 -26.77
N GLU B 1194 27.60 -27.87 -27.75
CA GLU B 1194 27.53 -28.43 -29.09
C GLU B 1194 28.93 -28.67 -29.64
N LEU B 1195 29.92 -27.97 -29.10
CA LEU B 1195 31.29 -28.13 -29.55
C LEU B 1195 31.87 -29.40 -28.92
N MET B 1196 31.50 -29.64 -27.65
CA MET B 1196 31.92 -30.83 -26.96
C MET B 1196 31.58 -32.08 -27.76
N SER B 1197 30.44 -32.05 -28.45
CA SER B 1197 30.07 -33.19 -29.27
C SER B 1197 31.00 -33.33 -30.47
N MET B 1198 31.68 -32.26 -30.81
CA MET B 1198 32.63 -32.32 -31.92
C MET B 1198 34.05 -32.42 -31.38
N ASN B 1199 34.17 -32.83 -30.13
CA ASN B 1199 35.46 -33.17 -29.53
C ASN B 1199 36.45 -32.02 -29.44
N ILE B 1200 35.92 -30.79 -29.40
CA ILE B 1200 36.75 -29.59 -29.25
C ILE B 1200 36.38 -28.79 -28.01
N ALA B 1201 37.39 -28.38 -27.27
CA ALA B 1201 37.21 -27.81 -25.94
C ALA B 1201 37.55 -26.34 -25.90
N PRO B 1202 36.52 -25.51 -25.93
CA PRO B 1202 36.78 -24.10 -25.70
C PRO B 1202 37.07 -23.87 -24.22
N ARG B 1203 38.34 -23.90 -23.87
CA ARG B 1203 38.75 -23.56 -22.52
C ARG B 1203 38.59 -22.05 -22.27
N LEU B 1204 37.78 -21.71 -21.27
CA LEU B 1204 37.54 -20.31 -20.93
C LEU B 1204 38.55 -19.82 -19.90
N PHE B 1205 39.83 -19.89 -20.24
CA PHE B 1205 40.89 -19.45 -19.34
C PHE B 1205 40.65 -18.01 -18.87
N THR B 1206 40.02 -17.89 -17.71
CA THR B 1206 39.73 -16.57 -17.14
C THR B 1206 41.01 -15.85 -16.74
N LYS B 1207 40.87 -14.86 -15.85
CA LYS B 1207 42.02 -14.10 -15.38
C LYS B 1207 43.12 -15.02 -14.86
N ASN B 1208 44.03 -14.45 -14.07
CA ASN B 1208 45.13 -15.22 -13.50
C ASN B 1208 44.72 -16.65 -13.17
N HIS B 1209 43.42 -16.86 -12.97
CA HIS B 1209 42.89 -18.18 -12.65
C HIS B 1209 43.39 -19.23 -13.64
N LYS B 1210 44.08 -18.77 -14.68
CA LYS B 1210 44.60 -19.66 -15.71
C LYS B 1210 45.22 -20.91 -15.09
N GLU C 4 -33.59 47.36 -30.05
CA GLU C 4 -32.30 48.03 -30.18
C GLU C 4 -31.67 47.88 -31.57
N THR C 5 -31.66 46.68 -32.13
CA THR C 5 -32.20 45.48 -31.49
C THR C 5 -31.10 44.46 -31.27
N HIS C 6 -31.40 43.18 -31.49
CA HIS C 6 -30.39 42.12 -31.40
C HIS C 6 -30.63 40.95 -32.35
N ILE C 7 -31.89 40.60 -32.60
CA ILE C 7 -32.20 39.53 -33.55
C ILE C 7 -33.16 40.05 -34.62
N THR C 8 -33.05 39.51 -35.83
CA THR C 8 -33.95 39.84 -36.92
C THR C 8 -34.24 38.57 -37.69
N ILE C 9 -35.26 37.82 -37.28
CA ILE C 9 -35.60 36.56 -37.98
C ILE C 9 -36.17 36.77 -39.39
N ARG C 10 -36.03 35.76 -40.25
CA ARG C 10 -36.65 35.80 -41.58
C ARG C 10 -37.75 34.77 -41.70
N ASN C 11 -37.37 33.61 -42.25
CA ASN C 11 -38.28 32.49 -42.38
C ASN C 11 -38.11 31.52 -41.21
N ILE C 12 -39.16 30.77 -40.90
CA ILE C 12 -39.09 29.67 -39.96
C ILE C 12 -39.77 28.47 -40.58
N SER C 13 -39.60 27.31 -39.97
CA SER C 13 -40.34 26.12 -40.37
C SER C 13 -40.63 25.25 -39.16
N LYS C 14 -40.54 23.95 -39.35
CA LYS C 14 -40.78 23.03 -38.25
C LYS C 14 -39.51 22.30 -37.84
N ASN C 15 -38.43 22.50 -38.61
CA ASN C 15 -37.13 21.85 -38.34
C ASN C 15 -35.92 22.80 -38.33
N SER C 16 -36.13 24.07 -38.67
CA SER C 16 -35.02 25.04 -38.71
C SER C 16 -35.51 26.46 -38.43
N VAL C 17 -34.59 27.34 -38.00
CA VAL C 17 -34.95 28.71 -37.61
C VAL C 17 -34.02 29.81 -38.12
N ASP C 18 -34.24 30.34 -39.31
CA ASP C 18 -33.32 31.33 -39.88
C ASP C 18 -33.52 32.74 -39.29
N PHE C 19 -32.42 33.34 -38.80
CA PHE C 19 -32.47 34.68 -38.18
C PHE C 19 -31.10 35.35 -38.17
N VAL C 20 -31.04 36.56 -37.63
CA VAL C 20 -29.82 37.38 -37.70
C VAL C 20 -29.51 38.08 -36.38
N LEU C 21 -28.28 37.91 -35.89
CA LEU C 21 -27.79 38.59 -34.70
C LEU C 21 -27.41 40.01 -35.06
N THR C 22 -27.47 40.91 -34.10
CA THR C 22 -27.19 42.32 -34.39
C THR C 22 -26.08 42.90 -33.52
N ASN C 23 -26.46 43.57 -32.44
CA ASN C 23 -25.48 44.19 -31.58
C ASN C 23 -24.86 43.15 -30.67
N THR C 24 -23.73 42.63 -31.13
CA THR C 24 -22.96 41.63 -30.40
C THR C 24 -21.61 41.38 -31.07
N SER C 25 -20.74 40.64 -30.38
CA SER C 25 -19.40 40.39 -30.86
C SER C 25 -19.23 39.00 -31.44
N LEU C 26 -18.14 38.84 -32.18
CA LEU C 26 -17.82 37.64 -32.89
C LEU C 26 -17.78 36.48 -31.92
N ALA C 27 -16.91 36.61 -30.93
CA ALA C 27 -16.82 35.61 -29.89
C ALA C 27 -18.20 35.05 -29.62
N VAL C 28 -19.05 35.87 -29.02
CA VAL C 28 -20.37 35.42 -28.54
C VAL C 28 -21.14 34.64 -29.58
N ALA C 29 -21.02 35.10 -30.83
CA ALA C 29 -21.61 34.42 -31.97
C ALA C 29 -21.17 32.97 -31.95
N ASN C 30 -19.87 32.78 -32.16
CA ASN C 30 -19.31 31.45 -32.29
C ASN C 30 -19.67 30.68 -31.07
N SER C 31 -19.48 31.31 -29.93
CA SER C 31 -19.64 30.66 -28.65
C SER C 31 -21.09 30.26 -28.51
N LEU C 32 -21.95 30.83 -29.34
CA LEU C 32 -23.34 30.37 -29.39
C LEU C 32 -23.50 29.21 -30.39
N ARG C 33 -22.88 29.33 -31.58
CA ARG C 33 -22.80 28.22 -32.53
C ARG C 33 -22.43 26.97 -31.80
N ARG C 34 -21.32 27.02 -31.06
CA ARG C 34 -20.80 25.85 -30.37
C ARG C 34 -21.78 25.32 -29.37
N VAL C 35 -22.23 26.18 -28.48
CA VAL C 35 -23.16 25.77 -27.44
C VAL C 35 -24.27 24.90 -28.00
N VAL C 36 -24.86 25.38 -29.08
CA VAL C 36 -26.03 24.75 -29.66
C VAL C 36 -25.67 23.40 -30.27
N LEU C 37 -24.41 23.20 -30.61
CA LEU C 37 -24.04 21.98 -31.31
C LEU C 37 -23.59 20.89 -30.35
N ALA C 38 -23.46 21.24 -29.07
CA ALA C 38 -22.87 20.34 -28.07
C ALA C 38 -23.67 20.15 -26.79
N GLU C 39 -23.43 21.04 -25.83
CA GLU C 39 -23.94 20.87 -24.48
C GLU C 39 -25.40 21.29 -24.34
N ILE C 40 -26.33 20.58 -24.99
CA ILE C 40 -27.76 20.90 -24.83
C ILE C 40 -28.58 19.68 -24.49
N PRO C 41 -28.69 19.37 -23.20
CA PRO C 41 -29.37 18.20 -22.66
C PRO C 41 -30.44 17.64 -23.57
N THR C 42 -30.45 16.31 -23.72
CA THR C 42 -31.47 15.60 -24.48
C THR C 42 -31.58 14.15 -24.08
N VAL C 43 -32.69 13.56 -24.48
CA VAL C 43 -32.94 12.15 -24.25
C VAL C 43 -32.56 11.34 -25.46
N ALA C 44 -32.07 10.13 -25.23
CA ALA C 44 -31.61 9.27 -26.30
C ALA C 44 -31.37 7.95 -25.61
N ILE C 45 -31.41 6.86 -26.35
CA ILE C 45 -31.31 5.58 -25.67
C ILE C 45 -29.86 5.14 -25.61
N ASP C 46 -29.43 4.64 -24.46
CA ASP C 46 -28.01 4.42 -24.21
C ASP C 46 -27.80 3.11 -23.45
N LEU C 47 -28.66 2.15 -23.71
CA LEU C 47 -28.51 0.83 -23.12
C LEU C 47 -29.64 -0.08 -23.63
N VAL C 48 -29.26 -1.16 -24.31
CA VAL C 48 -30.21 -2.22 -24.70
C VAL C 48 -29.83 -3.59 -24.17
N GLU C 49 -30.84 -4.30 -23.68
CA GLU C 49 -30.68 -5.68 -23.29
C GLU C 49 -31.41 -6.51 -24.32
N ILE C 50 -30.71 -7.48 -24.89
CA ILE C 50 -31.31 -8.37 -25.86
C ILE C 50 -31.68 -9.69 -25.20
N ASN C 51 -32.86 -10.19 -25.57
CA ASN C 51 -33.27 -11.52 -25.17
C ASN C 51 -33.06 -12.45 -26.35
N VAL C 52 -34.06 -12.52 -27.22
CA VAL C 52 -33.88 -13.26 -28.45
C VAL C 52 -33.80 -12.31 -29.63
N ASN C 53 -32.83 -12.59 -30.51
CA ASN C 53 -32.63 -11.88 -31.75
C ASN C 53 -32.10 -12.85 -32.79
N THR C 54 -32.97 -13.28 -33.69
CA THR C 54 -32.56 -14.15 -34.79
C THR C 54 -32.70 -13.43 -36.11
N SER C 55 -32.69 -12.10 -36.05
CA SER C 55 -32.75 -11.26 -37.25
C SER C 55 -31.39 -11.18 -37.93
N VAL C 56 -31.24 -10.22 -38.82
CA VAL C 56 -29.98 -10.12 -39.52
C VAL C 56 -29.04 -9.05 -38.95
N MET C 57 -29.58 -7.97 -38.40
CA MET C 57 -28.77 -6.97 -37.69
C MET C 57 -28.25 -7.58 -36.37
N PRO C 58 -26.92 -7.54 -36.15
CA PRO C 58 -26.40 -8.12 -34.93
C PRO C 58 -26.86 -7.28 -33.76
N ASP C 59 -26.70 -7.79 -32.55
CA ASP C 59 -27.05 -7.03 -31.37
C ASP C 59 -26.24 -5.70 -31.39
N GLU C 60 -24.92 -5.82 -31.49
CA GLU C 60 -24.02 -4.67 -31.56
C GLU C 60 -24.50 -3.63 -32.53
N PHE C 61 -25.04 -4.09 -33.65
CA PHE C 61 -25.39 -3.21 -34.75
C PHE C 61 -26.70 -2.50 -34.46
N LEU C 62 -27.58 -3.16 -33.70
CA LEU C 62 -28.85 -2.56 -33.26
C LEU C 62 -28.66 -1.47 -32.22
N ALA C 63 -27.80 -1.73 -31.24
CA ALA C 63 -27.60 -0.78 -30.18
C ALA C 63 -27.24 0.56 -30.78
N HIS C 64 -26.24 0.54 -31.67
CA HIS C 64 -25.75 1.77 -32.29
C HIS C 64 -26.81 2.46 -33.14
N ARG C 65 -27.76 1.67 -33.62
CA ARG C 65 -28.78 2.21 -34.50
C ARG C 65 -29.99 2.67 -33.72
N LEU C 66 -30.39 1.88 -32.73
CA LEU C 66 -31.52 2.23 -31.88
C LEU C 66 -31.19 3.49 -31.13
N GLY C 67 -29.88 3.75 -30.97
CA GLY C 67 -29.45 4.93 -30.27
C GLY C 67 -29.84 6.18 -31.01
N MET C 68 -29.29 6.35 -32.18
CA MET C 68 -29.39 7.63 -32.85
C MET C 68 -30.82 8.10 -33.09
N ILE C 69 -31.77 7.18 -33.06
CA ILE C 69 -33.15 7.56 -33.30
C ILE C 69 -33.66 8.54 -32.25
N PRO C 70 -33.98 9.77 -32.69
CA PRO C 70 -34.34 10.89 -31.83
C PRO C 70 -35.53 10.61 -30.93
N LEU C 71 -35.61 11.31 -29.80
CA LEU C 71 -36.78 11.22 -28.95
C LEU C 71 -37.25 12.61 -28.53
N ASP C 72 -38.50 12.68 -28.07
CA ASP C 72 -39.05 13.91 -27.54
C ASP C 72 -38.29 14.28 -26.28
N SER C 73 -38.07 15.58 -26.10
CA SER C 73 -37.40 16.08 -24.92
C SER C 73 -38.13 17.30 -24.37
N SER C 74 -38.51 18.21 -25.25
CA SER C 74 -39.27 19.40 -24.84
C SER C 74 -38.59 20.14 -23.69
N ASN C 75 -39.23 20.10 -22.52
CA ASN C 75 -38.77 20.85 -21.34
C ASN C 75 -37.46 20.34 -20.73
N ILE C 76 -37.46 19.08 -20.33
CA ILE C 76 -36.24 18.38 -19.85
C ILE C 76 -35.63 18.97 -18.56
N ASP C 77 -35.08 20.16 -18.66
CA ASP C 77 -34.46 20.82 -17.51
C ASP C 77 -35.51 21.44 -16.60
N GLU C 78 -36.38 20.59 -16.04
CA GLU C 78 -37.43 21.06 -15.16
C GLU C 78 -38.05 19.90 -14.38
N PRO C 79 -37.30 19.36 -13.43
CA PRO C 79 -37.78 18.24 -12.61
C PRO C 79 -38.84 18.68 -11.60
N PRO C 80 -39.42 17.72 -10.90
CA PRO C 80 -39.06 16.30 -11.07
C PRO C 80 -39.61 15.74 -12.38
N PRO C 81 -40.93 15.86 -12.58
CA PRO C 81 -41.57 15.35 -13.79
C PRO C 81 -41.24 16.20 -15.00
N VAL C 82 -41.80 15.84 -16.16
CA VAL C 82 -41.54 16.58 -17.38
C VAL C 82 -40.08 17.00 -17.50
N GLY C 83 -39.20 16.18 -16.95
CA GLY C 83 -37.77 16.45 -16.99
C GLY C 83 -36.99 15.63 -15.96
N LEU C 84 -36.03 14.86 -16.46
CA LEU C 84 -35.21 14.01 -15.58
C LEU C 84 -33.76 14.46 -15.61
N GLU C 85 -33.16 14.62 -14.44
CA GLU C 85 -31.77 15.02 -14.33
C GLU C 85 -30.83 13.87 -14.67
N TYR C 86 -29.66 14.21 -15.20
CA TYR C 86 -28.67 13.20 -15.57
C TYR C 86 -28.77 11.99 -14.68
N THR C 87 -28.67 10.81 -15.29
CA THR C 87 -28.76 9.57 -14.56
C THR C 87 -27.47 9.29 -13.78
N ARG C 88 -26.50 10.18 -13.89
CA ARG C 88 -25.23 9.99 -13.22
C ARG C 88 -25.28 10.53 -11.79
N ASN C 89 -25.79 11.75 -11.65
CA ASN C 89 -25.91 12.41 -10.36
C ASN C 89 -27.33 12.33 -9.82
N CYS C 90 -27.87 11.11 -9.73
CA CYS C 90 -29.27 10.89 -9.33
C CYS C 90 -29.37 10.45 -7.87
N ASP C 91 -30.47 10.82 -7.23
CA ASP C 91 -30.70 10.49 -5.82
C ASP C 91 -31.00 9.00 -5.60
N CYS C 92 -31.15 8.27 -6.71
CA CYS C 92 -31.46 6.84 -6.64
C CYS C 92 -30.25 5.99 -7.04
N ASP C 93 -30.41 4.66 -6.99
CA ASP C 93 -29.28 3.76 -7.22
C ASP C 93 -29.34 3.04 -8.56
N GLN C 94 -28.16 2.85 -9.15
CA GLN C 94 -28.03 2.14 -10.42
C GLN C 94 -28.87 2.81 -11.52
N TYR C 95 -30.01 2.21 -11.88
CA TYR C 95 -30.91 2.79 -12.85
C TYR C 95 -32.35 2.72 -12.37
N CYS C 96 -33.04 3.85 -12.39
CA CYS C 96 -34.41 3.92 -11.92
C CYS C 96 -35.26 4.86 -12.76
N PRO C 97 -36.52 4.48 -13.02
CA PRO C 97 -37.46 5.26 -13.85
C PRO C 97 -37.56 6.72 -13.40
N LYS C 98 -37.04 7.01 -12.21
CA LYS C 98 -37.09 8.37 -11.73
C LYS C 98 -36.05 9.23 -12.43
N CYS C 99 -35.15 8.59 -13.19
CA CYS C 99 -34.08 9.32 -13.88
C CYS C 99 -33.62 8.62 -15.16
N SER C 100 -34.55 8.01 -15.87
CA SER C 100 -34.28 7.26 -17.08
C SER C 100 -35.55 6.62 -17.61
N VAL C 101 -35.89 6.89 -18.87
CA VAL C 101 -37.17 6.41 -19.41
C VAL C 101 -37.09 5.07 -20.17
N GLU C 102 -37.89 4.10 -19.72
CA GLU C 102 -37.87 2.75 -20.27
C GLU C 102 -38.59 2.66 -21.62
N LEU C 103 -38.01 1.88 -22.54
CA LEU C 103 -38.58 1.66 -23.86
C LEU C 103 -38.60 0.18 -24.23
N PHE C 104 -39.59 -0.21 -25.01
CA PHE C 104 -39.78 -1.61 -25.38
C PHE C 104 -39.81 -1.85 -26.89
N LEU C 105 -39.47 -3.07 -27.28
CA LEU C 105 -39.48 -3.47 -28.69
C LEU C 105 -39.73 -4.96 -28.80
N ASN C 106 -40.98 -5.33 -29.06
CA ASN C 106 -41.33 -6.74 -29.21
C ASN C 106 -41.87 -7.03 -30.62
N ALA C 107 -40.96 -7.10 -31.58
CA ALA C 107 -41.33 -7.29 -32.98
C ALA C 107 -41.25 -8.75 -33.42
N LYS C 108 -42.32 -9.22 -34.04
CA LYS C 108 -42.44 -10.63 -34.41
C LYS C 108 -42.68 -10.72 -35.89
N CYS C 109 -43.24 -11.85 -36.32
CA CYS C 109 -43.59 -11.99 -37.72
C CYS C 109 -44.84 -12.83 -37.94
N THR C 110 -45.84 -12.25 -38.60
CA THR C 110 -47.09 -12.95 -38.88
C THR C 110 -47.26 -13.15 -40.38
N GLY C 111 -46.33 -12.60 -41.15
CA GLY C 111 -46.40 -12.69 -42.61
C GLY C 111 -45.40 -13.66 -43.19
N GLU C 112 -45.33 -13.67 -44.52
CA GLU C 112 -44.40 -14.53 -45.23
C GLU C 112 -43.67 -13.74 -46.32
N GLY C 113 -44.26 -12.61 -46.70
CA GLY C 113 -43.60 -11.71 -47.63
C GLY C 113 -42.35 -11.11 -47.04
N THR C 114 -42.47 -9.91 -46.48
CA THR C 114 -41.35 -9.20 -45.84
C THR C 114 -41.85 -8.20 -44.82
N MET C 115 -41.16 -8.09 -43.68
CA MET C 115 -41.51 -7.13 -42.64
C MET C 115 -40.65 -5.89 -42.74
N GLU C 116 -41.15 -4.78 -42.21
CA GLU C 116 -40.41 -3.53 -42.20
C GLU C 116 -40.75 -2.74 -40.94
N ILE C 117 -40.00 -3.00 -39.87
CA ILE C 117 -40.25 -2.39 -38.56
C ILE C 117 -39.66 -0.96 -38.42
N TYR C 118 -40.53 0.01 -38.18
CA TYR C 118 -40.11 1.40 -38.04
C TYR C 118 -40.04 1.83 -36.58
N ALA C 119 -39.79 3.12 -36.37
CA ALA C 119 -39.69 3.66 -35.03
C ALA C 119 -41.03 3.66 -34.30
N ARG C 120 -42.10 3.34 -35.03
CA ARG C 120 -43.44 3.37 -34.47
C ARG C 120 -43.65 2.25 -33.47
N ASP C 121 -43.08 1.09 -33.73
CA ASP C 121 -43.47 -0.11 -32.98
C ASP C 121 -43.03 -0.12 -31.51
N LEU C 122 -42.12 0.78 -31.18
CA LEU C 122 -41.62 0.88 -29.81
C LEU C 122 -42.73 1.26 -28.84
N VAL C 123 -42.48 1.07 -27.55
CA VAL C 123 -43.46 1.39 -26.52
C VAL C 123 -42.80 1.99 -25.30
N VAL C 124 -43.19 3.22 -24.96
CA VAL C 124 -42.64 3.92 -23.81
C VAL C 124 -43.09 3.28 -22.50
N SER C 125 -44.02 3.95 -21.81
CA SER C 125 -44.54 3.46 -20.55
C SER C 125 -45.90 4.08 -20.23
N SER C 126 -46.08 5.33 -20.64
CA SER C 126 -47.33 6.04 -20.41
C SER C 126 -47.15 7.14 -19.38
N ASN C 127 -45.91 7.61 -19.23
CA ASN C 127 -45.61 8.68 -18.28
C ASN C 127 -45.50 10.03 -18.95
N SER C 128 -46.23 10.21 -20.06
CA SER C 128 -46.21 11.46 -20.79
C SER C 128 -45.03 12.34 -20.38
N SER C 129 -43.82 11.86 -20.64
CA SER C 129 -42.61 12.59 -20.30
C SER C 129 -42.46 13.85 -21.16
N LEU C 130 -42.01 13.66 -22.40
CA LEU C 130 -41.67 12.33 -22.89
C LEU C 130 -40.19 12.24 -23.23
N GLY C 131 -39.78 11.09 -23.78
CA GLY C 131 -40.70 9.99 -24.01
C GLY C 131 -40.77 9.56 -25.47
N HIS C 132 -41.99 9.51 -25.99
CA HIS C 132 -42.25 9.14 -27.37
C HIS C 132 -41.12 9.63 -28.25
N PRO C 133 -40.60 8.75 -29.13
CA PRO C 133 -39.68 9.18 -30.18
C PRO C 133 -40.32 10.25 -31.05
N ILE C 134 -40.03 10.22 -32.35
CA ILE C 134 -40.59 11.20 -33.27
C ILE C 134 -41.01 10.54 -34.59
N LEU C 135 -41.59 11.34 -35.48
CA LEU C 135 -42.04 10.83 -36.77
C LEU C 135 -41.73 11.83 -37.89
N ALA C 136 -40.46 12.16 -38.05
CA ALA C 136 -40.03 13.11 -39.07
C ALA C 136 -40.78 12.89 -40.38
N ASP C 137 -40.96 11.61 -40.75
CA ASP C 137 -41.66 11.27 -41.97
C ASP C 137 -43.07 11.85 -41.99
N PRO C 138 -43.56 12.18 -43.17
CA PRO C 138 -44.90 12.75 -43.33
C PRO C 138 -45.98 11.68 -43.22
N LYS C 139 -46.73 11.69 -42.12
CA LYS C 139 -47.80 10.71 -41.91
C LYS C 139 -47.29 9.29 -42.11
N SER C 140 -46.06 9.04 -41.69
CA SER C 140 -45.45 7.73 -41.82
C SER C 140 -45.57 6.93 -40.51
N ARG C 141 -44.45 6.78 -39.83
CA ARG C 141 -44.43 6.04 -38.56
C ARG C 141 -43.08 6.19 -37.86
N GLY C 142 -42.15 6.88 -38.52
CA GLY C 142 -40.83 7.08 -37.96
C GLY C 142 -39.69 6.48 -38.75
N PRO C 143 -38.42 6.77 -38.36
CA PRO C 143 -37.17 6.26 -38.96
C PRO C 143 -37.07 4.73 -38.91
N LEU C 144 -36.51 4.13 -39.96
CA LEU C 144 -36.45 2.67 -40.13
C LEU C 144 -35.46 2.00 -39.18
N ILE C 145 -35.81 0.82 -38.67
CA ILE C 145 -34.98 0.14 -37.68
C ILE C 145 -34.35 -1.17 -38.19
N CYS C 146 -35.16 -2.02 -38.84
CA CYS C 146 -34.70 -3.35 -39.22
C CYS C 146 -35.74 -4.06 -40.09
N LYS C 147 -35.31 -5.05 -40.86
CA LYS C 147 -36.22 -5.84 -41.69
C LYS C 147 -36.24 -7.31 -41.27
N LEU C 148 -37.35 -8.01 -41.52
CA LEU C 148 -37.47 -9.43 -41.15
C LEU C 148 -38.18 -10.27 -42.23
N ARG C 149 -37.97 -11.58 -42.20
CA ARG C 149 -38.65 -12.48 -43.14
C ARG C 149 -39.60 -13.43 -42.41
N LYS C 150 -39.20 -14.68 -42.28
CA LYS C 150 -40.03 -15.65 -41.58
C LYS C 150 -40.01 -15.37 -40.08
N GLU C 151 -39.93 -16.40 -39.26
CA GLU C 151 -39.96 -16.20 -37.82
C GLU C 151 -38.62 -15.65 -37.35
N GLN C 152 -38.57 -14.34 -37.13
CA GLN C 152 -37.35 -13.68 -36.68
C GLN C 152 -37.59 -12.65 -35.58
N GLU C 153 -38.60 -12.90 -34.75
CA GLU C 153 -38.92 -11.99 -33.65
C GLU C 153 -37.66 -11.52 -32.90
N ILE C 154 -37.60 -10.24 -32.56
CA ILE C 154 -36.61 -9.73 -31.61
C ILE C 154 -37.27 -9.10 -30.39
N SER C 155 -36.60 -9.21 -29.25
CA SER C 155 -37.13 -8.69 -28.00
C SER C 155 -36.08 -7.82 -27.33
N LEU C 156 -36.35 -6.53 -27.23
CA LEU C 156 -35.35 -5.60 -26.72
C LEU C 156 -35.90 -4.74 -25.61
N ARG C 157 -35.06 -4.50 -24.60
CA ARG C 157 -35.41 -3.55 -23.55
C ARG C 157 -34.50 -2.36 -23.70
N CYS C 158 -35.09 -1.20 -23.94
CA CYS C 158 -34.30 0.02 -24.09
C CYS C 158 -34.59 1.01 -22.97
N ILE C 159 -33.55 1.62 -22.41
CA ILE C 159 -33.76 2.74 -21.50
C ILE C 159 -32.87 3.93 -21.86
N ALA C 160 -33.46 5.12 -21.91
CA ALA C 160 -32.73 6.33 -22.28
C ALA C 160 -32.16 7.00 -21.06
N LYS C 161 -31.06 7.73 -21.25
CA LYS C 161 -30.55 8.59 -20.20
C LYS C 161 -30.50 10.02 -20.74
N LYS C 162 -29.72 10.86 -20.06
CA LYS C 162 -29.60 12.24 -20.45
C LYS C 162 -28.14 12.48 -20.79
N GLY C 163 -27.88 13.17 -21.91
CA GLY C 163 -26.51 13.40 -22.35
C GLY C 163 -26.30 14.51 -23.36
N ILE C 164 -25.08 14.99 -23.50
CA ILE C 164 -24.81 16.05 -24.45
C ILE C 164 -23.89 15.58 -25.58
N ALA C 165 -24.01 16.21 -26.76
CA ALA C 165 -23.17 15.87 -27.89
C ALA C 165 -21.80 15.49 -27.43
N LYS C 166 -21.17 16.33 -26.62
CA LYS C 166 -19.83 16.04 -26.11
C LYS C 166 -19.65 14.56 -25.80
N GLU C 167 -20.66 13.95 -25.21
CA GLU C 167 -20.54 12.60 -24.68
C GLU C 167 -20.74 11.54 -25.75
N HIS C 168 -21.38 11.95 -26.85
CA HIS C 168 -21.59 11.12 -28.04
C HIS C 168 -22.50 11.85 -28.98
N ALA C 169 -22.11 11.95 -30.25
CA ALA C 169 -22.88 12.77 -31.19
C ALA C 169 -24.36 12.39 -31.21
N LYS C 170 -24.68 11.35 -30.45
CA LYS C 170 -26.01 10.78 -30.45
C LYS C 170 -27.06 11.72 -29.92
N TRP C 171 -26.66 12.63 -29.03
CA TRP C 171 -27.57 13.48 -28.24
C TRP C 171 -27.95 14.82 -28.92
N SER C 172 -26.95 15.57 -29.38
CA SER C 172 -27.24 16.89 -29.97
C SER C 172 -28.46 16.77 -30.82
N PRO C 173 -29.47 17.58 -30.49
CA PRO C 173 -30.75 17.66 -31.17
C PRO C 173 -30.60 18.66 -32.29
N THR C 174 -29.36 18.92 -32.66
CA THR C 174 -29.05 19.96 -33.60
C THR C 174 -28.27 19.44 -34.80
N SER C 175 -28.85 19.61 -35.99
CA SER C 175 -28.21 19.21 -37.26
C SER C 175 -26.93 19.98 -37.56
N ALA C 176 -27.08 21.18 -38.09
CA ALA C 176 -25.95 22.09 -38.22
C ALA C 176 -26.35 23.55 -38.05
N VAL C 177 -25.49 24.44 -38.49
CA VAL C 177 -25.71 25.86 -38.30
C VAL C 177 -25.07 26.57 -39.49
N ALA C 178 -25.58 27.73 -39.91
CA ALA C 178 -25.11 28.25 -41.18
C ALA C 178 -24.76 29.73 -41.23
N PHE C 179 -23.74 30.13 -40.48
CA PHE C 179 -23.39 31.57 -40.34
C PHE C 179 -22.47 32.13 -41.43
N GLU C 180 -22.40 33.46 -41.53
CA GLU C 180 -21.71 34.08 -42.64
C GLU C 180 -21.43 35.56 -42.44
N TYR C 181 -21.01 35.97 -41.26
CA TYR C 181 -20.68 37.37 -41.04
C TYR C 181 -19.82 38.05 -42.14
N ASP C 182 -20.16 39.29 -42.46
CA ASP C 182 -19.55 40.04 -43.59
C ASP C 182 -19.52 39.32 -44.91
N PRO C 183 -20.64 39.40 -45.63
CA PRO C 183 -20.81 38.64 -46.87
C PRO C 183 -20.10 39.26 -48.03
N TRP C 184 -19.93 40.56 -48.09
CA TRP C 184 -19.12 41.09 -49.19
C TRP C 184 -17.67 40.85 -48.78
N ASN C 185 -16.90 41.89 -48.54
CA ASN C 185 -15.60 41.71 -47.90
C ASN C 185 -15.11 42.97 -47.25
N LYS C 186 -15.88 43.47 -46.28
CA LYS C 186 -15.52 44.67 -45.56
C LYS C 186 -14.15 44.46 -44.95
N LEU C 187 -14.13 43.62 -43.94
CA LEU C 187 -12.94 43.50 -43.15
C LEU C 187 -11.87 42.61 -43.79
N GLN C 188 -12.13 42.13 -44.99
CA GLN C 188 -11.15 41.29 -45.66
C GLN C 188 -10.63 40.21 -44.72
N HIS C 189 -11.53 39.54 -43.99
CA HIS C 189 -11.12 38.47 -43.08
C HIS C 189 -10.76 37.26 -43.90
N THR C 190 -10.64 37.47 -45.20
CA THR C 190 -10.37 36.36 -46.10
C THR C 190 -9.72 36.79 -47.42
N ASP C 191 -8.73 36.02 -47.88
CA ASP C 191 -8.10 36.32 -49.15
C ASP C 191 -8.58 35.35 -50.22
N TYR C 192 -9.55 35.79 -51.02
CA TYR C 192 -10.14 34.95 -52.07
C TYR C 192 -9.09 34.60 -53.12
N TRP C 193 -9.11 33.35 -53.58
CA TRP C 193 -8.17 32.89 -54.60
C TRP C 193 -8.76 33.30 -55.93
N PHE C 194 -7.96 33.86 -56.84
CA PHE C 194 -8.51 34.60 -58.00
C PHE C 194 -9.66 34.00 -58.86
N GLU C 195 -9.41 33.18 -59.88
CA GLU C 195 -8.10 32.79 -60.39
C GLU C 195 -7.66 33.73 -61.49
N ASN C 196 -8.63 34.36 -62.18
CA ASN C 196 -8.38 35.32 -63.26
C ASN C 196 -8.94 36.68 -62.96
N ASP C 197 -10.03 36.70 -62.20
CA ASP C 197 -10.62 37.95 -61.74
C ASP C 197 -11.43 37.75 -60.45
N ALA C 198 -11.02 38.45 -59.41
CA ALA C 198 -11.54 38.27 -58.05
C ALA C 198 -13.06 38.29 -57.98
N ASP C 199 -13.61 39.47 -57.71
CA ASP C 199 -15.04 39.65 -57.62
C ASP C 199 -15.68 39.28 -58.95
N ALA C 200 -15.64 38.00 -59.26
CA ALA C 200 -16.04 37.54 -60.57
C ALA C 200 -16.08 36.02 -60.60
N GLU C 201 -15.31 35.41 -59.70
CA GLU C 201 -15.26 33.97 -59.64
C GLU C 201 -16.14 33.51 -58.47
N TRP C 202 -16.06 34.23 -57.36
CA TRP C 202 -16.80 33.87 -56.15
C TRP C 202 -18.21 34.41 -56.19
N PRO C 203 -19.19 33.52 -55.97
CA PRO C 203 -20.62 33.82 -55.98
C PRO C 203 -21.03 34.68 -54.83
N LYS C 204 -21.81 35.71 -55.11
CA LYS C 204 -22.48 36.49 -54.08
C LYS C 204 -23.40 35.50 -53.38
N SER C 205 -23.66 35.74 -52.10
CA SER C 205 -24.50 34.83 -51.34
C SER C 205 -25.88 35.43 -51.15
N LYS C 206 -26.88 34.56 -51.03
CA LYS C 206 -28.24 35.01 -50.82
C LYS C 206 -28.27 36.06 -49.73
N ASN C 207 -27.42 35.89 -48.72
CA ASN C 207 -27.36 36.82 -47.59
C ASN C 207 -26.45 37.99 -47.89
N ALA C 208 -26.12 38.17 -49.15
CA ALA C 208 -25.18 39.21 -49.53
C ALA C 208 -25.92 40.51 -49.81
N ASP C 209 -27.24 40.40 -49.96
CA ASP C 209 -28.04 41.51 -50.43
C ASP C 209 -28.54 42.33 -49.25
N TRP C 210 -27.78 42.30 -48.16
CA TRP C 210 -28.18 43.01 -46.95
C TRP C 210 -27.09 43.98 -46.46
N GLU C 211 -26.25 44.48 -47.36
CA GLU C 211 -25.11 45.30 -46.96
C GLU C 211 -24.33 46.02 -48.11
N GLU C 212 -23.14 46.48 -47.76
CA GLU C 212 -22.20 47.11 -48.70
C GLU C 212 -20.86 46.37 -48.48
N PRO C 213 -19.70 47.04 -48.58
CA PRO C 213 -19.30 48.39 -49.00
C PRO C 213 -18.62 48.40 -50.36
N PRO C 214 -19.32 47.96 -51.41
CA PRO C 214 -18.72 48.14 -52.73
C PRO C 214 -18.40 49.64 -52.96
N ARG C 215 -17.96 50.03 -54.17
CA ARG C 215 -17.51 51.42 -54.47
C ARG C 215 -16.51 52.01 -53.49
N GLU C 216 -15.34 52.40 -53.98
CA GLU C 216 -14.27 52.89 -53.12
C GLU C 216 -13.68 51.74 -52.32
N GLY C 217 -12.40 51.83 -51.98
CA GLY C 217 -11.58 52.99 -52.30
C GLY C 217 -11.79 54.08 -51.28
N GLU C 218 -12.28 53.69 -50.10
CA GLU C 218 -12.52 54.64 -49.03
C GLU C 218 -11.25 55.31 -48.49
N PRO C 219 -10.17 54.55 -48.28
CA PRO C 219 -10.03 53.09 -48.46
C PRO C 219 -10.66 52.29 -47.33
N PHE C 220 -10.47 50.98 -47.40
CA PHE C 220 -11.08 50.06 -46.45
C PHE C 220 -10.82 50.50 -45.01
N ASN C 221 -11.82 50.25 -44.17
CA ASN C 221 -11.78 50.59 -42.76
C ASN C 221 -11.02 49.54 -41.95
N PHE C 222 -10.95 49.75 -40.64
CA PHE C 222 -10.20 48.88 -39.73
C PHE C 222 -10.61 49.10 -38.27
N GLN C 223 -11.18 50.26 -37.97
CA GLN C 223 -11.69 50.45 -36.63
C GLN C 223 -12.90 49.53 -36.48
N GLU C 224 -13.26 48.87 -37.58
CA GLU C 224 -14.51 48.10 -37.66
C GLU C 224 -14.40 46.65 -37.21
N GLU C 225 -15.27 46.27 -36.28
CA GLU C 225 -15.31 44.91 -35.82
C GLU C 225 -16.45 44.18 -36.51
N PRO C 226 -16.39 42.85 -36.56
CA PRO C 226 -17.43 42.09 -37.23
C PRO C 226 -18.68 42.10 -36.41
N ARG C 227 -19.70 42.81 -36.87
CA ARG C 227 -21.00 42.63 -36.27
C ARG C 227 -22.04 42.33 -37.34
N ARG C 228 -23.19 41.84 -36.91
CA ARG C 228 -24.20 41.29 -37.83
C ARG C 228 -23.77 39.90 -38.32
N PHE C 229 -24.39 38.89 -37.76
CA PHE C 229 -24.04 37.53 -38.08
C PHE C 229 -25.27 36.81 -38.60
N TYR C 230 -25.17 36.19 -39.78
CA TYR C 230 -26.36 35.57 -40.37
C TYR C 230 -26.33 34.11 -40.05
N MET C 231 -26.91 33.73 -38.92
CA MET C 231 -26.94 32.32 -38.58
C MET C 231 -28.17 31.64 -39.18
N ASP C 232 -28.32 30.36 -38.89
CA ASP C 232 -29.45 29.56 -39.37
C ASP C 232 -29.39 28.16 -38.74
N VAL C 233 -30.08 28.01 -37.62
CA VAL C 233 -30.05 26.78 -36.83
C VAL C 233 -31.08 25.81 -37.39
N GLU C 234 -30.69 24.55 -37.48
CA GLU C 234 -31.60 23.48 -37.91
C GLU C 234 -31.57 22.35 -36.88
N SER C 235 -32.72 21.93 -36.41
CA SER C 235 -32.78 20.86 -35.44
C SER C 235 -33.03 19.53 -36.11
N VAL C 236 -32.86 18.45 -35.35
CA VAL C 236 -33.09 17.10 -35.86
C VAL C 236 -34.59 16.83 -35.99
N GLY C 237 -35.33 17.21 -34.95
CA GLY C 237 -36.74 16.92 -34.88
C GLY C 237 -37.01 16.24 -33.57
N SER C 238 -35.95 16.14 -32.76
CA SER C 238 -36.01 15.55 -31.44
C SER C 238 -36.71 16.50 -30.50
N ILE C 239 -36.30 17.76 -30.56
CA ILE C 239 -36.95 18.79 -29.78
C ILE C 239 -37.23 19.99 -30.67
N PRO C 240 -38.43 20.57 -30.54
CA PRO C 240 -38.87 21.67 -31.40
C PRO C 240 -37.74 22.63 -31.78
N PRO C 241 -37.90 23.34 -32.90
CA PRO C 241 -36.84 24.17 -33.49
C PRO C 241 -36.55 25.39 -32.62
N ASN C 242 -36.07 25.17 -31.39
CA ASN C 242 -35.72 26.26 -30.47
C ASN C 242 -36.84 26.79 -29.55
N GLU C 243 -36.92 26.26 -28.33
CA GLU C 243 -36.09 25.15 -27.83
C GLU C 243 -34.58 25.33 -27.92
N ILE C 244 -33.91 24.49 -28.71
CA ILE C 244 -32.45 24.49 -28.83
C ILE C 244 -31.81 25.84 -28.51
N MET C 245 -32.19 26.86 -29.26
CA MET C 245 -31.65 28.19 -29.11
C MET C 245 -31.96 28.78 -27.73
N VAL C 246 -33.25 28.85 -27.43
CA VAL C 246 -33.67 29.30 -26.12
C VAL C 246 -32.86 28.62 -25.02
N GLN C 247 -32.82 27.28 -25.04
CA GLN C 247 -32.17 26.52 -24.00
C GLN C 247 -30.67 26.60 -24.17
N GLY C 248 -30.24 27.37 -25.16
CA GLY C 248 -28.83 27.47 -25.48
C GLY C 248 -28.10 28.33 -24.50
N LEU C 249 -28.65 29.52 -24.26
CA LEU C 249 -28.04 30.49 -23.39
C LEU C 249 -28.36 30.18 -21.92
N ARG C 250 -29.54 29.62 -21.65
CA ARG C 250 -29.95 29.24 -20.30
C ARG C 250 -28.87 28.39 -19.62
N ILE C 251 -28.21 27.51 -20.39
CA ILE C 251 -27.09 26.73 -19.89
C ILE C 251 -25.78 27.25 -20.46
N LEU C 252 -25.75 28.55 -20.74
CA LEU C 252 -24.54 29.22 -21.16
C LEU C 252 -24.30 30.38 -20.20
N GLN C 253 -25.38 31.03 -19.80
CA GLN C 253 -25.29 31.99 -18.73
C GLN C 253 -24.81 31.21 -17.51
N GLU C 254 -25.52 30.12 -17.20
CA GLU C 254 -25.23 29.34 -16.01
C GLU C 254 -23.83 28.75 -16.05
N LYS C 255 -23.19 28.80 -17.21
CA LYS C 255 -21.82 28.33 -17.32
C LYS C 255 -20.85 29.46 -17.02
N LEU C 256 -21.32 30.69 -17.15
CA LEU C 256 -20.51 31.85 -16.80
C LEU C 256 -20.59 32.06 -15.32
N ALA C 257 -21.78 31.82 -14.78
CA ALA C 257 -22.03 31.98 -13.36
C ALA C 257 -21.10 31.10 -12.54
N VAL C 258 -21.12 29.80 -12.83
CA VAL C 258 -20.25 28.85 -12.15
C VAL C 258 -18.97 29.57 -11.79
N LEU C 259 -18.43 30.26 -12.78
CA LEU C 259 -17.19 30.98 -12.61
C LEU C 259 -17.30 32.00 -11.49
N VAL C 260 -18.17 33.00 -11.66
CA VAL C 260 -18.23 34.09 -10.70
C VAL C 260 -18.31 33.55 -9.27
N ARG C 261 -19.23 32.61 -9.04
CA ARG C 261 -19.45 32.06 -7.71
C ARG C 261 -18.20 31.39 -7.13
N ASP C 262 -17.29 30.94 -7.98
CA ASP C 262 -16.07 30.29 -7.51
C ASP C 262 -14.96 31.31 -7.33
N LEU C 263 -15.33 32.58 -7.21
CA LEU C 263 -14.34 33.66 -7.09
C LEU C 263 -14.77 34.78 -6.12
N ASP C 264 -16.06 34.85 -5.83
CA ASP C 264 -16.58 35.87 -4.91
C ASP C 264 -16.86 35.30 -3.52
N GLU C 265 -16.93 33.98 -3.42
CA GLU C 265 -17.21 33.31 -2.15
C GLU C 265 -15.99 33.34 -1.26
N GLU C 266 -14.82 33.24 -1.88
CA GLU C 266 -13.56 33.19 -1.14
C GLU C 266 -12.81 34.52 -1.23
N PHE D 6 51.37 -35.55 -7.06
CA PHE D 6 52.67 -35.16 -7.57
C PHE D 6 53.71 -35.11 -6.47
N GLU D 7 53.58 -34.13 -5.58
CA GLU D 7 54.51 -33.98 -4.46
C GLU D 7 53.85 -34.31 -3.13
N GLU D 8 54.10 -35.51 -2.63
CA GLU D 8 53.52 -35.96 -1.37
C GLU D 8 54.53 -36.76 -0.56
N ASP D 9 55.79 -36.33 -0.58
CA ASP D 9 56.85 -37.02 0.15
C ASP D 9 56.97 -36.49 1.57
N ALA D 10 58.05 -36.88 2.24
CA ALA D 10 58.28 -36.44 3.62
C ALA D 10 59.65 -35.79 3.76
N ALA D 11 60.68 -36.45 3.25
CA ALA D 11 62.04 -35.94 3.31
C ALA D 11 62.42 -35.56 4.73
N GLN D 12 63.65 -35.10 4.92
CA GLN D 12 64.60 -34.99 3.80
C GLN D 12 64.46 -33.62 3.12
N LEU D 13 63.66 -32.74 3.71
CA LEU D 13 63.45 -31.41 3.15
C LEU D 13 62.95 -31.49 1.72
N LYS D 14 61.63 -31.68 1.56
CA LYS D 14 61.02 -31.76 0.24
C LYS D 14 59.53 -31.46 0.30
N LEU D 15 59.00 -30.90 -0.78
CA LEU D 15 57.59 -30.57 -0.86
C LEU D 15 57.38 -29.15 -1.40
N GLY D 16 56.16 -28.65 -1.29
CA GLY D 16 55.84 -27.32 -1.76
C GLY D 16 57.03 -26.39 -1.75
N PRO D 17 57.17 -25.59 -2.80
CA PRO D 17 58.28 -24.64 -2.90
C PRO D 17 58.03 -23.39 -2.07
N GLU D 18 56.84 -22.80 -2.20
CA GLU D 18 56.50 -21.59 -1.44
C GLU D 18 56.60 -21.87 0.07
N PHE D 19 56.02 -22.97 0.50
CA PHE D 19 56.03 -23.35 1.91
C PHE D 19 57.46 -23.56 2.38
N GLU D 20 58.26 -24.22 1.55
CA GLU D 20 59.67 -24.46 1.85
C GLU D 20 60.39 -23.12 2.09
N ASN D 21 60.14 -22.21 1.19
CA ASN D 21 60.71 -20.86 1.23
C ASN D 21 60.36 -20.17 2.55
N GLU D 22 59.09 -20.24 2.93
CA GLU D 22 58.61 -19.63 4.15
C GLU D 22 59.34 -20.19 5.37
N ASP D 23 59.37 -19.41 6.45
CA ASP D 23 60.04 -19.82 7.67
C ASP D 23 59.04 -20.36 8.69
N MET D 24 59.28 -21.57 9.18
CA MET D 24 58.40 -22.19 10.16
C MET D 24 58.45 -21.47 11.49
N LEU D 25 57.31 -20.88 11.88
CA LEU D 25 57.23 -20.15 13.15
C LEU D 25 57.44 -21.08 14.33
N THR D 26 57.97 -20.52 15.41
CA THR D 26 58.24 -21.30 16.62
C THR D 26 56.96 -21.50 17.44
N VAL D 27 57.00 -22.43 18.38
CA VAL D 27 55.85 -22.71 19.23
C VAL D 27 55.64 -21.60 20.26
N SER D 28 56.56 -21.50 21.21
CA SER D 28 56.48 -20.47 22.26
C SER D 28 56.38 -19.09 21.63
N GLU D 29 57.26 -18.82 20.67
CA GLU D 29 57.29 -17.53 19.99
C GLU D 29 55.96 -17.29 19.27
N ALA D 30 55.47 -18.33 18.61
CA ALA D 30 54.18 -18.25 17.90
C ALA D 30 53.07 -17.83 18.87
N LYS D 31 53.03 -18.49 20.03
CA LYS D 31 52.02 -18.20 21.04
C LYS D 31 52.14 -16.76 21.51
N ILE D 32 53.39 -16.34 21.72
CA ILE D 32 53.66 -14.95 22.15
C ILE D 32 53.08 -13.97 21.13
N LEU D 33 53.35 -14.22 19.86
CA LEU D 33 52.86 -13.35 18.79
C LEU D 33 51.34 -13.33 18.78
N ILE D 34 50.75 -14.50 18.95
CA ILE D 34 49.28 -14.62 19.01
C ILE D 34 48.73 -13.73 20.12
N GLU D 35 49.36 -13.83 21.27
CA GLU D 35 49.00 -13.06 22.47
C GLU D 35 49.05 -11.56 22.16
N THR D 36 50.14 -11.18 21.53
CA THR D 36 50.39 -9.78 21.14
C THR D 36 49.25 -9.28 20.24
N VAL D 37 48.93 -10.11 19.27
CA VAL D 37 47.88 -9.83 18.29
C VAL D 37 46.55 -9.58 19.01
N LEU D 38 46.22 -10.47 19.95
CA LEU D 38 44.99 -10.35 20.72
C LEU D 38 44.94 -9.04 21.50
N ALA D 39 46.07 -8.69 22.11
CA ALA D 39 46.16 -7.46 22.88
C ALA D 39 45.87 -6.24 22.02
N GLN D 40 46.36 -6.26 20.79
CA GLN D 40 46.16 -5.15 19.87
C GLN D 40 44.69 -5.05 19.45
N ARG D 41 44.03 -6.19 19.34
CA ARG D 41 42.63 -6.24 18.95
C ARG D 41 41.74 -5.74 20.08
N ALA D 42 42.02 -6.19 21.29
CA ALA D 42 41.24 -5.79 22.47
C ALA D 42 41.23 -4.28 22.63
N ARG D 43 42.29 -3.64 22.15
CA ARG D 43 42.41 -2.18 22.24
C ARG D 43 41.19 -1.49 21.63
N GLU D 44 40.06 -1.58 22.33
CA GLU D 44 38.82 -0.96 21.86
C GLU D 44 37.81 -2.02 21.45
N THR D 45 37.45 -2.90 22.39
CA THR D 45 36.49 -3.96 22.12
C THR D 45 35.29 -3.86 23.06
N ASN D 46 34.13 -4.27 22.57
CA ASN D 46 32.90 -4.24 23.36
C ASN D 46 32.85 -5.36 24.40
N GLY D 47 33.45 -6.50 24.06
CA GLY D 47 33.48 -7.64 24.96
C GLY D 47 32.93 -8.90 24.31
N GLU D 48 33.71 -9.96 24.35
CA GLU D 48 33.30 -11.24 23.77
C GLU D 48 34.32 -11.74 22.76
N ILE D 49 34.07 -11.45 21.49
CA ILE D 49 34.97 -11.87 20.42
C ILE D 49 35.13 -13.38 20.39
N PRO D 50 34.13 -14.06 19.82
CA PRO D 50 34.15 -15.53 19.73
C PRO D 50 35.52 -16.05 19.29
N MET D 51 36.01 -17.08 19.97
CA MET D 51 37.30 -17.66 19.64
C MET D 51 37.15 -18.93 18.81
N THR D 52 35.93 -19.16 18.32
CA THR D 52 35.64 -20.34 17.52
C THR D 52 36.15 -21.61 18.19
N ASP D 53 36.45 -22.62 17.39
CA ASP D 53 36.95 -23.89 17.91
C ASP D 53 38.45 -24.02 17.72
N VAL D 54 38.96 -23.45 16.63
CA VAL D 54 40.38 -23.50 16.33
C VAL D 54 41.19 -22.82 17.43
N MET D 55 40.65 -21.73 17.98
CA MET D 55 41.33 -20.99 19.04
C MET D 55 41.50 -21.85 20.28
N LYS D 56 40.41 -22.43 20.76
CA LYS D 56 40.45 -23.28 21.95
C LYS D 56 41.59 -24.29 21.87
N LYS D 57 41.57 -25.12 20.84
CA LYS D 57 42.61 -26.13 20.66
C LYS D 57 44.00 -25.52 20.81
N THR D 58 44.29 -24.53 19.98
CA THR D 58 45.59 -23.85 20.01
C THR D 58 45.91 -23.36 21.43
N VAL D 59 44.96 -22.64 22.02
CA VAL D 59 45.15 -22.10 23.37
C VAL D 59 45.64 -23.19 24.33
N ALA D 60 45.14 -24.40 24.14
CA ALA D 60 45.53 -25.53 25.00
C ALA D 60 46.90 -26.06 24.61
N TYR D 61 47.04 -26.47 23.35
CA TYR D 61 48.30 -26.99 22.85
C TYR D 61 49.45 -26.02 23.08
N PHE D 62 49.19 -24.74 22.83
CA PHE D 62 50.19 -23.70 23.02
C PHE D 62 50.66 -23.65 24.46
N ASN D 63 49.71 -23.68 25.39
CA ASN D 63 50.04 -23.64 26.81
C ASN D 63 50.65 -24.95 27.30
N VAL D 64 50.24 -26.05 26.69
CA VAL D 64 50.75 -27.37 27.05
C VAL D 64 52.12 -27.62 26.43
N PHE D 65 52.62 -26.63 25.69
CA PHE D 65 53.92 -26.74 25.05
C PHE D 65 54.74 -25.47 25.23
N ALA D 66 54.38 -24.68 26.25
CA ALA D 66 55.08 -23.44 26.53
C ALA D 66 56.55 -23.69 26.85
N ARG D 67 57.35 -23.90 25.80
CA ARG D 67 58.77 -24.14 25.97
C ARG D 67 59.51 -22.87 26.38
N PHE D 68 58.75 -21.85 26.76
CA PHE D 68 59.33 -20.59 27.18
C PHE D 68 58.26 -19.66 27.78
N LYS D 69 57.60 -20.13 28.82
CA LYS D 69 56.56 -19.35 29.47
C LYS D 69 57.09 -18.00 29.94
N THR D 70 57.41 -17.14 28.99
CA THR D 70 57.94 -15.81 29.31
C THR D 70 58.21 -15.01 28.03
N ALA D 71 58.24 -13.69 28.17
CA ALA D 71 58.50 -12.80 27.04
C ALA D 71 59.98 -12.72 26.72
N GLU D 72 60.81 -13.04 27.71
CA GLU D 72 62.26 -13.00 27.54
C GLU D 72 62.80 -14.37 27.14
N ALA D 73 62.15 -15.43 27.61
CA ALA D 73 62.57 -16.80 27.30
C ALA D 73 62.79 -16.94 25.78
N THR D 74 61.81 -16.44 25.05
CA THR D 74 61.82 -16.49 23.58
C THR D 74 63.06 -15.79 23.05
N TYR D 75 63.33 -14.59 23.57
CA TYR D 75 64.48 -13.81 23.13
C TYR D 75 65.77 -14.56 23.44
N ALA D 76 65.83 -15.16 24.61
CA ALA D 76 67.00 -15.96 25.02
C ALA D 76 67.25 -17.08 24.00
N CYS D 77 66.17 -17.74 23.66
CA CYS D 77 66.19 -18.85 22.70
C CYS D 77 66.75 -18.37 21.35
N GLU D 78 66.23 -17.24 20.93
CA GLU D 78 66.62 -16.59 19.67
C GLU D 78 68.13 -16.33 19.68
N ARG D 79 68.58 -15.77 20.78
CA ARG D 79 70.00 -15.43 21.00
C ARG D 79 70.86 -16.67 20.85
N ILE D 80 70.40 -17.73 21.50
CA ILE D 80 71.09 -19.03 21.51
C ILE D 80 71.23 -19.54 20.07
N LEU D 81 70.15 -19.47 19.31
CA LEU D 81 70.15 -19.92 17.93
C LEU D 81 71.01 -19.03 17.05
N GLY D 82 70.57 -18.79 15.83
CA GLY D 82 71.29 -17.95 14.89
C GLY D 82 71.30 -18.51 13.48
N ASN D 83 72.26 -19.39 13.21
CA ASN D 83 72.38 -20.01 11.90
C ASN D 83 71.08 -20.65 11.44
N ARG D 84 70.53 -20.14 10.34
CA ARG D 84 69.28 -20.67 9.81
C ARG D 84 69.36 -22.18 9.59
N PHE D 85 70.02 -22.58 8.50
CA PHE D 85 70.16 -24.00 8.18
C PHE D 85 68.96 -24.52 7.41
N HIS D 86 67.80 -24.48 8.05
CA HIS D 86 66.57 -24.95 7.41
C HIS D 86 65.35 -24.62 8.27
N LYS D 87 64.85 -23.40 8.15
CA LYS D 87 63.68 -22.95 8.91
C LYS D 87 63.01 -24.13 9.61
N PHE D 88 62.52 -25.08 8.82
CA PHE D 88 61.85 -26.25 9.37
C PHE D 88 62.67 -26.88 10.49
N GLU D 89 63.85 -27.38 10.16
CA GLU D 89 64.72 -28.01 11.14
C GLU D 89 64.85 -27.16 12.40
N ARG D 90 65.05 -25.86 12.21
CA ARG D 90 65.19 -24.93 13.32
C ARG D 90 63.99 -25.01 14.25
N ALA D 91 62.83 -24.61 13.76
CA ALA D 91 61.60 -24.63 14.55
C ALA D 91 61.35 -26.02 15.13
N GLN D 92 61.77 -27.06 14.40
CA GLN D 92 61.58 -28.43 14.85
C GLN D 92 62.46 -28.74 16.05
N LEU D 93 63.71 -28.30 16.00
CA LEU D 93 64.65 -28.54 17.09
C LEU D 93 64.22 -27.79 18.36
N GLY D 94 63.62 -26.62 18.19
CA GLY D 94 63.17 -25.82 19.31
C GLY D 94 61.79 -26.23 19.79
N THR D 95 61.17 -27.16 19.08
CA THR D 95 59.84 -27.64 19.42
C THR D 95 59.89 -29.00 20.11
N LEU D 96 60.97 -29.74 19.85
CA LEU D 96 61.15 -31.06 20.43
C LEU D 96 61.95 -30.99 21.73
N CYS D 97 63.24 -30.73 21.60
CA CYS D 97 64.12 -30.63 22.76
C CYS D 97 64.57 -32.01 23.23
N CYS D 98 65.81 -32.09 23.71
CA CYS D 98 66.36 -33.36 24.19
C CYS D 98 66.66 -34.30 23.03
N GLU D 99 67.94 -34.61 22.83
CA GLU D 99 68.99 -34.06 23.68
C GLU D 99 70.38 -34.41 23.12
N ASP D 100 70.58 -35.68 22.81
CA ASP D 100 71.86 -36.13 22.27
C ASP D 100 71.88 -36.03 20.75
N ALA D 101 73.07 -36.14 20.18
CA ALA D 101 73.24 -36.06 18.72
C ALA D 101 72.49 -37.20 18.03
N GLU D 102 72.98 -38.42 18.23
CA GLU D 102 72.35 -39.59 17.62
C GLU D 102 70.84 -39.44 17.53
N GLU D 103 70.25 -38.87 18.57
CA GLU D 103 68.80 -38.66 18.60
C GLU D 103 68.38 -37.59 17.59
N ALA D 104 69.21 -36.55 17.45
CA ALA D 104 68.92 -35.47 16.53
C ALA D 104 68.76 -35.98 15.10
N ARG D 105 69.73 -36.77 14.65
CA ARG D 105 69.69 -37.34 13.30
C ARG D 105 68.45 -38.17 13.09
N THR D 106 68.16 -39.05 14.04
CA THR D 106 66.99 -39.92 13.96
C THR D 106 65.72 -39.11 13.69
N LEU D 107 65.50 -38.07 14.50
CA LEU D 107 64.33 -37.22 14.34
C LEU D 107 64.40 -36.42 13.05
N ILE D 108 65.58 -35.86 12.76
CA ILE D 108 65.78 -35.07 11.55
C ILE D 108 66.89 -35.66 10.69
N PRO D 109 66.56 -36.72 9.96
CA PRO D 109 67.54 -37.38 9.09
C PRO D 109 68.15 -36.41 8.08
N SER D 110 67.44 -35.32 7.79
CA SER D 110 67.92 -34.33 6.84
C SER D 110 69.16 -33.61 7.37
N LEU D 111 69.51 -33.88 8.62
CA LEU D 111 70.67 -33.27 9.25
C LEU D 111 71.96 -34.02 8.88
N ALA D 112 71.79 -35.25 8.40
CA ALA D 112 72.93 -36.07 8.01
C ALA D 112 74.24 -35.31 8.20
N ASN D 113 74.87 -34.93 7.09
CA ASN D 113 76.13 -34.21 7.12
C ASN D 113 75.92 -32.69 7.08
N LYS D 114 74.95 -32.22 7.84
CA LYS D 114 74.66 -30.79 7.89
C LYS D 114 75.43 -30.10 9.01
N ILE D 115 75.38 -30.68 10.20
CA ILE D 115 76.08 -30.12 11.36
C ILE D 115 76.81 -31.21 12.13
N ASP D 116 77.79 -30.80 12.92
CA ASP D 116 78.58 -31.74 13.71
C ASP D 116 77.81 -32.20 14.95
N ASP D 117 78.54 -32.51 16.02
CA ASP D 117 77.93 -32.97 17.26
C ASP D 117 78.26 -32.02 18.41
N GLN D 118 79.45 -32.18 18.97
CA GLN D 118 79.88 -31.34 20.09
C GLN D 118 78.98 -30.12 20.24
N ASN D 119 78.93 -29.29 19.21
CA ASN D 119 78.10 -28.09 19.22
C ASN D 119 76.68 -28.38 19.69
N LEU D 120 76.05 -29.37 19.07
CA LEU D 120 74.68 -29.74 19.42
C LEU D 120 74.54 -29.96 20.92
N GLN D 121 75.40 -30.79 21.49
CA GLN D 121 75.36 -31.06 22.92
C GLN D 121 75.36 -29.78 23.73
N GLY D 122 76.24 -28.85 23.37
CA GLY D 122 76.34 -27.58 24.06
C GLY D 122 75.03 -26.82 24.05
N ILE D 123 74.34 -26.87 22.91
CA ILE D 123 73.06 -26.18 22.78
C ILE D 123 71.99 -26.79 23.68
N LEU D 124 71.97 -28.13 23.73
CA LEU D 124 71.00 -28.84 24.56
C LEU D 124 71.15 -28.47 26.03
N ASP D 125 72.40 -28.41 26.49
CA ASP D 125 72.68 -28.06 27.88
C ASP D 125 72.15 -26.67 28.22
N GLU D 126 72.32 -25.74 27.27
CA GLU D 126 71.85 -24.37 27.47
C GLU D 126 70.33 -24.32 27.56
N LEU D 127 69.66 -25.14 26.76
CA LEU D 127 68.21 -25.19 26.75
C LEU D 127 67.67 -25.77 28.06
N SER D 128 68.23 -26.90 28.47
CA SER D 128 67.81 -27.56 29.70
C SER D 128 67.90 -26.61 30.89
N THR D 129 68.94 -25.78 30.90
CA THR D 129 69.14 -24.81 31.98
C THR D 129 68.21 -23.62 31.83
N LEU D 130 67.80 -23.34 30.61
CA LEU D 130 66.90 -22.22 30.33
C LEU D 130 65.48 -22.54 30.78
N ARG D 131 65.03 -23.76 30.51
CA ARG D 131 63.69 -24.18 30.89
C ARG D 131 63.41 -23.89 32.35
N LYS D 132 64.42 -23.38 33.06
CA LYS D 132 64.28 -23.05 34.47
C LYS D 132 65.50 -23.50 35.26
N PHE D 133 66.40 -22.57 35.55
CA PHE D 133 66.22 -21.18 35.12
C PHE D 133 64.75 -20.85 34.93
N GLN D 134 64.40 -20.40 33.73
CA GLN D 134 63.02 -20.05 33.42
C GLN D 134 62.43 -19.15 34.48
N ASP D 135 63.27 -18.70 35.42
CA ASP D 135 62.82 -17.83 36.50
C ASP D 135 63.71 -16.59 36.60
N GLU E 4 62.93 7.07 -85.77
CA GLU E 4 63.68 5.83 -85.97
C GLU E 4 64.67 5.52 -84.82
N GLU E 5 65.56 6.48 -84.57
CA GLU E 5 66.48 6.38 -83.45
C GLU E 5 65.71 6.73 -82.20
N LYS E 6 64.58 6.06 -82.02
CA LYS E 6 63.69 6.33 -80.90
C LYS E 6 64.22 5.70 -79.61
N ASN E 7 64.84 4.51 -79.75
CA ASN E 7 65.33 3.72 -78.60
C ASN E 7 66.61 4.28 -78.00
N ILE E 8 67.13 5.31 -78.65
CA ILE E 8 68.30 6.01 -78.15
C ILE E 8 67.84 7.13 -77.22
N VAL E 9 66.98 8.01 -77.73
CA VAL E 9 66.45 9.13 -76.97
C VAL E 9 65.73 8.65 -75.72
N ARG E 10 65.20 7.43 -75.81
CA ARG E 10 64.39 6.84 -74.75
C ARG E 10 65.21 6.48 -73.51
N VAL E 11 66.52 6.69 -73.59
CA VAL E 11 67.36 6.30 -72.47
C VAL E 11 67.91 7.54 -71.84
N PHE E 12 67.92 8.62 -72.61
CA PHE E 12 68.29 9.90 -72.05
C PHE E 12 67.48 10.06 -70.78
N ARG E 13 66.25 9.55 -70.77
CA ARG E 13 65.40 9.65 -69.59
C ARG E 13 65.80 8.70 -68.47
N ALA E 14 66.77 7.84 -68.73
CA ALA E 14 67.27 6.95 -67.69
C ALA E 14 68.34 7.66 -66.85
N TRP E 15 68.49 8.96 -67.06
CA TRP E 15 69.41 9.77 -66.26
C TRP E 15 68.62 10.87 -65.60
N LYS E 16 67.32 10.88 -65.83
CA LYS E 16 66.39 11.70 -65.08
C LYS E 16 65.68 10.74 -64.12
N THR E 17 66.05 9.47 -64.23
CA THR E 17 65.48 8.46 -63.38
C THR E 17 66.63 7.82 -62.60
N ALA E 18 67.77 8.49 -62.56
CA ALA E 18 68.96 7.85 -61.99
C ALA E 18 69.85 8.78 -61.18
N HIS E 19 70.47 9.73 -61.87
CA HIS E 19 71.27 10.71 -61.17
C HIS E 19 70.36 11.52 -60.25
N GLN E 20 69.09 11.59 -60.65
CA GLN E 20 68.07 12.15 -59.78
C GLN E 20 67.90 11.25 -58.57
N LEU E 21 67.89 9.94 -58.81
CA LEU E 21 67.82 8.98 -57.71
C LEU E 21 69.10 9.02 -56.88
N VAL E 22 69.12 9.96 -55.96
CA VAL E 22 70.29 10.17 -55.14
C VAL E 22 69.93 10.88 -53.84
N HIS E 23 69.20 11.99 -53.96
CA HIS E 23 68.96 12.82 -52.80
C HIS E 23 67.71 13.70 -52.88
N ASP E 24 66.54 13.15 -52.53
CA ASP E 24 66.33 11.73 -52.23
C ASP E 24 67.20 11.11 -51.13
N ARG E 25 67.98 10.10 -51.50
CA ARG E 25 68.76 9.32 -50.54
C ARG E 25 69.67 10.18 -49.68
N GLY E 26 70.85 10.50 -50.20
CA GLY E 26 71.77 11.34 -49.48
C GLY E 26 73.15 11.43 -50.12
N TYR E 27 73.28 10.80 -51.28
CA TYR E 27 74.56 10.78 -51.96
C TYR E 27 74.85 12.14 -52.58
N GLY E 28 75.98 12.25 -53.27
CA GLY E 28 76.39 13.51 -53.87
C GLY E 28 76.46 13.44 -55.39
N VAL E 29 75.66 14.25 -56.06
CA VAL E 29 75.65 14.34 -57.52
C VAL E 29 75.68 15.81 -57.91
N SER E 30 76.31 16.10 -59.05
CA SER E 30 76.51 17.47 -59.51
C SER E 30 75.27 18.07 -60.16
N GLN E 31 74.88 19.25 -59.71
CA GLN E 31 73.70 19.94 -60.23
C GLN E 31 73.84 20.17 -61.72
N ALA E 32 75.01 19.80 -62.25
CA ALA E 32 75.22 19.84 -63.68
C ALA E 32 74.58 18.61 -64.32
N GLU E 33 74.65 17.47 -63.63
CA GLU E 33 74.17 16.21 -64.21
C GLU E 33 72.68 16.05 -64.02
N LEU E 34 72.02 17.14 -63.64
CA LEU E 34 70.60 17.10 -63.37
C LEU E 34 69.88 18.03 -64.32
N ASP E 35 70.64 18.92 -64.95
CA ASP E 35 70.06 19.85 -65.90
C ASP E 35 70.59 19.57 -67.29
N LEU E 36 70.70 18.29 -67.63
CA LEU E 36 71.23 17.89 -68.93
C LEU E 36 70.14 17.82 -69.98
N THR E 37 70.24 18.67 -71.00
CA THR E 37 69.26 18.71 -72.07
C THR E 37 69.43 17.55 -73.06
N LEU E 38 68.56 17.49 -74.06
CA LEU E 38 68.47 16.36 -74.99
C LEU E 38 69.82 16.08 -75.67
N ASP E 39 70.51 17.16 -76.04
CA ASP E 39 71.77 17.12 -76.77
C ASP E 39 72.99 17.17 -75.85
N GLN E 40 72.82 17.72 -74.65
CA GLN E 40 73.92 17.83 -73.71
C GLN E 40 74.33 16.44 -73.30
N PHE E 41 73.41 15.50 -73.49
CA PHE E 41 73.64 14.10 -73.16
C PHE E 41 74.47 13.43 -74.22
N LYS E 42 74.14 13.69 -75.48
CA LYS E 42 74.92 13.19 -76.60
C LYS E 42 76.32 13.81 -76.59
N ALA E 43 76.44 14.97 -75.96
CA ALA E 43 77.71 15.69 -75.92
C ALA E 43 78.79 14.92 -75.15
N MET E 44 78.51 14.64 -73.88
CA MET E 44 79.45 13.89 -73.04
C MET E 44 79.73 12.50 -73.65
N HIS E 45 78.73 11.94 -74.33
CA HIS E 45 78.87 10.63 -74.95
C HIS E 45 79.15 10.76 -76.45
N CYS E 46 80.29 10.25 -76.88
CA CYS E 46 80.67 10.30 -78.29
C CYS E 46 80.41 8.97 -78.98
N GLY E 47 79.37 8.95 -79.83
CA GLY E 47 79.01 7.74 -80.56
C GLY E 47 79.10 7.93 -82.05
N MET E 48 79.79 7.02 -82.73
CA MET E 48 79.94 7.07 -84.17
C MET E 48 78.89 7.98 -84.81
N GLY E 49 77.65 7.50 -84.84
CA GLY E 49 76.56 8.25 -85.41
C GLY E 49 76.26 9.52 -84.63
N ARG E 50 74.97 9.88 -84.57
CA ARG E 50 73.93 9.11 -85.22
C ARG E 50 73.38 8.03 -84.30
N ASN E 51 73.80 6.79 -84.54
CA ASN E 51 73.37 5.66 -83.72
C ASN E 51 74.45 5.17 -82.77
N LEU E 52 74.98 3.99 -83.03
CA LEU E 52 76.02 3.41 -82.20
C LEU E 52 76.26 4.26 -80.94
N ASP E 53 75.67 3.84 -79.83
CA ASP E 53 75.82 4.56 -78.57
C ASP E 53 76.61 3.75 -77.55
N ARG E 54 75.89 3.10 -76.64
CA ARG E 54 76.52 2.28 -75.61
C ARG E 54 77.86 2.87 -75.17
N THR E 55 78.84 2.01 -74.98
CA THR E 55 80.17 2.44 -74.57
C THR E 55 80.39 2.20 -73.07
N THR E 56 80.44 3.28 -72.31
CA THR E 56 80.65 3.17 -70.86
C THR E 56 79.53 3.84 -70.08
N LEU E 57 78.29 3.66 -70.55
CA LEU E 57 77.14 4.24 -69.90
C LEU E 57 76.95 3.67 -68.50
N SER E 58 77.40 4.42 -67.50
CA SER E 58 77.30 3.98 -66.11
C SER E 58 78.49 4.45 -65.29
N PHE E 59 78.22 5.32 -64.32
CA PHE E 59 79.28 5.86 -63.46
C PHE E 59 78.98 5.59 -61.99
N TYR E 60 79.65 6.33 -61.10
CA TYR E 60 79.46 6.17 -59.67
C TYR E 60 79.15 7.50 -59.00
N ALA E 61 79.13 7.51 -57.67
CA ALA E 61 78.86 8.73 -56.91
C ALA E 61 79.19 8.54 -55.44
N LYS E 62 79.38 9.65 -54.74
CA LYS E 62 79.71 9.62 -53.32
C LYS E 62 78.60 10.26 -52.49
N PRO E 63 78.56 9.90 -51.21
CA PRO E 63 77.54 10.45 -50.29
C PRO E 63 78.08 11.61 -49.47
N SER E 64 77.22 12.22 -48.66
CA SER E 64 77.61 13.34 -47.82
C SER E 64 77.38 13.04 -46.36
N ASN E 65 76.58 12.01 -46.08
CA ASN E 65 76.27 11.62 -44.71
C ASN E 65 77.51 11.13 -43.95
N ASP E 66 78.68 11.45 -44.48
CA ASP E 66 79.97 11.04 -43.87
C ASP E 66 80.05 9.53 -43.58
N SER E 67 79.83 9.16 -42.33
CA SER E 67 79.93 7.77 -41.91
C SER E 67 78.81 6.92 -42.50
N ASN E 68 78.35 5.94 -41.74
CA ASN E 68 77.32 5.00 -42.19
C ASN E 68 77.82 4.11 -43.32
N LYS E 69 78.60 4.70 -44.22
CA LYS E 69 79.11 4.00 -45.41
C LYS E 69 77.97 3.42 -46.23
N GLY E 70 78.24 3.16 -47.51
CA GLY E 70 79.54 3.42 -48.10
C GLY E 70 79.44 4.19 -49.39
N THR E 71 79.00 3.52 -50.45
CA THR E 71 78.83 4.17 -51.73
C THR E 71 78.12 3.29 -52.77
N ILE E 72 77.51 3.94 -53.78
CA ILE E 72 76.68 3.25 -54.76
C ILE E 72 77.20 3.39 -56.18
N TYR E 73 76.87 2.38 -57.00
CA TYR E 73 77.36 2.36 -58.36
C TYR E 73 76.23 2.19 -59.35
N ILE E 74 75.97 3.24 -60.12
CA ILE E 74 75.04 3.19 -61.25
C ILE E 74 75.71 2.51 -62.45
N GLU E 75 75.12 1.45 -62.99
CA GLU E 75 75.69 0.78 -64.16
C GLU E 75 74.63 0.12 -65.05
N PHE E 76 74.51 0.60 -66.29
CA PHE E 76 73.49 0.13 -67.22
C PHE E 76 73.70 -1.29 -67.69
N ALA E 77 73.78 -1.49 -69.00
CA ALA E 77 74.14 -2.81 -69.54
C ALA E 77 75.19 -2.81 -70.68
N LYS E 78 74.86 -2.36 -71.89
CA LYS E 78 73.51 -1.99 -72.30
C LYS E 78 72.92 -3.19 -73.02
N GLU E 79 73.50 -4.36 -72.76
CA GLU E 79 73.09 -5.60 -73.40
C GLU E 79 71.71 -6.08 -72.98
N PRO E 80 70.76 -6.03 -73.92
CA PRO E 80 69.39 -6.53 -73.69
C PRO E 80 69.40 -7.92 -73.06
N SER E 81 68.27 -8.32 -72.48
CA SER E 81 68.12 -9.65 -71.87
C SER E 81 69.30 -10.05 -71.01
N VAL E 82 69.10 -10.08 -69.69
CA VAL E 82 70.20 -10.38 -68.77
C VAL E 82 69.77 -11.18 -67.54
N GLY E 83 70.53 -12.23 -67.18
CA GLY E 83 71.71 -12.65 -67.93
C GLY E 83 72.92 -12.97 -67.08
N ILE E 84 73.17 -14.27 -66.84
CA ILE E 84 74.34 -14.73 -66.08
C ILE E 84 75.65 -14.32 -66.74
N LYS E 85 75.62 -14.21 -68.07
CA LYS E 85 76.78 -13.81 -68.88
C LYS E 85 76.98 -12.30 -68.83
N GLU E 86 76.60 -11.68 -67.72
CA GLU E 86 76.71 -10.24 -67.57
C GLU E 86 76.47 -9.85 -66.12
N MET E 87 76.05 -10.82 -65.32
CA MET E 87 75.70 -10.59 -63.92
C MET E 87 76.85 -10.88 -62.97
N ARG E 88 77.02 -12.16 -62.68
CA ARG E 88 78.08 -12.61 -61.80
C ARG E 88 79.41 -12.10 -62.28
N THR E 89 79.48 -11.79 -63.58
CA THR E 89 80.70 -11.29 -64.17
C THR E 89 80.84 -9.80 -63.90
N PHE E 90 79.72 -9.14 -63.62
CA PHE E 90 79.77 -7.74 -63.23
C PHE E 90 79.49 -7.56 -61.74
N VAL E 91 80.26 -8.27 -60.93
CA VAL E 91 80.19 -8.11 -59.49
C VAL E 91 81.59 -7.91 -58.95
N HIS E 92 82.54 -8.66 -59.51
CA HIS E 92 83.95 -8.49 -59.16
C HIS E 92 84.27 -7.02 -59.25
N THR E 93 83.80 -6.38 -60.33
CA THR E 93 83.99 -4.96 -60.51
C THR E 93 83.43 -4.23 -59.30
N LEU E 94 82.29 -4.72 -58.81
CA LEU E 94 81.61 -4.11 -57.67
C LEU E 94 82.35 -4.40 -56.38
N GLY E 95 83.22 -5.41 -56.40
CA GLY E 95 84.01 -5.76 -55.23
C GLY E 95 85.40 -5.18 -55.31
N ASP E 96 85.74 -4.63 -56.48
CA ASP E 96 87.08 -4.10 -56.69
C ASP E 96 87.21 -2.66 -56.19
N HIS E 97 86.36 -1.75 -56.68
CA HIS E 97 86.32 -0.38 -56.18
C HIS E 97 85.65 -0.28 -54.82
N ASN E 98 85.14 -1.40 -54.32
CA ASN E 98 84.46 -1.40 -53.03
C ASN E 98 83.28 -0.44 -52.99
N HIS E 99 82.08 -0.98 -53.00
CA HIS E 99 80.88 -0.16 -52.87
C HIS E 99 79.90 -0.80 -51.89
N LYS E 100 79.04 0.02 -51.28
CA LYS E 100 77.97 -0.50 -50.44
C LYS E 100 76.97 -1.26 -51.28
N THR E 101 76.57 -0.66 -52.39
CA THR E 101 75.76 -1.34 -53.38
C THR E 101 75.59 -0.55 -54.69
N GLY E 102 74.89 -1.14 -55.64
CA GLY E 102 74.78 -0.53 -56.95
C GLY E 102 73.54 -1.00 -57.68
N ILE E 103 73.37 -0.51 -58.90
CA ILE E 103 72.20 -0.84 -59.71
C ILE E 103 72.59 -1.41 -61.07
N LEU E 104 71.76 -2.32 -61.57
CA LEU E 104 71.94 -2.86 -62.89
C LEU E 104 70.57 -2.92 -63.55
N ILE E 105 70.46 -2.33 -64.73
CA ILE E 105 69.20 -2.20 -65.46
C ILE E 105 69.15 -3.18 -66.64
N TYR E 106 67.98 -3.41 -67.23
CA TYR E 106 67.85 -4.33 -68.36
C TYR E 106 66.53 -4.25 -69.12
N ALA E 107 66.50 -4.84 -70.31
CA ALA E 107 65.27 -4.91 -71.11
C ALA E 107 65.36 -5.89 -72.28
N ASN E 108 64.45 -6.87 -72.30
CA ASN E 108 63.50 -7.00 -71.23
C ASN E 108 63.72 -8.33 -70.53
N SER E 109 63.04 -8.50 -69.40
CA SER E 109 63.11 -9.75 -68.64
C SER E 109 64.51 -10.12 -68.15
N MET E 110 64.53 -10.88 -67.07
CA MET E 110 65.75 -11.38 -66.46
C MET E 110 65.53 -12.82 -66.02
N THR E 111 66.52 -13.67 -66.28
CA THR E 111 66.40 -15.11 -66.00
C THR E 111 66.51 -15.40 -64.52
N PRO E 112 65.70 -16.35 -64.04
CA PRO E 112 65.72 -16.71 -62.62
C PRO E 112 67.14 -17.05 -62.15
N SER E 113 67.85 -17.86 -62.92
CA SER E 113 69.20 -18.29 -62.57
C SER E 113 70.03 -17.11 -62.10
N ALA E 114 70.06 -16.07 -62.91
CA ALA E 114 70.80 -14.87 -62.58
C ALA E 114 69.93 -13.97 -61.72
N ALA E 115 69.54 -14.44 -60.55
CA ALA E 115 68.80 -13.62 -59.61
C ALA E 115 69.02 -14.10 -58.20
N LYS E 116 69.34 -15.37 -58.08
CA LYS E 116 69.53 -15.99 -56.78
C LYS E 116 71.00 -16.22 -56.51
N ILE E 117 71.70 -16.73 -57.53
CA ILE E 117 73.12 -17.05 -57.39
C ILE E 117 73.94 -15.79 -57.11
N ILE E 118 73.23 -14.72 -56.72
CA ILE E 118 73.87 -13.45 -56.46
C ILE E 118 73.63 -12.98 -55.02
N ALA E 119 72.39 -12.57 -54.75
CA ALA E 119 72.01 -12.03 -53.45
C ALA E 119 72.23 -13.04 -52.32
N THR E 120 73.12 -13.99 -52.58
CA THR E 120 73.28 -15.14 -51.70
C THR E 120 74.58 -15.07 -50.92
N VAL E 121 75.66 -14.70 -51.60
CA VAL E 121 76.95 -14.59 -50.97
C VAL E 121 77.26 -13.12 -50.84
N THR E 122 76.34 -12.30 -51.33
CA THR E 122 76.46 -10.86 -51.27
C THR E 122 76.75 -10.38 -49.86
N GLY E 123 76.27 -11.14 -48.87
CA GLY E 123 76.44 -10.76 -47.49
C GLY E 123 75.68 -9.48 -47.21
N GLN E 124 76.36 -8.52 -46.61
CA GLN E 124 75.75 -7.26 -46.19
C GLN E 124 75.36 -6.37 -47.36
N PHE E 125 76.05 -6.55 -48.48
CA PHE E 125 75.81 -5.73 -49.66
C PHE E 125 74.44 -6.00 -50.25
N THR E 126 74.19 -5.46 -51.44
CA THR E 126 72.88 -5.66 -52.06
C THR E 126 72.77 -5.43 -53.56
N ILE E 127 71.90 -6.20 -54.20
CA ILE E 127 71.63 -6.05 -55.61
C ILE E 127 70.23 -5.51 -55.85
N GLU E 128 70.15 -4.28 -56.34
CA GLU E 128 68.86 -3.70 -56.68
C GLU E 128 68.99 -2.98 -58.01
N THR E 129 67.97 -3.08 -58.87
CA THR E 129 66.75 -3.83 -58.65
C THR E 129 65.91 -3.65 -59.91
N PHE E 130 65.97 -2.43 -60.44
CA PHE E 130 65.08 -1.97 -61.50
C PHE E 130 65.37 -2.58 -62.86
N GLN E 131 64.87 -1.90 -63.90
CA GLN E 131 65.02 -2.27 -65.30
C GLN E 131 64.62 -1.08 -66.17
N GLU E 132 64.37 -1.31 -67.45
CA GLU E 132 64.01 -0.22 -68.35
C GLU E 132 62.56 -0.36 -68.73
N SER E 133 62.16 0.41 -69.74
CA SER E 133 60.79 0.38 -70.23
C SER E 133 59.87 0.14 -69.05
N ASP E 134 60.21 0.76 -67.93
CA ASP E 134 59.46 0.59 -66.70
C ASP E 134 59.62 1.87 -65.90
N LEU E 135 60.62 1.88 -65.02
CA LEU E 135 60.91 3.07 -64.23
C LEU E 135 62.07 3.88 -64.86
N ILE E 136 61.70 4.60 -65.91
CA ILE E 136 62.58 5.51 -66.63
C ILE E 136 62.03 6.92 -66.52
N VAL E 137 60.96 7.06 -65.73
CA VAL E 137 60.43 8.37 -65.34
C VAL E 137 60.21 8.46 -63.81
N ASN E 138 60.92 9.37 -63.16
CA ASN E 138 60.79 9.56 -61.72
C ASN E 138 59.33 9.72 -61.32
N ILE E 139 58.77 8.71 -60.67
CA ILE E 139 57.40 8.79 -60.19
C ILE E 139 57.34 9.74 -59.01
N THR E 140 58.42 9.82 -58.24
CA THR E 140 58.55 10.79 -57.17
C THR E 140 57.87 12.12 -57.49
N HIS E 141 58.05 12.60 -58.72
CA HIS E 141 57.40 13.82 -59.17
C HIS E 141 55.97 13.59 -59.66
N HIS E 142 55.02 13.33 -58.75
CA HIS E 142 53.64 13.08 -59.16
C HIS E 142 52.62 13.66 -58.18
N GLU E 143 51.69 14.48 -58.67
CA GLU E 143 50.66 15.05 -57.82
C GLU E 143 50.32 14.07 -56.70
N LEU E 144 50.05 12.82 -57.06
CA LEU E 144 49.57 11.81 -56.11
C LEU E 144 50.64 11.13 -55.24
N VAL E 145 51.91 11.50 -55.41
CA VAL E 145 52.98 10.83 -54.68
C VAL E 145 53.72 11.79 -53.76
N PRO E 146 53.47 11.64 -52.45
CA PRO E 146 54.02 12.51 -51.40
C PRO E 146 55.47 12.15 -51.21
N LYS E 147 56.31 13.08 -50.77
CA LYS E 147 57.72 12.73 -50.61
C LYS E 147 57.97 12.04 -49.29
N HIS E 148 58.48 10.81 -49.41
CA HIS E 148 58.95 10.00 -48.31
C HIS E 148 60.40 10.39 -48.02
N ILE E 149 60.79 10.34 -46.74
CA ILE E 149 62.18 10.55 -46.34
C ILE E 149 62.61 9.47 -45.34
N LEU E 150 63.85 9.02 -45.48
CA LEU E 150 64.38 7.91 -44.68
C LEU E 150 64.48 8.25 -43.21
N LEU E 151 64.58 7.23 -42.36
CA LEU E 151 64.76 7.43 -40.92
C LEU E 151 65.95 6.67 -40.36
N SER E 152 66.92 7.41 -39.83
CA SER E 152 68.07 6.79 -39.18
C SER E 152 67.56 5.82 -38.12
N PRO E 153 68.37 4.83 -37.77
CA PRO E 153 67.95 3.86 -36.75
C PRO E 153 67.66 4.55 -35.43
N ASP E 154 68.35 5.66 -35.15
CA ASP E 154 68.08 6.43 -33.95
C ASP E 154 66.64 6.92 -33.98
N GLU E 155 66.30 7.64 -35.05
CA GLU E 155 64.95 8.16 -35.20
C GLU E 155 63.92 7.04 -35.19
N LYS E 156 64.30 5.86 -35.67
CA LYS E 156 63.39 4.72 -35.65
C LYS E 156 62.96 4.45 -34.21
N LYS E 157 63.92 4.45 -33.29
CA LYS E 157 63.60 4.12 -31.90
C LYS E 157 62.68 5.18 -31.29
N GLU E 158 62.71 6.37 -31.87
CA GLU E 158 61.84 7.44 -31.40
C GLU E 158 60.38 7.03 -31.44
N LEU E 159 59.89 6.73 -32.64
CA LEU E 159 58.50 6.33 -32.81
C LEU E 159 58.09 5.29 -31.78
N LEU E 160 58.90 4.26 -31.64
CA LEU E 160 58.50 3.12 -30.81
C LEU E 160 58.44 3.50 -29.35
N ASP E 161 58.83 4.73 -29.05
CA ASP E 161 58.67 5.25 -27.70
C ASP E 161 57.51 6.22 -27.66
N ARG E 162 57.67 7.35 -28.34
CA ARG E 162 56.66 8.40 -28.33
C ARG E 162 55.26 7.84 -28.55
N TYR E 163 55.18 6.74 -29.29
CA TYR E 163 53.90 6.08 -29.59
C TYR E 163 53.88 4.67 -28.99
N LYS E 164 54.94 4.33 -28.26
CA LYS E 164 55.01 3.05 -27.56
C LYS E 164 54.46 1.92 -28.43
N LEU E 165 55.12 1.62 -29.54
CA LEU E 165 54.61 0.61 -30.45
C LEU E 165 55.58 -0.53 -30.65
N ARG E 166 55.16 -1.49 -31.47
CA ARG E 166 56.02 -2.58 -31.91
C ARG E 166 56.38 -2.42 -33.38
N GLU E 167 57.56 -2.90 -33.73
CA GLU E 167 58.06 -2.83 -35.10
C GLU E 167 57.07 -3.47 -36.07
N THR E 168 55.96 -3.98 -35.55
CA THR E 168 54.97 -4.65 -36.37
C THR E 168 53.68 -3.86 -36.42
N GLN E 169 53.36 -3.20 -35.31
CA GLN E 169 52.10 -2.50 -35.20
C GLN E 169 51.99 -1.28 -36.12
N LEU E 170 53.04 -1.00 -36.90
CA LEU E 170 53.02 0.15 -37.81
C LEU E 170 52.53 -0.19 -39.22
N PRO E 171 52.14 0.84 -39.98
CA PRO E 171 51.82 0.81 -41.41
C PRO E 171 52.96 0.23 -42.29
N ARG E 172 52.74 -0.95 -42.87
CA ARG E 172 53.78 -1.62 -43.64
C ARG E 172 53.89 -1.06 -45.07
N ILE E 173 54.96 -1.40 -45.79
CA ILE E 173 55.11 -1.18 -47.24
C ILE E 173 55.73 -2.39 -47.97
N GLN E 174 54.99 -2.99 -48.89
CA GLN E 174 55.55 -4.09 -49.69
C GLN E 174 56.87 -3.67 -50.34
N LEU E 175 57.80 -4.62 -50.50
CA LEU E 175 59.09 -4.33 -51.09
C LEU E 175 58.86 -3.89 -52.52
N ALA E 176 58.01 -4.62 -53.23
CA ALA E 176 57.78 -4.43 -54.66
C ALA E 176 57.16 -3.06 -55.00
N ASP E 177 57.31 -2.10 -54.09
CA ASP E 177 56.76 -0.77 -54.29
C ASP E 177 57.78 0.15 -54.92
N PRO E 178 57.47 0.69 -56.11
CA PRO E 178 58.40 1.56 -56.82
C PRO E 178 59.02 2.64 -55.94
N VAL E 179 58.40 2.98 -54.80
CA VAL E 179 59.03 3.95 -53.89
C VAL E 179 59.95 3.30 -52.86
N ALA E 180 59.64 2.07 -52.49
CA ALA E 180 60.59 1.27 -51.73
C ALA E 180 61.87 1.11 -52.59
N ARG E 181 61.76 0.37 -53.69
CA ARG E 181 62.85 0.16 -54.64
C ARG E 181 63.60 1.46 -54.85
N TYR E 182 62.86 2.55 -55.04
CA TYR E 182 63.44 3.85 -55.33
C TYR E 182 64.43 4.26 -54.24
N LEU E 183 63.95 4.48 -53.03
CA LEU E 183 64.84 4.84 -51.95
C LEU E 183 65.67 3.65 -51.48
N GLY E 184 65.29 2.44 -51.91
CA GLY E 184 66.06 1.24 -51.62
C GLY E 184 65.86 0.73 -50.20
N LEU E 185 64.61 0.76 -49.76
CA LEU E 185 64.28 0.31 -48.42
C LEU E 185 64.58 -1.17 -48.27
N LYS E 186 65.09 -1.54 -47.10
CA LYS E 186 65.31 -2.93 -46.78
C LYS E 186 64.32 -3.27 -45.66
N ARG E 187 64.07 -4.56 -45.47
CA ARG E 187 63.08 -4.99 -44.51
C ARG E 187 63.44 -4.57 -43.10
N GLY E 188 62.76 -3.56 -42.57
CA GLY E 188 62.96 -3.15 -41.19
C GLY E 188 63.12 -1.67 -40.98
N GLU E 189 63.61 -0.98 -42.00
CA GLU E 189 63.74 0.45 -41.92
C GLU E 189 62.37 1.08 -41.84
N VAL E 190 62.34 2.37 -41.51
CA VAL E 190 61.09 3.10 -41.28
C VAL E 190 61.07 4.47 -41.95
N VAL E 191 60.03 4.73 -42.75
CA VAL E 191 60.01 5.89 -43.63
C VAL E 191 58.92 6.88 -43.29
N LYS E 192 59.31 8.11 -42.98
CA LYS E 192 58.38 9.17 -42.61
C LYS E 192 57.94 9.87 -43.87
N ILE E 193 56.63 10.10 -44.01
CA ILE E 193 56.11 10.78 -45.18
C ILE E 193 55.23 11.94 -44.77
N VAL E 194 55.40 13.08 -45.42
CA VAL E 194 54.66 14.28 -45.05
C VAL E 194 53.58 14.53 -46.07
N ARG E 195 52.33 14.24 -45.70
CA ARG E 195 51.22 14.17 -46.65
C ARG E 195 50.67 15.54 -46.94
N ARG E 196 50.48 15.84 -48.21
CA ARG E 196 49.87 17.08 -48.60
C ARG E 196 48.40 17.01 -48.22
N SER E 197 48.16 16.40 -47.05
CA SER E 197 46.81 16.20 -46.50
C SER E 197 46.04 17.52 -46.40
N GLU E 198 45.02 17.60 -45.55
CA GLU E 198 44.21 18.84 -45.61
C GLU E 198 44.62 19.75 -44.47
N THR E 199 44.38 19.25 -43.27
CA THR E 199 43.80 17.95 -43.09
C THR E 199 42.60 17.99 -42.14
N SER E 200 42.53 19.00 -41.28
CA SER E 200 43.40 20.19 -41.28
C SER E 200 44.94 20.08 -40.99
N GLY E 201 45.74 20.65 -41.91
CA GLY E 201 47.19 20.73 -41.80
C GLY E 201 48.12 20.02 -42.82
N ARG E 202 49.30 19.68 -42.33
CA ARG E 202 50.32 18.87 -43.01
C ARG E 202 50.59 17.66 -42.11
N TYR E 203 49.70 16.67 -42.15
CA TYR E 203 49.79 15.46 -41.31
C TYR E 203 50.98 14.53 -41.71
N ASN E 204 51.74 14.07 -40.71
CA ASN E 204 52.84 13.16 -40.93
C ASN E 204 52.44 11.72 -40.70
N SER E 205 52.57 10.86 -41.70
CA SER E 205 52.39 9.41 -41.51
C SER E 205 53.72 8.68 -41.53
N TYR E 206 53.74 7.48 -40.98
CA TYR E 206 54.97 6.69 -40.95
C TYR E 206 54.69 5.27 -41.44
N ARG E 207 55.70 4.65 -42.05
CA ARG E 207 55.58 3.28 -42.52
C ARG E 207 56.88 2.47 -42.41
N ILE E 208 56.74 1.16 -42.27
CA ILE E 208 57.88 0.24 -42.29
C ILE E 208 57.85 -0.64 -43.54
N CYS E 209 58.68 -1.67 -43.56
CA CYS E 209 58.78 -2.56 -44.71
C CYS E 209 58.39 -4.00 -44.40
N ALA E 210 58.07 -4.77 -45.44
CA ALA E 210 57.77 -6.18 -45.29
C ALA E 210 57.90 -6.93 -46.61
N SER F 60 49.81 -7.08 -19.59
CA SER F 60 50.90 -6.73 -18.67
C SER F 60 50.89 -5.25 -18.34
N GLY F 61 50.18 -4.89 -17.27
CA GLY F 61 50.09 -3.51 -16.85
C GLY F 61 51.45 -2.85 -16.70
N LYS F 62 51.49 -1.73 -16.00
CA LYS F 62 52.74 -1.00 -15.79
C LYS F 62 52.55 0.18 -14.85
N ALA F 63 51.32 0.68 -14.77
CA ALA F 63 51.00 1.83 -13.90
C ALA F 63 51.79 3.07 -14.28
N VAL F 64 51.18 4.26 -14.13
CA VAL F 64 51.80 5.53 -14.58
C VAL F 64 51.82 6.57 -13.46
N ALA F 65 52.78 7.49 -13.53
CA ALA F 65 53.01 8.45 -12.45
C ALA F 65 51.92 9.50 -12.28
N LYS F 66 51.31 9.54 -11.10
CA LYS F 66 50.24 10.49 -10.80
C LYS F 66 50.77 11.92 -10.95
N GLU F 67 52.03 12.02 -11.33
CA GLU F 67 52.71 13.29 -11.44
C GLU F 67 53.00 13.59 -12.90
N ASP F 68 53.26 12.55 -13.68
CA ASP F 68 53.51 12.71 -15.10
C ASP F 68 52.40 12.10 -15.91
N ARG F 69 51.24 12.71 -15.87
CA ARG F 69 50.10 12.21 -16.60
C ARG F 69 50.08 12.76 -18.04
N THR F 70 49.71 11.90 -18.99
CA THR F 70 49.74 12.27 -20.39
C THR F 70 48.39 12.75 -20.91
N THR F 71 47.37 11.91 -20.72
CA THR F 71 46.07 12.10 -21.35
C THR F 71 45.41 13.46 -21.05
N THR F 72 44.27 13.71 -21.69
CA THR F 72 43.59 15.01 -21.60
C THR F 72 42.96 15.28 -20.26
N PRO F 73 43.26 16.45 -19.69
CA PRO F 73 42.76 16.92 -18.39
C PRO F 73 41.23 16.99 -18.33
N TYR F 74 40.55 17.00 -19.48
CA TYR F 74 39.08 17.15 -19.53
C TYR F 74 38.36 15.79 -19.46
N MET F 75 37.14 15.77 -18.94
CA MET F 75 36.39 14.52 -18.80
C MET F 75 35.59 14.21 -20.05
N THR F 76 35.71 12.98 -20.54
CA THR F 76 35.25 12.63 -21.89
C THR F 76 33.77 12.38 -22.03
N LYS F 77 33.26 12.63 -23.23
CA LYS F 77 31.85 12.40 -23.53
C LYS F 77 31.40 11.11 -22.87
N TYR F 78 32.23 10.07 -22.95
CA TYR F 78 31.80 8.73 -22.59
C TYR F 78 31.87 8.51 -21.11
N GLU F 79 32.94 9.01 -20.52
CA GLU F 79 33.13 8.91 -19.08
C GLU F 79 31.95 9.51 -18.24
N ARG F 80 31.70 10.80 -18.38
CA ARG F 80 30.52 11.40 -17.77
C ARG F 80 29.40 10.38 -17.81
N ALA F 81 29.22 9.74 -18.95
CA ALA F 81 28.08 8.84 -19.12
C ALA F 81 28.24 7.57 -18.29
N ARG F 82 29.48 7.20 -18.04
CA ARG F 82 29.71 5.97 -17.34
C ARG F 82 29.67 6.24 -15.83
N ILE F 83 30.31 7.34 -15.42
CA ILE F 83 30.31 7.73 -14.00
C ILE F 83 28.88 7.88 -13.50
N LEU F 84 28.15 8.84 -14.05
CA LEU F 84 26.77 9.02 -13.69
C LEU F 84 26.02 7.70 -13.72
N GLY F 85 26.43 6.80 -14.59
CA GLY F 85 25.77 5.51 -14.64
C GLY F 85 26.18 4.78 -13.39
N THR F 86 27.46 4.89 -13.05
CA THR F 86 27.95 4.11 -11.94
C THR F 86 27.42 4.58 -10.59
N ARG F 87 27.52 5.87 -10.28
CA ARG F 87 27.00 6.31 -9.01
C ARG F 87 25.51 6.06 -8.91
N ALA F 88 24.79 6.23 -10.00
CA ALA F 88 23.36 5.95 -9.99
C ALA F 88 23.12 4.62 -9.30
N LEU F 89 23.74 3.56 -9.82
CA LEU F 89 23.50 2.24 -9.28
C LEU F 89 23.88 2.26 -7.81
N GLN F 90 24.96 2.96 -7.47
CA GLN F 90 25.49 2.96 -6.10
C GLN F 90 24.46 3.50 -5.14
N ILE F 91 24.14 4.77 -5.29
CA ILE F 91 23.07 5.35 -4.54
C ILE F 91 21.78 4.54 -4.63
N SER F 92 21.44 4.05 -5.81
CA SER F 92 20.20 3.34 -5.91
C SER F 92 20.28 2.21 -4.92
N MET F 93 21.50 1.80 -4.58
CA MET F 93 21.73 0.65 -3.70
C MET F 93 21.96 1.11 -2.26
N ASN F 94 21.16 2.08 -1.81
CA ASN F 94 21.38 2.76 -0.53
C ASN F 94 22.86 2.99 -0.29
N ALA F 95 23.37 4.13 -0.71
CA ALA F 95 24.77 4.39 -0.48
C ALA F 95 24.95 5.76 0.11
N PRO F 96 26.10 5.97 0.74
CA PRO F 96 26.51 7.22 1.37
C PRO F 96 26.55 8.36 0.37
N VAL F 97 25.51 9.16 0.32
CA VAL F 97 25.44 10.27 -0.63
C VAL F 97 26.28 11.46 -0.18
N LEU F 98 27.14 11.96 -1.06
CA LEU F 98 28.15 12.93 -0.65
C LEU F 98 27.80 14.41 -0.83
N VAL F 99 26.54 14.75 -1.09
CA VAL F 99 26.14 16.16 -1.09
C VAL F 99 24.76 16.41 -0.53
N ASP F 100 24.62 17.51 0.20
CA ASP F 100 23.35 17.87 0.81
C ASP F 100 22.21 17.49 -0.14
N LEU F 101 21.39 16.53 0.31
CA LEU F 101 20.26 16.04 -0.45
C LEU F 101 19.32 17.19 -0.74
N GLU F 102 19.20 17.56 -2.01
CA GLU F 102 18.39 18.70 -2.39
C GLU F 102 16.91 18.40 -2.15
N GLY F 103 16.58 17.12 -2.06
CA GLY F 103 15.21 16.68 -1.92
C GLY F 103 14.75 15.97 -3.18
N GLU F 104 15.61 15.09 -3.66
CA GLU F 104 15.34 14.39 -4.91
C GLU F 104 14.71 13.02 -4.66
N THR F 105 14.53 12.26 -5.74
CA THR F 105 13.94 10.92 -5.66
C THR F 105 14.69 9.98 -6.57
N ASP F 106 15.29 10.55 -7.63
CA ASP F 106 15.90 9.79 -8.73
C ASP F 106 17.39 9.57 -8.57
N PRO F 107 17.76 8.35 -8.18
CA PRO F 107 19.10 7.87 -7.90
C PRO F 107 20.12 8.41 -8.90
N LEU F 108 19.66 8.99 -9.98
CA LEU F 108 20.56 9.50 -11.00
C LEU F 108 20.51 11.00 -11.01
N GLN F 109 19.30 11.55 -11.05
CA GLN F 109 19.16 13.00 -11.04
C GLN F 109 19.87 13.52 -9.81
N ILE F 110 20.07 12.65 -8.82
CA ILE F 110 20.82 13.01 -7.62
C ILE F 110 22.29 12.95 -7.94
N ALA F 111 22.73 11.88 -8.58
CA ALA F 111 24.13 11.71 -8.92
C ALA F 111 24.61 12.92 -9.72
N MET F 112 23.73 13.46 -10.53
CA MET F 112 24.04 14.63 -11.35
C MET F 112 24.25 15.85 -10.47
N LYS F 113 23.49 15.95 -9.38
CA LYS F 113 23.68 17.04 -8.40
C LYS F 113 25.09 16.97 -7.86
N GLU F 114 25.57 15.73 -7.68
CA GLU F 114 26.92 15.49 -7.22
C GLU F 114 27.93 15.92 -8.26
N LEU F 115 27.80 15.38 -9.46
CA LEU F 115 28.74 15.68 -10.51
C LEU F 115 28.96 17.20 -10.65
N ALA F 116 27.88 17.96 -10.62
CA ALA F 116 27.98 19.40 -10.84
C ALA F 116 28.91 20.02 -9.82
N GLN F 117 28.84 19.52 -8.59
CA GLN F 117 29.67 19.97 -7.48
C GLN F 117 30.97 19.18 -7.37
N LYS F 118 31.24 18.30 -8.34
CA LYS F 118 32.46 17.50 -8.35
C LYS F 118 32.72 16.88 -6.98
N LYS F 119 31.65 16.54 -6.27
CA LYS F 119 31.78 15.92 -4.98
C LYS F 119 31.32 14.49 -5.06
N ILE F 120 31.90 13.75 -6.00
CA ILE F 120 31.56 12.35 -6.15
C ILE F 120 32.81 11.50 -6.30
N PRO F 121 32.92 10.42 -5.49
CA PRO F 121 33.99 9.43 -5.47
C PRO F 121 34.27 8.84 -6.84
N LEU F 122 34.58 7.55 -6.91
CA LEU F 122 34.90 6.93 -8.21
C LEU F 122 36.05 7.60 -8.95
N LEU F 123 36.95 6.78 -9.49
CA LEU F 123 38.02 7.33 -10.29
C LEU F 123 38.07 6.53 -11.58
N VAL F 124 38.79 7.05 -12.55
CA VAL F 124 38.81 6.39 -13.85
C VAL F 124 40.20 5.89 -14.27
N ARG F 125 40.34 4.60 -14.52
CA ARG F 125 41.63 4.07 -14.94
C ARG F 125 41.61 4.02 -16.42
N ARG F 126 42.46 4.83 -17.04
CA ARG F 126 42.51 4.91 -18.49
C ARG F 126 43.60 4.02 -19.10
N TYR F 127 43.25 2.81 -19.49
CA TYR F 127 44.28 1.96 -20.06
C TYR F 127 44.83 2.47 -21.40
N LEU F 128 46.16 2.61 -21.44
CA LEU F 128 46.91 2.89 -22.66
C LEU F 128 47.14 1.62 -23.48
N PRO F 129 47.50 1.79 -24.77
CA PRO F 129 47.81 0.67 -25.65
C PRO F 129 48.98 -0.12 -25.05
N ASP F 130 50.00 0.60 -24.59
CA ASP F 130 51.12 -0.02 -23.90
C ASP F 130 50.64 -1.13 -22.98
N GLY F 131 49.76 -0.76 -22.05
CA GLY F 131 49.22 -1.69 -21.09
C GLY F 131 49.24 -0.98 -19.75
N SER F 132 49.77 0.25 -19.80
CA SER F 132 49.87 1.11 -18.62
C SER F 132 48.56 1.81 -18.46
N TYR F 133 48.42 2.58 -17.38
CA TYR F 133 47.16 3.26 -17.13
C TYR F 133 47.32 4.60 -16.42
N GLU F 134 46.23 5.33 -16.27
CA GLU F 134 46.23 6.54 -15.48
C GLU F 134 44.94 6.60 -14.66
N ASP F 135 45.04 7.15 -13.46
CA ASP F 135 43.89 7.28 -12.58
C ASP F 135 43.48 8.75 -12.47
N TRP F 136 42.21 9.04 -12.71
CA TRP F 136 41.73 10.43 -12.58
C TRP F 136 40.58 10.60 -11.60
N SER F 137 40.60 11.73 -10.91
CA SER F 137 39.65 12.00 -9.84
C SER F 137 38.59 12.87 -10.41
N VAL F 138 37.35 12.63 -10.02
CA VAL F 138 36.28 13.42 -10.58
C VAL F 138 36.51 14.92 -10.36
N ALA F 139 37.13 15.26 -9.24
CA ALA F 139 37.42 16.66 -8.92
C ALA F 139 38.58 17.20 -9.76
N GLU F 140 39.41 16.30 -10.26
CA GLU F 140 40.51 16.68 -11.12
C GLU F 140 39.99 17.10 -12.48
N LEU F 141 39.08 16.28 -13.02
CA LEU F 141 38.64 16.32 -14.41
C LEU F 141 37.93 17.59 -14.83
N ILE F 142 37.73 17.73 -16.13
CA ILE F 142 37.02 18.87 -16.68
C ILE F 142 36.16 18.49 -17.90
N PHE G 3 54.16 -24.71 12.15
CA PHE G 3 53.53 -23.38 12.09
C PHE G 3 54.34 -22.44 11.22
N PHE G 4 53.64 -21.65 10.41
CA PHE G 4 54.30 -20.69 9.54
C PHE G 4 53.66 -19.34 9.64
N LEU G 5 54.43 -18.35 9.25
CA LEU G 5 54.00 -16.96 9.24
C LEU G 5 54.20 -16.66 7.77
N LYS G 6 53.10 -16.49 7.05
CA LYS G 6 53.20 -16.23 5.62
C LYS G 6 52.33 -15.10 5.16
N GLU G 7 52.49 -14.75 3.89
CA GLU G 7 51.70 -13.69 3.28
C GLU G 7 50.66 -14.35 2.40
N LEU G 8 49.41 -13.95 2.60
CA LEU G 8 48.30 -14.49 1.83
C LEU G 8 47.52 -13.36 1.19
N SER G 9 46.63 -13.73 0.29
CA SER G 9 45.83 -12.75 -0.40
C SER G 9 44.40 -13.12 -0.12
N LEU G 10 43.52 -12.16 -0.35
CA LEU G 10 42.09 -12.38 -0.18
C LEU G 10 41.38 -11.17 -0.74
N THR G 11 40.26 -11.39 -1.43
CA THR G 11 39.52 -10.27 -1.99
C THR G 11 38.27 -10.02 -1.17
N ILE G 12 38.00 -8.75 -0.89
CA ILE G 12 36.83 -8.36 -0.11
C ILE G 12 35.92 -7.62 -1.07
N SER G 13 34.68 -8.08 -1.17
CA SER G 13 33.70 -7.45 -2.05
C SER G 13 32.65 -6.71 -1.25
N LEU G 14 32.81 -5.38 -1.28
CA LEU G 14 32.24 -4.51 -0.28
C LEU G 14 30.93 -4.07 -0.84
N HIS G 15 30.11 -3.42 -0.05
CA HIS G 15 28.81 -3.11 -0.65
C HIS G 15 28.66 -1.60 -0.46
N PRO G 16 28.00 -0.92 -1.40
CA PRO G 16 27.79 0.53 -1.31
C PRO G 16 27.41 1.00 0.09
N SER G 17 26.44 0.33 0.69
CA SER G 17 25.97 0.67 2.03
C SER G 17 27.08 0.97 3.05
N TYR G 18 28.26 0.41 2.82
CA TYR G 18 29.37 0.56 3.76
C TYR G 18 30.58 1.32 3.19
N PHE G 19 30.31 2.34 2.37
CA PHE G 19 31.37 3.19 1.85
C PHE G 19 31.82 4.17 2.92
N GLY G 20 30.86 4.85 3.54
CA GLY G 20 31.14 5.80 4.60
C GLY G 20 32.49 6.45 4.46
N PRO G 21 33.07 6.84 5.59
CA PRO G 21 34.39 7.48 5.59
C PRO G 21 35.44 6.66 6.34
N ARG G 22 35.08 5.45 6.75
CA ARG G 22 35.99 4.60 7.49
C ARG G 22 36.06 3.20 6.87
N MET G 23 35.92 3.13 5.56
CA MET G 23 35.96 1.86 4.85
C MET G 23 37.13 1.00 5.33
N GLN G 24 38.33 1.56 5.29
CA GLN G 24 39.52 0.86 5.73
C GLN G 24 39.22 -0.10 6.88
N ASP G 25 38.51 0.41 7.89
CA ASP G 25 38.16 -0.39 9.05
C ASP G 25 37.26 -1.57 8.65
N TYR G 26 36.23 -1.28 7.88
CA TYR G 26 35.30 -2.30 7.41
C TYR G 26 36.03 -3.42 6.68
N LEU G 27 36.86 -3.04 5.71
CA LEU G 27 37.62 -4.01 4.93
C LEU G 27 38.43 -4.92 5.83
N LYS G 28 39.06 -4.33 6.85
CA LYS G 28 39.87 -5.09 7.79
C LYS G 28 39.01 -6.03 8.62
N ALA G 29 37.87 -5.52 9.09
CA ALA G 29 36.95 -6.31 9.89
C ALA G 29 36.40 -7.49 9.11
N LYS G 30 36.09 -7.26 7.83
CA LYS G 30 35.56 -8.32 6.97
C LYS G 30 36.60 -9.38 6.71
N LEU G 31 37.85 -8.96 6.53
CA LEU G 31 38.94 -9.89 6.27
C LEU G 31 39.14 -10.87 7.43
N LEU G 32 39.27 -10.33 8.62
CA LEU G 32 39.47 -11.17 9.79
C LEU G 32 38.39 -12.23 9.88
N ALA G 33 37.17 -11.83 9.57
CA ALA G 33 36.04 -12.74 9.64
C ALA G 33 35.97 -13.82 8.58
N ASP G 34 36.48 -13.51 7.40
CA ASP G 34 36.40 -14.48 6.32
C ASP G 34 37.52 -15.47 6.27
N VAL G 35 38.72 -15.06 6.71
CA VAL G 35 39.87 -15.94 6.65
C VAL G 35 40.24 -16.66 7.95
N GLU G 36 40.14 -15.98 9.09
CA GLU G 36 40.48 -16.59 10.36
C GLU G 36 39.60 -17.80 10.66
N GLY G 37 40.21 -18.94 10.96
CA GLY G 37 39.47 -20.15 11.28
C GLY G 37 39.30 -21.06 10.08
N THR G 38 39.56 -20.53 8.90
CA THR G 38 39.43 -21.31 7.69
C THR G 38 40.63 -22.22 7.53
N CYS G 39 40.51 -23.16 6.60
CA CYS G 39 41.58 -24.10 6.32
C CYS G 39 41.55 -24.47 4.85
N SER G 40 42.72 -24.75 4.30
CA SER G 40 42.84 -25.12 2.90
C SER G 40 43.87 -26.23 2.84
N GLY G 41 43.89 -26.97 1.74
CA GLY G 41 44.86 -28.03 1.62
C GLY G 41 46.19 -27.38 1.28
N GLN G 42 46.11 -26.28 0.53
CA GLN G 42 47.28 -25.56 0.07
C GLN G 42 48.07 -24.87 1.19
N TYR G 43 47.38 -24.12 2.06
CA TYR G 43 48.08 -23.43 3.14
C TYR G 43 47.75 -23.99 4.52
N GLY G 44 46.66 -24.73 4.62
CA GLY G 44 46.28 -25.30 5.90
C GLY G 44 45.41 -24.41 6.76
N TYR G 45 45.53 -24.58 8.08
CA TYR G 45 44.71 -23.82 9.02
C TYR G 45 45.20 -22.38 9.18
N ILE G 46 44.33 -21.43 8.88
CA ILE G 46 44.68 -20.02 9.00
C ILE G 46 44.47 -19.52 10.43
N ILE G 47 45.30 -20.01 11.34
CA ILE G 47 45.21 -19.61 12.74
C ILE G 47 44.62 -18.22 12.88
N CYS G 48 45.43 -17.20 12.61
CA CYS G 48 44.98 -15.82 12.71
C CYS G 48 45.78 -14.92 11.78
N VAL G 49 45.28 -13.71 11.56
CA VAL G 49 45.94 -12.74 10.68
C VAL G 49 46.64 -11.65 11.50
N LEU G 50 47.91 -11.41 11.19
CA LEU G 50 48.69 -10.41 11.89
C LEU G 50 48.25 -9.00 11.49
N ASP G 51 47.00 -8.65 11.82
CA ASP G 51 46.46 -7.34 11.51
C ASP G 51 47.34 -6.23 12.08
N SER G 52 47.32 -5.07 11.42
CA SER G 52 48.11 -3.93 11.86
C SER G 52 49.51 -3.96 11.25
N ASN G 53 49.90 -2.87 10.60
CA ASN G 53 51.21 -2.77 9.98
C ASN G 53 51.37 -3.76 8.83
N THR G 54 51.08 -5.02 9.09
CA THR G 54 51.20 -6.06 8.08
C THR G 54 49.86 -6.28 7.36
N ILE G 55 49.20 -5.19 6.99
CA ILE G 55 47.93 -5.26 6.30
C ILE G 55 47.86 -4.25 5.15
N ASP G 56 48.02 -4.75 3.93
CA ASP G 56 47.99 -3.89 2.75
C ASP G 56 46.59 -3.86 2.14
N ILE G 57 46.16 -2.68 1.72
CA ILE G 57 44.84 -2.51 1.12
C ILE G 57 44.94 -1.82 -0.24
N ASP G 58 45.04 -2.62 -1.29
CA ASP G 58 45.14 -2.09 -2.65
C ASP G 58 43.77 -1.98 -3.30
N LYS G 59 43.75 -1.59 -4.57
CA LYS G 59 42.50 -1.45 -5.31
C LYS G 59 41.76 -0.19 -4.90
N GLY G 60 40.46 -0.14 -5.20
CA GLY G 60 39.80 -1.23 -5.88
C GLY G 60 38.97 -0.77 -7.05
N ARG G 61 38.50 -1.72 -7.86
CA ARG G 61 37.69 -1.40 -9.02
C ARG G 61 36.24 -1.84 -8.83
N VAL G 62 35.32 -0.88 -8.88
CA VAL G 62 33.90 -1.17 -8.71
C VAL G 62 33.38 -2.07 -9.83
N VAL G 63 32.38 -2.88 -9.51
CA VAL G 63 31.79 -3.79 -10.49
C VAL G 63 30.76 -3.08 -11.35
N PRO G 64 30.74 -3.41 -12.64
CA PRO G 64 29.81 -2.79 -13.59
C PRO G 64 28.36 -3.13 -13.24
N GLY G 65 27.98 -4.39 -13.39
CA GLY G 65 26.63 -4.83 -13.08
C GLY G 65 26.53 -5.51 -11.74
N GLN G 66 26.70 -4.73 -10.67
CA GLN G 66 26.63 -5.26 -9.32
C GLN G 66 26.61 -4.14 -8.28
N GLY G 67 27.41 -3.11 -8.53
CA GLY G 67 27.49 -1.97 -7.63
C GLY G 67 28.45 -2.21 -6.48
N PHE G 68 29.12 -3.36 -6.50
CA PHE G 68 30.07 -3.71 -5.46
C PHE G 68 31.51 -3.56 -5.94
N ALA G 69 32.38 -3.11 -5.06
CA ALA G 69 33.78 -2.91 -5.40
C ALA G 69 34.62 -4.00 -4.73
N GLU G 70 35.62 -4.49 -5.47
CA GLU G 70 36.51 -5.55 -5.03
C GLU G 70 37.82 -4.99 -4.51
N PHE G 71 38.08 -5.17 -3.21
CA PHE G 71 39.31 -4.66 -2.58
C PHE G 71 40.33 -5.77 -2.32
N GLU G 72 41.37 -5.85 -3.15
CA GLU G 72 42.39 -6.89 -2.93
C GLU G 72 43.15 -6.59 -1.64
N VAL G 73 43.45 -7.62 -0.86
CA VAL G 73 44.14 -7.43 0.38
C VAL G 73 45.28 -8.39 0.60
N LYS G 74 46.46 -7.86 0.96
CA LYS G 74 47.64 -8.71 1.24
C LYS G 74 47.82 -8.67 2.74
N TYR G 75 47.94 -9.86 3.34
CA TYR G 75 48.08 -9.94 4.79
C TYR G 75 49.03 -11.02 5.28
N ARG G 76 49.51 -10.84 6.51
CA ARG G 76 50.41 -11.80 7.14
C ARG G 76 49.55 -12.62 8.07
N ALA G 77 49.73 -13.93 8.04
CA ALA G 77 48.95 -14.81 8.90
C ALA G 77 49.77 -15.93 9.49
N VAL G 78 49.24 -16.53 10.55
CA VAL G 78 49.89 -17.65 11.19
C VAL G 78 49.08 -18.85 10.71
N LEU G 79 49.73 -19.78 10.03
CA LEU G 79 49.04 -20.95 9.54
C LEU G 79 49.67 -22.23 10.06
N TRP G 80 48.89 -23.30 10.11
CA TRP G 80 49.38 -24.58 10.59
C TRP G 80 49.19 -25.68 9.55
N ARG G 81 50.20 -25.87 8.71
CA ARG G 81 50.14 -26.89 7.67
C ARG G 81 51.07 -28.05 7.97
N PRO G 82 50.51 -29.26 7.99
CA PRO G 82 51.30 -30.47 8.27
C PRO G 82 51.75 -31.16 6.99
N PHE G 83 52.85 -31.91 7.08
CA PHE G 83 53.39 -32.61 5.92
C PHE G 83 53.95 -33.97 6.31
N ARG G 84 53.71 -34.98 5.47
CA ARG G 84 54.19 -36.33 5.73
C ARG G 84 55.67 -36.33 6.06
N GLY G 85 56.03 -36.98 7.18
CA GLY G 85 57.42 -37.05 7.60
C GLY G 85 57.80 -36.17 8.80
N GLU G 86 56.90 -35.25 9.14
CA GLU G 86 57.12 -34.31 10.24
C GLU G 86 56.79 -34.94 11.58
N VAL G 87 57.64 -34.66 12.58
CA VAL G 87 57.43 -35.18 13.92
C VAL G 87 56.86 -34.04 14.75
N VAL G 88 55.78 -34.34 15.46
CA VAL G 88 55.06 -33.35 16.29
C VAL G 88 54.61 -33.96 17.61
N ASP G 89 54.45 -33.10 18.62
CA ASP G 89 53.94 -33.56 19.91
C ASP G 89 52.44 -33.43 19.81
N ALA G 90 51.71 -34.44 20.27
CA ALA G 90 50.27 -34.38 20.21
C ALA G 90 49.65 -34.65 21.56
N ILE G 91 48.36 -34.38 21.69
CA ILE G 91 47.65 -34.60 22.94
C ILE G 91 46.56 -35.65 22.79
N VAL G 92 46.79 -36.82 23.37
CA VAL G 92 45.83 -37.92 23.31
C VAL G 92 44.46 -37.49 23.84
N THR G 93 43.42 -37.79 23.07
CA THR G 93 42.06 -37.43 23.46
C THR G 93 41.26 -38.68 23.86
N THR G 94 41.29 -39.69 23.00
CA THR G 94 40.58 -40.93 23.26
C THR G 94 41.45 -42.14 22.97
N VAL G 95 41.12 -43.26 23.60
CA VAL G 95 41.88 -44.50 23.42
C VAL G 95 40.95 -45.69 23.23
N ASN G 96 40.80 -46.13 21.98
CA ASN G 96 39.94 -47.26 21.65
C ASN G 96 40.71 -48.38 20.96
N LYS G 97 40.23 -49.61 21.14
CA LYS G 97 40.87 -50.78 20.53
C LYS G 97 40.96 -50.62 19.01
N MET G 98 40.85 -49.38 18.54
CA MET G 98 40.92 -49.10 17.12
C MET G 98 42.14 -48.25 16.78
N GLY G 99 42.74 -47.67 17.80
CA GLY G 99 43.92 -46.83 17.62
C GLY G 99 44.03 -45.76 18.68
N PHE G 100 44.71 -44.66 18.34
CA PHE G 100 44.90 -43.56 19.26
C PHE G 100 44.43 -42.24 18.64
N PHE G 101 43.34 -41.70 19.17
CA PHE G 101 42.79 -40.44 18.67
C PHE G 101 43.48 -39.25 19.32
N ALA G 102 44.69 -38.95 18.88
CA ALA G 102 45.46 -37.83 19.41
C ALA G 102 44.83 -36.50 19.01
N ASN G 103 45.65 -35.46 19.00
CA ASN G 103 45.17 -34.12 18.65
C ASN G 103 46.26 -33.07 18.79
N ILE G 104 46.68 -32.49 17.66
CA ILE G 104 47.71 -31.46 17.66
C ILE G 104 47.15 -30.12 17.23
N GLY G 105 47.07 -29.19 18.17
CA GLY G 105 46.55 -27.86 17.89
C GLY G 105 45.10 -27.88 17.47
N PRO G 106 44.86 -27.75 16.17
CA PRO G 106 43.49 -27.76 15.63
C PRO G 106 43.26 -28.93 14.69
N LEU G 107 44.33 -29.64 14.34
CA LEU G 107 44.24 -30.78 13.44
C LEU G 107 44.12 -32.09 14.22
N ASN G 108 43.36 -33.03 13.68
CA ASN G 108 43.17 -34.32 14.33
C ASN G 108 44.03 -35.41 13.71
N VAL G 109 44.89 -36.02 14.52
CA VAL G 109 45.77 -37.09 14.06
C VAL G 109 45.33 -38.44 14.61
N PHE G 110 45.21 -39.42 13.72
CA PHE G 110 44.81 -40.77 14.11
C PHE G 110 45.96 -41.75 14.01
N VAL G 111 46.26 -42.43 15.11
CA VAL G 111 47.34 -43.41 15.15
C VAL G 111 46.80 -44.83 15.14
N SER G 112 46.58 -45.37 13.93
CA SER G 112 46.06 -46.71 13.79
C SER G 112 46.78 -47.70 14.70
N SER G 113 46.03 -48.58 15.34
CA SER G 113 46.60 -49.57 16.24
C SER G 113 47.68 -50.39 15.55
N HIS G 114 47.51 -50.63 14.26
CA HIS G 114 48.46 -51.39 13.48
C HIS G 114 49.79 -50.66 13.35
N LEU G 115 49.77 -49.37 13.65
CA LEU G 115 50.98 -48.54 13.57
C LEU G 115 51.59 -48.32 14.95
N VAL G 116 51.15 -49.13 15.91
CA VAL G 116 51.65 -49.01 17.28
C VAL G 116 52.45 -50.26 17.67
N PRO G 117 53.57 -50.04 18.35
CA PRO G 117 54.43 -51.15 18.79
C PRO G 117 53.62 -52.29 19.37
N PRO G 118 54.17 -53.50 19.34
CA PRO G 118 53.49 -54.68 19.86
C PRO G 118 53.68 -54.82 21.38
N ASP G 119 54.28 -53.81 21.99
CA ASP G 119 54.52 -53.83 23.43
C ASP G 119 53.39 -53.13 24.18
N MET G 120 52.56 -52.39 23.45
CA MET G 120 51.45 -51.69 24.04
C MET G 120 50.13 -52.44 23.87
N LYS G 121 49.89 -53.42 24.72
CA LYS G 121 48.65 -54.17 24.63
C LYS G 121 47.50 -53.26 25.02
N PHE G 122 46.32 -53.54 24.47
CA PHE G 122 45.14 -52.74 24.76
C PHE G 122 44.39 -53.28 25.97
N ASP G 123 44.16 -52.41 26.96
CA ASP G 123 43.46 -52.81 28.17
C ASP G 123 42.13 -52.07 28.31
N PRO G 124 41.03 -52.80 28.18
CA PRO G 124 39.70 -52.21 28.28
C PRO G 124 39.13 -52.35 29.70
N THR G 125 39.67 -53.28 30.47
CA THR G 125 39.21 -53.51 31.83
C THR G 125 39.78 -52.47 32.79
N ALA G 126 41.02 -52.06 32.53
CA ALA G 126 41.68 -51.07 33.38
C ALA G 126 40.81 -49.82 33.54
N ASN G 127 40.63 -49.40 34.79
CA ASN G 127 39.83 -48.21 35.08
C ASN G 127 39.42 -47.47 33.82
N PRO G 128 40.38 -46.81 33.19
CA PRO G 128 40.14 -46.05 31.96
C PRO G 128 40.86 -46.65 30.77
N PRO G 129 40.11 -47.26 29.86
CA PRO G 129 40.69 -47.88 28.66
C PRO G 129 42.01 -47.21 28.27
N ASN G 130 43.08 -48.00 28.23
CA ASN G 130 44.41 -47.47 27.87
C ASN G 130 45.22 -48.48 27.06
N TYR G 131 46.48 -48.14 26.82
CA TYR G 131 47.37 -49.00 26.05
C TYR G 131 48.76 -49.07 26.69
N SER G 132 48.87 -49.86 27.75
CA SER G 132 50.13 -50.01 28.46
C SER G 132 50.97 -51.13 27.86
N GLY G 133 52.16 -51.34 28.41
CA GLY G 133 53.05 -52.37 27.93
C GLY G 133 53.37 -53.41 28.99
N GLU G 134 54.51 -53.23 29.65
CA GLU G 134 55.39 -52.10 29.38
C GLU G 134 55.04 -50.90 30.24
N ASP G 135 55.52 -50.90 31.49
CA ASP G 135 55.25 -49.80 32.41
C ASP G 135 54.54 -48.64 31.71
N GLN G 136 55.25 -48.01 30.77
CA GLN G 136 54.70 -46.89 30.03
C GLN G 136 53.20 -47.06 29.81
N VAL G 137 52.41 -46.12 30.33
CA VAL G 137 50.96 -46.16 30.19
C VAL G 137 50.44 -44.94 29.44
N ILE G 138 49.83 -45.19 28.28
CA ILE G 138 49.29 -44.10 27.46
C ILE G 138 47.76 -44.06 27.55
N GLU G 139 47.25 -43.13 28.35
CA GLU G 139 45.80 -42.98 28.51
C GLU G 139 45.29 -41.73 27.81
N LYS G 140 44.13 -41.26 28.24
CA LYS G 140 43.53 -40.06 27.65
C LYS G 140 44.17 -38.79 28.21
N GLY G 141 45.46 -38.86 28.50
CA GLY G 141 46.18 -37.72 29.05
C GLY G 141 47.68 -37.92 29.04
N SER G 142 48.25 -38.05 27.83
CA SER G 142 49.68 -38.25 27.68
C SER G 142 50.12 -37.96 26.25
N ASN G 143 50.61 -36.75 26.02
CA ASN G 143 51.06 -36.33 24.70
C ASN G 143 52.13 -37.28 24.14
N VAL G 144 51.87 -37.84 22.97
CA VAL G 144 52.80 -38.75 22.33
C VAL G 144 53.47 -38.14 21.12
N ARG G 145 54.60 -38.72 20.73
CA ARG G 145 55.36 -38.25 19.59
C ARG G 145 55.16 -39.19 18.43
N LEU G 146 54.72 -38.64 17.31
CA LEU G 146 54.48 -39.46 16.14
C LEU G 146 55.14 -38.88 14.89
N LYS G 147 55.30 -39.73 13.88
CA LYS G 147 55.91 -39.32 12.63
C LYS G 147 54.93 -39.45 11.46
N ILE G 148 54.24 -38.35 11.15
CA ILE G 148 53.27 -38.34 10.06
C ILE G 148 53.73 -39.24 8.92
N VAL G 149 52.88 -40.20 8.54
CA VAL G 149 53.20 -41.12 7.46
C VAL G 149 52.51 -40.72 6.17
N GLY G 150 51.29 -40.17 6.30
CA GLY G 150 50.53 -39.74 5.14
C GLY G 150 49.45 -38.73 5.52
N THR G 151 49.28 -37.72 4.67
CA THR G 151 48.28 -36.69 4.90
C THR G 151 47.29 -36.61 3.74
N ARG G 152 46.08 -36.12 4.03
CA ARG G 152 45.05 -35.99 3.00
C ARG G 152 44.28 -34.68 3.18
N THR G 153 43.70 -34.20 2.08
CA THR G 153 42.94 -32.96 2.12
C THR G 153 41.57 -33.14 1.44
N ASP G 154 40.54 -33.34 2.25
CA ASP G 154 39.19 -33.53 1.73
C ASP G 154 38.26 -32.42 2.22
N ALA G 155 37.96 -31.48 1.32
CA ALA G 155 37.08 -30.37 1.65
C ALA G 155 37.80 -29.34 2.51
N THR G 156 38.81 -28.71 1.95
CA THR G 156 39.59 -27.70 2.67
C THR G 156 40.23 -28.29 3.92
N GLU G 157 39.57 -29.26 4.53
CA GLU G 157 40.07 -29.92 5.72
C GLU G 157 41.22 -30.86 5.40
N ILE G 158 42.11 -31.06 6.37
CA ILE G 158 43.25 -31.95 6.19
C ILE G 158 43.23 -33.10 7.18
N PHE G 159 43.69 -34.27 6.74
CA PHE G 159 43.73 -35.45 7.59
C PHE G 159 44.83 -36.41 7.15
N ALA G 160 45.68 -36.80 8.10
CA ALA G 160 46.77 -37.72 7.81
C ALA G 160 46.93 -38.75 8.91
N ILE G 161 47.69 -39.80 8.63
CA ILE G 161 47.92 -40.87 9.59
C ILE G 161 49.38 -40.89 10.04
N ALA G 162 49.60 -41.13 11.33
CA ALA G 162 50.94 -41.19 11.89
C ALA G 162 51.24 -42.56 12.47
N THR G 163 52.53 -42.87 12.60
CA THR G 163 52.96 -44.15 13.14
C THR G 163 53.86 -43.97 14.36
N MET G 164 54.15 -45.06 15.06
CA MET G 164 54.99 -45.01 16.24
C MET G 164 56.11 -46.02 16.09
N LYS G 165 56.33 -46.44 14.85
CA LYS G 165 57.34 -47.45 14.54
C LYS G 165 58.79 -47.04 14.67
N GLU G 166 59.13 -45.77 14.48
CA GLU G 166 60.53 -45.39 14.61
C GLU G 166 61.00 -45.18 16.03
N ASP G 167 62.33 -45.11 16.16
CA ASP G 167 62.98 -44.89 17.43
C ASP G 167 62.65 -43.49 17.90
N TYR G 168 62.56 -43.32 19.21
CA TYR G 168 62.30 -42.02 19.81
C TYR G 168 60.91 -41.47 19.55
N LEU G 169 59.94 -42.36 19.47
CA LEU G 169 58.55 -41.98 19.26
C LEU G 169 57.73 -42.59 20.39
N GLY G 170 56.51 -42.11 20.58
CA GLY G 170 55.70 -42.69 21.63
C GLY G 170 55.44 -41.78 22.82
N VAL G 171 55.32 -42.39 24.00
CA VAL G 171 55.02 -41.63 25.19
C VAL G 171 56.02 -40.51 25.41
N LEU G 172 55.51 -39.37 25.87
CA LEU G 172 56.35 -38.22 26.12
C LEU G 172 56.41 -37.87 27.60
N SER H 2 14.40 64.87 -22.89
CA SER H 2 15.56 64.97 -23.77
C SER H 2 15.15 65.01 -25.24
N GLU H 3 14.74 66.18 -25.71
CA GLU H 3 14.29 66.34 -27.08
C GLU H 3 15.41 66.08 -28.07
N SER H 4 15.43 64.85 -28.62
CA SER H 4 16.43 64.44 -29.58
C SER H 4 15.82 64.16 -30.95
N VAL H 5 15.01 65.10 -31.42
CA VAL H 5 14.50 65.07 -32.78
C VAL H 5 15.65 64.74 -33.72
N LEU H 6 15.35 64.00 -34.79
CA LEU H 6 16.39 63.62 -35.74
C LEU H 6 15.99 63.90 -37.22
N LEU H 7 14.73 64.30 -37.43
CA LEU H 7 14.20 64.61 -38.76
C LEU H 7 13.12 65.67 -38.74
N ASP H 8 13.27 66.68 -39.58
CA ASP H 8 12.24 67.70 -39.71
C ASP H 8 12.17 68.22 -41.14
N GLU H 9 12.16 67.31 -42.10
CA GLU H 9 12.14 67.73 -43.50
C GLU H 9 10.94 67.17 -44.29
N ILE H 10 10.42 67.99 -45.20
CA ILE H 10 9.27 67.64 -46.03
C ILE H 10 9.68 66.80 -47.23
N PHE H 11 8.90 65.77 -47.51
CA PHE H 11 9.16 64.91 -48.69
C PHE H 11 7.94 64.79 -49.61
N THR H 12 8.09 64.06 -50.69
CA THR H 12 6.96 63.90 -51.60
C THR H 12 7.04 62.55 -52.29
N VAL H 13 5.90 62.07 -52.77
CA VAL H 13 5.87 60.75 -53.37
C VAL H 13 5.98 60.81 -54.87
N THR H 14 6.87 60.01 -55.44
CA THR H 14 6.93 59.95 -56.90
C THR H 14 6.60 58.58 -57.50
N SER H 15 6.65 57.53 -56.68
CA SER H 15 6.37 56.18 -57.16
C SER H 15 5.90 55.28 -56.01
N VAL H 16 5.02 54.33 -56.30
CA VAL H 16 4.44 53.49 -55.26
C VAL H 16 4.16 52.05 -55.72
N ASP H 17 4.75 51.07 -55.03
CA ASP H 17 4.48 49.66 -55.27
C ASP H 17 4.20 48.96 -53.94
N LYS H 18 3.07 48.27 -53.77
CA LYS H 18 2.08 47.93 -54.80
C LYS H 18 2.65 47.00 -55.85
N GLN H 19 3.30 45.96 -55.36
CA GLN H 19 3.86 44.90 -56.18
C GLN H 19 3.42 43.57 -55.59
N LYS H 20 2.25 43.11 -56.00
CA LYS H 20 1.75 41.79 -55.59
C LYS H 20 1.74 41.60 -54.05
N TYR H 21 1.78 42.69 -53.30
CA TYR H 21 1.53 42.66 -51.85
C TYR H 21 0.19 43.31 -51.61
N GLN H 22 -0.61 42.74 -50.71
CA GLN H 22 -1.92 43.33 -50.45
C GLN H 22 -1.72 44.59 -49.65
N ARG H 23 -1.29 44.40 -48.40
CA ARG H 23 -0.95 45.51 -47.52
C ARG H 23 0.50 45.88 -47.79
N VAL H 24 1.00 46.88 -47.08
CA VAL H 24 2.38 47.33 -47.32
C VAL H 24 2.66 47.87 -48.73
N SER H 25 3.47 48.92 -48.80
CA SER H 25 3.88 49.50 -50.07
C SER H 25 5.05 50.45 -49.89
N ARG H 26 6.11 50.19 -50.65
CA ARG H 26 7.31 51.00 -50.56
C ARG H 26 7.13 52.27 -51.38
N ILE H 27 7.45 53.41 -50.79
CA ILE H 27 7.24 54.66 -51.48
C ILE H 27 8.56 55.42 -51.70
N THR H 28 8.54 56.53 -52.43
CA THR H 28 9.76 57.29 -52.70
C THR H 28 9.58 58.80 -52.51
N ALA H 29 10.62 59.45 -52.03
CA ALA H 29 10.54 60.84 -51.59
C ALA H 29 11.11 61.84 -52.59
N VAL H 30 12.42 62.05 -52.50
CA VAL H 30 13.07 63.12 -53.25
C VAL H 30 12.53 64.44 -52.74
N SER H 31 13.40 65.19 -52.06
CA SER H 31 13.08 66.55 -51.66
C SER H 31 14.34 67.41 -51.70
N GLY H 32 14.22 68.64 -51.26
CA GLY H 32 15.36 69.54 -51.21
C GLY H 32 16.08 69.56 -52.54
N GLN H 33 17.40 69.65 -52.47
CA GLN H 33 18.21 69.86 -53.67
C GLN H 33 18.48 68.58 -54.43
N ASN H 34 17.42 67.87 -54.80
CA ASN H 34 17.53 66.64 -55.59
C ASN H 34 18.32 65.56 -54.87
N ASP H 35 19.20 65.99 -53.98
CA ASP H 35 20.02 65.07 -53.21
C ASP H 35 19.41 64.93 -51.81
N MET H 36 18.26 64.27 -51.74
CA MET H 36 17.66 63.87 -50.49
C MET H 36 17.16 62.45 -50.62
N ASN H 37 16.06 62.28 -51.32
CA ASN H 37 15.46 60.96 -51.56
C ASN H 37 15.37 60.07 -50.31
N LEU H 38 14.27 59.35 -50.19
CA LEU H 38 14.00 58.53 -49.02
C LEU H 38 13.10 57.42 -49.51
N THR H 39 13.10 56.28 -48.83
CA THR H 39 12.27 55.16 -49.27
C THR H 39 11.92 54.13 -48.19
N LEU H 40 10.62 53.88 -48.01
CA LEU H 40 10.13 53.00 -46.95
C LEU H 40 8.84 52.22 -47.24
N ASP H 41 8.76 51.02 -46.64
CA ASP H 41 7.59 50.16 -46.67
C ASP H 41 6.60 50.67 -45.65
N ILE H 42 5.32 50.67 -45.98
CA ILE H 42 4.33 51.10 -45.01
C ILE H 42 2.94 50.59 -45.34
N ASN H 43 2.29 49.99 -44.36
CA ASN H 43 0.92 49.49 -44.48
C ASN H 43 -0.03 50.32 -45.37
N SER H 44 -0.34 49.83 -46.58
CA SER H 44 -1.20 50.59 -47.49
C SER H 44 -2.66 50.24 -47.29
N GLN H 45 -2.96 49.53 -46.21
CA GLN H 45 -4.33 49.14 -45.90
C GLN H 45 -4.95 50.24 -45.09
N ILE H 46 -4.18 50.74 -44.15
CA ILE H 46 -4.67 51.69 -43.16
C ILE H 46 -4.36 53.14 -43.51
N TYR H 47 -3.16 53.34 -44.06
CA TYR H 47 -2.66 54.69 -44.31
C TYR H 47 -2.11 54.83 -45.73
N PRO H 48 -2.95 54.59 -46.75
CA PRO H 48 -2.43 54.67 -48.11
C PRO H 48 -1.84 56.03 -48.38
N LEU H 49 -0.92 56.12 -49.33
CA LEU H 49 -0.38 57.38 -49.79
C LEU H 49 -0.32 57.43 -51.32
N GLU H 50 -0.73 58.54 -51.93
CA GLU H 50 -0.68 58.68 -53.39
C GLU H 50 0.44 59.65 -53.79
N LYS H 51 0.54 59.95 -55.07
CA LYS H 51 1.53 60.93 -55.55
C LYS H 51 1.31 62.29 -54.89
N ASP H 52 2.35 63.13 -54.95
CA ASP H 52 2.26 64.47 -54.39
C ASP H 52 1.60 64.43 -53.02
N ALA H 53 2.04 63.49 -52.20
CA ALA H 53 1.48 63.34 -50.86
C ALA H 53 2.02 64.43 -49.94
N THR H 54 3.16 65.00 -50.32
CA THR H 54 3.79 66.05 -49.54
C THR H 54 3.80 65.74 -48.03
N PHE H 55 3.83 66.77 -47.21
CA PHE H 55 3.78 66.61 -45.76
C PHE H 55 4.96 65.82 -45.15
N SER H 56 5.63 66.49 -44.21
CA SER H 56 6.86 66.01 -43.59
C SER H 56 6.71 64.81 -42.67
N LEU H 57 7.85 64.44 -42.10
CA LEU H 57 7.96 63.37 -41.13
C LEU H 57 9.01 63.74 -40.10
N GLN H 58 9.08 62.93 -39.04
CA GLN H 58 9.96 63.17 -37.91
C GLN H 58 10.34 61.78 -37.40
N ILE H 59 11.21 61.73 -36.40
CA ILE H 59 11.65 60.46 -35.83
C ILE H 59 11.90 60.58 -34.34
N THR H 60 13.07 61.10 -33.98
CA THR H 60 13.43 61.27 -32.57
C THR H 60 13.64 59.92 -31.89
N SER H 61 13.29 59.86 -30.61
CA SER H 61 13.42 58.63 -29.84
C SER H 61 12.58 58.71 -28.56
N ASN H 62 11.78 59.78 -28.46
CA ASN H 62 10.93 60.00 -27.31
C ASN H 62 9.63 60.70 -27.70
N LEU H 63 8.58 60.50 -26.90
CA LEU H 63 8.64 59.68 -25.71
C LEU H 63 7.80 60.27 -24.60
N ASN H 64 7.93 61.59 -24.40
CA ASN H 64 7.17 62.29 -23.36
C ASN H 64 6.19 63.30 -23.96
N SER H 65 6.62 63.99 -25.01
CA SER H 65 5.79 64.99 -25.67
C SER H 65 4.35 64.50 -25.80
N PRO H 66 3.42 65.43 -26.00
CA PRO H 66 2.01 65.10 -26.15
C PRO H 66 1.48 65.46 -27.53
N ASP H 67 1.79 66.67 -28.00
CA ASP H 67 1.35 67.14 -29.30
C ASP H 67 1.82 66.20 -30.40
N LEU H 68 3.12 65.91 -30.41
CA LEU H 68 3.70 65.02 -31.42
C LEU H 68 2.98 63.69 -31.46
N LYS H 69 2.70 63.13 -30.28
CA LYS H 69 2.01 61.84 -30.18
C LYS H 69 0.65 61.92 -30.89
N GLU H 70 -0.09 62.98 -30.62
CA GLU H 70 -1.39 63.18 -31.23
C GLU H 70 -1.27 63.41 -32.73
N ALA H 71 -0.45 64.38 -33.12
CA ALA H 71 -0.23 64.70 -34.53
C ALA H 71 0.12 63.45 -35.33
N ALA H 72 0.04 63.57 -36.65
CA ALA H 72 0.35 62.45 -37.54
C ALA H 72 -0.69 61.35 -37.43
N ASP H 73 -0.66 60.42 -38.38
CA ASP H 73 -1.61 59.31 -38.39
C ASP H 73 -0.91 57.99 -38.70
N TYR H 74 0.38 57.93 -38.41
CA TYR H 74 1.17 56.73 -38.65
C TYR H 74 2.46 56.75 -37.84
N ILE H 75 2.66 55.73 -37.01
CA ILE H 75 3.85 55.64 -36.19
C ILE H 75 4.41 54.23 -36.15
N MET H 76 5.73 54.12 -36.26
CA MET H 76 6.39 52.82 -36.28
C MET H 76 7.54 52.77 -35.27
N TYR H 77 8.29 51.68 -35.22
CA TYR H 77 9.35 51.52 -34.23
C TYR H 77 10.29 50.39 -34.59
N GLY H 78 11.54 50.70 -34.92
CA GLY H 78 12.47 49.62 -35.24
C GLY H 78 13.91 50.06 -35.26
N LYS H 79 14.83 49.14 -35.00
CA LYS H 79 16.25 49.47 -34.92
C LYS H 79 16.78 49.84 -36.28
N VAL H 80 18.02 50.25 -36.34
CA VAL H 80 18.58 50.73 -37.57
C VAL H 80 19.42 49.67 -38.25
N TYR H 81 20.45 49.25 -37.53
CA TYR H 81 21.40 48.28 -38.04
C TYR H 81 21.73 48.44 -39.50
N ARG H 82 22.67 49.35 -39.70
CA ARG H 82 23.50 49.54 -40.89
C ARG H 82 23.37 50.93 -41.49
N VAL H 83 24.49 51.64 -41.47
CA VAL H 83 24.58 53.06 -41.82
C VAL H 83 25.95 53.34 -42.41
N GLU H 84 26.09 53.10 -43.71
CA GLU H 84 27.38 53.25 -44.36
C GLU H 84 27.40 54.56 -45.15
N GLU H 85 28.55 54.91 -45.71
CA GLU H 85 28.70 56.20 -46.40
C GLU H 85 29.35 56.03 -47.76
N ALA H 86 28.76 56.60 -48.80
CA ALA H 86 29.35 56.47 -50.13
C ALA H 86 29.01 57.64 -51.04
N LYS H 87 29.89 57.92 -52.01
CA LYS H 87 29.64 58.91 -53.05
C LYS H 87 29.54 60.32 -52.49
N ASP H 88 30.68 60.97 -52.32
CA ASP H 88 30.76 62.30 -51.74
C ASP H 88 30.30 62.29 -50.29
N GLU H 89 31.19 61.84 -49.40
CA GLU H 89 30.85 61.68 -48.00
C GLU H 89 29.39 61.22 -47.89
N LYS H 90 28.54 62.07 -47.36
CA LYS H 90 27.12 61.76 -47.22
C LYS H 90 26.91 60.46 -46.44
N VAL H 91 25.77 60.36 -45.78
CA VAL H 91 25.45 59.15 -45.05
C VAL H 91 24.15 58.56 -45.63
N SER H 92 24.06 57.23 -45.62
CA SER H 92 22.83 56.53 -45.96
C SER H 92 22.47 55.58 -44.82
N VAL H 93 21.26 55.75 -44.28
CA VAL H 93 20.81 54.95 -43.12
C VAL H 93 19.69 53.99 -43.48
N TYR H 94 19.81 52.73 -43.05
CA TYR H 94 18.81 51.72 -43.35
C TYR H 94 18.21 51.19 -42.09
N VAL H 95 17.03 51.69 -41.77
CA VAL H 95 16.33 51.23 -40.59
C VAL H 95 15.25 50.20 -40.90
N SER H 96 15.15 49.18 -40.05
CA SER H 96 14.16 48.13 -40.22
C SER H 96 13.08 48.19 -39.16
N PHE H 97 11.84 48.05 -39.58
CA PHE H 97 10.72 47.99 -38.65
C PHE H 97 10.12 46.59 -38.61
N GLY H 98 10.96 45.59 -38.38
CA GLY H 98 10.52 44.21 -38.46
C GLY H 98 9.85 44.08 -39.81
N GLY H 99 10.68 43.95 -40.84
CA GLY H 99 10.18 43.69 -42.17
C GLY H 99 10.16 44.90 -43.07
N LEU H 100 9.54 45.97 -42.58
CA LEU H 100 9.30 47.14 -43.41
C LEU H 100 10.58 47.97 -43.39
N LEU H 101 11.11 48.37 -44.55
CA LEU H 101 12.50 48.89 -44.56
C LEU H 101 12.69 50.35 -44.96
N MET H 102 13.76 50.94 -44.44
CA MET H 102 14.04 52.38 -44.61
C MET H 102 15.35 52.69 -45.35
N ALA H 103 15.39 53.86 -45.99
CA ALA H 103 16.58 54.32 -46.71
C ALA H 103 16.59 55.85 -46.91
N ILE H 104 17.69 56.49 -46.48
CA ILE H 104 17.85 57.95 -46.63
C ILE H 104 19.27 58.29 -47.13
N GLU H 105 19.40 59.37 -47.89
CA GLU H 105 20.71 59.79 -48.42
C GLU H 105 21.00 61.29 -48.25
N GLY H 106 21.68 61.68 -47.18
CA GLY H 106 22.02 63.08 -46.95
C GLY H 106 23.14 63.20 -45.93
N SER H 107 24.01 64.21 -46.10
CA SER H 107 25.20 64.30 -45.26
C SER H 107 24.93 64.84 -43.86
N HIS H 108 25.97 64.90 -43.03
CA HIS H 108 25.86 65.40 -41.67
C HIS H 108 24.84 66.51 -41.65
N ARG H 109 23.99 66.51 -40.64
CA ARG H 109 22.86 67.40 -40.66
C ARG H 109 22.04 66.93 -41.86
N LYS H 110 21.34 65.80 -41.70
CA LYS H 110 21.21 65.14 -40.41
C LYS H 110 22.26 64.08 -40.14
N LEU H 111 22.43 63.77 -38.86
CA LEU H 111 23.59 63.03 -38.37
C LEU H 111 23.45 62.76 -36.88
N TYR H 112 22.58 63.54 -36.21
CA TYR H 112 22.30 63.31 -34.80
C TYR H 112 21.89 61.86 -34.64
N ARG H 113 21.76 61.19 -35.77
CA ARG H 113 21.31 59.81 -35.78
C ARG H 113 22.43 58.85 -35.51
N LEU H 114 22.84 58.16 -36.57
CA LEU H 114 23.78 57.06 -36.46
C LEU H 114 23.28 56.09 -35.36
N SER H 115 23.40 56.51 -34.10
CA SER H 115 22.90 55.71 -32.98
C SER H 115 21.79 54.80 -33.46
N LEU H 116 21.85 53.56 -33.03
CA LEU H 116 20.99 52.53 -33.53
C LEU H 116 19.83 52.30 -32.55
N ASP H 117 19.89 52.95 -31.39
CA ASP H 117 18.89 52.79 -30.32
C ASP H 117 17.46 52.93 -30.82
N HIS H 118 17.04 52.02 -31.69
CA HIS H 118 15.74 52.06 -32.32
C HIS H 118 15.39 53.49 -32.69
N VAL H 119 14.17 53.72 -33.17
CA VAL H 119 13.88 55.04 -33.68
C VAL H 119 12.51 55.66 -33.45
N TYR H 120 11.43 54.90 -33.64
CA TYR H 120 10.10 55.54 -33.64
C TYR H 120 10.00 56.50 -34.83
N LEU H 121 9.36 56.06 -35.90
CA LEU H 121 9.12 56.94 -37.05
C LEU H 121 7.73 57.54 -36.94
N LEU H 122 7.62 58.83 -37.29
CA LEU H 122 6.36 59.55 -37.15
C LEU H 122 5.92 60.22 -38.45
N LEU H 123 4.70 59.90 -38.89
CA LEU H 123 4.17 60.43 -40.13
C LEU H 123 2.92 61.29 -39.94
N ARG H 124 3.02 62.53 -40.39
CA ARG H 124 1.89 63.43 -40.36
C ARG H 124 1.57 63.81 -41.80
N ARG H 125 0.29 63.86 -42.13
CA ARG H 125 -0.11 64.29 -43.45
C ARG H 125 -0.61 65.72 -43.43
N ASN I 3 34.57 -20.80 -108.58
CA ASN I 3 34.21 -20.90 -107.17
C ASN I 3 34.29 -22.33 -106.66
N PHE I 4 34.65 -22.48 -105.38
CA PHE I 4 34.76 -23.79 -104.77
C PHE I 4 33.40 -24.46 -104.63
N GLN I 5 33.18 -25.52 -105.39
CA GLN I 5 31.92 -26.25 -105.36
C GLN I 5 32.14 -27.70 -104.96
N TYR I 6 31.28 -28.59 -105.48
CA TYR I 6 31.37 -30.01 -105.16
C TYR I 6 32.02 -30.77 -106.32
N CYS I 7 31.18 -31.34 -107.18
CA CYS I 7 31.66 -32.11 -108.33
C CYS I 7 30.74 -33.29 -108.62
N ILE I 8 30.63 -33.64 -109.90
CA ILE I 8 29.80 -34.75 -110.32
C ILE I 8 30.29 -36.07 -109.73
N GLU I 9 29.54 -37.14 -109.97
CA GLU I 9 29.90 -38.46 -109.47
C GLU I 9 29.43 -38.66 -108.02
N CYS I 10 30.17 -38.09 -107.09
CA CYS I 10 29.83 -38.20 -105.67
C CYS I 10 29.78 -36.82 -105.01
N ASN I 11 28.87 -35.98 -105.48
CA ASN I 11 28.72 -34.64 -104.93
C ASN I 11 29.32 -34.51 -103.53
N ASN I 12 30.45 -33.83 -103.44
CA ASN I 12 31.13 -33.63 -102.16
C ASN I 12 31.98 -32.37 -102.15
N MET I 13 32.60 -32.10 -100.99
CA MET I 13 33.44 -30.92 -100.85
C MET I 13 34.57 -30.92 -101.87
N LEU I 14 35.09 -29.74 -102.16
CA LEU I 14 36.18 -29.60 -103.12
C LEU I 14 37.41 -28.94 -102.48
N TYR I 15 38.51 -29.67 -102.44
CA TYR I 15 39.75 -29.16 -101.86
C TYR I 15 40.64 -28.53 -102.92
N PRO I 16 41.45 -27.57 -102.52
CA PRO I 16 42.36 -26.88 -103.44
C PRO I 16 43.58 -27.73 -103.78
N ARG I 17 44.16 -27.49 -104.95
CA ARG I 17 45.33 -28.24 -105.39
C ARG I 17 46.02 -27.55 -106.56
N GLU I 18 47.28 -27.17 -106.35
CA GLU I 18 48.05 -26.50 -107.38
C GLU I 18 48.55 -27.48 -108.43
N ASP I 19 48.87 -26.96 -109.61
CA ASP I 19 49.35 -27.80 -110.71
C ASP I 19 50.83 -27.55 -110.98
N LYS I 20 51.62 -27.50 -109.91
CA LYS I 20 53.06 -27.27 -110.04
C LYS I 20 53.51 -27.35 -111.49
N VAL I 21 54.11 -28.49 -111.85
CA VAL I 21 54.59 -28.70 -113.21
C VAL I 21 53.96 -27.70 -114.18
N ASP I 22 52.66 -27.88 -114.44
CA ASP I 22 51.94 -26.99 -115.34
C ASP I 22 51.94 -25.56 -114.83
N ARG I 23 51.51 -25.38 -113.58
CA ARG I 23 51.47 -24.06 -112.97
C ARG I 23 50.11 -23.40 -113.21
N VAL I 24 49.06 -23.99 -112.66
CA VAL I 24 47.71 -23.46 -112.81
C VAL I 24 46.79 -23.97 -111.71
N LEU I 25 45.60 -23.37 -111.61
CA LEU I 25 44.63 -23.76 -110.60
C LEU I 25 44.04 -25.13 -110.90
N ARG I 26 43.42 -25.74 -109.90
CA ARG I 26 42.81 -27.05 -110.05
C ARG I 26 42.17 -27.52 -108.75
N LEU I 27 40.85 -27.70 -108.77
CA LEU I 27 40.13 -28.15 -107.59
C LEU I 27 39.95 -29.67 -107.59
N ALA I 28 39.67 -30.22 -106.43
CA ALA I 28 39.49 -31.66 -106.28
C ALA I 28 38.77 -32.01 -104.98
N CYS I 29 38.46 -33.30 -104.80
CA CYS I 29 37.79 -33.75 -103.59
C CYS I 29 38.58 -34.85 -102.89
N ARG I 30 38.31 -35.04 -101.60
CA ARG I 30 39.00 -36.05 -100.82
C ARG I 30 38.23 -37.35 -100.80
N ASN I 31 37.04 -37.34 -101.39
CA ASN I 31 36.19 -38.54 -101.45
C ASN I 31 36.57 -39.45 -102.60
N CYS I 32 36.46 -38.93 -103.83
CA CYS I 32 36.79 -39.70 -105.02
C CYS I 32 38.15 -39.28 -105.59
N ASP I 33 38.15 -38.90 -106.86
CA ASP I 33 39.38 -38.48 -107.53
C ASP I 33 39.13 -37.30 -108.45
N TYR I 34 37.87 -37.12 -108.85
CA TYR I 34 37.49 -36.02 -109.74
C TYR I 34 38.42 -34.82 -109.56
N SER I 35 38.67 -34.10 -110.65
CA SER I 35 39.54 -32.94 -110.61
C SER I 35 39.22 -31.97 -111.74
N GLU I 36 38.59 -30.85 -111.40
CA GLU I 36 38.22 -29.84 -112.40
C GLU I 36 39.12 -28.62 -112.30
N ILE I 37 39.22 -27.89 -113.40
CA ILE I 37 40.06 -26.69 -113.45
C ILE I 37 39.48 -25.59 -112.57
N ALA I 38 40.31 -24.59 -112.25
CA ALA I 38 39.88 -23.48 -111.42
C ALA I 38 38.99 -22.52 -112.20
N ALA I 39 38.37 -21.58 -111.49
CA ALA I 39 37.49 -20.60 -112.10
C ALA I 39 38.03 -19.18 -111.93
N THR I 40 38.97 -19.03 -110.95
CA THR I 40 39.56 -17.72 -110.67
C THR I 40 40.74 -17.84 -109.72
N SER I 41 41.66 -16.89 -109.80
CA SER I 41 42.84 -16.88 -108.95
C SER I 41 42.45 -16.81 -107.48
N LYS I 42 41.35 -16.13 -107.18
CA LYS I 42 40.87 -15.99 -105.81
C LYS I 42 40.66 -17.36 -105.16
N VAL I 43 40.72 -17.39 -103.84
CA VAL I 43 40.55 -18.62 -103.09
C VAL I 43 39.67 -18.40 -101.86
N TYR I 44 40.24 -17.76 -100.85
CA TYR I 44 39.51 -17.47 -99.62
C TYR I 44 39.55 -15.99 -99.28
N ARG I 45 38.48 -15.49 -98.66
CA ARG I 45 38.40 -14.09 -98.28
C ARG I 45 38.04 -13.94 -96.81
N HIS I 46 38.55 -12.87 -96.19
CA HIS I 46 38.28 -12.61 -94.78
C HIS I 46 37.02 -11.77 -94.60
N GLU I 47 37.17 -10.46 -94.71
CA GLU I 47 36.04 -9.55 -94.56
C GLU I 47 35.69 -9.33 -93.10
N LEU I 48 35.88 -8.10 -92.62
CA LEU I 48 35.59 -7.77 -91.24
C LEU I 48 34.13 -7.34 -91.08
N GLN I 49 33.43 -7.20 -92.20
CA GLN I 49 32.03 -6.80 -92.19
C GLN I 49 31.87 -5.37 -92.69
N SER I 50 31.01 -5.21 -93.70
CA SER I 50 30.76 -3.90 -94.29
C SER I 50 29.38 -3.84 -94.95
N SER I 51 28.50 -4.74 -94.53
CA SER I 51 27.15 -4.80 -95.08
C SER I 51 26.56 -6.21 -94.98
N ASN I 52 26.12 -6.74 -96.11
CA ASN I 52 25.54 -8.07 -96.15
C ASN I 52 24.06 -8.05 -96.50
N VAL I 53 23.69 -7.16 -97.42
CA VAL I 53 22.30 -7.04 -97.85
C VAL I 53 22.21 -6.62 -99.31
N GLU I 54 22.99 -5.61 -99.68
CA GLU I 54 23.00 -5.11 -101.05
C GLU I 54 21.59 -4.87 -101.56
N ASN I 55 20.91 -5.95 -101.95
CA ASN I 55 19.55 -5.87 -102.44
C ASN I 55 18.56 -6.61 -101.56
N THR I 56 19.07 -7.18 -100.47
CA THR I 56 18.24 -7.93 -99.54
C THR I 56 16.94 -8.37 -100.19
N THR I 57 17.04 -9.03 -101.34
CA THR I 57 15.88 -9.51 -102.07
C THR I 57 14.80 -10.00 -101.11
N VAL I 58 13.63 -9.40 -101.19
CA VAL I 58 13.38 -8.31 -102.13
C VAL I 58 12.06 -7.60 -101.83
N SER I 59 11.82 -7.34 -100.55
CA SER I 59 10.59 -6.68 -100.13
C SER I 59 9.37 -7.21 -100.88
N HIS I 60 9.59 -8.29 -101.63
CA HIS I 60 8.50 -8.90 -102.39
C HIS I 60 7.29 -9.18 -101.51
N ASP I 61 7.36 -8.73 -100.26
CA ASP I 61 6.26 -8.92 -99.33
C ASP I 61 6.02 -7.67 -98.49
N ALA I 62 6.19 -6.51 -99.11
CA ALA I 62 5.99 -5.24 -98.43
C ALA I 62 4.61 -4.65 -98.74
N SER I 63 4.17 -4.81 -99.97
CA SER I 63 2.87 -4.30 -100.40
C SER I 63 1.75 -4.91 -99.58
N THR I 64 1.94 -6.17 -99.18
CA THR I 64 0.93 -6.88 -98.39
C THR I 64 1.21 -6.76 -96.89
N ASP I 65 2.04 -5.78 -96.53
CA ASP I 65 2.41 -5.55 -95.14
C ASP I 65 1.61 -4.40 -94.55
N PRO I 66 0.32 -4.64 -94.30
CA PRO I 66 -0.55 -3.61 -93.74
C PRO I 66 0.16 -2.76 -92.70
N THR I 67 1.12 -3.35 -92.01
CA THR I 67 1.88 -2.64 -90.97
C THR I 67 3.18 -2.07 -91.55
N LEU I 68 3.04 -1.06 -92.40
CA LEU I 68 4.19 -0.41 -93.01
C LEU I 68 3.75 0.93 -93.53
N PRO I 69 4.67 1.87 -93.66
CA PRO I 69 4.35 3.21 -94.16
C PRO I 69 4.28 3.25 -95.68
N ARG I 70 3.91 4.40 -96.23
CA ARG I 70 3.80 4.56 -97.68
C ARG I 70 4.11 5.99 -98.09
N SER I 71 4.57 6.15 -99.34
CA SER I 71 4.90 7.47 -99.85
C SER I 71 3.71 8.09 -100.59
N ASP I 72 4.01 8.87 -101.62
CA ASP I 72 2.97 9.53 -102.41
C ASP I 72 3.49 9.93 -103.79
N LYS I 73 3.09 9.19 -104.81
CA LYS I 73 3.52 9.48 -106.18
C LYS I 73 5.04 9.54 -106.28
N GLU I 74 5.56 9.33 -107.48
CA GLU I 74 7.00 9.36 -107.71
C GLU I 74 7.60 7.97 -107.61
N CYS I 75 7.03 7.03 -108.35
CA CYS I 75 7.52 5.65 -108.35
C CYS I 75 8.44 5.39 -109.53
N PRO I 76 9.62 6.00 -109.50
CA PRO I 76 10.61 5.84 -110.58
C PRO I 76 10.28 4.63 -111.45
N ARG I 77 10.27 4.85 -112.77
CA ARG I 77 9.98 3.77 -113.71
C ARG I 77 8.52 3.32 -113.61
N CYS I 78 8.27 2.07 -113.94
CA CYS I 78 6.92 1.52 -113.89
C CYS I 78 5.87 2.61 -114.08
N HIS I 79 5.22 3.01 -113.00
CA HIS I 79 4.20 4.05 -113.05
C HIS I 79 3.12 3.81 -111.99
N GLN I 80 2.54 4.90 -111.49
CA GLN I 80 1.50 4.81 -110.49
C GLN I 80 1.89 5.54 -109.21
N HIS I 81 0.97 5.61 -108.25
CA HIS I 81 1.23 6.27 -106.98
C HIS I 81 1.24 5.27 -105.83
N GLU I 82 1.53 5.78 -104.63
CA GLU I 82 1.59 4.92 -103.45
C GLU I 82 2.81 4.02 -103.47
N ALA I 83 3.64 4.12 -102.43
CA ALA I 83 4.84 3.31 -102.33
C ALA I 83 5.27 3.14 -100.87
N VAL I 84 5.41 1.88 -100.46
CA VAL I 84 5.87 1.51 -99.13
C VAL I 84 7.39 1.65 -99.03
N PHE I 85 7.88 2.00 -97.84
CA PHE I 85 9.31 2.16 -97.61
C PHE I 85 9.74 1.42 -96.35
N TYR I 86 10.95 1.74 -95.89
CA TYR I 86 11.48 1.10 -94.68
C TYR I 86 13.01 1.13 -94.68
N GLN I 87 13.61 0.88 -93.52
CA GLN I 87 15.06 0.88 -93.38
C GLN I 87 15.57 -0.52 -93.05
N THR I 88 16.75 -0.59 -92.45
CA THR I 88 17.35 -1.86 -92.08
C THR I 88 17.61 -1.94 -90.58
N HIS I 89 18.70 -1.35 -90.14
CA HIS I 89 19.07 -1.36 -88.72
C HIS I 89 19.20 -2.79 -88.20
N SER I 90 20.45 -3.25 -88.10
CA SER I 90 20.73 -4.59 -87.62
C SER I 90 21.76 -4.57 -86.49
N ARG I 91 21.33 -4.91 -85.29
CA ARG I 91 22.21 -4.93 -84.13
C ARG I 91 23.04 -3.65 -84.05
N ARG I 92 24.25 -3.71 -84.58
CA ARG I 92 25.15 -2.56 -84.58
C ARG I 92 25.14 -1.85 -85.94
N GLY I 93 25.95 -0.80 -86.05
CA GLY I 93 26.05 -0.04 -87.29
C GLY I 93 27.44 0.48 -87.55
N ASP I 94 27.53 1.75 -87.94
CA ASP I 94 26.35 2.58 -88.10
C ASP I 94 25.83 2.53 -89.53
N THR I 95 25.05 1.49 -89.82
CA THR I 95 24.49 1.32 -91.16
C THR I 95 23.51 2.44 -91.49
N MET I 96 24.00 3.68 -91.43
CA MET I 96 23.18 4.84 -91.73
C MET I 96 21.70 4.46 -91.82
N MET I 97 21.10 4.69 -92.99
CA MET I 97 19.70 4.38 -93.20
C MET I 97 19.34 4.44 -94.69
N THR I 98 19.90 3.52 -95.46
CA THR I 98 19.63 3.47 -96.89
C THR I 98 18.15 3.24 -97.18
N LEU I 99 17.30 3.87 -96.38
CA LEU I 99 15.85 3.74 -96.54
C LEU I 99 15.47 3.55 -98.01
N ILE I 100 14.82 2.42 -98.30
CA ILE I 100 14.41 2.12 -99.66
C ILE I 100 12.89 2.27 -99.81
N TYR I 101 12.35 1.75 -100.90
CA TYR I 101 10.92 1.82 -101.17
C TYR I 101 10.49 0.69 -102.09
N VAL I 102 9.18 0.54 -102.25
CA VAL I 102 8.59 -0.40 -103.21
C VAL I 102 7.18 0.02 -103.58
N CYS I 103 6.86 0.04 -104.87
CA CYS I 103 5.52 0.39 -105.33
C CYS I 103 4.53 -0.72 -105.00
N VAL I 104 3.24 -0.41 -105.07
CA VAL I 104 2.20 -1.39 -104.78
C VAL I 104 1.76 -2.13 -106.04
N HIS I 105 2.00 -1.50 -107.20
CA HIS I 105 1.63 -2.10 -108.48
C HIS I 105 2.87 -2.56 -109.24
N CYS I 106 3.94 -2.83 -108.51
CA CYS I 106 5.19 -3.29 -109.12
C CYS I 106 6.11 -3.92 -108.08
N GLY I 107 7.26 -3.29 -107.86
CA GLY I 107 8.22 -3.78 -106.89
C GLY I 107 9.64 -3.34 -107.22
N PHE I 108 9.77 -2.16 -107.83
CA PHE I 108 11.07 -1.63 -108.19
C PHE I 108 11.74 -0.96 -107.00
N ALA I 109 12.77 -1.63 -106.46
CA ALA I 109 13.50 -1.10 -105.32
C ALA I 109 14.17 0.22 -105.65
N PHE I 110 13.36 1.23 -105.95
CA PHE I 110 13.87 2.55 -106.29
C PHE I 110 14.51 3.23 -105.09
N GLU I 111 15.84 3.26 -105.04
CA GLU I 111 16.58 3.84 -103.91
C GLU I 111 16.29 5.33 -103.74
N GLU I 112 17.31 6.11 -103.41
CA GLU I 112 17.20 7.56 -103.30
C GLU I 112 18.21 8.11 -102.30
N GLN I 113 19.08 9.01 -102.77
CA GLN I 113 20.10 9.61 -101.92
C GLN I 113 20.25 8.85 -100.60
N MET J 1 -26.18 -2.36 -45.18
CA MET J 1 -27.50 -2.87 -44.78
C MET J 1 -28.40 -1.72 -44.31
N ILE J 2 -29.50 -1.50 -45.03
CA ILE J 2 -30.44 -0.41 -44.74
C ILE J 2 -29.77 0.96 -44.53
N ILE J 3 -30.53 1.99 -44.86
CA ILE J 3 -30.09 3.37 -44.73
C ILE J 3 -29.41 3.54 -43.40
N PRO J 4 -28.34 4.36 -43.34
CA PRO J 4 -27.57 4.67 -42.13
C PRO J 4 -28.36 5.22 -40.95
N ILE J 5 -29.39 6.02 -41.21
CA ILE J 5 -30.13 6.79 -40.19
C ILE J 5 -29.22 7.79 -39.53
N ARG J 6 -29.55 9.07 -39.64
CA ARG J 6 -28.65 10.15 -39.21
C ARG J 6 -27.41 10.29 -40.13
N CYS J 7 -27.35 11.38 -40.87
CA CYS J 7 -26.28 11.51 -41.83
C CYS J 7 -24.97 11.61 -41.14
N PHE J 8 -23.94 11.28 -41.88
CA PHE J 8 -22.60 11.20 -41.32
C PHE J 8 -22.02 12.50 -40.82
N SER J 9 -22.36 13.60 -41.48
CA SER J 9 -21.75 14.88 -41.14
C SER J 9 -22.60 15.73 -40.20
N CYS J 10 -23.89 15.89 -40.52
CA CYS J 10 -24.88 16.58 -39.68
C CYS J 10 -25.65 15.59 -38.80
N GLY J 11 -26.88 15.93 -38.41
CA GLY J 11 -27.68 15.02 -37.62
C GLY J 11 -28.94 14.65 -38.35
N LYS J 12 -29.25 15.45 -39.38
CA LYS J 12 -30.44 15.28 -40.22
C LYS J 12 -30.84 13.83 -40.33
N VAL J 13 -31.98 13.48 -39.74
CA VAL J 13 -32.42 12.10 -39.75
C VAL J 13 -32.67 11.59 -41.17
N ILE J 14 -32.14 10.41 -41.52
CA ILE J 14 -32.43 9.82 -42.83
C ILE J 14 -33.04 8.41 -42.77
N GLY J 15 -33.44 7.96 -41.59
CA GLY J 15 -34.09 6.65 -41.49
C GLY J 15 -35.50 6.70 -42.04
N ASP J 16 -36.13 7.85 -41.81
CA ASP J 16 -37.48 8.13 -42.26
C ASP J 16 -37.53 8.40 -43.76
N LYS J 17 -36.47 9.01 -44.28
CA LYS J 17 -36.51 9.61 -45.61
C LYS J 17 -36.07 8.71 -46.76
N TRP J 18 -36.42 7.42 -46.71
CA TRP J 18 -36.03 6.46 -47.75
C TRP J 18 -37.23 5.63 -48.24
N ASP J 19 -37.98 5.04 -47.31
CA ASP J 19 -39.22 4.36 -47.68
C ASP J 19 -40.01 5.26 -48.62
N THR J 20 -39.72 6.56 -48.54
CA THR J 20 -40.35 7.57 -49.39
C THR J 20 -39.42 7.98 -50.55
N TYR J 21 -38.12 7.94 -50.34
CA TYR J 21 -37.22 8.29 -51.41
C TYR J 21 -37.38 7.37 -52.60
N LEU J 22 -37.07 6.08 -52.40
CA LEU J 22 -37.13 5.09 -53.48
C LEU J 22 -38.44 5.16 -54.26
N THR J 23 -39.52 5.62 -53.62
CA THR J 23 -40.80 5.78 -54.32
C THR J 23 -40.88 7.10 -55.11
N LEU J 24 -39.77 7.45 -55.77
CA LEU J 24 -39.73 8.57 -56.71
C LEU J 24 -38.77 8.30 -57.86
N LEU J 25 -37.50 7.99 -57.57
CA LEU J 25 -36.56 7.70 -58.65
C LEU J 25 -36.95 6.47 -59.46
N GLN J 26 -37.93 5.71 -58.97
CA GLN J 26 -38.44 4.57 -59.71
C GLN J 26 -39.97 4.57 -59.68
N GLU J 27 -40.55 5.70 -59.31
CA GLU J 27 -42.00 5.78 -59.15
C GLU J 27 -42.49 7.23 -59.05
N ASP J 28 -42.24 8.01 -60.09
CA ASP J 28 -42.78 9.37 -60.20
C ASP J 28 -42.10 10.13 -61.33
N ASN J 29 -41.20 9.46 -62.05
CA ASN J 29 -40.44 10.06 -63.15
C ASN J 29 -39.71 11.39 -62.83
N THR J 30 -39.31 11.58 -61.57
CA THR J 30 -38.49 12.72 -61.15
C THR J 30 -37.01 12.32 -61.07
N GLU J 31 -36.09 13.29 -61.14
CA GLU J 31 -34.67 12.96 -61.24
C GLU J 31 -34.04 12.55 -59.92
N GLY J 32 -32.76 12.16 -59.96
CA GLY J 32 -31.97 12.13 -58.74
C GLY J 32 -32.23 13.47 -58.08
N GLU J 33 -32.59 14.46 -58.88
CA GLU J 33 -32.85 15.80 -58.36
C GLU J 33 -34.05 15.85 -57.41
N ALA J 34 -34.91 14.86 -57.48
CA ALA J 34 -36.14 14.84 -56.71
C ALA J 34 -35.98 14.86 -55.19
N LEU J 35 -34.93 14.23 -54.69
CA LEU J 35 -34.62 14.28 -53.26
C LEU J 35 -34.65 15.72 -52.72
N ASP J 36 -34.30 16.69 -53.57
CA ASP J 36 -34.36 18.09 -53.20
C ASP J 36 -35.70 18.38 -52.55
N LYS J 37 -36.69 17.53 -52.86
CA LYS J 37 -38.03 17.67 -52.33
C LYS J 37 -38.15 16.99 -50.97
N LEU J 38 -37.01 16.75 -50.32
CA LEU J 38 -36.98 16.09 -49.02
C LEU J 38 -36.20 16.92 -48.01
N GLY J 39 -35.87 18.15 -48.38
CA GLY J 39 -35.13 19.04 -47.51
C GLY J 39 -33.64 18.71 -47.47
N LEU J 40 -33.06 18.49 -48.64
CA LEU J 40 -31.65 18.16 -48.74
C LEU J 40 -30.87 19.26 -49.47
N GLN J 41 -30.65 20.38 -48.79
CA GLN J 41 -29.93 21.50 -49.37
C GLN J 41 -28.42 21.34 -49.20
N ARG J 42 -28.03 20.70 -48.09
CA ARG J 42 -26.61 20.47 -47.81
C ARG J 42 -26.04 19.36 -48.68
N TYR J 43 -24.72 19.34 -48.81
CA TYR J 43 -24.04 18.33 -49.62
C TYR J 43 -24.85 17.04 -49.68
N CYS J 44 -24.75 16.24 -48.62
CA CYS J 44 -23.91 16.58 -47.47
C CYS J 44 -24.08 15.35 -46.69
N CYS J 45 -25.37 15.13 -46.46
CA CYS J 45 -25.91 13.94 -45.92
C CYS J 45 -26.73 13.44 -47.06
N ARG J 46 -27.03 14.33 -47.99
CA ARG J 46 -27.92 13.96 -49.04
C ARG J 46 -27.20 13.02 -49.98
N ARG J 47 -25.89 12.90 -49.81
CA ARG J 47 -25.18 11.90 -50.54
C ARG J 47 -25.30 10.63 -49.72
N MET J 48 -26.28 10.62 -48.82
CA MET J 48 -26.45 9.47 -47.99
C MET J 48 -27.46 8.56 -48.58
N ILE J 49 -28.64 9.07 -48.93
CA ILE J 49 -29.61 8.17 -49.52
C ILE J 49 -29.09 7.83 -50.90
N LEU J 50 -28.31 8.71 -51.50
CA LEU J 50 -27.87 8.57 -52.89
C LEU J 50 -26.78 7.54 -53.09
N THR J 51 -25.86 7.46 -52.17
CA THR J 51 -24.72 6.62 -52.42
C THR J 51 -24.89 5.33 -51.68
N HIS J 52 -26.13 4.94 -51.47
CA HIS J 52 -26.41 3.83 -50.57
C HIS J 52 -26.66 2.51 -51.28
N VAL J 53 -26.35 1.37 -50.65
CA VAL J 53 -26.66 0.06 -51.27
C VAL J 53 -27.67 -0.72 -50.41
N ASP J 54 -28.81 -1.11 -51.02
CA ASP J 54 -29.86 -1.88 -50.33
C ASP J 54 -29.41 -3.31 -50.05
N LEU J 55 -28.53 -3.51 -49.08
CA LEU J 55 -27.95 -4.86 -48.90
C LEU J 55 -28.73 -5.83 -48.05
N ILE J 56 -30.02 -5.63 -47.90
CA ILE J 56 -30.80 -6.47 -46.99
C ILE J 56 -31.83 -7.30 -47.74
N GLU J 57 -32.50 -6.73 -48.75
CA GLU J 57 -33.39 -7.54 -49.56
C GLU J 57 -32.62 -8.76 -50.06
N LYS J 58 -31.37 -8.51 -50.46
CA LYS J 58 -30.48 -9.53 -51.04
C LYS J 58 -29.68 -10.29 -49.95
N LEU J 59 -29.91 -9.94 -48.69
CA LEU J 59 -29.36 -10.71 -47.57
C LEU J 59 -30.49 -11.47 -46.84
N LEU J 60 -31.64 -10.82 -46.67
CA LEU J 60 -32.79 -11.43 -46.01
C LEU J 60 -33.24 -12.79 -46.57
N CYS J 61 -32.93 -13.08 -47.82
CA CYS J 61 -33.34 -14.34 -48.40
C CYS J 61 -32.28 -15.41 -48.19
N TYR J 62 -31.93 -15.68 -46.93
CA TYR J 62 -31.15 -16.87 -46.56
C TYR J 62 -31.84 -17.77 -45.48
N ASN J 63 -33.13 -17.50 -45.23
CA ASN J 63 -33.93 -18.14 -44.18
C ASN J 63 -33.36 -19.42 -43.56
N PRO J 64 -33.18 -19.41 -42.24
CA PRO J 64 -32.73 -20.53 -41.41
C PRO J 64 -33.79 -21.62 -41.33
N MET K 1 -9.52 0.40 -27.09
CA MET K 1 -8.77 -0.28 -26.05
C MET K 1 -8.00 0.66 -25.14
N ASN K 2 -7.45 1.73 -25.69
CA ASN K 2 -6.88 2.82 -24.90
C ASN K 2 -7.62 4.09 -25.17
N GLN K 3 -8.94 3.97 -25.26
CA GLN K 3 -9.78 5.14 -25.46
C GLN K 3 -10.18 5.70 -24.11
N PRO K 4 -9.77 6.93 -23.86
CA PRO K 4 -10.07 7.57 -22.57
C PRO K 4 -11.57 7.51 -22.40
N GLU K 5 -12.03 7.49 -21.16
CA GLU K 5 -13.46 7.43 -20.87
C GLU K 5 -14.19 8.74 -21.20
N ARG K 6 -15.23 8.64 -22.03
CA ARG K 6 -15.92 9.83 -22.52
C ARG K 6 -16.54 10.62 -21.38
N TYR K 7 -17.13 9.92 -20.43
CA TYR K 7 -17.74 10.56 -19.28
C TYR K 7 -16.68 11.32 -18.48
N GLU K 8 -15.42 10.94 -18.66
CA GLU K 8 -14.31 11.67 -18.05
C GLU K 8 -13.98 12.89 -18.92
N LEU K 9 -14.92 13.25 -19.80
CA LEU K 9 -14.83 14.53 -20.47
C LEU K 9 -15.77 15.52 -19.81
N ILE K 10 -16.91 15.05 -19.29
CA ILE K 10 -17.87 15.95 -18.65
C ILE K 10 -18.06 15.67 -17.17
N GLU K 11 -16.96 15.59 -16.42
CA GLU K 11 -17.04 15.30 -15.00
C GLU K 11 -15.67 15.43 -14.35
N LEU K 12 -15.51 16.43 -13.47
CA LEU K 12 -14.21 16.69 -12.87
C LEU K 12 -13.83 15.61 -11.89
N MET K 13 -12.80 14.84 -12.24
CA MET K 13 -12.32 13.81 -11.35
C MET K 13 -11.66 14.44 -10.13
N GLY K 14 -12.50 14.91 -9.20
CA GLY K 14 -12.05 15.56 -8.00
C GLY K 14 -11.08 16.66 -8.34
N LEU K 15 -11.22 17.20 -9.55
CA LEU K 15 -10.35 18.27 -9.99
C LEU K 15 -11.09 19.58 -9.82
N PRO K 16 -10.45 20.55 -9.18
CA PRO K 16 -11.05 21.84 -8.84
C PRO K 16 -11.38 22.59 -10.09
N LYS K 17 -12.65 22.66 -10.47
CA LYS K 17 -13.02 23.30 -11.71
C LYS K 17 -12.14 24.51 -12.00
N VAL K 18 -12.23 25.53 -11.15
CA VAL K 18 -11.40 26.72 -11.33
C VAL K 18 -10.19 26.77 -10.42
N THR K 19 -9.10 27.38 -10.87
CA THR K 19 -7.95 27.60 -9.99
C THR K 19 -7.30 28.92 -10.33
N TYR K 20 -7.12 29.75 -9.31
CA TYR K 20 -6.60 31.11 -9.49
C TYR K 20 -5.24 31.19 -8.86
N GLU K 21 -4.22 31.45 -9.66
CA GLU K 21 -2.87 31.51 -9.12
C GLU K 21 -2.02 32.55 -9.83
N LEU K 22 -1.44 33.44 -9.05
CA LEU K 22 -0.60 34.50 -9.58
C LEU K 22 0.53 33.92 -10.41
N ASP K 23 1.39 34.77 -10.96
CA ASP K 23 2.52 34.26 -11.73
C ASP K 23 3.88 34.60 -11.09
N SER K 24 4.49 35.70 -11.50
CA SER K 24 5.77 36.10 -10.92
C SER K 24 6.08 37.60 -10.94
N LYS K 25 6.44 38.23 -12.07
CA LYS K 25 6.57 37.67 -13.42
C LYS K 25 5.43 36.77 -13.87
N SER K 26 4.33 37.39 -14.24
CA SER K 26 4.24 38.86 -14.27
C SER K 26 3.69 39.41 -12.97
N PRO K 27 4.02 40.67 -12.67
CA PRO K 27 3.59 41.40 -11.47
C PRO K 27 2.18 41.96 -11.62
N ASN K 28 1.33 41.69 -10.63
CA ASN K 28 -0.08 42.05 -10.70
C ASN K 28 -0.73 41.39 -11.90
N ALA K 29 -0.62 40.07 -11.97
CA ALA K 29 -1.21 39.28 -13.06
C ALA K 29 -1.29 37.80 -12.71
N ALA K 30 -2.48 37.22 -12.87
CA ALA K 30 -2.72 35.83 -12.48
C ALA K 30 -3.27 34.97 -13.62
N VAL K 31 -3.30 33.66 -13.41
CA VAL K 31 -3.53 32.68 -14.45
C VAL K 31 -4.59 31.67 -14.03
N VAL K 32 -5.70 31.63 -14.76
CA VAL K 32 -6.83 30.82 -14.37
C VAL K 32 -6.98 29.53 -15.16
N THR K 33 -7.27 28.45 -14.47
CA THR K 33 -7.29 27.16 -15.11
C THR K 33 -8.62 26.48 -14.88
N LEU K 34 -9.62 26.83 -15.70
CA LEU K 34 -10.90 26.12 -15.70
C LEU K 34 -10.76 24.74 -16.28
N GLU K 35 -11.42 23.75 -15.69
CA GLU K 35 -11.26 22.40 -16.19
C GLU K 35 -12.59 21.81 -16.66
N LYS K 36 -12.49 20.73 -17.45
CA LYS K 36 -13.65 20.08 -18.05
C LYS K 36 -14.69 21.08 -18.56
N GLU K 37 -14.24 22.27 -18.92
CA GLU K 37 -15.10 23.21 -19.61
C GLU K 37 -14.26 24.21 -20.33
N ASP K 38 -14.32 24.18 -21.67
CA ASP K 38 -13.43 25.02 -22.49
C ASP K 38 -13.95 25.26 -23.91
N HIS K 39 -13.16 25.98 -24.71
CA HIS K 39 -13.43 26.21 -26.15
C HIS K 39 -14.78 26.86 -26.42
N THR K 40 -15.25 27.68 -25.50
CA THR K 40 -16.57 28.28 -25.65
C THR K 40 -16.63 29.39 -24.63
N LEU K 41 -16.62 29.01 -23.35
CA LEU K 41 -16.54 29.96 -22.25
C LEU K 41 -15.28 30.80 -22.41
N ALA K 42 -14.20 30.18 -22.88
CA ALA K 42 -12.92 30.86 -22.95
C ALA K 42 -12.94 31.99 -23.96
N ASN K 43 -13.39 31.68 -25.17
CA ASN K 43 -13.31 32.66 -26.23
C ASN K 43 -14.06 33.94 -25.90
N MET K 44 -15.12 33.82 -25.11
CA MET K 44 -15.88 35.00 -24.76
C MET K 44 -15.08 35.99 -23.89
N LEU K 45 -14.55 35.53 -22.75
CA LEU K 45 -13.84 36.41 -21.84
C LEU K 45 -12.56 36.87 -22.48
N ALA K 46 -12.63 37.30 -23.73
CA ALA K 46 -11.42 37.66 -24.43
C ALA K 46 -11.80 38.73 -25.42
N ASN K 47 -12.34 38.29 -26.55
CA ASN K 47 -12.90 39.17 -27.56
C ASN K 47 -13.93 40.09 -26.91
N GLN K 48 -14.11 39.93 -25.59
CA GLN K 48 -14.95 40.80 -24.74
C GLN K 48 -14.14 41.25 -23.52
N LEU K 49 -13.31 40.38 -22.99
CA LEU K 49 -12.55 40.81 -21.84
C LEU K 49 -11.61 41.95 -22.23
N LEU K 50 -11.06 41.91 -23.44
CA LEU K 50 -10.14 42.96 -23.90
C LEU K 50 -10.84 44.29 -24.12
N SER K 51 -12.16 44.31 -23.94
CA SER K 51 -12.92 45.53 -24.16
C SER K 51 -12.89 46.49 -22.97
N ASP K 52 -12.45 46.00 -21.81
CA ASP K 52 -12.33 46.84 -20.62
C ASP K 52 -10.98 47.52 -20.61
N GLU K 53 -10.99 48.86 -20.64
CA GLU K 53 -9.75 49.64 -20.66
C GLU K 53 -8.83 49.27 -19.51
N ARG K 54 -9.40 48.66 -18.48
CA ARG K 54 -8.66 48.29 -17.28
C ARG K 54 -7.65 47.18 -17.58
N VAL K 55 -7.80 46.50 -18.71
CA VAL K 55 -7.00 45.30 -19.00
C VAL K 55 -5.72 45.59 -19.79
N LEU K 56 -4.73 44.71 -19.63
CA LEU K 56 -3.47 44.86 -20.35
C LEU K 56 -2.98 43.53 -20.86
N PHE K 57 -3.77 42.49 -20.62
CA PHE K 57 -3.47 41.20 -21.21
C PHE K 57 -4.58 40.19 -21.05
N ALA K 58 -4.70 39.26 -21.99
CA ALA K 58 -5.83 38.32 -22.02
C ALA K 58 -5.47 36.94 -22.58
N GLY K 59 -4.96 36.07 -21.70
CA GLY K 59 -4.38 34.80 -22.09
C GLY K 59 -5.24 33.92 -22.97
N TYR K 60 -5.61 32.76 -22.43
CA TYR K 60 -6.55 31.87 -23.11
C TYR K 60 -5.90 30.93 -24.11
N LYS K 61 -5.67 29.68 -23.70
CA LYS K 61 -5.30 28.65 -24.65
C LYS K 61 -5.15 27.27 -24.07
N VAL K 62 -5.85 26.33 -24.71
CA VAL K 62 -5.83 24.91 -24.41
C VAL K 62 -4.50 24.24 -24.69
N PRO K 63 -3.94 23.55 -23.67
CA PRO K 63 -2.56 23.11 -23.73
C PRO K 63 -2.46 21.90 -24.62
N HIS K 64 -3.55 21.18 -24.70
CA HIS K 64 -3.49 19.95 -25.46
C HIS K 64 -4.88 19.39 -25.67
N PRO K 65 -5.22 19.07 -26.91
CA PRO K 65 -6.62 18.79 -27.24
C PRO K 65 -7.07 17.48 -26.66
N LEU K 66 -6.22 16.85 -25.86
CA LEU K 66 -6.64 15.67 -25.12
C LEU K 66 -7.16 16.00 -23.71
N ASN K 67 -6.41 16.83 -22.98
CA ASN K 67 -6.88 17.31 -21.68
C ASN K 67 -7.97 18.32 -21.93
N HIS K 68 -9.13 18.09 -21.34
CA HIS K 68 -10.26 18.99 -21.55
C HIS K 68 -10.29 20.21 -20.61
N ASN K 69 -9.32 21.10 -20.76
CA ASN K 69 -9.25 22.29 -19.92
C ASN K 69 -8.68 23.48 -20.66
N PHE K 70 -8.16 24.47 -19.93
CA PHE K 70 -7.57 25.64 -20.57
C PHE K 70 -7.18 26.75 -19.57
N ILE K 71 -6.10 27.47 -19.86
CA ILE K 71 -5.64 28.53 -18.96
C ILE K 71 -6.08 29.88 -19.44
N LEU K 72 -5.89 30.89 -18.60
CA LEU K 72 -6.24 32.27 -18.90
C LEU K 72 -5.38 33.22 -18.06
N ARG K 73 -4.59 34.04 -18.72
CA ARG K 73 -3.71 34.90 -17.99
C ARG K 73 -4.23 36.30 -18.11
N VAL K 74 -4.27 37.03 -17.02
CA VAL K 74 -4.61 38.44 -17.09
C VAL K 74 -3.61 39.33 -16.32
N GLN K 75 -3.21 40.43 -16.95
CA GLN K 75 -2.26 41.35 -16.33
C GLN K 75 -2.95 42.68 -16.16
N THR K 76 -2.79 43.25 -14.97
CA THR K 76 -3.37 44.54 -14.60
C THR K 76 -3.32 44.67 -13.08
N VAL K 77 -2.62 45.67 -12.55
CA VAL K 77 -1.96 46.73 -13.32
C VAL K 77 -2.98 47.75 -13.86
N GLU K 78 -3.13 48.82 -13.10
CA GLU K 78 -2.46 48.89 -11.79
C GLU K 78 -3.35 49.49 -10.69
N ASP K 79 -4.12 48.64 -10.05
CA ASP K 79 -4.97 49.05 -8.94
C ASP K 79 -5.82 47.86 -8.52
N CYS K 80 -6.22 47.06 -9.50
CA CYS K 80 -6.94 45.82 -9.25
C CYS K 80 -7.20 45.19 -10.59
N SER K 81 -7.20 43.86 -10.64
CA SER K 81 -7.17 43.05 -9.43
C SER K 81 -6.25 41.84 -9.51
N PRO K 82 -6.44 40.98 -10.52
CA PRO K 82 -7.38 40.96 -11.65
C PRO K 82 -8.47 39.88 -11.52
N LYS K 83 -8.66 39.34 -10.33
CA LYS K 83 -9.78 38.42 -10.12
C LYS K 83 -11.06 39.22 -10.34
N GLN K 84 -10.96 40.54 -10.15
CA GLN K 84 -12.13 41.40 -10.28
C GLN K 84 -12.40 41.81 -11.73
N VAL K 85 -11.36 41.82 -12.57
CA VAL K 85 -11.47 42.27 -13.98
C VAL K 85 -12.27 41.30 -14.81
N ILE K 86 -12.02 40.02 -14.57
CA ILE K 86 -12.68 38.92 -15.26
C ILE K 86 -14.12 38.74 -14.75
N VAL K 87 -14.36 39.00 -13.48
CA VAL K 87 -15.71 38.91 -12.95
C VAL K 87 -16.56 40.07 -13.45
N ASP K 88 -16.02 41.28 -13.37
CA ASP K 88 -16.69 42.42 -13.97
C ASP K 88 -16.99 42.10 -15.43
N ALA K 89 -16.16 41.26 -16.03
CA ALA K 89 -16.38 40.82 -17.42
C ALA K 89 -17.51 39.81 -17.50
N ALA K 90 -17.36 38.70 -16.78
CA ALA K 90 -18.39 37.68 -16.72
C ALA K 90 -19.77 38.26 -16.44
N LYS K 91 -19.84 39.18 -15.48
CA LYS K 91 -21.10 39.82 -15.15
C LYS K 91 -21.62 40.58 -16.37
N SER K 92 -20.73 41.32 -17.02
CA SER K 92 -21.14 42.11 -18.18
C SER K 92 -21.65 41.19 -19.27
N LEU K 93 -21.32 39.91 -19.15
CA LEU K 93 -21.71 38.95 -20.18
C LEU K 93 -23.09 38.37 -19.94
N ILE K 94 -23.25 37.67 -18.83
CA ILE K 94 -24.55 37.10 -18.50
C ILE K 94 -25.65 38.10 -18.78
N THR K 95 -25.38 39.35 -18.43
CA THR K 95 -26.38 40.39 -18.57
C THR K 95 -26.55 40.78 -20.03
N HIS K 96 -25.47 40.74 -20.81
CA HIS K 96 -25.51 40.98 -22.26
C HIS K 96 -26.12 39.81 -23.02
N LEU K 97 -26.08 38.61 -22.42
CA LEU K 97 -26.75 37.47 -23.02
C LEU K 97 -28.26 37.66 -22.97
N GLU K 98 -28.83 37.85 -21.78
CA GLU K 98 -30.27 38.04 -21.69
C GLU K 98 -30.78 39.08 -22.70
N GLU K 99 -30.00 40.14 -22.94
CA GLU K 99 -30.33 41.15 -23.93
C GLU K 99 -30.87 40.52 -25.21
N ILE K 100 -30.36 39.34 -25.52
CA ILE K 100 -30.76 38.63 -26.71
C ILE K 100 -31.74 37.50 -26.39
N LYS K 101 -31.56 36.85 -25.24
CA LYS K 101 -32.49 35.82 -24.81
C LYS K 101 -33.91 36.35 -24.74
N VAL K 102 -34.03 37.65 -24.51
CA VAL K 102 -35.31 38.31 -24.38
C VAL K 102 -35.83 38.73 -25.77
N ASN K 103 -34.97 39.37 -26.55
CA ASN K 103 -35.34 39.73 -27.92
C ASN K 103 -35.81 38.51 -28.70
N PHE K 104 -35.18 37.37 -28.43
CA PHE K 104 -35.58 36.13 -29.07
C PHE K 104 -36.99 35.72 -28.64
N MET K 105 -37.21 35.60 -27.33
CA MET K 105 -38.52 35.21 -26.83
C MET K 105 -39.54 36.30 -27.13
N ARG K 106 -39.08 37.42 -27.68
CA ARG K 106 -39.97 38.55 -28.00
C ARG K 106 -40.35 38.56 -29.48
N GLU K 107 -39.36 38.37 -30.34
CA GLU K 107 -39.61 38.43 -31.78
C GLU K 107 -40.04 37.08 -32.35
N TRP K 108 -39.87 36.02 -31.58
CA TRP K 108 -40.35 34.72 -32.06
C TRP K 108 -41.85 34.78 -32.31
N GLU K 109 -42.63 34.78 -31.23
CA GLU K 109 -44.08 34.71 -31.35
C GLU K 109 -44.61 35.83 -32.24
N LEU K 110 -43.79 36.84 -32.44
CA LEU K 110 -44.16 38.02 -33.23
C LEU K 110 -44.14 37.74 -34.74
N LYS K 111 -43.26 36.84 -35.17
CA LYS K 111 -43.29 36.43 -36.56
C LYS K 111 -43.88 35.04 -36.67
N MET K 112 -44.51 34.59 -35.60
CA MET K 112 -45.29 33.36 -35.62
C MET K 112 -46.72 33.67 -35.99
N ILE K 113 -47.11 34.93 -35.86
CA ILE K 113 -48.47 35.32 -36.16
C ILE K 113 -48.71 35.49 -37.66
N SER K 114 -47.72 35.99 -38.39
CA SER K 114 -47.89 36.27 -39.82
C SER K 114 -48.06 35.01 -40.69
N VAL K 115 -47.71 33.86 -40.14
CA VAL K 115 -47.88 32.59 -40.84
C VAL K 115 -49.19 31.91 -40.42
N GLU K 116 -50.28 32.66 -40.47
CA GLU K 116 -51.59 32.19 -40.00
C GLU K 116 -51.55 31.76 -38.53
N GLY K 117 -52.68 31.23 -38.05
CA GLY K 117 -52.84 30.86 -36.66
C GLY K 117 -53.75 29.66 -36.44
N VAL K 118 -54.84 29.85 -35.71
CA VAL K 118 -55.20 31.15 -35.17
C VAL K 118 -55.47 31.07 -33.68
N GLU K 119 -56.50 31.78 -33.23
CA GLU K 119 -56.87 31.81 -31.82
C GLU K 119 -58.18 32.55 -31.60
N THR L 19 -28.57 -33.28 -21.00
CA THR L 19 -28.07 -32.78 -22.28
C THR L 19 -28.94 -31.62 -22.80
N MET L 20 -28.56 -31.06 -23.95
CA MET L 20 -29.22 -29.86 -24.47
C MET L 20 -29.95 -30.05 -25.79
N ILE L 21 -30.42 -28.93 -26.33
CA ILE L 21 -31.18 -28.87 -27.58
C ILE L 21 -30.27 -28.35 -28.66
N TYR L 22 -30.50 -28.78 -29.90
CA TYR L 22 -29.79 -28.22 -31.05
C TYR L 22 -30.76 -27.87 -32.18
N LEU L 23 -30.29 -27.10 -33.15
CA LEU L 23 -31.14 -26.70 -34.27
C LEU L 23 -30.48 -26.96 -35.62
N CYS L 24 -31.26 -27.50 -36.57
CA CYS L 24 -30.75 -27.89 -37.88
C CYS L 24 -30.54 -26.70 -38.81
N ALA L 25 -29.72 -26.86 -39.83
CA ALA L 25 -29.41 -25.77 -40.77
C ALA L 25 -30.58 -25.37 -41.69
N ASP L 26 -31.46 -26.32 -41.95
CA ASP L 26 -32.58 -26.08 -42.84
C ASP L 26 -33.90 -25.96 -42.08
N CYS L 27 -34.35 -27.07 -41.51
CA CYS L 27 -35.65 -27.14 -40.85
C CYS L 27 -35.70 -26.19 -39.66
N GLY L 28 -34.79 -26.39 -38.73
CA GLY L 28 -34.72 -25.59 -37.52
C GLY L 28 -35.50 -26.21 -36.38
N ALA L 29 -36.18 -27.32 -36.66
CA ALA L 29 -36.98 -27.96 -35.61
C ALA L 29 -36.10 -28.39 -34.44
N ARG L 30 -36.71 -28.43 -33.27
CA ARG L 30 -35.98 -28.82 -32.06
C ARG L 30 -35.54 -30.27 -32.18
N ASN L 31 -34.23 -30.48 -32.31
CA ASN L 31 -33.68 -31.83 -32.39
C ASN L 31 -33.43 -32.48 -31.04
N THR L 32 -33.36 -31.65 -30.00
CA THR L 32 -33.20 -32.13 -28.63
C THR L 32 -32.57 -33.51 -28.57
N ILE L 33 -31.30 -33.60 -29.00
CA ILE L 33 -30.64 -34.89 -29.14
C ILE L 33 -29.59 -35.10 -28.06
N GLN L 34 -29.32 -36.38 -27.77
CA GLN L 34 -28.51 -36.75 -26.62
C GLN L 34 -27.02 -36.82 -26.89
N ALA L 35 -26.23 -36.52 -25.85
CA ALA L 35 -24.78 -36.54 -25.92
C ALA L 35 -24.30 -37.85 -26.51
N LYS L 36 -23.12 -37.82 -27.13
CA LYS L 36 -22.52 -38.99 -27.75
C LYS L 36 -23.59 -39.86 -28.42
N GLU L 37 -23.85 -39.58 -29.69
CA GLU L 37 -24.80 -40.36 -30.46
C GLU L 37 -24.46 -40.24 -31.95
N VAL L 38 -25.36 -39.62 -32.71
CA VAL L 38 -25.11 -39.35 -34.12
C VAL L 38 -25.66 -37.96 -34.46
N ILE L 39 -24.88 -37.17 -35.18
CA ILE L 39 -25.31 -35.83 -35.52
C ILE L 39 -26.18 -35.83 -36.77
N ARG L 40 -27.47 -35.51 -36.60
CA ARG L 40 -28.42 -35.51 -37.70
C ARG L 40 -29.70 -34.84 -37.24
N CYS L 41 -30.83 -35.24 -37.79
CA CYS L 41 -32.11 -34.66 -37.38
C CYS L 41 -33.15 -35.71 -37.00
N ARG L 42 -34.40 -35.49 -37.39
CA ARG L 42 -35.48 -36.42 -37.05
C ARG L 42 -36.52 -36.53 -38.17
N GLU L 43 -37.25 -35.44 -38.41
CA GLU L 43 -38.29 -35.47 -39.43
C GLU L 43 -37.81 -34.81 -40.70
N CYS L 44 -36.68 -35.30 -41.21
CA CYS L 44 -36.03 -34.71 -42.37
C CYS L 44 -34.64 -35.28 -42.62
N GLY L 45 -33.71 -34.41 -42.99
CA GLY L 45 -32.37 -34.83 -43.36
C GLY L 45 -31.30 -33.82 -43.03
N HIS L 46 -30.16 -33.97 -43.71
CA HIS L 46 -28.97 -33.12 -43.50
C HIS L 46 -28.39 -33.33 -42.10
N ARG L 47 -27.10 -33.08 -41.94
CA ARG L 47 -26.44 -33.35 -40.66
C ARG L 47 -25.46 -32.26 -40.25
N VAL L 48 -25.97 -31.21 -39.64
CA VAL L 48 -25.16 -30.11 -39.15
C VAL L 48 -25.76 -29.69 -37.82
N MET L 49 -26.26 -28.46 -37.74
CA MET L 49 -26.88 -27.91 -36.51
C MET L 49 -26.12 -26.83 -35.69
N TYR L 50 -26.79 -25.71 -35.46
CA TYR L 50 -26.32 -24.65 -34.57
C TYR L 50 -26.98 -24.73 -33.22
N LYS L 51 -26.84 -23.68 -32.41
CA LYS L 51 -27.26 -23.74 -31.02
C LYS L 51 -28.13 -22.56 -30.61
N MET L 52 -29.23 -22.84 -29.90
CA MET L 52 -30.16 -21.81 -29.51
C MET L 52 -29.43 -20.68 -28.78
N ARG L 53 -29.84 -19.43 -29.01
CA ARG L 53 -29.26 -18.29 -28.30
C ARG L 53 -29.67 -18.37 -26.84
N THR L 54 -28.73 -18.09 -25.94
CA THR L 54 -29.04 -18.13 -24.51
C THR L 54 -30.11 -17.10 -24.15
N LYS L 55 -30.55 -17.11 -22.91
CA LYS L 55 -31.76 -16.38 -22.51
C LYS L 55 -31.96 -14.98 -23.12
N ARG L 56 -31.23 -13.94 -22.68
CA ARG L 56 -30.29 -13.97 -21.56
C ARG L 56 -29.98 -12.54 -21.10
N MET L 57 -30.82 -11.58 -21.54
CA MET L 57 -30.65 -10.15 -21.22
C MET L 57 -29.21 -9.72 -21.08
N VAL L 58 -28.64 -9.26 -22.19
CA VAL L 58 -27.22 -8.98 -22.26
C VAL L 58 -26.88 -7.48 -22.39
N GLN L 59 -25.92 -7.06 -21.57
CA GLN L 59 -25.56 -5.66 -21.44
C GLN L 59 -24.97 -5.12 -22.73
N PHE L 60 -25.69 -4.21 -23.39
CA PHE L 60 -25.26 -3.65 -24.68
C PHE L 60 -25.30 -2.11 -24.77
N GLU L 61 -24.13 -1.47 -24.75
CA GLU L 61 -24.09 -0.02 -24.96
C GLU L 61 -24.56 0.32 -26.36
N ALA L 62 -25.15 1.50 -26.52
CA ALA L 62 -25.55 2.00 -27.83
C ALA L 62 -24.54 2.99 -28.42
N ARG L 63 -23.32 2.56 -28.70
CA ARG L 63 -22.31 3.43 -29.28
C ARG L 63 -21.47 2.57 -30.18
N SER M 2 -4.42 20.35 20.72
CA SER M 2 -5.42 21.11 21.45
C SER M 2 -6.73 21.22 20.65
N GLY M 3 -6.64 20.92 19.37
CA GLY M 3 -7.80 20.98 18.50
C GLY M 3 -7.91 22.30 17.76
N ILE M 4 -9.08 22.55 17.16
CA ILE M 4 -9.31 23.78 16.43
C ILE M 4 -10.48 24.57 17.01
N GLN M 5 -10.48 25.88 16.80
CA GLN M 5 -11.54 26.74 17.30
C GLN M 5 -11.70 27.98 16.43
N PHE M 6 -12.08 27.78 15.18
CA PHE M 6 -12.27 28.87 14.24
C PHE M 6 -10.98 29.67 14.05
N SER M 7 -9.87 28.95 13.87
CA SER M 7 -8.57 29.59 13.68
C SER M 7 -8.60 31.04 14.13
N PRO M 8 -9.11 31.28 15.33
CA PRO M 8 -9.20 32.64 15.89
C PRO M 8 -7.91 33.42 15.67
N SER M 9 -6.77 32.77 15.91
CA SER M 9 -5.47 33.41 15.75
C SER M 9 -5.38 34.69 16.56
N SER M 10 -5.73 35.81 15.95
CA SER M 10 -5.69 37.11 16.62
C SER M 10 -4.85 37.03 17.90
N VAL M 11 -5.45 37.45 19.01
CA VAL M 11 -4.76 37.44 20.30
C VAL M 11 -4.05 36.11 20.53
N PRO M 12 -2.79 36.04 20.12
CA PRO M 12 -1.99 34.82 20.28
C PRO M 12 -2.75 33.75 21.06
N LEU M 13 -2.35 33.51 22.31
CA LEU M 13 -3.00 32.51 23.15
C LEU M 13 -2.73 32.78 24.62
N ARG M 14 -1.53 32.42 25.08
CA ARG M 14 -1.15 32.62 26.47
C ARG M 14 -2.22 32.09 27.42
N ARG M 15 -1.99 30.89 27.94
CA ARG M 15 -2.93 30.26 28.86
C ARG M 15 -3.09 31.09 30.14
N VAL M 16 -4.21 30.89 30.82
CA VAL M 16 -4.48 31.61 32.06
C VAL M 16 -3.40 31.25 33.04
N GLU M 17 -2.81 32.25 33.68
CA GLU M 17 -1.73 32.00 34.62
C GLU M 17 -2.07 32.33 36.06
N GLU M 18 -2.86 33.39 36.27
CA GLU M 18 -3.29 33.78 37.61
C GLU M 18 -4.77 34.03 37.51
N VAL M 19 -5.45 33.95 38.65
CA VAL M 19 -6.87 34.22 38.72
C VAL M 19 -7.11 35.24 39.84
N GLN M 20 -7.45 36.43 39.43
CA GLN M 20 -7.66 37.49 40.40
C GLN M 20 -9.12 37.58 40.83
N PHE M 21 -9.39 37.22 42.09
CA PHE M 21 -10.74 37.26 42.62
C PHE M 21 -11.05 38.62 43.24
N GLY M 22 -11.88 39.40 42.55
CA GLY M 22 -12.25 40.72 43.02
C GLY M 22 -13.72 40.81 43.39
N ILE M 23 -14.19 42.04 43.61
CA ILE M 23 -15.59 42.26 43.96
C ILE M 23 -16.23 43.29 43.03
N LEU M 24 -17.00 42.81 42.06
CA LEU M 24 -17.67 43.69 41.11
C LEU M 24 -18.04 45.02 41.76
N SER M 25 -18.05 46.08 40.94
CA SER M 25 -18.39 47.41 41.43
C SER M 25 -19.43 48.08 40.55
N PRO M 26 -20.41 48.72 41.18
CA PRO M 26 -21.47 49.42 40.44
C PRO M 26 -20.94 50.16 39.22
N GLU M 27 -19.91 50.97 39.42
CA GLU M 27 -19.32 51.73 38.33
C GLU M 27 -18.87 50.82 37.20
N GLU M 28 -18.11 49.78 37.54
CA GLU M 28 -17.63 48.83 36.55
C GLU M 28 -18.78 48.07 35.90
N ILE M 29 -19.71 47.59 36.72
CA ILE M 29 -20.86 46.86 36.23
C ILE M 29 -21.57 47.63 35.12
N ARG M 30 -21.66 48.96 35.28
CA ARG M 30 -22.32 49.80 34.30
C ARG M 30 -21.49 49.91 33.03
N SER M 31 -20.20 50.20 33.19
CA SER M 31 -19.30 50.32 32.05
C SER M 31 -19.29 49.04 31.22
N MET M 32 -19.00 47.92 31.88
CA MET M 32 -18.96 46.62 31.20
C MET M 32 -20.21 46.41 30.36
N SER M 33 -21.38 46.55 30.98
CA SER M 33 -22.64 46.38 30.30
C SER M 33 -22.83 47.44 29.21
N VAL M 34 -23.39 47.03 28.07
CA VAL M 34 -23.61 47.94 26.96
C VAL M 34 -25.09 48.03 26.60
N ALA M 35 -25.93 47.47 27.45
CA ALA M 35 -27.37 47.47 27.21
C ALA M 35 -28.09 48.36 28.23
N LYS M 36 -29.52 48.48 28.11
CA LYS M 36 -30.33 49.30 29.02
C LYS M 36 -31.12 48.43 29.99
N ILE M 37 -32.30 48.00 29.56
CA ILE M 37 -33.16 47.17 30.39
C ILE M 37 -34.19 48.01 31.13
N GLU M 38 -35.12 48.59 30.39
CA GLU M 38 -36.17 49.43 30.97
C GLU M 38 -37.54 48.77 30.81
N PHE M 39 -37.59 47.66 30.07
CA PHE M 39 -38.83 46.94 29.84
C PHE M 39 -38.96 45.75 30.80
N PRO M 40 -38.92 46.04 32.11
CA PRO M 40 -39.03 44.99 33.12
C PRO M 40 -39.70 43.74 32.57
N GLU M 41 -41.02 43.81 32.37
CA GLU M 41 -41.77 42.67 31.85
C GLU M 41 -41.52 42.49 30.35
N THR M 42 -40.25 42.40 29.98
CA THR M 42 -39.87 42.23 28.58
C THR M 42 -40.45 40.94 28.01
N MET M 43 -39.56 40.05 27.57
CA MET M 43 -39.98 38.78 27.00
C MET M 43 -40.57 38.97 25.61
N ASP M 44 -40.12 40.00 24.91
CA ASP M 44 -40.61 40.29 23.57
C ASP M 44 -42.09 40.68 23.60
N GLU M 45 -42.56 41.13 24.76
CA GLU M 45 -43.95 41.53 24.92
C GLU M 45 -44.22 42.87 24.25
N SER M 46 -43.96 42.93 22.95
CA SER M 46 -44.17 44.15 22.18
C SER M 46 -45.39 44.03 21.27
N GLY M 47 -46.06 42.88 21.34
CA GLY M 47 -47.24 42.63 20.54
C GLY M 47 -46.93 41.81 19.29
N GLN M 48 -45.66 41.54 19.08
CA GLN M 48 -45.23 40.75 17.93
C GLN M 48 -44.17 39.72 18.33
N ARG M 49 -43.49 39.17 17.32
CA ARG M 49 -42.45 38.17 17.57
C ARG M 49 -41.07 38.73 17.23
N PRO M 50 -40.80 39.94 17.69
CA PRO M 50 -39.50 40.59 17.44
C PRO M 50 -38.65 40.65 18.69
N ARG M 51 -38.58 41.82 19.34
CA ARG M 51 -37.80 42.00 20.55
C ARG M 51 -37.58 43.47 20.86
N VAL M 52 -37.06 43.72 22.06
CA VAL M 52 -36.79 45.08 22.47
C VAL M 52 -37.80 45.56 23.51
N GLY M 53 -37.35 46.47 24.38
CA GLY M 53 -36.00 46.97 24.33
C GLY M 53 -35.31 46.89 25.68
N GLY M 54 -34.43 45.91 25.84
CA GLY M 54 -33.71 45.72 27.09
C GLY M 54 -33.98 44.37 27.72
N LEU M 55 -33.88 43.31 26.91
CA LEU M 55 -34.11 41.95 27.40
C LEU M 55 -33.49 40.92 26.46
N LEU M 56 -34.11 40.74 25.31
CA LEU M 56 -33.61 39.78 24.32
C LEU M 56 -32.52 40.38 23.45
N ASP M 57 -32.89 41.39 22.66
CA ASP M 57 -31.94 42.06 21.78
C ASP M 57 -30.82 42.72 22.58
N PRO M 58 -30.66 44.03 22.41
CA PRO M 58 -29.62 44.78 23.12
C PRO M 58 -28.85 43.90 24.09
N ARG M 59 -28.03 43.01 23.56
CA ARG M 59 -27.88 42.86 22.11
C ARG M 59 -28.59 41.62 21.60
N LEU M 60 -28.35 40.49 22.25
CA LEU M 60 -27.45 40.46 23.40
C LEU M 60 -26.32 39.45 23.18
N GLY M 61 -26.68 38.26 22.74
CA GLY M 61 -25.70 37.22 22.48
C GLY M 61 -26.27 36.16 21.56
N THR M 62 -27.45 36.43 21.01
CA THR M 62 -28.11 35.50 20.11
C THR M 62 -28.65 34.29 20.87
N ILE M 63 -29.59 33.58 20.25
CA ILE M 63 -30.19 32.41 20.88
C ILE M 63 -30.52 31.33 19.83
N ASP M 64 -30.40 31.71 18.56
CA ASP M 64 -30.69 30.79 17.47
C ASP M 64 -29.70 30.96 16.31
N ARG M 65 -29.84 30.14 15.28
CA ARG M 65 -28.96 30.20 14.12
C ARG M 65 -29.10 31.55 13.41
N GLN M 66 -30.18 31.70 12.66
CA GLN M 66 -30.43 32.93 11.91
C GLN M 66 -30.34 34.15 12.83
N PHE M 67 -29.13 34.51 13.20
CA PHE M 67 -28.89 35.67 14.08
C PHE M 67 -27.41 35.92 14.26
N LYS M 68 -26.99 37.16 13.99
CA LYS M 68 -25.59 37.54 14.12
C LYS M 68 -25.41 38.59 15.22
N CYS M 69 -26.18 38.47 16.28
CA CYS M 69 -26.10 39.40 17.40
C CYS M 69 -24.86 40.28 17.31
N GLN M 70 -25.00 41.41 16.61
CA GLN M 70 -23.88 42.33 16.44
C GLN M 70 -22.98 42.34 17.67
N THR M 71 -21.67 42.48 17.43
CA THR M 71 -20.70 42.50 18.51
C THR M 71 -19.75 41.33 18.41
N CYS M 72 -20.20 40.24 17.80
CA CYS M 72 -19.39 39.04 17.64
C CYS M 72 -20.13 37.97 16.84
N GLY M 73 -19.98 36.72 17.27
CA GLY M 73 -20.63 35.62 16.60
C GLY M 73 -19.64 34.60 16.05
N GLU M 74 -20.16 33.60 15.34
CA GLU M 74 -21.59 33.50 15.09
C GLU M 74 -22.30 32.82 16.25
N THR M 75 -23.46 32.22 15.96
CA THR M 75 -24.24 31.52 16.98
C THR M 75 -24.40 30.04 16.63
N MET M 76 -24.90 29.27 17.59
CA MET M 76 -25.26 29.81 18.89
C MET M 76 -24.04 29.90 19.81
N ALA M 77 -23.04 29.07 19.54
CA ALA M 77 -21.81 29.04 20.33
C ALA M 77 -20.86 30.15 19.88
N ASP M 78 -19.60 30.03 20.27
CA ASP M 78 -18.58 31.02 19.92
C ASP M 78 -19.02 32.42 20.34
N CYS M 79 -20.29 32.57 20.67
CA CYS M 79 -20.83 33.86 21.10
C CYS M 79 -21.22 33.83 22.58
N PRO M 80 -20.32 34.30 23.43
CA PRO M 80 -20.56 34.33 24.87
C PRO M 80 -21.63 35.35 25.25
N GLY M 81 -22.26 35.17 26.40
CA GLY M 81 -23.28 36.08 26.87
C GLY M 81 -22.75 37.47 27.13
N HIS M 82 -23.55 38.48 26.82
CA HIS M 82 -23.16 39.87 27.01
C HIS M 82 -23.84 40.48 28.24
N PHE M 83 -23.15 40.42 29.37
CA PHE M 83 -23.69 40.96 30.61
C PHE M 83 -24.23 42.37 30.42
N GLY M 84 -25.13 42.79 31.30
CA GLY M 84 -25.72 44.11 31.22
C GLY M 84 -26.22 44.61 32.55
N HIS M 85 -26.14 45.93 32.75
CA HIS M 85 -26.59 46.54 33.99
C HIS M 85 -28.10 46.74 34.00
N ILE M 86 -28.67 46.89 35.20
CA ILE M 86 -30.11 47.09 35.34
C ILE M 86 -30.41 48.26 36.27
N GLU M 87 -29.79 49.40 35.99
CA GLU M 87 -29.99 50.60 36.81
C GLU M 87 -30.41 50.24 38.23
N LEU M 88 -31.34 51.00 38.79
CA LEU M 88 -31.84 50.76 40.14
C LEU M 88 -32.50 52.00 40.71
N ALA M 89 -31.71 52.89 41.30
CA ALA M 89 -32.22 54.12 41.90
C ALA M 89 -33.14 53.82 43.07
N LYS M 90 -32.90 52.70 43.73
CA LYS M 90 -33.72 52.30 44.88
C LYS M 90 -32.93 51.42 45.85
N PRO M 91 -31.93 52.02 46.50
CA PRO M 91 -31.09 51.28 47.45
C PRO M 91 -31.64 49.89 47.73
N VAL M 92 -30.92 48.86 47.24
CA VAL M 92 -31.34 47.49 47.45
C VAL M 92 -30.39 46.76 48.40
N PHE M 93 -30.90 45.73 49.06
CA PHE M 93 -30.08 44.95 50.00
C PHE M 93 -29.28 43.87 49.27
N HIS M 94 -28.70 42.96 50.04
CA HIS M 94 -27.91 41.88 49.47
C HIS M 94 -27.51 40.87 50.53
N ILE M 95 -28.39 39.92 50.80
CA ILE M 95 -28.14 38.88 51.80
C ILE M 95 -26.66 38.50 51.83
N GLY M 96 -26.29 37.54 51.00
CA GLY M 96 -24.91 37.09 50.93
C GLY M 96 -23.93 38.12 51.45
N PHE M 97 -23.30 38.85 50.53
CA PHE M 97 -22.33 39.88 50.88
C PHE M 97 -22.82 40.71 52.07
N LEU M 98 -24.13 40.67 52.31
CA LEU M 98 -24.72 41.42 53.42
C LEU M 98 -24.21 40.92 54.76
N SER M 99 -24.14 39.60 54.91
CA SER M 99 -23.66 38.99 56.15
C SER M 99 -22.37 39.64 56.62
N LYS M 100 -21.39 39.72 55.74
CA LYS M 100 -20.10 40.32 56.07
C LYS M 100 -20.26 41.79 56.46
N ILE M 101 -20.86 42.57 55.57
CA ILE M 101 -21.08 43.99 55.81
C ILE M 101 -21.70 44.22 57.19
N LYS M 102 -22.58 43.30 57.59
CA LYS M 102 -23.25 43.41 58.88
C LYS M 102 -22.28 43.16 60.03
N LYS M 103 -21.43 42.16 59.87
CA LYS M 103 -20.44 41.81 60.89
C LYS M 103 -19.51 42.99 61.18
N ILE M 104 -19.06 43.64 60.11
CA ILE M 104 -18.17 44.79 60.23
C ILE M 104 -18.65 45.76 61.30
N LEU M 105 -19.81 46.37 61.05
CA LEU M 105 -20.39 47.32 61.99
C LEU M 105 -19.44 47.60 63.14
N GLU M 106 -18.81 48.77 63.12
CA GLU M 106 -17.88 49.16 64.18
C GLU M 106 -16.46 49.28 63.64
N CYS M 107 -16.34 49.47 62.33
CA CYS M 107 -15.04 49.60 61.68
C CYS M 107 -14.79 51.04 61.22
N VAL M 108 -15.72 51.93 61.56
CA VAL M 108 -15.60 53.33 61.18
C VAL M 108 -16.67 54.18 61.87
N CYS M 109 -17.73 53.53 62.32
CA CYS M 109 -18.82 54.23 63.00
C CYS M 109 -19.51 55.22 62.07
N TRP M 110 -20.72 55.63 62.44
CA TRP M 110 -21.48 56.58 61.63
C TRP M 110 -21.53 57.95 62.29
N ASN M 111 -21.31 58.99 61.49
CA ASN M 111 -21.04 58.83 60.06
C ASN M 111 -19.64 59.27 59.68
N CYS M 112 -18.93 59.88 60.63
CA CYS M 112 -17.57 60.35 60.40
C CYS M 112 -16.77 59.33 59.61
N GLY M 113 -17.10 58.06 59.77
CA GLY M 113 -16.42 56.99 59.08
C GLY M 113 -14.92 56.98 59.34
N LYS M 114 -14.55 56.60 60.57
CA LYS M 114 -13.15 56.54 60.97
C LYS M 114 -12.89 55.36 61.89
N LEU M 115 -12.00 54.47 61.48
CA LEU M 115 -11.65 53.30 62.27
C LEU M 115 -11.97 53.53 63.74
N LYS M 116 -12.51 52.49 64.39
CA LYS M 116 -12.87 52.58 65.81
C LYS M 116 -11.63 52.82 66.67
N ILE M 117 -10.68 51.87 66.60
CA ILE M 117 -9.45 51.98 67.37
C ILE M 117 -8.89 53.39 67.34
N ASP M 118 -7.84 53.64 68.12
CA ASP M 118 -7.21 54.95 68.17
C ASP M 118 -5.77 54.90 67.66
N SER M 119 -4.85 54.49 68.53
CA SER M 119 -3.45 54.40 68.17
C SER M 119 -2.71 53.39 69.04
N SER M 120 -3.23 53.16 70.24
CA SER M 120 -4.45 53.83 70.70
C SER M 120 -4.41 54.12 72.20
N ASN M 121 -4.67 53.10 73.01
CA ASN M 121 -5.00 51.77 72.49
C ASN M 121 -4.09 51.33 71.35
N PRO M 122 -2.79 51.35 71.59
CA PRO M 122 -1.81 50.97 70.58
C PRO M 122 -1.72 49.45 70.42
N LYS M 123 -2.07 48.72 71.48
CA LYS M 123 -2.03 47.26 71.44
C LYS M 123 -3.17 46.69 70.62
N PHE M 124 -4.39 47.11 70.94
CA PHE M 124 -5.58 46.64 70.23
C PHE M 124 -5.41 46.80 68.73
N ASN M 125 -5.05 48.00 68.30
CA ASN M 125 -4.87 48.29 66.88
C ASN M 125 -3.69 47.52 66.29
N ASP M 126 -2.60 47.45 67.05
CA ASP M 126 -1.40 46.75 66.60
C ASP M 126 -1.64 45.25 66.55
N THR M 127 -2.38 44.73 67.52
CA THR M 127 -2.69 43.30 67.59
C THR M 127 -3.52 42.87 66.39
N GLN M 128 -4.49 43.69 66.01
CA GLN M 128 -5.36 43.39 64.88
C GLN M 128 -4.56 43.33 63.58
N ARG M 129 -3.47 44.08 63.53
CA ARG M 129 -2.62 44.11 62.36
C ARG M 129 -1.64 42.95 62.34
N TYR M 130 -1.28 42.47 63.53
CA TYR M 130 -0.35 41.35 63.67
C TYR M 130 -0.95 40.06 63.11
N ARG M 131 -1.82 40.21 62.11
CA ARG M 131 -2.47 39.06 61.50
C ARG M 131 -2.79 39.33 60.03
N ASP M 132 -2.35 38.43 59.16
CA ASP M 132 -2.58 38.57 57.73
C ASP M 132 -3.99 39.11 57.44
N PRO M 133 -4.17 39.66 56.26
CA PRO M 133 -5.48 40.22 55.86
C PRO M 133 -6.54 39.13 55.74
N LYS M 134 -7.81 39.54 55.69
CA LYS M 134 -8.91 38.59 55.56
C LYS M 134 -9.16 37.86 56.88
N ASN M 135 -8.47 38.29 57.93
CA ASN M 135 -8.62 37.69 59.25
C ASN M 135 -8.74 38.73 60.36
N ARG M 136 -7.93 39.79 60.25
CA ARG M 136 -7.95 40.85 61.24
C ARG M 136 -9.37 41.17 61.69
N LEU M 137 -10.35 40.68 60.95
CA LEU M 137 -11.75 40.91 61.26
C LEU M 137 -12.04 40.63 62.73
N ASN M 138 -11.56 39.48 63.21
CA ASN M 138 -11.76 39.10 64.60
C ASN M 138 -11.49 40.25 65.56
N ALA M 139 -10.39 40.96 65.35
CA ALA M 139 -10.02 42.08 66.20
C ALA M 139 -11.06 43.19 66.12
N VAL M 140 -11.52 43.48 64.92
CA VAL M 140 -12.53 44.52 64.71
C VAL M 140 -13.81 44.20 65.47
N TRP M 141 -14.32 42.98 65.30
CA TRP M 141 -15.54 42.56 65.97
C TRP M 141 -15.42 42.73 67.48
N ASN M 142 -14.26 42.37 68.02
CA ASN M 142 -14.01 42.48 69.45
C ASN M 142 -14.05 43.92 69.94
N VAL M 143 -13.57 44.84 69.10
CA VAL M 143 -13.54 46.25 69.44
C VAL M 143 -14.94 46.85 69.39
N CYS M 144 -15.75 46.38 68.44
CA CYS M 144 -17.12 46.87 68.29
C CYS M 144 -17.98 46.48 69.48
N LYS M 145 -17.78 45.27 69.99
CA LYS M 145 -18.54 44.78 71.14
C LYS M 145 -18.21 45.59 72.39
N THR M 146 -17.02 46.16 72.42
CA THR M 146 -16.58 46.95 73.56
C THR M 146 -16.76 48.45 73.30
N LYS M 147 -16.46 48.86 72.08
CA LYS M 147 -16.58 50.27 71.69
C LYS M 147 -18.03 50.72 71.74
N MET M 148 -18.28 51.80 72.49
CA MET M 148 -19.63 52.35 72.62
C MET M 148 -19.59 53.85 72.86
N VAL M 149 -18.51 54.49 72.43
CA VAL M 149 -18.35 55.93 72.60
C VAL M 149 -17.14 56.44 71.81
N CYS M 150 -17.19 57.72 71.45
CA CYS M 150 -16.10 58.34 70.71
C CYS M 150 -15.14 59.09 71.64
N ASP M 151 -14.54 60.15 71.12
CA ASP M 151 -13.60 60.95 71.90
C ASP M 151 -13.42 62.34 71.30
N THR M 152 -12.29 62.97 71.61
CA THR M 152 -12.00 64.31 71.09
C THR M 152 -12.11 64.35 69.57
N GLY M 153 -11.00 64.69 68.92
CA GLY M 153 -10.97 64.77 67.47
C GLY M 153 -9.61 64.41 66.91
N LEU M 154 -9.50 63.19 66.37
CA LEU M 154 -8.25 62.72 65.79
C LEU M 154 -7.07 62.99 66.72
N SER M 155 -5.88 62.63 66.26
CA SER M 155 -4.67 62.83 67.04
C SER M 155 -3.93 64.10 66.60
N ALA M 156 -4.59 65.24 66.73
CA ALA M 156 -4.00 66.52 66.34
C ALA M 156 -3.09 67.05 67.44
N GLY M 157 -1.78 66.96 67.21
CA GLY M 157 -0.80 67.44 68.18
C GLY M 157 -1.44 67.80 69.51
N SER M 158 -1.25 69.04 69.94
CA SER M 158 -1.81 69.51 71.20
C SER M 158 -1.18 68.77 72.38
N ASP M 159 -0.01 69.23 72.82
CA ASP M 159 0.63 70.39 72.20
C ASP M 159 1.02 70.09 70.75
N ASN M 160 1.03 71.13 69.93
CA ASN M 160 1.37 70.99 68.52
C ASN M 160 2.88 70.83 68.31
N PHE M 161 3.26 69.83 67.52
CA PHE M 161 4.67 69.57 67.25
C PHE M 161 4.83 68.35 66.34
N ASP M 162 6.07 68.06 65.97
CA ASP M 162 6.37 66.92 65.11
C ASP M 162 7.83 66.94 64.64
N LEU M 163 8.66 66.17 65.34
CA LEU M 163 10.08 66.10 65.01
C LEU M 163 10.81 65.11 65.91
N SER M 164 10.44 63.84 65.81
CA SER M 164 9.41 63.41 64.88
C SER M 164 8.10 63.12 65.62
N ASN M 165 7.11 63.99 65.41
CA ASN M 165 5.81 63.83 66.05
C ASN M 165 4.66 63.87 65.04
N PRO M 166 3.49 64.26 65.50
CA PRO M 166 3.30 64.63 66.92
C PRO M 166 2.43 63.62 67.65
N SER M 167 2.56 63.56 68.98
CA SER M 167 1.79 62.63 69.78
C SER M 167 1.46 63.23 71.15
N ALA M 168 0.56 64.21 71.16
CA ALA M 168 -0.08 64.67 69.92
C ALA M 168 -1.01 63.61 69.35
N ASN M 169 -2.22 63.52 69.89
CA ASN M 169 -3.20 62.56 69.42
C ASN M 169 -4.31 62.32 70.45
N MET M 170 -4.82 61.09 70.49
CA MET M 170 -5.87 60.73 71.43
C MET M 170 -7.14 61.53 71.15
N GLY M 171 -8.13 60.87 70.54
CA GLY M 171 -8.01 59.48 70.18
C GLY M 171 -9.03 59.05 69.14
N HIS M 172 -8.72 57.99 68.40
CA HIS M 172 -9.61 57.48 67.37
C HIS M 172 -10.41 58.61 66.73
N GLY M 173 -9.70 59.64 66.28
CA GLY M 173 -10.34 60.78 65.64
C GLY M 173 -11.36 61.45 66.54
N GLY M 174 -11.98 62.52 66.03
CA GLY M 174 -12.97 63.25 66.78
C GLY M 174 -14.38 63.01 66.27
N CYS M 175 -15.36 63.14 67.15
CA CYS M 175 -16.76 62.93 66.79
C CYS M 175 -17.58 62.47 67.99
N GLY M 176 -17.82 61.17 68.08
CA GLY M 176 -18.59 60.61 69.18
C GLY M 176 -19.00 59.17 68.92
N ALA M 177 -19.18 58.83 67.65
CA ALA M 177 -19.58 57.48 67.27
C ALA M 177 -20.79 57.50 66.35
N ALA M 178 -21.44 56.34 66.21
CA ALA M 178 -21.02 55.14 66.91
C ALA M 178 -21.56 55.09 68.33
N GLN M 179 -21.12 54.09 69.10
CA GLN M 179 -21.56 53.95 70.48
C GLN M 179 -22.78 53.03 70.58
N PRO M 180 -23.29 52.60 69.43
CA PRO M 180 -24.46 51.72 69.38
C PRO M 180 -24.14 50.38 68.75
N THR M 181 -24.63 49.30 69.35
CA THR M 181 -24.39 47.96 68.83
C THR M 181 -25.45 47.56 67.81
N ILE M 182 -25.15 46.53 67.02
CA ILE M 182 -26.07 46.05 66.00
C ILE M 182 -26.33 44.55 66.16
N ARG M 183 -27.55 44.13 65.86
CA ARG M 183 -27.92 42.73 65.96
C ARG M 183 -28.71 42.27 64.73
N LYS M 184 -28.42 41.07 64.25
CA LYS M 184 -29.10 40.52 63.09
C LYS M 184 -30.54 40.14 63.42
N ASP M 185 -31.48 40.72 62.68
CA ASP M 185 -32.90 40.44 62.89
C ASP M 185 -33.61 40.16 61.57
N GLY M 186 -33.24 39.06 60.92
CA GLY M 186 -33.83 38.68 59.66
C GLY M 186 -33.06 39.23 58.47
N LEU M 187 -33.79 39.62 57.43
CA LEU M 187 -33.17 40.16 56.22
C LEU M 187 -32.96 41.67 56.34
N ARG M 188 -32.59 42.11 57.54
CA ARG M 188 -32.36 43.53 57.79
C ARG M 188 -31.28 43.74 58.85
N LEU M 189 -31.02 44.99 59.18
CA LEU M 189 -30.00 45.33 60.18
C LEU M 189 -30.59 46.23 61.27
N TRP M 190 -30.26 45.92 62.52
CA TRP M 190 -30.74 46.71 63.64
C TRP M 190 -29.63 46.97 64.66
N GLY M 191 -29.72 48.09 65.35
CA GLY M 191 -28.73 48.47 66.35
C GLY M 191 -29.27 49.45 67.37
N SER M 192 -28.75 49.37 68.59
CA SER M 192 -29.18 50.27 69.66
C SER M 192 -28.17 51.38 69.89
N TRP M 193 -28.63 52.47 70.50
CA TRP M 193 -27.77 53.62 70.78
C TRP M 193 -27.79 53.97 72.27
N LYS M 194 -26.64 53.87 72.92
CA LYS M 194 -26.53 54.18 74.33
C LYS M 194 -25.26 54.98 74.62
N ARG M 195 -25.17 55.52 75.84
CA ARG M 195 -24.01 56.31 76.24
C ARG M 195 -23.54 55.91 77.64
N GLY M 196 -24.32 56.29 78.64
CA GLY M 196 -25.55 57.04 78.43
C GLY M 196 -26.29 57.33 79.72
N LYS M 197 -27.55 57.70 79.60
CA LYS M 197 -28.38 58.01 80.76
C LYS M 197 -29.18 59.29 80.54
N ASP M 198 -30.07 59.25 79.55
CA ASP M 198 -30.90 60.41 79.23
C ASP M 198 -31.80 60.13 78.03
N GLU M 199 -31.71 58.91 77.51
CA GLU M 199 -32.53 58.51 76.36
C GLU M 199 -31.65 57.87 75.29
N SER M 200 -32.15 56.76 74.73
CA SER M 200 -31.41 56.04 73.68
C SER M 200 -32.22 54.85 73.18
N ASP M 201 -31.51 53.82 72.71
CA ASP M 201 -32.15 52.63 72.20
C ASP M 201 -31.27 51.39 72.42
N LEU M 202 -31.89 50.22 72.40
CA LEU M 202 -31.17 48.97 72.59
C LEU M 202 -31.40 48.01 71.44
N PRO M 203 -31.73 46.76 71.76
CA PRO M 203 -31.98 45.73 70.75
C PRO M 203 -33.46 45.65 70.39
N GLU M 204 -33.89 46.42 69.39
CA GLU M 204 -35.27 46.41 68.96
C GLU M 204 -35.38 46.60 67.45
N LYS M 205 -35.23 47.86 67.00
CA LYS M 205 -35.31 48.16 65.58
C LYS M 205 -34.28 49.21 65.19
N ARG M 206 -34.67 50.13 64.32
CA ARG M 206 -33.77 51.19 63.86
C ARG M 206 -32.74 50.65 62.87
N LEU M 207 -33.15 50.51 61.62
CA LEU M 207 -32.26 50.02 60.58
C LEU M 207 -31.51 51.15 59.90
N LEU M 208 -30.28 50.86 59.46
CA LEU M 208 -29.46 51.86 58.79
C LEU M 208 -29.92 52.10 57.37
N SER M 209 -30.09 51.02 56.61
CA SER M 209 -30.54 51.12 55.22
C SER M 209 -29.37 51.29 54.27
N PRO M 210 -29.45 50.67 53.10
CA PRO M 210 -28.39 50.76 52.10
C PRO M 210 -27.92 52.19 51.90
N LEU M 211 -28.75 53.01 51.27
CA LEU M 211 -28.41 54.41 51.03
C LEU M 211 -27.59 54.99 52.17
N GLU M 212 -28.16 54.94 53.38
CA GLU M 212 -27.48 55.46 54.57
C GLU M 212 -26.10 54.85 54.73
N VAL M 213 -26.06 53.52 54.84
CA VAL M 213 -24.79 52.81 55.00
C VAL M 213 -23.81 53.18 53.90
N HIS M 214 -24.16 52.85 52.66
CA HIS M 214 -23.32 53.15 51.51
C HIS M 214 -22.65 54.51 51.65
N THR M 215 -23.46 55.54 51.84
CA THR M 215 -22.97 56.90 51.98
C THR M 215 -21.81 56.97 52.99
N ILE M 216 -22.03 56.40 54.17
CA ILE M 216 -21.01 56.39 55.21
C ILE M 216 -19.73 55.72 54.72
N PHE M 217 -19.87 54.59 54.05
CA PHE M 217 -18.73 53.85 53.54
C PHE M 217 -17.93 54.69 52.55
N THR M 218 -18.62 55.21 51.54
CA THR M 218 -17.97 56.04 50.52
C THR M 218 -17.10 57.12 51.15
N HIS M 219 -17.54 57.61 52.30
CA HIS M 219 -16.80 58.66 53.01
C HIS M 219 -15.53 58.10 53.66
N ILE M 220 -15.55 56.82 53.98
CA ILE M 220 -14.40 56.17 54.59
C ILE M 220 -13.10 56.66 53.98
N SER M 221 -12.11 56.92 54.82
CA SER M 221 -10.81 57.40 54.38
C SER M 221 -10.04 56.30 53.65
N SER M 222 -9.36 56.67 52.57
CA SER M 222 -8.58 55.71 51.78
C SER M 222 -7.54 54.94 52.57
N GLU M 223 -6.83 55.61 53.46
CA GLU M 223 -5.80 54.94 54.25
C GLU M 223 -6.51 54.07 55.27
N ASP M 224 -7.82 54.29 55.37
CA ASP M 224 -8.67 53.53 56.28
C ASP M 224 -9.20 52.25 55.59
N LEU M 225 -9.42 52.37 54.25
CA LEU M 225 -9.94 51.24 53.50
C LEU M 225 -8.95 50.07 53.52
N ALA M 226 -7.66 50.40 53.63
CA ALA M 226 -6.62 49.38 53.68
C ALA M 226 -6.39 48.88 55.10
N HIS M 227 -6.55 49.77 56.07
CA HIS M 227 -6.37 49.41 57.47
C HIS M 227 -7.08 48.12 57.81
N LEU M 228 -8.12 47.79 57.05
CA LEU M 228 -8.89 46.58 57.26
C LEU M 228 -8.71 45.60 56.10
N GLY M 229 -9.26 44.40 56.26
CA GLY M 229 -9.16 43.38 55.23
C GLY M 229 -9.94 43.76 53.97
N LEU M 230 -9.68 44.95 53.46
CA LEU M 230 -10.36 45.43 52.26
C LEU M 230 -9.35 45.78 51.16
N ASN M 231 -9.85 46.00 49.95
CA ASN M 231 -9.01 46.34 48.82
C ASN M 231 -9.50 47.57 48.07
N GLU M 232 -8.84 48.70 48.28
CA GLU M 232 -9.22 49.94 47.62
C GLU M 232 -9.02 49.85 46.12
N GLN M 233 -8.95 48.62 45.61
CA GLN M 233 -8.77 48.39 44.18
C GLN M 233 -9.66 47.27 43.69
N TYR M 234 -9.86 46.25 44.53
CA TYR M 234 -10.69 45.11 44.18
C TYR M 234 -11.96 45.07 45.03
N ALA M 235 -11.78 45.03 46.34
CA ALA M 235 -12.90 44.99 47.27
C ALA M 235 -13.07 46.32 48.00
N ARG M 236 -14.23 46.93 47.85
CA ARG M 236 -14.52 48.21 48.49
C ARG M 236 -15.89 48.20 49.17
N PRO M 237 -15.89 48.16 50.49
CA PRO M 237 -17.14 48.14 51.26
C PRO M 237 -18.28 48.83 50.52
N ASP M 238 -18.01 50.01 49.97
CA ASP M 238 -19.02 50.76 49.23
C ASP M 238 -19.54 49.97 48.03
N TRP M 239 -19.09 48.72 47.93
CA TRP M 239 -19.50 47.86 46.82
C TRP M 239 -20.49 46.79 47.31
N MET M 240 -20.52 46.57 48.61
CA MET M 240 -21.41 45.57 49.19
C MET M 240 -22.86 45.87 48.84
N ILE M 241 -23.14 47.12 48.53
CA ILE M 241 -24.49 47.54 48.17
C ILE M 241 -24.68 47.57 46.66
N ILE M 242 -25.75 46.94 46.18
CA ILE M 242 -26.05 46.90 44.76
C ILE M 242 -26.75 48.17 44.29
N THR M 243 -26.48 48.57 43.05
CA THR M 243 -27.09 49.77 42.49
C THR M 243 -27.31 49.63 40.99
N VAL M 244 -26.41 48.90 40.34
CA VAL M 244 -26.51 48.68 38.90
C VAL M 244 -26.66 47.20 38.58
N LEU M 245 -27.13 46.43 39.55
CA LEU M 245 -27.32 45.00 39.38
C LEU M 245 -27.08 44.58 37.94
N PRO M 246 -26.15 43.75 37.78
CA PRO M 246 -25.80 43.27 36.44
C PRO M 246 -26.82 42.28 35.92
N VAL M 247 -26.75 41.96 34.63
CA VAL M 247 -27.68 41.02 34.00
C VAL M 247 -26.95 40.06 33.08
N PRO M 248 -26.79 38.82 33.52
CA PRO M 248 -26.11 37.79 32.72
C PRO M 248 -26.85 37.50 31.42
N PRO M 249 -26.11 37.11 30.39
CA PRO M 249 -26.69 36.81 29.09
C PRO M 249 -27.43 35.47 29.08
N PRO M 250 -28.45 35.34 28.24
CA PRO M 250 -29.22 34.10 28.14
C PRO M 250 -28.32 32.87 28.20
N SER M 251 -27.18 32.93 27.52
CA SER M 251 -26.24 31.82 27.51
C SER M 251 -26.17 31.14 28.87
N VAL M 252 -26.34 31.93 29.92
CA VAL M 252 -26.29 31.39 31.28
C VAL M 252 -27.67 30.89 31.71
N ARG M 253 -28.70 31.34 31.00
CA ARG M 253 -30.07 30.93 31.31
C ARG M 253 -30.58 29.91 30.29
N PRO M 254 -31.84 29.50 30.45
CA PRO M 254 -32.44 28.52 29.55
C PRO M 254 -33.69 29.07 28.87
N SER M 255 -34.33 28.25 28.03
CA SER M 255 -35.54 28.65 27.33
C SER M 255 -36.42 27.44 27.03
N ILE M 256 -36.83 27.30 25.78
CA ILE M 256 -37.67 26.19 25.36
C ILE M 256 -38.73 26.63 24.37
N SER M 257 -39.34 25.67 23.68
CA SER M 257 -40.37 25.95 22.69
C SER M 257 -41.14 24.69 22.31
N VAL M 258 -42.35 24.56 22.86
CA VAL M 258 -43.18 23.39 22.58
C VAL M 258 -43.57 23.34 21.11
N ASP M 259 -42.71 23.88 20.25
CA ASP M 259 -42.97 23.88 18.82
C ASP M 259 -44.13 22.96 18.46
N GLY M 260 -45.21 23.55 17.97
CA GLY M 260 -45.28 24.99 17.79
C GLY M 260 -46.01 25.78 18.87
N THR M 261 -46.87 26.68 18.43
CA THR M 261 -47.62 27.53 19.34
C THR M 261 -47.09 27.35 20.75
N SER M 262 -46.24 28.28 21.18
CA SER M 262 -45.66 28.22 22.51
C SER M 262 -44.15 28.43 22.47
N ARG M 263 -43.54 28.55 23.65
CA ARG M 263 -42.09 28.75 23.74
C ARG M 263 -41.72 29.35 25.10
N GLY M 264 -42.29 28.80 26.16
CA GLY M 264 -42.01 29.27 27.51
C GLY M 264 -40.53 29.31 27.82
N GLU M 265 -40.19 29.93 28.95
CA GLU M 265 -38.79 30.03 29.37
C GLU M 265 -38.63 29.62 30.83
N ASP M 266 -37.47 29.95 31.40
CA ASP M 266 -37.19 29.62 32.79
C ASP M 266 -36.97 30.88 33.63
N ASP M 267 -37.39 30.82 34.88
CA ASP M 267 -38.04 29.64 35.43
C ASP M 267 -38.19 29.74 36.95
N LEU M 268 -37.17 30.25 37.62
CA LEU M 268 -35.96 30.72 36.94
C LEU M 268 -36.13 32.14 36.41
N THR M 269 -35.09 32.65 35.77
CA THR M 269 -35.12 34.00 35.21
C THR M 269 -36.43 34.71 35.53
N HIS M 270 -37.51 34.27 34.89
CA HIS M 270 -38.83 34.86 35.11
C HIS M 270 -38.79 35.87 36.25
N LYS M 271 -38.47 35.38 37.45
CA LYS M 271 -38.39 36.23 38.63
C LYS M 271 -37.71 37.56 38.29
N LEU M 272 -36.58 37.49 37.60
CA LEU M 272 -35.84 38.67 37.20
C LEU M 272 -36.78 39.72 36.64
N SER M 273 -37.70 39.28 35.80
CA SER M 273 -38.67 40.19 35.23
C SER M 273 -39.61 40.71 36.32
N ASP M 274 -39.92 39.86 37.29
CA ASP M 274 -40.82 40.24 38.39
C ASP M 274 -40.24 41.34 39.25
N ILE M 275 -38.92 41.39 39.28
CA ILE M 275 -38.22 42.38 40.09
C ILE M 275 -38.27 43.76 39.43
N ILE M 276 -38.09 43.81 38.12
CA ILE M 276 -38.20 45.07 37.41
C ILE M 276 -39.64 45.58 37.45
N LYS M 277 -40.59 44.65 37.51
CA LYS M 277 -41.99 45.00 37.68
C LYS M 277 -42.18 45.74 38.99
N ALA M 278 -41.45 45.31 40.02
CA ALA M 278 -41.57 45.90 41.35
C ALA M 278 -40.63 47.10 41.54
N ASN M 279 -39.77 47.36 40.56
CA ASN M 279 -38.87 48.51 40.61
C ASN M 279 -39.39 49.70 39.82
N ALA M 280 -39.83 49.45 38.59
CA ALA M 280 -40.38 50.52 37.75
C ALA M 280 -41.62 51.14 38.38
N ASN M 281 -42.40 50.34 39.11
CA ASN M 281 -43.57 50.84 39.81
C ASN M 281 -43.20 51.63 41.06
N VAL M 282 -41.95 51.51 41.50
CA VAL M 282 -41.46 52.25 42.66
C VAL M 282 -40.70 53.51 42.24
N ARG M 283 -40.03 53.44 41.10
CA ARG M 283 -39.23 54.55 40.61
C ARG M 283 -40.09 55.71 40.08
N ARG M 284 -41.24 55.36 39.51
CA ARG M 284 -42.13 56.37 38.93
C ARG M 284 -42.76 57.26 39.99
N CYS M 285 -42.80 56.75 41.23
CA CYS M 285 -43.40 57.47 42.35
C CYS M 285 -42.42 58.45 42.98
N GLU M 286 -41.28 58.65 42.34
CA GLU M 286 -40.24 59.50 42.89
C GLU M 286 -40.78 60.92 43.09
N GLN M 287 -41.64 61.35 42.18
CA GLN M 287 -42.24 62.68 42.27
C GLN M 287 -43.24 62.75 43.42
N GLU M 288 -43.35 61.65 44.16
CA GLU M 288 -44.28 61.58 45.28
C GLU M 288 -43.62 61.00 46.52
N GLY M 289 -43.96 61.55 47.68
CA GLY M 289 -44.92 62.63 47.75
C GLY M 289 -46.23 62.15 48.36
N ALA M 290 -46.73 61.04 47.84
CA ALA M 290 -47.96 60.45 48.33
C ALA M 290 -48.12 59.06 47.72
N PRO M 291 -48.50 58.07 48.54
CA PRO M 291 -48.71 58.24 49.98
C PRO M 291 -47.40 58.33 50.76
N ALA M 292 -46.27 58.10 50.09
CA ALA M 292 -44.97 58.15 50.74
C ALA M 292 -44.74 57.03 51.77
N HIS M 293 -45.44 57.09 52.90
CA HIS M 293 -45.26 56.08 53.95
C HIS M 293 -45.71 54.69 53.47
N ILE M 294 -46.62 54.66 52.53
CA ILE M 294 -47.08 53.40 51.95
C ILE M 294 -46.12 52.93 50.85
N VAL M 295 -45.37 53.85 50.27
CA VAL M 295 -44.43 53.52 49.19
C VAL M 295 -43.30 52.60 49.66
N SER M 296 -42.98 52.64 50.95
CA SER M 296 -41.89 51.83 51.52
C SER M 296 -42.30 50.36 51.62
N GLU M 297 -43.60 50.13 51.74
CA GLU M 297 -44.16 48.79 51.84
C GLU M 297 -43.88 47.99 50.56
N TYR M 298 -43.90 48.68 49.43
CA TYR M 298 -43.58 48.05 48.13
C TYR M 298 -42.06 47.99 47.92
N GLU M 299 -41.34 48.89 48.57
CA GLU M 299 -39.88 48.89 48.51
C GLU M 299 -39.31 47.65 49.20
N GLN M 300 -40.01 47.18 50.22
CA GLN M 300 -39.59 46.00 50.96
C GLN M 300 -39.63 44.77 50.06
N LEU M 301 -40.41 44.85 48.98
CA LEU M 301 -40.52 43.72 48.06
C LEU M 301 -39.26 43.51 47.20
N LEU M 302 -38.58 44.60 46.81
CA LEU M 302 -37.31 44.47 46.10
C LEU M 302 -36.25 43.89 47.04
N GLN M 303 -36.45 44.10 48.33
CA GLN M 303 -35.54 43.58 49.33
C GLN M 303 -35.64 42.08 49.40
N PHE M 304 -36.77 41.54 48.98
CA PHE M 304 -37.03 40.09 49.03
C PHE M 304 -36.74 39.40 47.70
N HIS M 305 -37.21 39.99 46.60
CA HIS M 305 -37.03 39.39 45.28
C HIS M 305 -35.55 39.23 44.86
N VAL M 306 -34.81 40.34 44.89
CA VAL M 306 -33.34 40.33 44.65
C VAL M 306 -32.59 39.44 45.66
N ALA M 307 -33.31 38.89 46.63
CA ALA M 307 -32.67 38.00 47.55
C ALA M 307 -33.00 36.58 47.15
N THR M 308 -34.30 36.32 46.91
CA THR M 308 -34.75 35.01 46.50
C THR M 308 -34.00 34.60 45.23
N TYR M 309 -33.57 35.60 44.46
CA TYR M 309 -32.81 35.34 43.25
C TYR M 309 -31.42 34.82 43.59
N MET M 310 -30.97 35.07 44.81
CA MET M 310 -29.67 34.61 45.26
C MET M 310 -29.79 33.41 46.18
N ASP M 311 -30.39 33.62 47.35
CA ASP M 311 -30.58 32.56 48.33
C ASP M 311 -32.06 32.31 48.60
N ASN M 312 -32.66 31.43 47.81
CA ASN M 312 -34.07 31.10 47.97
C ASN M 312 -34.49 31.04 49.43
N GLU M 313 -33.75 30.28 50.22
CA GLU M 313 -34.04 30.14 51.64
C GLU M 313 -32.86 30.60 52.51
N ILE M 314 -32.81 31.90 52.77
CA ILE M 314 -31.74 32.47 53.59
C ILE M 314 -32.03 32.31 55.07
N ALA M 315 -32.84 31.31 55.40
CA ALA M 315 -33.19 31.05 56.79
C ALA M 315 -33.93 32.24 57.41
N GLY M 316 -35.08 32.58 56.82
CA GLY M 316 -35.88 33.68 57.31
C GLY M 316 -37.37 33.42 57.19
N GLN M 317 -37.73 32.50 56.31
CA GLN M 317 -39.13 32.15 56.09
C GLN M 317 -39.76 33.05 55.03
N PRO M 318 -39.13 33.11 53.86
CA PRO M 318 -39.63 33.94 52.76
C PRO M 318 -40.60 33.17 51.87
N GLN M 319 -40.21 31.96 51.47
CA GLN M 319 -41.05 31.13 50.61
C GLN M 319 -40.49 31.05 49.20
N ALA M 320 -40.41 32.20 48.53
CA ALA M 320 -39.89 32.26 47.17
C ALA M 320 -40.63 31.30 46.26
N LEU M 321 -41.95 31.27 46.38
CA LEU M 321 -42.79 30.39 45.57
C LEU M 321 -43.08 31.01 44.21
N GLN M 322 -42.74 30.29 43.15
CA GLN M 322 -42.97 30.77 41.79
C GLN M 322 -44.13 30.03 41.13
N LYS M 323 -44.16 28.72 41.31
CA LYS M 323 -45.22 27.89 40.74
C LYS M 323 -45.58 26.74 41.67
N SER M 324 -46.78 26.82 42.26
CA SER M 324 -47.25 25.78 43.18
C SER M 324 -46.47 25.82 44.48
N GLY M 325 -46.15 27.03 44.95
CA GLY M 325 -45.41 27.19 46.19
C GLY M 325 -44.17 26.33 46.25
N ARG M 326 -43.24 26.58 45.34
CA ARG M 326 -41.99 25.83 45.28
C ARG M 326 -40.79 26.74 45.07
N PRO M 327 -39.80 26.63 45.96
CA PRO M 327 -38.59 27.45 45.87
C PRO M 327 -38.32 27.91 44.45
N LEU M 328 -37.81 29.13 44.30
CA LEU M 328 -37.51 29.69 42.99
C LEU M 328 -36.04 29.45 42.61
N LYS M 329 -35.81 28.39 41.85
CA LYS M 329 -34.45 28.06 41.40
C LYS M 329 -33.54 29.28 41.44
N SER M 330 -32.77 29.41 42.52
CA SER M 330 -31.85 30.54 42.67
C SER M 330 -30.51 30.25 42.01
N ILE M 331 -29.58 31.19 42.13
CA ILE M 331 -28.25 31.04 41.55
C ILE M 331 -27.34 30.20 42.44
N ARG M 332 -27.56 30.30 43.76
CA ARG M 332 -26.76 29.56 44.73
C ARG M 332 -27.12 28.08 44.70
N ALA M 333 -28.29 27.76 44.16
CA ALA M 333 -28.74 26.38 44.07
C ALA M 333 -27.93 25.59 43.05
N ARG M 334 -27.72 26.19 41.88
CA ARG M 334 -26.96 25.54 40.82
C ARG M 334 -25.52 25.29 41.24
N LEU M 335 -24.88 26.33 41.76
CA LEU M 335 -23.49 26.23 42.21
C LEU M 335 -23.26 24.97 43.03
N LYS M 336 -23.61 25.04 44.31
CA LYS M 336 -23.44 23.90 45.22
C LYS M 336 -24.74 23.12 45.35
N GLY M 337 -25.03 22.28 44.36
CA GLY M 337 -26.24 21.48 44.36
C GLY M 337 -26.41 20.70 45.65
N LYS M 338 -26.01 19.44 45.62
CA LYS M 338 -25.45 18.83 44.42
C LYS M 338 -26.46 18.84 43.28
N GLU M 339 -26.44 17.77 42.48
CA GLU M 339 -27.35 17.65 41.34
C GLU M 339 -27.13 18.78 40.34
N GLY M 340 -25.91 19.30 40.29
CA GLY M 340 -25.57 20.38 39.38
C GLY M 340 -24.08 20.47 39.12
N ARG M 341 -23.58 21.69 38.96
CA ARG M 341 -22.17 21.92 38.71
C ARG M 341 -21.30 21.33 39.82
N LEU M 342 -20.38 22.13 40.33
CA LEU M 342 -19.49 21.69 41.40
C LEU M 342 -19.05 20.24 41.19
N ARG M 343 -19.87 19.30 41.67
CA ARG M 343 -19.57 17.89 41.54
C ARG M 343 -20.45 17.23 40.48
N GLY M 344 -20.40 17.76 39.25
CA GLY M 344 -21.19 17.24 38.16
C GLY M 344 -20.90 17.93 36.85
N ASN M 345 -20.41 19.16 36.93
CA ASN M 345 -20.08 19.93 35.74
C ASN M 345 -18.65 20.49 35.79
N LEU M 346 -17.95 20.19 36.87
CA LEU M 346 -16.58 20.66 37.05
C LEU M 346 -15.68 19.54 37.56
N MET M 347 -16.20 18.68 38.41
CA MET M 347 -15.44 17.57 38.98
C MET M 347 -15.55 16.33 38.11
N GLY M 348 -16.73 15.72 38.11
CA GLY M 348 -16.97 14.52 37.32
C GLY M 348 -17.87 14.78 36.13
N LYS M 349 -17.27 15.13 35.00
CA LYS M 349 -18.02 15.40 33.78
C LYS M 349 -18.08 14.17 32.88
N ARG M 350 -19.24 13.94 32.29
CA ARG M 350 -19.43 12.79 31.40
C ARG M 350 -18.25 12.63 30.46
N VAL M 351 -18.34 13.24 29.28
CA VAL M 351 -17.27 13.17 28.29
C VAL M 351 -17.76 12.53 27.00
N ASP M 352 -16.88 12.45 26.00
CA ASP M 352 -17.22 11.87 24.71
C ASP M 352 -16.21 10.82 24.30
N PHE M 353 -16.06 10.62 23.00
CA PHE M 353 -15.12 9.65 22.46
C PHE M 353 -14.89 8.51 23.44
N SER M 354 -15.98 7.87 23.86
CA SER M 354 -15.91 6.76 24.80
C SER M 354 -17.03 5.79 24.52
N ALA M 355 -17.07 4.71 25.30
CA ALA M 355 -18.04 3.65 25.07
C ALA M 355 -17.86 2.58 26.13
N ARG M 356 -18.81 1.66 26.21
CA ARG M 356 -18.71 0.59 27.18
C ARG M 356 -19.64 -0.54 26.78
N THR M 357 -19.38 -1.72 27.29
CA THR M 357 -20.24 -2.84 27.02
C THR M 357 -19.87 -3.98 27.93
N VAL M 358 -20.52 -5.11 27.75
CA VAL M 358 -20.28 -6.25 28.62
C VAL M 358 -18.93 -6.86 28.34
N ILE M 359 -18.23 -7.36 29.33
CA ILE M 359 -16.94 -7.96 29.03
C ILE M 359 -17.06 -9.45 28.84
N THR M 360 -16.07 -10.05 28.20
CA THR M 360 -16.03 -11.49 27.98
C THR M 360 -14.58 -11.91 28.11
N GLY M 361 -14.35 -13.19 28.33
CA GLY M 361 -12.98 -13.70 28.38
C GLY M 361 -12.46 -14.03 26.99
N ASP M 362 -11.14 -13.98 26.85
CA ASP M 362 -10.45 -14.53 25.69
C ASP M 362 -8.99 -14.94 26.04
N PRO M 363 -8.60 -16.19 25.74
CA PRO M 363 -7.31 -16.73 26.17
C PRO M 363 -6.24 -16.47 25.13
N ASN M 364 -6.69 -15.84 24.08
CA ASN M 364 -5.85 -15.83 22.91
C ASN M 364 -5.28 -14.48 22.53
N LEU M 365 -5.49 -13.50 23.40
CA LEU M 365 -4.99 -12.15 23.20
C LEU M 365 -3.74 -11.96 24.04
N SER M 366 -2.83 -11.12 23.56
CA SER M 366 -1.65 -10.90 24.34
C SER M 366 -2.18 -10.17 25.56
N LEU M 367 -1.34 -10.02 26.59
CA LEU M 367 -1.75 -9.35 27.82
C LEU M 367 -2.09 -7.88 27.56
N ASP M 368 -1.21 -7.19 26.84
CA ASP M 368 -1.42 -5.78 26.52
C ASP M 368 -2.32 -5.61 25.30
N GLU M 369 -3.33 -6.46 25.21
CA GLU M 369 -4.27 -6.41 24.08
C GLU M 369 -5.71 -6.25 24.57
N LEU M 370 -6.60 -5.89 23.65
CA LEU M 370 -8.01 -5.71 23.98
C LEU M 370 -8.88 -5.81 22.74
N GLY M 371 -9.78 -6.79 22.73
CA GLY M 371 -10.68 -6.99 21.61
C GLY M 371 -11.72 -5.90 21.48
N VAL M 372 -11.72 -5.20 20.35
CA VAL M 372 -12.67 -4.13 20.12
C VAL M 372 -13.61 -4.47 18.96
N PRO M 373 -14.89 -4.64 19.28
CA PRO M 373 -15.90 -4.98 18.27
C PRO M 373 -15.95 -3.93 17.15
N ARG M 374 -16.13 -4.39 15.93
CA ARG M 374 -16.21 -3.48 14.78
C ARG M 374 -17.26 -2.41 14.99
N SER M 375 -18.41 -2.81 15.53
CA SER M 375 -19.51 -1.90 15.79
C SER M 375 -18.99 -0.56 16.33
N ILE M 376 -17.99 -0.70 17.17
CA ILE M 376 -17.45 0.48 17.84
C ILE M 376 -16.33 1.10 17.02
N ALA M 377 -15.38 0.27 16.59
CA ALA M 377 -14.24 0.75 15.80
C ALA M 377 -14.76 1.60 14.66
N LYS M 378 -15.96 1.28 14.17
CA LYS M 378 -16.57 2.02 13.07
C LYS M 378 -17.22 3.31 13.57
N THR M 379 -16.88 3.71 14.79
CA THR M 379 -17.43 4.92 15.38
C THR M 379 -16.56 5.41 16.53
N LEU M 380 -15.40 5.99 16.19
CA LEU M 380 -14.48 6.50 17.20
C LEU M 380 -13.57 7.58 16.61
N THR M 381 -12.28 7.46 16.87
CA THR M 381 -11.31 8.42 16.37
C THR M 381 -11.21 9.63 17.29
N TYR M 382 -10.01 10.20 17.40
CA TYR M 382 -8.86 9.69 16.67
C TYR M 382 -8.65 10.45 15.35
N PRO M 383 -8.32 11.73 15.47
CA PRO M 383 -8.09 12.57 14.29
C PRO M 383 -6.89 12.09 13.48
N GLU M 384 -5.72 12.66 13.73
CA GLU M 384 -4.50 12.29 13.01
C GLU M 384 -4.25 13.21 11.83
N THR M 385 -3.33 14.15 12.00
CA THR M 385 -2.98 15.09 10.95
C THR M 385 -2.45 14.38 9.71
N VAL M 386 -2.58 15.03 8.56
CA VAL M 386 -2.11 14.46 7.30
C VAL M 386 -0.60 14.62 7.15
N THR M 387 0.15 13.61 7.58
CA THR M 387 1.60 13.64 7.50
C THR M 387 2.07 13.31 6.09
N PRO M 388 3.17 13.94 5.67
CA PRO M 388 3.73 13.70 4.34
C PRO M 388 4.06 12.23 4.11
N TYR M 389 3.73 11.39 5.08
CA TYR M 389 3.99 9.95 4.99
C TYR M 389 2.70 9.17 4.95
N ASN M 390 1.57 9.86 5.09
CA ASN M 390 0.27 9.22 5.06
C ASN M 390 -0.53 9.56 3.80
N ILE M 391 -0.73 10.84 3.57
CA ILE M 391 -1.47 11.29 2.39
C ILE M 391 -2.04 10.11 1.61
N TYR M 392 -1.16 9.40 0.90
CA TYR M 392 -1.57 8.26 0.11
C TYR M 392 -2.29 7.22 0.96
N GLN M 393 -1.55 6.66 1.92
CA GLN M 393 -2.10 5.64 2.81
C GLN M 393 -3.38 6.15 3.50
N LEU M 394 -3.31 7.36 4.03
CA LEU M 394 -4.44 7.96 4.72
C LEU M 394 -5.63 8.16 3.77
N GLN M 395 -5.32 8.51 2.52
CA GLN M 395 -6.36 8.73 1.52
C GLN M 395 -7.22 7.48 1.32
N GLU M 396 -6.57 6.36 1.06
CA GLU M 396 -7.28 5.09 0.86
C GLU M 396 -8.45 4.94 1.83
N LEU M 397 -8.20 5.29 3.10
CA LEU M 397 -9.23 5.19 4.12
C LEU M 397 -10.49 5.95 3.67
N VAL M 398 -10.35 7.24 3.38
CA VAL M 398 -11.52 8.00 3.00
C VAL M 398 -12.25 7.36 1.83
N ARG M 399 -11.50 7.05 0.77
CA ARG M 399 -12.11 6.53 -0.45
C ARG M 399 -12.85 5.24 -0.15
N ASN M 400 -12.54 4.65 1.01
CA ASN M 400 -13.17 3.41 1.42
C ASN M 400 -14.59 3.64 1.94
N GLY M 401 -14.73 4.53 2.91
CA GLY M 401 -16.02 4.84 3.49
C GLY M 401 -16.04 4.69 5.01
N PRO M 402 -16.99 5.35 5.65
CA PRO M 402 -17.12 5.28 7.10
C PRO M 402 -17.88 4.03 7.56
N ASP M 403 -18.34 3.23 6.60
CA ASP M 403 -19.07 2.01 6.91
C ASP M 403 -18.20 0.78 6.68
N GLU M 404 -16.92 1.01 6.40
CA GLU M 404 -15.98 -0.09 6.15
C GLU M 404 -14.78 0.01 7.09
N HIS M 405 -14.87 -0.67 8.24
CA HIS M 405 -13.79 -0.66 9.21
C HIS M 405 -12.63 0.22 8.75
N PRO M 406 -11.80 -0.33 7.87
CA PRO M 406 -10.65 0.40 7.35
C PRO M 406 -11.07 1.68 6.63
N GLY M 407 -11.98 2.43 7.24
CA GLY M 407 -12.45 3.68 6.64
C GLY M 407 -12.39 4.84 7.62
N ALA M 408 -13.06 5.93 7.26
CA ALA M 408 -13.08 7.12 8.11
C ALA M 408 -14.38 7.91 8.03
N LYS M 409 -14.46 8.97 8.84
CA LYS M 409 -15.62 9.86 8.89
C LYS M 409 -14.98 11.22 8.93
N TYR M 410 -15.68 12.26 8.51
CA TYR M 410 -15.11 13.61 8.57
C TYR M 410 -13.71 13.92 8.04
N ILE M 411 -13.60 15.03 7.33
CA ILE M 411 -12.31 15.52 6.82
C ILE M 411 -12.22 17.00 7.16
N ILE M 412 -11.23 17.35 7.95
CA ILE M 412 -11.02 18.71 8.41
C ILE M 412 -10.03 19.52 7.59
N ARG M 413 -10.40 20.75 7.25
CA ARG M 413 -9.55 21.61 6.42
C ARG M 413 -9.03 22.87 7.08
N ASP M 414 -8.09 23.52 6.38
CA ASP M 414 -7.44 24.77 6.81
C ASP M 414 -8.37 25.75 7.53
N THR M 415 -9.46 26.11 6.85
CA THR M 415 -10.43 27.05 7.39
C THR M 415 -11.14 26.58 8.66
N GLY M 416 -11.13 25.26 8.85
CA GLY M 416 -11.78 24.69 10.02
C GLY M 416 -13.15 24.15 9.70
N GLU M 417 -13.33 23.69 8.47
CA GLU M 417 -14.63 23.20 8.00
C GLU M 417 -14.72 21.68 7.87
N ARG M 418 -15.78 21.10 8.42
CA ARG M 418 -15.91 19.66 8.52
C ARG M 418 -16.65 19.06 7.32
N ILE M 419 -15.92 18.32 6.51
CA ILE M 419 -16.50 17.68 5.33
C ILE M 419 -17.04 16.30 5.67
N ASP M 420 -18.19 16.26 6.33
CA ASP M 420 -18.83 15.01 6.72
C ASP M 420 -18.79 14.00 5.58
N LEU M 421 -18.16 12.86 5.83
CA LEU M 421 -18.05 11.81 4.81
C LEU M 421 -19.40 11.15 4.56
N ARG M 422 -20.31 11.25 5.53
CA ARG M 422 -21.64 10.68 5.41
C ARG M 422 -22.37 11.22 4.19
N TYR M 423 -23.70 11.25 4.26
CA TYR M 423 -24.52 11.75 3.16
C TYR M 423 -23.85 12.94 2.48
N HIS M 424 -23.37 13.88 3.29
CA HIS M 424 -22.70 15.07 2.76
C HIS M 424 -21.75 14.71 1.62
N LYS M 425 -20.50 14.43 1.96
CA LYS M 425 -19.50 14.08 0.98
C LYS M 425 -19.92 12.86 0.17
N ARG M 426 -19.34 11.71 0.50
CA ARG M 426 -19.64 10.47 -0.20
C ARG M 426 -19.20 10.52 -1.65
N ALA M 427 -18.28 11.42 -1.95
CA ALA M 427 -17.77 11.58 -3.31
C ALA M 427 -16.66 12.62 -3.37
N GLY M 428 -16.67 13.41 -4.43
CA GLY M 428 -15.67 14.46 -4.61
C GLY M 428 -14.27 13.98 -4.28
N ASP M 429 -13.57 13.48 -5.30
CA ASP M 429 -12.21 12.98 -5.13
C ASP M 429 -11.47 13.77 -4.06
N ILE M 430 -11.77 15.07 -3.97
CA ILE M 430 -11.12 15.94 -2.99
C ILE M 430 -9.78 15.38 -2.56
N PRO M 431 -8.94 15.07 -3.55
CA PRO M 431 -7.61 14.53 -3.28
C PRO M 431 -7.32 14.44 -1.79
N LEU M 432 -6.66 15.45 -1.24
CA LEU M 432 -6.33 15.49 0.17
C LEU M 432 -5.19 16.46 0.46
N ARG M 433 -5.51 17.55 1.15
CA ARG M 433 -4.51 18.56 1.48
C ARG M 433 -3.21 17.92 1.98
N TYR M 434 -2.15 18.70 2.24
CA TYR M 434 -0.87 18.20 2.73
C TYR M 434 -0.49 18.87 4.05
N GLY M 435 -1.57 19.28 4.87
CA GLY M 435 -1.34 19.92 6.15
C GLY M 435 -2.60 19.96 7.01
N TRP M 436 -3.72 19.53 6.44
CA TRP M 436 -4.98 19.52 7.15
C TRP M 436 -5.09 18.29 8.06
N ARG M 437 -6.30 18.04 8.56
CA ARG M 437 -6.53 16.90 9.45
C ARG M 437 -7.66 16.02 8.93
N VAL M 438 -7.60 14.73 9.27
CA VAL M 438 -8.61 13.77 8.84
C VAL M 438 -8.90 12.77 9.95
N GLU M 439 -10.18 12.58 10.27
CA GLU M 439 -10.58 11.65 11.34
C GLU M 439 -10.85 10.21 10.83
N ARG M 440 -10.12 9.26 11.37
CA ARG M 440 -10.22 7.89 10.87
C ARG M 440 -10.94 6.98 11.86
N HIS M 441 -11.19 5.73 11.50
CA HIS M 441 -11.65 4.79 12.51
C HIS M 441 -10.43 4.28 13.26
N ILE M 442 -10.65 3.46 14.28
CA ILE M 442 -9.57 2.84 15.05
C ILE M 442 -9.28 1.44 14.49
N ARG M 443 -8.05 0.95 14.66
CA ARG M 443 -7.62 -0.23 13.89
C ARG M 443 -6.65 -1.22 14.56
N ASP M 444 -5.52 -0.72 15.00
CA ASP M 444 -4.56 -1.61 15.60
C ASP M 444 -3.75 -0.82 16.57
N GLY M 445 -3.76 -1.26 17.81
CA GLY M 445 -3.12 -0.58 18.91
C GLY M 445 -1.99 0.29 18.43
N ASP M 446 -2.27 1.57 18.24
CA ASP M 446 -3.54 2.23 18.60
C ASP M 446 -4.02 2.07 20.05
N VAL M 447 -3.27 2.62 20.97
CA VAL M 447 -3.54 2.41 22.36
C VAL M 447 -4.81 3.12 22.73
N VAL M 448 -5.42 2.67 23.83
CA VAL M 448 -6.66 3.22 24.39
C VAL M 448 -6.75 2.74 25.81
N ILE M 449 -7.37 3.54 26.68
CA ILE M 449 -7.46 3.22 28.10
C ILE M 449 -8.81 2.71 28.55
N PHE M 450 -8.77 1.74 29.45
CA PHE M 450 -9.90 0.90 29.79
C PHE M 450 -9.98 0.94 31.31
N ASN M 451 -11.14 1.27 31.86
CA ASN M 451 -11.32 1.29 33.32
C ASN M 451 -12.54 0.52 33.80
N ARG M 452 -12.64 0.33 35.12
CA ARG M 452 -13.82 -0.30 35.74
C ARG M 452 -14.28 0.52 36.93
N GLN M 453 -15.46 1.12 36.85
CA GLN M 453 -16.07 1.76 37.99
C GLN M 453 -16.51 0.63 38.90
N PRO M 454 -16.09 0.63 40.19
CA PRO M 454 -15.32 1.63 40.96
C PRO M 454 -13.83 1.41 40.85
N SER M 455 -13.10 2.48 40.54
CA SER M 455 -11.68 2.40 40.25
C SER M 455 -10.83 2.87 41.42
N LEU M 456 -10.60 1.97 42.37
CA LEU M 456 -9.81 2.29 43.54
C LEU M 456 -8.30 2.26 43.29
N HIS M 457 -7.79 1.12 42.83
CA HIS M 457 -6.35 0.92 42.62
C HIS M 457 -5.83 1.88 41.55
N LYS M 458 -4.56 2.24 41.64
CA LYS M 458 -3.92 2.98 40.53
C LYS M 458 -4.26 2.36 39.18
N MET M 459 -4.39 1.04 39.13
CA MET M 459 -4.54 0.36 37.87
C MET M 459 -5.96 -0.12 37.60
N SER M 460 -6.96 0.69 37.92
CA SER M 460 -8.27 0.37 37.39
C SER M 460 -8.47 1.04 36.02
N MET M 461 -7.53 1.92 35.66
CA MET M 461 -7.45 2.50 34.32
C MET M 461 -6.06 2.18 33.85
N MET M 462 -5.91 1.22 32.97
CA MET M 462 -4.62 1.01 32.37
C MET M 462 -4.82 0.95 30.89
N GLY M 463 -3.74 1.00 30.12
CA GLY M 463 -3.87 1.17 28.69
C GLY M 463 -3.48 -0.04 27.88
N HIS M 464 -4.41 -0.48 27.02
CA HIS M 464 -4.25 -1.66 26.17
C HIS M 464 -3.96 -1.31 24.70
N ARG M 465 -4.02 -2.29 23.82
CA ARG M 465 -3.95 -1.98 22.39
C ARG M 465 -5.14 -2.61 21.67
N ILE M 466 -6.05 -1.80 21.17
CA ILE M 466 -7.27 -2.28 20.57
C ILE M 466 -7.08 -3.39 19.56
N ARG M 467 -7.98 -3.43 18.59
CA ARG M 467 -7.93 -4.46 17.57
C ARG M 467 -8.45 -5.76 18.16
N VAL M 468 -9.69 -6.13 17.85
CA VAL M 468 -10.55 -5.42 16.90
C VAL M 468 -11.69 -6.34 16.54
N MET M 469 -11.66 -7.53 17.13
CA MET M 469 -12.60 -8.63 16.85
C MET M 469 -14.11 -8.32 16.54
N PRO M 470 -14.95 -9.33 16.23
CA PRO M 470 -16.38 -9.11 16.10
C PRO M 470 -17.18 -9.64 17.28
N TYR M 471 -18.50 -9.50 17.23
CA TYR M 471 -19.37 -9.79 18.37
C TYR M 471 -19.26 -8.64 19.36
N SER M 472 -20.34 -8.30 20.03
CA SER M 472 -20.39 -7.01 20.68
C SER M 472 -19.95 -6.86 22.11
N THR M 473 -18.89 -7.53 22.49
CA THR M 473 -18.39 -7.32 23.83
C THR M 473 -16.94 -7.00 23.76
N PHE M 474 -16.39 -6.54 24.88
CA PHE M 474 -14.96 -6.34 25.01
C PHE M 474 -14.20 -7.61 25.38
N ARG M 475 -13.48 -8.26 24.47
CA ARG M 475 -12.67 -9.37 24.91
C ARG M 475 -11.48 -8.79 25.64
N LEU M 476 -11.22 -9.27 26.84
CA LEU M 476 -9.97 -8.94 27.53
C LEU M 476 -9.29 -10.17 28.18
N ASN M 477 -8.08 -9.97 28.70
CA ASN M 477 -7.20 -11.09 29.05
C ASN M 477 -7.33 -11.56 30.48
N LEU M 478 -7.66 -12.83 30.69
CA LEU M 478 -7.99 -13.31 32.04
C LEU M 478 -7.00 -12.94 33.11
N SER M 479 -5.72 -12.90 32.82
CA SER M 479 -4.77 -12.67 33.90
C SER M 479 -4.84 -11.20 34.34
N VAL M 480 -5.68 -10.44 33.66
CA VAL M 480 -5.85 -9.02 33.93
C VAL M 480 -7.15 -8.78 34.69
N THR M 481 -7.80 -9.85 35.10
CA THR M 481 -9.07 -9.71 35.75
C THR M 481 -8.94 -9.31 37.21
N SER M 482 -7.91 -9.80 37.89
CA SER M 482 -7.64 -9.45 39.28
C SER M 482 -7.57 -7.93 39.58
N PRO M 483 -6.90 -7.19 38.71
CA PRO M 483 -6.76 -5.74 38.89
C PRO M 483 -8.09 -5.02 38.78
N TYR M 484 -9.04 -5.63 38.07
CA TYR M 484 -10.37 -5.04 37.88
C TYR M 484 -11.39 -5.71 38.80
N ASN M 485 -10.90 -6.36 39.85
CA ASN M 485 -11.77 -7.04 40.81
C ASN M 485 -13.21 -7.14 40.31
N ALA M 486 -13.40 -7.86 39.22
CA ALA M 486 -14.72 -8.05 38.63
C ALA M 486 -14.74 -9.20 37.64
N ASP M 487 -15.64 -10.15 37.84
CA ASP M 487 -15.76 -11.30 36.96
C ASP M 487 -16.56 -10.96 35.71
N PHE M 488 -17.07 -11.99 35.05
CA PHE M 488 -17.86 -11.80 33.83
C PHE M 488 -19.35 -11.97 34.11
N ASP M 489 -19.78 -11.53 35.29
CA ASP M 489 -21.19 -11.64 35.69
C ASP M 489 -22.08 -10.77 34.82
N GLY M 490 -21.60 -10.46 33.62
CA GLY M 490 -22.28 -9.53 32.74
C GLY M 490 -21.92 -8.11 33.08
N ASP M 491 -20.68 -7.92 33.53
CA ASP M 491 -20.19 -6.60 33.92
C ASP M 491 -19.96 -5.69 32.70
N GLU M 492 -20.01 -4.40 32.93
CA GLU M 492 -19.65 -3.46 31.86
C GLU M 492 -18.28 -2.82 32.19
N MET M 493 -17.53 -2.39 31.18
CA MET M 493 -16.30 -1.64 31.43
C MET M 493 -16.17 -0.55 30.40
N ASN M 494 -15.77 0.63 30.85
CA ASN M 494 -15.71 1.78 29.96
C ASN M 494 -14.39 1.90 29.17
N MET M 495 -14.47 2.42 27.95
CA MET M 495 -13.29 2.67 27.15
C MET M 495 -13.18 4.15 26.81
N HIS M 496 -12.03 4.75 27.11
CA HIS M 496 -11.78 6.13 26.74
C HIS M 496 -10.63 6.16 25.73
N VAL M 497 -10.93 6.59 24.49
CA VAL M 497 -9.99 6.70 23.36
C VAL M 497 -9.24 8.04 23.46
N PRO M 498 -7.90 8.06 23.26
CA PRO M 498 -7.28 9.38 23.38
C PRO M 498 -7.48 10.07 22.06
N GLN M 499 -7.26 11.37 21.94
CA GLN M 499 -7.20 11.99 20.65
C GLN M 499 -5.80 12.43 20.37
N SER M 500 -5.45 13.62 20.83
CA SER M 500 -4.12 14.17 20.53
C SER M 500 -2.94 13.19 20.61
N GLU M 501 -1.97 13.38 19.73
CA GLU M 501 -0.85 12.45 19.66
C GLU M 501 0.11 12.68 20.83
N GLU M 502 -0.26 13.55 21.77
CA GLU M 502 0.61 13.80 22.91
C GLU M 502 0.19 13.07 24.18
N THR M 503 -1.09 12.69 24.26
CA THR M 503 -1.59 11.82 25.33
C THR M 503 -1.39 10.36 24.94
N ARG M 504 -1.51 10.10 23.64
CA ARG M 504 -1.38 8.76 23.12
C ARG M 504 -0.06 8.25 23.59
N ALA M 505 0.76 9.18 23.97
CA ALA M 505 2.10 8.89 24.34
C ALA M 505 2.14 8.66 25.82
N GLU M 506 1.43 9.47 26.56
CA GLU M 506 1.42 9.23 27.97
C GLU M 506 0.95 7.79 28.20
N ILE M 507 -0.33 7.50 27.94
CA ILE M 507 -0.85 6.16 28.17
C ILE M 507 -0.19 5.07 27.31
N GLN M 508 1.04 5.31 26.85
CA GLN M 508 1.78 4.23 26.22
C GLN M 508 3.08 4.00 26.96
N GLU M 509 3.66 5.06 27.51
CA GLU M 509 5.02 4.99 28.03
C GLU M 509 5.03 4.87 29.54
N ILE M 510 3.92 5.27 30.18
CA ILE M 510 3.81 5.20 31.63
C ILE M 510 2.74 4.20 32.05
N THR M 511 1.53 4.39 31.53
CA THR M 511 0.41 3.49 31.86
C THR M 511 0.24 2.42 30.79
N MET M 512 0.53 1.18 31.17
CA MET M 512 0.40 0.06 30.24
C MET M 512 0.32 -1.27 30.99
N VAL M 513 -0.76 -2.01 30.75
CA VAL M 513 -0.96 -3.30 31.40
C VAL M 513 0.37 -3.96 31.74
N PRO M 514 1.37 -3.73 30.90
CA PRO M 514 2.71 -4.31 31.11
C PRO M 514 3.47 -3.59 32.22
N LYS M 515 3.63 -2.28 32.08
CA LYS M 515 4.35 -1.48 33.07
C LYS M 515 3.49 -1.22 34.29
N GLN M 516 2.41 -2.00 34.44
CA GLN M 516 1.50 -1.85 35.56
C GLN M 516 1.21 -3.20 36.21
N ILE M 517 2.06 -4.17 35.94
CA ILE M 517 1.91 -5.51 36.50
C ILE M 517 2.49 -5.60 37.90
N VAL M 518 2.94 -4.47 38.42
CA VAL M 518 3.51 -4.41 39.75
C VAL M 518 3.29 -3.05 40.41
N SER M 519 2.20 -2.96 41.19
CA SER M 519 1.85 -1.74 41.90
C SER M 519 2.75 -1.58 43.10
N PRO M 520 3.03 -0.33 43.46
CA PRO M 520 4.02 -0.01 44.48
C PRO M 520 3.28 0.05 45.80
N GLN M 521 1.96 -0.11 45.72
CA GLN M 521 1.18 -0.31 46.92
C GLN M 521 1.94 -1.26 47.85
N SER M 522 2.44 -2.36 47.27
CA SER M 522 3.04 -3.46 48.02
C SER M 522 4.37 -3.94 47.47
N ASN M 523 4.94 -3.19 46.52
CA ASN M 523 6.05 -3.69 45.73
C ASN M 523 5.90 -5.18 45.56
N LYS M 524 4.70 -5.58 45.14
CA LYS M 524 4.43 -6.96 44.75
C LYS M 524 3.53 -6.89 43.55
N PRO M 525 3.62 -7.88 42.65
CA PRO M 525 2.77 -8.01 41.46
C PRO M 525 1.29 -7.97 41.79
N VAL M 526 0.48 -7.59 40.81
CA VAL M 526 -0.94 -7.51 40.98
C VAL M 526 -1.66 -8.36 39.97
N MET M 527 -0.92 -8.97 39.06
CA MET M 527 -1.53 -9.92 38.15
C MET M 527 -0.71 -11.17 38.14
N GLY M 528 -1.38 -12.28 37.87
CA GLY M 528 -0.69 -13.54 37.86
C GLY M 528 -1.57 -14.58 37.22
N ILE M 529 -0.98 -15.73 36.97
CA ILE M 529 -1.70 -16.82 36.37
C ILE M 529 -2.82 -17.16 37.32
N VAL M 530 -4.07 -17.06 36.87
CA VAL M 530 -5.17 -17.50 37.73
C VAL M 530 -6.29 -18.13 36.94
N GLN M 531 -7.09 -18.93 37.65
CA GLN M 531 -8.20 -19.74 37.10
C GLN M 531 -7.71 -20.96 36.33
N ASP M 532 -8.39 -21.31 35.24
CA ASP M 532 -8.11 -22.56 34.57
C ASP M 532 -6.64 -22.73 34.11
N THR M 533 -5.99 -21.68 33.62
CA THR M 533 -4.60 -21.82 33.18
C THR M 533 -3.74 -22.20 34.41
N LEU M 534 -4.17 -21.77 35.59
CA LEU M 534 -3.48 -22.10 36.84
C LEU M 534 -3.75 -23.53 37.29
N ALA M 535 -5.02 -23.90 37.43
CA ALA M 535 -5.37 -25.27 37.75
C ALA M 535 -4.60 -26.20 36.82
N GLY M 536 -4.46 -25.76 35.59
CA GLY M 536 -3.79 -26.51 34.53
C GLY M 536 -2.32 -26.69 34.79
N VAL M 537 -1.64 -25.61 35.20
CA VAL M 537 -0.22 -25.70 35.45
C VAL M 537 0.15 -26.86 36.37
N ARG M 538 -0.34 -26.85 37.61
CA ARG M 538 -0.19 -28.01 38.46
C ARG M 538 -0.38 -29.28 37.63
N LYS M 539 -1.62 -29.53 37.19
CA LYS M 539 -1.93 -30.77 36.49
C LYS M 539 -1.22 -30.84 35.12
N PHE M 540 0.10 -30.78 35.15
CA PHE M 540 0.89 -30.68 33.93
C PHE M 540 2.34 -30.35 34.24
N SER M 541 2.58 -29.82 35.44
CA SER M 541 3.94 -29.59 35.84
C SER M 541 4.35 -30.80 36.65
N LEU M 542 3.46 -31.77 36.73
CA LEU M 542 3.73 -32.98 37.49
C LEU M 542 4.74 -33.82 36.74
N ARG M 543 5.62 -34.48 37.47
CA ARG M 543 6.54 -35.35 36.77
C ARG M 543 5.86 -36.69 36.52
N ASP M 544 4.53 -36.72 36.55
CA ASP M 544 3.79 -37.93 36.20
C ASP M 544 3.33 -37.78 34.76
N ASN M 545 3.43 -36.56 34.25
CA ASN M 545 2.89 -36.26 32.93
C ASN M 545 3.97 -36.17 31.89
N PHE M 546 4.06 -37.21 31.06
CA PHE M 546 4.98 -37.19 29.92
C PHE M 546 4.25 -36.75 28.67
N LEU M 547 5.01 -36.25 27.71
CA LEU M 547 4.46 -35.82 26.45
C LEU M 547 4.90 -36.73 25.31
N THR M 548 3.92 -37.24 24.57
CA THR M 548 4.22 -38.03 23.38
C THR M 548 4.85 -37.14 22.35
N ARG M 549 5.87 -37.67 21.68
CA ARG M 549 6.54 -36.97 20.60
C ARG M 549 5.49 -36.36 19.66
N ASN M 550 4.33 -37.00 19.56
CA ASN M 550 3.27 -36.57 18.65
C ASN M 550 2.91 -35.11 18.82
N ALA M 551 3.34 -34.53 19.94
CA ALA M 551 3.19 -33.11 20.20
C ALA M 551 3.13 -33.01 21.68
N VAL M 552 4.02 -32.29 22.37
CA VAL M 552 5.16 -31.51 21.87
C VAL M 552 4.96 -30.69 20.60
N MET M 553 5.29 -31.29 19.46
CA MET M 553 5.17 -30.57 18.21
C MET M 553 3.97 -29.63 18.25
N ASN M 554 2.77 -30.18 18.19
CA ASN M 554 1.60 -29.33 18.15
C ASN M 554 1.73 -28.14 19.11
N ILE M 555 2.09 -28.40 20.36
CA ILE M 555 2.08 -27.35 21.39
C ILE M 555 3.25 -26.38 21.28
N MET M 556 4.19 -26.70 20.42
CA MET M 556 5.33 -25.83 20.26
C MET M 556 4.98 -24.56 19.48
N LEU M 557 3.79 -24.50 18.87
CA LEU M 557 3.44 -23.35 18.03
C LEU M 557 2.94 -22.16 18.84
N TRP M 558 2.97 -22.32 20.14
CA TRP M 558 2.88 -21.18 21.01
C TRP M 558 4.19 -21.00 21.74
N VAL M 559 4.55 -19.74 21.95
CA VAL M 559 5.76 -19.39 22.68
C VAL M 559 5.97 -17.87 22.98
N PRO M 560 5.46 -16.97 22.14
CA PRO M 560 5.04 -17.22 20.77
C PRO M 560 6.26 -17.03 19.89
N ASP M 561 7.37 -16.59 20.50
CA ASP M 561 8.61 -16.30 19.79
C ASP M 561 9.55 -17.49 19.85
N TRP M 562 9.41 -18.39 18.87
CA TRP M 562 10.04 -19.69 18.97
C TRP M 562 11.43 -19.74 18.40
N ASP M 563 12.36 -20.21 19.21
CA ASP M 563 13.72 -20.48 18.75
C ASP M 563 13.69 -21.14 17.37
N GLY M 564 12.74 -22.04 17.16
CA GLY M 564 12.61 -22.78 15.92
C GLY M 564 13.13 -24.19 16.15
N ILE M 565 14.01 -24.28 17.14
CA ILE M 565 14.65 -25.53 17.52
C ILE M 565 13.76 -26.33 18.46
N LEU M 566 13.59 -27.61 18.14
CA LEU M 566 12.78 -28.53 18.94
C LEU M 566 13.56 -29.09 20.09
N PRO M 567 13.03 -28.93 21.31
CA PRO M 567 13.76 -29.15 22.57
C PRO M 567 14.33 -30.56 22.65
N PRO M 568 15.55 -30.70 23.15
CA PRO M 568 16.19 -32.02 23.27
C PRO M 568 15.43 -32.92 24.25
N PRO M 569 14.85 -34.02 23.75
CA PRO M 569 14.03 -35.02 24.46
C PRO M 569 14.69 -35.56 25.70
N VAL M 570 13.91 -35.78 26.76
CA VAL M 570 14.38 -36.19 28.09
C VAL M 570 14.36 -37.69 28.20
N ILE M 571 13.78 -38.32 27.21
CA ILE M 571 13.63 -39.75 27.27
C ILE M 571 13.89 -40.34 25.89
N LEU M 572 14.92 -41.18 25.83
CA LEU M 572 15.37 -41.78 24.58
C LEU M 572 15.12 -43.28 24.61
N LYS M 573 14.54 -43.74 25.71
CA LYS M 573 14.18 -45.15 25.89
C LYS M 573 13.22 -45.55 24.79
N PRO M 574 12.55 -46.70 24.95
CA PRO M 574 11.71 -47.26 23.89
C PRO M 574 10.84 -46.24 23.14
N LYS M 575 10.02 -45.46 23.83
CA LYS M 575 9.33 -44.33 23.20
C LYS M 575 10.13 -43.07 23.51
N VAL M 576 10.01 -42.05 22.68
CA VAL M 576 10.67 -40.79 22.99
C VAL M 576 9.69 -39.89 23.73
N LEU M 577 10.00 -39.58 24.99
CA LEU M 577 9.06 -38.85 25.84
C LEU M 577 9.61 -37.55 26.40
N TRP M 578 8.71 -36.61 26.61
CA TRP M 578 9.09 -35.32 27.14
C TRP M 578 8.37 -35.10 28.45
N THR M 579 9.12 -34.62 29.43
CA THR M 579 8.51 -34.31 30.71
C THR M 579 7.71 -33.02 30.62
N GLY M 580 6.64 -32.95 31.40
CA GLY M 580 5.80 -31.77 31.46
C GLY M 580 6.50 -30.53 31.97
N LYS M 581 7.57 -30.71 32.72
CA LYS M 581 8.32 -29.57 33.17
C LYS M 581 9.13 -29.08 32.02
N GLN M 582 9.90 -29.97 31.39
CA GLN M 582 10.65 -29.59 30.20
C GLN M 582 9.91 -28.50 29.44
N ILE M 583 8.99 -28.89 28.56
CA ILE M 583 8.39 -27.93 27.60
C ILE M 583 7.71 -26.75 28.26
N LEU M 584 7.47 -26.83 29.56
CA LEU M 584 6.93 -25.67 30.25
C LEU M 584 8.02 -24.66 30.47
N SER M 585 9.15 -25.10 31.02
CA SER M 585 10.27 -24.20 31.31
C SER M 585 10.74 -23.49 30.05
N LEU M 586 10.12 -23.86 28.91
CA LEU M 586 10.44 -23.24 27.64
C LEU M 586 9.90 -21.82 27.60
N ILE M 587 8.70 -21.62 28.10
CA ILE M 587 8.16 -20.29 28.02
C ILE M 587 8.63 -19.39 29.13
N ILE M 588 9.63 -19.80 29.92
CA ILE M 588 10.27 -18.89 30.87
C ILE M 588 11.60 -18.38 30.35
N PRO M 589 11.88 -17.08 30.55
CA PRO M 589 13.06 -16.38 30.07
C PRO M 589 14.29 -17.17 30.40
N LYS M 590 15.44 -16.76 29.86
CA LYS M 590 16.67 -17.49 30.04
C LYS M 590 17.53 -16.75 31.02
N GLY M 591 17.79 -17.39 32.14
CA GLY M 591 18.67 -16.85 33.16
C GLY M 591 17.96 -16.18 34.31
N ILE M 592 16.88 -16.78 34.77
CA ILE M 592 16.25 -16.34 36.01
C ILE M 592 16.35 -17.45 37.04
N ASN M 593 16.87 -17.19 38.23
CA ASN M 593 17.00 -18.27 39.23
C ASN M 593 16.00 -18.17 40.39
N LEU M 594 15.61 -19.31 40.94
CA LEU M 594 14.73 -19.36 42.15
C LEU M 594 14.97 -20.54 43.09
N ILE M 595 15.00 -20.26 44.40
CA ILE M 595 15.24 -21.30 45.38
C ILE M 595 14.09 -21.18 46.35
N ARG M 596 12.97 -21.80 46.02
CA ARG M 596 11.76 -21.59 46.80
C ARG M 596 11.85 -22.21 48.19
N ASP M 597 12.32 -23.44 48.27
CA ASP M 597 12.51 -24.10 49.56
C ASP M 597 11.29 -23.96 50.45
N ASP M 598 10.35 -24.88 50.28
CA ASP M 598 9.12 -24.85 51.05
C ASP M 598 9.37 -25.50 52.40
N ASP M 599 8.30 -25.93 53.07
CA ASP M 599 8.42 -26.50 54.40
C ASP M 599 9.39 -27.67 54.44
N LYS M 600 8.82 -28.85 54.58
CA LYS M 600 9.61 -30.05 54.61
C LYS M 600 10.29 -30.22 53.27
N GLN M 601 11.62 -30.23 53.27
CA GLN M 601 12.36 -30.44 52.05
C GLN M 601 13.75 -30.93 52.36
N SER M 602 14.21 -31.94 51.62
CA SER M 602 15.45 -32.63 51.97
C SER M 602 16.47 -32.69 50.85
N LEU M 603 17.69 -33.12 51.18
CA LEU M 603 18.68 -33.33 50.16
C LEU M 603 18.03 -34.08 49.02
N SER M 604 17.02 -34.89 49.35
CA SER M 604 16.31 -35.70 48.38
C SER M 604 15.45 -34.81 47.50
N ASN M 605 14.28 -35.33 47.15
CA ASN M 605 13.32 -34.67 46.25
C ASN M 605 12.36 -33.77 47.00
N PRO M 606 11.80 -34.29 48.11
CA PRO M 606 11.83 -35.73 48.39
C PRO M 606 10.72 -36.33 47.56
N THR M 607 9.76 -35.47 47.25
CA THR M 607 8.57 -35.84 46.56
C THR M 607 7.97 -34.58 45.93
N ASP M 608 8.60 -34.13 44.84
CA ASP M 608 8.18 -32.93 44.15
C ASP M 608 7.78 -31.89 45.17
N SER M 609 8.68 -31.56 46.10
CA SER M 609 8.33 -30.62 47.16
C SER M 609 9.24 -29.42 47.15
N GLY M 610 8.70 -28.28 46.76
CA GLY M 610 9.51 -27.10 46.65
C GLY M 610 9.50 -26.67 45.20
N MET M 611 10.49 -25.87 44.80
CA MET M 611 10.58 -25.39 43.40
C MET M 611 11.90 -24.64 43.22
N LEU M 612 12.46 -24.68 42.02
CA LEU M 612 13.83 -24.20 41.77
C LEU M 612 14.14 -24.20 40.29
N ILE M 613 14.44 -23.02 39.74
CA ILE M 613 14.74 -22.88 38.32
C ILE M 613 16.18 -22.40 38.09
N GLU M 614 16.73 -22.72 36.93
CA GLU M 614 18.09 -22.29 36.56
C GLU M 614 18.10 -21.47 35.29
N ASN M 615 18.96 -21.82 34.36
CA ASN M 615 19.02 -21.02 33.16
C ASN M 615 17.68 -21.08 32.44
N GLY M 616 16.66 -20.51 33.07
CA GLY M 616 15.33 -20.47 32.48
C GLY M 616 14.79 -21.86 32.21
N GLU M 617 15.07 -22.76 33.14
CA GLU M 617 14.57 -24.16 33.08
C GLU M 617 14.33 -24.70 34.49
N ILE M 618 13.16 -25.29 34.71
CA ILE M 618 12.87 -25.79 36.07
C ILE M 618 13.42 -27.18 36.16
N ILE M 619 13.56 -27.65 37.39
CA ILE M 619 14.21 -28.93 37.59
C ILE M 619 13.79 -29.59 38.89
N TYR M 620 12.76 -29.06 39.54
CA TYR M 620 12.61 -29.29 40.96
C TYR M 620 11.21 -28.91 41.38
N GLY M 621 10.44 -29.85 41.89
CA GLY M 621 9.11 -29.53 42.37
C GLY M 621 8.08 -29.24 41.30
N VAL M 622 7.08 -28.42 41.66
CA VAL M 622 5.87 -28.33 40.85
C VAL M 622 5.24 -26.95 40.84
N VAL M 623 4.86 -26.47 39.67
CA VAL M 623 4.34 -25.12 39.58
C VAL M 623 2.89 -25.01 40.02
N ASP M 624 2.61 -24.06 40.91
CA ASP M 624 1.26 -23.75 41.37
C ASP M 624 1.14 -22.26 41.71
N LYS M 625 0.10 -21.85 42.42
CA LYS M 625 -0.02 -20.44 42.78
C LYS M 625 1.20 -19.93 43.54
N LYS M 626 1.87 -20.83 44.22
CA LYS M 626 2.98 -20.46 45.06
C LYS M 626 3.98 -19.63 44.27
N THR M 627 3.99 -19.81 42.95
CA THR M 627 5.09 -19.31 42.11
C THR M 627 4.65 -18.57 40.84
N VAL M 628 3.48 -18.87 40.32
CA VAL M 628 3.01 -18.12 39.19
C VAL M 628 1.79 -17.28 39.57
N GLY M 629 1.80 -16.74 40.78
CA GLY M 629 0.74 -15.86 41.29
C GLY M 629 1.45 -14.74 41.99
N ALA M 630 0.73 -13.68 42.35
CA ALA M 630 1.36 -12.48 42.89
C ALA M 630 2.23 -12.64 44.13
N SER M 631 2.97 -13.74 44.21
CA SER M 631 3.76 -14.04 45.42
C SER M 631 4.86 -13.02 45.69
N GLN M 632 5.37 -12.98 46.93
CA GLN M 632 6.49 -12.11 47.29
C GLN M 632 7.59 -12.25 46.25
N GLY M 633 8.55 -13.13 46.53
CA GLY M 633 9.60 -13.46 45.58
C GLY M 633 9.04 -14.29 44.44
N GLY M 634 7.87 -13.88 43.98
CA GLY M 634 7.13 -14.61 42.97
C GLY M 634 7.76 -14.70 41.60
N LEU M 635 7.55 -15.79 40.87
CA LEU M 635 8.22 -15.94 39.60
C LEU M 635 7.74 -14.80 38.76
N VAL M 636 6.49 -14.41 38.92
CA VAL M 636 5.99 -13.32 38.11
C VAL M 636 6.73 -12.06 38.44
N HIS M 637 7.01 -11.90 39.72
CA HIS M 637 7.71 -10.74 40.25
C HIS M 637 9.12 -10.71 39.70
N THR M 638 9.70 -11.89 39.54
CA THR M 638 11.13 -12.00 39.34
C THR M 638 11.60 -11.71 37.92
N ILE M 639 10.69 -11.73 36.95
CA ILE M 639 11.07 -11.32 35.62
C ILE M 639 10.37 -10.03 35.25
N TRP M 640 10.69 -8.95 35.94
CA TRP M 640 9.89 -7.80 35.70
C TRP M 640 10.54 -6.40 35.47
N LYS M 641 11.53 -5.95 36.25
CA LYS M 641 12.31 -6.68 37.23
C LYS M 641 13.03 -7.86 36.61
N GLU M 642 13.90 -7.59 35.63
CA GLU M 642 14.77 -8.60 35.03
C GLU M 642 13.98 -9.58 34.17
N LYS M 643 13.79 -9.23 32.90
CA LYS M 643 14.31 -7.98 32.35
C LYS M 643 13.19 -7.08 31.85
N GLY M 644 12.49 -6.44 32.78
CA GLY M 644 11.39 -5.56 32.43
C GLY M 644 10.28 -6.28 31.70
N PRO M 645 9.14 -5.60 31.54
CA PRO M 645 7.99 -6.19 30.85
C PRO M 645 8.33 -6.61 29.43
N GLU M 646 8.39 -7.92 29.19
CA GLU M 646 8.71 -8.44 27.88
C GLU M 646 10.21 -8.66 27.71
N ILE M 647 10.59 -9.88 27.32
CA ILE M 647 9.61 -10.93 27.05
C ILE M 647 8.63 -11.08 28.20
N CYS M 648 8.83 -10.28 29.25
CA CYS M 648 7.96 -10.33 30.42
C CYS M 648 6.48 -10.41 30.01
N LYS M 649 6.03 -9.43 29.25
CA LYS M 649 4.65 -9.40 28.79
C LYS M 649 4.28 -10.67 28.04
N GLY M 650 5.30 -11.35 27.51
CA GLY M 650 5.10 -12.58 26.78
C GLY M 650 4.88 -13.77 27.70
N PHE M 651 5.43 -13.69 28.90
CA PHE M 651 5.30 -14.77 29.87
C PHE M 651 3.84 -15.19 30.03
N PHE M 652 2.96 -14.23 30.25
CA PHE M 652 1.54 -14.50 30.41
C PHE M 652 0.94 -15.06 29.14
N ASN M 653 1.50 -14.68 28.00
CA ASN M 653 1.03 -15.15 26.71
C ASN M 653 1.46 -16.59 26.43
N GLY M 654 2.65 -16.96 26.91
CA GLY M 654 3.16 -18.29 26.70
C GLY M 654 2.45 -19.33 27.55
N ILE M 655 2.64 -19.26 28.86
CA ILE M 655 2.01 -20.18 29.78
C ILE M 655 0.50 -20.17 29.62
N GLN M 656 -0.08 -18.97 29.60
CA GLN M 656 -1.52 -18.83 29.44
C GLN M 656 -1.98 -19.24 28.05
N ARG M 657 -1.05 -19.77 27.27
CA ARG M 657 -1.35 -20.20 25.89
C ARG M 657 -0.92 -21.63 25.70
N VAL M 658 0.26 -21.96 26.19
CA VAL M 658 0.75 -23.31 26.15
C VAL M 658 -0.18 -24.20 26.95
N VAL M 659 -0.33 -23.87 28.22
CA VAL M 659 -1.10 -24.67 29.14
C VAL M 659 -2.56 -24.76 28.73
N ASN M 660 -3.22 -23.62 28.51
CA ASN M 660 -4.58 -23.70 28.00
C ASN M 660 -4.60 -24.73 26.90
N TYR M 661 -3.56 -24.79 26.07
CA TYR M 661 -3.57 -25.70 24.94
C TYR M 661 -3.39 -27.11 25.41
N TRP M 662 -2.53 -27.29 26.39
CA TRP M 662 -2.41 -28.61 26.99
C TRP M 662 -3.75 -29.05 27.54
N LEU M 663 -4.29 -28.22 28.42
CA LEU M 663 -5.52 -28.54 29.12
C LEU M 663 -6.65 -28.87 28.16
N LEU M 664 -6.74 -28.17 27.05
CA LEU M 664 -7.76 -28.47 26.06
C LEU M 664 -7.85 -29.98 25.82
N HIS M 665 -6.72 -30.64 25.71
CA HIS M 665 -6.76 -32.05 25.35
C HIS M 665 -6.45 -32.96 26.54
N ASN M 666 -6.34 -32.34 27.72
CA ASN M 666 -6.12 -33.09 28.95
C ASN M 666 -7.46 -33.26 29.66
N GLY M 667 -8.35 -32.31 29.45
CA GLY M 667 -9.68 -32.34 30.05
C GLY M 667 -9.55 -32.18 31.52
N PHE M 668 -10.47 -31.43 32.09
CA PHE M 668 -10.58 -31.31 33.54
C PHE M 668 -11.91 -30.78 33.96
N SER M 669 -12.39 -31.26 35.11
CA SER M 669 -13.79 -31.05 35.49
C SER M 669 -14.07 -31.65 36.86
N ILE M 670 -15.26 -31.35 37.39
CA ILE M 670 -15.67 -31.90 38.68
C ILE M 670 -17.16 -32.20 38.78
N GLY M 671 -17.49 -33.30 39.44
CA GLY M 671 -18.87 -33.70 39.65
C GLY M 671 -19.11 -33.92 41.13
N ILE M 672 -20.25 -34.55 41.47
CA ILE M 672 -20.58 -34.75 42.87
C ILE M 672 -19.61 -35.68 43.52
N GLY M 673 -19.36 -36.82 42.89
CA GLY M 673 -18.42 -37.79 43.42
C GLY M 673 -17.25 -37.13 44.12
N ASP M 674 -16.84 -35.97 43.60
CA ASP M 674 -15.70 -35.24 44.14
C ASP M 674 -16.09 -34.61 45.47
N THR M 675 -17.34 -34.78 45.87
CA THR M 675 -17.86 -34.12 47.05
C THR M 675 -18.29 -35.11 48.13
N ILE M 676 -18.32 -36.38 47.75
CA ILE M 676 -18.86 -37.42 48.62
C ILE M 676 -17.77 -38.26 49.28
N ALA M 677 -17.53 -37.99 50.55
CA ALA M 677 -16.40 -38.57 51.26
C ALA M 677 -16.54 -40.08 51.40
N ASP M 678 -15.41 -40.78 51.54
CA ASP M 678 -15.43 -42.25 51.63
C ASP M 678 -16.47 -42.76 52.64
N ALA M 679 -17.18 -43.83 52.29
CA ALA M 679 -18.22 -44.37 53.16
C ALA M 679 -17.68 -44.82 54.53
N ASP M 680 -16.62 -45.63 54.51
CA ASP M 680 -15.99 -46.05 55.76
C ASP M 680 -15.54 -44.83 56.57
N THR M 681 -14.77 -43.96 55.92
CA THR M 681 -14.12 -42.79 56.55
C THR M 681 -15.11 -41.68 56.88
N MET M 682 -16.38 -41.94 56.58
CA MET M 682 -17.43 -40.98 56.84
C MET M 682 -18.11 -41.40 58.12
N LYS M 683 -18.00 -42.69 58.45
CA LYS M 683 -18.47 -43.19 59.74
C LYS M 683 -17.71 -42.49 60.86
N GLU M 684 -16.41 -42.30 60.64
CA GLU M 684 -15.51 -41.72 61.63
C GLU M 684 -15.66 -40.20 61.73
N VAL M 685 -16.46 -39.64 60.85
CA VAL M 685 -16.72 -38.20 60.83
C VAL M 685 -17.81 -37.93 61.80
N THR M 686 -18.89 -38.65 61.56
CA THR M 686 -20.12 -38.59 62.33
C THR M 686 -19.83 -39.04 63.76
N ARG M 687 -18.73 -39.77 63.95
CA ARG M 687 -18.33 -40.20 65.28
C ARG M 687 -17.72 -39.06 66.07
N THR M 688 -16.87 -38.25 65.44
CA THR M 688 -16.16 -37.19 66.15
C THR M 688 -16.99 -35.92 66.30
N VAL M 689 -18.19 -35.98 65.74
CA VAL M 689 -19.12 -34.88 65.84
C VAL M 689 -20.07 -35.15 66.99
N LYS M 690 -20.66 -36.34 66.97
CA LYS M 690 -21.56 -36.74 68.05
C LYS M 690 -20.73 -36.98 69.31
N GLU M 691 -19.42 -37.07 69.15
CA GLU M 691 -18.52 -37.30 70.27
C GLU M 691 -18.09 -35.96 70.85
N ALA M 692 -18.69 -34.89 70.34
CA ALA M 692 -18.44 -33.53 70.84
C ALA M 692 -19.76 -32.97 71.39
N ARG M 693 -20.81 -33.77 71.26
CA ARG M 693 -22.02 -33.53 72.03
C ARG M 693 -21.65 -33.72 73.49
N ARG M 694 -21.13 -34.90 73.82
CA ARG M 694 -20.71 -35.25 75.18
C ARG M 694 -19.83 -34.17 75.79
N GLN M 695 -19.13 -33.43 74.93
CA GLN M 695 -18.28 -32.35 75.40
C GLN M 695 -19.09 -31.09 75.71
N VAL M 696 -20.33 -31.03 75.23
CA VAL M 696 -21.24 -29.94 75.60
C VAL M 696 -22.10 -30.36 76.78
N ALA M 697 -22.57 -31.60 76.72
CA ALA M 697 -23.29 -32.19 77.85
C ALA M 697 -22.52 -31.85 79.12
N GLU M 698 -21.21 -32.09 79.10
CA GLU M 698 -20.37 -31.80 80.26
C GLU M 698 -20.12 -30.30 80.39
N CYS M 699 -20.97 -29.49 79.77
CA CYS M 699 -20.88 -28.04 79.91
C CYS M 699 -22.25 -27.42 80.14
N ILE M 700 -23.26 -27.92 79.44
CA ILE M 700 -24.62 -27.42 79.64
C ILE M 700 -25.11 -27.69 81.05
N GLN M 701 -24.67 -28.81 81.63
CA GLN M 701 -25.15 -29.22 82.95
C GLN M 701 -24.13 -28.95 84.04
N ASP M 702 -22.85 -28.89 83.67
CA ASP M 702 -21.79 -28.67 84.65
C ASP M 702 -21.65 -27.20 85.01
N ALA M 703 -22.24 -26.33 84.21
CA ALA M 703 -22.23 -24.91 84.53
C ALA M 703 -23.61 -24.49 85.01
N GLN M 704 -24.37 -25.47 85.50
CA GLN M 704 -25.59 -25.22 86.26
C GLN M 704 -25.33 -25.54 87.75
N HIS M 705 -24.13 -26.03 88.03
CA HIS M 705 -23.66 -26.30 89.38
C HIS M 705 -22.54 -25.33 89.75
N ASN M 706 -22.56 -24.14 89.15
CA ASN M 706 -21.54 -23.11 89.34
C ASN M 706 -20.07 -23.57 89.34
N ARG M 707 -19.77 -24.57 88.50
CA ARG M 707 -18.42 -25.10 88.39
C ARG M 707 -17.83 -24.83 87.01
N LEU M 708 -17.70 -23.56 86.66
CA LEU M 708 -17.14 -23.16 85.38
C LEU M 708 -15.62 -23.29 85.37
N LYS M 709 -14.93 -22.17 85.65
CA LYS M 709 -15.61 -20.93 85.95
C LYS M 709 -15.48 -19.94 84.79
N PRO M 710 -15.29 -18.66 85.12
CA PRO M 710 -15.15 -17.62 84.10
C PRO M 710 -13.81 -16.91 84.20
N GLU M 711 -13.70 -15.75 83.56
CA GLU M 711 -12.46 -14.98 83.57
C GLU M 711 -11.51 -15.44 82.47
N PRO M 712 -10.88 -14.49 81.80
CA PRO M 712 -11.08 -13.07 82.12
C PRO M 712 -12.04 -12.40 81.13
N GLY M 713 -11.85 -11.11 80.89
CA GLY M 713 -12.69 -10.37 79.98
C GLY M 713 -14.16 -10.41 80.37
N MET M 714 -14.54 -11.48 81.07
CA MET M 714 -15.92 -11.65 81.51
C MET M 714 -16.87 -11.72 80.33
N THR M 715 -18.12 -12.08 80.60
CA THR M 715 -18.56 -12.37 81.97
C THR M 715 -18.56 -13.87 82.23
N LEU M 716 -19.52 -14.32 83.03
CA LEU M 716 -19.63 -15.73 83.37
C LEU M 716 -20.53 -16.44 82.35
N ARG M 717 -21.59 -15.78 81.93
CA ARG M 717 -22.46 -16.34 80.90
C ARG M 717 -21.71 -16.34 79.57
N GLU M 718 -20.92 -15.30 79.34
CA GLU M 718 -20.13 -15.19 78.13
C GLU M 718 -18.94 -16.17 78.09
N SER M 719 -18.20 -16.29 79.20
CA SER M 719 -17.10 -17.23 79.27
C SER M 719 -17.60 -18.67 79.18
N PHE M 720 -18.91 -18.86 79.23
CA PHE M 720 -19.52 -20.15 78.87
C PHE M 720 -19.70 -20.23 77.37
N GLU M 721 -20.42 -19.25 76.82
CA GLU M 721 -20.59 -19.17 75.38
C GLU M 721 -19.24 -19.42 74.72
N ALA M 722 -18.19 -18.87 75.30
CA ALA M 722 -16.84 -19.04 74.77
C ALA M 722 -16.41 -20.50 74.72
N LYS M 723 -16.37 -21.15 75.89
CA LYS M 723 -15.90 -22.54 75.95
C LYS M 723 -16.72 -23.51 75.09
N VAL M 724 -17.72 -22.99 74.38
CA VAL M 724 -18.53 -23.81 73.47
C VAL M 724 -18.22 -23.51 71.98
N SER M 725 -18.40 -22.27 71.57
CA SER M 725 -18.05 -21.88 70.23
C SER M 725 -16.61 -22.32 69.96
N ARG M 726 -15.86 -22.55 71.04
CA ARG M 726 -14.50 -23.03 70.92
C ARG M 726 -14.46 -24.53 70.64
N ILE M 727 -15.29 -25.28 71.36
CA ILE M 727 -15.37 -26.73 71.18
C ILE M 727 -16.06 -27.08 69.86
N LEU M 728 -17.09 -26.32 69.51
CA LEU M 728 -17.83 -26.55 68.28
C LEU M 728 -16.97 -26.23 67.05
N ASN M 729 -16.21 -25.13 67.14
CA ASN M 729 -15.35 -24.72 66.04
C ASN M 729 -14.19 -25.69 65.83
N GLN M 730 -13.52 -26.05 66.93
CA GLN M 730 -12.40 -26.98 66.87
C GLN M 730 -12.87 -28.39 66.51
N ALA M 731 -13.97 -28.81 67.12
CA ALA M 731 -14.52 -30.14 66.86
C ALA M 731 -14.84 -30.32 65.38
N ARG M 732 -15.20 -29.23 64.71
CA ARG M 732 -15.50 -29.30 63.30
C ARG M 732 -14.23 -29.60 62.53
N ASP M 733 -13.18 -28.84 62.82
CA ASP M 733 -11.93 -28.99 62.10
C ASP M 733 -11.52 -30.45 62.00
N ASN M 734 -11.69 -31.19 63.10
CA ASN M 734 -11.35 -32.60 63.13
C ASN M 734 -12.10 -33.40 62.07
N ALA M 735 -13.41 -33.14 61.95
CA ALA M 735 -14.24 -33.82 60.98
C ALA M 735 -13.81 -33.48 59.56
N GLY M 736 -13.48 -32.21 59.34
CA GLY M 736 -13.07 -31.74 58.02
C GLY M 736 -11.66 -32.17 57.68
N ARG M 737 -10.76 -32.06 58.66
CA ARG M 737 -9.37 -32.45 58.45
C ARG M 737 -9.24 -33.92 58.09
N SER M 738 -10.12 -34.74 58.67
CA SER M 738 -10.12 -36.18 58.40
C SER M 738 -10.78 -36.49 57.07
N ALA M 739 -11.79 -35.70 56.71
CA ALA M 739 -12.51 -35.88 55.45
C ALA M 739 -11.58 -35.70 54.27
N GLU M 740 -10.67 -34.74 54.37
CA GLU M 740 -9.73 -34.45 53.30
C GLU M 740 -8.55 -35.43 53.34
N HIS M 741 -8.03 -35.68 54.53
CA HIS M 741 -6.91 -36.59 54.71
C HIS M 741 -7.28 -38.00 54.27
N SER M 742 -8.50 -38.17 53.78
CA SER M 742 -8.98 -39.48 53.34
C SER M 742 -9.49 -39.41 51.90
N LEU M 743 -9.09 -38.36 51.19
CA LEU M 743 -9.50 -38.19 49.80
C LEU M 743 -8.32 -38.33 48.84
N LYS M 744 -8.38 -39.32 47.96
CA LYS M 744 -7.32 -39.56 47.00
C LYS M 744 -6.72 -38.21 46.59
N ASP M 745 -5.39 -38.09 46.52
CA ASP M 745 -4.76 -36.84 46.08
C ASP M 745 -5.30 -36.38 44.72
N SER M 746 -5.66 -37.34 43.88
CA SER M 746 -6.19 -37.06 42.56
C SER M 746 -7.72 -36.99 42.59
N ASN M 747 -8.23 -36.11 43.42
CA ASN M 747 -9.66 -35.94 43.48
C ASN M 747 -10.01 -34.51 43.12
N ASN M 748 -10.65 -34.32 41.97
CA ASN M 748 -11.02 -32.98 41.52
C ASN M 748 -11.44 -32.19 42.73
N VAL M 749 -11.43 -30.87 42.64
CA VAL M 749 -11.77 -29.99 43.79
C VAL M 749 -10.73 -30.02 44.89
N LYS M 750 -10.06 -31.13 45.04
CA LYS M 750 -9.00 -31.17 46.02
C LYS M 750 -7.73 -30.74 45.31
N GLN M 751 -7.64 -31.06 44.02
CA GLN M 751 -6.50 -30.64 43.23
C GLN M 751 -6.71 -29.21 42.76
N MET M 752 -7.95 -28.84 42.53
CA MET M 752 -8.28 -27.46 42.15
C MET M 752 -7.84 -26.51 43.23
N VAL M 753 -7.83 -27.03 44.44
CA VAL M 753 -7.43 -26.26 45.59
C VAL M 753 -5.93 -26.26 45.77
N ALA M 754 -5.32 -27.43 45.68
CA ALA M 754 -3.88 -27.49 45.86
C ALA M 754 -3.24 -26.52 44.92
N ALA M 755 -3.77 -26.44 43.70
CA ALA M 755 -3.26 -25.49 42.72
C ALA M 755 -3.31 -24.08 43.31
N GLY M 756 -4.49 -23.70 43.77
CA GLY M 756 -4.68 -22.42 44.41
C GLY M 756 -5.78 -21.74 43.64
N SER M 757 -6.05 -22.32 42.50
CA SER M 757 -6.93 -21.71 41.53
C SER M 757 -8.17 -21.12 42.17
N LYS M 758 -8.84 -21.87 43.04
CA LYS M 758 -10.16 -21.45 43.55
C LYS M 758 -10.62 -22.25 44.77
N GLY M 759 -10.97 -21.55 45.83
CA GLY M 759 -11.55 -22.26 46.95
C GLY M 759 -10.54 -22.92 47.84
N SER M 760 -10.98 -23.43 48.99
CA SER M 760 -10.07 -23.77 50.08
C SER M 760 -10.54 -24.86 51.02
N PHE M 761 -9.64 -25.28 51.91
CA PHE M 761 -9.89 -26.36 52.86
C PHE M 761 -11.26 -26.24 53.54
N ILE M 762 -11.63 -25.03 53.93
CA ILE M 762 -12.94 -24.78 54.54
C ILE M 762 -14.13 -24.90 53.58
N ASN M 763 -13.84 -25.03 52.29
CA ASN M 763 -14.89 -25.19 51.30
C ASN M 763 -15.21 -26.64 51.13
N ILE M 764 -14.21 -27.50 51.35
CA ILE M 764 -14.37 -28.94 51.19
C ILE M 764 -15.02 -29.52 52.42
N SER M 765 -14.53 -29.10 53.59
CA SER M 765 -15.05 -29.64 54.83
C SER M 765 -16.55 -29.34 54.97
N GLN M 766 -16.98 -28.17 54.48
CA GLN M 766 -18.38 -27.76 54.56
C GLN M 766 -19.24 -28.45 53.50
N MET M 767 -18.62 -29.04 52.50
CA MET M 767 -19.42 -29.58 51.46
C MET M 767 -19.61 -31.05 51.68
N SER M 768 -18.61 -31.70 52.28
CA SER M 768 -18.65 -33.15 52.39
C SER M 768 -18.80 -33.63 53.84
N ALA M 769 -18.41 -32.80 54.80
CA ALA M 769 -18.56 -33.15 56.23
C ALA M 769 -19.80 -32.51 56.86
N CYS M 770 -19.59 -31.43 57.59
CA CYS M 770 -20.68 -30.72 58.25
C CYS M 770 -20.93 -29.35 57.62
N VAL M 771 -21.06 -28.34 58.45
CA VAL M 771 -21.30 -26.97 57.98
C VAL M 771 -21.26 -25.98 59.12
N GLY M 772 -22.23 -26.07 60.03
CA GLY M 772 -22.30 -25.18 61.16
C GLY M 772 -21.06 -25.26 62.05
N GLN M 773 -21.09 -24.51 63.14
CA GLN M 773 -22.26 -23.71 63.49
C GLN M 773 -22.14 -22.31 62.92
N GLN M 774 -23.28 -21.72 62.56
CA GLN M 774 -23.26 -20.38 62.00
C GLN M 774 -23.44 -19.34 63.08
N ILE M 775 -23.01 -18.12 62.79
CA ILE M 775 -22.91 -17.07 63.79
C ILE M 775 -23.77 -15.86 63.48
N VAL M 776 -23.40 -14.75 64.10
CA VAL M 776 -24.14 -13.52 63.98
C VAL M 776 -23.69 -12.62 65.11
N GLU M 777 -23.25 -11.43 64.75
CA GLU M 777 -22.81 -10.50 65.76
C GLU M 777 -22.14 -11.20 66.92
N GLY M 778 -21.18 -12.07 66.61
CA GLY M 778 -20.26 -12.53 67.63
C GLY M 778 -20.95 -13.31 68.73
N LYS M 779 -22.02 -14.01 68.37
CA LYS M 779 -22.78 -14.81 69.32
C LYS M 779 -23.72 -15.78 68.62
N ARG M 780 -23.49 -17.07 68.81
CA ARG M 780 -24.31 -18.09 68.18
C ARG M 780 -25.78 -17.68 68.17
N ILE M 781 -26.49 -18.07 67.11
CA ILE M 781 -27.90 -17.74 66.98
C ILE M 781 -28.45 -17.14 68.27
N PRO M 782 -28.94 -15.91 68.17
CA PRO M 782 -29.50 -15.21 69.33
C PRO M 782 -30.90 -15.70 69.67
N PHE M 783 -31.31 -15.53 70.92
CA PHE M 783 -32.63 -15.96 71.37
C PHE M 783 -33.67 -14.98 70.90
N GLY M 784 -34.76 -14.81 71.63
CA GLY M 784 -35.83 -13.98 71.16
C GLY M 784 -36.34 -14.59 69.87
N PHE M 785 -37.64 -14.81 69.78
CA PHE M 785 -38.60 -14.47 70.82
C PHE M 785 -38.46 -15.30 72.12
N LYS M 786 -38.98 -14.71 73.20
CA LYS M 786 -38.94 -15.30 74.54
C LYS M 786 -37.55 -15.83 74.97
N TYR M 787 -37.51 -16.94 75.66
CA TYR M 787 -36.23 -17.47 76.09
C TYR M 787 -35.97 -18.73 75.28
N ARG M 788 -35.82 -18.58 73.98
CA ARG M 788 -35.70 -19.72 73.09
C ARG M 788 -35.31 -19.26 71.69
N THR M 789 -34.60 -20.11 70.98
CA THR M 789 -34.12 -19.80 69.65
C THR M 789 -35.26 -19.78 68.63
N LEU M 790 -36.21 -20.69 68.82
CA LEU M 790 -37.29 -20.93 67.88
C LEU M 790 -38.41 -21.76 68.55
N PRO M 791 -39.60 -21.82 67.93
CA PRO M 791 -40.75 -22.53 68.52
C PRO M 791 -40.71 -24.05 68.28
N HIS M 792 -39.54 -24.64 68.06
CA HIS M 792 -39.44 -26.07 67.93
C HIS M 792 -38.47 -26.50 68.99
N PHE M 793 -38.31 -25.65 69.98
CA PHE M 793 -37.39 -25.93 71.06
C PHE M 793 -37.92 -25.52 72.45
N PRO M 794 -37.47 -26.23 73.50
CA PRO M 794 -37.76 -25.89 74.89
C PRO M 794 -37.36 -24.47 75.14
N LYS M 795 -36.94 -24.24 76.37
CA LYS M 795 -36.49 -22.92 76.79
C LYS M 795 -35.17 -23.12 77.48
N ASP M 796 -34.26 -22.16 77.32
CA ASP M 796 -32.92 -22.30 77.86
C ASP M 796 -32.20 -23.47 77.19
N ASP M 797 -32.40 -23.63 75.88
CA ASP M 797 -31.77 -24.71 75.13
C ASP M 797 -30.42 -24.29 74.60
N ASP M 798 -29.47 -24.03 75.51
CA ASP M 798 -28.13 -23.62 75.12
C ASP M 798 -27.35 -24.78 74.51
N SER M 799 -28.01 -25.50 73.60
CA SER M 799 -27.38 -26.63 72.93
C SER M 799 -27.25 -26.39 71.43
N PRO M 800 -26.23 -26.98 70.82
CA PRO M 800 -25.99 -26.82 69.38
C PRO M 800 -27.10 -27.47 68.55
N GLU M 801 -27.63 -28.59 69.05
CA GLU M 801 -28.70 -29.30 68.35
C GLU M 801 -29.84 -28.37 67.99
N SER M 802 -29.67 -27.08 68.30
CA SER M 802 -30.70 -26.08 68.01
C SER M 802 -30.07 -24.76 67.59
N ARG M 803 -29.43 -24.09 68.54
CA ARG M 803 -28.79 -22.80 68.27
C ARG M 803 -27.78 -22.92 67.13
N GLY M 804 -28.03 -22.21 66.04
CA GLY M 804 -27.14 -22.24 64.89
C GLY M 804 -26.04 -23.27 65.03
N PHE M 805 -26.16 -24.35 64.28
CA PHE M 805 -25.17 -25.41 64.32
C PHE M 805 -25.65 -26.65 63.56
N ILE M 806 -25.20 -26.78 62.31
CA ILE M 806 -25.58 -27.91 61.48
C ILE M 806 -24.58 -29.06 61.61
N GLU M 807 -25.10 -30.29 61.64
CA GLU M 807 -24.26 -31.46 61.77
C GLU M 807 -23.95 -32.07 60.41
N ASN M 808 -24.83 -31.82 59.44
CA ASN M 808 -24.66 -32.34 58.08
C ASN M 808 -24.24 -31.25 57.11
N SER M 809 -23.53 -31.59 56.09
CA SER M 809 -23.07 -30.66 55.08
C SER M 809 -24.07 -30.52 53.93
N TYR M 810 -23.78 -29.62 53.00
CA TYR M 810 -24.66 -29.41 51.85
C TYR M 810 -24.79 -30.67 51.02
N LEU M 811 -24.89 -31.82 51.69
CA LEU M 811 -25.04 -33.09 51.01
C LEU M 811 -26.28 -33.84 51.47
N ARG M 812 -26.48 -33.87 52.79
CA ARG M 812 -27.64 -34.55 53.36
C ARG M 812 -28.91 -33.74 53.16
N GLY M 813 -28.88 -32.50 53.62
CA GLY M 813 -27.71 -31.94 54.27
C GLY M 813 -28.06 -31.11 55.48
N LEU M 814 -28.90 -30.08 55.27
CA LEU M 814 -29.31 -29.19 56.35
C LEU M 814 -30.74 -29.50 56.79
N THR M 815 -31.01 -29.29 58.07
CA THR M 815 -32.33 -29.53 58.63
C THR M 815 -33.11 -28.23 58.81
N PRO M 816 -34.39 -28.27 58.49
CA PRO M 816 -35.25 -27.09 58.63
C PRO M 816 -34.93 -26.29 59.88
N GLN M 817 -35.05 -26.93 61.05
CA GLN M 817 -34.77 -26.26 62.31
C GLN M 817 -33.37 -25.66 62.32
N GLU M 818 -32.66 -25.78 61.20
CA GLU M 818 -31.32 -25.25 61.07
C GLU M 818 -31.15 -24.46 59.78
N PHE M 819 -31.98 -24.78 58.79
CA PHE M 819 -31.92 -24.08 57.48
C PHE M 819 -32.01 -22.57 57.56
N PHE M 820 -32.92 -22.15 58.43
CA PHE M 820 -33.18 -20.78 58.75
C PHE M 820 -32.01 -20.15 59.50
N PHE M 821 -31.62 -20.74 60.63
CA PHE M 821 -30.46 -20.21 61.32
C PHE M 821 -29.36 -19.81 60.33
N HIS M 822 -29.13 -20.67 59.34
CA HIS M 822 -28.08 -20.45 58.35
C HIS M 822 -28.40 -19.24 57.47
N ALA M 823 -29.63 -19.14 57.01
CA ALA M 823 -30.02 -18.05 56.15
C ALA M 823 -29.94 -16.69 56.82
N MET M 824 -30.11 -16.65 58.15
CA MET M 824 -30.16 -15.36 58.83
C MET M 824 -28.78 -14.95 59.26
N ALA M 825 -27.83 -15.90 59.22
CA ALA M 825 -26.45 -15.56 59.51
C ALA M 825 -25.92 -15.10 58.20
N GLY M 826 -26.50 -15.66 57.15
CA GLY M 826 -26.09 -15.35 55.80
C GLY M 826 -26.48 -13.92 55.49
N ARG M 827 -27.60 -13.46 56.01
CA ARG M 827 -28.06 -12.14 55.64
C ARG M 827 -27.31 -11.07 56.43
N GLU M 828 -26.24 -11.46 57.12
CA GLU M 828 -25.48 -10.45 57.82
C GLU M 828 -24.30 -10.04 56.95
N GLY M 829 -23.49 -11.00 56.53
CA GLY M 829 -22.41 -10.74 55.60
C GLY M 829 -22.98 -10.43 54.24
N LEU M 830 -24.29 -10.12 54.21
CA LEU M 830 -25.03 -9.90 52.99
C LEU M 830 -25.43 -8.46 53.02
N ILE M 831 -25.24 -7.83 54.15
CA ILE M 831 -25.45 -6.40 54.26
C ILE M 831 -24.10 -5.78 54.57
N ASP M 832 -23.23 -6.57 55.21
CA ASP M 832 -21.87 -6.14 55.51
C ASP M 832 -21.07 -6.09 54.21
N THR M 833 -21.63 -6.70 53.18
CA THR M 833 -21.13 -6.60 51.81
C THR M 833 -21.86 -5.48 51.08
N ALA M 834 -23.00 -5.03 51.62
CA ALA M 834 -23.72 -3.91 51.03
C ALA M 834 -23.05 -2.58 51.41
N VAL M 835 -22.33 -2.59 52.53
CA VAL M 835 -21.65 -1.40 53.01
C VAL M 835 -20.32 -1.19 52.28
N LYS M 836 -19.38 -2.10 52.50
CA LYS M 836 -18.07 -2.01 51.87
C LYS M 836 -18.18 -1.58 50.41
N THR M 837 -19.40 -1.62 49.88
CA THR M 837 -19.66 -1.24 48.50
C THR M 837 -19.71 0.27 48.34
N ALA M 838 -20.12 0.95 49.41
CA ALA M 838 -20.22 2.41 49.39
C ALA M 838 -19.20 3.05 50.32
N GLU M 839 -19.36 2.82 51.62
CA GLU M 839 -18.44 3.38 52.61
C GLU M 839 -17.00 3.35 52.11
N THR M 840 -16.50 2.16 51.82
CA THR M 840 -15.14 1.98 51.32
C THR M 840 -14.79 3.10 50.33
N GLY M 841 -15.76 3.49 49.51
CA GLY M 841 -15.55 4.54 48.53
C GLY M 841 -15.45 5.91 49.18
N TYR M 842 -16.30 6.16 50.17
CA TYR M 842 -16.30 7.43 50.88
C TYR M 842 -14.93 7.72 51.49
N ILE M 843 -14.43 6.78 52.28
CA ILE M 843 -13.13 6.93 52.91
C ILE M 843 -12.03 7.13 51.87
N GLN M 844 -12.20 6.52 50.70
CA GLN M 844 -11.19 6.69 49.68
C GLN M 844 -11.02 8.16 49.36
N ARG M 845 -12.10 8.80 48.94
CA ARG M 845 -12.01 10.22 48.57
C ARG M 845 -11.46 11.09 49.67
N ARG M 846 -11.68 10.73 50.92
CA ARG M 846 -11.16 11.58 51.96
C ARG M 846 -9.70 11.79 51.66
N LEU M 847 -8.92 10.73 51.77
CA LEU M 847 -7.46 10.86 51.63
C LEU M 847 -7.10 11.72 50.43
N VAL M 848 -7.53 11.29 49.25
CA VAL M 848 -7.23 12.01 48.02
C VAL M 848 -7.43 13.50 48.19
N LYS M 849 -8.53 13.89 48.82
CA LYS M 849 -8.89 15.28 48.85
C LYS M 849 -7.98 16.04 49.81
N ALA M 850 -7.11 15.32 50.51
CA ALA M 850 -6.13 15.99 51.33
C ALA M 850 -4.68 15.72 50.89
N MET M 851 -4.49 14.85 49.90
CA MET M 851 -3.12 14.48 49.50
C MET M 851 -2.81 14.88 48.05
N GLU M 852 -3.83 15.26 47.27
CA GLU M 852 -3.61 15.73 45.90
C GLU M 852 -2.48 16.76 45.97
N ASP M 853 -2.64 17.68 46.92
CA ASP M 853 -1.65 18.69 47.25
C ASP M 853 -0.20 18.18 46.97
N VAL M 854 0.20 17.07 47.60
CA VAL M 854 1.61 16.65 47.58
C VAL M 854 2.05 15.98 46.30
N MET M 855 3.38 16.02 46.10
CA MET M 855 4.10 15.60 44.88
C MET M 855 5.62 15.80 45.04
N VAL M 856 6.42 15.07 44.28
CA VAL M 856 7.87 15.18 44.43
C VAL M 856 8.53 16.22 43.51
N ARG M 857 9.10 17.24 44.13
CA ARG M 857 9.74 18.31 43.39
C ARG M 857 11.13 17.89 42.93
N TYR M 858 11.54 18.44 41.79
CA TYR M 858 12.80 18.13 41.10
C TYR M 858 14.03 18.27 41.97
N ASP M 859 13.84 18.72 43.20
CA ASP M 859 14.95 18.94 44.12
C ASP M 859 15.27 17.66 44.87
N GLY M 860 14.35 16.71 44.80
CA GLY M 860 14.50 15.52 45.60
C GLY M 860 13.84 15.72 46.95
N THR M 861 12.58 16.14 46.92
CA THR M 861 11.83 16.43 48.13
C THR M 861 10.35 16.53 47.79
N VAL M 862 9.48 16.09 48.69
CA VAL M 862 8.04 16.14 48.44
C VAL M 862 7.39 17.34 49.11
N ARG M 863 6.62 18.09 48.34
CA ARG M 863 6.10 19.38 48.82
C ARG M 863 4.63 19.64 48.58
N ASN M 864 4.10 20.55 49.39
CA ASN M 864 2.71 20.96 49.32
C ASN M 864 2.42 21.78 48.09
N ALA M 865 1.14 22.05 47.90
CA ALA M 865 0.71 23.02 46.90
C ALA M 865 1.53 24.29 47.09
N MET M 866 1.49 24.84 48.31
CA MET M 866 2.09 26.14 48.59
C MET M 866 3.59 26.09 48.66
N GLY M 867 4.16 24.89 48.59
CA GLY M 867 5.60 24.78 48.69
C GLY M 867 6.02 24.26 50.05
N ASP M 868 5.11 24.37 51.00
CA ASP M 868 5.31 23.82 52.33
C ASP M 868 5.72 22.38 52.16
N ILE M 869 6.93 22.07 52.60
CA ILE M 869 7.51 20.75 52.37
C ILE M 869 7.19 19.74 53.46
N ILE M 870 6.86 18.53 53.03
CA ILE M 870 6.38 17.51 53.95
C ILE M 870 7.39 16.38 54.14
N GLN M 871 8.22 16.13 53.14
CA GLN M 871 9.30 15.16 53.32
C GLN M 871 10.59 15.70 52.68
N PHE M 872 11.74 15.37 53.27
CA PHE M 872 13.05 15.71 52.72
C PHE M 872 13.68 14.63 51.85
N ALA M 873 13.09 13.43 51.85
CA ALA M 873 13.47 12.35 50.94
C ALA M 873 12.42 12.20 49.84
N TYR M 874 12.15 10.97 49.41
CA TYR M 874 11.20 10.72 48.31
C TYR M 874 10.14 9.83 48.93
N GLY M 875 10.46 9.53 50.16
CA GLY M 875 9.67 8.71 51.06
C GLY M 875 10.63 8.24 52.14
N GLU M 876 11.43 9.16 52.68
CA GLU M 876 12.42 8.85 53.71
C GLU M 876 13.54 7.97 53.15
N ASP M 877 13.12 7.01 52.33
CA ASP M 877 14.03 6.13 51.62
C ASP M 877 14.67 6.93 50.53
N GLY M 878 13.85 7.49 49.66
CA GLY M 878 14.30 8.18 48.48
C GLY M 878 14.01 7.41 47.21
N LEU M 879 13.43 6.21 47.37
CA LEU M 879 13.20 5.30 46.25
C LEU M 879 11.73 5.10 45.87
N ASP M 880 11.49 4.59 44.64
CA ASP M 880 10.11 4.34 44.17
C ASP M 880 9.56 3.02 44.70
N ALA M 881 8.55 3.12 45.56
CA ALA M 881 7.99 1.93 46.19
C ALA M 881 7.99 0.74 45.24
N THR M 882 7.51 0.98 44.03
CA THR M 882 7.22 -0.04 43.03
C THR M 882 8.41 -0.89 42.59
N LEU M 883 9.61 -0.47 42.91
CA LEU M 883 10.75 -1.23 42.46
C LEU M 883 11.52 -1.80 43.63
N VAL M 884 10.86 -2.54 44.50
CA VAL M 884 11.55 -2.90 45.71
C VAL M 884 11.22 -4.28 46.17
N GLU M 885 12.21 -4.95 46.77
CA GLU M 885 12.02 -6.33 47.22
C GLU M 885 12.47 -6.54 48.66
N TYR M 886 11.53 -6.90 49.53
CA TYR M 886 11.88 -7.15 50.92
C TYR M 886 13.19 -8.00 50.81
N GLN M 887 14.12 -7.75 51.71
CA GLN M 887 15.44 -8.38 51.71
C GLN M 887 15.80 -8.83 53.14
N VAL M 888 16.97 -9.46 53.32
CA VAL M 888 17.32 -9.98 54.65
C VAL M 888 18.76 -9.62 55.05
N PHE M 889 18.95 -9.19 56.31
CA PHE M 889 20.30 -8.91 56.83
C PHE M 889 20.97 -10.09 57.54
N ASP M 890 21.77 -10.83 56.80
CA ASP M 890 22.44 -11.99 57.37
C ASP M 890 23.14 -11.60 58.65
N SER M 891 23.73 -10.40 58.64
CA SER M 891 24.65 -9.93 59.69
C SER M 891 23.99 -9.50 61.00
N LEU M 892 22.70 -9.81 61.17
CA LEU M 892 21.97 -9.31 62.33
C LEU M 892 21.75 -10.36 63.41
N ARG M 893 20.82 -11.27 63.18
CA ARG M 893 20.47 -12.26 64.21
C ARG M 893 21.58 -13.29 64.42
N LEU M 894 22.84 -12.86 64.37
CA LEU M 894 23.99 -13.75 64.49
C LEU M 894 24.72 -13.58 65.81
N SER M 895 25.19 -14.70 66.35
CA SER M 895 25.93 -14.71 67.59
C SER M 895 27.31 -14.13 67.31
N THR M 896 27.78 -13.31 68.23
CA THR M 896 29.05 -12.65 68.04
C THR M 896 30.07 -13.69 67.76
N LYS M 897 29.87 -14.85 68.38
CA LYS M 897 30.77 -15.98 68.28
C LYS M 897 30.86 -16.47 66.84
N GLN M 898 29.74 -16.44 66.13
CA GLN M 898 29.74 -16.88 64.74
C GLN M 898 29.93 -15.72 63.78
N PHE M 899 29.64 -14.52 64.25
CA PHE M 899 29.93 -13.33 63.48
C PHE M 899 31.39 -13.37 63.11
N GLU M 900 32.28 -13.45 64.11
CA GLU M 900 33.72 -13.51 63.88
C GLU M 900 34.08 -14.62 62.91
N LYS M 901 33.33 -15.72 62.93
CA LYS M 901 33.57 -16.83 62.02
C LYS M 901 32.92 -16.63 60.65
N LYS M 902 32.97 -15.42 60.11
CA LYS M 902 32.33 -15.11 58.84
C LYS M 902 32.95 -13.91 58.17
N TYR M 903 33.50 -13.02 58.97
CA TYR M 903 34.00 -11.76 58.45
C TYR M 903 35.43 -11.48 58.93
N ARG M 904 35.67 -11.66 60.22
CA ARG M 904 36.99 -11.39 60.80
C ARG M 904 38.07 -12.30 60.24
N ILE M 905 39.28 -11.77 60.13
CA ILE M 905 40.44 -12.50 59.61
C ILE M 905 41.73 -12.00 60.23
N ASP M 906 42.70 -12.91 60.35
CA ASP M 906 43.94 -12.61 61.04
C ASP M 906 45.06 -13.55 60.62
N LEU M 907 46.25 -13.31 61.15
CA LEU M 907 47.39 -14.19 60.89
C LEU M 907 47.61 -15.12 62.07
N MET M 908 46.80 -14.96 63.10
CA MET M 908 46.91 -15.80 64.30
C MET M 908 46.48 -17.22 64.00
N GLU M 909 47.45 -18.13 63.94
CA GLU M 909 47.21 -19.54 63.65
C GLU M 909 46.02 -19.77 62.72
N ASP M 910 45.89 -18.90 61.71
CA ASP M 910 44.81 -19.00 60.75
C ASP M 910 45.33 -19.18 59.35
N ARG M 911 45.33 -18.11 58.58
CA ARG M 911 45.83 -18.15 57.20
C ARG M 911 45.23 -19.36 56.49
N SER M 912 43.91 -19.40 56.44
CA SER M 912 43.24 -20.50 55.77
C SER M 912 42.84 -20.07 54.36
N LEU M 913 42.75 -18.76 54.18
CA LEU M 913 42.35 -18.19 52.89
C LEU M 913 43.39 -18.45 51.82
N SER M 914 44.65 -18.52 52.23
CA SER M 914 45.74 -18.72 51.29
C SER M 914 45.46 -19.93 50.42
N LEU M 915 44.56 -20.78 50.89
CA LEU M 915 44.17 -21.96 50.13
C LEU M 915 43.23 -21.56 49.01
N TYR M 916 42.76 -20.32 49.05
CA TYR M 916 41.85 -19.82 48.03
C TYR M 916 42.50 -18.69 47.22
N MET M 917 43.37 -17.94 47.86
CA MET M 917 44.07 -16.84 47.20
C MET M 917 44.47 -17.21 45.79
N GLU M 918 44.43 -18.51 45.48
CA GLU M 918 44.79 -18.99 44.15
C GLU M 918 43.93 -18.35 43.08
N ASN M 919 44.58 -17.93 41.99
CA ASN M 919 46.02 -18.08 41.84
C ASN M 919 46.77 -16.82 42.23
N SER M 920 47.80 -16.98 43.06
CA SER M 920 48.61 -15.85 43.51
C SER M 920 48.30 -15.50 44.96
N ILE M 921 49.31 -15.61 45.82
CA ILE M 921 49.14 -15.30 47.24
C ILE M 921 49.84 -13.99 47.60
N GLU M 922 51.10 -13.87 47.21
CA GLU M 922 51.89 -12.67 47.49
C GLU M 922 53.34 -13.02 47.81
N ASN M 923 53.56 -13.60 48.99
CA ASN M 923 52.47 -13.87 49.92
C ASN M 923 52.45 -12.88 51.10
N ASP M 924 51.26 -12.36 51.40
CA ASP M 924 51.10 -11.41 52.50
C ASP M 924 51.80 -10.09 52.19
N SER M 925 52.66 -10.10 51.18
CA SER M 925 53.41 -8.92 50.77
C SER M 925 53.91 -8.13 51.98
N SER M 926 53.71 -6.82 51.96
CA SER M 926 54.18 -5.97 53.05
C SER M 926 53.04 -5.15 53.65
N VAL M 927 52.82 -5.30 54.96
CA VAL M 927 51.75 -4.63 55.67
C VAL M 927 50.54 -4.41 54.77
N GLN M 928 49.95 -3.22 54.85
CA GLN M 928 48.84 -2.84 54.01
C GLN M 928 47.68 -3.82 54.12
N ASP M 929 47.83 -4.98 53.51
CA ASP M 929 46.79 -6.01 53.49
C ASP M 929 46.38 -6.37 54.91
N LEU M 930 47.34 -6.81 55.70
CA LEU M 930 47.08 -7.14 57.09
C LEU M 930 46.26 -6.04 57.75
N LEU M 931 46.44 -4.81 57.27
CA LEU M 931 45.81 -3.64 57.85
C LEU M 931 44.40 -3.38 57.29
N ASP M 932 44.20 -3.68 56.00
CA ASP M 932 42.89 -3.49 55.38
C ASP M 932 41.85 -4.36 56.02
N GLU M 933 42.31 -5.52 56.48
CA GLU M 933 41.46 -6.58 56.99
C GLU M 933 40.82 -6.27 58.32
N GLU M 934 41.46 -5.41 59.10
CA GLU M 934 40.93 -5.08 60.41
C GLU M 934 40.20 -3.74 60.33
N TYR M 935 40.45 -3.00 59.25
CA TYR M 935 39.77 -1.74 59.00
C TYR M 935 38.40 -1.98 58.39
N THR M 936 38.29 -2.99 57.54
CA THR M 936 37.00 -3.38 56.98
C THR M 936 36.07 -3.71 58.15
N GLN M 937 36.55 -4.54 59.06
CA GLN M 937 35.72 -5.01 60.16
C GLN M 937 35.44 -3.93 61.20
N LEU M 938 36.24 -2.87 61.24
CA LEU M 938 35.94 -1.76 62.14
C LEU M 938 34.58 -1.18 61.77
N VAL M 939 34.30 -1.09 60.47
CA VAL M 939 33.03 -0.53 60.03
C VAL M 939 31.95 -1.62 59.91
N ALA M 940 32.33 -2.83 59.49
CA ALA M 940 31.33 -3.91 59.42
C ALA M 940 30.86 -4.21 60.83
N ASP M 941 31.64 -3.75 61.81
CA ASP M 941 31.37 -3.93 63.23
C ASP M 941 30.61 -2.75 63.86
N ARG M 942 30.87 -1.53 63.40
CA ARG M 942 30.08 -0.37 63.84
C ARG M 942 28.69 -0.48 63.26
N GLU M 943 28.46 -1.50 62.44
CA GLU M 943 27.16 -1.71 61.82
C GLU M 943 26.38 -2.81 62.54
N LEU M 944 27.10 -3.70 63.20
CA LEU M 944 26.47 -4.80 63.94
C LEU M 944 25.84 -4.30 65.24
N LEU M 945 26.44 -3.27 65.83
CA LEU M 945 25.94 -2.69 67.07
C LEU M 945 24.82 -1.68 66.80
N CYS M 946 24.84 -1.09 65.61
CA CYS M 946 23.83 -0.12 65.22
C CYS M 946 23.51 -0.22 63.73
N LYS M 947 22.45 -0.95 63.41
CA LYS M 947 21.64 -1.62 64.43
C LYS M 947 22.46 -2.65 65.19
N PHE M 948 21.88 -3.20 66.25
CA PHE M 948 20.52 -2.83 66.65
C PHE M 948 20.45 -1.36 67.07
N ILE M 949 20.31 -1.13 68.37
CA ILE M 949 20.23 0.23 68.89
C ILE M 949 19.23 1.08 68.10
N PHE M 950 18.61 0.45 67.10
CA PHE M 950 17.64 1.15 66.27
C PHE M 950 16.48 0.22 65.91
N PRO M 951 16.80 -0.98 65.45
CA PRO M 951 15.78 -1.96 65.07
C PRO M 951 15.50 -2.96 66.19
N LYS M 952 14.23 -3.22 66.47
CA LYS M 952 13.86 -4.16 67.52
C LYS M 952 14.63 -5.47 67.40
N GLY M 953 14.09 -6.41 66.62
CA GLY M 953 14.72 -7.69 66.42
C GLY M 953 14.57 -8.20 65.00
N ASP M 954 13.48 -7.80 64.34
CA ASP M 954 13.21 -8.22 62.98
C ASP M 954 14.46 -8.10 62.11
N ALA M 955 14.43 -8.76 60.96
CA ALA M 955 15.56 -8.74 60.04
C ALA M 955 15.10 -8.46 58.61
N ARG M 956 13.95 -9.04 58.23
CA ARG M 956 13.41 -8.85 56.90
C ARG M 956 12.90 -7.42 56.71
N TRP M 957 13.49 -6.71 55.76
CA TRP M 957 13.11 -5.34 55.48
C TRP M 957 13.15 -5.07 53.96
N PRO M 958 12.36 -4.10 53.47
CA PRO M 958 12.33 -3.99 52.01
C PRO M 958 13.32 -2.96 51.50
N LEU M 959 14.33 -3.45 50.80
CA LEU M 959 15.35 -2.60 50.18
C LEU M 959 15.26 -2.57 48.66
N PRO M 960 15.93 -1.58 48.02
CA PRO M 960 15.91 -1.53 46.55
C PRO M 960 16.95 -2.48 45.99
N VAL M 961 16.69 -3.09 44.83
CA VAL M 961 17.73 -3.94 44.20
C VAL M 961 18.06 -5.20 45.01
N ASN M 962 17.48 -6.31 44.61
CA ASN M 962 17.78 -7.57 45.27
C ASN M 962 19.27 -7.90 45.09
N VAL M 963 20.06 -7.74 46.14
CA VAL M 963 21.46 -8.15 46.07
C VAL M 963 21.59 -9.68 46.20
N GLN M 964 20.91 -10.29 47.18
CA GLN M 964 21.01 -11.74 47.42
C GLN M 964 20.81 -12.50 46.13
N ARG M 965 20.30 -11.83 45.10
CA ARG M 965 20.04 -12.48 43.81
C ARG M 965 21.05 -12.12 42.73
N ILE M 966 21.49 -10.86 42.69
CA ILE M 966 22.46 -10.47 41.66
C ILE M 966 23.68 -11.39 41.74
N ILE M 967 23.89 -12.07 42.88
CA ILE M 967 25.00 -13.01 43.01
C ILE M 967 24.56 -14.42 42.56
N GLN M 968 23.26 -14.70 42.62
CA GLN M 968 22.68 -15.91 42.03
C GLN M 968 21.28 -15.54 41.59
N ASN M 969 21.06 -15.43 40.29
CA ASN M 969 22.08 -15.74 39.32
C ASN M 969 23.21 -14.74 39.17
N ALA M 970 24.41 -15.23 39.34
CA ALA M 970 25.63 -14.61 38.85
C ALA M 970 26.58 -15.78 38.83
N LEU M 971 26.43 -16.65 39.82
CA LEU M 971 27.15 -17.90 39.86
C LEU M 971 26.46 -18.87 38.92
N GLN M 972 25.77 -18.32 37.93
CA GLN M 972 25.20 -19.13 36.88
C GLN M 972 25.92 -18.68 35.63
N ILE M 973 26.11 -17.36 35.56
CA ILE M 973 26.68 -16.76 34.38
C ILE M 973 28.13 -17.17 34.18
N PHE M 974 28.88 -17.17 35.27
CA PHE M 974 30.30 -17.50 35.21
C PHE M 974 30.63 -18.87 35.80
N HIS M 975 29.73 -19.35 36.67
CA HIS M 975 29.90 -20.62 37.36
C HIS M 975 31.14 -20.68 38.23
N LEU M 976 32.08 -21.53 37.83
CA LEU M 976 33.30 -21.69 38.60
C LEU M 976 32.99 -22.17 40.00
N GLU M 977 33.44 -23.38 40.31
CA GLU M 977 33.16 -23.98 41.59
C GLU M 977 34.35 -23.84 42.54
N ALA M 978 34.19 -24.36 43.75
CA ALA M 978 35.23 -24.31 44.76
C ALA M 978 36.58 -24.67 44.13
N LYS M 979 36.56 -25.61 43.19
CA LYS M 979 37.77 -26.08 42.52
C LYS M 979 38.56 -24.92 41.93
N LYS M 980 37.87 -23.91 41.42
CA LYS M 980 38.54 -22.70 40.96
C LYS M 980 38.56 -21.67 42.08
N PRO M 981 39.76 -21.37 42.63
CA PRO M 981 39.95 -20.34 43.65
C PRO M 981 40.00 -18.98 42.99
N THR M 982 39.85 -17.91 43.77
CA THR M 982 39.61 -16.55 43.26
C THR M 982 40.79 -15.78 42.66
N ASP M 983 40.61 -15.33 41.43
CA ASP M 983 41.62 -14.56 40.72
C ASP M 983 41.54 -13.11 41.17
N LEU M 984 40.90 -12.90 42.31
CA LEU M 984 40.71 -11.55 42.83
C LEU M 984 41.86 -11.12 43.72
N LEU M 985 41.56 -10.18 44.59
CA LEU M 985 42.55 -9.64 45.48
C LEU M 985 41.81 -8.82 46.54
N PRO M 986 42.05 -9.16 47.82
CA PRO M 986 41.41 -8.48 48.95
C PRO M 986 41.50 -6.96 48.86
N SER M 987 42.46 -6.43 48.10
CA SER M 987 42.63 -4.99 47.97
C SER M 987 41.75 -4.42 46.86
N ASP M 988 40.95 -5.29 46.24
CA ASP M 988 40.08 -4.88 45.15
C ASP M 988 38.64 -4.80 45.59
N ILE M 989 38.14 -5.89 46.19
CA ILE M 989 36.75 -5.94 46.58
C ILE M 989 36.43 -4.77 47.50
N ILE M 990 37.42 -4.35 48.30
CA ILE M 990 37.19 -3.24 49.22
C ILE M 990 37.17 -1.91 48.48
N ASN M 991 38.03 -1.78 47.47
CA ASN M 991 37.92 -0.62 46.61
C ASN M 991 36.67 -0.73 45.77
N GLY M 992 36.34 -1.94 45.31
CA GLY M 992 35.15 -2.17 44.51
C GLY M 992 33.93 -1.43 45.04
N LEU M 993 33.66 -1.61 46.32
CA LEU M 993 32.51 -0.99 46.96
C LEU M 993 32.67 0.49 47.00
N ASN M 994 33.68 0.93 47.74
CA ASN M 994 33.87 2.33 48.03
C ASN M 994 33.67 3.17 46.77
N GLU M 995 33.95 2.56 45.62
CA GLU M 995 33.81 3.26 44.35
C GLU M 995 32.41 3.09 43.79
N LEU M 996 31.71 2.06 44.23
CA LEU M 996 30.38 1.81 43.70
C LEU M 996 29.30 1.80 44.75
N ILE M 997 29.57 2.46 45.87
CA ILE M 997 28.53 2.86 46.77
C ILE M 997 28.46 4.35 46.55
N ALA M 998 29.62 4.94 46.30
CA ALA M 998 29.67 6.36 46.04
C ALA M 998 29.20 6.62 44.61
N LYS M 999 28.79 5.57 43.93
CA LYS M 999 28.10 5.79 42.68
C LYS M 999 26.57 5.71 42.82
N LEU M 1000 26.08 5.40 44.03
CA LEU M 1000 24.63 5.25 44.27
C LEU M 1000 23.95 6.52 44.70
N THR M 1001 24.34 7.67 44.17
CA THR M 1001 23.87 8.92 44.72
C THR M 1001 22.41 9.22 44.36
N ILE M 1002 21.67 9.84 45.27
CA ILE M 1002 20.29 10.25 44.93
C ILE M 1002 19.98 11.68 45.26
N PHE M 1003 20.80 12.27 46.12
CA PHE M 1003 20.71 13.71 46.34
C PHE M 1003 21.94 14.40 45.76
N ARG M 1004 21.70 15.33 44.85
CA ARG M 1004 22.81 15.99 44.20
C ARG M 1004 22.79 17.46 44.61
N GLY M 1005 23.97 18.00 44.87
CA GLY M 1005 25.20 17.23 44.81
C GLY M 1005 26.11 17.74 45.90
N SER M 1006 27.27 18.26 45.52
CA SER M 1006 28.17 18.89 46.49
C SER M 1006 28.90 20.09 45.91
N ASP M 1007 28.57 21.29 46.40
CA ASP M 1007 27.55 21.50 47.43
C ASP M 1007 27.78 20.73 48.74
N ARG M 1008 28.88 21.04 49.42
CA ARG M 1008 29.20 20.37 50.69
C ARG M 1008 28.01 20.34 51.66
N ILE M 1009 28.07 19.43 52.61
CA ILE M 1009 27.00 19.28 53.59
C ILE M 1009 25.69 18.73 52.97
N THR M 1010 25.40 19.13 51.73
CA THR M 1010 24.29 18.54 50.98
C THR M 1010 24.66 17.11 50.58
N ARG M 1011 25.87 16.70 50.91
CA ARG M 1011 26.28 15.34 50.63
C ARG M 1011 25.94 14.52 51.85
N ASP M 1012 25.54 15.20 52.92
CA ASP M 1012 25.15 14.49 54.14
C ASP M 1012 23.79 13.84 53.98
N VAL M 1013 22.80 14.61 53.54
CA VAL M 1013 21.47 14.06 53.34
C VAL M 1013 21.56 12.79 52.51
N GLN M 1014 22.59 12.70 51.69
CA GLN M 1014 22.75 11.55 50.80
C GLN M 1014 23.51 10.40 51.47
N ASN M 1015 24.56 10.74 52.21
CA ASN M 1015 25.35 9.73 52.89
C ASN M 1015 24.50 8.82 53.76
N ASN M 1016 23.44 9.39 54.35
CA ASN M 1016 22.57 8.59 55.19
C ASN M 1016 21.15 8.50 54.66
N ALA M 1017 20.96 8.86 53.40
CA ALA M 1017 19.68 8.59 52.80
C ALA M 1017 19.84 7.29 52.07
N THR M 1018 20.99 6.67 52.23
CA THR M 1018 21.17 5.35 51.68
C THR M 1018 21.92 4.49 52.65
N LEU M 1019 22.16 5.04 53.85
CA LEU M 1019 22.90 4.35 54.90
C LEU M 1019 22.41 2.92 55.16
N LEU M 1020 21.11 2.70 55.16
CA LEU M 1020 20.64 1.34 55.36
C LEU M 1020 21.08 0.47 54.20
N PHE M 1021 20.73 0.87 52.98
CA PHE M 1021 21.08 0.06 51.83
C PHE M 1021 22.55 -0.28 51.86
N GLN M 1022 23.31 0.54 52.59
CA GLN M 1022 24.74 0.45 52.58
C GLN M 1022 25.27 -0.68 53.43
N ILE M 1023 24.77 -0.80 54.64
CA ILE M 1023 25.25 -1.84 55.52
C ILE M 1023 25.04 -3.21 54.91
N LEU M 1024 24.17 -3.30 53.92
CA LEU M 1024 23.97 -4.56 53.17
C LEU M 1024 25.21 -4.85 52.36
N LEU M 1025 25.66 -3.84 51.63
CA LEU M 1025 26.77 -4.01 50.72
C LEU M 1025 28.12 -4.19 51.42
N ARG M 1026 28.16 -4.13 52.74
CA ARG M 1026 29.41 -4.40 53.45
C ARG M 1026 29.26 -5.69 54.24
N SER M 1027 28.15 -6.36 53.99
CA SER M 1027 27.76 -7.55 54.73
C SER M 1027 27.63 -8.71 53.78
N LYS M 1028 27.33 -8.41 52.52
CA LYS M 1028 27.28 -9.48 51.53
C LYS M 1028 28.45 -9.36 50.56
N PHE M 1029 29.32 -8.40 50.78
CA PHE M 1029 30.53 -8.22 49.98
C PHE M 1029 31.78 -7.92 50.80
N ALA M 1030 31.67 -8.03 52.12
CA ALA M 1030 32.85 -7.92 52.98
C ALA M 1030 33.83 -9.02 52.57
N VAL M 1031 35.12 -8.83 52.86
CA VAL M 1031 36.18 -9.68 52.28
C VAL M 1031 36.03 -11.19 52.44
N LYS M 1032 36.16 -11.66 53.67
CA LYS M 1032 36.08 -13.09 53.96
C LYS M 1032 34.86 -13.75 53.32
N ARG M 1033 33.87 -12.94 53.00
CA ARG M 1033 32.62 -13.46 52.49
C ARG M 1033 32.78 -13.85 51.03
N VAL M 1034 33.61 -13.12 50.30
CA VAL M 1034 33.67 -13.31 48.85
C VAL M 1034 34.71 -14.38 48.47
N ILE M 1035 35.38 -14.92 49.47
CA ILE M 1035 36.39 -15.91 49.19
C ILE M 1035 36.04 -17.22 49.87
N MET M 1036 35.43 -17.16 51.05
CA MET M 1036 34.95 -18.37 51.70
C MET M 1036 33.67 -18.83 51.00
N GLU M 1037 32.62 -18.00 51.06
CA GLU M 1037 31.35 -18.31 50.41
C GLU M 1037 31.35 -17.74 49.00
N TYR M 1038 30.86 -18.54 48.07
CA TYR M 1038 30.75 -18.12 46.68
C TYR M 1038 31.96 -17.35 46.15
N ARG M 1039 33.01 -18.09 45.80
CA ARG M 1039 34.22 -17.52 45.21
C ARG M 1039 33.91 -16.76 43.93
N LEU M 1040 34.34 -15.50 43.88
CA LEU M 1040 34.16 -14.66 42.71
C LEU M 1040 35.48 -14.35 41.99
N ASN M 1041 35.38 -13.89 40.74
CA ASN M 1041 36.55 -13.50 39.99
C ASN M 1041 36.37 -12.10 39.36
N LYS M 1042 37.47 -11.37 39.24
CA LYS M 1042 37.50 -10.03 38.65
C LYS M 1042 36.32 -9.76 37.70
N VAL M 1043 36.09 -10.65 36.75
CA VAL M 1043 35.04 -10.46 35.76
C VAL M 1043 33.65 -10.51 36.41
N ALA M 1044 33.40 -11.54 37.19
CA ALA M 1044 32.13 -11.72 37.88
C ALA M 1044 31.85 -10.53 38.77
N PHE M 1045 32.66 -10.38 39.80
CA PHE M 1045 32.59 -9.22 40.66
C PHE M 1045 32.43 -7.89 39.88
N GLU M 1046 33.28 -7.64 38.90
CA GLU M 1046 33.18 -6.40 38.13
C GLU M 1046 31.80 -6.26 37.49
N TRP M 1047 31.14 -7.39 37.25
CA TRP M 1047 29.84 -7.37 36.59
C TRP M 1047 28.71 -7.27 37.60
N ILE M 1048 28.92 -7.92 38.74
CA ILE M 1048 28.00 -7.82 39.86
C ILE M 1048 27.84 -6.35 40.23
N MET M 1049 28.91 -5.72 40.68
CA MET M 1049 28.88 -4.32 41.07
C MET M 1049 28.35 -3.47 39.92
N GLY M 1050 28.18 -4.10 38.77
CA GLY M 1050 27.66 -3.42 37.61
C GLY M 1050 26.18 -3.30 37.75
N GLU M 1051 25.50 -4.45 37.78
CA GLU M 1051 24.04 -4.46 37.84
C GLU M 1051 23.52 -3.68 39.05
N VAL M 1052 24.15 -3.87 40.20
CA VAL M 1052 23.75 -3.14 41.40
C VAL M 1052 23.65 -1.66 41.09
N GLU M 1053 24.79 -0.98 40.91
CA GLU M 1053 24.80 0.43 40.51
C GLU M 1053 23.60 0.75 39.62
N ALA M 1054 23.46 -0.01 38.54
CA ALA M 1054 22.45 0.25 37.53
C ALA M 1054 21.01 0.02 38.02
N ARG M 1055 20.79 -1.09 38.72
CA ARG M 1055 19.46 -1.40 39.19
C ARG M 1055 19.05 -0.43 40.26
N PHE M 1056 20.05 0.15 40.93
CA PHE M 1056 19.79 1.16 41.93
C PHE M 1056 19.24 2.44 41.31
N GLN M 1057 20.03 3.09 40.45
CA GLN M 1057 19.59 4.35 39.86
C GLN M 1057 18.30 4.19 39.05
N GLN M 1058 18.03 2.96 38.63
CA GLN M 1058 16.80 2.65 37.91
C GLN M 1058 15.64 2.53 38.90
N ALA M 1059 15.97 2.61 40.19
CA ALA M 1059 15.01 2.45 41.27
C ALA M 1059 14.72 3.78 41.97
N VAL M 1060 15.46 4.83 41.62
CA VAL M 1060 15.23 6.15 42.18
C VAL M 1060 13.94 6.72 41.64
N VAL M 1061 13.05 7.11 42.55
CA VAL M 1061 11.71 7.54 42.17
C VAL M 1061 11.71 8.94 41.62
N SER M 1062 10.91 9.20 40.59
CA SER M 1062 10.56 10.57 40.26
C SER M 1062 11.83 11.36 39.87
N PRO M 1063 11.83 12.73 39.96
CA PRO M 1063 10.78 13.73 40.26
C PRO M 1063 9.56 13.40 39.50
N GLY M 1064 8.51 14.20 39.70
CA GLY M 1064 7.25 13.97 39.00
C GLY M 1064 6.13 14.84 39.55
N GLU M 1065 5.17 14.21 40.21
CA GLU M 1065 5.19 12.76 40.40
C GLU M 1065 3.90 12.27 41.03
N MET M 1066 3.57 12.80 42.21
CA MET M 1066 2.37 12.42 42.93
C MET M 1066 2.61 11.20 43.80
N VAL M 1067 3.28 11.40 44.92
CA VAL M 1067 3.58 10.32 45.86
C VAL M 1067 2.47 10.16 46.89
N GLY M 1068 1.65 11.20 47.04
CA GLY M 1068 0.55 11.18 47.98
C GLY M 1068 -0.69 10.52 47.42
N THR M 1069 -1.06 10.92 46.21
CA THR M 1069 -2.24 10.37 45.54
C THR M 1069 -2.18 8.85 45.48
N LEU M 1070 -1.13 8.34 44.83
CA LEU M 1070 -0.95 6.90 44.69
C LEU M 1070 -0.88 6.22 46.05
N ALA M 1071 -0.07 6.79 46.94
CA ALA M 1071 0.09 6.24 48.29
C ALA M 1071 -1.23 6.24 49.04
N ALA M 1072 -1.98 7.33 48.91
CA ALA M 1072 -3.28 7.45 49.58
C ALA M 1072 -4.24 6.37 49.12
N GLN M 1073 -4.27 6.12 47.81
CA GLN M 1073 -5.15 5.11 47.24
C GLN M 1073 -4.83 3.73 47.80
N SER M 1074 -3.55 3.42 47.89
CA SER M 1074 -3.11 2.13 48.41
C SER M 1074 -3.49 1.97 49.88
N ILE M 1075 -3.52 3.07 50.61
CA ILE M 1075 -3.86 3.05 52.02
C ILE M 1075 -5.35 2.79 52.21
N GLY M 1076 -6.15 3.15 51.21
CA GLY M 1076 -7.59 2.96 51.27
C GLY M 1076 -8.00 1.52 51.03
N GLU M 1077 -7.33 0.89 50.07
CA GLU M 1077 -7.62 -0.51 49.74
C GLU M 1077 -7.38 -1.42 50.92
N PRO M 1078 -6.28 -1.20 51.63
CA PRO M 1078 -5.93 -2.01 52.80
C PRO M 1078 -7.05 -1.99 53.85
N ALA M 1079 -7.52 -0.80 54.19
CA ALA M 1079 -8.58 -0.65 55.18
C ALA M 1079 -9.80 -1.50 54.82
N THR M 1080 -10.20 -1.44 53.56
CA THR M 1080 -11.34 -2.19 53.07
C THR M 1080 -11.15 -3.69 53.31
N GLN M 1081 -9.90 -4.14 53.21
CA GLN M 1081 -9.58 -5.55 53.41
C GLN M 1081 -9.74 -5.95 54.87
N MET M 1082 -9.55 -4.99 55.77
CA MET M 1082 -9.66 -5.25 57.20
C MET M 1082 -11.12 -5.14 57.65
N THR M 1083 -11.71 -3.97 57.46
CA THR M 1083 -13.11 -3.75 57.85
C THR M 1083 -13.89 -5.06 57.88
N LEU M 1084 -14.03 -5.69 56.72
CA LEU M 1084 -14.75 -6.94 56.61
C LEU M 1084 -14.27 -7.95 57.63
N ASN M 1085 -12.98 -8.29 57.57
CA ASN M 1085 -12.39 -9.25 58.49
C ASN M 1085 -12.70 -8.91 59.95
N THR M 1086 -12.27 -7.73 60.38
CA THR M 1086 -12.51 -7.28 61.75
C THR M 1086 -13.93 -7.57 62.20
N PHE M 1087 -14.78 -7.94 61.24
CA PHE M 1087 -16.18 -8.25 61.53
C PHE M 1087 -16.53 -9.66 61.07
N HIS M 1088 -16.13 -10.00 59.85
CA HIS M 1088 -16.40 -11.31 59.28
C HIS M 1088 -17.30 -12.13 60.21
N TYR M 1089 -16.72 -13.16 60.83
CA TYR M 1089 -17.47 -14.02 61.73
C TYR M 1089 -16.61 -15.20 62.21
N ALA M 1090 -15.91 -14.99 63.33
CA ALA M 1090 -15.97 -13.72 64.05
C ALA M 1090 -17.01 -13.78 65.17
N GLY M 1091 -16.58 -13.42 66.38
CA GLY M 1091 -17.46 -13.44 67.53
C GLY M 1091 -17.89 -12.04 67.94
N VAL M 1092 -17.87 -11.79 69.25
CA VAL M 1092 -17.46 -12.79 70.22
C VAL M 1092 -16.00 -12.62 70.61
N SER M 1093 -15.76 -12.15 71.83
CA SER M 1093 -14.41 -11.93 72.33
C SER M 1093 -14.41 -11.04 73.56
N SER M 1094 -13.21 -10.69 74.03
CA SER M 1094 -13.07 -9.84 75.20
C SER M 1094 -11.63 -9.37 75.38
N LYS M 1095 -11.45 -8.30 76.15
CA LYS M 1095 -10.12 -7.75 76.39
C LYS M 1095 -9.43 -7.37 75.07
N ASN M 1096 -8.59 -6.34 75.13
CA ASN M 1096 -7.88 -5.88 73.95
C ASN M 1096 -8.81 -5.35 72.87
N VAL M 1097 -10.09 -5.69 72.99
CA VAL M 1097 -11.09 -5.26 72.02
C VAL M 1097 -10.77 -3.87 71.49
N THR M 1098 -11.16 -3.60 70.25
CA THR M 1098 -10.92 -2.30 69.63
C THR M 1098 -11.63 -2.20 68.28
N LEU M 1099 -11.32 -3.14 67.39
CA LEU M 1099 -11.92 -3.16 66.06
C LEU M 1099 -11.04 -2.44 65.05
N GLY M 1100 -11.36 -2.61 63.77
CA GLY M 1100 -10.60 -1.99 62.71
C GLY M 1100 -11.38 -0.89 62.01
N VAL M 1101 -11.36 -0.89 60.68
CA VAL M 1101 -12.06 0.11 59.89
C VAL M 1101 -12.90 1.03 60.78
N PRO M 1102 -14.03 0.52 61.25
CA PRO M 1102 -14.93 1.30 62.11
C PRO M 1102 -14.16 2.29 62.97
N ARG M 1103 -12.91 1.97 63.31
CA ARG M 1103 -12.09 2.85 64.12
C ARG M 1103 -11.38 3.90 63.27
N LEU M 1104 -10.79 3.46 62.17
CA LEU M 1104 -10.08 4.37 61.27
C LEU M 1104 -10.63 5.79 61.37
N LYS M 1105 -11.89 5.97 60.99
CA LYS M 1105 -12.53 7.27 61.03
C LYS M 1105 -12.22 8.00 62.34
N GLU M 1106 -12.19 7.23 63.44
CA GLU M 1106 -11.90 7.79 64.75
C GLU M 1106 -10.53 8.45 64.78
N ILE M 1107 -9.54 7.78 64.19
CA ILE M 1107 -8.18 8.30 64.16
C ILE M 1107 -8.08 9.55 63.29
N LEU M 1108 -8.64 9.47 62.08
CA LEU M 1108 -8.62 10.59 61.15
C LEU M 1108 -9.41 11.78 61.70
N ASN M 1109 -10.47 11.47 62.45
CA ASN M 1109 -11.32 12.51 63.03
C ASN M 1109 -10.75 13.03 64.36
N VAL M 1110 -9.66 12.41 64.81
CA VAL M 1110 -9.03 12.82 66.06
C VAL M 1110 -10.07 13.09 67.14
N ALA M 1111 -11.26 12.53 66.97
CA ALA M 1111 -12.34 12.71 67.93
C ALA M 1111 -11.92 12.23 69.32
N LYS M 1112 -12.44 12.91 70.35
CA LYS M 1112 -12.13 12.56 71.72
C LYS M 1112 -12.71 11.21 72.10
N ASN M 1113 -13.99 11.02 71.83
CA ASN M 1113 -14.68 9.76 72.13
C ASN M 1113 -14.36 8.67 71.12
N ILE M 1114 -13.29 7.92 71.39
CA ILE M 1114 -12.88 6.84 70.51
C ILE M 1114 -13.18 5.47 71.12
N LYS M 1115 -14.47 5.21 71.35
CA LYS M 1115 -14.89 3.94 71.93
C LYS M 1115 -13.80 3.33 72.79
N THR M 1116 -12.97 2.48 72.18
CA THR M 1116 -11.88 1.83 72.90
C THR M 1116 -10.67 2.75 73.02
N PRO M 1117 -10.66 3.56 74.08
CA PRO M 1117 -9.55 4.50 74.31
C PRO M 1117 -8.30 3.78 74.81
N SER M 1118 -8.45 2.52 75.19
CA SER M 1118 -7.30 1.72 75.69
C SER M 1118 -5.98 2.47 75.92
N LEU M 1119 -4.94 1.71 76.24
CA LEU M 1119 -3.62 2.28 76.48
C LEU M 1119 -2.80 1.22 77.18
N THR M 1120 -1.67 0.89 76.59
CA THR M 1120 -0.78 -0.13 77.10
C THR M 1120 0.41 0.48 77.84
N ILE M 1121 0.63 0.01 79.08
CA ILE M 1121 1.74 0.47 79.91
C ILE M 1121 2.61 -0.72 80.25
N TYR M 1122 3.90 -0.58 80.01
CA TYR M 1122 4.86 -1.63 80.32
C TYR M 1122 5.50 -1.38 81.67
N LEU M 1123 6.37 -2.29 82.08
CA LEU M 1123 7.07 -2.17 83.37
C LEU M 1123 8.59 -2.23 83.22
N MET M 1124 9.30 -2.77 84.21
CA MET M 1124 10.79 -2.79 84.16
C MET M 1124 11.55 -4.03 83.54
N PRO M 1125 11.56 -5.19 84.20
CA PRO M 1125 11.31 -5.51 85.60
C PRO M 1125 12.65 -5.30 86.23
N TRP M 1126 12.69 -5.28 87.55
CA TRP M 1126 11.49 -5.23 88.34
C TRP M 1126 11.04 -3.77 88.36
N ILE M 1127 9.76 -3.51 88.52
CA ILE M 1127 8.76 -4.56 88.65
C ILE M 1127 7.81 -4.53 87.45
N ALA M 1128 7.65 -5.66 86.79
CA ALA M 1128 8.34 -6.86 87.20
C ALA M 1128 8.47 -7.92 86.10
N ALA M 1129 9.22 -8.97 86.42
CA ALA M 1129 9.38 -10.10 85.54
C ALA M 1129 8.70 -11.27 86.21
N ASN M 1130 8.20 -11.02 87.42
CA ASN M 1130 7.61 -12.08 88.21
C ASN M 1130 6.16 -12.29 87.85
N MET M 1131 5.31 -11.92 88.78
CA MET M 1131 3.87 -12.14 88.67
C MET M 1131 3.31 -11.47 89.90
N ASP M 1132 3.29 -12.20 91.01
CA ASP M 1132 2.76 -11.67 92.26
C ASP M 1132 3.29 -10.26 92.51
N LEU M 1133 4.52 -10.00 92.11
CA LEU M 1133 5.14 -8.69 92.28
C LEU M 1133 4.49 -7.66 91.38
N ALA M 1134 4.13 -8.08 90.16
CA ALA M 1134 3.50 -7.18 89.20
C ALA M 1134 2.15 -6.70 89.71
N LYS M 1135 1.45 -7.55 90.47
CA LYS M 1135 0.15 -7.20 91.02
C LYS M 1135 0.22 -5.91 91.81
N ASN M 1136 1.38 -5.64 92.41
CA ASN M 1136 1.57 -4.43 93.20
C ASN M 1136 1.20 -3.17 92.43
N VAL M 1137 1.39 -3.21 91.11
CA VAL M 1137 1.06 -2.08 90.26
C VAL M 1137 -0.33 -2.20 89.67
N GLN M 1138 -0.70 -3.43 89.30
CA GLN M 1138 -2.02 -3.69 88.73
C GLN M 1138 -3.13 -3.05 89.57
N THR M 1139 -2.93 -3.04 90.88
CA THR M 1139 -3.91 -2.46 91.80
C THR M 1139 -3.37 -1.18 92.43
N GLN M 1140 -2.34 -0.61 91.81
CA GLN M 1140 -1.74 0.62 92.32
C GLN M 1140 -2.02 1.79 91.39
N ILE M 1141 -2.62 1.50 90.23
CA ILE M 1141 -2.94 2.53 89.26
C ILE M 1141 -4.39 2.41 88.78
N GLU M 1142 -5.20 2.26 89.75
CA GLU M 1142 -6.62 2.11 89.43
C GLU M 1142 -7.45 3.16 90.16
N HIS M 1143 -8.57 3.54 89.55
CA HIS M 1143 -9.46 4.55 90.13
C HIS M 1143 -9.66 4.31 91.63
N THR M 1144 -9.93 3.05 91.98
CA THR M 1144 -10.15 2.69 93.38
C THR M 1144 -11.32 3.47 93.98
N THR M 1145 -11.00 4.56 94.66
CA THR M 1145 -12.02 5.40 95.29
C THR M 1145 -13.02 4.56 96.07
N LEU M 1146 -14.27 4.99 96.09
CA LEU M 1146 -15.32 4.27 96.81
C LEU M 1146 -15.99 3.22 95.92
N SER M 1147 -15.25 2.16 95.62
CA SER M 1147 -15.77 1.09 94.78
C SER M 1147 -15.95 -0.20 95.59
N THR M 1148 -15.39 -0.23 96.79
CA THR M 1148 -15.49 -1.39 97.66
C THR M 1148 -16.80 -1.38 98.45
N VAL M 1149 -17.36 -0.18 98.64
CA VAL M 1149 -18.61 -0.03 99.37
C VAL M 1149 -19.79 -0.57 98.57
N THR M 1150 -20.02 0.02 97.40
CA THR M 1150 -21.12 -0.39 96.53
C THR M 1150 -22.12 -1.25 97.29
N SER M 1151 -22.70 -0.70 98.34
CA SER M 1151 -23.68 -1.42 99.15
C SER M 1151 -23.24 -1.48 100.61
N ALA M 1152 -23.21 -0.32 101.27
CA ALA M 1152 -23.56 0.92 100.61
C ALA M 1152 -23.62 2.07 101.62
N THR M 1153 -24.57 2.98 101.43
CA THR M 1153 -24.74 4.12 102.31
C THR M 1153 -26.12 4.10 102.99
N GLU M 1154 -26.11 4.13 104.32
CA GLU M 1154 -27.34 4.10 105.09
C GLU M 1154 -27.34 5.34 105.97
N ILE M 1155 -28.53 5.91 106.19
CA ILE M 1155 -28.69 7.07 107.05
C ILE M 1155 -29.53 6.75 108.28
N HIS M 1156 -28.88 6.79 109.44
CA HIS M 1156 -29.55 6.53 110.70
C HIS M 1156 -29.52 7.79 111.56
N TYR M 1157 -30.65 8.10 112.19
CA TYR M 1157 -30.70 9.24 113.12
C TYR M 1157 -30.49 8.80 114.58
N ASP M 1158 -29.41 9.30 115.16
CA ASP M 1158 -28.99 8.87 116.49
C ASP M 1158 -28.70 10.10 117.32
N PRO M 1159 -29.58 10.40 118.27
CA PRO M 1159 -29.41 11.56 119.15
C PRO M 1159 -28.08 11.50 119.90
N ASP M 1160 -28.15 11.26 121.20
CA ASP M 1160 -26.95 11.18 122.03
C ASP M 1160 -25.81 10.51 121.28
N PRO M 1161 -24.61 11.04 121.45
CA PRO M 1161 -23.41 10.48 120.79
C PRO M 1161 -23.23 9.01 121.12
N GLN M 1162 -24.10 8.46 121.95
CA GLN M 1162 -24.03 7.06 122.34
C GLN M 1162 -25.28 6.30 121.92
N ASP M 1163 -25.73 6.53 120.70
CA ASP M 1163 -26.93 5.88 120.17
C ASP M 1163 -26.58 4.94 119.02
N THR M 1164 -27.33 3.85 118.90
CA THR M 1164 -27.11 2.88 117.84
C THR M 1164 -28.33 2.00 117.64
N VAL M 1165 -28.14 0.69 117.76
CA VAL M 1165 -29.23 -0.27 117.59
C VAL M 1165 -28.75 -1.52 116.86
N ILE M 1166 -29.19 -1.67 115.62
CA ILE M 1166 -28.80 -2.82 114.81
C ILE M 1166 -29.62 -4.06 115.19
N GLU M 1167 -29.88 -4.91 114.20
CA GLU M 1167 -29.41 -4.68 112.84
C GLU M 1167 -28.10 -5.39 112.58
N GLU M 1168 -27.65 -6.19 113.55
CA GLU M 1168 -26.40 -6.93 113.43
C GLU M 1168 -25.67 -7.00 114.77
N ASP M 1169 -24.36 -6.84 114.73
CA ASP M 1169 -23.54 -6.90 115.93
C ASP M 1169 -22.93 -5.53 116.25
N LYS M 1170 -21.75 -5.27 115.69
CA LYS M 1170 -21.07 -4.01 115.91
C LYS M 1170 -21.43 -3.42 117.27
N ASP M 1171 -21.69 -2.11 117.30
CA ASP M 1171 -22.04 -1.42 118.53
C ASP M 1171 -20.93 -1.54 119.57
N PHE M 1172 -20.55 -2.78 119.88
CA PHE M 1172 -19.49 -3.01 120.86
C PHE M 1172 -18.25 -2.21 120.53
N VAL M 1173 -17.82 -2.27 119.27
CA VAL M 1173 -16.64 -1.55 118.83
C VAL M 1173 -16.77 -0.04 119.12
N GLU M 1174 -17.94 0.51 118.83
CA GLU M 1174 -18.20 1.92 119.05
C GLU M 1174 -18.05 2.27 120.53
N ALA M 1175 -18.59 1.42 121.40
CA ALA M 1175 -18.51 1.64 122.84
C ALA M 1175 -17.07 1.67 123.31
N PHE M 1176 -16.25 0.79 122.74
CA PHE M 1176 -14.84 0.71 123.11
C PHE M 1176 -14.10 1.99 122.72
N PHE M 1177 -14.48 2.58 121.59
CA PHE M 1177 -13.85 3.80 121.12
C PHE M 1177 -14.21 4.98 122.01
N ALA M 1178 -15.42 4.96 122.57
CA ALA M 1178 -15.87 6.03 123.45
C ALA M 1178 -15.29 5.89 124.85
N ILE M 1179 -15.17 4.64 125.30
CA ILE M 1179 -14.63 4.37 126.63
C ILE M 1179 -13.26 5.01 126.81
N PRO M 1180 -12.43 4.92 125.78
CA PRO M 1180 -11.07 5.49 125.82
C PRO M 1180 -11.11 7.01 125.96
N ASP M 1181 -12.29 7.55 126.26
CA ASP M 1181 -12.46 8.99 126.43
C ASP M 1181 -11.11 9.70 126.45
N GLU M 1182 -10.56 9.94 125.26
CA GLU M 1182 -9.28 10.62 125.13
C GLU M 1182 -9.47 12.08 124.72
N GLU M 1183 -10.73 12.50 124.65
CA GLU M 1183 -11.05 13.88 124.26
C GLU M 1183 -12.54 14.02 123.96
N VAL M 1184 -13.27 12.92 124.02
CA VAL M 1184 -14.70 12.91 123.76
C VAL M 1184 -15.26 14.33 123.77
N GLU M 1185 -15.18 14.98 124.93
CA GLU M 1185 -15.69 16.35 125.07
C GLU M 1185 -15.08 17.27 124.02
N GLU M 1186 -13.75 17.33 123.99
CA GLU M 1186 -13.04 18.17 123.04
C GLU M 1186 -13.50 19.63 123.13
N ASN M 1187 -12.76 20.52 122.48
CA ASN M 1187 -13.09 21.94 122.50
C ASN M 1187 -14.56 22.19 122.23
N LEU M 1188 -15.23 21.21 121.61
CA LEU M 1188 -16.64 21.33 121.28
C LEU M 1188 -17.53 20.58 122.28
N TYR M 1189 -17.94 19.38 121.91
CA TYR M 1189 -18.79 18.56 122.77
C TYR M 1189 -19.41 17.40 122.00
N LYS M 1190 -20.68 17.11 122.30
CA LYS M 1190 -21.39 16.02 121.63
C LYS M 1190 -22.31 16.56 120.54
N GLN M 1191 -21.81 16.56 119.30
CA GLN M 1191 -22.59 17.05 118.17
C GLN M 1191 -22.33 16.21 116.93
N SER M 1192 -23.42 15.82 116.26
CA SER M 1192 -23.32 15.00 115.05
C SER M 1192 -24.51 14.06 114.92
N PRO M 1193 -25.70 14.63 114.96
CA PRO M 1193 -26.94 13.83 114.84
C PRO M 1193 -27.22 13.41 113.40
N TRP M 1194 -26.21 12.85 112.74
CA TRP M 1194 -26.36 12.41 111.36
C TRP M 1194 -25.43 11.24 111.05
N LEU M 1195 -25.55 10.17 111.82
CA LEU M 1195 -24.74 8.99 111.63
C LEU M 1195 -24.93 8.40 110.24
N LEU M 1196 -23.84 7.98 109.61
CA LEU M 1196 -23.89 7.36 108.29
C LEU M 1196 -22.96 6.17 108.25
N ARG M 1197 -23.46 5.05 107.76
CA ARG M 1197 -22.69 3.81 107.78
C ARG M 1197 -22.25 3.32 106.41
N LEU M 1198 -21.23 2.46 106.40
CA LEU M 1198 -20.61 2.05 105.15
C LEU M 1198 -20.19 0.60 105.18
N GLU M 1199 -20.82 -0.20 104.32
CA GLU M 1199 -20.48 -1.62 104.21
C GLU M 1199 -19.39 -1.85 103.14
N LEU M 1200 -18.16 -2.08 103.59
CA LEU M 1200 -17.03 -2.34 102.69
C LEU M 1200 -16.94 -3.81 102.30
N ASP M 1201 -17.18 -4.10 101.03
CA ASP M 1201 -17.16 -5.47 100.56
C ASP M 1201 -15.77 -6.11 100.58
N ARG M 1202 -15.67 -7.27 101.22
CA ARG M 1202 -14.45 -8.07 101.22
C ARG M 1202 -14.33 -8.78 99.87
N ALA M 1203 -15.09 -8.30 98.89
CA ALA M 1203 -15.01 -8.82 97.54
C ALA M 1203 -13.90 -8.07 96.80
N LYS M 1204 -13.61 -6.86 97.27
CA LYS M 1204 -12.52 -6.07 96.69
C LYS M 1204 -11.46 -5.74 97.74
N MET M 1205 -11.59 -6.34 98.91
CA MET M 1205 -10.59 -6.15 99.96
C MET M 1205 -9.40 -7.09 99.80
N LEU M 1206 -9.59 -8.13 99.00
CA LEU M 1206 -8.53 -9.12 98.79
C LEU M 1206 -7.73 -8.84 97.52
N ASP M 1207 -8.43 -8.47 96.46
CA ASP M 1207 -7.79 -8.18 95.17
C ASP M 1207 -6.98 -6.89 95.20
N LYS M 1208 -7.27 -6.04 96.18
CA LYS M 1208 -6.57 -4.77 96.32
C LYS M 1208 -6.17 -4.53 97.77
N LYS M 1209 -4.86 -4.60 98.03
CA LYS M 1209 -4.32 -4.49 99.38
C LYS M 1209 -4.79 -3.22 100.07
N LEU M 1210 -5.88 -3.34 100.83
CA LEU M 1210 -6.45 -2.22 101.55
C LEU M 1210 -6.80 -2.58 102.96
N SER M 1211 -6.30 -1.79 103.91
CA SER M 1211 -6.66 -1.94 105.29
C SER M 1211 -7.90 -1.12 105.56
N MET M 1212 -8.40 -1.18 106.79
CA MET M 1212 -9.60 -0.45 107.15
C MET M 1212 -9.27 0.91 107.77
N SER M 1213 -8.06 1.04 108.32
CA SER M 1213 -7.59 2.29 108.91
C SER M 1213 -7.10 3.26 107.83
N ASP M 1214 -6.83 2.70 106.65
CA ASP M 1214 -6.46 3.49 105.49
C ASP M 1214 -7.74 3.98 104.80
N VAL M 1215 -8.63 3.04 104.48
CA VAL M 1215 -9.91 3.35 103.83
C VAL M 1215 -10.54 4.61 104.43
N ALA M 1216 -10.54 4.69 105.74
CA ALA M 1216 -11.08 5.85 106.44
C ALA M 1216 -9.96 6.66 107.07
N GLY M 1217 -8.74 6.41 106.63
CA GLY M 1217 -7.58 7.12 107.15
C GLY M 1217 -7.27 8.36 106.34
N LYS M 1218 -7.82 8.44 105.13
CA LYS M 1218 -7.56 9.58 104.26
C LYS M 1218 -8.78 10.42 103.96
N ILE M 1219 -9.92 10.05 104.55
CA ILE M 1219 -11.13 10.83 104.31
C ILE M 1219 -10.97 12.24 104.86
N ALA M 1220 -10.53 12.29 106.12
CA ALA M 1220 -10.43 13.53 106.86
C ALA M 1220 -9.20 14.33 106.45
N GLU M 1221 -8.64 13.99 105.29
CA GLU M 1221 -7.51 14.69 104.75
C GLU M 1221 -7.97 15.59 103.61
N SER M 1222 -9.28 15.76 103.51
CA SER M 1222 -9.90 16.59 102.50
C SER M 1222 -11.19 17.24 103.00
N PHE M 1223 -11.53 16.98 104.26
CA PHE M 1223 -12.75 17.56 104.86
C PHE M 1223 -12.48 18.11 106.27
N GLU M 1224 -11.21 18.37 106.57
CA GLU M 1224 -10.80 18.90 107.87
C GLU M 1224 -11.12 17.93 109.01
N ARG M 1225 -12.09 18.29 109.85
CA ARG M 1225 -12.53 17.43 110.93
C ARG M 1225 -14.04 17.31 110.93
N ASP M 1226 -14.68 17.64 109.81
CA ASP M 1226 -16.13 17.64 109.72
C ASP M 1226 -16.70 16.24 109.93
N LEU M 1227 -15.85 15.23 109.85
CA LEU M 1227 -16.26 13.84 109.99
C LEU M 1227 -15.34 13.05 110.92
N PHE M 1228 -15.92 12.16 111.71
CA PHE M 1228 -15.14 11.30 112.60
C PHE M 1228 -15.40 9.82 112.32
N THR M 1229 -14.37 9.16 111.80
CA THR M 1229 -14.51 7.77 111.41
C THR M 1229 -14.05 6.82 112.51
N ILE M 1230 -14.79 5.72 112.62
CA ILE M 1230 -14.48 4.69 113.58
C ILE M 1230 -14.72 3.35 112.91
N TRP M 1231 -13.63 2.67 112.57
CA TRP M 1231 -13.71 1.37 111.91
C TRP M 1231 -13.54 0.23 112.91
N SER M 1232 -13.38 -0.99 112.41
CA SER M 1232 -13.09 -2.15 113.27
C SER M 1232 -11.94 -2.98 112.70
N GLU M 1233 -11.46 -3.95 113.45
CA GLU M 1233 -10.39 -4.82 112.98
C GLU M 1233 -10.89 -5.76 111.88
N ASP M 1234 -9.97 -6.44 111.22
CA ASP M 1234 -10.33 -7.39 110.17
C ASP M 1234 -11.02 -8.63 110.74
N ASN M 1235 -11.13 -8.68 112.07
CA ASN M 1235 -11.76 -9.82 112.74
C ASN M 1235 -13.29 -9.77 112.65
N ALA M 1236 -13.83 -8.66 112.14
CA ALA M 1236 -15.28 -8.49 112.01
C ALA M 1236 -15.86 -9.38 110.91
N ASP M 1237 -17.19 -9.43 110.83
CA ASP M 1237 -17.87 -10.25 109.81
C ASP M 1237 -18.56 -9.37 108.77
N LYS M 1238 -18.62 -8.07 109.03
CA LYS M 1238 -19.22 -7.13 108.12
C LYS M 1238 -18.29 -5.97 107.78
N LEU M 1239 -17.32 -5.71 108.66
CA LEU M 1239 -16.39 -4.60 108.47
C LEU M 1239 -17.14 -3.31 108.15
N ILE M 1240 -17.52 -2.57 109.18
CA ILE M 1240 -18.27 -1.33 108.95
C ILE M 1240 -17.52 -0.12 109.49
N ILE M 1241 -17.83 1.05 108.96
CA ILE M 1241 -17.19 2.30 109.39
C ILE M 1241 -18.17 3.47 109.45
N ARG M 1242 -18.18 4.18 110.58
CA ARG M 1242 -19.10 5.29 110.78
C ARG M 1242 -18.49 6.61 110.31
N CYS M 1243 -19.35 7.62 110.18
CA CYS M 1243 -18.90 8.94 109.74
C CYS M 1243 -19.90 10.03 110.14
N ARG M 1244 -19.66 10.62 111.31
CA ARG M 1244 -20.56 11.60 111.89
C ARG M 1244 -20.25 13.03 111.42
N ILE M 1245 -21.08 13.97 111.86
CA ILE M 1245 -20.90 15.37 111.51
C ILE M 1245 -21.19 16.28 112.68
N ILE M 1246 -20.20 17.09 113.07
CA ILE M 1246 -20.36 18.01 114.19
C ILE M 1246 -20.03 19.44 113.77
N ARG M 1247 -20.57 20.40 114.50
CA ARG M 1247 -20.33 21.81 114.21
C ARG M 1247 -20.87 22.71 115.33
N ASP M 1248 -22.16 23.01 115.27
CA ASP M 1248 -22.80 23.86 116.26
C ASP M 1248 -22.05 23.80 117.60
N ASP M 1249 -21.93 24.95 118.25
CA ASP M 1249 -22.50 26.19 117.73
C ASP M 1249 -21.57 26.83 116.71
N ASP M 1250 -21.82 26.55 115.43
CA ASP M 1250 -21.00 27.09 114.34
C ASP M 1250 -21.55 28.43 113.87
N ARG M 1251 -20.66 29.26 113.33
CA ARG M 1251 -21.05 30.57 112.83
C ARG M 1251 -22.25 30.48 111.90
N LYS M 1252 -22.29 29.42 111.10
CA LYS M 1252 -23.38 29.21 110.16
C LYS M 1252 -23.31 30.19 108.99
N ALA M 1253 -24.12 29.96 107.96
CA ALA M 1253 -24.14 30.81 106.79
C ALA M 1253 -23.35 30.21 105.64
N GLU M 1254 -23.34 30.89 104.50
CA GLU M 1254 -24.07 32.15 104.37
C GLU M 1254 -24.97 32.13 103.14
N ASP M 1255 -24.59 32.91 102.12
CA ASP M 1255 -25.36 32.98 100.88
C ASP M 1255 -26.15 31.70 100.65
N ASP M 1256 -27.41 31.70 101.09
CA ASP M 1256 -28.28 30.54 100.93
C ASP M 1256 -28.71 29.99 102.28
N ASP M 1257 -30.00 30.12 102.58
CA ASP M 1257 -30.54 29.64 103.86
C ASP M 1257 -30.94 28.17 103.75
N ASN M 1258 -31.13 27.54 104.91
CA ASN M 1258 -31.52 26.14 104.96
C ASN M 1258 -32.55 25.88 106.06
N MET M 1259 -33.83 25.88 105.68
CA MET M 1259 -34.91 25.65 106.64
C MET M 1259 -35.81 24.51 106.19
N ILE M 1260 -35.55 23.31 106.73
CA ILE M 1260 -36.34 22.14 106.39
C ILE M 1260 -35.80 21.47 105.12
N GLU M 1261 -34.92 20.49 105.30
CA GLU M 1261 -34.50 20.08 106.63
C GLU M 1261 -33.22 19.24 106.57
N GLU M 1262 -32.24 19.60 107.39
CA GLU M 1262 -30.97 18.88 107.43
C GLU M 1262 -31.04 17.61 106.60
N ASP M 1263 -30.72 17.73 105.31
CA ASP M 1263 -30.73 16.59 104.41
C ASP M 1263 -29.93 16.87 103.14
N VAL M 1264 -30.55 17.57 102.19
CA VAL M 1264 -29.89 17.91 100.94
C VAL M 1264 -28.39 18.06 101.12
N PHE M 1265 -28.00 19.05 101.92
CA PHE M 1265 -26.58 19.30 102.18
C PHE M 1265 -25.82 18.00 102.38
N LEU M 1266 -26.54 16.95 102.78
CA LEU M 1266 -25.92 15.65 103.01
C LEU M 1266 -25.65 14.93 101.69
N LYS M 1267 -26.71 14.55 100.99
CA LYS M 1267 -26.58 13.84 99.71
C LYS M 1267 -25.48 14.46 98.86
N THR M 1268 -25.37 15.78 98.91
CA THR M 1268 -24.35 16.49 98.14
C THR M 1268 -22.94 16.07 98.57
N ILE M 1269 -22.71 16.02 99.87
CA ILE M 1269 -21.42 15.64 100.40
C ILE M 1269 -21.00 14.26 99.89
N GLU M 1270 -21.95 13.33 99.87
CA GLU M 1270 -21.68 11.98 99.40
C GLU M 1270 -21.04 11.99 98.02
N GLY M 1271 -21.62 12.78 97.11
CA GLY M 1271 -21.10 12.88 95.76
C GLY M 1271 -19.60 13.11 95.73
N HIS M 1272 -19.10 13.90 96.67
CA HIS M 1272 -17.68 14.19 96.75
C HIS M 1272 -16.93 13.06 97.45
N MET M 1273 -17.52 12.52 98.50
CA MET M 1273 -16.91 11.43 99.26
C MET M 1273 -16.65 10.22 98.38
N LEU M 1274 -17.71 9.72 97.75
CA LEU M 1274 -17.59 8.56 96.87
C LEU M 1274 -16.77 8.88 95.63
N GLU M 1275 -16.77 10.15 95.29
CA GLU M 1275 -16.00 10.61 94.13
C GLU M 1275 -14.69 11.25 94.56
N SER M 1276 -14.16 10.81 95.69
CA SER M 1276 -12.90 11.35 96.21
C SER M 1276 -12.49 10.65 97.50
N ILE M 1277 -11.46 9.81 97.42
CA ILE M 1277 -10.76 9.59 96.16
C ILE M 1277 -9.35 9.04 96.41
N SER M 1278 -9.09 8.62 97.64
CA SER M 1278 -7.80 8.08 98.00
C SER M 1278 -7.39 6.95 97.06
N LEU M 1279 -6.36 6.21 97.45
CA LEU M 1279 -5.86 5.10 96.64
C LEU M 1279 -5.33 5.59 95.30
N ARG M 1280 -4.28 4.93 94.80
CA ARG M 1280 -3.67 5.30 93.53
C ARG M 1280 -4.68 5.24 92.40
N GLY M 1281 -5.70 6.10 92.47
CA GLY M 1281 -6.73 6.14 91.45
C GLY M 1281 -6.53 7.27 90.47
N VAL M 1282 -5.84 6.99 89.37
CA VAL M 1282 -5.58 7.99 88.35
C VAL M 1282 -6.88 8.53 87.75
N PRO M 1283 -7.55 9.40 88.51
CA PRO M 1283 -8.81 9.99 88.06
C PRO M 1283 -9.06 9.74 86.58
N ASN M 1284 -10.01 8.86 86.27
CA ASN M 1284 -10.34 8.55 84.88
C ASN M 1284 -9.99 7.10 84.52
N ILE M 1285 -8.80 6.67 84.93
CA ILE M 1285 -8.34 5.32 84.65
C ILE M 1285 -9.26 4.28 85.29
N THR M 1286 -10.08 3.62 84.46
CA THR M 1286 -11.01 2.62 84.95
C THR M 1286 -10.30 1.30 85.25
N ARG M 1287 -10.95 0.19 84.96
CA ARG M 1287 -10.39 -1.13 85.20
C ARG M 1287 -9.21 -1.38 84.27
N VAL M 1288 -8.25 -2.17 84.76
CA VAL M 1288 -7.06 -2.50 83.98
C VAL M 1288 -6.94 -4.01 83.78
N TYR M 1289 -6.06 -4.43 82.87
CA TYR M 1289 -5.85 -5.84 82.60
C TYR M 1289 -4.37 -6.15 82.51
N MET M 1290 -4.03 -7.42 82.43
CA MET M 1290 -2.65 -7.86 82.31
C MET M 1290 -2.52 -9.04 81.35
N MET M 1291 -1.76 -8.86 80.28
CA MET M 1291 -1.55 -9.91 79.29
C MET M 1291 -0.07 -10.08 78.96
N GLU M 1292 0.35 -11.33 78.80
CA GLU M 1292 1.74 -11.63 78.48
C GLU M 1292 2.09 -11.20 77.06
N HIS M 1293 2.98 -10.22 76.95
CA HIS M 1293 3.40 -9.71 75.65
C HIS M 1293 4.77 -10.22 75.27
N LYS M 1294 4.82 -11.10 74.28
CA LYS M 1294 6.08 -11.67 73.81
C LYS M 1294 7.02 -10.59 73.30
N ILE M 1295 7.84 -10.05 74.20
CA ILE M 1295 8.79 -9.00 73.83
C ILE M 1295 10.14 -9.61 73.54
N VAL M 1296 10.78 -9.15 72.47
CA VAL M 1296 12.05 -9.70 72.03
C VAL M 1296 13.22 -8.90 72.60
N ARG M 1297 14.20 -9.57 73.19
CA ARG M 1297 15.32 -8.86 73.77
C ARG M 1297 16.60 -9.33 73.16
N GLN M 1298 17.69 -8.69 73.55
CA GLN M 1298 19.01 -9.05 73.07
C GLN M 1298 19.75 -9.72 74.20
N ILE M 1299 20.89 -10.30 73.87
CA ILE M 1299 21.71 -10.95 74.87
C ILE M 1299 23.15 -10.50 74.72
N GLU M 1300 23.95 -10.73 75.76
CA GLU M 1300 25.36 -10.44 75.68
C GLU M 1300 26.02 -11.36 74.66
N ASP M 1301 25.30 -12.42 74.29
CA ASP M 1301 25.81 -13.42 73.36
C ASP M 1301 25.84 -12.93 71.93
N GLY M 1302 24.70 -12.42 71.49
CA GLY M 1302 24.49 -12.02 70.11
C GLY M 1302 23.04 -12.33 69.79
N THR M 1303 22.66 -13.57 70.00
CA THR M 1303 21.30 -14.01 69.78
C THR M 1303 20.25 -13.06 70.39
N PHE M 1304 19.00 -13.24 69.98
CA PHE M 1304 17.86 -12.54 70.59
C PHE M 1304 16.93 -13.57 71.25
N GLU M 1305 16.19 -13.19 72.27
CA GLU M 1305 15.30 -14.15 72.92
C GLU M 1305 13.90 -13.63 73.09
N ARG M 1306 12.99 -14.50 73.52
CA ARG M 1306 11.60 -14.13 73.72
C ARG M 1306 11.27 -13.98 75.21
N ALA M 1307 11.51 -12.80 75.74
CA ALA M 1307 11.24 -12.52 77.16
C ALA M 1307 9.77 -12.20 77.39
N ASP M 1308 8.96 -13.25 77.56
CA ASP M 1308 7.54 -13.07 77.79
C ASP M 1308 7.27 -12.28 79.07
N GLU M 1309 7.21 -10.96 78.94
CA GLU M 1309 6.97 -10.08 80.08
C GLU M 1309 5.50 -9.73 80.21
N TRP M 1310 5.09 -9.34 81.40
CA TRP M 1310 3.70 -8.96 81.65
C TRP M 1310 3.47 -7.48 81.38
N VAL M 1311 2.24 -7.13 81.00
CA VAL M 1311 1.89 -5.75 80.71
C VAL M 1311 0.42 -5.48 80.98
N LEU M 1312 0.12 -4.27 81.43
CA LEU M 1312 -1.26 -3.89 81.73
C LEU M 1312 -1.90 -3.16 80.55
N GLU M 1313 -3.17 -3.46 80.30
CA GLU M 1313 -3.90 -2.85 79.19
C GLU M 1313 -4.98 -1.90 79.72
N THR M 1314 -4.65 -0.62 79.79
CA THR M 1314 -5.59 0.39 80.27
C THR M 1314 -6.96 0.21 79.63
N ASP M 1315 -7.89 1.09 80.00
CA ASP M 1315 -9.25 1.03 79.45
C ASP M 1315 -9.83 2.43 79.28
N GLY M 1316 -8.95 3.43 79.21
CA GLY M 1316 -9.37 4.80 79.05
C GLY M 1316 -8.38 5.80 79.63
N ILE M 1317 -8.52 7.06 79.25
CA ILE M 1317 -7.63 8.10 79.74
C ILE M 1317 -7.58 8.13 81.27
N ASN M 1318 -6.53 8.73 81.81
CA ASN M 1318 -5.49 9.34 80.99
C ASN M 1318 -4.09 8.96 81.46
N LEU M 1319 -3.08 9.55 80.82
CA LEU M 1319 -1.69 9.27 81.17
C LEU M 1319 -1.14 10.32 82.12
N THR M 1320 -0.12 11.03 81.68
CA THR M 1320 0.51 12.07 82.49
C THR M 1320 0.76 11.64 83.93
N GLU M 1321 -0.27 11.66 84.77
CA GLU M 1321 -0.14 11.18 86.14
C GLU M 1321 0.00 9.67 86.11
N ALA M 1322 0.40 9.15 84.96
CA ALA M 1322 0.41 7.72 84.78
C ALA M 1322 1.82 7.16 84.78
N MET M 1323 2.80 8.01 84.53
CA MET M 1323 4.20 7.57 84.59
C MET M 1323 4.76 7.94 85.96
N THR M 1324 4.03 8.77 86.71
CA THR M 1324 4.49 9.20 88.01
C THR M 1324 4.54 7.97 88.93
N VAL M 1325 3.95 6.88 88.45
CA VAL M 1325 3.84 5.64 89.21
C VAL M 1325 5.17 4.89 89.42
N GLU M 1326 5.20 3.97 90.37
CA GLU M 1326 6.40 3.17 90.60
C GLU M 1326 6.34 1.88 89.80
N GLY M 1327 6.84 1.90 88.58
CA GLY M 1327 6.79 0.69 87.78
C GLY M 1327 7.74 0.73 86.60
N VAL M 1328 7.34 1.45 85.56
CA VAL M 1328 5.99 1.99 85.50
C VAL M 1328 5.33 1.75 84.14
N ASP M 1329 6.02 2.04 83.03
CA ASP M 1329 7.40 2.56 82.99
C ASP M 1329 7.52 3.72 82.02
N ALA M 1330 8.11 4.82 82.49
CA ALA M 1330 8.08 6.09 81.76
C ALA M 1330 8.67 6.00 80.37
N THR M 1331 9.76 5.27 80.25
CA THR M 1331 10.45 5.17 78.98
C THR M 1331 9.62 4.45 77.91
N ARG M 1332 8.52 3.83 78.29
CA ARG M 1332 7.82 2.98 77.33
C ARG M 1332 6.29 3.06 77.34
N THR M 1333 5.70 3.87 78.20
CA THR M 1333 4.25 3.90 78.28
C THR M 1333 3.68 4.46 77.01
N TYR M 1334 2.49 3.96 76.65
CA TYR M 1334 1.90 4.21 75.35
C TYR M 1334 0.39 4.42 75.50
N SER M 1335 -0.23 5.05 74.51
CA SER M 1335 -1.67 5.21 74.55
C SER M 1335 -2.30 5.24 73.17
N ASN M 1336 -3.62 5.38 73.16
CA ASN M 1336 -4.40 5.36 71.94
C ASN M 1336 -4.95 6.73 71.59
N SER M 1337 -4.73 7.71 72.44
CA SER M 1337 -5.18 9.06 72.12
C SER M 1337 -3.99 9.94 71.79
N PHE M 1338 -3.73 10.06 70.50
CA PHE M 1338 -2.75 11.01 69.97
C PHE M 1338 -3.03 12.39 70.55
N VAL M 1339 -4.29 12.81 70.50
CA VAL M 1339 -4.72 14.03 71.16
C VAL M 1339 -3.78 14.27 72.33
N GLU M 1340 -3.72 13.30 73.25
CA GLU M 1340 -2.94 13.44 74.47
C GLU M 1340 -1.43 13.30 74.24
N ILE M 1341 -1.04 12.37 73.39
CA ILE M 1341 0.40 12.12 73.15
C ILE M 1341 1.11 13.39 72.68
N LEU M 1342 0.40 14.25 71.96
CA LEU M 1342 0.96 15.51 71.51
C LEU M 1342 1.09 16.48 72.67
N GLN M 1343 0.26 16.32 73.69
CA GLN M 1343 0.22 17.27 74.79
C GLN M 1343 1.25 16.89 75.84
N ILE M 1344 1.69 15.64 75.79
CA ILE M 1344 2.52 15.11 76.89
C ILE M 1344 3.84 14.45 76.49
N LEU M 1345 4.01 14.15 75.20
CA LEU M 1345 5.29 13.69 74.64
C LEU M 1345 5.86 14.73 73.70
N GLY M 1346 6.24 14.29 72.52
CA GLY M 1346 6.72 15.23 71.52
C GLY M 1346 5.65 15.44 70.46
N ILE M 1347 5.95 16.27 69.46
CA ILE M 1347 5.16 16.23 68.24
C ILE M 1347 5.72 15.14 67.36
N GLU M 1348 7.04 14.98 67.38
CA GLU M 1348 7.69 13.87 66.65
C GLU M 1348 7.21 12.55 67.20
N ALA M 1349 7.13 12.47 68.52
CA ALA M 1349 6.59 11.30 69.17
C ALA M 1349 5.27 10.95 68.53
N THR M 1350 4.39 11.93 68.42
CA THR M 1350 3.03 11.60 68.03
C THR M 1350 2.93 11.09 66.60
N ARG M 1351 3.89 11.45 65.77
CA ARG M 1351 3.92 10.92 64.42
C ARG M 1351 4.12 9.42 64.49
N SER M 1352 5.18 8.99 65.15
CA SER M 1352 5.41 7.56 65.35
C SER M 1352 4.15 6.85 65.84
N ALA M 1353 3.40 7.54 66.70
CA ALA M 1353 2.14 7.02 67.24
C ALA M 1353 1.15 6.70 66.13
N LEU M 1354 0.96 7.65 65.22
CA LEU M 1354 0.10 7.43 64.06
C LEU M 1354 0.54 6.21 63.27
N LEU M 1355 1.78 6.27 62.78
CA LEU M 1355 2.35 5.21 61.98
C LEU M 1355 2.01 3.87 62.61
N LYS M 1356 2.26 3.76 63.91
CA LYS M 1356 2.02 2.50 64.62
C LYS M 1356 0.54 2.18 64.64
N GLU M 1357 -0.28 3.20 64.90
CA GLU M 1357 -1.72 2.98 65.11
C GLU M 1357 -2.49 2.70 63.82
N LEU M 1358 -1.83 2.94 62.69
CA LEU M 1358 -2.39 2.68 61.37
C LEU M 1358 -1.98 1.30 60.91
N ARG M 1359 -0.74 0.92 61.22
CA ARG M 1359 -0.30 -0.43 60.97
C ARG M 1359 -1.25 -1.41 61.69
N ASN M 1360 -1.51 -1.16 62.96
CA ASN M 1360 -2.39 -2.01 63.75
C ASN M 1360 -3.82 -2.04 63.25
N VAL M 1361 -4.12 -1.22 62.24
CA VAL M 1361 -5.47 -1.18 61.66
C VAL M 1361 -5.59 -2.05 60.41
N ILE M 1362 -4.53 -2.01 59.59
CA ILE M 1362 -4.44 -2.77 58.35
C ILE M 1362 -3.19 -3.62 58.35
N GLU M 1363 -3.23 -4.72 59.09
CA GLU M 1363 -2.15 -5.68 59.03
C GLU M 1363 -2.64 -7.00 59.59
N PHE M 1364 -3.55 -6.91 60.56
CA PHE M 1364 -4.12 -8.10 61.18
C PHE M 1364 -5.51 -8.36 60.67
N ASP M 1365 -5.57 -9.28 59.71
CA ASP M 1365 -4.34 -9.96 59.26
C ASP M 1365 -4.04 -9.95 57.75
N GLY M 1366 -2.85 -10.47 57.44
CA GLY M 1366 -2.29 -10.55 56.10
C GLY M 1366 -2.67 -9.36 55.28
N SER M 1367 -1.93 -8.26 55.43
CA SER M 1367 -2.32 -7.03 54.74
C SER M 1367 -1.20 -6.25 54.04
N TYR M 1368 -1.49 -5.93 52.78
CA TYR M 1368 -0.69 -5.09 51.85
C TYR M 1368 0.00 -3.86 52.42
N VAL M 1369 1.09 -4.01 53.15
CA VAL M 1369 1.61 -2.83 53.80
C VAL M 1369 2.75 -2.20 53.01
N ASN M 1370 2.70 -0.87 52.81
CA ASN M 1370 3.95 -0.19 52.44
C ASN M 1370 4.41 0.96 53.32
N TYR M 1371 5.55 0.80 54.00
CA TYR M 1371 6.04 1.79 54.95
C TYR M 1371 6.11 3.20 54.38
N ARG M 1372 6.10 3.29 53.07
CA ARG M 1372 6.35 4.54 52.36
C ARG M 1372 5.12 5.44 52.41
N HIS M 1373 4.00 4.89 51.94
CA HIS M 1373 2.73 5.58 51.86
C HIS M 1373 2.17 5.81 53.26
N LEU M 1374 2.37 4.85 54.15
CA LEU M 1374 1.99 5.04 55.52
C LEU M 1374 2.79 6.21 56.01
N ALA M 1375 4.09 6.15 55.81
CA ALA M 1375 4.96 7.25 56.21
C ALA M 1375 4.38 8.60 55.77
N LEU M 1376 3.94 8.67 54.51
CA LEU M 1376 3.53 9.98 53.96
C LEU M 1376 2.28 10.52 54.66
N LEU M 1377 1.25 9.67 54.82
CA LEU M 1377 0.04 10.11 55.49
C LEU M 1377 0.44 10.75 56.83
N CYS M 1378 1.33 10.12 57.59
CA CYS M 1378 1.70 10.67 58.90
C CYS M 1378 2.31 12.06 58.79
N ASP M 1379 3.33 12.23 57.95
CA ASP M 1379 4.02 13.51 57.82
C ASP M 1379 3.06 14.62 57.44
N VAL M 1380 2.05 14.28 56.65
CA VAL M 1380 1.06 15.26 56.26
C VAL M 1380 0.24 15.69 57.45
N MET M 1381 -0.07 14.75 58.34
CA MET M 1381 -0.84 15.06 59.54
C MET M 1381 -0.05 15.92 60.51
N THR M 1382 1.17 15.46 60.83
CA THR M 1382 2.02 16.18 61.76
C THR M 1382 3.15 16.90 61.01
N SER M 1383 2.77 17.87 60.18
CA SER M 1383 3.74 18.63 59.41
C SER M 1383 3.54 20.13 59.59
N ARG M 1384 2.50 20.49 60.34
CA ARG M 1384 2.19 21.89 60.60
C ARG M 1384 1.93 22.13 62.08
N GLY M 1385 2.44 21.23 62.92
CA GLY M 1385 2.27 21.36 64.36
C GLY M 1385 1.05 20.59 64.86
N HIS M 1386 -0.07 21.30 64.97
CA HIS M 1386 -1.31 20.70 65.44
C HIS M 1386 -1.67 19.47 64.62
N LEU M 1387 -2.56 18.64 65.17
CA LEU M 1387 -2.99 17.42 64.49
C LEU M 1387 -4.12 17.71 63.51
N MET M 1388 -3.75 17.94 62.25
CA MET M 1388 -4.74 18.23 61.21
C MET M 1388 -5.52 16.99 60.83
N ALA M 1389 -6.80 16.95 61.22
CA ALA M 1389 -7.66 15.83 60.92
C ALA M 1389 -7.99 15.76 59.42
N ILE M 1390 -8.55 14.63 59.00
CA ILE M 1390 -8.91 14.44 57.60
C ILE M 1390 -10.37 14.05 57.45
N THR M 1391 -11.26 14.95 57.87
CA THR M 1391 -12.69 14.70 57.79
C THR M 1391 -13.21 14.85 56.36
N ARG M 1392 -14.37 14.27 56.08
CA ARG M 1392 -14.96 14.35 54.75
C ARG M 1392 -14.96 15.78 54.22
N HIS M 1393 -13.80 16.22 53.73
CA HIS M 1393 -13.66 17.57 53.20
C HIS M 1393 -12.22 17.85 52.80
N GLY M 1394 -11.28 17.47 53.66
CA GLY M 1394 -9.87 17.68 53.41
C GLY M 1394 -9.23 18.61 54.42
N ILE M 1395 -8.00 18.22 54.92
CA ILE M 1395 -7.27 19.01 55.90
C ILE M 1395 -7.82 20.43 55.98
N ASN M 1396 -8.51 20.73 57.08
CA ASN M 1396 -9.09 22.05 57.27
C ASN M 1396 -8.03 23.15 57.34
N ARG M 1397 -7.27 23.28 56.26
CA ARG M 1397 -6.21 24.28 56.18
C ARG M 1397 -6.73 25.57 55.55
N ALA M 1398 -5.92 26.17 54.69
CA ALA M 1398 -6.30 27.41 54.02
C ALA M 1398 -5.08 28.32 53.81
N GLU M 1399 -4.32 28.07 52.75
CA GLU M 1399 -3.15 28.86 52.44
C GLU M 1399 -2.92 28.92 50.93
N THR M 1400 -3.79 28.27 50.17
CA THR M 1400 -3.68 28.26 48.72
C THR M 1400 -4.87 28.94 48.06
N GLY M 1401 -5.31 30.05 48.66
CA GLY M 1401 -6.44 30.79 48.14
C GLY M 1401 -7.73 30.00 48.19
N ALA M 1402 -8.72 30.46 47.44
CA ALA M 1402 -10.03 29.79 47.39
C ALA M 1402 -10.09 28.81 46.23
N LEU M 1403 -10.04 29.33 45.01
CA LEU M 1403 -10.09 28.50 43.81
C LEU M 1403 -9.84 27.04 44.14
N MET M 1404 -8.73 26.78 44.84
CA MET M 1404 -8.37 25.41 45.22
C MET M 1404 -9.41 24.81 46.16
N ARG M 1405 -9.64 25.47 47.29
CA ARG M 1405 -10.61 24.99 48.27
C ARG M 1405 -11.94 24.67 47.60
N CYS M 1406 -12.41 25.56 46.75
CA CYS M 1406 -13.67 25.37 46.04
C CYS M 1406 -13.78 23.96 45.48
N SER M 1407 -12.62 23.33 45.26
CA SER M 1407 -12.59 21.98 44.72
C SER M 1407 -12.92 20.95 45.79
N PHE M 1408 -12.35 21.14 46.98
CA PHE M 1408 -12.59 20.23 48.10
C PHE M 1408 -14.06 20.23 48.50
N GLU M 1409 -14.79 21.25 48.08
CA GLU M 1409 -16.20 21.38 48.39
C GLU M 1409 -16.44 21.37 49.90
N GLU M 1410 -17.56 21.93 50.32
CA GLU M 1410 -18.54 22.51 49.38
C GLU M 1410 -18.22 23.97 49.11
N THR M 1411 -18.25 24.35 47.84
CA THR M 1411 -17.97 25.73 47.44
C THR M 1411 -18.90 26.71 48.15
N VAL M 1412 -19.36 27.72 47.41
CA VAL M 1412 -20.26 28.73 47.97
C VAL M 1412 -19.51 29.64 48.94
N GLU M 1413 -20.10 29.82 50.13
CA GLU M 1413 -19.50 30.67 51.15
C GLU M 1413 -18.08 31.05 50.78
N ILE M 1414 -17.19 30.07 50.72
CA ILE M 1414 -15.79 30.31 50.37
C ILE M 1414 -15.66 31.45 49.38
N LEU M 1415 -16.30 31.29 48.21
CA LEU M 1415 -16.25 32.31 47.18
C LEU M 1415 -17.01 33.56 47.59
N MET M 1416 -18.12 33.38 48.30
CA MET M 1416 -18.94 34.48 48.77
C MET M 1416 -18.20 35.30 49.82
N ASP M 1417 -17.21 34.70 50.45
CA ASP M 1417 -16.42 35.37 51.48
C ASP M 1417 -15.08 35.85 50.91
N ALA M 1418 -14.35 34.94 50.29
CA ALA M 1418 -13.05 35.26 49.71
C ALA M 1418 -13.17 36.41 48.72
N ALA M 1419 -14.32 36.51 48.07
CA ALA M 1419 -14.57 37.58 47.09
C ALA M 1419 -14.47 38.93 47.74
N ALA M 1420 -14.93 38.99 48.98
CA ALA M 1420 -14.91 40.22 49.75
C ALA M 1420 -13.52 40.51 50.28
N SER M 1421 -12.49 40.07 49.57
CA SER M 1421 -11.11 40.28 50.02
C SER M 1421 -10.05 40.10 48.92
N GLY M 1422 -10.48 39.73 47.72
CA GLY M 1422 -9.58 39.65 46.60
C GLY M 1422 -8.40 38.77 46.89
N GLU M 1423 -8.67 37.46 47.06
CA GLU M 1423 -7.65 36.49 47.42
C GLU M 1423 -6.94 35.93 46.20
N LYS M 1424 -5.65 36.27 46.09
CA LYS M 1424 -4.84 35.87 44.95
C LYS M 1424 -4.49 34.38 45.00
N ASP M 1425 -4.74 33.70 43.88
CA ASP M 1425 -4.47 32.27 43.76
C ASP M 1425 -3.38 31.98 42.76
N ASP M 1426 -2.15 31.81 43.23
CA ASP M 1426 -1.03 31.52 42.35
C ASP M 1426 -1.34 30.40 41.38
N CYS M 1427 -2.50 29.77 41.58
CA CYS M 1427 -2.96 28.67 40.73
C CYS M 1427 -1.90 27.58 40.59
N LYS M 1428 -1.01 27.53 41.59
CA LYS M 1428 -0.02 26.47 41.67
C LYS M 1428 -0.74 25.18 42.04
N GLY M 1429 -2.06 25.29 42.21
CA GLY M 1429 -2.90 24.15 42.53
C GLY M 1429 -2.99 23.12 41.41
N ILE M 1430 -3.57 21.97 41.72
CA ILE M 1430 -3.69 20.87 40.76
C ILE M 1430 -5.13 20.54 40.40
N SER M 1431 -6.06 20.93 41.27
CA SER M 1431 -7.49 20.82 41.01
C SER M 1431 -8.00 22.20 40.57
N GLU M 1432 -7.41 23.23 41.15
CA GLU M 1432 -7.67 24.58 40.70
C GLU M 1432 -7.31 24.60 39.23
N ASN M 1433 -6.31 23.82 38.88
CA ASN M 1433 -5.72 23.87 37.54
C ASN M 1433 -6.56 23.09 36.53
N ILE M 1434 -6.97 21.88 36.91
CA ILE M 1434 -7.86 21.08 36.08
C ILE M 1434 -9.25 21.71 36.06
N MET M 1435 -9.33 22.98 36.43
CA MET M 1435 -10.61 23.64 36.51
C MET M 1435 -10.67 24.61 35.35
N LEU M 1436 -9.49 25.04 34.91
CA LEU M 1436 -9.37 26.11 33.92
C LEU M 1436 -8.98 25.55 32.57
N GLY M 1437 -8.44 24.34 32.56
CA GLY M 1437 -8.09 23.71 31.30
C GLY M 1437 -6.66 23.99 30.93
N GLN M 1438 -6.01 24.88 31.67
CA GLN M 1438 -4.57 25.02 31.52
C GLN M 1438 -4.01 23.64 31.83
N LEU M 1439 -2.89 23.28 31.20
CA LEU M 1439 -2.28 21.97 31.41
C LEU M 1439 -1.70 21.88 32.81
N ALA M 1440 -2.09 20.82 33.51
CA ALA M 1440 -1.79 20.69 34.93
C ALA M 1440 -0.43 20.08 35.16
N PRO M 1441 0.25 20.46 36.26
CA PRO M 1441 1.56 19.91 36.65
C PRO M 1441 1.52 18.49 37.23
N MET M 1442 0.70 17.64 36.61
CA MET M 1442 0.58 16.23 36.99
C MET M 1442 1.77 15.39 36.53
N GLY M 1443 2.95 15.61 37.10
CA GLY M 1443 4.08 14.77 36.75
C GLY M 1443 4.54 14.99 35.31
N THR M 1444 3.71 14.60 34.36
CA THR M 1444 4.10 14.70 32.95
C THR M 1444 3.64 16.03 32.44
N GLY M 1445 3.37 16.92 33.37
CA GLY M 1445 2.97 18.26 33.02
C GLY M 1445 3.67 19.22 33.95
N ALA M 1446 4.62 18.78 34.92
CA ALA M 1446 5.37 19.58 35.87
C ALA M 1446 6.68 19.97 35.26
N PHE M 1447 6.66 20.25 33.97
CA PHE M 1447 7.80 20.83 33.30
C PHE M 1447 7.43 21.30 31.92
N ASP M 1448 8.24 22.20 31.37
CA ASP M 1448 7.97 22.71 30.04
C ASP M 1448 9.06 22.27 29.07
N ILE M 1449 8.86 22.56 27.80
CA ILE M 1449 9.82 22.19 26.76
C ILE M 1449 10.05 23.34 25.78
N TYR M 1450 11.21 23.34 25.14
CA TYR M 1450 11.57 24.37 24.18
C TYR M 1450 12.09 23.77 22.89
N LEU M 1451 13.36 24.03 22.59
CA LEU M 1451 13.99 23.52 21.38
C LEU M 1451 15.50 23.72 21.41
N ASP M 1452 16.23 22.69 21.00
CA ASP M 1452 17.69 22.75 20.98
C ASP M 1452 18.20 23.26 19.64
N GLN M 1453 17.77 24.46 19.27
CA GLN M 1453 18.18 25.07 18.01
C GLN M 1453 19.67 24.84 17.75
N ASP M 1454 20.46 24.84 18.82
CA ASP M 1454 21.90 24.62 18.70
C ASP M 1454 22.21 23.38 17.86
N MET M 1455 21.48 22.30 18.11
CA MET M 1455 21.68 21.07 17.38
C MET M 1455 21.34 21.23 15.90
N LEU M 1456 20.21 21.88 15.62
CA LEU M 1456 19.78 22.12 14.25
C LEU M 1456 20.74 23.03 13.51
N MET M 1457 21.40 23.92 14.25
CA MET M 1457 22.35 24.86 13.66
C MET M 1457 23.63 24.15 13.24
N ASN M 1458 24.50 23.87 14.20
CA ASN M 1458 25.76 23.19 13.93
C ASN M 1458 25.56 21.80 13.34
N TYR M 1459 24.33 21.29 13.45
CA TYR M 1459 24.01 19.97 12.92
C TYR M 1459 25.00 19.54 11.85
N MET M 1491 27.84 50.05 15.08
CA MET M 1491 28.82 51.03 15.57
C MET M 1491 28.40 52.44 15.22
N VAL M 1492 28.61 52.83 13.96
CA VAL M 1492 28.25 54.17 13.51
C VAL M 1492 26.89 54.60 14.06
N ASP M 1493 25.91 53.72 13.93
CA ASP M 1493 24.56 54.00 14.42
C ASP M 1493 24.57 54.35 15.91
N SER M 1494 25.29 53.55 16.68
CA SER M 1494 25.39 53.77 18.12
C SER M 1494 26.01 55.13 18.43
N GLY M 1495 26.97 55.53 17.60
CA GLY M 1495 27.66 56.80 17.78
C GLY M 1495 26.74 57.99 17.55
N PHE M 1496 25.85 57.86 16.56
CA PHE M 1496 24.91 58.92 16.23
C PHE M 1496 23.92 59.15 17.36
N VAL M 1497 23.40 58.07 17.92
CA VAL M 1497 22.44 58.14 19.01
C VAL M 1497 23.11 58.57 20.31
N GLY M 1498 24.43 58.71 20.26
CA GLY M 1498 25.20 59.11 21.42
C GLY M 1498 26.56 58.43 21.48
N SER M 1499 26.91 57.95 22.67
CA SER M 1499 26.05 58.06 23.84
C SER M 1499 26.03 59.48 24.39
N PRO M 1500 24.86 60.10 24.37
CA PRO M 1500 24.71 61.47 24.87
C PRO M 1500 24.07 61.51 26.26
N ASP M 1501 22.84 61.02 26.36
CA ASP M 1501 22.12 61.00 27.62
C ASP M 1501 23.04 61.43 28.78
N ALA M 1502 22.85 62.66 29.24
CA ALA M 1502 23.66 63.21 30.33
C ALA M 1502 24.04 62.11 31.32
N ALA M 1503 23.21 61.07 31.40
CA ALA M 1503 23.46 59.96 32.30
C ALA M 1503 24.76 59.25 31.96
N ALA M 1504 25.20 59.40 30.72
CA ALA M 1504 26.44 58.78 30.26
C ALA M 1504 27.66 59.50 30.80
N PHE M 1505 27.55 60.81 30.96
CA PHE M 1505 28.63 61.62 31.48
C PHE M 1505 28.79 61.46 32.99
N SER M 1506 27.67 61.19 33.65
CA SER M 1506 27.68 61.00 35.10
C SER M 1506 28.42 59.74 35.50
N PRO M 1507 28.20 58.66 34.73
CA PRO M 1507 28.85 57.38 35.00
C PRO M 1507 30.37 57.49 34.94
N LEU M 1508 30.88 58.08 33.87
CA LEU M 1508 32.32 58.25 33.71
C LEU M 1508 32.93 59.00 34.89
N GLU N 10 -52.90 -45.79 61.41
CA GLU N 10 -52.71 -44.67 62.33
C GLU N 10 -51.23 -44.44 62.59
N THR N 11 -50.66 -43.43 61.92
CA THR N 11 -49.25 -43.07 62.11
C THR N 11 -48.99 -41.72 61.44
N LEU N 12 -49.47 -41.59 60.21
CA LEU N 12 -49.29 -40.38 59.41
C LEU N 12 -47.95 -40.32 58.70
N THR N 13 -47.99 -40.22 57.37
CA THR N 13 -46.78 -40.13 56.55
C THR N 13 -46.69 -38.76 55.90
N GLN N 14 -45.47 -38.39 55.45
CA GLN N 14 -45.20 -37.08 54.85
C GLN N 14 -45.92 -36.82 53.53
N GLU N 15 -46.03 -37.83 52.66
CA GLU N 15 -46.68 -37.65 51.36
C GLU N 15 -48.14 -37.21 51.50
N ASP N 16 -48.65 -37.34 52.72
CA ASP N 16 -50.01 -36.96 53.05
C ASP N 16 -50.08 -35.46 53.28
N CYS N 17 -49.07 -34.89 53.95
CA CYS N 17 -49.10 -33.47 54.28
C CYS N 17 -49.36 -32.61 53.07
N TRP N 18 -48.76 -32.99 51.94
CA TRP N 18 -48.89 -32.22 50.72
C TRP N 18 -50.34 -32.32 50.29
N THR N 19 -50.91 -33.51 50.47
CA THR N 19 -52.24 -33.75 49.97
C THR N 19 -53.25 -32.92 50.78
N VAL N 20 -52.76 -32.33 51.88
CA VAL N 20 -53.50 -31.37 52.72
C VAL N 20 -53.31 -29.94 52.24
N ILE N 21 -52.05 -29.55 52.09
CA ILE N 21 -51.69 -28.17 51.78
C ILE N 21 -51.97 -27.88 50.31
N SER N 22 -52.33 -28.91 49.55
CA SER N 22 -52.80 -28.69 48.20
C SER N 22 -54.20 -28.12 48.27
N SER N 23 -54.96 -28.56 49.27
CA SER N 23 -56.32 -28.07 49.46
C SER N 23 -56.30 -26.57 49.72
N PHE N 24 -55.38 -26.13 50.55
CA PHE N 24 -55.23 -24.70 50.84
C PHE N 24 -55.12 -23.85 49.57
N PHE N 25 -54.40 -24.33 48.57
CA PHE N 25 -54.20 -23.59 47.33
C PHE N 25 -55.31 -23.84 46.33
N GLU N 26 -56.24 -24.74 46.67
CA GLU N 26 -57.37 -25.00 45.79
C GLU N 26 -58.37 -23.87 45.97
N GLU N 27 -58.54 -23.42 47.21
CA GLU N 27 -59.50 -22.37 47.54
C GLU N 27 -58.82 -21.03 47.77
N THR N 28 -57.92 -20.99 48.73
CA THR N 28 -57.22 -19.75 49.11
C THR N 28 -56.40 -19.15 47.96
N SER N 29 -55.83 -19.99 47.12
CA SER N 29 -55.06 -19.50 45.97
C SER N 29 -53.97 -18.54 46.42
N LEU N 30 -53.20 -18.02 45.46
CA LEU N 30 -52.13 -17.10 45.76
C LEU N 30 -52.69 -15.70 45.76
N ALA N 31 -51.99 -14.78 46.42
CA ALA N 31 -52.37 -13.38 46.43
C ALA N 31 -53.75 -13.17 47.02
N ARG N 32 -54.35 -14.26 47.49
CA ARG N 32 -55.68 -14.28 48.06
C ARG N 32 -55.98 -13.02 48.84
N GLN N 33 -55.07 -12.63 49.72
CA GLN N 33 -55.25 -11.40 50.45
C GLN N 33 -54.54 -10.25 49.79
N GLN N 34 -55.28 -9.45 49.05
CA GLN N 34 -54.70 -8.30 48.39
C GLN N 34 -55.67 -7.30 47.75
N LEU N 35 -56.74 -7.69 47.02
CA LEU N 35 -57.23 -9.04 46.67
C LEU N 35 -58.25 -9.58 47.66
N PHE N 36 -58.26 -9.00 48.85
CA PHE N 36 -59.20 -9.38 49.91
C PHE N 36 -59.19 -8.28 50.94
N SER N 37 -58.02 -7.68 51.16
CA SER N 37 -57.97 -6.51 52.01
C SER N 37 -58.62 -5.34 51.30
N PHE N 38 -59.06 -5.60 50.07
CA PHE N 38 -59.79 -4.63 49.30
C PHE N 38 -61.20 -5.16 49.02
N ASP N 39 -61.35 -6.47 49.04
CA ASP N 39 -62.67 -7.06 48.91
C ASP N 39 -63.52 -6.63 50.09
N GLU N 40 -62.90 -5.92 51.03
CA GLU N 40 -63.57 -5.49 52.24
C GLU N 40 -63.32 -4.01 52.48
N PHE N 41 -64.02 -3.19 51.73
CA PHE N 41 -63.74 -1.78 51.74
C PHE N 41 -64.94 -0.81 51.68
N VAL N 42 -66.02 -1.07 50.91
CA VAL N 42 -66.33 -2.27 50.11
C VAL N 42 -66.73 -3.53 50.89
N GLN N 43 -67.96 -3.56 51.42
CA GLN N 43 -68.94 -2.48 51.26
C GLN N 43 -68.44 -1.11 51.70
N ASN N 44 -67.87 -0.99 52.90
CA ASN N 44 -67.84 -2.02 53.93
C ASN N 44 -67.75 -1.35 55.28
N THR N 45 -66.51 -1.04 55.68
CA THR N 45 -66.26 -0.27 56.88
C THR N 45 -66.39 1.19 56.52
N MET N 46 -66.35 1.45 55.21
CA MET N 46 -66.36 2.82 54.69
C MET N 46 -67.70 3.60 54.85
N GLN N 47 -68.82 2.87 54.80
CA GLN N 47 -70.13 3.51 54.98
C GLN N 47 -70.32 4.07 56.39
N GLU N 48 -69.48 3.63 57.32
CA GLU N 48 -69.54 4.11 58.71
C GLU N 48 -68.57 5.28 58.94
N ILE N 49 -67.52 5.33 58.12
CA ILE N 49 -66.53 6.41 58.24
C ILE N 49 -67.05 7.73 57.68
N VAL N 50 -67.99 7.64 56.74
CA VAL N 50 -68.64 8.83 56.20
C VAL N 50 -69.68 9.35 57.18
N ASP N 51 -70.03 8.53 58.16
CA ASP N 51 -71.05 8.88 59.14
C ASP N 51 -70.41 9.52 60.37
N ASP N 52 -69.08 9.46 60.46
CA ASP N 52 -68.35 10.05 61.59
C ASP N 52 -68.34 11.57 61.48
N ASP N 53 -68.51 12.08 60.25
CA ASP N 53 -68.55 13.51 60.01
C ASP N 53 -69.60 13.87 58.95
N SER N 54 -70.82 13.35 59.13
CA SER N 54 -71.91 13.63 58.22
C SER N 54 -72.78 14.76 58.76
N THR N 55 -72.15 15.89 59.07
CA THR N 55 -72.83 17.03 59.65
C THR N 55 -72.44 18.34 58.95
N LEU N 56 -73.32 19.33 58.99
CA LEU N 56 -73.08 20.63 58.35
C LEU N 56 -74.29 21.56 58.53
N THR N 57 -74.09 22.69 59.21
CA THR N 57 -75.18 23.65 59.43
C THR N 57 -75.81 24.14 58.14
N ILE N 77 -77.67 18.98 55.70
CA ILE N 77 -76.73 18.24 54.86
C ILE N 77 -76.17 17.01 55.58
N ASN N 78 -76.84 15.88 55.41
CA ASN N 78 -76.40 14.64 56.04
C ASN N 78 -76.08 13.58 55.00
N PHE N 79 -75.14 12.70 55.35
CA PHE N 79 -74.68 11.65 54.46
C PHE N 79 -75.28 10.29 54.83
N GLY N 80 -75.85 9.60 53.84
CA GLY N 80 -76.50 8.33 54.07
C GLY N 80 -75.65 7.10 53.73
N GLN N 81 -76.32 5.98 53.50
CA GLN N 81 -75.61 4.81 53.01
C GLN N 81 -75.32 5.06 51.55
N ILE N 82 -74.41 4.28 50.98
CA ILE N 82 -74.02 4.53 49.60
C ILE N 82 -74.26 3.35 48.67
N TYR N 83 -75.03 3.59 47.61
CA TYR N 83 -75.32 2.55 46.63
C TYR N 83 -74.06 2.03 45.95
N LEU N 84 -73.95 0.70 45.87
CA LEU N 84 -72.83 0.03 45.25
C LEU N 84 -73.06 -0.07 43.75
N SER N 85 -72.13 0.46 42.95
CA SER N 85 -72.31 0.45 41.49
C SER N 85 -71.11 -0.12 40.74
N ARG N 86 -71.39 -0.97 39.75
CA ARG N 86 -70.34 -1.58 38.95
C ARG N 86 -69.67 -0.58 38.02
N PRO N 87 -68.39 -0.84 37.70
CA PRO N 87 -67.48 0.01 36.92
C PRO N 87 -67.99 0.29 35.54
N THR N 88 -68.29 1.54 35.23
CA THR N 88 -68.87 1.90 33.95
C THR N 88 -68.06 2.97 33.23
N MET N 89 -68.57 3.42 32.09
CA MET N 89 -67.98 4.59 31.44
C MET N 89 -69.03 5.45 30.75
N THR N 90 -68.85 6.76 30.88
CA THR N 90 -69.73 7.71 30.24
C THR N 90 -68.87 8.69 29.45
N GLU N 91 -69.24 8.95 28.21
CA GLU N 91 -68.46 9.81 27.33
C GLU N 91 -69.35 10.56 26.34
N ALA N 92 -68.81 11.65 25.79
CA ALA N 92 -69.53 12.45 24.82
C ALA N 92 -69.74 11.69 23.53
N ASP N 93 -70.81 12.02 22.82
CA ASP N 93 -71.11 11.38 21.54
C ASP N 93 -71.00 9.86 21.68
N GLY N 94 -71.24 9.39 22.88
CA GLY N 94 -71.20 7.96 23.15
C GLY N 94 -72.40 7.61 23.99
N SER N 95 -72.17 6.80 25.02
CA SER N 95 -73.25 6.32 25.84
C SER N 95 -72.76 5.71 27.15
N THR N 96 -73.68 5.05 27.85
CA THR N 96 -73.37 4.42 29.13
C THR N 96 -73.16 2.92 28.96
N THR N 97 -71.95 2.52 28.60
CA THR N 97 -71.62 1.09 28.57
C THR N 97 -70.54 0.76 29.59
N THR N 98 -70.80 -0.26 30.39
CA THR N 98 -69.90 -0.67 31.45
C THR N 98 -68.55 -0.98 30.85
N MET N 99 -67.53 -1.07 31.70
CA MET N 99 -66.19 -1.43 31.24
C MET N 99 -66.08 -2.95 31.03
N PHE N 100 -65.24 -3.37 30.10
CA PHE N 100 -64.90 -4.77 29.99
C PHE N 100 -63.39 -4.82 29.85
N PRO N 101 -62.65 -4.81 30.96
CA PRO N 101 -61.19 -4.96 30.83
C PRO N 101 -60.89 -6.42 30.52
N GLN N 102 -59.72 -6.71 29.96
CA GLN N 102 -58.69 -5.72 29.73
C GLN N 102 -58.85 -5.10 28.34
N GLU N 103 -59.98 -5.37 27.68
CA GLU N 103 -60.30 -4.70 26.42
C GLU N 103 -60.25 -3.18 26.60
N ALA N 104 -60.26 -2.74 27.86
CA ALA N 104 -60.01 -1.36 28.18
C ALA N 104 -58.50 -1.24 28.26
N ARG N 105 -57.99 -0.71 29.38
CA ARG N 105 -56.54 -0.51 29.52
C ARG N 105 -55.99 0.33 28.40
N LEU N 106 -55.82 -0.29 27.22
CA LEU N 106 -55.16 0.34 26.06
C LEU N 106 -55.83 1.64 25.64
N ARG N 107 -57.13 1.77 25.90
CA ARG N 107 -57.80 3.04 25.76
C ARG N 107 -57.32 3.98 26.89
N ASN N 108 -56.15 3.68 27.45
CA ASN N 108 -55.63 4.38 28.64
C ASN N 108 -56.69 4.76 29.67
N LEU N 109 -57.77 3.98 29.72
CA LEU N 109 -58.91 4.27 30.58
C LEU N 109 -58.63 3.83 32.01
N THR N 110 -59.00 4.69 32.97
CA THR N 110 -58.93 4.32 34.37
C THR N 110 -60.14 3.47 34.74
N TYR N 111 -59.90 2.43 35.52
CA TYR N 111 -60.90 1.41 35.82
C TYR N 111 -61.60 1.60 37.17
N SER N 112 -62.49 2.58 37.23
CA SER N 112 -63.22 2.89 38.45
C SER N 112 -64.73 2.73 38.27
N SER N 113 -65.46 2.94 39.36
CA SER N 113 -66.91 3.03 39.32
C SER N 113 -67.37 4.22 40.15
N PRO N 114 -68.59 4.71 39.90
CA PRO N 114 -69.03 5.94 40.54
C PRO N 114 -69.57 5.66 41.93
N LEU N 115 -69.34 6.58 42.85
CA LEU N 115 -69.98 6.51 44.15
C LEU N 115 -71.27 7.31 44.20
N TYR N 116 -72.26 6.78 44.90
CA TYR N 116 -73.53 7.44 45.00
C TYR N 116 -74.00 7.42 46.44
N VAL N 117 -73.91 8.57 47.11
CA VAL N 117 -74.31 8.68 48.50
C VAL N 117 -75.59 9.50 48.65
N ASP N 118 -76.56 8.92 49.34
CA ASP N 118 -77.84 9.58 49.58
C ASP N 118 -77.65 10.80 50.47
N MET N 119 -77.95 11.97 49.92
CA MET N 119 -77.76 13.21 50.65
C MET N 119 -79.07 13.72 51.22
N ARG N 120 -79.01 14.39 52.36
CA ARG N 120 -80.21 14.86 53.03
C ARG N 120 -80.23 16.38 53.19
N LYS N 121 -81.26 17.01 52.63
CA LYS N 121 -81.45 18.44 52.76
C LYS N 121 -82.58 18.81 53.73
N GLU N 143 -86.65 19.62 53.68
CA GLU N 143 -86.63 18.16 53.72
C GLU N 143 -87.81 17.57 52.95
N ASP N 144 -87.52 16.65 52.05
CA ASP N 144 -88.52 16.10 51.15
C ASP N 144 -88.64 14.57 51.25
N GLU N 145 -88.63 14.06 52.46
CA GLU N 145 -88.82 12.63 52.71
C GLU N 145 -87.73 11.78 52.06
N GLU N 146 -87.75 11.74 50.73
CA GLU N 146 -86.78 10.98 49.96
C GLU N 146 -85.42 11.69 49.96
N PRO N 147 -84.34 10.91 49.85
CA PRO N 147 -82.94 11.37 49.86
C PRO N 147 -82.56 12.21 48.63
N SER N 148 -81.64 11.71 47.81
CA SER N 148 -81.21 12.46 46.63
C SER N 148 -80.32 11.69 45.63
N LYS N 149 -79.74 10.56 46.04
CA LYS N 149 -78.89 9.73 45.18
C LYS N 149 -77.95 10.51 44.25
N VAL N 150 -77.08 11.34 44.83
CA VAL N 150 -76.18 12.15 44.03
C VAL N 150 -74.78 11.53 43.91
N PHE N 151 -74.14 11.74 42.75
CA PHE N 151 -72.81 11.21 42.43
C PHE N 151 -71.67 12.00 43.09
N ILE N 152 -70.74 11.27 43.71
CA ILE N 152 -69.64 11.90 44.44
C ILE N 152 -68.29 11.34 44.01
N GLY N 153 -67.73 11.84 42.92
CA GLY N 153 -66.45 11.36 42.44
C GLY N 153 -66.41 9.88 42.11
N LYS N 154 -65.26 9.39 41.65
CA LYS N 154 -65.14 7.99 41.25
C LYS N 154 -64.02 7.23 41.96
N ILE N 155 -64.29 5.97 42.29
CA ILE N 155 -63.34 5.10 43.02
C ILE N 155 -62.85 3.91 42.18
N PRO N 156 -61.51 3.80 41.95
CA PRO N 156 -60.84 2.81 41.10
C PRO N 156 -60.89 1.42 41.67
N ILE N 157 -61.50 0.49 40.96
CA ILE N 157 -61.72 -0.87 41.45
C ILE N 157 -60.51 -1.76 41.19
N MET N 158 -60.32 -2.74 42.05
CA MET N 158 -59.23 -3.70 41.93
C MET N 158 -59.67 -5.00 41.28
N LEU N 159 -59.02 -5.34 40.16
CA LEU N 159 -59.39 -6.49 39.36
C LEU N 159 -59.52 -7.78 40.16
N ARG N 160 -60.54 -8.56 39.81
CA ARG N 160 -60.87 -9.80 40.50
C ARG N 160 -61.12 -9.61 42.00
N SER N 161 -62.29 -9.04 42.30
CA SER N 161 -62.69 -8.79 43.68
C SER N 161 -64.09 -9.30 43.90
N THR N 162 -64.61 -9.03 45.09
CA THR N 162 -65.99 -9.38 45.42
C THR N 162 -66.94 -8.57 44.54
N PHE N 163 -66.57 -7.30 44.29
CA PHE N 163 -67.36 -6.44 43.41
C PHE N 163 -66.57 -6.06 42.14
N CYS N 164 -66.04 -7.05 41.42
CA CYS N 164 -65.39 -6.79 40.13
C CYS N 164 -66.22 -7.35 38.98
N ILE N 165 -65.74 -7.16 37.75
CA ILE N 165 -66.52 -7.55 36.59
C ILE N 165 -66.35 -9.02 36.27
N LEU N 166 -65.56 -9.71 37.09
CA LEU N 166 -65.21 -11.09 36.81
C LEU N 166 -65.54 -12.03 37.96
N ASN N 167 -64.77 -11.92 39.03
CA ASN N 167 -65.06 -12.70 40.22
C ASN N 167 -65.43 -14.14 39.86
N GLY N 168 -66.73 -14.42 39.81
CA GLY N 168 -67.22 -15.75 39.51
C GLY N 168 -67.39 -16.00 38.03
N VAL N 169 -66.26 -16.01 37.31
CA VAL N 169 -66.28 -16.33 35.89
C VAL N 169 -65.43 -17.57 35.59
N SER N 170 -66.02 -18.56 34.92
CA SER N 170 -65.34 -19.82 34.64
C SER N 170 -64.19 -19.66 33.64
N ASP N 171 -63.18 -20.50 33.75
CA ASP N 171 -62.03 -20.41 32.86
C ASP N 171 -62.45 -20.26 31.40
N SER N 172 -63.29 -21.17 30.92
CA SER N 172 -63.68 -21.17 29.52
C SER N 172 -64.28 -19.83 29.07
N GLU N 173 -64.69 -19.01 30.03
CA GLU N 173 -65.33 -17.72 29.72
C GLU N 173 -64.39 -16.53 29.94
N LEU N 174 -63.22 -16.79 30.54
CA LEU N 174 -62.24 -15.73 30.74
C LEU N 174 -61.57 -15.36 29.42
N TYR N 175 -61.32 -16.38 28.61
CA TYR N 175 -60.71 -16.19 27.31
C TYR N 175 -61.55 -15.26 26.43
N ASP N 176 -62.83 -15.58 26.28
CA ASP N 176 -63.73 -14.79 25.45
C ASP N 176 -63.48 -13.32 25.66
N LEU N 177 -63.13 -12.97 26.89
CA LEU N 177 -62.92 -11.58 27.27
C LEU N 177 -61.47 -11.10 27.08
N ASN N 178 -60.62 -11.94 26.50
CA ASN N 178 -59.20 -11.61 26.35
C ASN N 178 -58.52 -11.48 27.69
N GLU N 179 -58.75 -12.44 28.58
CA GLU N 179 -58.08 -12.44 29.88
C GLU N 179 -57.21 -13.66 29.95
N CYS N 180 -56.59 -13.88 31.10
CA CYS N 180 -55.76 -15.08 31.29
C CYS N 180 -55.97 -15.81 32.62
N PRO N 181 -56.60 -16.98 32.55
CA PRO N 181 -56.95 -17.83 33.70
C PRO N 181 -55.86 -17.88 34.77
N TYR N 182 -54.70 -17.32 34.49
CA TYR N 182 -53.62 -17.38 35.45
C TYR N 182 -53.53 -16.10 36.25
N ASP N 183 -53.97 -14.99 35.65
CA ASP N 183 -53.97 -13.72 36.36
C ASP N 183 -54.59 -13.98 37.72
N GLN N 184 -54.05 -13.38 38.76
CA GLN N 184 -54.65 -13.57 40.08
C GLN N 184 -55.10 -12.25 40.69
N GLY N 185 -55.31 -11.25 39.84
CA GLY N 185 -55.69 -9.94 40.28
C GLY N 185 -54.60 -9.37 41.15
N GLY N 186 -54.95 -8.40 41.96
CA GLY N 186 -54.01 -7.82 42.91
C GLY N 186 -53.69 -6.37 42.57
N TYR N 187 -54.02 -6.00 41.33
CA TYR N 187 -53.59 -4.75 40.74
C TYR N 187 -54.73 -3.84 40.29
N PHE N 188 -54.38 -2.58 40.07
CA PHE N 188 -55.30 -1.60 39.48
C PHE N 188 -54.84 -1.14 38.10
N ILE N 189 -55.80 -0.83 37.23
CA ILE N 189 -55.42 -0.37 35.90
C ILE N 189 -55.80 1.08 35.71
N ILE N 190 -55.25 1.94 36.54
CA ILE N 190 -55.48 3.38 36.46
C ILE N 190 -54.66 4.05 35.35
N ASN N 191 -55.31 4.88 34.53
CA ASN N 191 -54.67 5.54 33.39
C ASN N 191 -54.11 4.58 32.32
N GLY N 192 -54.51 3.33 32.37
CA GLY N 192 -54.19 2.37 31.32
C GLY N 192 -53.09 1.39 31.67
N SER N 193 -52.46 1.60 32.81
CA SER N 193 -51.32 0.76 33.18
C SER N 193 -51.55 0.13 34.53
N GLU N 194 -51.09 -1.12 34.69
CA GLU N 194 -51.15 -1.83 35.98
C GLU N 194 -50.51 -1.01 37.09
N LYS N 195 -51.13 -0.98 38.26
CA LYS N 195 -50.40 -0.54 39.44
C LYS N 195 -50.71 -1.53 40.55
N VAL N 196 -49.79 -1.69 41.50
CA VAL N 196 -50.01 -2.62 42.59
C VAL N 196 -49.66 -1.95 43.89
N ILE N 197 -50.61 -1.86 44.80
CA ILE N 197 -50.27 -1.24 46.06
C ILE N 197 -49.31 -2.17 46.75
N ILE N 198 -48.46 -1.62 47.60
CA ILE N 198 -47.49 -2.44 48.31
C ILE N 198 -47.57 -2.19 49.80
N ALA N 199 -47.43 -3.26 50.58
CA ALA N 199 -47.58 -3.15 52.03
C ALA N 199 -46.69 -2.07 52.65
N GLN N 200 -46.57 -2.14 53.97
CA GLN N 200 -45.72 -1.23 54.74
C GLN N 200 -45.66 -1.69 56.20
N GLU N 201 -44.56 -1.35 56.90
CA GLU N 201 -44.40 -1.79 58.28
C GLU N 201 -43.97 -0.61 59.13
N ARG N 202 -44.93 0.08 59.76
CA ARG N 202 -44.54 1.22 60.58
C ARG N 202 -44.38 0.78 62.03
N SER N 203 -45.39 1.03 62.84
CA SER N 203 -45.31 0.75 64.25
C SER N 203 -46.07 -0.53 64.50
N ALA N 204 -46.79 -0.51 65.62
CA ALA N 204 -47.70 -1.57 65.99
C ALA N 204 -48.93 -0.94 66.63
N ALA N 205 -48.69 -0.04 67.58
CA ALA N 205 -49.73 0.57 68.40
C ALA N 205 -49.97 -0.26 69.66
N ASN N 206 -50.82 0.27 70.54
CA ASN N 206 -51.28 -0.47 71.71
C ASN N 206 -50.18 -1.19 72.53
N ILE N 207 -48.95 -0.69 72.46
CA ILE N 207 -47.86 -1.17 73.31
C ILE N 207 -47.54 -0.10 74.38
N VAL N 208 -47.21 -0.46 75.62
CA VAL N 208 -46.79 -1.79 76.07
C VAL N 208 -45.44 -2.11 75.46
N GLN N 209 -44.61 -1.07 75.36
CA GLN N 209 -43.28 -1.23 74.78
C GLN N 209 -42.22 -0.38 75.49
N VAL N 210 -41.30 -1.04 76.18
CA VAL N 210 -40.24 -0.35 76.89
C VAL N 210 -39.50 0.62 75.98
N PHE N 211 -38.54 0.11 75.22
CA PHE N 211 -37.75 0.92 74.31
C PHE N 211 -37.04 2.06 75.06
N LYS N 212 -35.77 1.85 75.36
CA LYS N 212 -34.97 2.84 76.06
C LYS N 212 -34.03 3.58 75.11
N LYS N 213 -32.93 4.08 75.65
CA LYS N 213 -31.94 4.80 74.84
C LYS N 213 -30.77 5.28 75.70
N ALA N 214 -29.78 5.88 75.05
CA ALA N 214 -28.60 6.37 75.75
C ALA N 214 -27.40 6.46 74.81
N ALA N 215 -26.50 7.39 75.09
CA ALA N 215 -26.66 8.29 76.22
C ALA N 215 -26.07 9.68 75.92
N PRO N 216 -26.53 10.28 74.82
CA PRO N 216 -26.04 11.60 74.43
C PRO N 216 -25.39 12.34 75.59
N SER N 217 -26.12 12.50 76.69
CA SER N 217 -27.48 11.97 76.79
C SER N 217 -28.40 12.94 77.52
N PRO N 218 -29.59 13.13 77.18
CA PRO N 218 -30.59 14.00 77.80
C PRO N 218 -31.50 13.22 78.75
N ILE N 219 -32.25 12.27 78.21
CA ILE N 219 -33.16 11.46 79.01
C ILE N 219 -32.51 10.14 79.41
N ALA N 220 -33.33 9.20 79.87
CA ALA N 220 -32.84 7.89 80.28
C ALA N 220 -33.99 6.97 80.67
N TYR N 221 -34.58 6.31 79.68
CA TYR N 221 -35.69 5.40 79.91
C TYR N 221 -37.00 5.97 79.39
N VAL N 222 -37.45 5.46 78.25
CA VAL N 222 -38.69 5.93 77.64
C VAL N 222 -39.79 4.87 77.67
N ALA N 223 -41.01 5.32 77.42
CA ALA N 223 -42.18 4.43 77.40
C ALA N 223 -43.15 4.81 76.27
N GLU N 224 -42.75 4.57 75.03
CA GLU N 224 -43.55 4.98 73.89
C GLU N 224 -44.81 4.13 73.84
N ILE N 225 -45.92 4.73 73.36
CA ILE N 225 -47.17 4.02 73.22
C ILE N 225 -47.87 4.19 71.87
N ARG N 226 -47.88 5.42 71.35
CA ARG N 226 -48.41 5.70 70.01
C ARG N 226 -49.59 4.86 69.60
N SER N 227 -50.43 4.48 70.57
CA SER N 227 -51.61 3.72 70.22
C SER N 227 -52.77 4.68 70.00
N ALA N 228 -53.76 4.23 69.23
CA ALA N 228 -54.93 5.05 68.93
C ALA N 228 -55.85 4.36 67.93
N LEU N 229 -57.14 4.37 68.21
CA LEU N 229 -58.13 3.75 67.34
C LEU N 229 -57.87 4.11 65.88
N GLU N 230 -57.89 3.10 65.01
CA GLU N 230 -58.16 1.73 65.43
C GLU N 230 -59.63 1.38 65.27
N ARG N 231 -60.50 2.38 65.35
CA ARG N 231 -61.93 2.18 65.21
C ARG N 231 -62.29 1.85 63.77
N GLY N 232 -61.37 2.11 62.85
CA GLY N 232 -61.60 1.83 61.44
C GLY N 232 -61.02 2.90 60.55
N SER N 233 -59.79 3.33 60.86
CA SER N 233 -59.11 4.35 60.07
C SER N 233 -58.17 5.19 60.94
N ARG N 234 -58.71 6.25 61.53
CA ARG N 234 -57.92 7.12 62.38
C ARG N 234 -56.83 6.35 63.12
N LEU N 235 -55.76 7.06 63.48
CA LEU N 235 -54.65 6.43 64.19
C LEU N 235 -53.56 7.46 64.51
N ILE N 236 -53.93 8.74 64.46
CA ILE N 236 -52.98 9.81 64.74
C ILE N 236 -52.90 10.10 66.24
N SER N 237 -51.70 9.99 66.79
CA SER N 237 -51.48 10.23 68.21
C SER N 237 -50.28 9.46 68.73
N SER N 238 -49.75 9.88 69.87
CA SER N 238 -48.61 9.22 70.49
C SER N 238 -48.66 9.31 72.00
N MET N 239 -47.50 9.20 72.63
CA MET N 239 -47.42 9.26 74.10
C MET N 239 -46.02 9.58 74.57
N GLN N 240 -45.22 8.54 74.82
CA GLN N 240 -43.86 8.72 75.29
C GLN N 240 -43.86 9.38 76.66
N ILE N 241 -42.93 8.97 77.51
CA ILE N 241 -42.71 9.60 78.81
C ILE N 241 -41.25 9.41 79.24
N LYS N 242 -40.68 10.39 79.94
CA LYS N 242 -39.25 10.40 80.20
C LYS N 242 -38.84 9.74 81.52
N LEU N 243 -37.71 10.17 82.08
CA LEU N 243 -37.22 9.62 83.33
C LEU N 243 -36.04 10.43 83.87
N MET N 244 -35.05 10.65 83.01
CA MET N 244 -33.86 11.42 83.39
C MET N 244 -33.19 10.81 84.61
N ALA N 245 -31.87 10.92 84.67
CA ALA N 245 -31.10 10.39 85.79
C ALA N 245 -29.66 10.88 85.75
N ARG N 246 -29.44 12.03 85.13
CA ARG N 246 -28.11 12.62 85.03
C ARG N 246 -27.92 13.75 86.03
N ASN N 247 -26.98 14.64 85.74
CA ASN N 247 -26.71 15.78 86.61
C ASN N 247 -26.74 15.38 88.09
N THR N 248 -25.67 14.75 88.55
CA THR N 248 -25.57 14.32 89.95
C THR N 248 -25.83 15.49 90.90
N GLU N 249 -26.05 16.67 90.33
CA GLU N 249 -26.32 17.87 91.13
C GLU N 249 -27.79 18.24 91.10
N ASN N 250 -28.51 17.71 90.12
CA ASN N 250 -29.94 17.98 89.97
C ASN N 250 -30.68 16.86 89.28
N SER N 251 -31.41 16.07 90.05
CA SER N 251 -31.50 16.26 91.49
C SER N 251 -31.50 14.94 92.24
N GLY N 252 -32.52 14.12 91.98
CA GLY N 252 -32.64 12.83 92.62
C GLY N 252 -33.23 11.77 91.69
N GLN N 253 -33.10 11.99 90.39
CA GLN N 253 -33.68 11.12 89.36
C GLN N 253 -35.22 11.21 89.33
N THR N 254 -35.75 12.14 88.55
CA THR N 254 -37.19 12.41 88.49
C THR N 254 -37.85 12.10 87.15
N ILE N 255 -39.07 11.58 87.19
CA ILE N 255 -39.78 11.16 85.97
C ILE N 255 -40.91 12.10 85.53
N ARG N 256 -41.11 12.21 84.22
CA ARG N 256 -42.08 13.14 83.64
C ARG N 256 -42.95 12.47 82.57
N ALA N 257 -43.60 13.30 81.74
CA ALA N 257 -44.47 12.83 80.65
C ALA N 257 -44.63 13.90 79.58
N THR N 258 -45.29 13.56 78.48
CA THR N 258 -45.46 14.53 77.38
C THR N 258 -46.91 14.78 77.01
N LEU N 259 -47.66 13.71 76.80
CA LEU N 259 -49.09 13.83 76.53
C LEU N 259 -49.34 14.71 75.31
N PRO N 260 -49.08 14.17 74.12
CA PRO N 260 -49.26 14.83 72.83
C PRO N 260 -50.64 15.44 72.69
N TYR N 261 -50.77 16.41 71.79
CA TYR N 261 -49.65 16.83 70.96
C TYR N 261 -49.02 18.13 71.48
N ILE N 262 -49.36 18.51 72.71
CA ILE N 262 -48.87 19.74 73.33
C ILE N 262 -48.81 19.65 74.87
N ARG N 263 -47.73 20.15 75.46
CA ARG N 263 -46.65 20.82 74.71
C ARG N 263 -45.26 20.41 75.19
N SER N 264 -45.01 20.53 76.49
CA SER N 264 -43.69 20.27 77.04
C SER N 264 -43.62 19.00 77.88
N ASP N 265 -42.99 19.12 79.04
CA ASP N 265 -42.89 18.01 79.99
C ASP N 265 -43.79 18.26 81.18
N ILE N 266 -44.46 17.20 81.64
CA ILE N 266 -45.46 17.32 82.69
C ILE N 266 -45.34 16.20 83.71
N PRO N 267 -44.75 16.46 84.89
CA PRO N 267 -44.54 15.39 85.88
C PRO N 267 -45.78 14.51 86.05
N ILE N 268 -45.60 13.31 86.55
CA ILE N 268 -46.66 12.31 86.54
C ILE N 268 -47.82 12.62 87.48
N VAL N 269 -47.52 12.89 88.74
CA VAL N 269 -48.56 13.12 89.72
C VAL N 269 -49.59 14.11 89.18
N ILE N 270 -49.12 15.07 88.38
CA ILE N 270 -49.99 16.09 87.80
C ILE N 270 -51.17 15.52 87.02
N VAL N 271 -50.99 14.35 86.43
CA VAL N 271 -52.06 13.79 85.62
C VAL N 271 -53.04 12.92 86.38
N PHE N 272 -52.54 12.18 87.38
CA PHE N 272 -53.42 11.43 88.25
C PHE N 272 -54.38 12.39 88.95
N ARG N 273 -53.81 13.52 89.38
CA ARG N 273 -54.58 14.55 90.04
C ARG N 273 -55.52 15.23 89.06
N ALA N 274 -55.47 14.81 87.81
CA ALA N 274 -56.32 15.43 86.81
C ALA N 274 -57.37 14.45 86.33
N LEU N 275 -57.48 13.31 87.00
CA LEU N 275 -58.46 12.32 86.60
C LEU N 275 -59.50 12.14 87.69
N GLY N 276 -59.03 11.80 88.88
CA GLY N 276 -59.92 11.61 90.01
C GLY N 276 -59.17 11.09 91.21
N VAL N 277 -57.85 11.08 91.13
CA VAL N 277 -57.05 10.62 92.23
C VAL N 277 -56.01 11.66 92.59
N VAL N 278 -56.39 12.60 93.45
CA VAL N 278 -55.49 13.66 93.89
C VAL N 278 -54.71 13.24 95.12
N PRO N 279 -55.40 12.69 96.11
CA PRO N 279 -54.75 12.24 97.35
C PRO N 279 -53.59 11.30 97.06
N ASP N 280 -52.48 11.50 97.77
CA ASP N 280 -51.30 10.67 97.59
C ASP N 280 -51.58 9.22 97.98
N ARG N 281 -50.53 8.44 98.18
CA ARG N 281 -50.67 7.04 98.55
C ARG N 281 -51.46 6.27 97.50
N ASP N 282 -52.74 6.63 97.34
CA ASP N 282 -53.60 5.97 96.38
C ASP N 282 -52.98 5.99 94.98
N ILE N 283 -52.27 7.07 94.67
CA ILE N 283 -51.62 7.22 93.37
C ILE N 283 -50.55 6.15 93.16
N LEU N 284 -49.79 5.88 94.21
CA LEU N 284 -48.74 4.87 94.15
C LEU N 284 -49.32 3.46 94.01
N GLU N 285 -50.55 3.30 94.48
CA GLU N 285 -51.23 2.00 94.40
C GLU N 285 -51.40 1.55 92.96
N HIS N 286 -51.56 2.51 92.06
CA HIS N 286 -51.74 2.22 90.64
C HIS N 286 -50.41 1.82 89.99
N ILE N 287 -49.32 2.33 90.55
CA ILE N 287 -47.99 2.04 90.02
C ILE N 287 -47.45 0.73 90.60
N CYS N 288 -47.01 0.78 91.85
CA CYS N 288 -46.47 -0.39 92.52
C CYS N 288 -47.47 -0.94 93.54
N TYR N 289 -47.06 -1.99 94.25
CA TYR N 289 -47.92 -2.62 95.24
C TYR N 289 -47.10 -3.12 96.44
N ASP N 290 -47.17 -2.39 97.54
CA ASP N 290 -46.44 -2.77 98.75
C ASP N 290 -47.13 -3.91 99.48
N PRO N 291 -46.32 -4.80 100.05
CA PRO N 291 -44.86 -4.68 99.99
C PRO N 291 -44.30 -5.27 98.71
N ASN N 292 -43.37 -4.56 98.09
CA ASN N 292 -42.91 -3.28 98.60
C ASN N 292 -41.74 -3.43 99.57
N ASP N 293 -40.53 -3.23 99.05
CA ASP N 293 -40.33 -2.87 97.66
C ASP N 293 -40.21 -1.37 97.49
N PHE N 294 -39.84 -0.68 98.56
CA PHE N 294 -39.69 0.78 98.54
C PHE N 294 -38.78 1.21 97.39
N GLN N 295 -37.76 0.41 97.11
CA GLN N 295 -36.82 0.71 96.05
C GLN N 295 -37.54 1.22 94.80
N MET N 296 -38.37 0.37 94.21
CA MET N 296 -39.12 0.73 93.02
C MET N 296 -39.97 1.97 93.26
N LEU N 297 -40.48 2.11 94.47
CA LEU N 297 -41.32 3.26 94.84
C LEU N 297 -40.46 4.50 95.07
N GLU N 298 -39.51 4.39 96.00
CA GLU N 298 -38.63 5.50 96.32
C GLU N 298 -38.50 6.46 95.14
N MET N 299 -38.06 5.94 94.00
CA MET N 299 -37.91 6.76 92.80
C MET N 299 -39.04 7.77 92.66
N MET N 300 -40.13 7.53 93.38
CA MET N 300 -41.29 8.42 93.34
C MET N 300 -40.99 9.74 94.03
N LYS N 301 -40.33 9.66 95.18
CA LYS N 301 -39.98 10.86 95.94
C LYS N 301 -39.81 12.07 95.03
N PRO N 302 -38.80 12.01 94.16
CA PRO N 302 -38.55 13.11 93.21
C PRO N 302 -39.72 13.36 92.29
N CYS N 303 -40.49 12.31 91.99
CA CYS N 303 -41.65 12.42 91.12
C CYS N 303 -42.75 13.24 91.79
N ILE N 304 -43.09 12.88 93.02
CA ILE N 304 -44.13 13.58 93.77
C ILE N 304 -43.77 15.05 93.97
N GLU N 305 -42.54 15.29 94.44
CA GLU N 305 -42.08 16.65 94.68
C GLU N 305 -42.50 17.58 93.55
N GLU N 306 -42.60 17.04 92.34
CA GLU N 306 -42.99 17.83 91.17
C GLU N 306 -44.45 18.25 91.27
N ALA N 307 -45.21 17.58 92.16
CA ALA N 307 -46.62 17.90 92.35
C ALA N 307 -46.86 18.55 93.70
N PHE N 308 -45.78 19.01 94.33
CA PHE N 308 -45.87 19.65 95.64
C PHE N 308 -46.50 21.04 95.52
N VAL N 309 -47.08 21.33 94.37
CA VAL N 309 -47.73 22.61 94.13
C VAL N 309 -49.06 22.44 93.40
N ILE N 310 -49.24 21.27 92.80
CA ILE N 310 -50.47 20.97 92.06
C ILE N 310 -51.53 22.04 92.31
N GLN N 311 -52.32 21.84 93.35
CA GLN N 311 -52.18 20.67 94.21
C GLN N 311 -53.50 19.91 94.31
N ASP N 312 -54.52 20.40 93.62
CA ASP N 312 -55.83 19.76 93.63
C ASP N 312 -56.27 19.40 92.21
N LYS N 313 -57.31 20.08 91.72
CA LYS N 313 -57.84 19.85 90.39
C LYS N 313 -57.81 21.11 89.55
N ASP N 314 -57.85 22.26 90.22
CA ASP N 314 -57.83 23.55 89.54
C ASP N 314 -56.50 23.79 88.85
N ILE N 315 -55.45 23.98 89.64
CA ILE N 315 -54.11 24.22 89.10
C ILE N 315 -53.74 23.16 88.05
N ALA N 316 -53.92 21.90 88.41
CA ALA N 316 -53.61 20.80 87.50
C ALA N 316 -54.00 21.14 86.07
N LEU N 317 -55.29 21.34 85.84
CA LEU N 317 -55.79 21.68 84.51
C LEU N 317 -55.21 23.01 84.05
N ASP N 318 -54.82 23.85 85.00
CA ASP N 318 -54.24 25.15 84.68
C ASP N 318 -52.94 25.01 83.92
N TYR N 319 -51.97 24.35 84.54
CA TYR N 319 -50.67 24.14 83.91
C TYR N 319 -50.79 23.33 82.62
N ILE N 320 -51.65 23.79 81.72
CA ILE N 320 -51.87 23.12 80.46
C ILE N 320 -52.15 24.11 79.34
N GLY N 321 -51.67 25.34 79.50
CA GLY N 321 -51.87 26.39 78.52
C GLY N 321 -50.65 26.61 77.64
N LYS N 322 -50.65 25.98 76.47
CA LYS N 322 -49.53 26.10 75.55
C LYS N 322 -49.64 25.10 74.40
N ARG N 323 -50.35 25.48 73.35
CA ARG N 323 -50.54 24.60 72.19
C ARG N 323 -49.20 24.30 71.51
N GLY N 324 -48.89 25.09 70.49
CA GLY N 324 -49.75 26.16 70.05
C GLY N 324 -49.03 27.18 69.18
N SER N 325 -49.76 27.78 68.26
CA SER N 325 -49.19 28.78 67.36
C SER N 325 -49.33 30.18 67.94
N THR N 326 -49.42 30.27 69.27
CA THR N 326 -49.55 31.55 69.94
C THR N 326 -51.00 31.82 70.36
N THR N 327 -51.44 31.10 71.40
CA THR N 327 -52.80 31.25 71.90
C THR N 327 -52.91 30.81 73.35
N GLY N 328 -54.08 30.28 73.71
CA GLY N 328 -54.31 29.81 75.07
C GLY N 328 -54.70 30.93 76.01
N VAL N 329 -55.74 30.70 76.79
CA VAL N 329 -56.22 31.69 77.75
C VAL N 329 -57.74 31.62 77.91
N THR N 330 -58.19 31.45 79.15
CA THR N 330 -57.27 31.34 80.29
C THR N 330 -57.67 30.18 81.20
N ARG N 331 -58.15 30.52 82.40
CA ARG N 331 -58.56 29.51 83.37
C ARG N 331 -59.71 28.68 82.83
N GLU N 332 -60.90 29.28 82.78
CA GLU N 332 -62.09 28.59 82.29
C GLU N 332 -61.80 27.86 80.98
N LYS N 333 -61.42 28.63 79.96
CA LYS N 333 -61.11 28.07 78.65
C LYS N 333 -60.08 26.96 78.76
N ARG N 334 -58.99 27.25 79.47
CA ARG N 334 -57.92 26.27 79.66
C ARG N 334 -58.47 24.95 80.20
N LEU N 335 -59.32 25.05 81.23
CA LEU N 335 -59.92 23.86 81.83
C LEU N 335 -60.66 23.02 80.80
N ARG N 336 -61.42 23.68 79.95
CA ARG N 336 -62.19 22.99 78.91
C ARG N 336 -61.26 22.20 77.99
N TYR N 337 -60.17 22.83 77.58
CA TYR N 337 -59.20 22.17 76.70
C TYR N 337 -58.60 20.94 77.36
N ALA N 338 -58.32 21.04 78.65
CA ALA N 338 -57.75 19.93 79.41
C ALA N 338 -58.67 18.71 79.37
N HIS N 339 -59.95 18.94 79.60
CA HIS N 339 -60.94 17.86 79.57
C HIS N 339 -61.01 17.22 78.20
N ASP N 340 -60.97 18.05 77.16
CA ASP N 340 -61.01 17.57 75.77
C ASP N 340 -59.86 16.60 75.52
N ILE N 341 -58.69 17.03 75.95
CA ILE N 341 -57.45 16.26 75.79
C ILE N 341 -57.58 14.90 76.47
N LEU N 342 -58.10 14.91 77.70
CA LEU N 342 -58.29 13.68 78.46
C LEU N 342 -59.28 12.75 77.77
N GLN N 343 -59.99 13.27 76.78
CA GLN N 343 -60.97 12.49 76.04
C GLN N 343 -60.67 12.51 74.54
N LYS N 344 -59.49 12.04 74.16
CA LYS N 344 -59.09 12.00 72.76
C LYS N 344 -57.58 11.89 72.63
N GLU N 345 -56.85 12.67 73.41
CA GLU N 345 -55.40 12.66 73.38
C GLU N 345 -54.82 11.71 74.42
N LEU N 346 -55.20 11.90 75.68
CA LEU N 346 -54.71 11.06 76.76
C LEU N 346 -55.17 9.64 76.60
N LEU N 347 -54.30 8.81 76.04
CA LEU N 347 -54.58 7.42 75.84
C LEU N 347 -55.87 7.22 75.07
N PRO N 348 -55.91 7.74 73.82
CA PRO N 348 -57.06 7.80 72.90
C PRO N 348 -57.80 6.48 72.73
N HIS N 349 -57.13 5.34 72.82
CA HIS N 349 -57.87 4.08 72.77
C HIS N 349 -58.51 3.87 74.13
N ILE N 350 -58.91 2.63 74.40
CA ILE N 350 -59.68 2.35 75.61
C ILE N 350 -61.09 2.84 75.39
N THR N 351 -61.31 4.11 75.72
CA THR N 351 -62.62 4.71 75.54
C THR N 351 -62.54 6.23 75.37
N THR N 352 -63.37 6.73 74.47
CA THR N 352 -63.38 8.13 74.10
C THR N 352 -64.70 8.73 74.50
N MET N 353 -65.40 8.07 75.41
CA MET N 353 -66.67 8.59 75.87
C MET N 353 -66.43 9.79 76.75
N GLU N 354 -67.08 9.80 77.92
CA GLU N 354 -66.95 10.93 78.84
C GLU N 354 -66.63 10.42 80.24
N GLY N 355 -67.52 9.56 80.75
CA GLY N 355 -67.39 9.06 82.10
C GLY N 355 -66.55 7.81 82.17
N PHE N 356 -65.26 7.96 81.86
CA PHE N 356 -64.35 6.83 81.89
C PHE N 356 -62.91 7.33 82.08
N GLU N 357 -62.68 8.06 83.17
CA GLU N 357 -61.37 8.61 83.49
C GLU N 357 -60.69 7.77 84.56
N THR N 358 -61.44 6.83 85.14
CA THR N 358 -60.88 5.98 86.17
C THR N 358 -60.17 4.80 85.53
N ARG N 359 -60.46 4.56 84.26
CA ARG N 359 -59.84 3.45 83.52
C ARG N 359 -58.42 3.82 83.10
N LYS N 360 -58.24 5.05 82.63
CA LYS N 360 -56.94 5.55 82.17
C LYS N 360 -56.01 5.86 83.36
N ALA N 361 -56.51 5.61 84.56
CA ALA N 361 -55.77 5.95 85.76
C ALA N 361 -54.78 4.86 86.14
N PHE N 362 -55.10 3.64 85.75
CA PHE N 362 -54.25 2.49 86.05
C PHE N 362 -53.13 2.35 85.00
N PHE N 363 -53.51 2.43 83.72
CA PHE N 363 -52.59 2.27 82.60
C PHE N 363 -51.29 3.02 82.81
N LEU N 364 -51.42 4.30 83.09
CA LEU N 364 -50.25 5.10 83.43
C LEU N 364 -49.45 4.41 84.53
N GLY N 365 -50.14 3.89 85.55
CA GLY N 365 -49.49 3.16 86.61
C GLY N 365 -48.79 1.94 86.05
N TYR N 366 -49.42 1.33 85.05
CA TYR N 366 -48.89 0.13 84.40
C TYR N 366 -47.67 0.46 83.55
N MET N 367 -47.82 1.47 82.69
CA MET N 367 -46.70 2.03 81.95
C MET N 367 -45.53 2.16 82.91
N ILE N 368 -45.64 3.08 83.86
CA ILE N 368 -44.50 3.42 84.67
C ILE N 368 -44.06 2.26 85.55
N HIS N 369 -44.91 1.23 85.63
CA HIS N 369 -44.53 0.05 86.38
C HIS N 369 -43.38 -0.60 85.66
N ARG N 370 -43.51 -0.65 84.34
CA ARG N 370 -42.50 -1.25 83.49
C ARG N 370 -41.18 -0.52 83.62
N MET N 371 -41.21 0.78 83.39
CA MET N 371 -40.00 1.58 83.54
C MET N 371 -39.22 1.15 84.79
N LEU N 372 -39.81 1.32 85.97
CA LEU N 372 -39.12 1.02 87.21
C LEU N 372 -38.39 -0.33 87.18
N LEU N 373 -38.92 -1.29 86.41
CA LEU N 373 -38.36 -2.62 86.36
C LEU N 373 -37.01 -2.63 85.66
N CYS N 374 -36.70 -1.55 84.95
CA CYS N 374 -35.49 -1.54 84.16
C CYS N 374 -34.35 -0.73 84.78
N ALA N 375 -34.65 0.47 85.28
CA ALA N 375 -33.64 1.23 85.96
C ALA N 375 -33.14 0.45 87.17
N LEU N 376 -34.06 -0.14 87.94
CA LEU N 376 -33.67 -0.97 89.08
C LEU N 376 -32.97 -2.21 88.55
N GLU N 377 -33.07 -2.41 87.24
CA GLU N 377 -32.41 -3.54 86.59
C GLU N 377 -33.11 -4.83 87.02
N ARG N 378 -34.40 -4.92 86.75
CA ARG N 378 -35.19 -6.08 87.14
C ARG N 378 -35.62 -6.92 85.96
N ARG N 379 -35.45 -6.38 84.76
CA ARG N 379 -35.72 -7.11 83.54
C ARG N 379 -34.89 -6.55 82.41
N GLU N 380 -35.45 -6.58 81.20
CA GLU N 380 -34.73 -6.09 80.03
C GLU N 380 -35.61 -5.28 79.08
N PRO N 381 -35.06 -4.20 78.55
CA PRO N 381 -35.77 -3.34 77.59
C PRO N 381 -36.34 -4.15 76.44
N ASP N 382 -37.66 -4.07 76.25
CA ASP N 382 -38.33 -4.75 75.16
C ASP N 382 -37.53 -4.66 73.85
N ASP N 383 -37.78 -5.61 72.95
CA ASP N 383 -37.00 -5.73 71.72
C ASP N 383 -37.75 -5.27 70.48
N ARG N 384 -37.22 -4.27 69.79
CA ARG N 384 -37.93 -3.63 68.68
C ARG N 384 -37.78 -4.47 67.42
N ASP N 385 -37.00 -5.54 67.53
CA ASP N 385 -36.73 -6.44 66.41
C ASP N 385 -38.01 -6.97 65.79
N HIS N 386 -38.86 -7.60 66.61
CA HIS N 386 -40.23 -7.86 66.18
C HIS N 386 -40.63 -6.57 65.46
N PHE N 387 -41.31 -6.65 64.31
CA PHE N 387 -41.80 -7.87 63.65
C PHE N 387 -42.84 -8.69 64.40
N GLY N 388 -42.42 -9.60 65.27
CA GLY N 388 -43.40 -10.29 66.09
C GLY N 388 -44.40 -9.29 66.69
N LYS N 389 -43.92 -8.08 66.95
CA LYS N 389 -44.75 -7.01 67.48
C LYS N 389 -45.23 -6.01 66.43
N LYS N 390 -44.55 -5.92 65.29
CA LYS N 390 -44.99 -5.06 64.18
C LYS N 390 -46.02 -5.70 63.27
N ARG N 391 -46.89 -4.88 62.69
CA ARG N 391 -47.95 -5.37 61.83
C ARG N 391 -47.74 -4.93 60.38
N LEU N 392 -48.24 -5.73 59.45
CA LEU N 392 -48.11 -5.43 58.04
C LEU N 392 -49.39 -4.80 57.60
N ASP N 393 -49.33 -3.60 57.06
CA ASP N 393 -50.52 -2.91 56.56
C ASP N 393 -50.77 -3.24 55.09
N LEU N 394 -51.57 -4.29 54.82
CA LEU N 394 -51.86 -4.71 53.44
C LEU N 394 -52.66 -3.65 52.66
N ALA N 395 -53.29 -4.07 51.57
CA ALA N 395 -54.02 -3.16 50.70
C ALA N 395 -55.30 -2.61 51.34
N GLY N 396 -55.61 -3.12 52.53
CA GLY N 396 -56.80 -2.71 53.27
C GLY N 396 -56.54 -1.43 54.04
N PRO N 397 -56.04 -1.54 55.28
CA PRO N 397 -55.75 -0.40 56.15
C PRO N 397 -55.01 0.72 55.41
N LEU N 398 -54.49 0.43 54.22
CA LEU N 398 -53.78 1.42 53.44
C LEU N 398 -54.74 2.29 52.63
N LEU N 399 -55.71 1.65 52.01
CA LEU N 399 -56.70 2.36 51.20
C LEU N 399 -57.70 3.11 52.08
N ALA N 400 -57.69 2.79 53.37
CA ALA N 400 -58.60 3.43 54.31
C ALA N 400 -58.11 4.84 54.67
N SER N 401 -56.88 4.92 55.18
CA SER N 401 -56.30 6.19 55.56
C SER N 401 -56.39 7.20 54.42
N LEU N 402 -56.38 6.70 53.20
CA LEU N 402 -56.47 7.56 52.01
C LEU N 402 -57.91 7.96 51.73
N PHE N 403 -58.79 6.97 51.66
CA PHE N 403 -60.20 7.22 51.40
C PHE N 403 -60.75 8.32 52.30
N ARG N 404 -60.30 8.33 53.56
CA ARG N 404 -60.74 9.32 54.52
C ARG N 404 -59.98 10.64 54.33
N MET N 405 -58.79 10.56 53.75
CA MET N 405 -57.97 11.74 53.52
C MET N 405 -58.39 12.45 52.24
N LEU N 406 -59.57 12.31 51.70
CA LEU N 406 -60.09 12.92 50.50
C LEU N 406 -61.55 13.34 50.68
N PHE N 407 -62.25 12.66 51.58
CA PHE N 407 -63.66 12.96 51.85
C PHE N 407 -63.80 14.21 52.71
N ARG N 408 -63.01 14.27 53.78
CA ARG N 408 -63.04 15.42 54.69
C ARG N 408 -63.00 16.73 53.91
N LYS N 409 -62.33 16.71 52.77
CA LYS N 409 -62.21 17.91 51.94
C LYS N 409 -63.52 18.22 51.23
N MET N 410 -64.29 17.18 50.95
CA MET N 410 -65.58 17.35 50.28
C MET N 410 -66.55 18.17 51.12
N THR N 411 -66.64 17.83 52.41
CA THR N 411 -67.52 18.52 53.33
C THR N 411 -67.09 19.98 53.50
N ARG N 412 -65.84 20.26 53.17
CA ARG N 412 -65.30 21.62 53.28
C ARG N 412 -65.62 22.42 52.03
N ASP N 413 -65.33 21.83 50.86
CA ASP N 413 -65.60 22.50 49.60
C ASP N 413 -67.09 22.81 49.44
N VAL N 414 -67.92 21.84 49.84
CA VAL N 414 -69.37 22.01 49.75
C VAL N 414 -69.86 22.99 50.80
N TYR N 415 -69.28 22.91 52.01
CA TYR N 415 -69.66 23.80 53.10
C TYR N 415 -69.51 25.26 52.68
N LYS N 416 -68.45 25.55 51.93
CA LYS N 416 -68.20 26.90 51.46
C LYS N 416 -69.25 27.33 50.44
N TYR N 417 -69.72 26.38 49.64
CA TYR N 417 -70.72 26.65 48.63
C TYR N 417 -72.03 27.11 49.26
N MET N 418 -72.37 26.50 50.40
CA MET N 418 -73.58 26.86 51.13
C MET N 418 -73.55 28.32 51.56
N GLN N 419 -72.40 28.77 52.04
CA GLN N 419 -72.23 30.15 52.48
C GLN N 419 -72.52 31.12 51.35
N LYS N 420 -72.01 30.80 50.15
CA LYS N 420 -72.22 31.64 48.98
C LYS N 420 -73.68 31.58 48.51
N CYS N 421 -74.32 30.45 48.76
CA CYS N 421 -75.71 30.27 48.37
C CYS N 421 -76.65 31.05 49.31
N VAL N 422 -76.49 30.83 50.61
CA VAL N 422 -77.32 31.50 51.60
C VAL N 422 -77.23 33.02 51.46
N GLU N 423 -76.11 33.49 50.90
CA GLU N 423 -75.90 34.92 50.70
C GLU N 423 -76.08 35.31 49.24
N THR N 424 -76.99 36.24 48.99
CA THR N 424 -77.26 36.69 47.63
C THR N 424 -78.04 35.66 46.84
N ASN N 425 -77.73 34.38 47.06
CA ASN N 425 -78.40 33.30 46.37
C ASN N 425 -79.52 32.69 47.21
N ARG N 426 -79.34 31.44 47.61
CA ARG N 426 -80.33 30.74 48.42
C ARG N 426 -80.98 29.61 47.64
N GLU N 427 -82.25 29.78 47.29
CA GLU N 427 -82.99 28.77 46.54
C GLU N 427 -83.07 27.47 47.32
N PHE N 428 -82.00 27.13 48.02
CA PHE N 428 -81.95 25.90 48.81
C PHE N 428 -80.65 25.14 48.55
N ASN N 429 -80.71 24.19 47.62
CA ASN N 429 -79.54 23.38 47.28
C ASN N 429 -79.71 22.66 45.95
N LEU N 430 -79.25 21.41 45.90
CA LEU N 430 -79.35 20.60 44.69
C LEU N 430 -77.97 20.23 44.16
N THR N 431 -77.93 19.25 43.27
CA THR N 431 -76.68 18.80 42.68
C THR N 431 -75.96 19.93 41.94
N LEU N 432 -76.17 21.15 42.43
CA LEU N 432 -75.55 22.32 41.81
C LEU N 432 -74.06 22.39 42.14
N ALA N 433 -73.68 21.82 43.28
CA ALA N 433 -72.28 21.83 43.71
C ALA N 433 -71.67 20.44 43.56
N VAL N 434 -71.40 19.79 44.68
CA VAL N 434 -70.81 18.46 44.67
C VAL N 434 -69.84 18.29 43.49
N LYS N 435 -68.73 19.02 43.54
CA LYS N 435 -67.73 18.95 42.48
C LYS N 435 -67.48 17.51 42.04
N SER N 436 -67.44 17.30 40.73
CA SER N 436 -67.21 15.97 40.18
C SER N 436 -65.75 15.56 40.23
N ASN N 437 -64.88 16.48 39.83
CA ASN N 437 -63.43 16.27 39.77
C ASN N 437 -62.76 16.52 41.12
N ILE N 438 -63.04 15.67 42.11
CA ILE N 438 -62.60 15.91 43.49
C ILE N 438 -61.74 14.81 44.04
N ILE N 439 -62.04 13.57 43.61
CA ILE N 439 -61.32 12.37 44.02
C ILE N 439 -61.19 11.46 42.81
N THR N 440 -62.09 11.65 41.85
CA THR N 440 -62.01 10.90 40.61
C THR N 440 -60.64 11.18 40.00
N ASN N 441 -60.36 12.45 39.69
CA ASN N 441 -59.03 12.87 39.28
C ASN N 441 -58.09 12.83 40.48
N GLY N 442 -58.67 12.93 41.68
CA GLY N 442 -57.87 12.96 42.90
C GLY N 442 -57.36 11.62 43.43
N LEU N 443 -57.53 10.56 42.64
CA LEU N 443 -56.99 9.22 42.93
C LEU N 443 -56.08 8.78 41.81
N ARG N 444 -56.46 9.16 40.59
CA ARG N 444 -55.67 8.88 39.41
C ARG N 444 -54.23 9.26 39.63
N TYR N 445 -53.97 10.50 40.02
CA TYR N 445 -52.60 10.97 40.19
C TYR N 445 -52.15 10.88 41.65
N SER N 446 -52.82 10.03 42.43
CA SER N 446 -52.39 9.76 43.80
C SER N 446 -52.03 8.29 43.97
N LEU N 447 -52.60 7.47 43.11
CA LEU N 447 -52.35 6.04 43.07
C LEU N 447 -51.26 5.84 41.99
N ALA N 448 -51.36 6.62 40.90
CA ALA N 448 -50.44 6.54 39.77
C ALA N 448 -49.05 6.87 40.21
N THR N 449 -48.94 7.69 41.23
CA THR N 449 -47.63 8.03 41.75
C THR N 449 -47.49 7.62 43.21
N GLY N 450 -46.33 7.88 43.81
CA GLY N 450 -46.08 7.49 45.19
C GLY N 450 -46.55 8.51 46.22
N ASN N 451 -47.35 9.47 45.78
CA ASN N 451 -47.85 10.51 46.65
C ASN N 451 -49.18 10.14 47.28
N TRP N 452 -49.60 10.95 48.24
CA TRP N 452 -50.87 10.72 48.93
C TRP N 452 -51.68 12.01 49.05
N GLY N 453 -51.98 12.62 47.92
CA GLY N 453 -52.74 13.86 47.91
C GLY N 453 -52.21 14.85 46.88
N ASP N 454 -51.89 14.34 45.70
CA ASP N 454 -51.37 15.19 44.62
C ASP N 454 -52.50 15.64 43.68
N GLN N 455 -52.23 16.68 42.90
CA GLN N 455 -50.93 17.34 42.94
C GLN N 455 -50.90 18.46 43.97
N LYS N 456 -51.69 18.29 45.03
CA LYS N 456 -51.76 19.28 46.09
C LYS N 456 -50.38 19.64 46.62
N ARG N 457 -50.33 20.36 47.73
CA ARG N 457 -49.07 20.77 48.34
C ARG N 457 -48.34 19.58 48.96
N SER N 458 -49.12 18.59 49.40
CA SER N 458 -48.55 17.40 50.02
C SER N 458 -47.28 16.96 49.30
N MET N 459 -46.16 17.57 49.67
CA MET N 459 -44.86 17.25 49.06
C MET N 459 -44.31 15.94 49.62
N VAL N 460 -43.50 16.03 50.67
CA VAL N 460 -42.91 14.86 51.29
C VAL N 460 -43.97 14.01 51.99
N ASN N 461 -44.69 13.20 51.22
CA ASN N 461 -45.73 12.35 51.77
C ASN N 461 -45.44 10.86 51.52
N ARG N 462 -44.33 10.39 52.08
CA ARG N 462 -43.93 8.97 51.91
C ARG N 462 -44.18 8.39 50.52
N VAL N 463 -43.11 7.95 49.86
CA VAL N 463 -43.20 7.39 48.50
C VAL N 463 -43.92 6.05 48.47
N GLY N 464 -44.74 5.87 47.44
CA GLY N 464 -45.50 4.64 47.27
C GLY N 464 -44.55 3.47 47.21
N VAL N 465 -45.05 2.24 47.29
CA VAL N 465 -46.47 1.92 47.47
C VAL N 465 -47.30 2.40 46.33
N SER N 466 -47.15 1.76 45.17
CA SER N 466 -47.94 2.06 43.98
C SER N 466 -47.26 1.56 42.72
N GLN N 467 -46.03 1.05 42.89
CA GLN N 467 -45.21 0.51 41.81
C GLN N 467 -46.02 -0.12 40.67
N VAL N 468 -45.58 0.08 39.43
CA VAL N 468 -46.17 -0.58 38.27
C VAL N 468 -45.94 -2.09 38.36
N LEU N 469 -46.65 -2.88 37.56
CA LEU N 469 -46.78 -4.29 37.92
C LEU N 469 -45.50 -5.12 37.96
N ASN N 470 -44.65 -5.02 36.94
CA ASN N 470 -43.39 -5.77 36.90
C ASN N 470 -43.57 -7.17 36.32
N ARG N 471 -44.16 -7.24 35.14
CA ARG N 471 -44.56 -8.50 34.51
C ARG N 471 -43.47 -9.11 33.61
N TYR N 472 -42.25 -9.23 34.12
CA TYR N 472 -41.17 -9.78 33.30
C TYR N 472 -41.40 -11.27 33.13
N THR N 473 -41.44 -11.97 34.24
CA THR N 473 -41.73 -13.39 34.25
C THR N 473 -42.90 -13.63 35.15
N PHE N 474 -43.75 -14.57 34.78
CA PHE N 474 -44.92 -14.87 35.59
C PHE N 474 -44.50 -14.95 37.05
N ALA N 475 -43.54 -15.81 37.33
CA ALA N 475 -43.01 -15.94 38.67
C ALA N 475 -42.91 -14.57 39.33
N SER N 476 -42.32 -13.63 38.63
CA SER N 476 -42.16 -12.29 39.17
C SER N 476 -43.50 -11.69 39.54
N THR N 477 -44.41 -11.63 38.57
CA THR N 477 -45.71 -10.98 38.78
C THR N 477 -46.17 -11.23 40.21
N LEU N 478 -46.19 -12.50 40.57
CA LEU N 478 -46.66 -12.91 41.86
C LEU N 478 -45.80 -12.36 42.98
N SER N 479 -44.48 -12.54 42.90
CA SER N 479 -43.61 -12.03 43.96
C SER N 479 -43.73 -10.54 44.13
N HIS N 480 -44.34 -9.86 43.17
CA HIS N 480 -44.60 -8.44 43.33
C HIS N 480 -45.84 -8.22 44.22
N LEU N 481 -47.09 -8.89 44.04
CA LEU N 481 -48.31 -8.78 44.82
C LEU N 481 -48.11 -9.28 46.25
N ARG N 482 -46.86 -9.29 46.70
CA ARG N 482 -46.53 -9.74 48.04
C ARG N 482 -45.28 -9.04 48.56
N ARG N 483 -45.21 -7.73 48.36
CA ARG N 483 -44.07 -6.94 48.81
C ARG N 483 -44.48 -5.92 49.86
N THR N 484 -43.52 -5.49 50.68
CA THR N 484 -43.79 -4.53 51.73
C THR N 484 -42.54 -3.70 52.04
N ASN N 485 -42.69 -2.38 51.99
CA ASN N 485 -41.58 -1.48 52.27
C ASN N 485 -40.98 -1.70 53.66
N THR N 486 -40.97 -0.66 54.48
CA THR N 486 -40.42 -0.74 55.82
C THR N 486 -40.07 0.64 56.37
N PRO N 487 -40.96 1.60 56.14
CA PRO N 487 -40.76 2.98 56.61
C PRO N 487 -40.27 3.01 58.05
N ILE N 488 -38.96 3.20 58.24
CA ILE N 488 -38.05 3.37 57.12
C ILE N 488 -36.80 2.49 57.30
N GLY N 489 -35.72 2.88 56.65
CA GLY N 489 -35.71 4.08 55.83
C GLY N 489 -34.78 5.15 56.36
N ARG N 490 -35.28 6.37 56.46
CA ARG N 490 -34.49 7.49 56.96
C ARG N 490 -34.41 7.46 58.48
N ASP N 491 -33.56 6.58 59.01
CA ASP N 491 -33.39 6.44 60.45
C ASP N 491 -32.24 5.51 60.79
N GLY N 492 -31.22 5.50 59.93
CA GLY N 492 -30.07 4.64 60.13
C GLY N 492 -28.84 5.14 59.41
N LYS N 493 -28.43 4.42 58.37
CA LYS N 493 -29.14 3.21 57.96
C LYS N 493 -28.24 1.97 58.10
N LEU N 494 -27.88 1.65 59.34
CA LEU N 494 -27.03 0.50 59.61
C LEU N 494 -27.79 -0.57 60.39
N ALA N 495 -27.93 -1.75 59.79
CA ALA N 495 -28.64 -2.86 60.42
C ALA N 495 -29.97 -2.40 61.00
N LYS N 496 -30.76 -3.34 61.52
CA LYS N 496 -32.06 -3.05 62.09
C LYS N 496 -32.92 -2.23 61.13
N PRO N 497 -33.94 -2.89 60.55
CA PRO N 497 -34.20 -4.29 60.84
C PRO N 497 -33.43 -5.22 59.89
N ARG N 498 -33.29 -4.80 58.64
CA ARG N 498 -32.57 -5.60 57.65
C ARG N 498 -32.32 -7.02 58.14
N GLN N 499 -31.31 -7.19 58.99
CA GLN N 499 -30.98 -8.48 59.54
C GLN N 499 -32.22 -9.35 59.71
N LEU N 500 -32.05 -10.66 59.54
CA LEU N 500 -33.17 -11.60 59.67
C LEU N 500 -33.42 -11.95 61.13
N HIS N 501 -34.66 -11.79 61.57
CA HIS N 501 -35.03 -12.09 62.98
C HIS N 501 -35.76 -13.41 63.18
N ASN N 502 -35.39 -14.16 64.23
CA ASN N 502 -35.94 -15.49 64.44
C ASN N 502 -37.44 -15.44 64.21
N THR N 503 -38.07 -14.35 64.68
CA THR N 503 -39.50 -14.07 64.56
C THR N 503 -40.10 -14.33 63.18
N HIS N 504 -39.30 -14.17 62.13
CA HIS N 504 -39.74 -14.26 60.72
C HIS N 504 -40.11 -15.68 60.29
N TRP N 505 -39.44 -16.65 60.90
CA TRP N 505 -39.68 -18.05 60.63
C TRP N 505 -41.15 -18.31 60.62
N GLY N 506 -41.61 -18.96 59.58
CA GLY N 506 -43.02 -19.20 59.40
C GLY N 506 -43.64 -18.35 58.30
N MET N 507 -43.80 -17.06 58.58
CA MET N 507 -44.37 -16.14 57.61
C MET N 507 -43.27 -15.74 56.66
N VAL N 508 -42.11 -16.36 56.87
CA VAL N 508 -40.93 -16.28 56.02
C VAL N 508 -41.26 -16.36 54.53
N CYS N 509 -40.85 -15.36 53.73
CA CYS N 509 -39.90 -14.30 54.11
C CYS N 509 -38.51 -14.85 54.32
N PRO N 510 -38.12 -15.83 53.50
CA PRO N 510 -36.96 -16.66 53.83
C PRO N 510 -35.69 -15.87 53.65
N ALA N 511 -35.10 -16.08 52.47
CA ALA N 511 -33.99 -15.27 51.98
C ALA N 511 -34.25 -14.87 50.51
N GLU N 512 -34.95 -13.76 50.30
CA GLU N 512 -35.37 -13.28 48.98
C GLU N 512 -35.52 -11.76 48.93
N THR N 513 -34.43 -11.04 49.20
CA THR N 513 -34.48 -9.58 49.14
C THR N 513 -33.62 -9.03 48.01
N PRO N 514 -33.59 -7.70 47.84
CA PRO N 514 -32.76 -7.12 46.79
C PRO N 514 -31.26 -7.15 47.13
N GLU N 515 -30.40 -7.19 46.10
CA GLU N 515 -28.97 -7.13 46.32
C GLU N 515 -28.58 -5.73 46.80
N GLY N 516 -28.25 -5.60 48.08
CA GLY N 516 -27.78 -4.34 48.64
C GLY N 516 -28.78 -3.19 48.74
N GLN N 517 -28.35 -2.09 49.31
CA GLN N 517 -29.22 -0.95 49.57
C GLN N 517 -30.37 -1.39 50.43
N ALA N 518 -31.50 -1.66 49.79
CA ALA N 518 -32.65 -2.11 50.55
C ALA N 518 -32.67 -3.63 50.82
N CYS N 519 -31.64 -4.19 51.43
CA CYS N 519 -31.66 -5.60 51.82
C CYS N 519 -32.61 -5.74 52.98
N GLY N 520 -33.41 -6.79 52.97
CA GLY N 520 -34.26 -7.11 54.10
C GLY N 520 -35.17 -5.97 54.54
N LEU N 521 -35.29 -4.95 53.69
CA LEU N 521 -36.26 -3.90 53.89
C LEU N 521 -37.50 -4.28 53.11
N VAL N 522 -37.29 -4.92 51.97
CA VAL N 522 -38.39 -5.58 51.28
C VAL N 522 -38.36 -7.05 51.69
N LYS N 523 -39.54 -7.64 51.72
CA LYS N 523 -39.65 -9.02 52.14
C LYS N 523 -40.81 -9.55 51.34
N ASN N 524 -40.90 -10.88 51.22
CA ASN N 524 -42.06 -11.49 50.57
C ASN N 524 -42.84 -12.44 51.49
N LEU N 525 -44.16 -12.48 51.25
CA LEU N 525 -45.05 -13.30 52.02
C LEU N 525 -44.81 -14.72 51.64
N SER N 526 -44.49 -15.54 52.64
CA SER N 526 -44.43 -16.99 52.49
C SER N 526 -45.58 -17.59 51.67
N LEU N 527 -45.60 -18.91 51.52
CA LEU N 527 -46.69 -19.55 50.78
C LEU N 527 -47.94 -19.71 51.66
N MET N 528 -47.74 -19.78 52.97
CA MET N 528 -48.84 -20.00 53.89
C MET N 528 -49.26 -18.72 54.61
N SER N 529 -48.46 -17.68 54.44
CA SER N 529 -48.76 -16.41 55.09
C SER N 529 -50.22 -16.01 54.88
N TYR N 530 -50.88 -15.59 55.97
CA TYR N 530 -52.24 -15.07 55.89
C TYR N 530 -52.29 -13.75 56.63
N VAL N 531 -52.69 -12.70 55.93
CA VAL N 531 -52.72 -11.40 56.56
C VAL N 531 -54.10 -11.05 57.07
N SER N 532 -54.11 -10.49 58.28
CA SER N 532 -55.31 -10.16 59.05
C SER N 532 -56.18 -9.05 58.44
N VAL N 533 -57.31 -9.45 57.89
CA VAL N 533 -58.31 -8.51 57.38
C VAL N 533 -58.75 -7.58 58.50
N GLY N 534 -58.93 -8.16 59.69
CA GLY N 534 -59.46 -7.46 60.85
C GLY N 534 -60.86 -7.97 61.14
N SER N 535 -61.27 -7.91 62.40
CA SER N 535 -62.59 -8.35 62.76
C SER N 535 -63.11 -7.38 63.79
N PRO N 536 -64.43 -7.21 63.84
CA PRO N 536 -65.06 -6.28 64.78
C PRO N 536 -64.58 -6.50 66.22
N SER N 537 -64.28 -5.40 66.91
CA SER N 537 -63.78 -5.44 68.29
C SER N 537 -64.92 -5.47 69.30
N ALA N 538 -66.14 -5.50 68.80
CA ALA N 538 -67.31 -5.58 69.67
C ALA N 538 -67.60 -7.03 70.11
N PRO N 539 -68.26 -7.86 69.26
CA PRO N 539 -68.71 -9.18 69.72
C PRO N 539 -67.65 -10.00 70.47
N ILE N 540 -66.47 -9.43 70.62
CA ILE N 540 -65.36 -10.12 71.23
C ILE N 540 -65.43 -9.98 72.73
N ILE N 541 -65.78 -8.77 73.18
CA ILE N 541 -65.94 -8.52 74.61
C ILE N 541 -67.21 -9.20 75.10
N GLU N 542 -68.13 -9.49 74.19
CA GLU N 542 -69.36 -10.21 74.55
C GLU N 542 -69.01 -11.55 75.18
N PHE N 543 -67.98 -12.20 74.63
CA PHE N 543 -67.54 -13.48 75.15
C PHE N 543 -66.52 -13.28 76.26
N LEU N 544 -66.38 -12.06 76.77
CA LEU N 544 -65.42 -11.82 77.85
C LEU N 544 -66.03 -11.22 79.12
N GLU N 545 -66.65 -10.05 79.01
CA GLU N 545 -67.35 -9.48 80.15
C GLU N 545 -68.38 -10.49 80.61
N GLU N 546 -69.06 -11.15 79.66
CA GLU N 546 -70.14 -12.07 79.99
C GLU N 546 -69.59 -13.38 80.55
N TRP N 547 -68.37 -13.72 80.22
CA TRP N 547 -67.90 -15.03 80.63
C TRP N 547 -66.39 -15.01 80.73
N GLY N 548 -65.90 -15.07 81.96
CA GLY N 548 -66.75 -15.15 83.13
C GLY N 548 -65.94 -15.53 84.36
N LEU N 549 -66.17 -14.83 85.46
CA LEU N 549 -67.10 -13.71 85.45
C LEU N 549 -66.45 -12.50 84.78
N GLU N 550 -65.22 -12.18 85.18
CA GLU N 550 -64.48 -11.07 84.61
C GLU N 550 -65.12 -9.73 84.94
N THR N 551 -64.60 -9.04 85.96
CA THR N 551 -65.22 -7.78 86.40
C THR N 551 -64.37 -6.56 86.05
N LEU N 552 -65.04 -5.50 85.63
CA LEU N 552 -64.36 -4.30 85.18
C LEU N 552 -64.21 -3.27 86.27
N GLU N 553 -64.64 -2.04 85.99
CA GLU N 553 -64.65 -0.95 86.97
C GLU N 553 -63.36 -0.95 87.76
N ASP N 554 -63.48 -0.58 89.04
CA ASP N 554 -62.37 -0.59 89.97
C ASP N 554 -61.87 -2.01 90.24
N TYR N 555 -61.88 -2.39 91.52
CA TYR N 555 -61.36 -3.68 91.95
C TYR N 555 -59.85 -3.72 91.92
N ASN N 556 -59.23 -2.92 92.79
CA ASN N 556 -57.79 -2.79 92.80
C ASN N 556 -57.15 -2.76 94.20
N PRO N 557 -57.62 -1.87 95.10
CA PRO N 557 -56.93 -1.72 96.38
C PRO N 557 -56.65 -3.09 96.99
N SER N 558 -55.38 -3.35 97.28
CA SER N 558 -54.98 -4.63 97.84
C SER N 558 -55.38 -5.77 96.93
N ALA N 559 -56.36 -6.54 97.36
CA ALA N 559 -56.81 -7.73 96.63
C ALA N 559 -57.19 -7.40 95.20
N SER N 560 -56.88 -8.33 94.30
CA SER N 560 -57.16 -8.15 92.89
C SER N 560 -56.60 -6.82 92.41
N PRO N 561 -55.36 -6.81 91.90
CA PRO N 561 -54.44 -7.94 91.71
C PRO N 561 -53.98 -8.59 93.03
N ASN N 562 -53.39 -9.79 92.96
CA ASN N 562 -53.12 -10.51 91.71
C ASN N 562 -53.25 -12.02 91.86
N ALA N 563 -54.23 -12.64 91.19
CA ALA N 563 -55.21 -11.98 90.30
C ALA N 563 -54.61 -11.27 89.09
N THR N 564 -54.50 -12.00 87.98
CA THR N 564 -53.92 -11.47 86.74
C THR N 564 -54.91 -10.58 85.99
N LYS N 565 -54.42 -9.80 85.02
CA LYS N 565 -55.28 -8.92 84.22
C LYS N 565 -55.56 -9.39 82.77
N VAL N 566 -56.17 -8.52 81.96
CA VAL N 566 -56.64 -8.86 80.59
C VAL N 566 -56.74 -7.64 79.66
N PHE N 567 -55.86 -7.55 78.67
CA PHE N 567 -55.94 -6.52 77.62
C PHE N 567 -56.69 -7.08 76.41
N VAL N 568 -57.23 -6.19 75.57
CA VAL N 568 -57.78 -6.59 74.24
C VAL N 568 -57.66 -5.49 73.19
N ASN N 569 -56.74 -5.68 72.25
CA ASN N 569 -56.33 -4.59 71.41
C ASN N 569 -55.68 -3.54 72.29
N GLY N 570 -55.00 -4.01 73.32
CA GLY N 570 -54.34 -3.14 74.26
C GLY N 570 -55.29 -2.47 75.24
N VAL N 571 -56.59 -2.70 75.06
CA VAL N 571 -57.62 -2.06 75.88
C VAL N 571 -57.90 -2.84 77.18
N TRP N 572 -57.15 -2.51 78.23
CA TRP N 572 -57.23 -3.25 79.48
C TRP N 572 -58.50 -3.01 80.28
N LEU N 573 -59.62 -3.51 79.77
CA LEU N 573 -60.86 -3.40 80.53
C LEU N 573 -61.18 -4.76 81.10
N GLY N 574 -60.75 -4.99 82.34
CA GLY N 574 -61.06 -6.24 83.01
C GLY N 574 -59.94 -6.70 83.90
N VAL N 575 -60.28 -7.54 84.87
CA VAL N 575 -59.31 -8.08 85.82
C VAL N 575 -59.20 -9.59 85.66
N HIS N 576 -60.33 -10.29 85.67
CA HIS N 576 -60.37 -11.77 85.64
C HIS N 576 -59.39 -12.62 86.53
N ARG N 577 -59.91 -13.68 87.14
CA ARG N 577 -59.14 -14.55 88.01
C ARG N 577 -58.66 -15.77 87.25
N ASP N 578 -59.05 -16.98 87.65
CA ASP N 578 -58.51 -18.21 87.05
C ASP N 578 -58.49 -18.17 85.51
N PRO N 579 -57.30 -17.91 84.93
CA PRO N 579 -57.21 -17.71 83.48
C PRO N 579 -57.47 -19.06 82.85
N ALA N 580 -57.06 -20.08 83.59
CA ALA N 580 -57.28 -21.47 83.24
C ALA N 580 -58.50 -21.62 82.35
N HIS N 581 -59.66 -21.69 82.99
CA HIS N 581 -60.89 -21.97 82.29
C HIS N 581 -61.10 -20.99 81.15
N LEU N 582 -60.70 -19.74 81.37
CA LEU N 582 -60.96 -18.68 80.41
C LEU N 582 -60.33 -18.92 79.05
N THR N 583 -59.11 -19.42 79.04
CA THR N 583 -58.39 -19.60 77.79
C THR N 583 -58.88 -20.81 77.00
N GLU N 584 -58.73 -22.02 77.55
CA GLU N 584 -59.12 -23.23 76.84
C GLU N 584 -60.44 -23.03 76.12
N THR N 585 -61.35 -22.31 76.75
CA THR N 585 -62.71 -22.13 76.24
C THR N 585 -62.77 -21.10 75.11
N LEU N 586 -61.84 -20.15 75.12
CA LEU N 586 -61.68 -19.21 74.00
C LEU N 586 -61.12 -19.95 72.80
N ARG N 587 -60.02 -20.66 73.02
CA ARG N 587 -59.33 -21.36 71.95
C ARG N 587 -60.27 -22.33 71.25
N SER N 588 -61.28 -22.79 71.96
CA SER N 588 -62.23 -23.72 71.36
C SER N 588 -63.30 -22.97 70.57
N LEU N 589 -63.29 -21.64 70.70
CA LEU N 589 -64.18 -20.81 69.92
C LEU N 589 -63.60 -20.57 68.52
N ARG N 590 -62.27 -20.67 68.40
CA ARG N 590 -61.60 -20.54 67.11
C ARG N 590 -61.66 -21.84 66.34
N ARG N 591 -61.72 -22.95 67.08
CA ARG N 591 -61.78 -24.28 66.45
C ARG N 591 -63.17 -24.61 65.90
N ARG N 592 -64.19 -23.89 66.35
CA ARG N 592 -65.55 -24.06 65.82
C ARG N 592 -65.89 -22.89 64.91
N LEU N 593 -65.02 -21.89 64.93
CA LEU N 593 -65.18 -20.67 64.14
C LEU N 593 -66.30 -19.73 64.62
N ASP N 594 -66.84 -20.04 65.80
CA ASP N 594 -67.83 -19.16 66.45
C ASP N 594 -67.31 -17.72 66.48
N ILE N 595 -65.98 -17.58 66.47
CA ILE N 595 -65.32 -16.28 66.37
C ILE N 595 -64.30 -16.24 65.22
N SER N 596 -64.04 -15.04 64.69
CA SER N 596 -63.08 -14.89 63.59
C SER N 596 -61.82 -15.67 63.92
N ALA N 597 -61.27 -16.36 62.91
CA ALA N 597 -60.11 -17.23 63.15
C ALA N 597 -58.78 -16.45 63.20
N GLU N 598 -58.88 -15.13 63.01
CA GLU N 598 -57.74 -14.21 62.99
C GLU N 598 -57.36 -13.71 64.37
N VAL N 599 -57.95 -14.29 65.42
CA VAL N 599 -57.69 -13.80 66.78
C VAL N 599 -56.57 -14.54 67.48
N SER N 600 -55.61 -13.78 68.00
CA SER N 600 -54.53 -14.37 68.75
C SER N 600 -54.90 -14.39 70.24
N ILE N 601 -54.10 -15.10 71.02
CA ILE N 601 -54.30 -15.21 72.45
C ILE N 601 -52.93 -15.26 73.13
N VAL N 602 -52.79 -14.69 74.31
CA VAL N 602 -51.49 -14.73 74.99
C VAL N 602 -51.62 -14.98 76.49
N ARG N 603 -50.67 -15.70 77.06
CA ARG N 603 -50.72 -16.03 78.46
C ARG N 603 -49.38 -15.85 79.15
N ASP N 604 -48.96 -14.59 79.31
CA ASP N 604 -47.62 -14.31 79.82
C ASP N 604 -47.45 -14.62 81.30
N ILE N 605 -47.25 -15.89 81.61
CA ILE N 605 -47.10 -16.35 82.97
C ILE N 605 -45.85 -15.83 83.69
N ARG N 606 -45.21 -14.81 83.13
CA ARG N 606 -44.04 -14.22 83.79
C ARG N 606 -44.27 -12.75 84.06
N GLU N 607 -45.25 -12.20 83.34
CA GLU N 607 -45.60 -10.78 83.43
C GLU N 607 -47.08 -10.67 83.67
N LYS N 608 -47.70 -11.80 83.98
CA LYS N 608 -49.15 -11.90 84.17
C LYS N 608 -49.84 -11.67 82.83
N GLU N 609 -50.94 -10.93 82.87
CA GLU N 609 -51.56 -10.46 81.64
C GLU N 609 -52.05 -11.58 80.70
N LEU N 610 -52.96 -11.21 79.82
CA LEU N 610 -53.48 -12.09 78.78
C LEU N 610 -53.88 -11.18 77.63
N ARG N 611 -52.92 -10.81 76.79
CA ARG N 611 -53.16 -9.92 75.63
C ARG N 611 -53.99 -10.66 74.57
N LEU N 612 -54.93 -9.94 73.95
CA LEU N 612 -55.81 -10.55 72.97
C LEU N 612 -55.99 -9.63 71.79
N PHE N 613 -55.15 -9.81 70.77
CA PHE N 613 -55.24 -8.94 69.60
C PHE N 613 -56.25 -9.43 68.56
N THR N 614 -56.60 -8.57 67.62
CA THR N 614 -57.59 -8.88 66.59
C THR N 614 -57.57 -7.86 65.46
N ASP N 615 -56.85 -6.77 65.66
CA ASP N 615 -56.83 -5.70 64.68
C ASP N 615 -56.03 -6.16 63.50
N ALA N 616 -56.48 -5.74 62.32
CA ALA N 616 -55.92 -6.12 61.01
C ALA N 616 -54.47 -5.69 60.78
N GLY N 617 -53.69 -6.60 60.20
CA GLY N 617 -52.26 -6.41 60.07
C GLY N 617 -51.47 -7.52 60.76
N ARG N 618 -52.19 -8.41 61.45
CA ARG N 618 -51.55 -9.57 62.05
C ARG N 618 -50.97 -10.42 60.89
N ILE N 619 -49.97 -11.25 61.17
CA ILE N 619 -49.62 -12.34 60.25
C ILE N 619 -49.93 -13.73 60.83
N CYS N 620 -50.41 -14.64 59.99
CA CYS N 620 -50.75 -15.99 60.45
C CYS N 620 -49.76 -17.03 59.94
N ARG N 621 -50.17 -18.31 59.95
CA ARG N 621 -49.31 -19.43 59.56
C ARG N 621 -49.98 -20.74 60.00
N PRO N 622 -50.91 -21.25 59.18
CA PRO N 622 -51.65 -22.48 59.48
C PRO N 622 -50.82 -23.68 59.95
N LEU N 623 -51.01 -24.11 61.19
CA LEU N 623 -50.35 -25.28 61.75
C LEU N 623 -51.30 -26.44 62.07
N PHE N 624 -50.72 -27.57 62.45
CA PHE N 624 -51.49 -28.66 62.97
C PHE N 624 -51.44 -28.55 64.48
N ILE N 625 -52.39 -29.20 65.17
CA ILE N 625 -52.43 -29.16 66.64
C ILE N 625 -52.32 -30.54 67.31
N VAL N 626 -52.50 -30.59 68.62
CA VAL N 626 -52.40 -31.86 69.31
C VAL N 626 -53.57 -32.10 70.27
N ASP N 627 -53.97 -31.05 70.97
CA ASP N 627 -55.03 -31.13 71.98
C ASP N 627 -54.73 -32.28 72.93
N ASN N 628 -54.06 -31.96 74.03
CA ASN N 628 -53.75 -32.95 75.05
C ASN N 628 -54.46 -32.61 76.36
N ASN N 629 -55.41 -33.45 76.76
CA ASN N 629 -56.19 -33.23 77.98
C ASN N 629 -55.51 -33.76 79.26
N PRO N 630 -55.16 -35.05 79.31
CA PRO N 630 -55.40 -36.11 78.32
C PRO N 630 -56.80 -36.65 78.48
N ASN N 631 -57.24 -37.46 77.53
CA ASN N 631 -58.56 -38.03 77.57
C ASN N 631 -58.62 -39.21 76.62
N SER N 632 -58.90 -38.91 75.35
CA SER N 632 -58.96 -39.93 74.32
C SER N 632 -57.55 -40.34 73.91
N GLU N 633 -57.46 -41.49 73.23
CA GLU N 633 -56.20 -42.01 72.73
C GLU N 633 -55.06 -41.86 73.74
N ARG N 634 -55.19 -42.56 74.86
CA ARG N 634 -54.18 -42.51 75.92
C ARG N 634 -53.84 -41.08 76.30
N ARG N 635 -52.71 -40.59 75.79
CA ARG N 635 -52.25 -39.23 76.07
C ARG N 635 -52.42 -38.34 74.85
N GLY N 636 -51.68 -38.63 73.79
CA GLY N 636 -51.76 -37.86 72.57
C GLY N 636 -52.73 -38.41 71.54
N GLU N 637 -52.46 -38.16 70.27
CA GLU N 637 -51.27 -37.41 69.84
C GLU N 637 -51.53 -36.56 68.60
N LEU N 638 -51.64 -37.21 67.45
CA LEU N 638 -51.96 -36.51 66.20
C LEU N 638 -53.42 -36.11 66.22
N CYS N 639 -53.74 -34.89 65.77
CA CYS N 639 -55.13 -34.43 65.80
C CYS N 639 -55.91 -34.69 64.51
N ILE N 640 -55.24 -35.21 63.49
CA ILE N 640 -55.92 -35.63 62.26
C ILE N 640 -55.79 -37.13 62.12
N ARG N 641 -56.76 -37.76 61.46
CA ARG N 641 -56.66 -39.19 61.20
C ARG N 641 -56.63 -39.47 59.70
N LYS N 642 -55.96 -40.54 59.31
CA LYS N 642 -55.91 -40.92 57.90
C LYS N 642 -57.30 -40.75 57.33
N GLU N 643 -58.30 -41.09 58.13
CA GLU N 643 -59.69 -40.91 57.75
C GLU N 643 -59.88 -39.53 57.14
N HIS N 644 -59.54 -38.50 57.91
CA HIS N 644 -59.66 -37.13 57.47
C HIS N 644 -59.15 -36.96 56.05
N ILE N 645 -57.91 -37.37 55.87
CA ILE N 645 -57.25 -37.14 54.61
C ILE N 645 -58.01 -37.77 53.45
N GLN N 646 -58.28 -39.08 53.51
CA GLN N 646 -58.99 -39.73 52.43
C GLN N 646 -60.22 -38.91 52.10
N GLN N 647 -60.86 -38.36 53.12
CA GLN N 647 -62.06 -37.55 52.91
C GLN N 647 -61.76 -36.33 52.07
N LEU N 648 -60.63 -35.68 52.36
CA LEU N 648 -60.18 -34.53 51.59
C LEU N 648 -60.14 -34.83 50.10
N ILE N 649 -59.51 -35.95 49.76
CA ILE N 649 -59.39 -36.37 48.38
C ILE N 649 -60.75 -36.56 47.71
N GLU N 650 -61.80 -36.78 48.49
CA GLU N 650 -63.12 -36.93 47.89
C GLU N 650 -63.58 -35.65 47.19
N ASP N 651 -62.87 -34.55 47.44
CA ASP N 651 -63.24 -33.25 46.89
C ASP N 651 -62.33 -32.80 45.74
N LYS N 652 -61.13 -33.37 45.66
CA LYS N 652 -60.25 -33.10 44.54
C LYS N 652 -60.92 -33.59 43.27
N ASP N 653 -61.62 -34.71 43.37
CA ASP N 653 -62.33 -35.28 42.22
C ASP N 653 -63.52 -34.43 41.83
N ARG N 654 -63.90 -33.49 42.70
CA ARG N 654 -65.02 -32.61 42.44
C ARG N 654 -64.74 -31.67 41.28
N TYR N 655 -65.60 -30.67 41.11
CA TYR N 655 -66.74 -30.48 41.99
C TYR N 655 -67.73 -31.65 41.88
N ASP N 656 -69.01 -31.36 42.05
CA ASP N 656 -70.05 -32.37 41.97
C ASP N 656 -70.87 -32.43 43.25
N ILE N 657 -71.46 -31.30 43.62
CA ILE N 657 -72.28 -31.23 44.83
C ILE N 657 -72.79 -29.81 45.06
N ASP N 658 -72.88 -29.41 46.33
CA ASP N 658 -73.36 -28.09 46.67
C ASP N 658 -72.76 -27.61 48.00
N PRO N 659 -73.44 -26.68 48.65
CA PRO N 659 -72.97 -26.15 49.94
C PRO N 659 -73.98 -26.38 51.05
N GLU N 660 -73.78 -27.43 51.84
CA GLU N 660 -72.65 -28.33 51.63
C GLU N 660 -71.39 -27.55 51.24
N GLN N 661 -70.56 -28.18 50.40
CA GLN N 661 -69.33 -27.55 49.95
C GLN N 661 -68.11 -28.41 50.30
N ARG N 662 -67.47 -28.96 49.28
CA ARG N 662 -66.30 -29.81 49.48
C ARG N 662 -65.39 -29.23 50.56
N PHE N 663 -65.64 -29.63 51.81
CA PHE N 663 -64.84 -29.14 52.93
C PHE N 663 -63.34 -29.31 52.66
N GLY N 664 -62.80 -28.43 51.84
CA GLY N 664 -61.39 -28.46 51.50
C GLY N 664 -60.63 -27.30 52.12
N TRP N 665 -60.28 -27.44 53.39
CA TRP N 665 -59.54 -26.39 54.09
C TRP N 665 -60.50 -25.33 54.64
N THR N 666 -61.45 -24.92 53.81
CA THR N 666 -62.42 -23.91 54.20
C THR N 666 -63.20 -24.39 55.42
N ALA N 667 -63.05 -25.67 55.73
CA ALA N 667 -63.71 -26.25 56.89
C ALA N 667 -62.72 -26.88 57.86
N LEU N 668 -61.52 -27.18 57.38
CA LEU N 668 -60.48 -27.80 58.22
C LEU N 668 -60.07 -26.93 59.40
N VAL N 669 -60.65 -25.74 59.45
CA VAL N 669 -60.52 -24.89 60.60
C VAL N 669 -61.83 -24.95 61.39
N SER N 670 -62.96 -25.09 60.69
CA SER N 670 -64.26 -25.22 61.35
C SER N 670 -64.31 -26.47 62.20
N SER N 671 -63.31 -27.32 62.03
CA SER N 671 -63.27 -28.60 62.71
C SER N 671 -62.10 -28.71 63.66
N GLY N 672 -61.56 -27.56 64.08
CA GLY N 672 -60.49 -27.49 65.05
C GLY N 672 -59.28 -28.41 64.82
N LEU N 673 -58.85 -28.48 63.57
CA LEU N 673 -57.76 -29.36 63.17
C LEU N 673 -56.44 -28.57 63.05
N ILE N 674 -56.53 -27.48 62.29
CA ILE N 674 -55.42 -26.56 62.09
C ILE N 674 -55.76 -25.17 62.65
N GLU N 675 -54.89 -24.65 63.51
CA GLU N 675 -55.08 -23.33 64.07
C GLU N 675 -54.15 -22.36 63.35
N TYR N 676 -54.64 -21.21 62.95
CA TYR N 676 -53.74 -20.17 62.46
C TYR N 676 -53.05 -19.51 63.64
N LEU N 677 -51.73 -19.43 63.60
CA LEU N 677 -50.98 -18.77 64.67
C LEU N 677 -50.41 -17.41 64.27
N ASP N 678 -50.60 -16.46 65.17
CA ASP N 678 -50.06 -15.12 65.03
C ASP N 678 -48.58 -15.20 65.35
N ALA N 679 -47.86 -14.12 65.08
CA ALA N 679 -46.46 -14.02 65.42
C ALA N 679 -46.22 -13.92 66.93
N GLU N 680 -47.15 -13.28 67.63
CA GLU N 680 -46.98 -13.06 69.07
C GLU N 680 -47.53 -14.24 69.83
N GLU N 681 -48.37 -15.03 69.17
CA GLU N 681 -48.94 -16.26 69.73
C GLU N 681 -47.89 -17.38 69.81
N GLU N 682 -46.87 -17.31 68.97
CA GLU N 682 -45.81 -18.30 68.98
C GLU N 682 -45.21 -18.42 70.35
N GLU N 683 -44.82 -17.28 70.92
CA GLU N 683 -44.13 -17.27 72.19
C GLU N 683 -44.68 -18.32 73.15
N THR N 684 -46.01 -18.43 73.26
CA THR N 684 -46.69 -19.29 74.25
C THR N 684 -46.93 -20.71 73.76
N VAL N 685 -46.42 -21.00 72.58
CA VAL N 685 -46.66 -22.28 71.94
C VAL N 685 -45.36 -23.06 71.77
N MET N 686 -45.50 -24.34 71.42
CA MET N 686 -44.37 -25.24 71.28
C MET N 686 -44.57 -26.16 70.07
N ILE N 687 -44.20 -25.72 68.88
CA ILE N 687 -44.44 -26.51 67.68
C ILE N 687 -43.44 -27.66 67.47
N ALA N 688 -43.82 -28.62 66.64
CA ALA N 688 -42.93 -29.72 66.31
C ALA N 688 -42.50 -29.52 64.86
N MET N 689 -41.45 -30.23 64.45
CA MET N 689 -40.94 -30.13 63.08
C MET N 689 -41.57 -31.19 62.18
N SER N 690 -41.33 -32.45 62.50
CA SER N 690 -41.87 -33.55 61.71
C SER N 690 -42.55 -34.58 62.59
N PRO N 691 -43.64 -35.16 62.07
CA PRO N 691 -44.39 -36.18 62.81
C PRO N 691 -43.47 -37.23 63.44
N GLU N 692 -42.43 -37.61 62.70
CA GLU N 692 -41.48 -38.61 63.19
C GLU N 692 -40.97 -38.23 64.58
N ASP N 693 -40.69 -36.95 64.78
CA ASP N 693 -40.20 -36.46 66.07
C ASP N 693 -41.24 -36.66 67.16
N LEU N 694 -42.50 -36.41 66.82
CA LEU N 694 -43.60 -36.57 67.76
C LEU N 694 -43.79 -38.03 68.15
N GLU N 695 -43.66 -38.91 67.18
CA GLU N 695 -43.82 -40.35 67.41
C GLU N 695 -42.72 -40.86 68.34
N ALA N 696 -41.49 -40.39 68.13
CA ALA N 696 -40.36 -40.80 68.95
C ALA N 696 -40.55 -40.36 70.39
N SER N 697 -41.06 -39.15 70.58
CA SER N 697 -41.28 -38.61 71.92
C SER N 697 -42.36 -39.40 72.65
N ARG N 698 -43.37 -39.84 71.91
CA ARG N 698 -44.47 -40.61 72.49
C ARG N 698 -43.98 -41.99 72.95
N GLN N 699 -43.05 -42.57 72.20
CA GLN N 699 -42.50 -43.87 72.53
C GLN N 699 -41.61 -43.79 73.77
N MET N 700 -40.90 -42.67 73.92
CA MET N 700 -40.01 -42.46 75.05
C MET N 700 -40.80 -42.35 76.36
N GLN N 701 -41.95 -41.67 76.29
CA GLN N 701 -42.80 -41.49 77.46
C GLN N 701 -43.03 -42.82 78.17
N ALA N 702 -42.48 -43.90 77.62
CA ALA N 702 -42.64 -45.22 78.20
C ALA N 702 -41.39 -46.08 77.96
N GLY N 703 -40.38 -45.48 77.35
CA GLY N 703 -39.14 -46.18 77.05
C GLY N 703 -39.26 -47.07 75.84
N TYR N 704 -38.72 -46.60 74.72
CA TYR N 704 -38.77 -47.36 73.47
C TYR N 704 -37.48 -47.16 72.67
N GLU N 705 -36.89 -48.27 72.22
CA GLU N 705 -35.67 -48.22 71.43
C GLU N 705 -35.67 -47.02 70.48
N VAL N 706 -34.47 -46.57 70.12
CA VAL N 706 -34.34 -45.44 69.21
C VAL N 706 -34.07 -45.90 67.78
N LYS N 707 -33.19 -46.88 67.64
CA LYS N 707 -32.85 -47.42 66.32
C LYS N 707 -32.14 -46.38 65.47
N GLU N 708 -30.89 -46.07 65.82
CA GLU N 708 -30.10 -45.10 65.08
C GLU N 708 -29.02 -45.77 64.26
N GLU N 709 -29.01 -47.10 64.27
CA GLU N 709 -28.02 -47.87 63.53
C GLU N 709 -28.63 -48.49 62.28
N LEU N 710 -29.70 -47.88 61.78
CA LEU N 710 -30.39 -48.38 60.60
C LEU N 710 -30.58 -47.27 59.56
N ASP N 711 -30.52 -46.02 60.02
CA ASP N 711 -30.68 -44.87 59.14
C ASP N 711 -29.50 -44.74 58.19
N PRO N 712 -29.78 -44.27 56.97
CA PRO N 712 -28.72 -44.09 55.97
C PRO N 712 -28.62 -42.64 55.51
N ALA N 713 -27.41 -42.22 55.14
CA ALA N 713 -27.19 -40.86 54.69
C ALA N 713 -28.49 -40.06 54.64
N GLN N 714 -28.61 -39.07 55.52
CA GLN N 714 -29.81 -38.24 55.57
C GLN N 714 -29.61 -37.05 56.50
N ARG N 715 -30.65 -36.25 56.67
CA ARG N 715 -30.60 -35.07 57.53
C ARG N 715 -30.54 -35.46 59.00
N VAL N 716 -29.33 -35.73 59.49
CA VAL N 716 -29.14 -36.11 60.88
C VAL N 716 -29.93 -35.22 61.84
N LYS N 717 -31.14 -35.62 62.23
CA LYS N 717 -31.89 -34.84 63.22
C LYS N 717 -31.24 -34.77 64.62
N PRO N 718 -31.76 -33.91 65.50
CA PRO N 718 -31.32 -33.82 66.91
C PRO N 718 -32.05 -34.84 67.81
N ALA N 719 -31.46 -36.00 67.99
CA ALA N 719 -32.14 -37.05 68.73
C ALA N 719 -31.58 -37.17 70.13
N PRO N 720 -32.44 -37.60 71.08
CA PRO N 720 -33.84 -37.88 70.78
C PRO N 720 -34.69 -36.63 70.88
N ASN N 721 -34.96 -36.22 72.12
CA ASN N 721 -35.84 -35.11 72.40
C ASN N 721 -35.66 -34.60 73.82
N PRO N 722 -35.04 -33.41 73.94
CA PRO N 722 -34.66 -32.81 75.22
C PRO N 722 -35.87 -32.55 76.06
N HIS N 723 -36.14 -33.37 77.08
CA HIS N 723 -37.24 -33.03 77.97
C HIS N 723 -38.49 -32.87 77.10
N VAL N 724 -39.27 -31.81 77.29
CA VAL N 724 -40.47 -31.59 76.46
C VAL N 724 -41.38 -32.82 76.48
N HIS N 725 -42.36 -32.90 77.39
CA HIS N 725 -43.12 -34.15 77.52
C HIS N 725 -44.17 -34.31 76.43
N ALA N 726 -44.87 -33.23 76.13
CA ALA N 726 -45.83 -33.25 75.05
C ALA N 726 -45.72 -31.93 74.30
N TRP N 727 -46.04 -31.99 73.00
CA TRP N 727 -45.95 -30.85 72.10
C TRP N 727 -47.31 -30.19 71.98
N THR N 728 -47.38 -29.10 71.23
CA THR N 728 -48.64 -28.41 71.11
C THR N 728 -49.17 -28.42 69.68
N HIS N 729 -48.38 -27.91 68.74
CA HIS N 729 -48.70 -27.95 67.32
C HIS N 729 -47.53 -28.59 66.54
N CYS N 730 -47.78 -29.07 65.32
CA CYS N 730 -46.65 -29.45 64.49
C CYS N 730 -46.76 -28.89 63.08
N GLU N 731 -45.65 -28.33 62.60
CA GLU N 731 -45.57 -27.63 61.31
C GLU N 731 -46.00 -28.50 60.14
N ILE N 732 -46.83 -27.93 59.27
CA ILE N 732 -47.43 -28.64 58.14
C ILE N 732 -46.38 -29.31 57.25
N HIS N 733 -45.37 -28.54 56.87
CA HIS N 733 -44.21 -29.03 56.13
C HIS N 733 -43.24 -27.86 56.14
N PRO N 734 -41.94 -28.13 56.30
CA PRO N 734 -41.02 -27.00 56.50
C PRO N 734 -40.77 -26.27 55.18
N ALA N 735 -41.38 -26.76 54.12
CA ALA N 735 -41.08 -26.20 52.82
C ALA N 735 -42.08 -25.14 52.38
N MET N 736 -43.00 -24.81 53.26
CA MET N 736 -43.94 -23.75 52.96
C MET N 736 -43.36 -22.52 53.61
N ILE N 737 -42.21 -22.69 54.25
CA ILE N 737 -41.51 -21.57 54.85
C ILE N 737 -40.69 -20.87 53.79
N LEU N 738 -41.21 -20.75 52.57
CA LEU N 738 -40.39 -20.22 51.48
C LEU N 738 -41.03 -19.09 50.72
N GLY N 739 -40.17 -18.26 50.13
CA GLY N 739 -40.60 -17.21 49.23
C GLY N 739 -41.44 -17.82 48.14
N ILE N 740 -42.09 -16.97 47.35
CA ILE N 740 -42.96 -17.44 46.30
C ILE N 740 -42.09 -17.80 45.12
N LEU N 741 -41.02 -17.04 45.01
CA LEU N 741 -40.11 -17.12 43.88
C LEU N 741 -38.92 -18.02 44.20
N ALA N 742 -38.71 -18.25 45.49
CA ALA N 742 -37.64 -19.13 45.94
C ALA N 742 -38.09 -20.58 46.04
N SER N 743 -39.38 -20.82 45.93
CA SER N 743 -39.92 -22.16 46.04
C SER N 743 -39.83 -22.88 44.72
N ILE N 744 -39.07 -22.28 43.80
CA ILE N 744 -38.94 -22.84 42.48
C ILE N 744 -37.51 -23.34 42.30
N ILE N 745 -36.75 -23.37 43.38
CA ILE N 745 -35.33 -23.68 43.21
C ILE N 745 -34.92 -25.07 43.67
N PRO N 746 -34.44 -25.92 42.75
CA PRO N 746 -34.16 -27.29 43.15
C PRO N 746 -33.31 -27.32 44.39
N PHE N 747 -33.62 -28.23 45.30
CA PHE N 747 -32.82 -28.48 46.48
C PHE N 747 -32.39 -27.30 47.34
N PRO N 748 -33.29 -26.32 47.53
CA PRO N 748 -33.00 -25.14 48.34
C PRO N 748 -32.21 -25.52 49.55
N ASP N 749 -32.76 -26.29 50.48
CA ASP N 749 -31.97 -26.58 51.67
C ASP N 749 -30.84 -27.49 51.25
N HIS N 750 -29.75 -26.88 50.81
CA HIS N 750 -28.58 -27.64 50.38
C HIS N 750 -27.47 -26.70 49.88
N ASN N 751 -27.82 -25.43 49.71
CA ASN N 751 -26.86 -24.43 49.24
C ASN N 751 -26.13 -23.76 50.38
N GLN N 752 -25.23 -22.83 50.04
CA GLN N 752 -24.42 -22.15 51.04
C GLN N 752 -25.17 -21.01 51.73
N SER N 753 -26.41 -20.80 51.31
CA SER N 753 -27.24 -19.74 51.88
C SER N 753 -27.15 -18.48 51.02
N PRO N 754 -26.00 -17.81 51.08
CA PRO N 754 -25.78 -16.61 50.27
C PRO N 754 -26.23 -16.82 48.83
N ARG N 755 -25.98 -18.01 48.30
CA ARG N 755 -26.40 -18.35 46.94
C ARG N 755 -27.91 -18.42 46.86
N ASN N 756 -28.53 -18.84 47.95
CA ASN N 756 -29.99 -18.94 48.02
C ASN N 756 -30.64 -17.58 47.82
N THR N 757 -30.14 -16.58 48.53
CA THR N 757 -30.65 -15.22 48.40
C THR N 757 -30.75 -14.83 46.93
N TYR N 758 -29.80 -15.31 46.14
CA TYR N 758 -29.80 -15.04 44.70
C TYR N 758 -30.84 -15.89 44.00
N GLN N 759 -30.75 -15.96 42.67
CA GLN N 759 -31.69 -16.74 41.88
C GLN N 759 -33.09 -16.18 42.04
N SER N 760 -33.49 -15.93 43.28
CA SER N 760 -34.81 -15.37 43.57
C SER N 760 -34.92 -13.95 43.04
N ALA N 761 -33.98 -13.10 43.43
CA ALA N 761 -33.94 -11.72 42.97
C ALA N 761 -33.63 -11.67 41.48
N MET N 762 -32.77 -12.58 41.02
CA MET N 762 -32.42 -12.66 39.61
C MET N 762 -33.52 -13.37 38.84
N GLY N 763 -34.15 -14.35 39.47
CA GLY N 763 -35.23 -15.10 38.85
C GLY N 763 -36.24 -14.17 38.22
N LYS N 764 -36.65 -13.15 38.96
CA LYS N 764 -37.61 -12.17 38.45
C LYS N 764 -37.13 -11.60 37.12
N GLN N 765 -35.82 -11.63 36.91
CA GLN N 765 -35.23 -11.14 35.67
C GLN N 765 -35.11 -12.28 34.68
N ALA N 766 -35.84 -13.36 34.88
CA ALA N 766 -35.75 -14.49 33.97
C ALA N 766 -36.44 -14.11 32.71
N MET N 767 -36.67 -15.11 31.87
CA MET N 767 -37.36 -14.90 30.61
C MET N 767 -38.24 -16.10 30.36
N GLY N 768 -39.43 -15.85 29.84
CA GLY N 768 -40.36 -16.93 29.52
C GLY N 768 -41.72 -16.35 29.23
N VAL N 769 -42.76 -17.19 29.28
CA VAL N 769 -44.12 -16.70 29.02
C VAL N 769 -44.80 -16.25 30.31
N TYR N 770 -45.28 -15.01 30.31
CA TYR N 770 -45.82 -14.40 31.53
C TYR N 770 -47.30 -14.50 31.62
N LEU N 771 -47.96 -14.67 30.48
CA LEU N 771 -49.42 -14.72 30.42
C LEU N 771 -49.87 -15.32 29.10
N THR N 772 -50.78 -16.28 29.17
CA THR N 772 -51.25 -16.94 27.96
C THR N 772 -51.77 -15.93 26.91
N ASN N 773 -52.09 -14.72 27.31
CA ASN N 773 -52.67 -13.77 26.37
C ASN N 773 -51.81 -12.55 26.11
N TYR N 774 -50.50 -12.74 25.93
CA TYR N 774 -49.60 -11.61 25.69
C TYR N 774 -49.84 -11.10 24.29
N GLN N 775 -50.28 -12.00 23.41
CA GLN N 775 -50.46 -11.69 22.01
C GLN N 775 -51.51 -10.61 21.83
N VAL N 776 -52.45 -10.55 22.76
CA VAL N 776 -53.57 -9.62 22.62
C VAL N 776 -53.28 -8.33 23.39
N ARG N 777 -52.67 -8.48 24.55
CA ARG N 777 -52.26 -7.34 25.35
C ARG N 777 -51.18 -6.52 24.61
N MET N 778 -51.53 -5.30 24.21
CA MET N 778 -50.52 -4.34 23.78
C MET N 778 -49.83 -3.83 25.05
N ASP N 779 -48.50 -3.95 25.09
CA ASP N 779 -47.75 -3.76 26.33
C ASP N 779 -46.30 -3.42 25.97
N THR N 780 -45.75 -2.40 26.58
CA THR N 780 -44.37 -2.00 26.30
C THR N 780 -43.36 -2.96 26.90
N MET N 781 -42.26 -3.20 26.19
CA MET N 781 -41.22 -4.11 26.66
C MET N 781 -41.80 -5.43 27.17
N ALA N 782 -41.89 -6.40 26.27
CA ALA N 782 -42.29 -7.75 26.65
C ALA N 782 -41.30 -8.77 26.10
N ASN N 783 -41.03 -9.81 26.89
CA ASN N 783 -40.05 -10.82 26.52
C ASN N 783 -40.61 -12.23 26.69
N ILE N 784 -40.80 -12.98 25.61
CA ILE N 784 -41.28 -14.35 25.72
C ILE N 784 -40.28 -15.39 25.20
N LEU N 785 -40.58 -16.67 25.41
CA LEU N 785 -39.68 -17.75 24.98
C LEU N 785 -40.22 -18.54 23.79
N TYR N 786 -39.39 -18.76 22.78
CA TYR N 786 -39.80 -19.60 21.66
C TYR N 786 -40.21 -20.98 22.17
N TYR N 787 -39.38 -21.56 23.04
CA TYR N 787 -39.63 -22.92 23.51
C TYR N 787 -39.33 -23.10 25.00
N PRO N 788 -40.35 -22.92 25.85
CA PRO N 788 -40.22 -23.10 27.30
C PRO N 788 -40.31 -24.56 27.70
N GLN N 789 -39.76 -24.92 28.85
CA GLN N 789 -39.79 -26.30 29.34
C GLN N 789 -39.92 -26.50 30.86
N LYS N 790 -40.54 -27.61 31.24
CA LYS N 790 -40.63 -28.00 32.66
C LYS N 790 -39.28 -28.31 33.30
N PRO N 791 -38.99 -27.70 34.43
CA PRO N 791 -37.75 -27.84 35.19
C PRO N 791 -37.22 -29.24 35.41
N LEU N 792 -37.68 -30.26 34.70
CA LEU N 792 -37.11 -31.60 34.87
C LEU N 792 -37.15 -32.09 36.33
N ALA N 793 -36.19 -31.63 37.12
CA ALA N 793 -36.14 -31.91 38.54
C ALA N 793 -36.75 -30.74 39.28
N THR N 794 -38.02 -30.91 39.65
CA THR N 794 -38.79 -29.82 40.24
C THR N 794 -39.39 -30.22 41.58
N THR N 795 -39.73 -29.22 42.40
CA THR N 795 -40.29 -29.45 43.73
C THR N 795 -41.80 -29.62 43.69
N ARG N 796 -42.31 -30.41 44.63
CA ARG N 796 -43.74 -30.66 44.72
C ARG N 796 -44.44 -29.42 45.26
N SER N 797 -43.99 -28.24 44.83
CA SER N 797 -44.61 -27.01 45.30
C SER N 797 -44.81 -26.00 44.19
N MET N 798 -44.96 -26.52 42.97
CA MET N 798 -45.18 -25.68 41.82
C MET N 798 -46.56 -25.87 41.27
N GLU N 799 -47.12 -27.05 41.48
CA GLU N 799 -48.48 -27.31 41.06
C GLU N 799 -49.34 -26.11 41.42
N TYR N 800 -48.94 -25.45 42.50
CA TYR N 800 -49.70 -24.31 43.02
C TYR N 800 -49.19 -23.01 42.39
N LEU N 801 -47.88 -22.92 42.18
CA LEU N 801 -47.31 -21.73 41.55
C LEU N 801 -47.56 -21.70 40.03
N LYS N 802 -48.46 -22.58 39.59
CA LYS N 802 -48.80 -22.69 38.19
C LYS N 802 -47.55 -22.61 37.34
N PHE N 803 -46.43 -23.12 37.84
CA PHE N 803 -45.14 -22.88 37.22
C PHE N 803 -44.82 -23.77 36.04
N ARG N 804 -45.16 -25.05 36.15
CA ARG N 804 -44.97 -25.98 35.04
C ARG N 804 -45.76 -25.56 33.79
N GLU N 805 -46.72 -24.66 33.95
CA GLU N 805 -47.63 -24.29 32.85
C GLU N 805 -47.10 -23.10 32.09
N LEU N 806 -46.19 -22.38 32.73
CA LEU N 806 -45.58 -21.19 32.12
C LEU N 806 -44.14 -21.00 32.56
N PRO N 807 -43.27 -21.98 32.21
CA PRO N 807 -41.88 -22.05 32.67
C PRO N 807 -41.02 -20.86 32.28
N ALA N 808 -40.05 -20.57 33.15
CA ALA N 808 -39.06 -19.55 32.93
C ALA N 808 -37.85 -20.26 32.41
N GLY N 809 -37.82 -21.57 32.67
CA GLY N 809 -36.64 -22.37 32.40
C GLY N 809 -36.56 -22.90 30.99
N GLN N 810 -35.48 -23.64 30.74
CA GLN N 810 -35.28 -24.38 29.50
C GLN N 810 -34.11 -25.35 29.70
N ASN N 811 -34.38 -26.63 29.53
CA ASN N 811 -33.45 -27.66 29.96
C ASN N 811 -32.31 -27.87 29.01
N ALA N 812 -31.11 -27.78 29.53
CA ALA N 812 -29.96 -27.74 28.65
C ALA N 812 -28.90 -28.77 29.01
N ILE N 813 -28.62 -29.69 28.10
CA ILE N 813 -27.58 -30.66 28.37
C ILE N 813 -26.32 -29.95 28.73
N VAL N 814 -26.10 -29.70 30.01
CA VAL N 814 -24.90 -28.98 30.47
C VAL N 814 -23.76 -29.91 30.77
N ALA N 815 -22.53 -29.42 30.56
CA ALA N 815 -21.37 -30.21 30.93
C ALA N 815 -20.29 -29.32 31.52
N ILE N 816 -20.00 -29.54 32.79
CA ILE N 816 -18.95 -28.79 33.47
C ILE N 816 -17.59 -29.25 33.00
N LEU N 817 -16.98 -28.54 32.04
CA LEU N 817 -15.62 -28.89 31.60
C LEU N 817 -14.72 -27.67 31.56
N CYS N 818 -13.44 -27.90 31.80
CA CYS N 818 -12.42 -26.87 31.60
C CYS N 818 -11.88 -27.11 30.20
N TYR N 819 -12.38 -26.38 29.20
CA TYR N 819 -12.17 -26.76 27.80
C TYR N 819 -12.08 -25.56 26.91
N SER N 820 -10.86 -25.31 26.44
CA SER N 820 -10.49 -24.09 25.74
C SER N 820 -9.96 -23.11 26.76
N GLY N 821 -10.77 -22.09 27.03
CA GLY N 821 -10.46 -21.10 28.04
C GLY N 821 -11.41 -19.95 27.98
N TYR N 822 -12.46 -20.12 27.18
CA TYR N 822 -13.45 -19.07 26.96
C TYR N 822 -14.58 -19.11 28.00
N ASN N 823 -14.72 -20.27 28.66
CA ASN N 823 -15.65 -20.45 29.77
C ASN N 823 -14.95 -20.26 31.10
N GLN N 824 -14.44 -19.07 31.34
CA GLN N 824 -13.61 -18.86 32.50
C GLN N 824 -14.28 -17.99 33.57
N GLU N 825 -13.68 -17.95 34.77
CA GLU N 825 -14.13 -17.06 35.84
C GLU N 825 -15.58 -16.63 35.64
N ASP N 826 -16.50 -17.46 36.12
CA ASP N 826 -17.93 -17.19 36.01
C ASP N 826 -18.32 -16.76 34.61
N SER N 827 -18.17 -17.70 33.66
CA SER N 827 -18.61 -17.48 32.29
C SER N 827 -18.74 -18.81 31.55
N ILE N 828 -19.61 -18.85 30.53
CA ILE N 828 -19.94 -20.11 29.89
C ILE N 828 -19.87 -20.11 28.38
N ILE N 829 -19.61 -21.28 27.79
CA ILE N 829 -19.57 -21.40 26.33
C ILE N 829 -20.63 -22.32 25.81
N MET N 830 -21.40 -21.83 24.84
CA MET N 830 -22.58 -22.53 24.40
C MET N 830 -22.41 -23.07 22.99
N ASN N 831 -23.13 -24.16 22.72
CA ASN N 831 -23.08 -24.82 21.44
C ASN N 831 -23.89 -24.12 20.36
N GLN N 832 -23.23 -23.68 19.30
CA GLN N 832 -23.93 -22.97 18.22
C GLN N 832 -24.99 -23.81 17.50
N ALA N 833 -24.69 -25.09 17.31
CA ALA N 833 -25.63 -26.01 16.66
C ALA N 833 -27.00 -25.89 17.29
N SER N 834 -26.97 -25.77 18.61
CA SER N 834 -28.18 -25.75 19.42
C SER N 834 -28.87 -24.42 19.24
N ILE N 835 -28.14 -23.34 19.48
CA ILE N 835 -28.74 -22.02 19.41
C ILE N 835 -29.34 -21.82 18.04
N ASP N 836 -28.89 -22.65 17.08
CA ASP N 836 -29.35 -22.59 15.69
C ASP N 836 -30.71 -23.27 15.53
N ARG N 837 -31.06 -24.14 16.47
CA ARG N 837 -32.31 -24.88 16.36
C ARG N 837 -33.30 -24.33 17.33
N GLY N 838 -32.80 -23.47 18.21
CA GLY N 838 -33.68 -22.64 18.97
C GLY N 838 -33.32 -22.53 20.44
N LEU N 839 -32.11 -22.89 20.84
CA LEU N 839 -31.88 -22.72 22.27
C LEU N 839 -32.18 -21.28 22.59
N PHE N 840 -32.82 -21.09 23.72
CA PHE N 840 -33.04 -19.76 24.27
C PHE N 840 -33.21 -18.70 23.19
N ARG N 841 -34.09 -18.94 22.25
CA ARG N 841 -34.43 -17.88 21.33
C ARG N 841 -35.61 -17.15 21.94
N SER N 842 -35.55 -15.82 21.97
CA SER N 842 -36.63 -15.04 22.55
C SER N 842 -37.07 -13.97 21.60
N ILE N 843 -38.26 -13.40 21.88
CA ILE N 843 -38.84 -12.27 21.15
C ILE N 843 -38.85 -11.01 22.04
N PHE N 844 -38.86 -9.81 21.43
CA PHE N 844 -38.82 -8.57 22.22
C PHE N 844 -39.81 -7.54 21.73
N TYR N 845 -41.08 -7.65 22.15
CA TYR N 845 -42.09 -6.72 21.66
C TYR N 845 -41.88 -5.39 22.34
N ARG N 846 -41.96 -4.31 21.56
CA ARG N 846 -41.97 -2.98 22.13
C ARG N 846 -43.13 -2.26 21.54
N THR N 847 -43.72 -1.35 22.30
CA THR N 847 -44.95 -0.68 21.88
C THR N 847 -44.89 0.81 22.11
N TYR N 848 -45.31 1.55 21.08
CA TYR N 848 -45.24 2.99 21.08
C TYR N 848 -46.61 3.62 21.23
N THR N 849 -46.80 4.33 22.33
CA THR N 849 -48.07 4.97 22.60
C THR N 849 -48.04 6.36 21.97
N ASP N 850 -49.17 6.81 21.44
CA ASP N 850 -49.31 8.19 20.98
C ASP N 850 -50.77 8.65 20.80
N GLN N 851 -51.16 9.69 21.53
CA GLN N 851 -52.52 10.27 21.46
C GLN N 851 -52.60 11.45 20.47
N GLU N 852 -53.38 12.46 20.83
CA GLU N 852 -53.57 13.64 19.99
C GLU N 852 -54.04 14.85 20.82
N LYS N 853 -53.09 15.47 21.53
CA LYS N 853 -53.39 16.63 22.36
C LYS N 853 -54.10 17.69 21.54
N LYS N 854 -54.99 18.43 22.19
CA LYS N 854 -55.65 19.56 21.57
C LYS N 854 -55.95 20.64 22.60
N ILE N 855 -55.23 21.76 22.51
CA ILE N 855 -55.48 22.88 23.39
C ILE N 855 -56.55 23.79 22.81
N GLY N 856 -56.12 24.76 22.01
CA GLY N 856 -57.05 25.73 21.46
C GLY N 856 -57.73 26.51 22.57
N MET N 857 -58.73 27.32 22.23
CA MET N 857 -59.21 27.47 20.85
C MET N 857 -59.60 26.12 20.25
N THR N 858 -59.35 25.99 18.94
CA THR N 858 -59.61 24.73 18.25
C THR N 858 -58.43 24.41 17.37
N VAL N 859 -57.40 23.83 17.98
CA VAL N 859 -56.20 23.45 17.25
C VAL N 859 -56.24 21.97 16.91
N MET N 860 -56.33 21.67 15.63
CA MET N 860 -56.32 20.28 15.19
C MET N 860 -54.89 19.78 15.07
N GLU N 861 -54.74 18.46 15.02
CA GLU N 861 -53.43 17.82 14.95
C GLU N 861 -53.65 16.38 14.52
N GLU N 862 -53.90 16.16 13.22
CA GLU N 862 -54.21 14.82 12.74
C GLU N 862 -52.96 14.02 12.42
N PHE N 863 -53.14 12.71 12.32
CA PHE N 863 -52.04 11.80 12.03
C PHE N 863 -51.74 11.79 10.53
N GLU N 864 -51.87 12.95 9.90
CA GLU N 864 -51.60 13.07 8.48
C GLU N 864 -50.14 12.75 8.18
N ARG N 865 -49.88 12.21 7.00
CA ARG N 865 -48.51 11.94 6.55
C ARG N 865 -47.78 13.24 6.21
N PRO N 866 -46.74 13.56 6.98
CA PRO N 866 -45.96 14.77 6.75
C PRO N 866 -45.61 14.96 5.28
N VAL N 867 -45.80 16.17 4.78
CA VAL N 867 -45.50 16.47 3.37
C VAL N 867 -44.31 17.41 3.26
N ARG N 868 -43.22 16.89 2.70
CA ARG N 868 -42.00 17.67 2.52
C ARG N 868 -42.24 18.86 1.60
N SER N 869 -43.32 19.59 1.84
CA SER N 869 -43.66 20.75 1.03
C SER N 869 -43.96 21.96 1.90
N THR N 870 -44.05 21.74 3.21
CA THR N 870 -44.32 22.83 4.15
C THR N 870 -44.27 22.33 5.59
N THR N 871 -43.47 21.29 5.82
CA THR N 871 -43.32 20.72 7.15
C THR N 871 -42.45 21.60 8.04
N LEU N 872 -41.26 21.11 8.37
CA LEU N 872 -40.32 21.84 9.21
C LEU N 872 -40.50 21.49 10.68
N ARG N 873 -39.66 20.59 11.18
CA ARG N 873 -38.62 19.98 10.36
C ARG N 873 -38.35 18.54 10.79
N MET N 874 -37.91 17.72 9.83
CA MET N 874 -37.62 16.32 10.11
C MET N 874 -36.96 15.64 8.91
N LYS N 875 -35.75 15.15 9.11
CA LYS N 875 -35.00 14.47 8.05
C LYS N 875 -34.73 13.02 8.40
N HIS N 876 -33.75 12.42 7.72
CA HIS N 876 -33.40 11.03 7.96
C HIS N 876 -34.63 10.19 8.26
N GLY N 877 -35.65 10.30 7.41
CA GLY N 877 -36.87 9.55 7.58
C GLY N 877 -36.62 8.06 7.76
N THR N 878 -37.17 7.27 6.85
CA THR N 878 -37.95 7.78 5.75
C THR N 878 -39.43 7.58 6.02
N TYR N 879 -40.24 8.49 5.56
CA TYR N 879 -41.67 8.38 5.75
C TYR N 879 -42.23 7.54 4.62
N ASP N 880 -41.35 7.08 3.72
CA ASP N 880 -41.75 6.25 2.60
C ASP N 880 -42.46 4.99 3.08
N LYS N 881 -42.42 4.74 4.38
CA LYS N 881 -43.01 3.54 4.97
C LYS N 881 -44.39 3.77 5.63
N LEU N 882 -44.90 4.99 5.57
CA LEU N 882 -46.23 5.29 6.08
C LEU N 882 -47.28 5.15 5.00
N GLU N 883 -48.47 4.69 5.38
CA GLU N 883 -49.56 4.53 4.43
C GLU N 883 -50.21 5.90 4.19
N ASP N 884 -51.31 5.90 3.44
CA ASP N 884 -52.08 7.12 3.24
C ASP N 884 -52.63 7.60 4.57
N ASP N 885 -52.73 6.66 5.52
CA ASP N 885 -53.27 6.90 6.85
C ASP N 885 -52.27 7.59 7.77
N GLY N 886 -51.02 7.69 7.30
CA GLY N 886 -49.96 8.26 8.11
C GLY N 886 -49.46 7.28 9.16
N LEU N 887 -49.92 6.03 9.07
CA LEU N 887 -49.49 4.97 9.99
C LEU N 887 -48.95 3.79 9.21
N ILE N 888 -48.05 3.02 9.83
CA ILE N 888 -47.45 1.88 9.16
C ILE N 888 -48.33 0.63 9.13
N ALA N 889 -48.09 -0.23 8.14
CA ALA N 889 -48.86 -1.44 8.01
C ALA N 889 -48.00 -2.65 8.35
N PRO N 890 -48.43 -3.44 9.33
CA PRO N 890 -47.76 -4.68 9.66
C PRO N 890 -47.83 -5.61 8.46
N GLY N 891 -46.76 -6.38 8.26
CA GLY N 891 -45.60 -6.30 9.10
C GLY N 891 -44.42 -5.81 8.29
N THR N 892 -44.37 -4.51 8.05
CA THR N 892 -43.33 -3.93 7.23
C THR N 892 -41.95 -3.92 7.91
N ARG N 893 -40.99 -4.58 7.28
CA ARG N 893 -39.63 -4.65 7.82
C ARG N 893 -39.15 -3.27 8.20
N VAL N 894 -39.24 -2.94 9.47
CA VAL N 894 -38.73 -1.66 9.94
C VAL N 894 -37.36 -1.82 10.58
N SER N 895 -36.45 -0.90 10.27
CA SER N 895 -35.14 -0.87 10.91
C SER N 895 -34.81 0.56 11.27
N GLY N 896 -33.53 0.80 11.55
CA GLY N 896 -32.99 2.13 11.78
C GLY N 896 -33.89 3.14 12.46
N GLU N 897 -33.63 4.41 12.19
CA GLU N 897 -34.41 5.51 12.77
C GLU N 897 -35.70 5.76 11.99
N ASP N 898 -36.13 4.74 11.26
CA ASP N 898 -37.40 4.80 10.51
C ASP N 898 -38.53 5.37 11.36
N ILE N 899 -39.53 5.94 10.70
CA ILE N 899 -40.65 6.51 11.43
C ILE N 899 -41.94 5.75 11.13
N ILE N 900 -42.92 5.89 12.01
CA ILE N 900 -44.04 4.98 12.02
C ILE N 900 -45.38 5.69 12.12
N ILE N 901 -45.36 6.89 12.67
CA ILE N 901 -46.55 7.74 12.74
C ILE N 901 -46.17 9.16 12.26
N GLY N 902 -47.15 10.04 12.08
CA GLY N 902 -46.84 11.39 11.65
C GLY N 902 -47.77 12.39 12.30
N LYS N 903 -47.23 13.50 12.76
CA LYS N 903 -48.07 14.52 13.41
C LYS N 903 -48.05 15.85 12.68
N THR N 904 -48.90 16.77 13.09
CA THR N 904 -48.94 18.08 12.49
C THR N 904 -49.61 19.11 13.40
N ALA N 905 -49.00 20.28 13.52
CA ALA N 905 -49.47 21.33 14.44
C ALA N 905 -49.41 22.73 13.81
N PRO N 906 -50.59 23.33 13.55
CA PRO N 906 -50.64 24.67 12.95
C PRO N 906 -49.87 25.71 13.77
N ILE N 907 -49.57 26.85 13.16
CA ILE N 907 -48.91 27.96 13.83
C ILE N 907 -49.58 29.30 13.50
N GLN N 919 -47.08 30.86 4.01
CA GLN N 919 -46.71 30.36 2.70
C GLN N 919 -45.24 30.00 2.65
N LEU N 920 -44.94 28.70 2.70
CA LEU N 920 -45.96 27.67 2.87
C LEU N 920 -46.06 27.28 4.35
N HIS N 921 -47.04 27.87 5.04
CA HIS N 921 -47.20 27.68 6.48
C HIS N 921 -48.65 27.32 6.82
N ALA N 922 -48.83 26.55 7.89
CA ALA N 922 -47.73 26.04 8.69
C ALA N 922 -48.03 24.66 9.23
N LYS N 923 -47.12 23.73 9.00
CA LYS N 923 -47.24 22.38 9.52
C LYS N 923 -45.95 21.96 10.26
N ARG N 924 -46.09 21.62 11.54
CA ARG N 924 -44.97 21.17 12.35
C ARG N 924 -44.88 19.64 12.30
N ASP N 925 -44.01 19.08 13.14
CA ASP N 925 -43.86 17.63 13.19
C ASP N 925 -43.55 17.13 14.61
N VAL N 926 -44.59 16.66 15.32
CA VAL N 926 -44.42 16.16 16.67
C VAL N 926 -44.55 14.65 16.64
N SER N 927 -44.18 14.07 15.50
CA SER N 927 -44.27 12.63 15.32
C SER N 927 -43.08 11.94 15.97
N THR N 928 -43.30 10.70 16.39
CA THR N 928 -42.29 9.92 17.07
C THR N 928 -41.61 8.90 16.11
N PRO N 929 -40.27 8.91 16.06
CA PRO N 929 -39.42 8.00 15.26
C PRO N 929 -39.24 6.65 15.94
N LEU N 930 -38.13 5.98 15.67
CA LEU N 930 -37.88 4.68 16.29
C LEU N 930 -36.41 4.51 16.67
N ARG N 931 -36.14 4.31 17.95
CA ARG N 931 -34.74 4.27 18.39
C ARG N 931 -33.92 3.32 17.52
N SER N 932 -32.84 3.82 16.93
CA SER N 932 -32.03 3.03 16.02
C SER N 932 -31.62 1.70 16.65
N THR N 933 -31.30 1.74 17.94
CA THR N 933 -30.85 0.55 18.63
C THR N 933 -31.80 -0.67 18.47
N GLU N 934 -33.02 -0.42 18.02
CA GLU N 934 -34.02 -1.49 17.82
C GLU N 934 -34.19 -1.78 16.34
N SER N 935 -34.76 -2.94 16.01
CA SER N 935 -35.04 -3.29 14.62
C SER N 935 -36.24 -4.22 14.52
N GLY N 936 -36.34 -4.94 13.41
CA GLY N 936 -37.37 -5.96 13.22
C GLY N 936 -38.72 -5.49 12.75
N ILE N 937 -39.63 -6.42 12.46
CA ILE N 937 -40.91 -6.07 11.88
C ILE N 937 -41.91 -5.54 12.90
N VAL N 938 -43.15 -5.38 12.45
CA VAL N 938 -44.20 -4.70 13.19
C VAL N 938 -45.37 -5.65 13.49
N ASP N 939 -45.55 -6.02 14.75
CA ASP N 939 -46.58 -7.00 15.08
C ASP N 939 -47.96 -6.53 14.63
N GLN N 940 -48.48 -5.52 15.31
CA GLN N 940 -49.76 -4.94 14.92
C GLN N 940 -50.02 -3.59 15.56
N VAL N 941 -50.93 -2.83 14.97
CA VAL N 941 -51.26 -1.49 15.43
C VAL N 941 -52.75 -1.39 15.73
N MET N 942 -53.10 -0.59 16.73
CA MET N 942 -54.48 -0.48 17.20
C MET N 942 -54.87 0.98 17.31
N VAL N 943 -55.80 1.39 16.45
CA VAL N 943 -56.27 2.77 16.42
C VAL N 943 -57.66 2.92 17.00
N THR N 944 -57.74 3.58 18.14
CA THR N 944 -59.01 3.77 18.82
C THR N 944 -59.29 5.24 19.11
N THR N 945 -60.23 5.51 20.00
CA THR N 945 -60.62 6.88 20.31
C THR N 945 -60.43 7.16 21.79
N ASN N 946 -60.02 8.36 22.13
CA ASN N 946 -59.87 8.76 23.52
C ASN N 946 -60.87 9.84 23.91
N GLN N 947 -60.91 10.19 25.19
CA GLN N 947 -61.85 11.18 25.68
C GLN N 947 -61.33 11.90 26.92
N GLU N 948 -60.57 12.98 26.76
CA GLU N 948 -60.15 13.51 25.46
C GLU N 948 -61.29 13.77 24.48
N GLY N 949 -61.10 13.32 23.24
CA GLY N 949 -62.10 13.49 22.21
C GLY N 949 -61.52 13.41 20.81
N LEU N 950 -60.32 12.85 20.68
CA LEU N 950 -59.65 12.74 19.38
C LEU N 950 -59.31 11.29 19.02
N LYS N 951 -58.26 11.12 18.23
CA LYS N 951 -57.75 9.80 17.86
C LYS N 951 -56.60 9.36 18.75
N PHE N 952 -56.28 8.08 18.69
CA PHE N 952 -55.36 7.47 19.65
C PHE N 952 -54.79 6.15 19.11
N VAL N 953 -53.51 6.16 18.78
CA VAL N 953 -52.90 5.03 18.10
C VAL N 953 -51.84 4.37 18.97
N LYS N 954 -51.72 3.04 18.84
CA LYS N 954 -50.66 2.25 19.46
C LYS N 954 -50.00 1.27 18.46
N VAL N 955 -48.67 1.32 18.37
CA VAL N 955 -47.91 0.50 17.43
C VAL N 955 -47.04 -0.46 18.22
N ARG N 956 -47.06 -1.73 17.84
CA ARG N 956 -46.19 -2.73 18.47
C ARG N 956 -45.36 -3.42 17.40
N MET N 957 -44.05 -3.46 17.61
CA MET N 957 -43.17 -4.18 16.70
C MET N 957 -42.41 -5.29 17.44
N ARG N 958 -42.28 -6.45 16.78
CA ARG N 958 -41.59 -7.60 17.33
C ARG N 958 -40.15 -7.62 16.80
N SER N 959 -39.24 -8.24 17.55
CA SER N 959 -37.84 -8.29 17.11
C SER N 959 -37.18 -9.54 17.68
N THR N 960 -37.18 -10.65 16.94
CA THR N 960 -36.59 -11.87 17.47
C THR N 960 -35.23 -11.54 18.07
N ARG N 961 -34.86 -12.25 19.14
CA ARG N 961 -33.51 -12.08 19.67
C ARG N 961 -32.90 -13.43 19.90
N ILE N 962 -31.78 -13.68 19.23
CA ILE N 962 -31.03 -14.93 19.34
C ILE N 962 -29.93 -14.76 20.38
N PRO N 963 -29.39 -15.88 20.87
CA PRO N 963 -28.27 -15.83 21.79
C PRO N 963 -27.01 -15.44 21.05
N GLN N 964 -26.20 -14.57 21.66
CA GLN N 964 -24.99 -14.07 21.04
C GLN N 964 -23.99 -13.98 22.15
N ILE N 965 -22.72 -14.05 21.81
CA ILE N 965 -21.70 -13.92 22.84
C ILE N 965 -21.93 -12.68 23.65
N GLY N 966 -21.99 -12.81 24.97
CA GLY N 966 -22.21 -11.65 25.80
C GLY N 966 -23.59 -11.58 26.45
N ASP N 967 -24.51 -12.49 26.10
CA ASP N 967 -25.81 -12.59 26.76
C ASP N 967 -25.68 -13.29 28.09
N LYS N 968 -26.55 -12.93 29.03
CA LYS N 968 -26.53 -13.55 30.37
C LYS N 968 -27.35 -14.85 30.43
N PHE N 969 -26.82 -15.84 31.14
CA PHE N 969 -27.61 -16.98 31.55
C PHE N 969 -27.17 -17.36 32.95
N ALA N 970 -28.12 -17.87 33.73
CA ALA N 970 -27.80 -18.42 35.05
C ALA N 970 -28.80 -19.53 35.43
N SER N 971 -28.33 -20.52 36.18
CA SER N 971 -29.19 -21.61 36.62
C SER N 971 -30.09 -21.16 37.73
N ARG N 972 -30.61 -22.08 38.52
CA ARG N 972 -31.45 -21.64 39.60
C ARG N 972 -30.70 -21.75 40.90
N HIS N 973 -29.42 -21.41 40.83
CA HIS N 973 -28.60 -21.40 42.02
C HIS N 973 -27.67 -20.23 42.13
N GLY N 974 -27.84 -19.25 41.26
CA GLY N 974 -27.05 -18.04 41.31
C GLY N 974 -25.69 -18.31 40.72
N GLN N 975 -25.71 -18.93 39.54
CA GLN N 975 -24.52 -19.11 38.74
C GLN N 975 -24.62 -18.11 37.61
N LYS N 976 -24.77 -16.84 37.96
CA LYS N 976 -24.71 -15.77 36.98
C LYS N 976 -23.61 -16.17 36.01
N GLY N 977 -23.99 -16.44 34.77
CA GLY N 977 -23.01 -16.70 33.71
C GLY N 977 -23.22 -15.80 32.50
N THR N 978 -22.16 -15.63 31.70
CA THR N 978 -22.27 -14.96 30.40
C THR N 978 -21.61 -15.81 29.29
N ILE N 979 -22.11 -15.74 28.06
CA ILE N 979 -21.55 -16.53 26.98
C ILE N 979 -20.20 -15.99 26.56
N GLY N 980 -19.23 -16.88 26.36
CA GLY N 980 -17.88 -16.47 26.03
C GLY N 980 -17.52 -16.83 24.60
N MET N 981 -18.21 -17.85 24.07
CA MET N 981 -17.90 -18.38 22.77
C MET N 981 -18.97 -19.28 22.23
N THR N 982 -19.00 -19.43 20.93
CA THR N 982 -19.99 -20.31 20.35
C THR N 982 -19.30 -21.29 19.40
N TYR N 983 -18.94 -22.46 19.94
CA TYR N 983 -18.39 -23.57 19.15
C TYR N 983 -19.48 -24.30 18.38
N ARG N 984 -19.21 -24.62 17.10
CA ARG N 984 -20.11 -25.39 16.22
C ARG N 984 -20.05 -26.84 16.67
N HIS N 985 -20.85 -27.71 16.08
CA HIS N 985 -21.10 -29.04 16.67
C HIS N 985 -19.89 -29.99 16.79
N GLU N 986 -19.02 -29.94 15.78
CA GLU N 986 -17.85 -30.80 15.69
C GLU N 986 -16.86 -30.55 16.80
N ASP N 987 -16.49 -29.28 17.01
CA ASP N 987 -15.52 -28.90 18.02
C ASP N 987 -15.89 -29.44 19.39
N MET N 988 -17.14 -29.21 19.81
CA MET N 988 -17.57 -29.58 21.15
C MET N 988 -17.32 -31.04 21.38
N PRO N 989 -17.01 -31.41 22.63
CA PRO N 989 -16.68 -32.77 23.06
C PRO N 989 -17.76 -33.79 22.75
N PHE N 990 -17.89 -34.18 21.49
CA PHE N 990 -18.84 -35.22 21.16
C PHE N 990 -18.39 -36.55 21.71
N SER N 991 -19.16 -36.95 22.71
CA SER N 991 -18.87 -38.09 23.56
C SER N 991 -20.11 -38.63 24.29
N ALA N 992 -20.25 -39.93 24.41
CA ALA N 992 -19.52 -40.90 23.63
C ALA N 992 -20.70 -41.68 23.21
N GLN N 993 -21.83 -41.17 23.70
CA GLN N 993 -23.11 -41.80 23.53
C GLN N 993 -23.63 -41.72 22.09
N GLY N 994 -23.20 -40.72 21.33
CA GLY N 994 -22.37 -39.64 21.81
C GLY N 994 -23.07 -38.30 21.61
N ILE N 995 -23.49 -37.69 22.71
CA ILE N 995 -24.18 -36.40 22.63
C ILE N 995 -23.17 -35.25 22.71
N VAL N 996 -23.69 -34.05 22.77
CA VAL N 996 -22.85 -32.87 22.80
C VAL N 996 -23.45 -31.89 23.80
N PRO N 997 -22.62 -31.34 24.69
CA PRO N 997 -23.12 -30.38 25.66
C PRO N 997 -23.78 -29.22 24.97
N ASP N 998 -24.90 -28.77 25.51
CA ASP N 998 -25.58 -27.58 24.98
C ASP N 998 -24.88 -26.32 25.49
N ILE N 999 -24.49 -26.31 26.75
CA ILE N 999 -23.60 -25.26 27.26
C ILE N 999 -22.67 -25.89 28.25
N ILE N 1000 -21.48 -25.31 28.44
CA ILE N 1000 -20.53 -25.88 29.42
C ILE N 1000 -19.85 -24.88 30.33
N ILE N 1001 -20.11 -25.02 31.61
CA ILE N 1001 -19.63 -24.10 32.62
C ILE N 1001 -18.32 -24.65 33.11
N ASN N 1002 -17.59 -23.78 33.76
CA ASN N 1002 -16.27 -24.12 34.22
C ASN N 1002 -16.27 -24.57 35.64
N PRO N 1003 -15.52 -25.61 35.93
CA PRO N 1003 -15.37 -26.18 37.26
C PRO N 1003 -14.93 -25.21 38.34
N HIS N 1004 -14.39 -24.04 38.05
CA HIS N 1004 -13.99 -23.23 39.19
C HIS N 1004 -15.17 -22.47 39.76
N ALA N 1005 -16.33 -22.59 39.14
CA ALA N 1005 -17.51 -21.96 39.69
C ALA N 1005 -18.24 -22.95 40.58
N ILE N 1006 -17.49 -23.80 41.28
CA ILE N 1006 -18.09 -24.73 42.22
C ILE N 1006 -17.55 -24.59 43.63
N PRO N 1007 -16.35 -25.11 43.90
CA PRO N 1007 -15.82 -25.24 45.25
C PRO N 1007 -15.91 -24.01 46.13
N SER N 1008 -15.80 -22.81 45.57
CA SER N 1008 -15.70 -21.59 46.39
C SER N 1008 -17.07 -21.05 46.68
N ARG N 1009 -17.94 -21.17 45.68
CA ARG N 1009 -19.35 -20.75 45.78
C ARG N 1009 -20.22 -21.88 46.35
N MET N 1010 -19.60 -22.92 46.89
CA MET N 1010 -20.28 -24.10 47.43
C MET N 1010 -21.70 -24.16 47.04
N THR N 1011 -22.03 -24.87 46.01
CA THR N 1011 -23.37 -24.76 45.57
C THR N 1011 -23.65 -26.13 45.07
N VAL N 1012 -23.57 -27.06 46.01
CA VAL N 1012 -23.69 -28.48 45.71
C VAL N 1012 -25.06 -28.85 45.20
N ALA N 1013 -25.98 -27.89 45.20
CA ALA N 1013 -27.28 -28.17 44.67
C ALA N 1013 -27.23 -28.20 43.16
N HIS N 1014 -26.52 -27.25 42.57
CA HIS N 1014 -26.38 -27.22 41.13
C HIS N 1014 -25.99 -28.63 40.70
N LEU N 1015 -25.01 -29.21 41.39
CA LEU N 1015 -24.58 -30.57 41.07
C LEU N 1015 -25.76 -31.51 41.15
N VAL N 1016 -26.28 -31.68 42.36
CA VAL N 1016 -27.35 -32.66 42.59
C VAL N 1016 -28.39 -32.62 41.49
N GLU N 1017 -28.85 -31.42 41.17
CA GLU N 1017 -29.93 -31.24 40.21
C GLU N 1017 -29.62 -31.98 38.93
N CYS N 1018 -28.37 -31.87 38.50
CA CYS N 1018 -27.89 -32.43 37.24
C CYS N 1018 -27.81 -33.96 37.29
N GLN N 1019 -27.47 -34.51 38.46
CA GLN N 1019 -27.43 -35.96 38.62
C GLN N 1019 -28.86 -36.47 38.57
N LEU N 1020 -29.80 -35.66 39.03
CA LEU N 1020 -31.19 -36.06 39.11
C LEU N 1020 -31.94 -35.82 37.80
N SER N 1021 -31.71 -34.68 37.18
CA SER N 1021 -32.27 -34.42 35.88
C SER N 1021 -31.97 -35.62 34.99
N LYS N 1022 -30.69 -35.94 34.86
CA LYS N 1022 -30.28 -37.11 34.11
C LYS N 1022 -31.25 -38.25 34.42
N VAL N 1023 -31.45 -38.59 35.70
CA VAL N 1023 -32.25 -39.78 36.06
C VAL N 1023 -33.69 -39.73 35.59
N SER N 1024 -34.14 -38.58 35.11
CA SER N 1024 -35.37 -38.56 34.33
C SER N 1024 -34.97 -38.84 32.87
N ALA N 1025 -33.94 -39.67 32.75
CA ALA N 1025 -33.55 -40.29 31.50
C ALA N 1025 -34.50 -41.44 31.23
N LEU N 1026 -33.97 -42.65 31.31
CA LEU N 1026 -34.76 -43.84 31.03
C LEU N 1026 -35.76 -44.09 32.16
N SER N 1027 -36.64 -43.12 32.34
CA SER N 1027 -37.68 -43.19 33.35
C SER N 1027 -38.75 -42.19 32.95
N GLY N 1028 -38.37 -40.91 32.96
CA GLY N 1028 -39.31 -39.86 32.64
C GLY N 1028 -40.04 -39.52 33.91
N PHE N 1029 -39.83 -40.35 34.93
CA PHE N 1029 -40.37 -40.02 36.22
C PHE N 1029 -39.88 -38.63 36.60
N GLU N 1030 -40.77 -37.64 36.45
CA GLU N 1030 -40.49 -36.30 36.91
C GLU N 1030 -39.89 -36.37 38.30
N GLY N 1031 -38.59 -36.18 38.40
CA GLY N 1031 -37.94 -36.31 39.69
C GLY N 1031 -38.15 -35.13 40.65
N ASP N 1032 -38.90 -35.34 41.73
CA ASP N 1032 -39.17 -34.25 42.67
C ASP N 1032 -37.91 -33.76 43.33
N ALA N 1033 -37.85 -32.46 43.58
CA ALA N 1033 -36.65 -31.86 44.15
C ALA N 1033 -37.00 -31.20 45.47
N THR N 1034 -38.07 -31.69 46.10
CA THR N 1034 -38.63 -31.13 47.32
C THR N 1034 -37.64 -30.87 48.44
N PRO N 1035 -37.54 -29.59 48.87
CA PRO N 1035 -36.61 -29.02 49.85
C PRO N 1035 -36.13 -29.94 50.98
N PHE N 1036 -37.03 -30.63 51.67
CA PHE N 1036 -36.61 -31.56 52.73
C PHE N 1036 -37.29 -32.89 52.58
N THR N 1037 -36.58 -33.85 52.01
CA THR N 1037 -37.17 -35.15 51.79
C THR N 1037 -36.08 -36.16 52.06
N ASP N 1038 -36.45 -37.43 52.04
CA ASP N 1038 -35.53 -38.52 52.34
C ASP N 1038 -34.59 -38.75 51.18
N VAL N 1039 -34.92 -38.13 50.04
CA VAL N 1039 -34.16 -38.34 48.80
C VAL N 1039 -32.72 -37.90 48.92
N THR N 1040 -31.77 -38.82 48.72
CA THR N 1040 -30.38 -38.46 48.91
C THR N 1040 -29.49 -38.75 47.70
N VAL N 1041 -28.29 -38.18 47.72
CA VAL N 1041 -27.31 -38.41 46.67
C VAL N 1041 -27.11 -39.90 46.52
N GLU N 1042 -26.76 -40.54 47.63
CA GLU N 1042 -26.52 -41.98 47.66
C GLU N 1042 -27.73 -42.73 47.12
N ALA N 1043 -28.89 -42.08 47.11
CA ALA N 1043 -30.11 -42.73 46.65
C ALA N 1043 -30.21 -42.69 45.13
N VAL N 1044 -29.94 -41.52 44.58
CA VAL N 1044 -30.09 -41.27 43.16
C VAL N 1044 -29.00 -42.01 42.42
N SER N 1045 -27.82 -42.02 43.03
CA SER N 1045 -26.71 -42.77 42.47
C SER N 1045 -27.12 -44.21 42.12
N LYS N 1046 -27.59 -44.99 43.09
CA LYS N 1046 -28.04 -46.36 42.78
C LYS N 1046 -28.96 -46.31 41.59
N LEU N 1047 -29.82 -45.30 41.56
CA LEU N 1047 -30.75 -45.16 40.46
C LEU N 1047 -30.00 -44.89 39.17
N LEU N 1048 -28.72 -44.56 39.26
CA LEU N 1048 -27.95 -44.26 38.05
C LEU N 1048 -27.45 -45.48 37.29
N ARG N 1049 -26.52 -46.24 37.87
CA ARG N 1049 -26.02 -47.35 37.09
C ARG N 1049 -27.22 -48.20 36.68
N SER N 1050 -28.32 -48.02 37.41
CA SER N 1050 -29.56 -48.69 37.07
C SER N 1050 -29.90 -48.54 35.59
N HIS N 1051 -29.27 -47.58 34.91
CA HIS N 1051 -29.54 -47.39 33.48
C HIS N 1051 -28.30 -47.59 32.63
N GLY N 1052 -27.19 -47.91 33.27
CA GLY N 1052 -25.97 -48.28 32.57
C GLY N 1052 -24.83 -47.29 32.71
N PHE N 1053 -25.10 -46.16 33.36
CA PHE N 1053 -24.16 -45.03 33.49
C PHE N 1053 -23.36 -45.08 34.80
N GLN N 1054 -22.62 -44.03 35.09
CA GLN N 1054 -21.80 -43.99 36.30
C GLN N 1054 -22.52 -43.42 37.52
N SER N 1055 -22.57 -44.19 38.59
CA SER N 1055 -23.34 -43.83 39.77
C SER N 1055 -22.86 -42.55 40.48
N ARG N 1056 -22.70 -41.47 39.73
CA ARG N 1056 -22.02 -40.30 40.26
C ARG N 1056 -22.04 -39.13 39.30
N GLY N 1057 -22.62 -39.42 38.12
CA GLY N 1057 -22.87 -38.42 37.10
C GLY N 1057 -21.96 -38.55 35.92
N PHE N 1058 -20.66 -38.68 36.22
CA PHE N 1058 -19.56 -38.65 35.27
C PHE N 1058 -19.82 -39.36 33.93
N GLU N 1059 -18.82 -39.32 33.06
CA GLU N 1059 -18.84 -40.05 31.78
C GLU N 1059 -17.49 -39.81 31.12
N VAL N 1060 -17.07 -40.71 30.22
CA VAL N 1060 -15.81 -40.51 29.50
C VAL N 1060 -16.11 -39.57 28.39
N MET N 1061 -15.12 -38.86 27.89
CA MET N 1061 -15.41 -37.81 26.93
C MET N 1061 -14.38 -37.72 25.80
N TYR N 1062 -14.86 -37.59 24.56
CA TYR N 1062 -13.91 -37.57 23.46
C TYR N 1062 -13.79 -36.18 22.89
N HIS N 1063 -12.54 -35.71 22.81
CA HIS N 1063 -12.21 -34.39 22.27
C HIS N 1063 -12.71 -34.19 20.87
N GLY N 1064 -13.07 -32.96 20.55
CA GLY N 1064 -13.67 -32.66 19.27
C GLY N 1064 -12.69 -32.53 18.12
N HIS N 1065 -11.49 -32.08 18.46
CA HIS N 1065 -10.45 -31.96 17.46
C HIS N 1065 -9.87 -33.34 17.18
N THR N 1066 -9.21 -33.95 18.16
CA THR N 1066 -8.46 -35.17 17.91
C THR N 1066 -9.19 -36.52 18.01
N GLY N 1067 -10.07 -36.71 19.00
CA GLY N 1067 -10.68 -38.01 19.20
C GLY N 1067 -10.06 -38.66 20.40
N ARG N 1068 -8.99 -38.06 20.90
CA ARG N 1068 -8.41 -38.51 22.14
C ARG N 1068 -9.48 -38.48 23.24
N LYS N 1069 -9.55 -39.56 24.01
CA LYS N 1069 -10.28 -39.51 25.26
C LYS N 1069 -9.70 -38.39 26.09
N LEU N 1070 -10.53 -37.72 26.86
CA LEU N 1070 -9.98 -36.80 27.85
C LEU N 1070 -9.49 -37.60 29.09
N VAL N 1071 -8.28 -37.29 29.52
CA VAL N 1071 -7.73 -37.85 30.73
C VAL N 1071 -8.79 -37.87 31.84
N ALA N 1072 -9.37 -36.71 32.11
CA ALA N 1072 -10.36 -36.61 33.17
C ALA N 1072 -11.75 -36.96 32.70
N GLN N 1073 -12.60 -37.29 33.65
CA GLN N 1073 -13.98 -37.63 33.40
C GLN N 1073 -14.87 -36.43 33.61
N VAL N 1074 -15.78 -36.22 32.68
CA VAL N 1074 -16.62 -35.04 32.71
C VAL N 1074 -17.90 -35.32 33.45
N PHE N 1075 -18.33 -34.33 34.22
CA PHE N 1075 -19.66 -34.30 34.81
C PHE N 1075 -20.60 -33.68 33.82
N LEU N 1076 -21.17 -34.53 33.00
CA LEU N 1076 -22.12 -34.12 32.00
C LEU N 1076 -23.50 -34.50 32.53
N GLY N 1077 -24.44 -33.57 32.48
CA GLY N 1077 -25.79 -33.87 32.91
C GLY N 1077 -26.68 -32.65 32.84
N PRO N 1078 -27.77 -32.78 32.06
CA PRO N 1078 -28.83 -31.80 31.85
C PRO N 1078 -29.05 -30.94 33.06
N THR N 1079 -29.55 -29.74 32.79
CA THR N 1079 -30.21 -28.92 33.78
C THR N 1079 -30.83 -27.78 33.02
N TYR N 1080 -31.68 -27.01 33.66
CA TYR N 1080 -32.26 -25.90 32.94
C TYR N 1080 -31.62 -24.64 33.43
N TYR N 1081 -31.20 -23.86 32.45
CA TYR N 1081 -30.68 -22.53 32.67
C TYR N 1081 -31.74 -21.55 32.23
N GLN N 1082 -31.74 -20.42 32.93
CA GLN N 1082 -32.67 -19.34 32.63
C GLN N 1082 -32.07 -18.27 31.67
N ARG N 1083 -32.75 -17.99 30.56
CA ARG N 1083 -32.37 -16.89 29.68
C ARG N 1083 -32.66 -15.58 30.39
N LEU N 1084 -31.64 -14.98 31.03
CA LEU N 1084 -31.82 -13.71 31.73
C LEU N 1084 -32.14 -12.57 30.78
N LYS N 1085 -32.70 -11.48 31.28
CA LYS N 1085 -32.97 -10.31 30.44
C LYS N 1085 -31.79 -9.40 30.45
N HIS N 1086 -31.96 -8.21 29.91
CA HIS N 1086 -30.82 -7.38 29.57
C HIS N 1086 -29.79 -8.22 28.79
N LEU N 1087 -29.97 -8.14 27.47
CA LEU N 1087 -29.10 -8.72 26.48
C LEU N 1087 -27.98 -7.72 26.16
N VAL N 1088 -27.09 -8.05 25.22
CA VAL N 1088 -25.96 -7.16 24.96
C VAL N 1088 -26.30 -6.01 24.04
N ASP N 1089 -26.83 -6.35 22.88
CA ASP N 1089 -27.16 -5.35 21.87
C ASP N 1089 -28.00 -4.18 22.42
N ASP N 1090 -28.34 -4.24 23.70
CA ASP N 1090 -29.09 -3.16 24.31
C ASP N 1090 -28.16 -2.39 25.25
N LYS N 1091 -27.07 -3.02 25.65
CA LYS N 1091 -26.13 -2.42 26.60
C LYS N 1091 -24.85 -1.80 26.02
N ILE N 1092 -24.58 -1.95 24.71
CA ILE N 1092 -23.40 -1.35 24.10
C ILE N 1092 -23.63 0.13 23.94
N HIS N 1093 -22.58 0.92 24.07
CA HIS N 1093 -22.72 2.38 24.04
C HIS N 1093 -21.45 2.99 23.44
N ALA N 1094 -21.61 4.00 22.59
CA ALA N 1094 -20.46 4.65 21.96
C ALA N 1094 -20.76 6.12 21.68
N ARG N 1095 -19.86 7.00 22.12
CA ARG N 1095 -20.02 8.43 21.91
C ARG N 1095 -18.92 8.99 21.02
N ALA N 1096 -19.11 10.22 20.56
CA ALA N 1096 -18.14 10.86 19.69
C ALA N 1096 -18.70 12.14 19.07
N ARG N 1097 -18.66 13.23 19.82
CA ARG N 1097 -19.17 14.51 19.34
C ARG N 1097 -20.69 14.48 19.21
N GLY N 1098 -21.36 13.89 20.19
CA GLY N 1098 -22.81 13.80 20.19
C GLY N 1098 -23.47 15.03 20.78
N PRO N 1099 -24.80 15.05 20.71
CA PRO N 1099 -25.57 16.18 21.25
C PRO N 1099 -25.11 16.57 22.65
N VAL N 1100 -25.53 17.74 23.12
CA VAL N 1100 -25.15 18.22 24.44
C VAL N 1100 -26.26 19.06 25.06
N GLN N 1101 -26.28 19.12 26.39
CA GLN N 1101 -27.31 19.88 27.11
C GLN N 1101 -27.30 21.31 26.60
N ILE N 1102 -28.32 22.06 26.94
CA ILE N 1102 -28.37 23.44 26.48
C ILE N 1102 -27.80 24.35 27.56
N LEU N 1103 -28.13 24.03 28.82
CA LEU N 1103 -27.75 24.87 29.95
C LEU N 1103 -26.29 24.76 30.30
N THR N 1104 -25.80 23.53 30.34
CA THR N 1104 -24.41 23.29 30.74
C THR N 1104 -23.51 23.10 29.54
N ARG N 1105 -24.11 22.69 28.43
CA ARG N 1105 -23.37 22.50 27.18
C ARG N 1105 -22.37 21.33 27.25
N GLN N 1106 -22.62 20.40 28.16
CA GLN N 1106 -21.85 19.16 28.22
C GLN N 1106 -22.70 18.05 27.63
N PRO N 1107 -22.11 16.87 27.54
CA PRO N 1107 -22.74 15.75 26.83
C PRO N 1107 -24.01 15.19 27.51
N VAL N 1108 -25.03 14.83 26.74
CA VAL N 1108 -26.26 14.29 27.29
C VAL N 1108 -26.00 13.02 28.10
N GLU N 1109 -27.05 12.43 28.62
CA GLU N 1109 -26.94 11.21 29.41
C GLU N 1109 -27.26 9.97 28.58
N GLY N 1110 -27.06 8.79 29.15
CA GLY N 1110 -27.33 7.55 28.46
C GLY N 1110 -28.57 7.62 27.59
N ARG N 1111 -28.66 6.71 26.64
CA ARG N 1111 -29.81 6.67 25.73
C ARG N 1111 -29.76 7.81 24.73
N SER N 1112 -30.93 8.25 24.27
CA SER N 1112 -31.02 9.33 23.30
C SER N 1112 -30.41 8.94 21.96
N ARG N 1113 -29.18 9.39 21.73
CA ARG N 1113 -28.47 9.10 20.49
C ARG N 1113 -27.18 9.89 20.38
N ASP N 1114 -26.23 9.59 21.24
CA ASP N 1114 -26.40 8.54 22.24
C ASP N 1114 -25.28 8.57 23.27
N GLY N 1115 -24.82 9.78 23.60
CA GLY N 1115 -23.76 9.94 24.57
C GLY N 1115 -24.14 10.89 25.69
N GLY N 1116 -23.22 11.12 26.61
CA GLY N 1116 -21.91 10.50 26.55
C GLY N 1116 -21.74 9.39 27.58
N LEU N 1117 -20.56 9.34 28.19
CA LEU N 1117 -20.28 8.32 29.20
C LEU N 1117 -20.35 8.91 30.61
N ARG N 1118 -19.19 8.98 31.27
CA ARG N 1118 -19.13 9.52 32.64
C ARG N 1118 -17.74 9.30 33.26
N PHE N 1119 -17.05 10.39 33.62
CA PHE N 1119 -15.66 10.33 34.11
C PHE N 1119 -15.58 10.75 35.59
N GLY N 1120 -15.83 9.79 36.48
CA GLY N 1120 -16.05 10.10 37.89
C GLY N 1120 -14.94 10.84 38.60
N GLU N 1121 -15.24 11.42 39.75
CA GLU N 1121 -14.21 11.97 40.62
C GLU N 1121 -13.22 10.84 40.86
N MET N 1122 -13.77 9.72 41.35
CA MET N 1122 -12.99 8.51 41.54
C MET N 1122 -12.03 8.39 40.37
N GLU N 1123 -12.58 8.33 39.17
CA GLU N 1123 -11.80 8.07 37.97
C GLU N 1123 -10.60 8.98 37.84
N ARG N 1124 -10.81 10.28 37.95
CA ARG N 1124 -9.79 11.30 37.76
C ARG N 1124 -8.64 11.19 38.78
N ASP N 1125 -8.99 10.80 40.00
CA ASP N 1125 -8.00 10.63 41.06
C ASP N 1125 -6.97 9.56 40.65
N CYS N 1126 -7.27 8.82 39.60
CA CYS N 1126 -6.41 7.70 39.20
C CYS N 1126 -5.43 8.12 38.13
N GLN N 1127 -5.82 9.06 37.29
CA GLN N 1127 -4.84 9.55 36.35
C GLN N 1127 -3.73 10.11 37.20
N ILE N 1128 -4.12 10.90 38.20
CA ILE N 1128 -3.18 11.64 38.98
C ILE N 1128 -2.16 10.74 39.61
N SER N 1129 -2.60 9.59 40.08
CA SER N 1129 -1.68 8.58 40.57
C SER N 1129 -0.60 8.25 39.54
N HIS N 1130 -0.97 7.86 38.32
CA HIS N 1130 0.03 7.59 37.27
C HIS N 1130 0.87 8.80 37.05
N GLY N 1131 0.20 9.89 36.68
CA GLY N 1131 0.84 11.18 36.43
C GLY N 1131 0.63 11.74 35.03
N CYS N 1132 -0.58 11.68 34.53
CA CYS N 1132 -0.84 12.10 33.15
C CYS N 1132 -1.47 13.50 33.06
N SER N 1133 -0.65 14.53 33.15
CA SER N 1133 -1.14 15.89 33.03
C SER N 1133 -2.02 16.01 31.80
N SER N 1134 -1.56 15.45 30.69
CA SER N 1134 -2.13 15.73 29.39
C SER N 1134 -3.38 14.92 29.08
N VAL N 1135 -3.35 13.62 29.39
CA VAL N 1135 -4.56 12.81 29.32
C VAL N 1135 -5.66 13.45 30.14
N LEU N 1136 -5.30 13.79 31.38
CA LEU N 1136 -6.23 14.42 32.29
C LEU N 1136 -6.85 15.65 31.63
N ARG N 1137 -6.00 16.59 31.27
CA ARG N 1137 -6.45 17.83 30.64
C ARG N 1137 -7.26 17.55 29.39
N GLU N 1138 -6.91 16.49 28.68
CA GLU N 1138 -7.60 16.19 27.43
C GLU N 1138 -9.03 15.71 27.70
N ARG N 1139 -9.20 14.86 28.71
CA ARG N 1139 -10.49 14.24 29.02
C ARG N 1139 -11.34 15.05 29.97
N LEU N 1140 -11.13 16.35 30.01
CA LEU N 1140 -11.94 17.23 30.86
C LEU N 1140 -12.15 18.60 30.24
N PHE N 1141 -11.12 19.15 29.58
CA PHE N 1141 -11.22 20.50 29.05
C PHE N 1141 -11.13 20.53 27.55
N ASP N 1142 -11.32 19.37 26.92
CA ASP N 1142 -11.20 19.25 25.47
C ASP N 1142 -12.26 18.32 24.93
N CYS N 1143 -12.25 17.09 25.45
CA CYS N 1143 -13.12 16.05 24.95
C CYS N 1143 -14.51 16.20 25.53
N SER N 1144 -14.82 17.38 26.04
CA SER N 1144 -16.13 17.66 26.62
C SER N 1144 -16.57 19.09 26.35
N ASP N 1145 -16.04 20.03 27.13
CA ASP N 1145 -16.38 21.44 26.97
C ASP N 1145 -15.22 22.22 26.38
N ALA N 1146 -14.83 21.86 25.17
CA ALA N 1146 -13.73 22.54 24.48
C ALA N 1146 -14.14 23.92 24.00
N TYR N 1147 -14.37 24.83 24.95
CA TYR N 1147 -14.77 26.18 24.62
C TYR N 1147 -13.65 27.18 24.90
N ARG N 1148 -13.64 28.28 24.14
CA ARG N 1148 -12.61 29.30 24.30
C ARG N 1148 -13.24 30.69 24.35
N VAL N 1149 -12.57 31.61 25.02
CA VAL N 1149 -13.06 32.99 25.14
C VAL N 1149 -11.91 33.96 25.40
N ILE N 1150 -12.00 35.13 24.78
CA ILE N 1150 -10.97 36.16 24.94
C ILE N 1150 -11.07 36.84 26.30
N VAL N 1151 -9.99 37.39 26.73
CA VAL N 1151 -9.94 38.07 28.01
C VAL N 1151 -9.18 39.37 27.90
N CYS N 1152 -9.71 40.40 28.55
CA CYS N 1152 -9.01 41.68 28.65
C CYS N 1152 -7.81 41.55 29.58
N ASP N 1153 -6.73 42.25 29.27
CA ASP N 1153 -5.50 42.08 30.03
C ASP N 1153 -5.51 42.81 31.37
N ILE N 1154 -6.24 43.91 31.46
CA ILE N 1154 -6.32 44.64 32.72
C ILE N 1154 -7.36 44.02 33.67
N CYS N 1155 -8.64 44.10 33.30
CA CYS N 1155 -9.70 43.45 34.06
C CYS N 1155 -10.17 42.17 33.36
N GLY N 1156 -9.65 41.04 33.81
CA GLY N 1156 -9.82 39.76 33.12
C GLY N 1156 -11.24 39.29 32.94
N LEU N 1157 -11.88 39.74 31.86
CA LEU N 1157 -13.28 39.44 31.62
C LEU N 1157 -13.58 39.27 30.12
N ILE N 1158 -14.72 38.68 29.84
CA ILE N 1158 -15.15 38.47 28.46
C ILE N 1158 -15.19 39.81 27.72
N ALA N 1159 -14.74 39.79 26.48
CA ALA N 1159 -14.66 41.01 25.71
C ALA N 1159 -15.77 41.08 24.67
N ILE N 1160 -15.65 42.06 23.79
CA ILE N 1160 -16.52 42.12 22.64
C ILE N 1160 -15.71 41.56 21.48
N ALA N 1161 -15.46 40.26 21.51
CA ALA N 1161 -14.61 39.60 20.52
C ALA N 1161 -15.39 39.16 19.27
N SER N 1162 -14.70 39.08 18.13
CA SER N 1162 -15.33 38.70 16.87
C SER N 1162 -14.54 37.68 16.06
N TYR N 1163 -13.29 37.47 16.44
CA TYR N 1163 -12.43 36.51 15.77
C TYR N 1163 -12.67 36.44 14.26
N LYS N 1164 -13.00 37.59 13.67
CA LYS N 1164 -13.22 37.67 12.23
C LYS N 1164 -12.61 38.94 11.72
N LYS N 1165 -13.19 40.05 12.17
CA LYS N 1165 -12.72 41.36 11.79
C LYS N 1165 -11.72 41.87 12.82
N ASP N 1166 -11.06 40.93 13.50
CA ASP N 1166 -10.04 41.26 14.51
C ASP N 1166 -10.48 42.39 15.44
N SER N 1167 -11.78 42.58 15.59
CA SER N 1167 -12.29 43.64 16.45
C SER N 1167 -12.56 43.08 17.83
N TYR N 1168 -11.90 43.64 18.83
CA TYR N 1168 -12.04 43.16 20.19
C TYR N 1168 -12.68 44.22 21.07
N GLU N 1169 -11.95 45.29 21.34
CA GLU N 1169 -12.49 46.45 22.03
C GLU N 1169 -12.98 46.15 23.44
N CYS N 1170 -12.98 47.16 24.29
CA CYS N 1170 -13.42 47.00 25.67
C CYS N 1170 -14.09 48.26 26.19
N ARG N 1171 -15.40 48.19 26.34
CA ARG N 1171 -16.16 49.32 26.86
C ARG N 1171 -16.05 49.35 28.37
N SER N 1172 -14.85 49.66 28.87
CA SER N 1172 -14.63 49.72 30.31
C SER N 1172 -13.19 50.08 30.62
N CYS N 1173 -12.28 49.17 30.30
CA CYS N 1173 -10.86 49.43 30.46
C CYS N 1173 -10.36 50.24 29.26
N GLN N 1174 -11.25 50.44 28.28
CA GLN N 1174 -10.93 51.22 27.09
C GLN N 1174 -9.78 50.59 26.30
N ASN N 1175 -9.82 49.27 26.14
CA ASN N 1175 -8.77 48.54 25.43
C ASN N 1175 -9.14 48.16 24.01
N ARG N 1176 -8.13 48.13 23.15
CA ARG N 1176 -8.33 47.71 21.77
C ARG N 1176 -7.06 47.07 21.20
N THR N 1177 -5.95 47.20 21.92
CA THR N 1177 -4.68 46.64 21.46
C THR N 1177 -4.18 45.53 22.37
N ARG N 1178 -4.37 45.71 23.67
CA ARG N 1178 -3.92 44.73 24.67
C ARG N 1178 -4.95 43.64 24.92
N PHE N 1179 -4.69 42.44 24.41
CA PHE N 1179 -5.58 41.30 24.66
C PHE N 1179 -4.84 39.98 24.71
N SER N 1180 -5.51 38.97 25.27
CA SER N 1180 -5.00 37.61 25.31
C SER N 1180 -6.15 36.60 25.25
N GLN N 1181 -5.86 35.42 24.72
CA GLN N 1181 -6.89 34.39 24.61
C GLN N 1181 -6.74 33.34 25.69
N VAL N 1182 -7.87 32.72 26.06
CA VAL N 1182 -7.89 31.70 27.11
C VAL N 1182 -8.78 30.52 26.74
N TYR N 1183 -8.31 29.34 27.07
CA TYR N 1183 -9.12 28.15 26.94
C TYR N 1183 -9.80 27.84 28.30
N LEU N 1184 -11.13 27.79 28.28
CA LEU N 1184 -11.96 27.45 29.46
C LEU N 1184 -13.10 26.56 29.05
N PRO N 1185 -13.54 25.67 29.95
CA PRO N 1185 -14.76 24.93 29.62
C PRO N 1185 -15.98 25.82 29.74
N TYR N 1186 -16.87 25.79 28.74
CA TYR N 1186 -18.15 26.49 28.81
C TYR N 1186 -18.69 26.23 30.18
N ALA N 1187 -18.20 25.15 30.76
CA ALA N 1187 -18.45 24.81 32.14
C ALA N 1187 -17.93 25.98 32.99
N ALA N 1188 -16.63 26.15 32.98
CA ALA N 1188 -16.06 27.31 33.61
C ALA N 1188 -16.83 28.56 33.24
N LYS N 1189 -16.93 28.83 31.94
CA LYS N 1189 -17.59 30.03 31.45
C LYS N 1189 -18.81 30.38 32.27
N LEU N 1190 -19.77 29.45 32.34
CA LEU N 1190 -21.01 29.67 33.08
C LEU N 1190 -20.73 30.20 34.46
N LEU N 1191 -19.92 29.47 35.21
CA LEU N 1191 -19.61 29.88 36.59
C LEU N 1191 -19.14 31.32 36.69
N PHE N 1192 -18.12 31.69 35.92
CA PHE N 1192 -17.65 33.07 35.97
C PHE N 1192 -18.78 34.06 35.70
N GLN N 1193 -19.61 33.72 34.72
CA GLN N 1193 -20.77 34.53 34.38
C GLN N 1193 -21.76 34.57 35.55
N GLU N 1194 -22.09 33.38 36.05
CA GLU N 1194 -22.98 33.26 37.20
C GLU N 1194 -22.43 34.05 38.39
N LEU N 1195 -21.12 34.31 38.38
CA LEU N 1195 -20.52 35.07 39.47
C LEU N 1195 -20.79 36.56 39.24
N MET N 1196 -20.76 36.98 37.98
CA MET N 1196 -21.08 38.34 37.62
C MET N 1196 -22.43 38.75 38.20
N SER N 1197 -23.37 37.83 38.23
CA SER N 1197 -24.68 38.14 38.79
C SER N 1197 -24.59 38.34 40.31
N MET N 1198 -23.52 37.83 40.91
CA MET N 1198 -23.33 38.03 42.33
C MET N 1198 -22.30 39.13 42.59
N ASN N 1199 -22.08 39.95 41.57
CA ASN N 1199 -21.27 41.17 41.70
C ASN N 1199 -19.83 40.94 42.07
N ILE N 1200 -19.31 39.75 41.73
CA ILE N 1200 -17.90 39.42 41.96
C ILE N 1200 -17.17 39.07 40.67
N ALA N 1201 -15.98 39.64 40.52
CA ALA N 1201 -15.26 39.60 39.27
C ALA N 1201 -14.02 38.74 39.35
N PRO N 1202 -14.11 37.53 38.82
CA PRO N 1202 -12.90 36.74 38.69
C PRO N 1202 -12.07 37.27 37.56
N ARG N 1203 -11.14 38.17 37.88
CA ARG N 1203 -10.18 38.65 36.91
C ARG N 1203 -9.18 37.55 36.55
N LEU N 1204 -9.11 37.20 35.28
CA LEU N 1204 -8.20 36.17 34.80
C LEU N 1204 -6.86 36.78 34.39
N PHE N 1205 -6.20 37.44 35.33
CA PHE N 1205 -4.91 38.06 35.06
C PHE N 1205 -3.92 37.07 34.48
N THR N 1206 -3.84 37.01 33.15
CA THR N 1206 -2.94 36.10 32.47
C THR N 1206 -1.49 36.48 32.73
N LYS N 1207 -0.59 36.00 31.87
CA LYS N 1207 0.83 36.29 31.99
C LYS N 1207 1.08 37.78 32.12
N ASN N 1208 2.32 38.19 31.87
CA ASN N 1208 2.70 39.60 31.95
C ASN N 1208 1.56 40.52 31.51
N HIS N 1209 0.65 39.99 30.70
CA HIS N 1209 -0.49 40.76 30.21
C HIS N 1209 -1.22 41.44 31.36
N LYS N 1210 -0.82 41.13 32.58
CA LYS N 1210 -1.44 41.71 33.76
C LYS N 1210 -1.69 43.20 33.59
N GLU O 4 -9.30 -57.30 4.15
CA GLU O 4 -8.08 -57.08 4.91
C GLU O 4 -8.27 -57.13 6.42
N THR O 5 -9.30 -56.48 6.95
CA THR O 5 -10.25 -55.69 6.16
C THR O 5 -10.19 -54.24 6.59
N HIS O 6 -11.34 -53.57 6.66
CA HIS O 6 -11.41 -52.19 7.14
C HIS O 6 -12.70 -51.86 7.88
N ILE O 7 -13.83 -52.42 7.45
CA ILE O 7 -15.10 -52.21 8.13
C ILE O 7 -15.73 -53.55 8.53
N THR O 8 -16.45 -53.56 9.64
CA THR O 8 -17.17 -54.75 10.09
C THR O 8 -18.51 -54.29 10.64
N ILE O 9 -19.52 -54.18 9.79
CA ILE O 9 -20.85 -53.75 10.25
C ILE O 9 -21.56 -54.76 11.16
N ARG O 10 -22.48 -54.29 12.01
CA ARG O 10 -23.31 -55.19 12.81
C ARG O 10 -24.76 -55.12 12.38
N ASN O 11 -25.52 -54.30 13.08
CA ASN O 11 -26.92 -54.06 12.76
C ASN O 11 -27.07 -52.82 11.89
N ILE O 12 -28.14 -52.77 11.11
CA ILE O 12 -28.54 -51.58 10.37
C ILE O 12 -30.01 -51.36 10.60
N SER O 13 -30.50 -50.18 10.21
CA SER O 13 -31.93 -49.92 10.20
C SER O 13 -32.29 -49.00 9.05
N LYS O 14 -33.20 -48.08 9.31
CA LYS O 14 -33.61 -47.15 8.28
C LYS O 14 -33.16 -45.72 8.60
N ASN O 15 -32.64 -45.53 9.82
CA ASN O 15 -32.17 -44.22 10.29
C ASN O 15 -30.75 -44.18 10.87
N SER O 16 -30.11 -45.34 11.01
CA SER O 16 -28.76 -45.41 11.59
C SER O 16 -27.98 -46.61 11.05
N VAL O 17 -26.65 -46.55 11.12
CA VAL O 17 -25.77 -47.60 10.56
C VAL O 17 -24.61 -48.03 11.43
N ASP O 18 -24.81 -49.01 12.32
CA ASP O 18 -23.74 -49.39 13.25
C ASP O 18 -22.67 -50.29 12.59
N PHE O 19 -21.39 -49.90 12.71
CA PHE O 19 -20.27 -50.65 12.11
C PHE O 19 -18.96 -50.33 12.80
N VAL O 20 -17.88 -50.95 12.32
CA VAL O 20 -16.58 -50.87 12.99
C VAL O 20 -15.43 -50.68 12.00
N LEU O 21 -14.60 -49.66 12.23
CA LEU O 21 -13.40 -49.42 11.44
C LEU O 21 -12.30 -50.35 11.89
N THR O 22 -11.37 -50.66 11.00
CA THR O 22 -10.32 -51.62 11.35
C THR O 22 -8.91 -51.06 11.17
N ASN O 23 -8.31 -51.35 10.02
CA ASN O 23 -6.96 -50.89 9.76
C ASN O 23 -6.99 -49.43 9.36
N THR O 24 -6.79 -48.58 10.36
CA THR O 24 -6.75 -47.14 10.16
C THR O 24 -6.30 -46.43 11.44
N SER O 25 -6.02 -45.13 11.34
CA SER O 25 -5.54 -44.35 12.46
C SER O 25 -6.60 -43.48 13.08
N LEU O 26 -6.28 -43.02 14.28
CA LEU O 26 -7.19 -42.23 15.10
C LEU O 26 -7.61 -41.01 14.33
N ALA O 27 -6.63 -40.22 13.93
CA ALA O 27 -6.90 -39.05 13.13
C ALA O 27 -8.06 -39.34 12.21
N VAL O 28 -7.82 -40.19 11.21
CA VAL O 28 -8.78 -40.46 10.14
C VAL O 28 -10.17 -40.74 10.66
N ALA O 29 -10.22 -41.48 11.77
CA ALA O 29 -11.47 -41.78 12.45
C ALA O 29 -12.18 -40.47 12.72
N ASN O 30 -11.57 -39.66 13.57
CA ASN O 30 -12.19 -38.43 14.02
C ASN O 30 -12.53 -37.61 12.83
N SER O 31 -11.56 -37.52 11.94
CA SER O 31 -11.68 -36.67 10.79
C SER O 31 -12.81 -37.16 9.91
N LEU O 32 -13.25 -38.38 10.15
CA LEU O 32 -14.45 -38.88 9.49
C LEU O 32 -15.71 -38.53 10.31
N ARG O 33 -15.65 -38.71 11.64
CA ARG O 33 -16.71 -38.23 12.54
C ARG O 33 -17.10 -36.83 12.15
N ARG O 34 -16.10 -35.94 12.10
CA ARG O 34 -16.34 -34.53 11.81
C ARG O 34 -16.98 -34.35 10.47
N VAL O 35 -16.35 -34.88 9.45
CA VAL O 35 -16.85 -34.73 8.09
C VAL O 35 -18.35 -34.96 8.01
N VAL O 36 -18.77 -36.07 8.62
CA VAL O 36 -20.14 -36.52 8.53
C VAL O 36 -21.07 -35.58 9.28
N LEU O 37 -20.53 -34.82 10.24
CA LEU O 37 -21.40 -34.00 11.07
C LEU O 37 -21.54 -32.59 10.53
N ALA O 38 -20.77 -32.27 9.49
CA ALA O 38 -20.66 -30.90 8.97
C ALA O 38 -20.84 -30.75 7.46
N GLU O 39 -19.74 -30.88 6.74
CA GLU O 39 -19.70 -30.55 5.33
C GLU O 39 -20.28 -31.63 4.43
N ILE O 40 -21.58 -31.91 4.53
CA ILE O 40 -22.21 -32.92 3.65
C ILE O 40 -23.45 -32.38 2.98
N PRO O 41 -23.28 -31.72 1.83
CA PRO O 41 -24.32 -31.08 1.05
C PRO O 41 -25.72 -31.63 1.30
N THR O 42 -26.68 -30.75 1.47
CA THR O 42 -28.09 -31.12 1.62
C THR O 42 -29.02 -30.00 1.26
N VAL O 43 -30.27 -30.37 1.04
CA VAL O 43 -31.32 -29.41 0.77
C VAL O 43 -32.09 -29.08 2.03
N ALA O 44 -32.52 -27.83 2.13
CA ALA O 44 -33.22 -27.35 3.31
C ALA O 44 -33.73 -26.01 2.89
N ILE O 45 -34.79 -25.53 3.54
CA ILE O 45 -35.37 -24.29 3.06
C ILE O 45 -34.75 -23.11 3.78
N ASP O 46 -34.42 -22.07 3.04
CA ASP O 46 -33.60 -20.98 3.57
C ASP O 46 -34.10 -19.63 3.07
N LEU O 47 -35.40 -19.54 2.87
CA LEU O 47 -36.02 -18.28 2.50
C LEU O 47 -37.54 -18.47 2.38
N VAL O 48 -38.30 -17.73 3.21
CA VAL O 48 -39.76 -17.68 3.07
C VAL O 48 -40.29 -16.27 2.87
N GLU O 49 -41.23 -16.16 1.95
CA GLU O 49 -41.96 -14.93 1.76
C GLU O 49 -43.37 -15.15 2.28
N ILE O 50 -43.80 -14.27 3.17
CA ILE O 50 -45.13 -14.35 3.72
C ILE O 50 -46.06 -13.37 3.01
N ASN O 51 -47.27 -13.83 2.73
CA ASN O 51 -48.31 -12.95 2.23
C ASN O 51 -49.24 -12.63 3.37
N VAL O 52 -50.21 -13.49 3.60
CA VAL O 52 -51.06 -13.32 4.77
C VAL O 52 -50.76 -14.41 5.79
N ASN O 53 -50.65 -13.98 7.05
CA ASN O 53 -50.47 -14.85 8.19
C ASN O 53 -51.18 -14.25 9.38
N THR O 54 -52.34 -14.79 9.72
CA THR O 54 -53.08 -14.34 10.89
C THR O 54 -53.14 -15.45 11.93
N SER O 55 -52.18 -16.38 11.85
CA SER O 55 -52.06 -17.47 12.80
C SER O 55 -51.40 -17.00 14.07
N VAL O 56 -50.95 -17.94 14.89
CA VAL O 56 -50.33 -17.54 16.14
C VAL O 56 -48.80 -17.55 16.10
N MET O 57 -48.19 -18.43 15.31
CA MET O 57 -46.74 -18.40 15.09
C MET O 57 -46.36 -17.16 14.26
N PRO O 58 -45.43 -16.33 14.75
CA PRO O 58 -45.07 -15.14 14.00
C PRO O 58 -44.37 -15.57 12.73
N ASP O 59 -44.19 -14.64 11.81
CA ASP O 59 -43.47 -14.95 10.59
C ASP O 59 -42.05 -15.44 10.97
N GLU O 60 -41.32 -14.62 11.75
CA GLU O 60 -40.00 -14.95 12.24
C GLU O 60 -39.92 -16.35 12.78
N PHE O 61 -40.97 -16.76 13.48
CA PHE O 61 -40.97 -18.02 14.20
C PHE O 61 -41.19 -19.17 13.24
N LEU O 62 -41.94 -18.92 12.16
CA LEU O 62 -42.16 -19.93 11.12
C LEU O 62 -40.91 -20.19 10.28
N ALA O 63 -40.21 -19.14 9.90
CA ALA O 63 -39.04 -19.29 9.07
C ALA O 63 -38.11 -20.29 9.71
N HIS O 64 -37.81 -20.03 10.99
CA HIS O 64 -36.87 -20.86 11.74
C HIS O 64 -37.35 -22.30 11.88
N ARG O 65 -38.66 -22.47 11.83
CA ARG O 65 -39.24 -23.78 12.04
C ARG O 65 -39.40 -24.51 10.71
N LEU O 66 -39.85 -23.80 9.69
CA LEU O 66 -40.02 -24.39 8.38
C LEU O 66 -38.67 -24.81 7.86
N GLY O 67 -37.62 -24.19 8.39
CA GLY O 67 -36.27 -24.51 7.98
C GLY O 67 -35.91 -25.91 8.36
N MET O 68 -35.85 -26.17 9.65
CA MET O 68 -35.27 -27.41 10.11
C MET O 68 -35.93 -28.66 9.57
N ILE O 69 -37.16 -28.54 9.07
CA ILE O 69 -37.84 -29.71 8.55
C ILE O 69 -37.10 -30.31 7.36
N PRO O 70 -36.60 -31.54 7.53
CA PRO O 70 -35.75 -32.23 6.56
C PRO O 70 -36.37 -32.37 5.19
N LEU O 71 -35.54 -32.49 4.16
CA LEU O 71 -36.03 -32.78 2.82
C LEU O 71 -35.22 -33.90 2.18
N ASP O 72 -35.79 -34.49 1.13
CA ASP O 72 -35.09 -35.50 0.34
C ASP O 72 -33.92 -34.84 -0.35
N SER O 73 -32.81 -35.57 -0.44
CA SER O 73 -31.62 -35.09 -1.11
C SER O 73 -31.03 -36.18 -2.00
N SER O 74 -30.96 -37.38 -1.48
CA SER O 74 -30.46 -38.52 -2.26
C SER O 74 -29.12 -38.23 -2.92
N ASN O 75 -29.12 -38.12 -4.26
CA ASN O 75 -27.91 -37.95 -5.04
C ASN O 75 -27.22 -36.58 -4.87
N ILE O 76 -27.95 -35.51 -5.17
CA ILE O 76 -27.51 -34.12 -4.92
C ILE O 76 -26.28 -33.70 -5.73
N ASP O 77 -25.13 -34.27 -5.39
CA ASP O 77 -23.88 -33.95 -6.08
C ASP O 77 -23.79 -34.65 -7.42
N GLU O 78 -24.73 -34.34 -8.31
CA GLU O 78 -24.75 -34.95 -9.64
C GLU O 78 -25.67 -34.17 -10.58
N PRO O 79 -25.23 -32.99 -10.98
CA PRO O 79 -26.03 -32.15 -11.89
C PRO O 79 -26.03 -32.69 -13.31
N PRO O 80 -26.82 -32.07 -14.19
CA PRO O 80 -27.64 -30.92 -13.80
C PRO O 80 -28.83 -31.33 -12.96
N PRO O 81 -29.65 -32.26 -13.48
CA PRO O 81 -30.82 -32.73 -12.76
C PRO O 81 -30.45 -33.61 -11.58
N VAL O 82 -31.45 -34.12 -10.87
CA VAL O 82 -31.22 -34.97 -9.71
C VAL O 82 -30.05 -34.47 -8.87
N GLY O 83 -29.88 -33.15 -8.85
CA GLY O 83 -28.81 -32.53 -8.09
C GLY O 83 -28.53 -31.11 -8.53
N LEU O 84 -28.64 -30.17 -7.59
CA LEU O 84 -28.41 -28.76 -7.87
C LEU O 84 -27.20 -28.23 -7.10
N GLU O 85 -26.30 -27.55 -7.81
CA GLU O 85 -25.10 -26.99 -7.20
C GLU O 85 -25.43 -25.76 -6.38
N TYR O 86 -24.64 -25.52 -5.33
CA TYR O 86 -24.86 -24.36 -4.47
C TYR O 86 -25.45 -23.21 -5.23
N THR O 87 -26.43 -22.55 -4.63
CA THR O 87 -27.09 -21.42 -5.25
C THR O 87 -26.20 -20.18 -5.24
N ARG O 88 -25.01 -20.29 -4.68
CA ARG O 88 -24.10 -19.16 -4.57
C ARG O 88 -23.26 -19.03 -5.84
N ASN O 89 -22.69 -20.15 -6.27
CA ASN O 89 -21.85 -20.20 -7.45
C ASN O 89 -22.61 -20.76 -8.65
N CYS O 90 -23.76 -20.16 -8.97
CA CYS O 90 -24.63 -20.66 -10.02
C CYS O 90 -24.51 -19.85 -11.30
N ASP O 91 -24.71 -20.51 -12.44
CA ASP O 91 -24.58 -19.87 -13.75
C ASP O 91 -25.73 -18.90 -14.04
N CYS O 92 -26.72 -18.87 -13.16
CA CYS O 92 -27.89 -18.01 -13.31
C CYS O 92 -27.87 -16.84 -12.33
N ASP O 93 -28.86 -15.97 -12.39
CA ASP O 93 -28.86 -14.75 -11.58
C ASP O 93 -29.87 -14.77 -10.44
N GLN O 94 -29.48 -14.17 -9.32
CA GLN O 94 -30.34 -14.09 -8.14
C GLN O 94 -30.78 -15.47 -7.66
N TYR O 95 -32.03 -15.83 -7.93
CA TYR O 95 -32.55 -17.15 -7.57
C TYR O 95 -33.32 -17.75 -8.74
N CYS O 96 -32.98 -18.98 -9.12
CA CYS O 96 -33.63 -19.65 -10.24
C CYS O 96 -33.80 -21.14 -9.98
N PRO O 97 -34.95 -21.69 -10.41
CA PRO O 97 -35.28 -23.12 -10.22
C PRO O 97 -34.18 -24.05 -10.70
N LYS O 98 -33.23 -23.50 -11.46
CA LYS O 98 -32.15 -24.33 -11.94
C LYS O 98 -31.14 -24.61 -10.83
N CYS O 99 -31.28 -23.92 -9.69
CA CYS O 99 -30.35 -24.08 -8.57
C CYS O 99 -31.00 -23.79 -7.21
N SER O 100 -32.26 -24.17 -7.09
CA SER O 100 -33.04 -23.93 -5.87
C SER O 100 -34.47 -24.42 -6.06
N VAL O 101 -34.94 -25.29 -5.17
CA VAL O 101 -36.26 -25.90 -5.35
C VAL O 101 -37.41 -25.18 -4.62
N GLU O 102 -38.43 -24.78 -5.38
CA GLU O 102 -39.55 -24.01 -4.85
C GLU O 102 -40.53 -24.87 -4.07
N LEU O 103 -41.04 -24.34 -2.96
CA LEU O 103 -42.02 -25.01 -2.12
C LEU O 103 -43.18 -24.11 -1.77
N PHE O 104 -44.36 -24.70 -1.59
CA PHE O 104 -45.57 -23.94 -1.33
C PHE O 104 -46.29 -24.37 -0.05
N LEU O 105 -47.06 -23.44 0.51
CA LEU O 105 -47.84 -23.70 1.72
C LEU O 105 -49.08 -22.81 1.74
N ASN O 106 -50.21 -23.37 1.32
CA ASN O 106 -51.46 -22.62 1.33
C ASN O 106 -52.49 -23.27 2.25
N ALA O 107 -52.31 -23.05 3.55
CA ALA O 107 -53.17 -23.67 4.56
C ALA O 107 -54.29 -22.75 5.03
N LYS O 108 -55.51 -23.26 5.01
CA LYS O 108 -56.69 -22.47 5.32
C LYS O 108 -57.43 -23.10 6.47
N CYS O 109 -58.71 -22.80 6.58
CA CYS O 109 -59.53 -23.43 7.60
C CYS O 109 -60.97 -23.63 7.16
N THR O 110 -61.43 -24.89 7.20
CA THR O 110 -62.79 -25.22 6.81
C THR O 110 -63.57 -25.75 8.00
N GLY O 111 -62.88 -25.89 9.13
CA GLY O 111 -63.49 -26.43 10.34
C GLY O 111 -63.75 -25.38 11.39
N GLU O 112 -64.18 -25.84 12.56
CA GLU O 112 -64.44 -24.95 13.69
C GLU O 112 -63.82 -25.50 14.96
N GLY O 113 -63.53 -26.80 14.94
CA GLY O 113 -62.83 -27.43 16.04
C GLY O 113 -61.42 -26.89 16.18
N THR O 114 -60.46 -27.62 15.59
CA THR O 114 -59.04 -27.24 15.60
C THR O 114 -58.30 -27.86 14.43
N MET O 115 -57.40 -27.09 13.81
CA MET O 115 -56.57 -27.59 12.72
C MET O 115 -55.21 -28.03 13.21
N GLU O 116 -54.56 -28.90 12.44
CA GLU O 116 -53.23 -29.37 12.77
C GLU O 116 -52.45 -29.66 11.50
N ILE O 117 -51.78 -28.62 10.98
CA ILE O 117 -51.05 -28.71 9.71
C ILE O 117 -49.65 -29.33 9.85
N TYR O 118 -49.43 -30.44 9.15
CA TYR O 118 -48.14 -31.14 9.20
C TYR O 118 -47.29 -30.85 7.99
N ALA O 119 -46.17 -31.56 7.89
CA ALA O 119 -45.26 -31.36 6.78
C ALA O 119 -45.84 -31.86 5.46
N ARG O 120 -46.99 -32.54 5.54
CA ARG O 120 -47.61 -33.13 4.37
C ARG O 120 -48.17 -32.06 3.44
N ASP O 121 -48.70 -31.00 4.00
CA ASP O 121 -49.53 -30.07 3.20
C ASP O 121 -48.74 -29.24 2.17
N LEU O 122 -47.42 -29.24 2.32
CA LEU O 122 -46.55 -28.50 1.42
C LEU O 122 -46.65 -29.05 -0.01
N VAL O 123 -46.17 -28.27 -0.98
CA VAL O 123 -46.21 -28.67 -2.38
C VAL O 123 -44.93 -28.26 -3.10
N VAL O 124 -44.21 -29.24 -3.63
CA VAL O 124 -42.96 -28.97 -4.35
C VAL O 124 -43.24 -28.28 -5.69
N SER O 125 -43.11 -29.04 -6.77
CA SER O 125 -43.34 -28.50 -8.11
C SER O 125 -43.64 -29.62 -9.10
N SER O 126 -43.03 -30.78 -8.89
CA SER O 126 -43.24 -31.92 -9.76
C SER O 126 -41.99 -32.22 -10.59
N ASN O 127 -40.84 -31.78 -10.09
CA ASN O 127 -39.58 -32.00 -10.78
C ASN O 127 -38.80 -33.17 -10.20
N SER O 128 -39.52 -34.13 -9.64
CA SER O 128 -38.90 -35.32 -9.05
C SER O 128 -37.41 -35.10 -8.82
N SER O 129 -37.08 -34.15 -7.95
CA SER O 129 -35.69 -33.84 -7.64
C SER O 129 -35.03 -34.98 -6.87
N LEU O 130 -35.31 -35.05 -5.57
CA LEU O 130 -36.20 -34.09 -4.92
C LEU O 130 -35.45 -33.29 -3.86
N GLY O 131 -36.18 -32.44 -3.14
CA GLY O 131 -37.61 -32.29 -3.38
C GLY O 131 -38.46 -32.57 -2.16
N HIS O 132 -39.46 -33.45 -2.35
CA HIS O 132 -40.36 -33.87 -1.29
C HIS O 132 -39.62 -33.89 0.05
N PRO O 133 -40.21 -33.30 1.09
CA PRO O 133 -39.71 -33.46 2.45
C PRO O 133 -39.68 -34.94 2.81
N ILE O 134 -39.96 -35.26 4.08
CA ILE O 134 -39.96 -36.64 4.54
C ILE O 134 -41.15 -36.91 5.46
N LEU O 135 -41.28 -38.15 5.90
CA LEU O 135 -42.36 -38.55 6.80
C LEU O 135 -41.87 -39.51 7.87
N ALA O 136 -40.89 -39.08 8.65
CA ALA O 136 -40.32 -39.90 9.73
C ALA O 136 -41.42 -40.68 10.45
N ASP O 137 -42.52 -40.01 10.72
CA ASP O 137 -43.65 -40.63 11.42
C ASP O 137 -44.13 -41.87 10.68
N PRO O 138 -44.63 -42.85 11.43
CA PRO O 138 -45.13 -44.10 10.83
C PRO O 138 -46.51 -43.92 10.22
N LYS O 139 -46.59 -43.94 8.90
CA LYS O 139 -47.85 -43.79 8.20
C LYS O 139 -48.59 -42.54 8.68
N SER O 140 -47.84 -41.49 8.97
CA SER O 140 -48.43 -40.23 9.44
C SER O 140 -48.60 -39.24 8.30
N ARG O 141 -47.76 -38.21 8.29
CA ARG O 141 -47.81 -37.18 7.25
C ARG O 141 -46.62 -36.24 7.35
N GLY O 142 -45.79 -36.44 8.36
CA GLY O 142 -44.61 -35.61 8.57
C GLY O 142 -44.61 -34.81 9.86
N PRO O 143 -43.47 -34.13 10.17
CA PRO O 143 -43.25 -33.27 11.34
C PRO O 143 -44.23 -32.09 11.42
N LEU O 144 -44.67 -31.74 12.62
CA LEU O 144 -45.72 -30.73 12.85
C LEU O 144 -45.22 -29.31 12.58
N ILE O 145 -46.08 -28.47 11.99
CA ILE O 145 -45.68 -27.12 11.61
C ILE O 145 -46.38 -26.01 12.42
N CYS O 146 -47.70 -26.12 12.57
CA CYS O 146 -48.47 -25.05 13.19
C CYS O 146 -49.93 -25.47 13.41
N LYS O 147 -50.61 -24.80 14.34
CA LYS O 147 -52.03 -25.09 14.61
C LYS O 147 -52.91 -23.87 14.28
N LEU O 148 -54.18 -24.11 13.94
CA LEU O 148 -55.11 -23.02 13.62
C LEU O 148 -56.52 -23.24 14.20
N ARG O 149 -57.29 -22.17 14.34
CA ARG O 149 -58.67 -22.28 14.80
C ARG O 149 -59.68 -21.87 13.74
N LYS O 150 -60.25 -20.68 13.87
CA LYS O 150 -61.19 -20.20 12.87
C LYS O 150 -60.46 -19.83 11.59
N GLU O 151 -60.84 -18.71 10.97
CA GLU O 151 -60.22 -18.33 9.72
C GLU O 151 -58.82 -17.76 9.99
N GLN O 152 -57.81 -18.60 9.78
CA GLN O 152 -56.43 -18.19 10.01
C GLN O 152 -55.46 -18.64 8.91
N GLU O 153 -55.98 -18.74 7.68
CA GLU O 153 -55.16 -19.16 6.55
C GLU O 153 -53.78 -18.47 6.54
N ILE O 154 -52.73 -19.23 6.25
CA ILE O 154 -51.43 -18.65 5.93
C ILE O 154 -50.97 -19.03 4.52
N SER O 155 -50.22 -18.12 3.90
CA SER O 155 -49.75 -18.32 2.53
C SER O 155 -48.27 -18.07 2.48
N LEU O 156 -47.49 -19.13 2.20
CA LEU O 156 -46.04 -19.02 2.26
C LEU O 156 -45.40 -19.53 0.98
N ARG O 157 -44.35 -18.83 0.55
CA ARG O 157 -43.54 -19.30 -0.55
C ARG O 157 -42.19 -19.69 0.00
N CYS O 158 -41.84 -20.96 -0.13
CA CYS O 158 -40.55 -21.43 0.36
C CYS O 158 -39.65 -21.89 -0.79
N ILE O 159 -38.39 -21.51 -0.74
CA ILE O 159 -37.41 -22.08 -1.67
C ILE O 159 -36.15 -22.55 -0.94
N ALA O 160 -35.72 -23.77 -1.26
CA ALA O 160 -34.55 -24.36 -0.60
C ALA O 160 -33.29 -24.05 -1.37
N LYS O 161 -32.17 -24.01 -0.66
CA LYS O 161 -30.87 -23.92 -1.32
C LYS O 161 -30.03 -25.13 -0.89
N LYS O 162 -28.72 -25.01 -1.09
CA LYS O 162 -27.83 -26.09 -0.75
C LYS O 162 -26.87 -25.53 0.30
N GLY O 163 -26.62 -26.31 1.36
CA GLY O 163 -25.77 -25.84 2.45
C GLY O 163 -25.21 -26.91 3.37
N ILE O 164 -24.15 -26.59 4.11
CA ILE O 164 -23.59 -27.57 5.02
C ILE O 164 -23.74 -27.13 6.49
N ALA O 165 -23.79 -28.10 7.40
CA ALA O 165 -23.89 -27.80 8.82
C ALA O 165 -23.13 -26.55 9.15
N LYS O 166 -21.87 -26.49 8.76
CA LYS O 166 -21.06 -25.30 9.03
C LYS O 166 -21.87 -24.01 8.91
N GLU O 167 -22.73 -23.94 7.90
CA GLU O 167 -23.39 -22.69 7.55
C GLU O 167 -24.62 -22.47 8.41
N HIS O 168 -25.13 -23.56 8.99
CA HIS O 168 -26.27 -23.52 9.93
C HIS O 168 -26.65 -24.95 10.25
N ALA O 169 -26.79 -25.28 11.53
CA ALA O 169 -27.03 -26.67 11.90
C ALA O 169 -28.23 -27.27 11.16
N LYS O 170 -28.89 -26.42 10.38
CA LYS O 170 -30.12 -26.78 9.71
C LYS O 170 -29.94 -27.87 8.68
N TRP O 171 -28.73 -27.94 8.10
CA TRP O 171 -28.45 -28.77 6.93
C TRP O 171 -27.99 -30.21 7.24
N SER O 172 -27.00 -30.35 8.14
CA SER O 172 -26.47 -31.68 8.44
C SER O 172 -27.62 -32.65 8.55
N PRO O 173 -27.58 -33.68 7.71
CA PRO O 173 -28.56 -34.75 7.63
C PRO O 173 -28.17 -35.81 8.62
N THR O 174 -27.34 -35.41 9.58
CA THR O 174 -26.74 -36.34 10.50
C THR O 174 -27.05 -35.98 11.95
N SER O 175 -27.71 -36.88 12.66
CA SER O 175 -28.04 -36.72 14.09
C SER O 175 -26.81 -36.64 14.99
N ALA O 176 -26.26 -37.80 15.32
CA ALA O 176 -24.95 -37.83 15.98
C ALA O 176 -24.13 -39.05 15.56
N VAL O 177 -23.13 -39.37 16.36
CA VAL O 177 -22.21 -40.44 16.04
C VAL O 177 -21.73 -41.02 17.36
N ALA O 178 -21.40 -42.31 17.42
CA ALA O 178 -21.18 -42.90 18.73
C ALA O 178 -19.96 -43.78 18.89
N PHE O 179 -18.77 -43.20 18.77
CA PHE O 179 -17.51 -43.96 18.78
C PHE O 179 -16.92 -44.25 20.18
N GLU O 180 -15.98 -45.21 20.25
CA GLU O 180 -15.53 -45.69 21.53
C GLU O 180 -14.25 -46.51 21.46
N TYR O 181 -13.28 -46.10 20.64
CA TYR O 181 -12.02 -46.83 20.58
C TYR O 181 -11.41 -47.23 21.95
N ASP O 182 -10.86 -48.44 22.01
CA ASP O 182 -10.35 -49.06 23.25
C ASP O 182 -11.30 -49.04 24.41
N PRO O 183 -12.22 -50.02 24.46
CA PRO O 183 -13.28 -50.04 25.44
C PRO O 183 -12.81 -50.51 26.79
N TRP O 184 -11.82 -51.38 26.88
CA TRP O 184 -11.34 -51.71 28.22
C TRP O 184 -10.45 -50.54 28.64
N ASN O 185 -9.16 -50.76 28.80
CA ASN O 185 -8.25 -49.63 28.93
C ASN O 185 -6.82 -49.99 28.58
N LYS O 186 -6.62 -50.43 27.34
CA LYS O 186 -5.30 -50.79 26.87
C LYS O 186 -4.38 -49.62 27.06
N LEU O 187 -4.60 -48.62 26.24
CA LEU O 187 -3.65 -47.53 26.19
C LEU O 187 -3.84 -46.52 27.32
N GLN O 188 -4.75 -46.79 28.23
CA GLN O 188 -4.96 -45.87 29.33
C GLN O 188 -5.05 -44.43 28.84
N HIS O 189 -5.82 -44.19 27.78
CA HIS O 189 -5.98 -42.84 27.25
C HIS O 189 -6.89 -42.09 28.18
N THR O 190 -7.12 -42.66 29.34
CA THR O 190 -8.05 -42.04 30.29
C THR O 190 -7.81 -42.47 31.75
N ASP O 191 -7.89 -41.54 32.67
CA ASP O 191 -7.72 -41.86 34.08
C ASP O 191 -9.09 -41.86 34.78
N TYR O 192 -9.66 -43.04 34.93
CA TYR O 192 -10.99 -43.19 35.56
C TYR O 192 -10.95 -42.72 37.01
N TRP O 193 -11.99 -42.02 37.44
CA TRP O 193 -12.06 -41.54 38.81
C TRP O 193 -12.63 -42.67 39.63
N PHE O 194 -12.05 -42.97 40.81
CA PHE O 194 -12.29 -44.26 41.48
C PHE O 194 -13.73 -44.83 41.64
N GLU O 195 -14.52 -44.47 42.68
CA GLU O 195 -14.14 -43.64 43.80
C GLU O 195 -13.60 -44.48 44.93
N ASN O 196 -14.01 -45.75 44.99
CA ASN O 196 -13.57 -46.70 46.03
C ASN O 196 -12.86 -47.90 45.41
N ASP O 197 -13.26 -48.26 44.20
CA ASP O 197 -12.60 -49.32 43.46
C ASP O 197 -12.79 -49.15 41.96
N ALA O 198 -11.68 -49.02 41.25
CA ALA O 198 -11.66 -48.68 39.83
C ALA O 198 -12.57 -49.54 38.98
N ASP O 199 -12.00 -50.60 38.42
CA ASP O 199 -12.75 -51.54 37.59
C ASP O 199 -13.86 -52.15 38.40
N ALA O 200 -14.84 -51.32 38.75
CA ALA O 200 -15.88 -51.73 39.67
C ALA O 200 -16.96 -50.67 39.72
N GLU O 201 -16.59 -49.44 39.38
CA GLU O 201 -17.53 -48.36 39.39
C GLU O 201 -17.99 -48.09 37.97
N TRP O 202 -17.05 -48.13 37.03
CA TRP O 202 -17.34 -47.84 35.63
C TRP O 202 -17.87 -49.06 34.91
N PRO O 203 -19.02 -48.91 34.24
CA PRO O 203 -19.73 -49.95 33.51
C PRO O 203 -18.98 -50.38 32.27
N LYS O 204 -18.84 -51.68 32.08
CA LYS O 204 -18.36 -52.22 30.82
C LYS O 204 -19.37 -51.79 29.77
N SER O 205 -18.92 -51.62 28.54
CA SER O 205 -19.80 -51.17 27.49
C SER O 205 -20.19 -52.33 26.59
N LYS O 206 -21.38 -52.24 26.00
CA LYS O 206 -21.86 -53.27 25.10
C LYS O 206 -20.75 -53.63 24.12
N ASN O 207 -19.99 -52.62 23.70
CA ASN O 207 -18.90 -52.82 22.73
C ASN O 207 -17.62 -53.24 23.41
N ALA O 208 -17.73 -53.66 24.66
CA ALA O 208 -16.55 -54.01 25.43
C ALA O 208 -16.21 -55.48 25.25
N ASP O 209 -17.17 -56.23 24.70
CA ASP O 209 -17.07 -57.67 24.64
C ASP O 209 -16.40 -58.10 23.34
N TRP O 210 -15.55 -57.22 22.81
CA TRP O 210 -14.89 -57.49 21.54
C TRP O 210 -13.35 -57.36 21.65
N GLU O 211 -12.81 -57.59 22.85
CA GLU O 211 -11.38 -57.37 23.07
C GLU O 211 -10.79 -57.87 24.42
N GLU O 212 -9.61 -57.37 24.74
CA GLU O 212 -8.91 -57.63 26.00
C GLU O 212 -8.51 -56.23 26.53
N PRO O 213 -7.33 -56.09 27.19
CA PRO O 213 -6.30 -56.99 27.70
C PRO O 213 -6.35 -57.11 29.23
N PRO O 214 -7.46 -57.61 29.78
CA PRO O 214 -7.43 -57.90 31.21
C PRO O 214 -6.26 -58.87 31.53
N ARG O 215 -6.14 -59.35 32.77
CA ARG O 215 -5.01 -60.21 33.21
C ARG O 215 -3.61 -59.68 32.86
N GLU O 216 -2.79 -59.47 33.88
CA GLU O 216 -1.47 -58.87 33.68
C GLU O 216 -1.62 -57.38 33.34
N GLY O 217 -0.63 -56.58 33.72
CA GLY O 217 0.56 -57.06 34.38
C GLY O 217 1.55 -57.58 33.35
N GLU O 218 1.40 -57.13 32.11
CA GLU O 218 2.28 -57.55 31.03
C GLU O 218 3.73 -57.08 31.22
N PRO O 219 3.95 -55.82 31.61
CA PRO O 219 2.97 -54.77 31.90
C PRO O 219 2.41 -54.13 30.64
N PHE O 220 1.60 -53.10 30.83
CA PHE O 220 0.91 -52.43 29.75
C PHE O 220 1.88 -52.04 28.63
N ASN O 221 1.38 -52.13 27.40
CA ASN O 221 2.14 -51.80 26.20
C ASN O 221 2.17 -50.29 25.95
N PHE O 222 2.82 -49.91 24.85
CA PHE O 222 3.01 -48.50 24.49
C PHE O 222 3.42 -48.34 23.03
N GLN O 223 3.98 -49.38 22.43
CA GLN O 223 4.26 -49.30 21.02
C GLN O 223 2.91 -49.29 20.31
N GLU O 224 1.84 -49.44 21.07
CA GLU O 224 0.49 -49.65 20.52
C GLU O 224 -0.29 -48.38 20.25
N GLU O 225 -0.77 -48.26 19.03
CA GLU O 225 -1.58 -47.12 18.65
C GLU O 225 -3.04 -47.54 18.66
N PRO O 226 -3.94 -46.55 18.79
CA PRO O 226 -5.37 -46.87 18.85
C PRO O 226 -5.85 -47.30 17.50
N ARG O 227 -6.15 -48.56 17.35
CA ARG O 227 -6.89 -48.96 16.16
C ARG O 227 -8.12 -49.77 16.54
N ARG O 228 -9.04 -49.91 15.60
CA ARG O 228 -10.37 -50.46 15.88
C ARG O 228 -11.24 -49.40 16.57
N PHE O 229 -12.15 -48.81 15.80
CA PHE O 229 -12.97 -47.76 16.32
C PHE O 229 -14.43 -48.16 16.14
N TYR O 230 -15.21 -48.10 17.21
CA TYR O 230 -16.59 -48.57 17.13
C TYR O 230 -17.49 -47.39 16.92
N MET O 231 -17.71 -47.02 15.66
CA MET O 231 -18.60 -45.90 15.40
C MET O 231 -20.04 -46.35 15.31
N ASP O 232 -20.93 -45.41 15.03
CA ASP O 232 -22.35 -45.67 14.89
C ASP O 232 -23.07 -44.40 14.43
N VAL O 233 -23.21 -44.26 13.12
CA VAL O 233 -23.78 -43.06 12.50
C VAL O 233 -25.28 -43.17 12.49
N GLU O 234 -25.96 -42.07 12.80
CA GLU O 234 -27.42 -42.00 12.74
C GLU O 234 -27.82 -40.79 11.92
N SER O 235 -28.67 -40.97 10.92
CA SER O 235 -29.11 -39.85 10.09
C SER O 235 -30.43 -39.31 10.59
N VAL O 236 -30.80 -38.14 10.07
CA VAL O 236 -32.07 -37.50 10.44
C VAL O 236 -33.24 -38.22 9.77
N GLY O 237 -33.08 -38.53 8.50
CA GLY O 237 -34.14 -39.13 7.72
C GLY O 237 -34.31 -38.27 6.48
N SER O 238 -33.43 -37.30 6.34
CA SER O 238 -33.42 -36.39 5.20
C SER O 238 -32.88 -37.13 4.00
N ILE O 239 -31.76 -37.81 4.22
CA ILE O 239 -31.17 -38.64 3.18
C ILE O 239 -30.83 -39.99 3.75
N PRO O 240 -31.13 -41.06 3.00
CA PRO O 240 -30.94 -42.43 3.46
C PRO O 240 -29.70 -42.61 4.34
N PRO O 241 -29.70 -43.65 5.19
CA PRO O 241 -28.67 -43.85 6.21
C PRO O 241 -27.33 -44.21 5.59
N ASN O 242 -26.75 -43.31 4.79
CA ASN O 242 -25.44 -43.54 4.15
C ASN O 242 -25.46 -44.22 2.77
N GLU O 243 -25.46 -43.42 1.70
CA GLU O 243 -25.52 -41.96 1.73
C GLU O 243 -24.48 -41.24 2.59
N ILE O 244 -24.93 -40.54 3.64
CA ILE O 244 -24.05 -39.74 4.50
C ILE O 244 -22.60 -40.21 4.51
N MET O 245 -22.40 -41.46 4.92
CA MET O 245 -21.07 -42.04 5.03
C MET O 245 -20.38 -42.12 3.66
N VAL O 246 -21.03 -42.81 2.73
CA VAL O 246 -20.52 -42.87 1.39
C VAL O 246 -20.10 -41.50 0.90
N GLN O 247 -21.01 -40.52 0.98
CA GLN O 247 -20.76 -39.19 0.44
C GLN O 247 -19.83 -38.44 1.37
N GLY O 248 -19.38 -39.12 2.41
CA GLY O 248 -18.54 -38.49 3.42
C GLY O 248 -17.13 -38.32 2.92
N LEU O 249 -16.57 -39.40 2.39
CA LEU O 249 -15.21 -39.41 1.93
C LEU O 249 -15.11 -38.81 0.52
N ARG O 250 -16.14 -39.00 -0.31
CA ARG O 250 -16.18 -38.44 -1.65
C ARG O 250 -15.85 -36.94 -1.63
N ILE O 251 -16.32 -36.22 -0.61
CA ILE O 251 -15.99 -34.81 -0.44
C ILE O 251 -15.00 -34.65 0.72
N LEU O 252 -14.19 -35.67 0.92
CA LEU O 252 -13.10 -35.60 1.89
C LEU O 252 -11.81 -35.94 1.16
N GLN O 253 -11.90 -36.87 0.22
CA GLN O 253 -10.80 -37.11 -0.68
C GLN O 253 -10.61 -35.80 -1.44
N GLU O 254 -11.70 -35.31 -2.03
CA GLU O 254 -11.65 -34.13 -2.88
C GLU O 254 -11.19 -32.90 -2.09
N LYS O 255 -11.16 -33.02 -0.77
CA LYS O 255 -10.68 -31.92 0.06
C LYS O 255 -9.18 -32.05 0.26
N LEU O 256 -8.65 -33.26 0.08
CA LEU O 256 -7.22 -33.48 0.16
C LEU O 256 -6.60 -33.11 -1.15
N ALA O 257 -7.32 -33.43 -2.22
CA ALA O 257 -6.86 -33.14 -3.57
C ALA O 257 -6.61 -31.66 -3.76
N VAL O 258 -7.63 -30.84 -3.47
CA VAL O 258 -7.50 -29.40 -3.56
C VAL O 258 -6.08 -29.03 -3.23
N LEU O 259 -5.61 -29.59 -2.12
CA LEU O 259 -4.27 -29.33 -1.65
C LEU O 259 -3.23 -29.70 -2.71
N VAL O 260 -3.14 -30.98 -3.05
CA VAL O 260 -2.09 -31.43 -3.95
C VAL O 260 -2.01 -30.55 -5.19
N ARG O 261 -3.15 -30.34 -5.83
CA ARG O 261 -3.21 -29.54 -7.05
C ARG O 261 -2.62 -28.13 -6.87
N ASP O 262 -2.73 -27.58 -5.66
CA ASP O 262 -2.24 -26.23 -5.40
C ASP O 262 -0.77 -26.25 -5.02
N LEU O 263 -0.08 -27.33 -5.37
CA LEU O 263 1.33 -27.48 -4.99
C LEU O 263 2.17 -28.16 -6.08
N ASP O 264 1.52 -28.86 -7.01
CA ASP O 264 2.23 -29.53 -8.09
C ASP O 264 2.15 -28.76 -9.41
N GLU O 265 1.21 -27.82 -9.48
CA GLU O 265 1.01 -27.02 -10.69
C GLU O 265 2.08 -25.93 -10.81
N GLU O 266 2.58 -25.46 -9.68
CA GLU O 266 3.59 -24.42 -9.65
C GLU O 266 4.95 -24.97 -9.24
N PHE P 6 -6.50 60.10 30.03
CA PHE P 6 -5.65 60.39 31.17
C PHE P 6 -4.55 61.39 30.80
N GLU P 7 -3.61 60.96 29.99
CA GLU P 7 -2.51 61.82 29.55
C GLU P 7 -2.62 62.15 28.07
N GLU P 8 -3.13 63.35 27.77
CA GLU P 8 -3.29 63.79 26.40
C GLU P 8 -2.94 65.27 26.26
N ASP P 9 -1.90 65.70 26.96
CA ASP P 9 -1.46 67.09 26.91
C ASP P 9 -0.46 67.32 25.78
N ALA P 10 0.17 68.49 25.79
CA ALA P 10 1.15 68.83 24.76
C ALA P 10 2.49 69.22 25.39
N ALA P 11 2.43 70.13 26.37
CA ALA P 11 3.63 70.59 27.05
C ALA P 11 4.67 71.08 26.06
N GLN P 12 5.80 71.56 26.58
CA GLN P 12 6.02 71.62 28.02
C GLN P 12 6.62 70.32 28.54
N LEU P 13 6.99 69.43 27.62
CA LEU P 13 7.58 68.15 27.98
C LEU P 13 6.67 67.37 28.92
N LYS P 14 5.70 66.66 28.34
CA LYS P 14 4.76 65.86 29.12
C LYS P 14 4.10 64.79 28.27
N LEU P 15 3.75 63.67 28.91
CA LEU P 15 3.12 62.56 28.20
C LEU P 15 3.78 61.23 28.56
N GLY P 16 3.45 60.19 27.81
CA GLY P 16 4.00 58.87 28.05
C GLY P 16 5.38 58.92 28.68
N PRO P 17 5.61 58.05 29.65
CA PRO P 17 6.91 57.99 30.35
C PRO P 17 7.96 57.27 29.52
N GLU P 18 7.61 56.10 28.99
CA GLU P 18 8.54 55.31 28.18
C GLU P 18 9.00 56.13 26.98
N PHE P 19 8.04 56.73 26.28
CA PHE P 19 8.34 57.53 25.10
C PHE P 19 9.23 58.71 25.47
N GLU P 20 8.91 59.34 26.59
CA GLU P 20 9.71 60.46 27.10
C GLU P 20 11.17 60.03 27.29
N ASN P 21 11.31 58.89 27.92
CA ASN P 21 12.62 58.29 28.21
C ASN P 21 13.39 58.08 26.91
N GLU P 22 12.73 57.51 25.91
CA GLU P 22 13.36 57.25 24.62
C GLU P 22 13.87 58.55 23.99
N ASP P 23 14.86 58.41 23.11
CA ASP P 23 15.44 59.56 22.42
C ASP P 23 14.86 59.72 21.02
N MET P 24 14.34 60.92 20.74
CA MET P 24 13.76 61.20 19.43
C MET P 24 14.82 61.21 18.34
N LEU P 25 14.71 60.27 17.40
CA LEU P 25 15.66 60.17 16.31
C LEU P 25 15.60 61.40 15.41
N THR P 26 16.73 61.73 14.79
CA THR P 26 16.81 62.89 13.91
C THR P 26 16.24 62.58 12.54
N VAL P 27 15.97 63.61 11.75
CA VAL P 27 15.41 63.46 10.42
C VAL P 27 16.46 62.92 9.44
N SER P 28 17.45 63.76 9.14
CA SER P 28 18.53 63.36 8.22
C SER P 28 19.20 62.08 8.71
N GLU P 29 19.55 62.05 9.99
CA GLU P 29 20.20 60.89 10.59
C GLU P 29 19.30 59.67 10.49
N ALA P 30 18.02 59.87 10.76
CA ALA P 30 17.03 58.79 10.67
C ALA P 30 17.04 58.20 9.26
N LYS P 31 17.00 59.07 8.26
CA LYS P 31 16.99 58.63 6.87
C LYS P 31 18.27 57.86 6.54
N ILE P 32 19.39 58.37 7.04
CA ILE P 32 20.69 57.71 6.84
C ILE P 32 20.64 56.29 7.40
N LEU P 33 20.12 56.15 8.61
CA LEU P 33 20.03 54.84 9.25
C LEU P 33 19.14 53.91 8.44
N ILE P 34 18.03 54.46 7.96
CA ILE P 34 17.09 53.70 7.13
C ILE P 34 17.81 53.15 5.89
N GLU P 35 18.57 54.03 5.28
CA GLU P 35 19.36 53.72 4.07
C GLU P 35 20.31 52.57 4.37
N THR P 36 20.99 52.70 5.49
CA THR P 36 21.97 51.71 5.97
C THR P 36 21.30 50.35 6.12
N VAL P 37 20.14 50.38 6.75
CA VAL P 37 19.33 49.18 7.01
C VAL P 37 18.99 48.49 5.69
N LEU P 38 18.54 49.28 4.72
CA LEU P 38 18.19 48.74 3.41
C LEU P 38 19.38 48.08 2.73
N ALA P 39 20.54 48.72 2.82
CA ALA P 39 21.77 48.20 2.23
C ALA P 39 22.11 46.83 2.81
N GLN P 40 21.91 46.68 4.12
CA GLN P 40 22.20 45.42 4.80
C GLN P 40 21.25 44.32 4.36
N ARG P 41 19.99 44.70 4.09
CA ARG P 41 18.99 43.75 3.65
C ARG P 41 19.24 43.28 2.23
N ALA P 42 19.55 44.24 1.34
CA ALA P 42 19.83 43.93 -0.05
C ALA P 42 20.95 42.91 -0.18
N ARG P 43 21.86 42.89 0.80
CA ARG P 43 22.98 41.97 0.79
C ARG P 43 22.50 40.52 0.65
N GLU P 44 22.04 40.17 -0.54
CA GLU P 44 21.55 38.83 -0.81
C GLU P 44 20.04 38.83 -1.02
N THR P 45 19.58 39.58 -2.01
CA THR P 45 18.16 39.66 -2.31
C THR P 45 17.87 39.23 -3.75
N ASN P 46 16.70 38.65 -3.96
CA ASN P 46 16.30 38.20 -5.29
C ASN P 46 15.89 39.36 -6.20
N GLY P 47 15.31 40.40 -5.60
CA GLY P 47 14.88 41.56 -6.35
C GLY P 47 13.41 41.88 -6.11
N GLU P 48 13.14 43.12 -5.74
CA GLU P 48 11.77 43.56 -5.48
C GLU P 48 11.64 44.15 -4.08
N ILE P 49 11.21 43.33 -3.14
CA ILE P 49 11.03 43.77 -1.75
C ILE P 49 10.05 44.92 -1.66
N PRO P 50 8.75 44.61 -1.72
CA PRO P 50 7.70 45.62 -1.64
C PRO P 50 7.98 46.63 -0.54
N MET P 51 7.81 47.92 -0.86
CA MET P 51 8.05 48.99 0.11
C MET P 51 6.74 49.48 0.71
N THR P 52 5.67 48.74 0.47
CA THR P 52 4.35 49.11 0.98
C THR P 52 4.03 50.56 0.67
N ASP P 53 3.19 51.17 1.50
CA ASP P 53 2.79 52.56 1.32
C ASP P 53 3.54 53.47 2.29
N VAL P 54 3.80 52.96 3.49
CA VAL P 54 4.51 53.73 4.51
C VAL P 54 5.89 54.14 4.03
N MET P 55 6.54 53.25 3.28
CA MET P 55 7.87 53.52 2.76
C MET P 55 7.87 54.71 1.80
N LYS P 56 6.99 54.64 0.80
CA LYS P 56 6.88 55.71 -0.18
C LYS P 56 6.83 57.08 0.48
N LYS P 57 5.82 57.28 1.34
CA LYS P 57 5.67 58.54 2.05
C LYS P 57 6.97 58.99 2.68
N THR P 58 7.53 58.15 3.54
CA THR P 58 8.78 58.46 4.21
C THR P 58 9.87 58.82 3.21
N VAL P 59 10.04 57.97 2.19
CA VAL P 59 11.05 58.20 1.16
C VAL P 59 10.96 59.62 0.62
N ALA P 60 9.74 60.12 0.49
CA ALA P 60 9.51 61.47 -0.03
C ALA P 60 9.81 62.53 1.04
N TYR P 61 9.11 62.42 2.17
CA TYR P 61 9.30 63.36 3.27
C TYR P 61 10.76 63.43 3.70
N PHE P 62 11.41 62.27 3.77
CA PHE P 62 12.81 62.20 4.16
C PHE P 62 13.69 62.99 3.20
N ASN P 63 13.47 62.80 1.91
CA ASN P 63 14.23 63.49 0.89
C ASN P 63 13.87 64.98 0.80
N VAL P 64 12.61 65.29 1.08
CA VAL P 64 12.14 66.66 1.04
C VAL P 64 12.55 67.42 2.30
N PHE P 65 13.24 66.74 3.20
CA PHE P 65 13.69 67.35 4.45
C PHE P 65 15.14 67.00 4.74
N ALA P 66 15.87 66.61 3.70
CA ALA P 66 17.28 66.23 3.84
C ALA P 66 18.10 67.41 4.37
N ARG P 67 18.03 67.64 5.68
CA ARG P 67 18.76 68.72 6.31
C ARG P 67 20.26 68.42 6.36
N PHE P 68 20.67 67.37 5.65
CA PHE P 68 22.07 66.97 5.62
C PHE P 68 22.31 65.90 4.55
N LYS P 69 21.99 66.23 3.31
CA LYS P 69 22.17 65.30 2.20
C LYS P 69 23.62 64.83 2.10
N THR P 70 24.05 64.05 3.09
CA THR P 70 25.42 63.54 3.12
C THR P 70 25.65 62.66 4.34
N ALA P 71 26.65 61.79 4.25
CA ALA P 71 26.98 60.88 5.35
C ALA P 71 27.80 61.59 6.42
N GLU P 72 28.46 62.68 6.03
CA GLU P 72 29.28 63.44 6.96
C GLU P 72 28.48 64.59 7.58
N ALA P 73 27.54 65.13 6.82
CA ALA P 73 26.70 66.24 7.29
C ALA P 73 26.15 65.92 8.69
N THR P 74 25.62 64.71 8.78
CA THR P 74 25.02 64.19 10.01
C THR P 74 26.06 64.23 11.15
N TYR P 75 27.26 63.74 10.86
CA TYR P 75 28.33 63.70 11.85
C TYR P 75 28.68 65.11 12.29
N ALA P 76 28.76 66.02 11.33
CA ALA P 76 29.04 67.43 11.61
C ALA P 76 28.02 67.99 12.59
N CYS P 77 26.77 67.70 12.28
CA CYS P 77 25.62 68.14 13.10
C CYS P 77 25.78 67.63 14.54
N GLU P 78 26.11 66.35 14.63
CA GLU P 78 26.30 65.66 15.91
C GLU P 78 27.39 66.37 16.72
N ARG P 79 28.48 66.65 16.03
CA ARG P 79 29.66 67.33 16.62
C ARG P 79 29.23 68.68 17.19
N ILE P 80 28.48 69.40 16.38
CA ILE P 80 27.97 70.73 16.74
C ILE P 80 27.14 70.65 18.02
N LEU P 81 26.24 69.67 18.09
CA LEU P 81 25.38 69.47 19.25
C LEU P 81 26.20 69.02 20.46
N GLY P 82 25.62 68.13 21.25
CA GLY P 82 26.28 67.61 22.43
C GLY P 82 25.34 67.49 23.62
N ASN P 83 25.19 68.59 24.37
CA ASN P 83 24.32 68.61 25.53
C ASN P 83 22.92 68.12 25.20
N ARG P 84 22.51 67.02 25.84
CA ARG P 84 21.19 66.45 25.61
C ARG P 84 20.09 67.50 25.83
N PHE P 85 19.78 67.76 27.09
CA PHE P 85 18.75 68.74 27.44
C PHE P 85 17.37 68.11 27.42
N HIS P 86 16.95 67.62 26.26
CA HIS P 86 15.64 66.98 26.12
C HIS P 86 15.47 66.36 24.75
N LYS P 87 15.99 65.13 24.60
CA LYS P 87 15.90 64.42 23.33
C LYS P 87 14.94 65.12 22.36
N PHE P 88 13.68 65.20 22.76
CA PHE P 88 12.67 65.85 21.93
C PHE P 88 13.15 67.20 21.41
N GLU P 89 13.37 68.14 22.34
CA GLU P 89 13.84 69.47 21.97
C GLU P 89 15.01 69.40 20.99
N ARG P 90 15.95 68.52 21.27
CA ARG P 90 17.12 68.36 20.41
C ARG P 90 16.72 68.06 18.97
N ALA P 91 16.11 66.90 18.77
CA ALA P 91 15.67 66.48 17.44
C ALA P 91 14.77 67.54 16.80
N GLN P 92 14.01 68.24 17.63
CA GLN P 92 13.11 69.29 17.16
C GLN P 92 13.88 70.48 16.60
N LEU P 93 14.92 70.88 17.32
CA LEU P 93 15.74 72.02 16.92
C LEU P 93 16.49 71.72 15.62
N GLY P 94 16.89 70.46 15.45
CA GLY P 94 17.62 70.05 14.27
C GLY P 94 16.70 69.68 13.12
N THR P 95 15.39 69.72 13.38
CA THR P 95 14.40 69.39 12.36
C THR P 95 13.75 70.66 11.80
N LEU P 96 13.77 71.72 12.60
CA LEU P 96 13.17 72.99 12.19
C LEU P 96 14.20 73.90 11.54
N CYS P 97 15.11 74.44 12.34
CA CYS P 97 16.16 75.32 11.85
C CYS P 97 15.63 76.75 11.69
N CYS P 98 16.50 77.73 11.94
CA CYS P 98 16.14 79.13 11.82
C CYS P 98 15.19 79.54 12.95
N GLU P 99 15.67 80.45 13.80
CA GLU P 99 17.01 81.00 13.67
C GLU P 99 17.37 81.86 14.87
N ASP P 100 16.48 82.78 15.24
CA ASP P 100 16.72 83.66 16.38
C ASP P 100 16.21 83.03 17.68
N ALA P 101 16.62 83.60 18.80
CA ALA P 101 16.21 83.09 20.10
C ALA P 101 14.70 83.21 20.29
N GLU P 102 14.20 84.43 20.36
CA GLU P 102 12.78 84.68 20.54
C GLU P 102 11.94 83.63 19.81
N GLU P 103 12.39 83.25 18.61
CA GLU P 103 11.69 82.26 17.80
C GLU P 103 11.80 80.87 18.42
N ALA P 104 12.96 80.58 19.00
CA ALA P 104 13.20 79.29 19.64
C ALA P 104 12.19 79.03 20.75
N ARG P 105 12.04 80.00 21.65
CA ARG P 105 11.10 79.87 22.75
C ARG P 105 9.68 79.65 22.25
N THR P 106 9.26 80.46 21.29
CA THR P 106 7.92 80.34 20.72
C THR P 106 7.63 78.91 20.27
N LEU P 107 8.54 78.35 19.49
CA LEU P 107 8.39 76.99 18.99
C LEU P 107 8.48 75.98 20.12
N ILE P 108 9.46 76.17 21.00
CA ILE P 108 9.67 75.28 22.13
C ILE P 108 9.59 76.04 23.45
N PRO P 109 8.36 76.32 23.89
CA PRO P 109 8.14 77.05 25.14
C PRO P 109 8.79 76.35 26.33
N SER P 110 9.02 75.04 26.19
CA SER P 110 9.64 74.25 27.26
C SER P 110 11.08 74.69 27.49
N LEU P 111 11.59 75.56 26.62
CA LEU P 111 12.95 76.05 26.73
C LEU P 111 13.05 77.20 27.72
N ALA P 112 11.90 77.80 28.04
CA ALA P 112 11.85 78.92 28.97
C ALA P 112 13.24 79.23 29.52
N ASN P 113 13.45 78.91 30.79
CA ASN P 113 14.72 79.16 31.45
C ASN P 113 15.65 77.95 31.39
N LYS P 114 15.70 77.31 30.23
CA LYS P 114 16.54 76.14 30.04
C LYS P 114 17.93 76.52 29.52
N ILE P 115 17.95 77.35 28.48
CA ILE P 115 19.20 77.80 27.89
C ILE P 115 19.18 79.30 27.63
N ASP P 116 20.37 79.89 27.49
CA ASP P 116 20.49 81.32 27.24
C ASP P 116 20.18 81.66 25.79
N ASP P 117 20.82 82.71 25.28
CA ASP P 117 20.61 83.13 23.90
C ASP P 117 21.91 83.09 23.11
N GLN P 118 22.73 84.12 23.28
CA GLN P 118 24.01 84.20 22.58
C GLN P 118 24.39 82.85 21.98
N ASN P 119 24.54 81.84 22.82
CA ASN P 119 24.90 80.50 22.37
C ASN P 119 24.04 80.04 21.22
N LEU P 120 22.71 80.13 21.40
CA LEU P 120 21.78 79.71 20.37
C LEU P 120 22.12 80.33 19.02
N GLN P 121 22.28 81.65 19.01
CA GLN P 121 22.62 82.37 17.78
C GLN P 121 23.84 81.76 17.10
N GLY P 122 24.86 81.48 17.90
CA GLY P 122 26.09 80.89 17.38
C GLY P 122 25.84 79.56 16.68
N ILE P 123 24.94 78.77 17.25
CA ILE P 123 24.61 77.47 16.69
C ILE P 123 23.90 77.61 15.35
N LEU P 124 22.98 78.56 15.29
CA LEU P 124 22.22 78.81 14.06
C LEU P 124 23.13 79.18 12.91
N ASP P 125 24.10 80.05 13.19
CA ASP P 125 25.05 80.49 12.18
C ASP P 125 25.84 79.31 11.63
N GLU P 126 26.23 78.40 12.51
CA GLU P 126 26.99 77.22 12.11
C GLU P 126 26.17 76.31 11.21
N LEU P 127 24.87 76.20 11.52
CA LEU P 127 23.96 75.37 10.74
C LEU P 127 23.75 75.94 9.34
N SER P 128 23.45 77.24 9.29
CA SER P 128 23.21 77.92 8.02
C SER P 128 24.40 77.74 7.07
N THR P 129 25.61 77.77 7.64
CA THR P 129 26.82 77.61 6.84
C THR P 129 27.05 76.15 6.47
N LEU P 130 26.53 75.25 7.29
CA LEU P 130 26.66 73.81 7.04
C LEU P 130 25.77 73.36 5.89
N ARG P 131 24.54 73.86 5.88
CA ARG P 131 23.58 73.51 4.83
C ARG P 131 24.20 73.69 3.45
N LYS P 132 25.43 74.18 3.40
CA LYS P 132 26.13 74.39 2.14
C LYS P 132 26.85 75.74 2.12
N PHE P 133 28.16 75.71 2.38
CA PHE P 133 28.85 74.46 2.65
C PHE P 133 28.14 73.28 2.02
N GLN P 134 27.77 72.31 2.85
CA GLN P 134 27.07 71.11 2.37
C GLN P 134 27.77 70.52 1.16
N ASP P 135 28.94 71.05 0.84
CA ASP P 135 29.71 70.58 -0.31
C ASP P 135 31.15 70.25 0.09
N GLU Q 4 3.31 7.63 103.19
CA GLU Q 4 2.85 8.90 103.77
C GLU Q 4 3.65 10.11 103.29
N GLU Q 5 4.96 10.04 103.51
CA GLU Q 5 5.88 11.08 103.03
C GLU Q 5 6.08 10.84 101.54
N LYS Q 6 4.97 10.71 100.83
CA LYS Q 6 5.00 10.40 99.41
C LYS Q 6 5.34 11.64 98.59
N ASN Q 7 4.86 12.81 99.03
CA ASN Q 7 5.02 14.09 98.33
C ASN Q 7 6.43 14.66 98.45
N ILE Q 8 7.24 13.99 99.25
CA ILE Q 8 8.63 14.37 99.39
C ILE Q 8 9.46 13.63 98.34
N VAL Q 9 9.35 12.31 98.33
CA VAL Q 9 10.07 11.47 97.38
C VAL Q 9 9.73 11.84 95.95
N ARG Q 10 8.52 12.37 95.77
CA ARG Q 10 7.98 12.70 94.46
C ARG Q 10 8.67 13.90 93.83
N VAL Q 11 9.60 14.50 94.55
CA VAL Q 11 10.27 15.68 94.03
C VAL Q 11 11.70 15.36 93.75
N PHE Q 12 12.18 14.31 94.39
CA PHE Q 12 13.50 13.81 94.08
C PHE Q 12 13.56 13.69 92.57
N ARG Q 13 12.44 13.32 91.94
CA ARG Q 13 12.40 13.18 90.48
C ARG Q 13 12.37 14.52 89.74
N ALA Q 14 12.29 15.61 90.48
CA ALA Q 14 12.36 16.92 89.86
C ALA Q 14 13.81 17.35 89.67
N TRP Q 15 14.74 16.43 89.91
CA TRP Q 15 16.15 16.69 89.67
C TRP Q 15 16.67 15.68 88.67
N LYS Q 16 15.78 14.82 88.21
CA LYS Q 16 16.05 13.95 87.08
C LYS Q 16 15.28 14.58 85.91
N THR Q 17 14.57 15.65 86.22
CA THR Q 17 13.83 16.37 85.22
C THR Q 17 14.36 17.78 85.13
N ALA Q 18 15.57 18.00 85.67
CA ALA Q 18 16.06 19.37 85.81
C ALA Q 18 17.55 19.53 85.55
N HIS Q 19 18.35 18.96 86.44
CA HIS Q 19 19.79 18.98 86.23
C HIS Q 19 20.10 18.20 84.96
N GLN Q 20 19.22 17.25 84.65
CA GLN Q 20 19.28 16.56 83.37
C GLN Q 20 18.98 17.56 82.26
N LEU Q 21 17.98 18.41 82.49
CA LEU Q 21 17.65 19.45 81.52
C LEU Q 21 18.78 20.49 81.47
N VAL Q 22 19.78 20.16 80.66
CA VAL Q 22 20.94 21.01 80.54
C VAL Q 22 21.67 20.76 79.24
N HIS Q 23 21.94 19.49 78.95
CA HIS Q 23 22.79 19.17 77.82
C HIS Q 23 22.59 17.77 77.22
N ASP Q 24 21.61 17.61 76.34
CA ASP Q 24 20.59 18.61 76.01
C ASP Q 24 21.08 19.97 75.50
N ARG Q 25 20.74 21.03 76.24
CA ARG Q 25 21.01 22.40 75.82
C ARG Q 25 22.49 22.63 75.54
N GLY Q 26 23.27 22.92 76.58
CA GLY Q 26 24.69 23.12 76.42
C GLY Q 26 25.37 23.64 77.66
N TYR Q 27 24.61 23.74 78.74
CA TYR Q 27 25.16 24.26 79.99
C TYR Q 27 26.06 23.23 80.64
N GLY Q 28 26.60 23.57 81.81
CA GLY Q 28 27.51 22.68 82.51
C GLY Q 28 26.97 22.23 83.85
N VAL Q 29 26.80 20.91 84.00
CA VAL Q 29 26.34 20.33 85.25
C VAL Q 29 27.24 19.13 85.59
N SER Q 30 27.43 18.88 86.87
CA SER Q 30 28.36 17.84 87.34
C SER Q 30 27.76 16.44 87.26
N GLN Q 31 28.50 15.52 86.65
CA GLN Q 31 28.06 14.15 86.49
C GLN Q 31 27.78 13.53 87.84
N ALA Q 32 28.06 14.28 88.89
CA ALA Q 32 27.71 13.86 90.22
C ALA Q 32 26.22 14.12 90.47
N GLU Q 33 25.73 15.23 89.95
CA GLU Q 33 24.35 15.64 90.21
C GLU Q 33 23.37 14.95 89.29
N LEU Q 34 23.86 13.92 88.61
CA LEU Q 34 23.04 13.20 87.65
C LEU Q 34 22.91 11.75 88.08
N ASP Q 35 23.76 11.33 89.00
CA ASP Q 35 23.70 9.96 89.50
C ASP Q 35 23.35 9.98 90.98
N LEU Q 36 22.42 10.83 91.35
CA LEU Q 36 22.00 10.95 92.75
C LEU Q 36 20.90 9.98 93.09
N THR Q 37 21.19 9.06 94.01
CA THR Q 37 20.22 8.06 94.43
C THR Q 37 19.18 8.62 95.38
N LEU Q 38 18.24 7.78 95.79
CA LEU Q 38 17.08 8.20 96.58
C LEU Q 38 17.48 8.96 97.86
N ASP Q 39 18.52 8.46 98.51
CA ASP Q 39 19.02 8.96 99.78
C ASP Q 39 20.15 9.98 99.61
N GLN Q 40 20.84 9.92 98.48
CA GLN Q 40 21.94 10.85 98.23
C GLN Q 40 21.38 12.24 98.12
N PHE Q 41 20.08 12.29 97.82
CA PHE Q 41 19.37 13.55 97.68
C PHE Q 41 19.04 14.15 99.03
N LYS Q 42 18.56 13.29 99.93
CA LYS Q 42 18.31 13.71 101.31
C LYS Q 42 19.61 14.09 102.00
N ALA Q 43 20.73 13.56 101.51
CA ALA Q 43 22.04 13.81 102.10
C ALA Q 43 22.44 15.28 102.01
N MET Q 44 22.54 15.79 100.78
CA MET Q 44 22.88 17.19 100.54
C MET Q 44 21.88 18.12 101.23
N HIS Q 45 20.63 17.69 101.32
CA HIS Q 45 19.58 18.48 101.96
C HIS Q 45 19.30 18.00 103.38
N CYS Q 46 19.52 18.89 104.35
CA CYS Q 46 19.29 18.56 105.75
C CYS Q 46 17.95 19.10 106.24
N GLY Q 47 16.99 18.20 106.44
CA GLY Q 47 15.67 18.58 106.90
C GLY Q 47 15.31 17.95 108.23
N MET Q 48 14.88 18.77 109.18
CA MET Q 48 14.50 18.29 110.49
C MET Q 48 14.25 16.79 110.49
N GLY Q 49 13.13 16.38 109.89
CA GLY Q 49 12.77 14.98 109.81
C GLY Q 49 13.74 14.18 108.96
N ARG Q 50 13.22 13.18 108.25
CA ARG Q 50 11.79 12.88 108.30
C ARG Q 50 11.02 13.68 107.23
N ASN Q 51 10.34 14.73 107.68
CA ASN Q 51 9.56 15.58 106.78
C ASN Q 51 10.25 16.91 106.52
N LEU Q 52 9.66 17.99 107.04
CA LEU Q 52 10.21 19.32 106.87
C LEU Q 52 11.39 19.31 105.90
N ASP Q 53 11.13 19.67 104.65
CA ASP Q 53 12.17 19.70 103.62
C ASP Q 53 12.45 21.13 103.17
N ARG Q 54 11.87 21.50 102.03
CA ARG Q 54 12.06 22.84 101.48
C ARG Q 54 13.46 23.37 101.77
N THR Q 55 13.55 24.64 102.13
CA THR Q 55 14.84 25.27 102.44
C THR Q 55 15.32 26.13 101.27
N THR Q 56 16.38 25.67 100.62
CA THR Q 56 16.95 26.39 99.49
C THR Q 56 16.98 25.53 98.24
N LEU Q 57 15.93 24.77 98.02
CA LEU Q 57 15.83 23.90 96.84
C LEU Q 57 15.82 24.71 95.55
N SER Q 58 16.98 24.81 94.91
CA SER Q 58 17.10 25.57 93.67
C SER Q 58 18.47 26.24 93.56
N PHE Q 59 19.26 25.81 92.58
CA PHE Q 59 20.59 26.36 92.37
C PHE Q 59 20.73 26.93 90.96
N TYR Q 60 21.97 27.11 90.52
CA TYR Q 60 22.26 27.64 89.19
C TYR Q 60 23.23 26.75 88.45
N ALA Q 61 23.70 27.22 87.29
CA ALA Q 61 24.64 26.47 86.48
C ALA Q 61 25.25 27.34 85.38
N LYS Q 62 26.38 26.90 84.85
CA LYS Q 62 27.07 27.64 83.80
C LYS Q 62 27.13 26.84 82.50
N PRO Q 63 27.30 27.54 81.39
CA PRO Q 63 27.37 26.88 80.08
C PRO Q 63 28.81 26.67 79.62
N SER Q 64 28.98 26.01 78.48
CA SER Q 64 30.31 25.75 77.94
C SER Q 64 30.47 26.37 76.56
N ASN Q 65 29.36 26.73 75.94
CA ASN Q 65 29.37 27.34 74.61
C ASN Q 65 30.08 28.69 74.59
N ASP Q 66 30.85 28.97 75.64
CA ASP Q 66 31.57 30.25 75.79
C ASP Q 66 30.69 31.48 75.61
N SER Q 67 30.73 32.08 74.42
CA SER Q 67 29.98 33.29 74.14
C SER Q 67 28.47 33.02 74.10
N ASN Q 68 27.77 33.74 73.21
CA ASN Q 68 26.32 33.63 73.11
C ASN Q 68 25.61 34.15 74.35
N LYS Q 69 26.19 33.86 75.51
CA LYS Q 69 25.60 34.23 76.79
C LYS Q 69 24.18 33.66 76.94
N GLY Q 70 23.71 33.55 78.18
CA GLY Q 70 24.50 33.91 79.34
C GLY Q 70 24.52 32.81 80.39
N THR Q 71 23.40 32.66 81.09
CA THR Q 71 23.29 31.62 82.10
C THR Q 71 21.87 31.45 82.64
N ILE Q 72 21.58 30.26 83.18
CA ILE Q 72 20.23 29.90 83.61
C ILE Q 72 20.14 29.58 85.10
N TYR Q 73 18.96 29.81 85.65
CA TYR Q 73 18.77 29.61 87.07
C TYR Q 73 17.58 28.71 87.35
N ILE Q 74 17.88 27.51 87.86
CA ILE Q 74 16.87 26.59 88.35
C ILE Q 74 16.40 27.03 89.75
N GLU Q 75 15.10 27.24 89.92
CA GLU Q 75 14.56 27.63 91.24
C GLU Q 75 13.13 27.14 91.48
N PHE Q 76 12.96 26.28 92.48
CA PHE Q 76 11.65 25.67 92.76
C PHE Q 76 10.63 26.65 93.30
N ALA Q 77 10.08 26.36 94.48
CA ALA Q 77 9.19 27.31 95.14
C ALA Q 77 9.44 27.52 96.65
N LYS Q 78 9.11 26.56 97.52
CA LYS Q 78 8.39 25.34 97.18
C LYS Q 78 6.93 25.58 97.52
N GLU Q 79 6.57 26.86 97.61
CA GLU Q 79 5.22 27.28 97.98
C GLU Q 79 4.17 26.96 96.93
N PRO Q 80 3.29 26.01 97.24
CA PRO Q 80 2.17 25.65 96.35
C PRO Q 80 1.42 26.88 95.85
N SER Q 81 0.65 26.72 94.77
CA SER Q 81 -0.17 27.79 94.20
C SER Q 81 0.61 29.10 94.08
N VAL Q 82 0.92 29.48 92.84
CA VAL Q 82 1.73 30.69 92.61
C VAL Q 82 1.33 31.47 91.35
N GLY Q 83 1.21 32.80 91.46
CA GLY Q 83 1.40 33.52 92.71
C GLY Q 83 2.23 34.79 92.60
N ILE Q 84 1.56 35.95 92.54
CA ILE Q 84 2.24 37.25 92.49
C ILE Q 84 3.11 37.48 93.73
N LYS Q 85 2.69 36.90 94.86
CA LYS Q 85 3.41 37.01 96.13
C LYS Q 85 4.60 36.06 96.16
N GLU Q 86 5.19 35.80 95.01
CA GLU Q 86 6.32 34.89 94.90
C GLU Q 86 6.96 35.00 93.52
N MET Q 87 6.30 35.74 92.63
CA MET Q 87 6.74 35.88 91.24
C MET Q 87 7.59 37.12 91.03
N ARG Q 88 6.91 38.25 90.89
CA ARG Q 88 7.57 39.52 90.68
C ARG Q 88 8.59 39.77 91.77
N THR Q 89 8.38 39.10 92.90
CA THR Q 89 9.28 39.25 94.03
C THR Q 89 10.51 38.37 93.84
N PHE Q 90 10.36 37.33 93.01
CA PHE Q 90 11.51 36.50 92.68
C PHE Q 90 11.99 36.75 91.25
N VAL Q 91 12.26 38.01 90.96
CA VAL Q 91 12.84 38.38 89.68
C VAL Q 91 14.04 39.27 89.94
N HIS Q 92 13.91 40.17 90.91
CA HIS Q 92 15.03 41.01 91.33
C HIS Q 92 16.24 40.11 91.55
N THR Q 93 15.99 38.98 92.22
CA THR Q 93 17.03 38.00 92.44
C THR Q 93 17.63 37.59 91.09
N LEU Q 94 16.76 37.45 90.11
CA LEU Q 94 17.15 37.02 88.78
C LEU Q 94 17.88 38.15 88.04
N GLY Q 95 17.70 39.38 88.53
CA GLY Q 95 18.37 40.52 87.92
C GLY Q 95 19.61 40.90 88.70
N ASP Q 96 19.79 40.29 89.86
CA ASP Q 96 20.92 40.61 90.72
C ASP Q 96 22.18 39.84 90.33
N HIS Q 97 22.10 38.51 90.30
CA HIS Q 97 23.22 37.69 89.83
C HIS Q 97 23.35 37.72 88.31
N ASN Q 98 22.44 38.40 87.64
CA ASN Q 98 22.47 38.47 86.17
C ASN Q 98 22.42 37.10 85.53
N HIS Q 99 21.28 36.77 84.93
CA HIS Q 99 21.16 35.52 84.19
C HIS Q 99 20.45 35.77 82.86
N LYS Q 100 20.69 34.88 81.89
CA LYS Q 100 19.97 34.93 80.63
C LYS Q 100 18.51 34.58 80.86
N THR Q 101 18.29 33.50 81.60
CA THR Q 101 16.95 33.16 82.04
C THR Q 101 16.94 32.00 83.07
N GLY Q 102 15.75 31.66 83.54
CA GLY Q 102 15.64 30.68 84.60
C GLY Q 102 14.28 30.01 84.60
N ILE Q 103 14.08 29.11 85.55
CA ILE Q 103 12.84 28.36 85.67
C ILE Q 103 12.20 28.50 87.04
N LEU Q 104 10.88 28.48 87.06
CA LEU Q 104 10.14 28.48 88.30
C LEU Q 104 9.01 27.47 88.17
N ILE Q 105 8.94 26.55 89.12
CA ILE Q 105 7.98 25.45 89.10
C ILE Q 105 6.85 25.69 90.11
N TYR Q 106 5.75 24.94 90.03
CA TYR Q 106 4.62 25.12 90.95
C TYR Q 106 3.58 24.00 90.92
N ALA Q 107 2.72 23.96 91.94
CA ALA Q 107 1.63 22.99 92.01
C ALA Q 107 0.58 23.32 93.08
N ASN Q 108 -0.66 23.47 92.65
CA ASN Q 108 -0.96 23.39 91.24
C ASN Q 108 -1.51 24.73 90.77
N SER Q 109 -1.64 24.88 89.46
CA SER Q 109 -2.20 26.09 88.86
C SER Q 109 -1.42 27.36 89.18
N MET Q 110 -1.55 28.32 88.26
CA MET Q 110 -0.92 29.62 88.38
C MET Q 110 -1.91 30.68 87.92
N THR Q 111 -1.97 31.78 88.65
CA THR Q 111 -2.94 32.84 88.38
C THR Q 111 -2.55 33.67 87.17
N PRO Q 112 -3.56 34.04 86.36
CA PRO Q 112 -3.29 34.84 85.16
C PRO Q 112 -2.46 36.09 85.48
N SER Q 113 -2.87 36.81 86.51
CA SER Q 113 -2.20 38.05 86.91
C SER Q 113 -0.69 37.87 86.91
N ALA Q 114 -0.23 36.84 87.62
CA ALA Q 114 1.18 36.53 87.68
C ALA Q 114 1.57 35.69 86.48
N ALA Q 115 1.41 36.24 85.28
CA ALA Q 115 1.85 35.54 84.09
C ALA Q 115 2.17 36.54 82.99
N LYS Q 116 1.51 37.69 83.07
CA LYS Q 116 1.66 38.72 82.06
C LYS Q 116 2.52 39.85 82.59
N ILE Q 117 2.24 40.27 83.83
CA ILE Q 117 2.96 41.38 84.44
C ILE Q 117 4.43 41.07 84.58
N ILE Q 118 4.88 40.02 83.89
CA ILE Q 118 6.25 39.59 83.96
C ILE Q 118 6.94 39.63 82.59
N ALA Q 119 6.55 38.70 81.72
CA ALA Q 119 7.15 38.57 80.39
C ALA Q 119 6.98 39.84 79.56
N THR Q 120 6.79 40.96 80.24
CA THR Q 120 6.39 42.20 79.59
C THR Q 120 7.52 43.21 79.58
N VAL Q 121 8.22 43.32 80.72
CA VAL Q 121 9.33 44.25 80.84
C VAL Q 121 10.59 43.42 80.85
N THR Q 122 10.41 42.11 80.78
CA THR Q 122 11.51 41.17 80.76
C THR Q 122 12.54 41.52 79.69
N GLY Q 123 12.06 42.13 78.62
CA GLY Q 123 12.91 42.47 77.51
C GLY Q 123 13.42 41.20 76.86
N GLN Q 124 14.74 41.14 76.67
CA GLN Q 124 15.37 40.03 75.97
C GLN Q 124 15.35 38.73 76.76
N PHE Q 125 15.26 38.86 78.08
CA PHE Q 125 15.25 37.68 78.95
C PHE Q 125 13.99 36.87 78.78
N THR Q 126 13.80 35.88 79.65
CA THR Q 126 12.62 35.03 79.51
C THR Q 126 12.18 34.24 80.76
N ILE Q 127 10.87 34.05 80.87
CA ILE Q 127 10.31 33.26 81.95
C ILE Q 127 9.72 31.97 81.42
N GLU Q 128 10.35 30.85 81.79
CA GLU Q 128 9.84 29.55 81.41
C GLU Q 128 9.94 28.61 82.60
N THR Q 129 8.94 27.77 82.82
CA THR Q 129 7.73 27.67 82.02
C THR Q 129 6.89 26.58 82.68
N PHE Q 130 7.58 25.55 83.14
CA PHE Q 130 6.98 24.29 83.59
C PHE Q 130 6.25 24.41 84.92
N GLN Q 131 6.04 23.25 85.54
CA GLN Q 131 5.38 23.09 86.83
C GLN Q 131 5.65 21.67 87.35
N GLU Q 132 4.88 21.22 88.32
CA GLU Q 132 5.10 19.91 88.90
C GLU Q 132 3.96 18.99 88.49
N SER Q 133 3.89 17.84 89.14
CA SER Q 133 2.84 16.86 88.86
C SER Q 133 2.51 16.92 87.39
N ASP Q 134 3.55 17.09 86.58
CA ASP Q 134 3.40 17.22 85.15
C ASP Q 134 4.69 16.69 84.51
N LEU Q 135 5.62 17.60 84.26
CA LEU Q 135 6.92 17.21 83.71
C LEU Q 135 7.97 17.09 84.83
N ILE Q 136 7.87 15.97 85.54
CA ILE Q 136 8.80 15.56 86.59
C ILE Q 136 9.48 14.26 86.18
N VAL Q 137 9.20 13.82 84.96
CA VAL Q 137 9.92 12.72 84.33
C VAL Q 137 10.38 13.08 82.90
N ASN Q 138 11.70 13.09 82.68
CA ASN Q 138 12.25 13.41 81.38
C ASN Q 138 11.60 12.57 80.28
N ILE Q 139 10.77 13.21 79.46
CA ILE Q 139 10.14 12.52 78.34
C ILE Q 139 11.18 12.21 77.28
N THR Q 140 12.19 13.09 77.17
CA THR Q 140 13.33 12.86 76.29
C THR Q 140 13.71 11.39 76.20
N HIS Q 141 13.72 10.70 77.34
CA HIS Q 141 14.01 9.27 77.37
C HIS Q 141 12.77 8.42 77.06
N HIS Q 142 12.33 8.38 75.81
CA HIS Q 142 11.15 7.58 75.45
C HIS Q 142 11.27 6.93 74.08
N GLU Q 143 11.08 5.61 74.01
CA GLU Q 143 11.12 4.90 72.75
C GLU Q 143 10.65 5.82 71.62
N LEU Q 144 9.48 6.41 71.83
CA LEU Q 144 8.81 7.20 70.79
C LEU Q 144 9.31 8.65 70.60
N VAL Q 145 10.30 9.07 71.38
CA VAL Q 145 10.76 10.45 71.31
C VAL Q 145 12.21 10.54 70.87
N PRO Q 146 12.43 10.98 69.63
CA PRO Q 146 13.75 11.07 68.99
C PRO Q 146 14.46 12.26 69.58
N LYS Q 147 15.79 12.24 69.61
CA LYS Q 147 16.49 13.39 70.19
C LYS Q 147 16.63 14.53 69.20
N HIS Q 148 16.04 15.66 69.58
CA HIS Q 148 16.17 16.92 68.90
C HIS Q 148 17.45 17.62 69.38
N ILE Q 149 18.10 18.34 68.48
CA ILE Q 149 19.27 19.16 68.85
C ILE Q 149 19.14 20.56 68.23
N LEU Q 150 19.54 21.57 68.98
CA LEU Q 150 19.38 22.96 68.58
C LEU Q 150 20.22 23.32 67.36
N LEU Q 151 19.86 24.43 66.70
CA LEU Q 151 20.61 24.92 65.56
C LEU Q 151 21.03 26.37 65.70
N SER Q 152 22.34 26.61 65.71
CA SER Q 152 22.85 27.97 65.76
C SER Q 152 22.24 28.74 64.60
N PRO Q 153 22.19 30.08 64.73
CA PRO Q 153 21.61 30.90 63.66
C PRO Q 153 22.38 30.72 62.36
N ASP Q 154 23.68 30.43 62.46
CA ASP Q 154 24.48 30.17 61.27
C ASP Q 154 23.91 28.94 60.56
N GLU Q 155 23.81 27.84 61.29
CA GLU Q 155 23.28 26.61 60.72
C GLU Q 155 21.86 26.79 60.21
N LYS Q 156 21.11 27.70 60.83
CA LYS Q 156 19.75 27.99 60.37
C LYS Q 156 19.81 28.46 58.92
N LYS Q 157 20.74 29.36 58.62
CA LYS Q 157 20.80 29.91 57.27
C LYS Q 157 21.17 28.83 56.26
N GLU Q 158 21.82 27.78 56.75
CA GLU Q 158 22.20 26.68 55.88
C GLU Q 158 20.98 26.10 55.17
N LEU Q 159 20.04 25.57 55.97
CA LEU Q 159 18.84 24.97 55.41
C LEU Q 159 18.22 25.86 54.33
N LEU Q 160 18.06 27.13 54.64
CA LEU Q 160 17.30 28.01 53.75
C LEU Q 160 18.05 28.25 52.45
N ASP Q 161 19.26 27.70 52.37
CA ASP Q 161 20.00 27.73 51.12
C ASP Q 161 19.97 26.36 50.48
N ARG Q 162 20.61 25.40 51.11
CA ARG Q 162 20.71 24.04 50.57
C ARG Q 162 19.37 23.54 50.06
N TYR Q 163 18.29 24.01 50.67
CA TYR Q 163 16.93 23.60 50.29
C TYR Q 163 16.15 24.83 49.79
N LYS Q 164 16.83 25.97 49.72
CA LYS Q 164 16.24 27.19 49.18
C LYS Q 164 14.80 27.36 49.66
N LEU Q 165 14.61 27.55 50.96
CA LEU Q 165 13.27 27.64 51.50
C LEU Q 165 13.01 28.96 52.20
N ARG Q 166 11.78 29.10 52.69
CA ARG Q 166 11.40 30.23 53.53
C ARG Q 166 11.21 29.79 54.97
N GLU Q 167 11.50 30.70 55.89
CA GLU Q 167 11.37 30.45 57.32
C GLU Q 167 9.96 29.96 57.67
N THR Q 168 9.09 29.86 56.66
CA THR Q 168 7.71 29.46 56.88
C THR Q 168 7.45 28.11 56.24
N GLN Q 169 8.10 27.85 55.12
CA GLN Q 169 7.84 26.64 54.36
C GLN Q 169 8.30 25.36 55.08
N LEU Q 170 8.88 25.51 56.28
CA LEU Q 170 9.33 24.33 57.03
C LEU Q 170 8.28 23.77 57.99
N PRO Q 171 8.49 22.52 58.43
CA PRO Q 171 7.77 21.83 59.51
C PRO Q 171 7.76 22.60 60.84
N ARG Q 172 6.60 23.10 61.25
CA ARG Q 172 6.51 23.91 62.46
C ARG Q 172 6.45 23.04 63.74
N ILE Q 173 6.64 23.68 64.90
CA ILE Q 173 6.36 23.06 66.22
C ILE Q 173 5.65 24.03 67.19
N GLN Q 174 4.45 23.68 67.62
CA GLN Q 174 3.74 24.51 68.61
C GLN Q 174 4.63 24.76 69.84
N LEU Q 175 4.49 25.92 70.46
CA LEU Q 175 5.29 26.26 71.62
C LEU Q 175 4.94 25.28 72.74
N ALA Q 176 3.65 25.05 72.92
CA ALA Q 176 3.13 24.24 74.03
C ALA Q 176 3.57 22.77 73.98
N ASP Q 177 4.67 22.51 73.26
CA ASP Q 177 5.18 21.15 73.12
C ASP Q 177 6.23 20.87 74.18
N PRO Q 178 6.00 19.86 75.03
CA PRO Q 178 6.93 19.53 76.10
C PRO Q 178 8.38 19.44 75.63
N VAL Q 179 8.63 19.24 74.33
CA VAL Q 179 10.03 19.26 73.84
C VAL Q 179 10.51 20.64 73.44
N ALA Q 180 9.59 21.49 72.99
CA ALA Q 180 9.89 22.90 72.85
C ALA Q 180 10.27 23.46 74.23
N ARG Q 181 9.30 23.52 75.14
CA ARG Q 181 9.50 23.97 76.51
C ARG Q 181 10.80 23.40 77.06
N TYR Q 182 11.02 22.12 76.82
CA TYR Q 182 12.19 21.42 77.33
C TYR Q 182 13.48 22.10 76.90
N LEU Q 183 13.76 22.11 75.61
CA LEU Q 183 14.96 22.78 75.13
C LEU Q 183 14.80 24.30 75.17
N GLY Q 184 13.58 24.78 75.38
CA GLY Q 184 13.33 26.20 75.53
C GLY Q 184 13.34 26.96 74.23
N LEU Q 185 12.74 26.36 73.20
CA LEU Q 185 12.71 26.99 71.89
C LEU Q 185 11.91 28.29 71.95
N LYS Q 186 12.39 29.28 71.20
CA LYS Q 186 11.67 30.53 71.06
C LYS Q 186 11.21 30.59 69.61
N ARG Q 187 10.23 31.45 69.34
CA ARG Q 187 9.65 31.51 68.01
C ARG Q 187 10.67 31.95 66.98
N GLY Q 188 11.14 31.01 66.15
CA GLY Q 188 12.04 31.35 65.06
C GLY Q 188 13.23 30.45 64.94
N GLU Q 189 13.66 29.88 66.05
CA GLU Q 189 14.77 28.96 66.04
C GLU Q 189 14.39 27.72 65.24
N VAL Q 190 15.38 26.89 64.92
CA VAL Q 190 15.19 25.71 64.06
C VAL Q 190 15.89 24.47 64.61
N VAL Q 191 15.14 23.39 64.77
CA VAL Q 191 15.63 22.22 65.50
C VAL Q 191 15.76 20.98 64.62
N LYS Q 192 16.97 20.44 64.53
CA LYS Q 192 17.26 19.27 63.72
C LYS Q 192 17.02 18.05 64.56
N ILE Q 193 16.32 17.06 64.01
CA ILE Q 193 16.05 15.83 64.75
C ILE Q 193 16.45 14.63 63.92
N VAL Q 194 17.12 13.66 64.55
CA VAL Q 194 17.63 12.50 63.82
C VAL Q 194 16.77 11.30 64.15
N ARG Q 195 15.92 10.91 63.20
CA ARG Q 195 14.83 9.97 63.45
C ARG Q 195 15.35 8.55 63.39
N ARG Q 196 14.98 7.76 64.38
CA ARG Q 196 15.33 6.36 64.38
C ARG Q 196 14.50 5.68 63.31
N SER Q 197 14.34 6.39 62.19
CA SER Q 197 13.55 5.94 61.03
C SER Q 197 14.02 4.59 60.53
N GLU Q 198 13.75 4.22 59.28
CA GLU Q 198 14.09 2.84 58.89
C GLU Q 198 15.37 2.85 58.09
N THR Q 199 15.32 3.51 56.96
CA THR Q 199 14.11 4.17 56.53
C THR Q 199 13.73 3.77 55.10
N SER Q 200 14.69 3.32 54.31
CA SER Q 200 16.05 2.99 54.72
C SER Q 200 17.04 4.07 55.27
N GLY Q 201 17.62 3.80 56.44
CA GLY Q 201 18.61 4.66 57.10
C GLY Q 201 18.33 5.32 58.46
N ARG Q 202 19.01 6.46 58.65
CA ARG Q 202 18.85 7.38 59.77
C ARG Q 202 18.49 8.75 59.16
N TYR Q 203 17.23 8.93 58.76
CA TYR Q 203 16.74 10.15 58.11
C TYR Q 203 16.70 11.37 59.06
N ASN Q 204 17.21 12.51 58.61
CA ASN Q 204 17.17 13.74 59.38
C ASN Q 204 16.00 14.63 58.99
N SER Q 205 15.13 14.95 59.95
CA SER Q 205 14.08 15.95 59.72
C SER Q 205 14.39 17.25 60.42
N TYR Q 206 13.77 18.34 59.98
CA TYR Q 206 13.99 19.64 60.60
C TYR Q 206 12.65 20.32 60.91
N ARG Q 207 12.63 21.13 61.95
CA ARG Q 207 11.43 21.88 62.33
C ARG Q 207 11.72 23.26 62.90
N ILE Q 208 10.77 24.18 62.75
CA ILE Q 208 10.84 25.50 63.35
C ILE Q 208 9.76 25.66 64.43
N CYS Q 209 9.56 26.88 64.89
CA CYS Q 209 8.59 27.15 65.95
C CYS Q 209 7.45 28.07 65.51
N ALA Q 210 6.36 28.04 66.26
CA ALA Q 210 5.23 28.93 66.00
C ALA Q 210 4.32 29.06 67.22
N SER R 60 8.77 34.30 39.86
CA SER R 60 10.00 35.04 39.63
C SER R 60 11.16 34.08 39.29
N GLY R 61 11.35 33.80 38.02
CA GLY R 61 12.40 32.91 37.57
C GLY R 61 13.76 33.30 38.13
N LYS R 62 14.81 32.78 37.53
CA LYS R 62 16.17 33.07 37.98
C LYS R 62 17.21 32.46 37.04
N ALA R 63 16.82 31.40 36.34
CA ALA R 63 17.72 30.70 35.41
C ALA R 63 18.96 30.14 36.12
N VAL R 64 19.46 28.98 35.65
CA VAL R 64 20.56 28.28 36.33
C VAL R 64 21.69 27.95 35.36
N ALA R 65 22.91 27.84 35.89
CA ALA R 65 24.10 27.68 35.07
C ALA R 65 24.23 26.34 34.34
N LYS R 66 24.28 26.38 33.01
CA LYS R 66 24.39 25.18 32.18
C LYS R 66 25.66 24.41 32.56
N GLU R 67 26.38 24.94 33.53
CA GLU R 67 27.64 24.39 33.95
C GLU R 67 27.52 23.82 35.35
N ASP R 68 26.68 24.43 36.16
CA ASP R 68 26.45 23.95 37.52
C ASP R 68 25.04 23.42 37.66
N ARG R 69 24.77 22.30 37.02
CA ARG R 69 23.43 21.73 37.08
C ARG R 69 23.29 20.80 38.29
N THR R 70 22.13 20.85 38.94
CA THR R 70 21.91 20.08 40.15
C THR R 70 21.21 18.75 39.90
N THR R 71 20.06 18.81 39.23
CA THR R 71 19.17 17.68 39.10
C THR R 71 19.80 16.43 38.49
N THR R 72 19.04 15.33 38.44
CA THR R 72 19.55 14.03 38.00
C THR R 72 19.83 13.96 36.51
N PRO R 73 21.03 13.51 36.16
CA PRO R 73 21.50 13.35 34.77
C PRO R 73 20.63 12.41 33.95
N TYR R 74 19.79 11.58 34.58
CA TYR R 74 18.96 10.59 33.87
C TYR R 74 17.60 11.17 33.47
N MET R 75 17.01 10.65 32.40
CA MET R 75 15.71 11.14 31.93
C MET R 75 14.56 10.43 32.60
N THR R 76 13.60 11.22 33.11
CA THR R 76 12.59 10.70 34.04
C THR R 76 11.45 9.95 33.40
N LYS R 77 10.87 9.03 34.18
CA LYS R 77 9.73 8.25 33.72
C LYS R 77 8.78 9.15 32.94
N TYR R 78 8.55 10.36 33.46
CA TYR R 78 7.47 11.20 32.95
C TYR R 78 7.89 11.93 31.72
N GLU R 79 9.11 12.43 31.75
CA GLU R 79 9.68 13.14 30.60
C GLU R 79 9.65 12.32 29.29
N ARG R 80 10.35 11.19 29.24
CA ARG R 80 10.24 10.28 28.10
C ARG R 80 8.82 10.34 27.58
N ALA R 81 7.86 10.28 28.49
CA ALA R 81 6.47 10.20 28.07
C ALA R 81 5.97 11.49 27.46
N ARG R 82 6.58 12.59 27.88
CA ARG R 82 6.11 13.87 27.43
C ARG R 82 6.81 14.20 26.11
N ILE R 83 8.12 13.94 26.05
CA ILE R 83 8.90 14.19 24.82
C ILE R 83 8.29 13.41 23.66
N LEU R 84 8.30 12.09 23.74
CA LEU R 84 7.70 11.27 22.72
C LEU R 84 6.30 11.77 22.39
N GLY R 85 5.62 12.35 23.37
CA GLY R 85 4.30 12.85 23.10
C GLY R 85 4.48 14.08 22.26
N THR R 86 5.48 14.88 22.61
CA THR R 86 5.63 16.15 21.91
C THR R 86 6.12 15.99 20.47
N ARG R 87 7.19 15.22 20.24
CA ARG R 87 7.62 15.07 18.87
C ARG R 87 6.54 14.41 18.03
N ALA R 88 5.83 13.46 18.60
CA ALA R 88 4.75 12.82 17.87
C ALA R 88 3.92 13.88 17.17
N LEU R 89 3.38 14.81 17.96
CA LEU R 89 2.51 15.82 17.39
C LEU R 89 3.27 16.57 16.32
N GLN R 90 4.56 16.83 16.57
CA GLN R 90 5.37 17.65 15.65
C GLN R 90 5.45 17.00 14.30
N ILE R 91 6.08 15.85 14.24
CA ILE R 91 6.08 15.08 13.03
C ILE R 91 4.67 14.86 12.48
N SER R 92 3.71 14.58 13.33
CA SER R 92 2.40 14.31 12.79
C SER R 92 2.01 15.54 12.00
N MET R 93 2.61 16.68 12.34
CA MET R 93 2.27 17.97 11.72
C MET R 93 3.24 18.30 10.59
N ASN R 94 3.58 17.29 9.77
CA ASN R 94 4.65 17.41 8.79
C ASN R 94 5.82 18.20 9.33
N ALA R 95 6.78 17.53 9.93
CA ALA R 95 7.91 18.27 10.44
C ALA R 95 9.19 17.60 9.99
N PRO R 96 10.27 18.36 10.04
CA PRO R 96 11.63 17.94 9.68
C PRO R 96 12.09 16.78 10.54
N VAL R 97 11.98 15.56 10.02
CA VAL R 97 12.38 14.39 10.79
C VAL R 97 13.88 14.18 10.82
N LEU R 98 14.45 14.02 12.01
CA LEU R 98 15.91 14.07 12.14
C LEU R 98 16.66 12.74 12.10
N VAL R 99 16.01 11.65 11.67
CA VAL R 99 16.75 10.40 11.44
C VAL R 99 16.26 9.61 10.26
N ASP R 100 17.20 9.01 9.53
CA ASP R 100 16.87 8.23 8.35
C ASP R 100 15.56 7.47 8.58
N LEU R 101 14.55 7.84 7.80
CA LEU R 101 13.22 7.24 7.89
C LEU R 101 13.34 5.75 7.64
N GLU R 102 13.07 4.95 8.66
CA GLU R 102 13.22 3.51 8.55
C GLU R 102 12.17 2.94 7.59
N GLY R 103 11.11 3.70 7.38
CA GLY R 103 10.00 3.25 6.57
C GLY R 103 8.78 3.03 7.43
N GLU R 104 8.52 4.00 8.30
CA GLU R 104 7.42 3.88 9.24
C GLU R 104 6.15 4.58 8.74
N THR R 105 5.13 4.62 9.58
CA THR R 105 3.87 5.25 9.24
C THR R 105 3.36 6.05 10.43
N ASP R 106 3.76 5.61 11.63
CA ASP R 106 3.21 6.11 12.90
C ASP R 106 4.04 7.21 13.54
N PRO R 107 3.56 8.44 13.41
CA PRO R 107 4.17 9.69 13.86
C PRO R 107 4.83 9.53 15.22
N LEU R 108 4.55 8.44 15.91
CA LEU R 108 5.11 8.25 17.24
C LEU R 108 6.13 7.13 17.19
N GLN R 109 5.74 6.00 16.60
CA GLN R 109 6.66 4.88 16.49
C GLN R 109 7.91 5.39 15.78
N ILE R 110 7.77 6.49 15.05
CA ILE R 110 8.91 7.11 14.41
C ILE R 110 9.69 7.92 15.43
N ALA R 111 8.98 8.71 16.22
CA ALA R 111 9.63 9.53 17.22
C ALA R 111 10.48 8.66 18.13
N MET R 112 10.01 7.44 18.38
CA MET R 112 10.73 6.49 19.22
C MET R 112 12.03 6.06 18.55
N LYS R 113 12.02 5.95 17.22
CA LYS R 113 13.24 5.64 16.45
C LYS R 113 14.26 6.72 16.71
N GLU R 114 13.76 7.95 16.83
CA GLU R 114 14.60 9.09 17.12
C GLU R 114 15.16 9.00 18.52
N LEU R 115 14.28 8.87 19.50
CA LEU R 115 14.70 8.83 20.87
C LEU R 115 15.84 7.83 21.08
N ALA R 116 15.70 6.64 20.49
CA ALA R 116 16.69 5.59 20.70
C ALA R 116 18.07 6.07 20.29
N GLN R 117 18.10 6.84 19.20
CA GLN R 117 19.34 7.41 18.67
C GLN R 117 19.63 8.79 19.24
N LYS R 118 18.85 9.22 20.24
CA LYS R 118 19.05 10.52 20.88
C LYS R 118 19.27 11.62 19.85
N LYS R 119 18.61 11.49 18.70
CA LYS R 119 18.72 12.49 17.66
C LYS R 119 17.41 13.22 17.53
N ILE R 120 16.92 13.74 18.64
CA ILE R 120 15.68 14.49 18.62
C ILE R 120 15.81 15.79 19.40
N PRO R 121 15.43 16.91 18.78
CA PRO R 121 15.41 18.28 19.34
C PRO R 121 14.68 18.36 20.66
N LEU R 122 13.95 19.44 20.91
CA LEU R 122 13.26 19.59 22.20
C LEU R 122 14.18 19.53 23.41
N LEU R 123 13.99 20.44 24.35
CA LEU R 123 14.74 20.40 25.58
C LEU R 123 13.76 20.52 26.72
N VAL R 124 14.22 20.23 27.92
CA VAL R 124 13.32 20.22 29.06
C VAL R 124 13.69 21.26 30.14
N ARG R 125 12.79 22.18 30.43
CA ARG R 125 13.04 23.20 31.44
C ARG R 125 12.50 22.73 32.78
N ARG R 126 13.38 22.34 33.69
CA ARG R 126 12.95 21.79 34.96
C ARG R 126 12.80 22.84 36.06
N TYR R 127 11.60 23.37 36.24
CA TYR R 127 11.44 24.36 37.26
C TYR R 127 11.67 23.85 38.69
N LEU R 128 12.58 24.51 39.41
CA LEU R 128 12.80 24.31 40.84
C LEU R 128 11.77 25.06 41.68
N PRO R 129 11.67 24.68 42.97
CA PRO R 129 10.76 25.34 43.90
C PRO R 129 11.15 26.81 44.00
N ASP R 130 12.46 27.07 44.10
CA ASP R 130 12.97 28.44 44.10
C ASP R 130 12.22 29.28 43.08
N GLY R 131 12.25 28.83 41.83
CA GLY R 131 11.62 29.54 40.74
C GLY R 131 12.61 29.53 39.58
N SER R 132 13.77 28.95 39.87
CA SER R 132 14.85 28.82 38.90
C SER R 132 14.57 27.60 38.07
N TYR R 133 15.40 27.36 37.06
CA TYR R 133 15.19 26.22 36.20
C TYR R 133 16.47 25.61 35.64
N GLU R 134 16.35 24.50 34.95
CA GLU R 134 17.48 23.91 34.24
C GLU R 134 17.00 23.42 32.88
N ASP R 135 17.87 23.52 31.88
CA ASP R 135 17.56 23.07 30.54
C ASP R 135 18.37 21.81 30.21
N TRP R 136 17.69 20.76 29.77
CA TRP R 136 18.40 19.54 29.38
C TRP R 136 18.15 19.08 27.94
N SER R 137 19.21 18.53 27.34
CA SER R 137 19.18 18.18 25.93
C SER R 137 18.91 16.72 25.87
N VAL R 138 18.12 16.30 24.90
CA VAL R 138 17.79 14.89 24.83
C VAL R 138 19.07 14.04 24.73
N ALA R 139 20.08 14.57 24.07
CA ALA R 139 21.36 13.86 23.92
C ALA R 139 22.15 13.84 25.22
N GLU R 140 21.88 14.78 26.10
CA GLU R 140 22.52 14.86 27.39
C GLU R 140 21.99 13.74 28.28
N LEU R 141 20.67 13.60 28.29
CA LEU R 141 19.94 12.80 29.27
C LEU R 141 20.22 11.31 29.24
N ILE R 142 19.73 10.61 30.25
CA ILE R 142 19.89 9.17 30.35
C ILE R 142 18.66 8.50 30.95
N PHE S 3 10.24 61.21 15.45
CA PHE S 3 10.78 59.87 15.17
C PHE S 3 11.59 59.35 16.35
N PHE S 4 11.41 58.08 16.66
CA PHE S 4 12.13 57.47 17.76
C PHE S 4 12.75 56.16 17.33
N LEU S 5 13.75 55.77 18.09
CA LEU S 5 14.46 54.52 17.88
C LEU S 5 14.21 53.87 19.22
N LYS S 6 13.39 52.83 19.24
CA LYS S 6 13.08 52.18 20.50
C LYS S 6 13.18 50.68 20.43
N GLU S 7 13.03 50.04 21.59
CA GLU S 7 13.07 48.60 21.68
C GLU S 7 11.64 48.11 21.85
N LEU S 8 11.26 47.16 21.02
CA LEU S 8 9.91 46.60 21.06
C LEU S 8 9.99 45.08 21.19
N SER S 9 8.86 44.48 21.46
CA SER S 9 8.80 43.05 21.62
C SER S 9 7.78 42.57 20.62
N LEU S 10 7.85 41.28 20.34
CA LEU S 10 6.91 40.65 19.43
C LEU S 10 7.12 39.15 19.52
N THR S 11 6.04 38.39 19.49
CA THR S 11 6.16 36.95 19.57
C THR S 11 5.90 36.34 18.22
N ILE S 12 6.74 35.37 17.85
CA ILE S 12 6.61 34.70 16.57
C ILE S 12 6.22 33.28 16.88
N SER S 13 5.13 32.82 16.30
CA SER S 13 4.63 31.46 16.51
C SER S 13 4.85 30.60 15.28
N LEU S 14 5.85 29.75 15.40
CA LEU S 14 6.53 29.15 14.26
C LEU S 14 5.83 27.86 14.03
N HIS S 15 6.11 27.20 12.92
CA HIS S 15 5.32 25.99 12.74
C HIS S 15 6.36 24.90 12.51
N PRO S 16 6.07 23.66 12.95
CA PRO S 16 7.00 22.54 12.76
C PRO S 16 7.65 22.50 11.39
N SER S 17 6.84 22.63 10.36
CA SER S 17 7.31 22.61 8.97
C SER S 17 8.58 23.44 8.71
N TYR S 18 8.81 24.46 9.54
CA TYR S 18 9.94 25.36 9.35
C TYR S 18 10.97 25.31 10.49
N PHE S 19 11.21 24.13 11.05
CA PHE S 19 12.24 23.96 12.06
C PHE S 19 13.62 23.92 11.41
N GLY S 20 13.75 23.10 10.37
CA GLY S 20 14.99 22.99 9.63
C GLY S 20 16.21 23.28 10.49
N PRO S 21 17.27 23.77 9.86
CA PRO S 21 18.51 24.09 10.57
C PRO S 21 18.86 25.58 10.50
N ARG S 22 17.94 26.37 9.95
CA ARG S 22 18.18 27.81 9.82
C ARG S 22 17.00 28.62 10.36
N MET S 23 16.35 28.09 11.39
CA MET S 23 15.21 28.76 11.99
C MET S 23 15.48 30.25 12.21
N GLN S 24 16.59 30.54 12.89
CA GLN S 24 16.97 31.92 13.16
C GLN S 24 16.57 32.85 12.03
N ASP S 25 16.89 32.44 10.81
CA ASP S 25 16.57 33.24 9.63
C ASP S 25 15.06 33.39 9.47
N TYR S 26 14.34 32.28 9.57
CA TYR S 26 12.89 32.28 9.45
C TYR S 26 12.25 33.23 10.45
N LEU S 27 12.64 33.10 11.71
CA LEU S 27 12.10 33.94 12.77
C LEU S 27 12.30 35.42 12.44
N LYS S 28 13.48 35.76 11.94
CA LYS S 28 13.80 37.13 11.58
C LYS S 28 12.96 37.60 10.40
N ALA S 29 12.81 36.73 9.41
CA ALA S 29 12.02 37.05 8.22
C ALA S 29 10.56 37.27 8.57
N LYS S 30 10.04 36.45 9.47
CA LYS S 30 8.65 36.54 9.90
C LYS S 30 8.41 37.84 10.68
N LEU S 31 9.38 38.21 11.52
CA LEU S 31 9.29 39.42 12.32
C LEU S 31 9.16 40.67 11.44
N LEU S 32 10.08 40.81 10.50
CA LEU S 32 10.07 41.96 9.62
C LEU S 32 8.72 42.11 8.96
N ALA S 33 8.15 40.98 8.56
CA ALA S 33 6.87 40.99 7.88
C ALA S 33 5.66 41.31 8.74
N ASP S 34 5.71 40.96 10.01
CA ASP S 34 4.58 41.19 10.86
C ASP S 34 4.53 42.56 11.51
N VAL S 35 5.70 43.13 11.78
CA VAL S 35 5.74 44.44 12.45
C VAL S 35 5.96 45.65 11.54
N GLU S 36 6.82 45.52 10.54
CA GLU S 36 7.10 46.64 9.64
C GLU S 36 5.84 47.09 8.90
N GLY S 37 5.52 48.37 8.97
CA GLY S 37 4.35 48.91 8.30
C GLY S 37 3.14 49.02 9.20
N THR S 38 3.21 48.35 10.34
CA THR S 38 2.11 48.37 11.30
C THR S 38 2.11 49.67 12.06
N CYS S 39 1.03 49.93 12.78
CA CYS S 39 0.90 51.13 13.59
C CYS S 39 0.05 50.82 14.80
N SER S 40 0.34 51.51 15.89
CA SER S 40 -0.39 51.32 17.13
C SER S 40 -0.57 52.70 17.74
N GLY S 41 -1.51 52.84 18.66
CA GLY S 41 -1.72 54.11 19.28
C GLY S 41 -0.62 54.31 20.28
N GLN S 42 -0.19 53.21 20.88
CA GLN S 42 0.85 53.22 21.90
C GLN S 42 2.24 53.60 21.39
N TYR S 43 2.69 53.00 20.30
CA TYR S 43 4.01 53.32 19.78
C TYR S 43 3.97 54.04 18.42
N GLY S 44 2.83 53.97 17.75
CA GLY S 44 2.70 54.62 16.46
C GLY S 44 3.14 53.79 15.27
N TYR S 45 3.61 54.47 14.22
CA TYR S 45 4.01 53.79 13.01
C TYR S 45 5.38 53.13 13.14
N ILE S 46 5.41 51.81 12.93
CA ILE S 46 6.66 51.06 13.03
C ILE S 46 7.44 51.12 11.72
N ILE S 47 7.95 52.30 11.39
CA ILE S 47 8.71 52.49 10.17
C ILE S 47 9.39 51.19 9.73
N CYS S 48 10.49 50.85 10.41
CA CYS S 48 11.23 49.64 10.11
C CYS S 48 11.98 49.12 11.33
N VAL S 49 12.45 47.89 11.24
CA VAL S 49 13.18 47.26 12.34
C VAL S 49 14.68 47.21 12.04
N LEU S 50 15.47 47.67 13.00
CA LEU S 50 16.93 47.68 12.83
C LEU S 50 17.50 46.26 12.94
N ASP S 51 17.13 45.41 11.99
CA ASP S 51 17.60 44.04 11.98
C ASP S 51 19.12 43.98 11.98
N SER S 52 19.67 42.90 12.52
CA SER S 52 21.12 42.72 12.60
C SER S 52 21.69 43.35 13.87
N ASN S 53 22.44 42.55 14.63
CA ASN S 53 23.04 43.03 15.86
C ASN S 53 22.01 43.40 16.92
N THR S 54 21.04 44.23 16.52
CA THR S 54 19.98 44.66 17.43
C THR S 54 18.76 43.75 17.31
N ILE S 55 19.00 42.45 17.28
CA ILE S 55 17.91 41.48 17.17
C ILE S 55 18.12 40.30 18.11
N ASP S 56 17.41 40.28 19.22
CA ASP S 56 17.52 39.22 20.20
C ASP S 56 16.48 38.13 19.96
N ILE S 57 16.89 36.88 20.10
CA ILE S 57 15.99 35.75 19.89
C ILE S 57 16.00 34.81 21.09
N ASP S 58 15.09 35.05 22.04
CA ASP S 58 15.00 34.22 23.23
C ASP S 58 14.00 33.08 23.04
N LYS S 59 13.76 32.32 24.10
CA LYS S 59 12.84 31.20 24.06
C LYS S 59 13.44 30.02 23.31
N GLY S 60 12.59 29.10 22.88
CA GLY S 60 11.15 29.23 23.08
C GLY S 60 10.53 27.96 23.62
N ARG S 61 9.27 28.05 24.04
CA ARG S 61 8.55 26.91 24.59
C ARG S 61 7.46 26.44 23.64
N VAL S 62 7.57 25.20 23.19
CA VAL S 62 6.58 24.62 22.28
C VAL S 62 5.21 24.53 22.94
N VAL S 63 4.16 24.63 22.12
CA VAL S 63 2.79 24.56 22.62
C VAL S 63 2.34 23.12 22.80
N PRO S 64 1.60 22.86 23.88
CA PRO S 64 1.10 21.52 24.16
C PRO S 64 0.14 21.02 23.08
N GLY S 65 -1.03 21.64 23.00
CA GLY S 65 -2.02 21.27 22.01
C GLY S 65 -2.04 22.19 20.81
N GLN S 66 -0.97 22.14 20.02
CA GLN S 66 -0.87 22.98 18.83
C GLN S 66 0.32 22.56 17.96
N GLY S 67 1.42 22.20 18.62
CA GLY S 67 2.61 21.78 17.91
C GLY S 67 3.46 22.95 17.46
N PHE S 68 3.05 24.16 17.82
CA PHE S 68 3.78 25.37 17.46
C PHE S 68 4.55 25.93 18.65
N ALA S 69 5.74 26.45 18.38
CA ALA S 69 6.57 27.03 19.42
C ALA S 69 6.56 28.55 19.29
N GLU S 70 6.53 29.22 20.45
CA GLU S 70 6.49 30.66 20.56
C GLU S 70 7.87 31.24 20.83
N PHE S 71 8.40 32.01 19.87
CA PHE S 71 9.73 32.61 20.00
C PHE S 71 9.68 34.10 20.33
N GLU S 72 9.91 34.48 21.58
CA GLU S 72 9.88 35.90 21.95
C GLU S 72 11.04 36.61 21.27
N VAL S 73 10.79 37.83 20.77
CA VAL S 73 11.83 38.55 20.09
C VAL S 73 11.92 40.01 20.52
N LYS S 74 13.13 40.46 20.86
CA LYS S 74 13.34 41.86 21.25
C LYS S 74 14.06 42.51 20.09
N TYR S 75 13.55 43.64 19.63
CA TYR S 75 14.13 44.34 18.47
C TYR S 75 14.12 45.86 18.57
N ARG S 76 15.02 46.47 17.81
CA ARG S 76 15.13 47.93 17.76
C ARG S 76 14.40 48.35 16.50
N ALA S 77 13.58 49.38 16.61
CA ALA S 77 12.83 49.85 15.45
C ALA S 77 12.75 51.37 15.39
N VAL S 78 12.44 51.87 14.20
CA VAL S 78 12.28 53.30 14.01
C VAL S 78 10.77 53.49 13.97
N LEU S 79 10.24 54.29 14.89
CA LEU S 79 8.80 54.53 14.92
C LEU S 79 8.49 56.01 14.81
N TRP S 80 7.30 56.32 14.34
CA TRP S 80 6.88 57.70 14.18
C TRP S 80 5.59 57.98 14.96
N ARG S 81 5.73 58.41 16.20
CA ARG S 81 4.58 58.71 17.05
C ARG S 81 4.43 60.21 17.28
N PRO S 82 3.25 60.74 16.95
CA PRO S 82 2.99 62.17 17.12
C PRO S 82 2.28 62.46 18.44
N PHE S 83 2.44 63.67 18.96
CA PHE S 83 1.82 64.06 20.21
C PHE S 83 1.34 65.51 20.17
N ARG S 84 0.17 65.77 20.75
CA ARG S 84 -0.39 67.11 20.77
C ARG S 84 0.63 68.12 21.30
N GLY S 85 0.82 69.20 20.55
CA GLY S 85 1.76 70.25 20.94
C GLY S 85 3.06 70.28 20.15
N GLU S 86 3.31 69.23 19.38
CA GLU S 86 4.52 69.10 18.58
C GLU S 86 4.41 69.85 17.26
N VAL S 87 5.50 70.53 16.89
CA VAL S 87 5.54 71.27 15.64
C VAL S 87 6.31 70.43 14.64
N VAL S 88 5.74 70.27 13.46
CA VAL S 88 6.32 69.46 12.38
C VAL S 88 6.14 70.11 11.00
N ASP S 89 7.04 69.77 10.09
CA ASP S 89 6.91 70.30 8.73
C ASP S 89 6.08 69.27 7.99
N ALA S 90 5.11 69.73 7.21
CA ALA S 90 4.26 68.80 6.49
C ALA S 90 4.23 69.14 5.01
N ILE S 91 3.71 68.22 4.21
CA ILE S 91 3.62 68.42 2.76
C ILE S 91 2.16 68.46 2.30
N VAL S 92 1.71 69.66 1.92
CA VAL S 92 0.34 69.84 1.46
C VAL S 92 0.03 68.92 0.28
N THR S 93 -1.10 68.23 0.35
CA THR S 93 -1.50 67.31 -0.71
C THR S 93 -2.70 67.87 -1.47
N THR S 94 -3.73 68.29 -0.75
CA THR S 94 -4.93 68.84 -1.36
C THR S 94 -5.37 70.12 -0.66
N VAL S 95 -6.11 70.96 -1.37
CA VAL S 95 -6.60 72.22 -0.82
C VAL S 95 -8.06 72.45 -1.17
N ASN S 96 -8.94 72.21 -0.20
CA ASN S 96 -10.38 72.38 -0.41
C ASN S 96 -10.98 73.38 0.59
N LYS S 97 -12.06 74.03 0.17
CA LYS S 97 -12.73 75.01 1.02
C LYS S 97 -13.16 74.39 2.34
N MET S 98 -12.54 73.27 2.69
CA MET S 98 -12.85 72.57 3.93
C MET S 98 -11.65 72.57 4.88
N GLY S 99 -10.49 72.89 4.35
CA GLY S 99 -9.27 72.93 5.13
C GLY S 99 -8.04 72.62 4.31
N PHE S 100 -7.00 72.13 4.98
CA PHE S 100 -5.74 71.79 4.31
C PHE S 100 -5.33 70.34 4.59
N PHE S 101 -5.41 69.51 3.57
CA PHE S 101 -5.05 68.10 3.70
C PHE S 101 -3.54 67.90 3.54
N ALA S 102 -2.79 68.25 4.56
CA ALA S 102 -1.34 68.10 4.54
C ALA S 102 -0.93 66.64 4.54
N ASN S 103 0.29 66.37 5.00
CA ASN S 103 0.80 65.01 5.06
C ASN S 103 2.25 64.95 5.53
N ILE S 104 2.46 64.37 6.71
CA ILE S 104 3.80 64.26 7.28
C ILE S 104 4.24 62.80 7.35
N GLY S 105 5.21 62.44 6.52
CA GLY S 105 5.73 61.08 6.49
C GLY S 105 4.68 60.08 6.05
N PRO S 106 4.12 59.36 7.03
CA PRO S 106 3.09 58.35 6.74
C PRO S 106 1.76 58.70 7.41
N LEU S 107 1.78 59.70 8.27
CA LEU S 107 0.57 60.13 8.97
C LEU S 107 -0.12 61.28 8.23
N ASN S 108 -1.44 61.30 8.27
CA ASN S 108 -2.22 62.34 7.62
C ASN S 108 -2.71 63.41 8.60
N VAL S 109 -2.31 64.65 8.36
CA VAL S 109 -2.71 65.76 9.22
C VAL S 109 -3.71 66.66 8.51
N PHE S 110 -4.82 66.96 9.19
CA PHE S 110 -5.85 67.82 8.62
C PHE S 110 -5.88 69.17 9.33
N VAL S 111 -5.76 70.24 8.55
CA VAL S 111 -5.79 71.60 9.10
C VAL S 111 -7.12 72.28 8.80
N SER S 112 -8.08 72.08 9.68
CA SER S 112 -9.41 72.68 9.53
C SER S 112 -9.30 74.15 9.14
N SER S 113 -10.13 74.57 8.19
CA SER S 113 -10.12 75.95 7.72
C SER S 113 -10.33 76.93 8.88
N HIS S 114 -11.10 76.50 9.87
CA HIS S 114 -11.38 77.33 11.04
C HIS S 114 -10.11 77.54 11.87
N LEU S 115 -9.10 76.72 11.63
CA LEU S 115 -7.84 76.83 12.35
C LEU S 115 -6.78 77.54 11.51
N VAL S 116 -7.23 78.22 10.45
CA VAL S 116 -6.33 78.95 9.58
C VAL S 116 -6.57 80.44 9.66
N PRO S 117 -5.49 81.22 9.70
CA PRO S 117 -5.58 82.68 9.79
C PRO S 117 -6.64 83.24 8.85
N PRO S 118 -7.17 84.41 9.17
CA PRO S 118 -8.20 85.05 8.35
C PRO S 118 -7.60 85.82 7.18
N ASP S 119 -6.29 85.69 6.99
CA ASP S 119 -5.60 86.38 5.91
C ASP S 119 -5.50 85.50 4.67
N MET S 120 -5.75 84.20 4.85
CA MET S 120 -5.69 83.25 3.76
C MET S 120 -7.08 82.94 3.19
N LYS S 121 -7.58 83.82 2.33
CA LYS S 121 -8.87 83.59 1.74
C LYS S 121 -8.77 82.39 0.79
N PHE S 122 -9.88 81.69 0.61
CA PHE S 122 -9.92 80.52 -0.26
C PHE S 122 -10.27 80.92 -1.69
N ASP S 123 -9.42 80.54 -2.64
CA ASP S 123 -9.64 80.85 -4.04
C ASP S 123 -9.85 79.58 -4.86
N PRO S 124 -11.08 79.41 -5.36
CA PRO S 124 -11.42 78.23 -6.16
C PRO S 124 -11.31 78.51 -7.65
N THR S 125 -11.34 79.79 -8.02
CA THR S 125 -11.24 80.19 -9.42
C THR S 125 -9.81 80.15 -9.91
N ALA S 126 -8.87 80.50 -9.03
CA ALA S 126 -7.46 80.50 -9.37
C ALA S 126 -7.03 79.16 -9.96
N ASN S 127 -6.36 79.22 -11.11
CA ASN S 127 -5.90 78.01 -11.78
C ASN S 127 -6.10 76.76 -10.93
N PRO S 128 -5.30 76.64 -9.87
CA PRO S 128 -5.41 75.48 -8.97
C PRO S 128 -5.86 75.89 -7.58
N PRO S 129 -7.09 75.54 -7.22
CA PRO S 129 -7.63 75.88 -5.90
C PRO S 129 -6.53 76.05 -4.86
N ASN S 130 -6.46 77.23 -4.25
CA ASN S 130 -5.45 77.51 -3.24
C ASN S 130 -5.98 78.40 -2.12
N TYR S 131 -5.08 78.81 -1.22
CA TYR S 131 -5.46 79.68 -0.11
C TYR S 131 -4.44 80.79 0.09
N SER S 132 -4.51 81.81 -0.74
CA SER S 132 -3.59 82.94 -0.66
C SER S 132 -4.11 84.01 0.29
N GLY S 133 -3.32 85.06 0.47
CA GLY S 133 -3.70 86.16 1.35
C GLY S 133 -3.83 87.47 0.62
N GLU S 134 -2.77 88.28 0.66
CA GLU S 134 -1.56 87.90 1.38
C GLU S 134 -0.59 87.15 0.47
N ASP S 135 0.18 87.90 -0.30
CA ASP S 135 1.15 87.31 -1.22
C ASP S 135 1.27 85.80 -1.00
N GLN S 136 1.78 85.41 0.17
CA GLN S 136 1.94 84.01 0.50
C GLN S 136 0.83 83.15 -0.12
N VAL S 137 1.23 82.22 -0.97
CA VAL S 137 0.28 81.34 -1.64
C VAL S 137 0.54 79.87 -1.28
N ILE S 138 -0.44 79.25 -0.63
CA ILE S 138 -0.33 77.85 -0.23
C ILE S 138 -1.17 76.94 -1.11
N GLU S 139 -0.52 76.28 -2.07
CA GLU S 139 -1.20 75.38 -2.98
C GLU S 139 -0.91 73.92 -2.65
N LYS S 140 -1.10 73.05 -3.63
CA LYS S 140 -0.85 71.63 -3.46
C LYS S 140 0.64 71.31 -3.58
N GLY S 141 1.48 72.23 -3.12
CA GLY S 141 2.92 72.05 -3.19
C GLY S 141 3.66 73.09 -2.37
N SER S 142 3.45 73.07 -1.06
CA SER S 142 4.10 74.00 -0.16
C SER S 142 4.01 73.52 1.29
N ASN S 143 5.07 72.86 1.75
CA ASN S 143 5.11 72.35 3.12
C ASN S 143 4.87 73.44 4.15
N VAL S 144 3.87 73.25 5.00
CA VAL S 144 3.53 74.21 6.03
C VAL S 144 3.89 73.72 7.42
N ARG S 145 4.01 74.66 8.35
CA ARG S 145 4.35 74.36 9.72
C ARG S 145 3.12 74.47 10.58
N LEU S 146 2.81 73.40 11.29
CA LEU S 146 1.63 73.40 12.15
C LEU S 146 1.94 72.92 13.55
N LYS S 147 1.05 73.24 14.48
CA LYS S 147 1.22 72.84 15.88
C LYS S 147 0.09 71.91 16.33
N ILE S 148 0.33 70.61 16.22
CA ILE S 148 -0.67 69.62 16.62
C ILE S 148 -1.47 70.10 17.83
N VAL S 149 -2.79 70.14 17.68
CA VAL S 149 -3.68 70.59 18.75
C VAL S 149 -4.30 69.39 19.47
N GLY S 150 -4.60 68.34 18.70
CA GLY S 150 -5.20 67.14 19.27
C GLY S 150 -4.98 65.92 18.39
N THR S 151 -4.71 64.78 19.02
CA THR S 151 -4.49 63.54 18.29
C THR S 151 -5.47 62.46 18.74
N ARG S 152 -5.74 61.51 17.85
CA ARG S 152 -6.66 60.41 18.15
C ARG S 152 -6.14 59.09 17.60
N THR S 153 -6.57 57.99 18.21
CA THR S 153 -6.14 56.66 17.78
C THR S 153 -7.34 55.74 17.62
N ASP S 154 -7.79 55.57 16.37
CA ASP S 154 -8.93 54.71 16.07
C ASP S 154 -8.52 53.55 15.18
N ALA S 155 -8.39 52.36 15.78
CA ALA S 155 -8.00 51.17 15.04
C ALA S 155 -6.51 51.18 14.70
N THR S 156 -5.67 51.13 15.73
CA THR S 156 -4.23 51.15 15.55
C THR S 156 -3.77 52.42 14.83
N GLU S 157 -4.62 52.94 13.96
CA GLU S 157 -4.32 54.15 13.22
C GLU S 157 -4.42 55.38 14.11
N ILE S 158 -3.65 56.42 13.77
CA ILE S 158 -3.66 57.65 14.54
C ILE S 158 -4.09 58.83 13.67
N PHE S 159 -4.82 59.78 14.28
CA PHE S 159 -5.29 60.95 13.58
C PHE S 159 -5.49 62.13 14.53
N ALA S 160 -4.88 63.26 14.20
CA ALA S 160 -4.98 64.45 15.02
C ALA S 160 -5.19 65.71 14.17
N ILE S 161 -5.58 66.80 14.81
CA ILE S 161 -5.82 68.07 14.12
C ILE S 161 -4.79 69.11 14.52
N ALA S 162 -4.33 69.89 13.54
CA ALA S 162 -3.34 70.93 13.80
C ALA S 162 -3.90 72.31 13.47
N THR S 163 -3.30 73.35 14.05
CA THR S 163 -3.73 74.72 13.81
C THR S 163 -2.59 75.57 13.27
N MET S 164 -2.92 76.78 12.83
CA MET S 164 -1.92 77.69 12.29
C MET S 164 -2.02 79.02 13.01
N LYS S 165 -2.68 79.00 14.17
CA LYS S 165 -2.89 80.20 14.97
C LYS S 165 -1.68 80.82 15.65
N GLU S 166 -0.68 80.04 15.99
CA GLU S 166 0.48 80.65 16.64
C GLU S 166 1.46 81.31 15.71
N ASP S 167 2.35 82.09 16.32
CA ASP S 167 3.40 82.80 15.59
C ASP S 167 4.36 81.78 15.04
N TYR S 168 4.95 82.11 13.88
CA TYR S 168 5.92 81.25 13.24
C TYR S 168 5.38 79.93 12.72
N LEU S 169 4.14 79.96 12.26
CA LEU S 169 3.51 78.78 11.69
C LEU S 169 3.03 79.15 10.29
N GLY S 170 2.70 78.16 9.48
CA GLY S 170 2.23 78.47 8.15
C GLY S 170 3.16 78.13 7.02
N VAL S 171 3.12 78.93 5.96
CA VAL S 171 3.94 78.65 4.80
C VAL S 171 5.41 78.53 5.16
N LEU S 172 6.09 77.59 4.51
CA LEU S 172 7.50 77.36 4.76
C LEU S 172 8.35 77.71 3.55
N SER T 2 35.47 -39.23 22.32
CA SER T 2 35.96 -38.97 23.66
C SER T 2 35.20 -39.80 24.71
N GLU T 3 35.60 -41.06 24.86
CA GLU T 3 34.95 -41.97 25.78
C GLU T 3 35.12 -41.50 27.23
N SER T 4 34.09 -40.82 27.74
CA SER T 4 34.09 -40.31 29.11
C SER T 4 33.02 -40.99 29.97
N VAL T 5 33.00 -42.31 29.91
CA VAL T 5 32.19 -43.11 30.81
C VAL T 5 32.35 -42.57 32.21
N LEU T 6 31.27 -42.61 33.00
CA LEU T 6 31.31 -42.11 34.37
C LEU T 6 30.75 -43.11 35.41
N LEU T 7 30.16 -44.21 34.92
CA LEU T 7 29.58 -45.24 35.78
C LEU T 7 29.64 -46.63 35.17
N ASP T 8 30.15 -47.59 35.92
CA ASP T 8 30.16 -48.97 35.46
C ASP T 8 29.97 -49.93 36.62
N GLU T 9 29.00 -49.65 37.48
CA GLU T 9 28.79 -50.49 38.64
C GLU T 9 27.38 -51.09 38.72
N ILE T 10 27.28 -52.33 39.20
CA ILE T 10 26.03 -53.06 39.33
C ILE T 10 25.29 -52.68 40.59
N PHE T 11 23.97 -52.50 40.47
CA PHE T 11 23.13 -52.19 41.63
C PHE T 11 21.96 -53.16 41.78
N THR T 12 21.15 -52.96 42.81
CA THR T 12 20.03 -53.84 43.02
C THR T 12 18.89 -53.10 43.69
N VAL T 13 17.68 -53.60 43.53
CA VAL T 13 16.53 -52.90 44.06
C VAL T 13 16.11 -53.46 45.41
N THR T 14 15.92 -52.58 46.38
CA THR T 14 15.41 -53.07 47.66
C THR T 14 14.02 -52.50 48.05
N SER T 15 13.60 -51.40 47.42
CA SER T 15 12.32 -50.78 47.73
C SER T 15 11.81 -49.97 46.53
N VAL T 16 10.50 -49.90 46.36
CA VAL T 16 9.92 -49.24 45.20
C VAL T 16 8.58 -48.55 45.49
N ASP T 17 8.52 -47.24 45.25
CA ASP T 17 7.28 -46.47 45.37
C ASP T 17 7.09 -45.63 44.10
N LYS T 18 5.95 -45.72 43.40
CA LYS T 18 4.73 -46.45 43.78
C LYS T 18 4.08 -45.85 45.01
N GLN T 19 3.94 -44.53 44.94
CA GLN T 19 3.26 -43.78 45.99
C GLN T 19 2.27 -42.85 45.30
N LYS T 20 1.07 -43.35 45.05
CA LYS T 20 -0.01 -42.53 44.49
C LYS T 20 0.38 -41.82 43.19
N TYR T 21 1.43 -42.29 42.52
CA TYR T 21 1.77 -41.86 41.16
C TYR T 21 1.47 -43.01 40.23
N GLN T 22 0.88 -42.72 39.08
CA GLN T 22 0.57 -43.79 38.14
C GLN T 22 1.85 -44.28 37.52
N ARG T 23 2.42 -43.42 36.69
CA ARG T 23 3.72 -43.67 36.08
C ARG T 23 4.79 -43.21 37.05
N VAL T 24 6.06 -43.37 36.67
CA VAL T 24 7.14 -42.99 37.56
C VAL T 24 7.20 -43.74 38.90
N SER T 25 8.41 -44.04 39.34
CA SER T 25 8.61 -44.71 40.61
C SER T 25 10.07 -44.65 41.04
N ARG T 26 10.29 -44.14 42.24
CA ARG T 26 11.64 -43.99 42.77
C ARG T 26 12.12 -45.32 43.32
N ILE T 27 13.32 -45.72 42.94
CA ILE T 27 13.83 -47.01 43.39
C ILE T 27 15.10 -46.87 44.23
N THR T 28 15.60 -47.97 44.80
CA THR T 28 16.80 -47.90 45.65
C THR T 28 17.79 -49.02 45.33
N ALA T 29 19.08 -48.69 45.44
CA ALA T 29 20.14 -49.58 44.97
C ALA T 29 20.85 -50.34 46.08
N VAL T 30 21.85 -49.70 46.69
CA VAL T 30 22.73 -50.38 47.62
C VAL T 30 23.49 -51.44 46.86
N SER T 31 24.79 -51.22 46.70
CA SER T 31 25.68 -52.22 46.14
C SER T 31 27.06 -52.12 46.82
N GLY T 32 27.99 -52.92 46.32
CA GLY T 32 29.34 -52.87 46.84
C GLY T 32 29.34 -52.98 48.34
N GLN T 33 30.26 -52.25 48.97
CA GLN T 33 30.49 -52.38 50.40
C GLN T 33 29.49 -51.60 51.25
N ASN T 34 28.20 -51.84 51.03
CA ASN T 34 27.15 -51.21 51.82
C ASN T 34 27.14 -49.70 51.64
N ASP T 35 28.31 -49.15 51.32
CA ASP T 35 28.45 -47.72 51.12
C ASP T 35 28.48 -47.44 49.62
N MET T 36 27.31 -47.61 48.99
CA MET T 36 27.11 -47.19 47.61
C MET T 36 25.76 -46.51 47.52
N ASN T 37 24.69 -47.30 47.55
CA ASN T 37 23.32 -46.79 47.49
C ASN T 37 23.08 -45.72 46.40
N LEU T 38 21.93 -45.80 45.76
CA LEU T 38 21.61 -44.92 44.66
C LEU T 38 20.10 -44.84 44.65
N THR T 39 19.54 -43.75 44.09
CA THR T 39 18.10 -43.60 44.08
C THR T 39 17.54 -42.65 43.02
N LEU T 40 16.62 -43.17 42.20
CA LEU T 40 16.07 -42.41 41.07
C LEU T 40 14.61 -42.70 40.67
N ASP T 41 13.95 -41.66 40.16
CA ASP T 41 12.61 -41.74 39.61
C ASP T 41 12.69 -42.28 38.22
N ILE T 42 11.78 -43.16 37.83
CA ILE T 42 11.79 -43.67 36.46
C ILE T 42 10.46 -44.24 36.05
N ASN T 43 9.98 -43.80 34.89
CA ASN T 43 8.73 -44.29 34.31
C ASN T 43 8.39 -45.78 34.54
N SER T 44 7.44 -46.07 35.43
CA SER T 44 7.10 -47.46 35.74
C SER T 44 6.01 -48.00 34.82
N GLN T 45 5.71 -47.24 33.76
CA GLN T 45 4.70 -47.63 32.81
C GLN T 45 5.36 -48.48 31.76
N ILE T 46 6.53 -48.03 31.33
CA ILE T 46 7.21 -48.62 30.20
C ILE T 46 8.30 -49.60 30.61
N TYR T 47 9.00 -49.26 31.68
CA TYR T 47 10.16 -50.04 32.11
C TYR T 47 10.10 -50.36 33.61
N PRO T 48 9.05 -51.06 34.06
CA PRO T 48 8.96 -51.34 35.49
C PRO T 48 10.17 -52.09 35.98
N LEU T 49 10.47 -51.98 37.27
CA LEU T 49 11.54 -52.75 37.89
C LEU T 49 11.06 -53.33 39.24
N GLU T 50 11.36 -54.60 39.49
CA GLU T 50 10.99 -55.23 40.76
C GLU T 50 12.22 -55.43 41.64
N LYS T 51 12.04 -56.08 42.79
CA LYS T 51 13.16 -56.39 43.67
C LYS T 51 14.21 -57.24 42.96
N ASP T 52 15.41 -57.26 43.51
CA ASP T 52 16.49 -58.06 42.93
C ASP T 52 16.53 -57.89 41.43
N ALA T 53 16.44 -56.65 40.98
CA ALA T 53 16.47 -56.35 39.55
C ALA T 53 17.88 -56.47 39.01
N THR T 54 18.86 -56.37 39.92
CA THR T 54 20.26 -56.46 39.53
C THR T 54 20.57 -55.64 38.27
N PHE T 55 21.59 -56.06 37.54
CA PHE T 55 21.97 -55.41 36.28
C PHE T 55 22.38 -53.93 36.40
N SER T 56 23.58 -53.65 35.92
CA SER T 56 24.25 -52.36 36.05
C SER T 56 23.64 -51.23 35.22
N LEU T 57 24.30 -50.08 35.34
CA LEU T 57 23.96 -48.88 34.60
C LEU T 57 25.25 -48.15 34.26
N GLN T 58 25.09 -47.11 33.43
CA GLN T 58 26.20 -46.35 32.91
C GLN T 58 25.67 -44.94 32.71
N ILE T 59 26.53 -44.01 32.32
CA ILE T 59 26.12 -42.63 32.10
C ILE T 59 26.90 -42.00 30.94
N THR T 60 28.11 -41.54 31.23
CA THR T 60 28.95 -40.92 30.21
C THR T 60 28.39 -39.57 29.79
N SER T 61 28.57 -39.24 28.51
CA SER T 61 28.07 -37.99 27.95
C SER T 61 28.06 -38.05 26.43
N ASN T 62 28.33 -39.24 25.90
CA ASN T 62 28.36 -39.45 24.46
C ASN T 62 27.88 -40.85 24.10
N LEU T 63 27.38 -41.02 22.88
CA LEU T 63 27.26 -39.93 21.91
C LEU T 63 27.54 -40.43 20.50
N ASN T 64 28.60 -41.22 20.36
CA ASN T 64 28.98 -41.77 19.07
C ASN T 64 28.86 -43.29 19.02
N SER T 65 29.23 -43.93 20.12
CA SER T 65 29.17 -45.38 20.22
C SER T 65 27.88 -45.92 19.60
N PRO T 66 27.88 -47.21 19.27
CA PRO T 66 26.71 -47.85 18.66
C PRO T 66 26.15 -48.95 19.57
N ASP T 67 27.02 -49.81 20.07
CA ASP T 67 26.60 -50.91 20.94
C ASP T 67 25.86 -50.38 22.16
N LEU T 68 26.47 -49.42 22.85
CA LEU T 68 25.87 -48.83 24.04
C LEU T 68 24.47 -48.30 23.75
N LYS T 69 24.33 -47.61 22.63
CA LYS T 69 23.02 -47.05 22.22
C LYS T 69 21.98 -48.17 22.12
N GLU T 70 22.36 -49.26 21.47
CA GLU T 70 21.46 -50.41 21.30
C GLU T 70 21.17 -51.07 22.64
N ALA T 71 22.22 -51.43 23.36
CA ALA T 71 22.08 -52.08 24.67
C ALA T 71 21.15 -51.27 25.58
N ALA T 72 20.71 -51.91 26.66
CA ALA T 72 19.82 -51.27 27.62
C ALA T 72 18.44 -51.04 27.03
N ASP T 73 17.48 -50.72 27.89
CA ASP T 73 16.10 -50.48 27.44
C ASP T 73 15.52 -49.24 28.11
N TYR T 74 16.40 -48.35 28.54
CA TYR T 74 15.97 -47.11 29.20
C TYR T 74 17.08 -46.07 29.19
N ILE T 75 16.79 -44.90 28.61
CA ILE T 75 17.76 -43.83 28.52
C ILE T 75 17.14 -42.47 28.84
N MET T 76 17.87 -41.68 29.62
CA MET T 76 17.36 -40.36 30.02
C MET T 76 18.40 -39.27 29.75
N TYR T 77 18.12 -38.04 30.15
CA TYR T 77 19.03 -36.93 29.85
C TYR T 77 18.71 -35.70 30.68
N GLY T 78 19.59 -35.32 31.61
CA GLY T 78 19.31 -34.13 32.42
C GLY T 78 20.52 -33.62 33.15
N LYS T 79 20.54 -32.32 33.44
CA LYS T 79 21.69 -31.70 34.10
C LYS T 79 21.80 -32.20 35.52
N VAL T 80 22.85 -31.78 36.20
CA VAL T 80 23.09 -32.28 37.52
C VAL T 80 22.63 -31.29 38.58
N TYR T 81 23.25 -30.11 38.52
CA TYR T 81 22.99 -29.05 39.46
C TYR T 81 22.80 -29.53 40.89
N ARG T 82 23.95 -29.72 41.51
CA ARG T 82 24.18 -29.83 42.95
C ARG T 82 24.85 -31.14 43.36
N VAL T 83 26.05 -30.99 43.89
CA VAL T 83 26.98 -32.08 44.18
C VAL T 83 27.82 -31.72 45.39
N GLU T 84 27.29 -31.95 46.59
CA GLU T 84 27.97 -31.57 47.81
C GLU T 84 28.62 -32.79 48.44
N GLU T 85 29.38 -32.61 49.50
CA GLU T 85 30.12 -33.70 50.12
C GLU T 85 29.94 -33.72 51.63
N ALA T 86 29.60 -34.87 52.20
CA ALA T 86 29.41 -34.94 53.64
C ALA T 86 29.69 -36.33 54.20
N LYS T 87 30.09 -36.39 55.47
CA LYS T 87 30.26 -37.65 56.19
C LYS T 87 31.38 -38.50 55.61
N ASP T 88 32.60 -38.23 56.04
CA ASP T 88 33.78 -38.93 55.53
C ASP T 88 33.99 -38.63 54.07
N GLU T 89 34.56 -37.46 53.77
CA GLU T 89 34.72 -37.00 52.41
C GLU T 89 33.53 -37.48 51.58
N LYS T 90 33.77 -38.37 50.65
CA LYS T 90 32.71 -38.92 49.82
C LYS T 90 31.96 -37.82 49.08
N VAL T 91 31.40 -38.15 47.93
CA VAL T 91 30.61 -37.19 47.18
C VAL T 91 29.19 -37.74 47.01
N SER T 92 28.21 -36.84 47.02
CA SER T 92 26.83 -37.18 46.69
C SER T 92 26.36 -36.28 45.56
N VAL T 93 25.90 -36.88 44.46
CA VAL T 93 25.47 -36.14 43.29
C VAL T 93 23.97 -36.23 43.03
N TYR T 94 23.32 -35.09 42.77
CA TYR T 94 21.90 -35.06 42.55
C TYR T 94 21.58 -34.54 41.18
N VAL T 95 21.31 -35.46 40.27
CA VAL T 95 20.96 -35.09 38.91
C VAL T 95 19.45 -35.10 38.66
N SER T 96 18.99 -34.11 37.92
CA SER T 96 17.59 -33.99 37.59
C SER T 96 17.33 -34.25 36.11
N PHE T 97 16.30 -35.03 35.83
CA PHE T 97 15.88 -35.28 34.47
C PHE T 97 14.54 -34.62 34.17
N GLY T 98 14.46 -33.32 34.44
CA GLY T 98 13.20 -32.61 34.34
C GLY T 98 12.21 -33.42 35.14
N GLY T 99 12.27 -33.25 36.46
CA GLY T 99 11.32 -33.85 37.35
C GLY T 99 11.82 -35.09 38.05
N LEU T 100 12.35 -36.03 37.27
CA LEU T 100 12.73 -37.33 37.83
C LEU T 100 14.12 -37.17 38.44
N LEU T 101 14.31 -37.58 39.70
CA LEU T 101 15.53 -37.16 40.41
C LEU T 101 16.53 -38.25 40.80
N MET T 102 17.81 -37.85 40.89
CA MET T 102 18.90 -38.79 41.12
C MET T 102 19.69 -38.53 42.42
N ALA T 103 20.30 -39.59 42.95
CA ALA T 103 21.11 -39.51 44.16
C ALA T 103 22.12 -40.68 44.29
N ILE T 104 23.40 -40.34 44.47
CA ILE T 104 24.46 -41.34 44.63
C ILE T 104 25.41 -40.96 45.78
N GLU T 105 25.99 -41.95 46.46
CA GLU T 105 26.91 -41.69 47.59
C GLU T 105 28.20 -42.55 47.53
N GLY T 106 29.26 -42.01 46.94
CA GLY T 106 30.53 -42.73 46.88
C GLY T 106 31.68 -41.78 46.59
N SER T 107 32.86 -42.06 47.14
CA SER T 107 33.97 -41.11 47.05
C SER T 107 34.66 -41.13 45.69
N HIS T 108 35.64 -40.24 45.53
CA HIS T 108 36.41 -40.15 44.28
C HIS T 108 36.55 -41.52 43.70
N ARG T 109 36.37 -41.64 42.40
CA ARG T 109 36.26 -42.95 41.80
C ARG T 109 35.00 -43.53 42.42
N LYS T 110 33.85 -43.08 41.95
CA LYS T 110 33.76 -42.18 40.81
C LYS T 110 33.77 -40.70 41.15
N LEU T 111 34.12 -39.89 40.16
CA LEU T 111 34.51 -38.50 40.38
C LEU T 111 34.75 -37.82 39.03
N TYR T 112 34.98 -38.62 37.99
CA TYR T 112 35.14 -38.07 36.65
C TYR T 112 33.94 -37.22 36.34
N ARG T 113 32.99 -37.24 37.27
CA ARG T 113 31.75 -36.53 37.10
C ARG T 113 31.87 -35.08 37.48
N LEU T 114 31.28 -34.75 38.62
CA LEU T 114 31.14 -33.37 39.05
C LEU T 114 30.55 -32.55 37.89
N SER T 115 31.36 -32.29 36.85
CA SER T 115 30.88 -31.58 35.67
C SER T 115 29.38 -31.76 35.53
N LEU T 116 28.71 -30.66 35.25
CA LEU T 116 27.28 -30.62 35.25
C LEU T 116 26.74 -30.75 33.83
N ASP T 117 27.64 -30.75 32.84
CA ASP T 117 27.27 -30.80 31.42
C ASP T 117 26.29 -31.92 31.09
N HIS T 118 25.10 -31.83 31.66
CA HIS T 118 24.08 -32.87 31.51
C HIS T 118 24.73 -34.25 31.61
N VAL T 119 23.95 -35.30 31.38
CA VAL T 119 24.50 -36.61 31.61
C VAL T 119 24.16 -37.76 30.69
N TYR T 120 22.90 -37.91 30.31
CA TYR T 120 22.51 -39.15 29.60
C TYR T 120 22.69 -40.35 30.52
N LEU T 121 21.61 -40.82 31.13
CA LEU T 121 21.66 -42.03 31.95
C LEU T 121 21.25 -43.23 31.11
N LEU T 122 21.95 -44.35 31.31
CA LEU T 122 21.70 -45.55 30.51
C LEU T 122 21.45 -46.78 31.38
N LEU T 123 20.30 -47.42 31.13
CA LEU T 123 19.89 -48.59 31.90
C LEU T 123 19.79 -49.86 31.05
N ARG T 124 20.55 -50.87 31.45
CA ARG T 124 20.48 -52.16 30.80
C ARG T 124 20.03 -53.17 31.84
N ARG T 125 19.15 -54.08 31.46
CA ARG T 125 18.73 -55.13 32.37
C ARG T 125 19.43 -56.44 32.04
N ASN U 3 -41.09 1.87 109.18
CA ASN U 3 -40.91 2.24 107.79
C ASN U 3 -41.70 3.49 107.42
N PHE U 4 -41.15 4.29 106.50
CA PHE U 4 -41.80 5.52 106.07
C PHE U 4 -43.07 5.21 105.28
N GLN U 5 -44.22 5.54 105.86
CA GLN U 5 -45.51 5.30 105.22
C GLN U 5 -46.27 6.61 105.01
N TYR U 6 -47.60 6.52 105.05
CA TYR U 6 -48.45 7.69 104.88
C TYR U 6 -49.00 8.19 106.21
N CYS U 7 -50.20 7.73 106.55
CA CYS U 7 -50.84 8.12 107.80
C CYS U 7 -52.34 8.30 107.62
N ILE U 8 -53.10 8.02 108.68
CA ILE U 8 -54.55 8.15 108.63
C ILE U 8 -54.97 9.60 108.42
N GLU U 9 -56.27 9.82 108.26
CA GLU U 9 -56.81 11.15 108.05
C GLU U 9 -56.75 11.55 106.57
N CYS U 10 -55.56 11.94 106.11
CA CYS U 10 -55.38 12.33 104.73
C CYS U 10 -54.19 11.60 104.10
N ASN U 11 -54.32 10.28 104.00
CA ASN U 11 -53.26 9.46 103.42
C ASN U 11 -52.35 10.25 102.48
N ASN U 12 -51.10 10.43 102.91
CA ASN U 12 -50.13 11.19 102.12
C ASN U 12 -48.70 10.93 102.57
N MET U 13 -47.74 11.41 101.80
CA MET U 13 -46.33 11.24 102.11
C MET U 13 -46.07 11.40 103.61
N LEU U 14 -44.88 11.03 104.05
CA LEU U 14 -44.51 11.12 105.46
C LEU U 14 -43.06 11.59 105.63
N TYR U 15 -42.89 12.80 106.13
CA TYR U 15 -41.56 13.36 106.35
C TYR U 15 -40.98 12.92 107.68
N PRO U 16 -39.67 13.03 107.82
CA PRO U 16 -38.99 12.64 109.07
C PRO U 16 -38.58 13.86 109.89
N ARG U 17 -38.84 13.81 111.19
CA ARG U 17 -38.48 14.91 112.09
C ARG U 17 -37.97 14.39 113.42
N GLU U 18 -36.88 14.98 113.90
CA GLU U 18 -36.27 14.58 115.16
C GLU U 18 -37.04 15.17 116.34
N ASP U 19 -36.98 14.49 117.48
CA ASP U 19 -37.66 14.94 118.68
C ASP U 19 -36.68 15.58 119.67
N LYS U 20 -35.75 16.37 119.14
CA LYS U 20 -34.75 17.04 119.96
C LYS U 20 -35.03 16.83 121.45
N VAL U 21 -35.54 17.87 122.09
CA VAL U 21 -35.86 17.80 123.52
C VAL U 21 -35.89 16.35 124.01
N ASP U 22 -36.88 15.60 123.55
CA ASP U 22 -37.03 14.21 123.94
C ASP U 22 -35.84 13.37 123.46
N ARG U 23 -35.56 13.46 122.16
CA ARG U 23 -34.45 12.71 121.57
C ARG U 23 -34.91 11.34 121.09
N VAL U 24 -35.79 11.33 120.08
CA VAL U 24 -36.30 10.09 119.53
C VAL U 24 -36.86 10.29 118.14
N LEU U 25 -37.12 9.20 117.42
CA LEU U 25 -37.65 9.25 116.07
C LEU U 25 -39.08 9.78 116.08
N ARG U 26 -39.57 10.16 114.90
CA ARG U 26 -40.93 10.68 114.76
C ARG U 26 -41.21 11.11 113.32
N LEU U 27 -42.18 10.45 112.70
CA LEU U 27 -42.55 10.77 111.32
C LEU U 27 -43.73 11.73 111.27
N ALA U 28 -43.90 12.39 110.13
CA ALA U 28 -44.99 13.35 109.96
C ALA U 28 -45.23 13.64 108.48
N CYS U 29 -46.27 14.42 108.21
CA CYS U 29 -46.60 14.79 106.83
C CYS U 29 -46.65 16.30 106.65
N ARG U 30 -46.51 16.76 105.42
CA ARG U 30 -46.54 18.18 105.11
C ARG U 30 -47.94 18.64 104.74
N ASN U 31 -48.87 17.69 104.65
CA ASN U 31 -50.25 17.99 104.30
C ASN U 31 -51.07 18.44 105.51
N CYS U 32 -51.17 17.55 106.50
CA CYS U 32 -51.92 17.85 107.71
C CYS U 32 -50.99 18.16 108.88
N ASP U 33 -51.15 17.42 109.98
CA ASP U 33 -50.32 17.62 111.15
C ASP U 33 -49.95 16.28 111.79
N TYR U 34 -50.72 15.26 111.51
CA TYR U 34 -50.48 13.92 112.04
C TYR U 34 -49.00 13.71 112.33
N SER U 35 -48.70 12.95 113.37
CA SER U 35 -47.33 12.66 113.75
C SER U 35 -47.22 11.36 114.55
N GLU U 36 -46.70 10.32 113.90
CA GLU U 36 -46.56 9.02 114.55
C GLU U 36 -45.10 8.74 114.90
N ILE U 37 -44.88 7.87 115.89
CA ILE U 37 -43.54 7.52 116.31
C ILE U 37 -42.82 6.69 115.24
N ALA U 38 -41.51 6.57 115.38
CA ALA U 38 -40.70 5.81 114.43
C ALA U 38 -40.91 4.32 114.62
N ALA U 39 -40.50 3.54 113.62
CA ALA U 39 -40.63 2.09 113.67
C ALA U 39 -39.28 1.41 113.87
N THR U 40 -38.37 1.79 113.08
CA THR U 40 -37.03 1.23 113.18
C THR U 40 -35.96 2.31 112.96
N SER U 41 -34.81 2.13 113.59
CA SER U 41 -33.71 3.08 113.46
C SER U 41 -33.40 3.36 112.00
N LYS U 42 -33.58 2.36 111.15
CA LYS U 42 -33.33 2.49 109.73
C LYS U 42 -34.18 3.59 109.11
N VAL U 43 -33.70 4.17 108.01
CA VAL U 43 -34.42 5.22 107.32
C VAL U 43 -34.39 5.03 105.81
N TYR U 44 -33.22 5.28 105.21
CA TYR U 44 -33.05 5.12 103.78
C TYR U 44 -31.87 4.21 103.47
N ARG U 45 -31.98 3.47 102.36
CA ARG U 45 -30.92 2.55 101.94
C ARG U 45 -30.51 2.80 100.49
N HIS U 46 -29.24 2.57 100.19
CA HIS U 46 -28.73 2.77 98.84
C HIS U 46 -28.88 1.50 98.01
N GLU U 47 -27.91 0.60 98.12
CA GLU U 47 -27.93 -0.66 97.38
C GLU U 47 -27.48 -0.45 95.94
N LEU U 48 -26.34 -1.03 95.59
CA LEU U 48 -25.80 -0.93 94.24
C LEU U 48 -26.37 -2.01 93.34
N GLN U 49 -27.11 -2.95 93.92
CA GLN U 49 -27.70 -4.05 93.18
C GLN U 49 -26.99 -5.36 93.48
N SER U 50 -27.76 -6.36 93.89
CA SER U 50 -27.21 -7.68 94.20
C SER U 50 -28.27 -8.77 94.05
N SER U 51 -29.31 -8.48 93.27
CA SER U 51 -30.39 -9.43 93.04
C SER U 51 -31.69 -8.72 92.71
N ASN U 52 -32.74 -9.03 93.46
CA ASN U 52 -34.05 -8.42 93.24
C ASN U 52 -35.08 -9.43 92.77
N VAL U 53 -35.02 -10.64 93.33
CA VAL U 53 -35.96 -11.70 92.97
C VAL U 53 -36.23 -12.62 94.16
N GLU U 54 -35.17 -13.01 94.85
CA GLU U 54 -35.30 -13.90 96.01
C GLU U 54 -36.21 -15.09 95.69
N ASN U 55 -37.51 -14.85 95.71
CA ASN U 55 -38.48 -15.90 95.44
C ASN U 55 -39.31 -15.60 94.19
N THR U 56 -39.00 -14.48 93.54
CA THR U 56 -39.71 -14.07 92.33
C THR U 56 -41.07 -14.77 92.23
N THR U 57 -41.86 -14.66 93.29
CA THR U 57 -43.18 -15.27 93.33
C THR U 57 -43.88 -15.18 91.98
N VAL U 58 -44.21 -16.34 91.41
CA VAL U 58 -43.94 -17.61 92.04
C VAL U 58 -44.17 -18.77 91.08
N SER U 59 -43.69 -18.61 89.85
CA SER U 59 -43.84 -19.64 88.83
C SER U 59 -45.24 -20.25 88.86
N HIS U 60 -46.13 -19.64 89.65
CA HIS U 60 -47.50 -20.11 89.77
C HIS U 60 -48.15 -20.29 88.39
N ASP U 61 -47.35 -20.10 87.34
CA ASP U 61 -47.84 -20.24 85.98
C ASP U 61 -46.83 -20.96 85.10
N ALA U 62 -46.13 -21.93 85.67
CA ALA U 62 -45.13 -22.69 84.93
C ALA U 62 -45.69 -24.03 84.47
N SER U 63 -46.51 -24.65 85.31
CA SER U 63 -47.13 -25.94 84.97
C SER U 63 -47.98 -25.84 83.71
N THR U 64 -48.58 -24.68 83.50
CA THR U 64 -49.43 -24.44 82.33
C THR U 64 -48.63 -23.80 81.20
N ASP U 65 -47.31 -23.87 81.30
CA ASP U 65 -46.44 -23.29 80.28
C ASP U 65 -45.93 -24.36 79.32
N PRO U 66 -46.82 -24.84 78.45
CA PRO U 66 -46.45 -25.88 77.48
C PRO U 66 -45.04 -25.67 76.94
N THR U 67 -44.61 -24.42 76.86
CA THR U 67 -43.28 -24.10 76.35
C THR U 67 -42.26 -23.98 77.49
N LEU U 68 -41.95 -25.11 78.11
CA LEU U 68 -40.99 -25.13 79.21
C LEU U 68 -40.53 -26.56 79.37
N PRO U 69 -39.33 -26.74 79.94
CA PRO U 69 -38.78 -28.08 80.15
C PRO U 69 -39.34 -28.73 81.41
N ARG U 70 -38.96 -29.98 81.64
CA ARG U 70 -39.43 -30.71 82.82
C ARG U 70 -38.39 -31.72 83.29
N SER U 71 -38.42 -32.05 84.58
CA SER U 71 -37.48 -33.00 85.15
C SER U 71 -38.06 -34.41 85.14
N ASP U 72 -37.70 -35.20 86.15
CA ASP U 72 -38.17 -36.57 86.26
C ASP U 72 -38.04 -37.09 87.69
N LYS U 73 -39.17 -37.19 88.38
CA LYS U 73 -39.19 -37.66 89.76
C LYS U 73 -38.22 -36.87 90.63
N GLU U 74 -38.46 -36.86 91.94
CA GLU U 74 -37.62 -36.14 92.88
C GLU U 74 -38.17 -34.75 93.15
N CYS U 75 -39.45 -34.69 93.53
CA CYS U 75 -40.10 -33.42 93.82
C CYS U 75 -40.12 -33.15 95.32
N PRO U 76 -38.94 -32.89 95.88
CA PRO U 76 -38.82 -32.61 97.32
C PRO U 76 -40.17 -32.28 97.95
N ARG U 77 -40.50 -32.93 99.06
CA ARG U 77 -41.75 -32.70 99.75
C ARG U 77 -42.94 -33.19 98.92
N CYS U 78 -44.09 -32.55 99.12
CA CYS U 78 -45.29 -32.93 98.38
C CYS U 78 -45.27 -34.39 97.97
N HIS U 79 -45.01 -34.64 96.69
CA HIS U 79 -44.95 -36.00 96.17
C HIS U 79 -45.43 -36.06 94.72
N GLN U 80 -44.85 -36.98 93.96
CA GLN U 80 -45.21 -37.13 92.55
C GLN U 80 -44.00 -36.94 91.64
N HIS U 81 -44.20 -37.16 90.34
CA HIS U 81 -43.13 -37.00 89.36
C HIS U 81 -43.41 -35.83 88.43
N GLU U 82 -42.45 -35.56 87.54
CA GLU U 82 -42.59 -34.47 86.59
C GLU U 82 -42.46 -33.11 87.27
N ALA U 83 -41.51 -32.32 86.81
CA ALA U 83 -41.28 -30.99 87.37
C ALA U 83 -40.62 -30.06 86.35
N VAL U 84 -41.27 -28.92 86.13
CA VAL U 84 -40.76 -27.88 85.24
C VAL U 84 -39.68 -27.06 85.94
N PHE U 85 -38.71 -26.58 85.17
CA PHE U 85 -37.63 -25.76 85.71
C PHE U 85 -37.42 -24.49 84.89
N TYR U 86 -36.28 -23.85 85.10
CA TYR U 86 -35.96 -22.62 84.37
C TYR U 86 -34.99 -21.74 85.17
N GLN U 87 -34.37 -20.79 84.49
CA GLN U 87 -33.42 -19.88 85.12
C GLN U 87 -33.95 -18.46 85.16
N THR U 88 -33.05 -17.49 85.25
CA THR U 88 -33.43 -16.09 85.30
C THR U 88 -32.80 -15.31 84.15
N HIS U 89 -31.54 -14.92 84.32
CA HIS U 89 -30.83 -14.17 83.30
C HIS U 89 -31.53 -12.86 82.98
N SER U 90 -31.05 -11.76 83.56
CA SER U 90 -31.63 -10.45 83.33
C SER U 90 -30.58 -9.44 82.91
N ARG U 91 -30.67 -8.98 81.67
CA ARG U 91 -29.71 -8.01 81.14
C ARG U 91 -28.28 -8.42 81.45
N ARG U 92 -27.74 -7.88 82.54
CA ARG U 92 -26.38 -8.19 82.96
C ARG U 92 -26.37 -9.22 84.09
N GLY U 93 -25.18 -9.54 84.57
CA GLY U 93 -25.03 -10.51 85.65
C GLY U 93 -23.89 -10.16 86.58
N ASP U 94 -23.08 -11.17 86.91
CA ASP U 94 -23.29 -12.52 86.41
C ASP U 94 -24.16 -13.33 87.35
N THR U 95 -25.48 -13.16 87.24
CA THR U 95 -26.42 -13.87 88.09
C THR U 95 -26.37 -15.37 87.84
N MET U 96 -25.19 -15.95 87.99
CA MET U 96 -24.99 -17.38 87.79
C MET U 96 -26.21 -18.00 87.11
N MET U 97 -26.84 -18.96 87.79
CA MET U 97 -28.02 -19.63 87.25
C MET U 97 -28.72 -20.45 88.33
N THR U 98 -29.28 -19.77 89.31
CA THR U 98 -29.99 -20.43 90.40
C THR U 98 -31.18 -21.23 89.89
N LEU U 99 -30.99 -21.87 88.73
CA LEU U 99 -32.05 -22.68 88.13
C LEU U 99 -32.93 -23.33 89.19
N ILE U 100 -34.22 -23.01 89.15
CA ILE U 100 -35.17 -23.56 90.10
C ILE U 100 -36.07 -24.60 89.43
N TYR U 101 -37.16 -24.96 90.11
CA TYR U 101 -38.10 -25.94 89.59
C TYR U 101 -39.48 -25.75 90.20
N VAL U 102 -40.47 -26.45 89.65
CA VAL U 102 -41.82 -26.49 90.20
C VAL U 102 -42.55 -27.75 89.77
N CYS U 103 -43.19 -28.44 90.71
CA CYS U 103 -43.95 -29.65 90.39
C CYS U 103 -45.23 -29.30 89.63
N VAL U 104 -45.84 -30.30 89.01
CA VAL U 104 -47.08 -30.09 88.27
C VAL U 104 -48.30 -30.30 89.14
N HIS U 105 -48.12 -31.05 90.23
CA HIS U 105 -49.22 -31.33 91.15
C HIS U 105 -49.03 -30.57 92.46
N CYS U 106 -48.30 -29.46 92.40
CA CYS U 106 -48.05 -28.65 93.58
C CYS U 106 -47.54 -27.27 93.20
N GLY U 107 -46.30 -26.96 93.58
CA GLY U 107 -45.70 -25.68 93.28
C GLY U 107 -44.62 -25.30 94.28
N PHE U 108 -43.94 -26.30 94.82
CA PHE U 108 -42.87 -26.07 95.78
C PHE U 108 -41.57 -25.70 95.09
N ALA U 109 -41.21 -24.42 95.19
CA ALA U 109 -39.97 -23.93 94.57
C ALA U 109 -38.75 -24.62 95.16
N PHE U 110 -38.66 -25.94 94.97
CA PHE U 110 -37.55 -26.71 95.47
C PHE U 110 -36.25 -26.37 94.75
N GLU U 111 -35.38 -25.60 95.40
CA GLU U 111 -34.12 -25.16 94.80
C GLU U 111 -33.21 -26.34 94.45
N GLU U 112 -31.90 -26.17 94.67
CA GLU U 112 -30.92 -27.24 94.46
C GLU U 112 -29.55 -26.66 94.11
N GLN U 113 -28.56 -26.97 94.95
CA GLN U 113 -27.20 -26.49 94.72
C GLN U 113 -27.17 -25.36 93.69
N MET V 1 -44.54 -23.08 22.66
CA MET V 1 -45.58 -23.33 21.66
C MET V 1 -45.18 -24.50 20.75
N ILE V 2 -45.96 -25.57 20.78
CA ILE V 2 -45.70 -26.78 20.01
C ILE V 2 -44.27 -27.30 20.13
N ILE V 3 -44.13 -28.60 19.98
CA ILE V 3 -42.85 -29.29 20.05
C ILE V 3 -41.84 -28.51 19.26
N PRO V 4 -40.58 -28.45 19.74
CA PRO V 4 -39.46 -27.76 19.09
C PRO V 4 -39.15 -28.17 17.65
N ILE V 5 -39.33 -29.44 17.31
CA ILE V 5 -38.91 -30.03 16.03
C ILE V 5 -37.40 -29.97 15.90
N ARG V 6 -36.76 -31.12 15.79
CA ARG V 6 -35.29 -31.21 15.85
C ARG V 6 -34.75 -30.94 17.27
N CYS V 7 -34.22 -31.98 17.90
CA CYS V 7 -33.78 -31.82 19.27
C CYS V 7 -32.66 -30.86 19.35
N PHE V 8 -32.50 -30.30 20.53
CA PHE V 8 -31.52 -29.26 20.75
C PHE V 8 -30.07 -29.66 20.58
N SER V 9 -29.75 -30.90 20.93
CA SER V 9 -28.37 -31.34 20.91
C SER V 9 -27.98 -32.09 19.63
N CYS V 10 -28.78 -33.07 19.23
CA CYS V 10 -28.63 -33.81 17.98
C CYS V 10 -29.48 -33.21 16.86
N GLY V 11 -29.89 -34.03 15.88
CA GLY V 11 -30.75 -33.54 14.82
C GLY V 11 -32.05 -34.29 14.80
N LYS V 12 -32.04 -35.43 15.48
CA LYS V 12 -33.20 -36.33 15.59
C LYS V 12 -34.50 -35.55 15.53
N VAL V 13 -35.25 -35.75 14.46
CA VAL V 13 -36.50 -35.01 14.28
C VAL V 13 -37.51 -35.33 15.39
N ILE V 14 -38.10 -34.31 16.00
CA ILE V 14 -39.16 -34.55 16.98
C ILE V 14 -40.51 -33.88 16.67
N GLY V 15 -40.67 -33.34 15.47
CA GLY V 15 -41.94 -32.73 15.09
C GLY V 15 -42.98 -33.80 14.83
N ASP V 16 -42.50 -34.91 14.27
CA ASP V 16 -43.32 -36.06 13.94
C ASP V 16 -43.67 -36.86 15.18
N LYS V 17 -42.77 -36.87 16.16
CA LYS V 17 -42.85 -37.84 17.24
C LYS V 17 -43.60 -37.38 18.51
N TRP V 18 -44.69 -36.64 18.32
CA TRP V 18 -45.49 -36.13 19.45
C TRP V 18 -46.99 -36.41 19.27
N ASP V 19 -47.55 -36.07 18.10
CA ASP V 19 -48.93 -36.44 17.79
C ASP V 19 -49.13 -37.91 18.16
N THR V 20 -48.01 -38.65 18.19
CA THR V 20 -47.99 -40.06 18.56
C THR V 20 -47.55 -40.25 20.02
N TYR V 21 -46.69 -39.39 20.51
CA TYR V 21 -46.26 -39.52 21.88
C TYR V 21 -47.42 -39.41 22.85
N LEU V 22 -48.05 -38.24 22.88
CA LEU V 22 -49.15 -37.96 23.81
C LEU V 22 -50.19 -39.08 23.79
N THR V 23 -50.33 -39.79 22.67
CA THR V 23 -51.26 -40.92 22.61
C THR V 23 -50.68 -42.22 23.19
N LEU V 24 -49.97 -42.08 24.32
CA LEU V 24 -49.50 -43.23 25.10
C LEU V 24 -49.49 -42.91 26.59
N LEU V 25 -48.81 -41.84 27.00
CA LEU V 25 -48.80 -41.50 28.43
C LEU V 25 -50.19 -41.14 28.96
N GLN V 26 -51.16 -40.98 28.07
CA GLN V 26 -52.53 -40.74 28.48
C GLN V 26 -53.48 -41.62 27.65
N GLU V 27 -52.93 -42.63 26.99
CA GLU V 27 -53.72 -43.47 26.11
C GLU V 27 -52.99 -44.75 25.71
N ASP V 28 -52.64 -45.57 26.71
CA ASP V 28 -52.09 -46.90 26.47
C ASP V 28 -51.53 -47.49 27.76
N ASN V 29 -51.68 -46.75 28.86
CA ASN V 29 -51.17 -47.18 30.17
C ASN V 29 -49.68 -47.57 30.24
N THR V 30 -48.86 -46.99 29.35
CA THR V 30 -47.40 -47.18 29.39
C THR V 30 -46.73 -46.00 30.10
N GLU V 31 -45.50 -46.19 30.60
CA GLU V 31 -44.87 -45.17 31.44
C GLU V 31 -44.29 -44.00 30.65
N GLY V 32 -43.78 -42.99 31.37
CA GLY V 32 -42.88 -42.05 30.74
C GLY V 32 -41.86 -42.90 29.99
N GLU V 33 -41.70 -44.13 30.44
CA GLU V 33 -40.74 -45.05 29.83
C GLU V 33 -41.11 -45.41 28.39
N ALA V 34 -42.38 -45.23 28.04
CA ALA V 34 -42.89 -45.64 26.74
C ALA V 34 -42.24 -44.97 25.52
N LEU V 35 -41.84 -43.71 25.66
CA LEU V 35 -41.12 -43.03 24.60
C LEU V 35 -39.94 -43.87 24.07
N ASP V 36 -39.35 -44.69 24.95
CA ASP V 36 -38.27 -45.59 24.55
C ASP V 36 -38.70 -46.32 23.29
N LYS V 37 -40.01 -46.41 23.08
CA LYS V 37 -40.56 -47.09 21.92
C LYS V 37 -40.64 -46.15 20.72
N LEU V 38 -39.86 -45.06 20.77
CA LEU V 38 -39.85 -44.08 19.69
C LEU V 38 -38.42 -43.83 19.21
N GLY V 39 -37.49 -44.66 19.65
CA GLY V 39 -36.10 -44.54 19.27
C GLY V 39 -35.39 -43.43 20.01
N LEU V 40 -35.58 -43.38 21.32
CA LEU V 40 -34.96 -42.36 22.15
C LEU V 40 -33.97 -42.97 23.13
N GLN V 41 -32.82 -43.38 22.62
CA GLN V 41 -31.78 -43.99 23.45
C GLN V 41 -30.90 -42.94 24.10
N ARG V 42 -30.70 -41.83 23.39
CA ARG V 42 -29.87 -40.73 23.88
C ARG V 42 -30.59 -39.94 24.97
N TYR V 43 -29.82 -39.20 25.76
CA TYR V 43 -30.38 -38.39 26.84
C TYR V 43 -31.81 -37.95 26.51
N CYS V 44 -31.94 -36.92 25.68
CA CYS V 44 -30.76 -36.24 25.14
C CYS V 44 -31.45 -35.16 24.42
N CYS V 45 -32.33 -35.65 23.57
CA CYS V 45 -33.30 -34.91 22.87
C CYS V 45 -34.57 -35.47 23.43
N ARG V 46 -34.45 -36.62 24.03
CA ARG V 46 -35.65 -37.29 24.48
C ARG V 46 -36.18 -36.56 25.69
N ARG V 47 -35.37 -35.65 26.23
CA ARG V 47 -35.89 -34.78 27.27
C ARG V 47 -36.56 -33.63 26.54
N MET V 48 -36.86 -33.85 25.27
CA MET V 48 -37.48 -32.80 24.50
C MET V 48 -38.96 -32.97 24.52
N ILE V 49 -39.46 -34.15 24.19
CA ILE V 49 -40.90 -34.30 24.23
C ILE V 49 -41.31 -34.28 25.68
N LEU V 50 -40.40 -34.68 26.57
CA LEU V 50 -40.72 -34.86 27.99
C LEU V 50 -40.83 -33.57 28.76
N THR V 51 -39.99 -32.61 28.46
CA THR V 51 -39.93 -31.45 29.29
C THR V 51 -40.68 -30.33 28.61
N HIS V 52 -41.66 -30.70 27.81
CA HIS V 52 -42.27 -29.72 26.93
C HIS V 52 -43.61 -29.18 27.45
N VAL V 53 -43.99 -27.94 27.12
CA VAL V 53 -45.31 -27.43 27.52
C VAL V 53 -46.19 -27.12 26.30
N ASP V 54 -47.37 -27.73 26.25
CA ASP V 54 -48.33 -27.53 25.14
C ASP V 54 -48.94 -26.15 25.18
N LEU V 55 -48.19 -25.11 24.82
CA LEU V 55 -48.70 -23.74 25.02
C LEU V 55 -49.56 -23.16 23.92
N ILE V 56 -50.19 -24.01 23.11
CA ILE V 56 -50.92 -23.50 21.96
C ILE V 56 -52.42 -23.80 22.09
N GLU V 57 -52.79 -24.98 22.59
CA GLU V 57 -54.21 -25.22 22.85
C GLU V 57 -54.75 -24.09 23.73
N LYS V 58 -53.93 -23.70 24.71
CA LYS V 58 -54.28 -22.66 25.69
C LYS V 58 -53.92 -21.25 25.20
N LEU V 59 -53.38 -21.15 23.99
CA LEU V 59 -53.18 -19.85 23.35
C LEU V 59 -54.15 -19.68 22.18
N LEU V 60 -54.37 -20.74 21.41
CA LEU V 60 -55.29 -20.73 20.26
C LEU V 60 -56.70 -20.22 20.56
N CYS V 61 -57.15 -20.31 21.80
CA CYS V 61 -58.49 -19.87 22.12
C CYS V 61 -58.50 -18.40 22.53
N TYR V 62 -58.02 -17.52 21.65
CA TYR V 62 -58.22 -16.09 21.78
C TYR V 62 -58.91 -15.41 20.52
N ASN V 63 -59.44 -16.27 19.64
CA ASN V 63 -60.02 -15.86 18.35
C ASN V 63 -60.33 -14.39 18.16
N PRO V 64 -59.74 -13.78 17.13
CA PRO V 64 -59.95 -12.40 16.69
C PRO V 64 -61.35 -12.19 16.11
N MET W 1 -25.82 -8.46 15.77
CA MET W 1 -25.45 -7.13 15.29
C MET W 1 -23.99 -7.00 14.88
N ASN W 2 -23.10 -7.68 15.60
CA ASN W 2 -21.70 -7.82 15.17
C ASN W 2 -21.39 -9.26 14.97
N GLN W 3 -22.32 -9.98 14.38
CA GLN W 3 -22.11 -11.38 14.07
C GLN W 3 -21.49 -11.50 12.69
N PRO W 4 -20.29 -12.05 12.64
CA PRO W 4 -19.58 -12.18 11.37
C PRO W 4 -20.50 -12.96 10.44
N GLU W 5 -20.37 -12.74 9.15
CA GLU W 5 -21.20 -13.42 8.16
C GLU W 5 -20.88 -14.91 8.02
N ARG W 6 -21.88 -15.75 8.19
CA ARG W 6 -21.66 -17.19 8.21
C ARG W 6 -21.10 -17.69 6.89
N TYR W 7 -21.62 -17.16 5.80
CA TYR W 7 -21.16 -17.53 4.48
C TYR W 7 -19.68 -17.16 4.32
N GLU W 8 -19.22 -16.22 5.13
CA GLU W 8 -17.80 -15.88 5.16
C GLU W 8 -17.05 -16.89 6.03
N LEU W 9 -17.69 -18.02 6.28
CA LEU W 9 -17.00 -19.15 6.85
C LEU W 9 -16.66 -20.16 5.77
N ILE W 10 -17.51 -20.28 4.76
CA ILE W 10 -17.26 -21.23 3.67
C ILE W 10 -17.06 -20.57 2.32
N GLU W 11 -16.16 -19.60 2.26
CA GLU W 11 -15.90 -18.89 1.01
C GLU W 11 -14.73 -17.95 1.16
N LEU W 12 -13.63 -18.23 0.46
CA LEU W 12 -12.43 -17.43 0.61
C LEU W 12 -12.59 -16.06 0.01
N MET W 13 -12.60 -15.04 0.87
CA MET W 13 -12.70 -13.68 0.38
C MET W 13 -11.42 -13.29 -0.33
N GLY W 14 -11.30 -13.76 -1.57
CA GLY W 14 -10.14 -13.50 -2.39
C GLY W 14 -8.89 -13.86 -1.63
N LEU W 15 -9.03 -14.79 -0.69
CA LEU W 15 -7.89 -15.22 0.09
C LEU W 15 -7.39 -16.53 -0.47
N PRO W 16 -6.08 -16.60 -0.73
CA PRO W 16 -5.43 -17.75 -1.38
C PRO W 16 -5.57 -18.95 -0.50
N LYS W 17 -6.45 -19.90 -0.84
CA LYS W 17 -6.67 -21.04 0.00
C LYS W 17 -5.39 -21.51 0.67
N VAL W 18 -4.44 -21.97 -0.14
CA VAL W 18 -3.14 -22.42 0.40
C VAL W 18 -2.04 -21.39 0.25
N THR W 19 -1.08 -21.38 1.18
CA THR W 19 0.10 -20.52 1.02
C THR W 19 1.31 -21.23 1.59
N TYR W 20 2.36 -21.33 0.79
CA TYR W 20 3.56 -22.07 1.17
C TYR W 20 4.68 -21.10 1.34
N GLU W 21 5.23 -21.00 2.54
CA GLU W 21 6.31 -20.05 2.78
C GLU W 21 7.32 -20.57 3.78
N LEU W 22 8.57 -20.58 3.38
CA LEU W 22 9.66 -21.06 4.23
C LEU W 22 9.66 -20.29 5.55
N ASP W 23 10.60 -20.62 6.43
CA ASP W 23 10.68 -19.88 7.70
C ASP W 23 11.99 -19.10 7.84
N SER W 24 12.99 -19.69 8.48
CA SER W 24 14.27 -19.01 8.63
C SER W 24 15.52 -19.91 8.75
N LYS W 25 15.77 -20.59 9.88
CA LYS W 25 14.99 -20.63 11.13
C LYS W 25 13.49 -20.82 10.95
N SER W 26 13.10 -22.05 10.67
CA SER W 26 14.05 -23.17 10.60
C SER W 26 14.55 -23.38 9.19
N PRO W 27 15.75 -23.99 9.06
CA PRO W 27 16.39 -24.29 7.78
C PRO W 27 15.85 -25.57 7.16
N ASN W 28 15.48 -25.50 5.88
CA ASN W 28 14.82 -26.60 5.19
C ASN W 28 13.53 -26.96 5.90
N ALA W 29 12.65 -25.98 6.07
CA ALA W 29 11.36 -26.18 6.72
C ALA W 29 10.40 -25.02 6.43
N ALA W 30 9.20 -25.35 5.97
CA ALA W 30 8.22 -24.35 5.57
C ALA W 30 6.88 -24.49 6.29
N VAL W 31 6.02 -23.48 6.12
CA VAL W 31 4.82 -23.30 6.94
C VAL W 31 3.61 -23.04 6.07
N VAL W 32 2.64 -23.93 6.11
CA VAL W 32 1.49 -23.86 5.22
C VAL W 32 0.23 -23.32 5.87
N THR W 33 -0.46 -22.45 5.16
CA THR W 33 -1.60 -21.78 5.75
C THR W 33 -2.82 -21.98 4.88
N LEU W 34 -3.49 -23.12 5.06
CA LEU W 34 -4.79 -23.37 4.41
C LEU W 34 -5.87 -22.51 5.03
N GLU W 35 -6.76 -21.96 4.22
CA GLU W 35 -7.78 -21.09 4.77
C GLU W 35 -9.18 -21.61 4.51
N LYS W 36 -10.14 -21.08 5.27
CA LYS W 36 -11.54 -21.53 5.21
C LYS W 36 -11.68 -23.04 5.07
N GLU W 37 -10.69 -23.77 5.57
CA GLU W 37 -10.82 -25.21 5.68
C GLU W 37 -9.86 -25.72 6.70
N ASP W 38 -10.37 -26.24 7.80
CA ASP W 38 -9.54 -26.65 8.94
C ASP W 38 -10.19 -27.66 9.87
N HIS W 39 -9.48 -28.03 10.94
CA HIS W 39 -9.99 -28.90 12.01
C HIS W 39 -10.48 -30.25 11.53
N THR W 40 -9.89 -30.77 10.47
CA THR W 40 -10.35 -32.02 9.88
C THR W 40 -9.25 -32.46 8.95
N LEU W 41 -9.06 -31.69 7.88
CA LEU W 41 -7.96 -31.90 6.95
C LEU W 41 -6.65 -31.84 7.71
N ALA W 42 -6.57 -30.95 8.69
CA ALA W 42 -5.32 -30.71 9.39
C ALA W 42 -4.90 -31.92 10.20
N ASN W 43 -5.82 -32.43 11.01
CA ASN W 43 -5.46 -33.49 11.93
C ASN W 43 -4.93 -34.72 11.21
N MET W 44 -5.40 -34.95 9.99
CA MET W 44 -4.93 -36.10 9.26
C MET W 44 -3.43 -36.01 8.90
N LEU W 45 -3.03 -34.94 8.21
CA LEU W 45 -1.64 -34.81 7.77
C LEU W 45 -0.75 -34.65 8.97
N ALA W 46 -0.93 -35.47 9.98
CA ALA W 46 -0.16 -35.30 11.19
C ALA W 46 -0.01 -36.66 11.80
N ASN W 47 -1.06 -37.09 12.50
CA ASN W 47 -1.15 -38.44 13.04
C ASN W 47 -0.93 -39.45 11.93
N GLN W 48 -0.69 -38.94 10.71
CA GLN W 48 -0.31 -39.72 9.52
C GLN W 48 0.95 -39.11 8.88
N LEU W 49 1.03 -37.79 8.89
CA LEU W 49 2.23 -37.22 8.29
C LEU W 49 3.47 -37.64 9.06
N LEU W 50 3.36 -37.76 10.39
CA LEU W 50 4.50 -38.15 11.20
C LEU W 50 4.91 -39.60 11.00
N SER W 51 4.15 -40.31 10.16
CA SER W 51 4.45 -41.71 9.90
C SER W 51 5.56 -41.94 8.87
N ASP W 52 5.90 -40.88 8.12
CA ASP W 52 6.99 -40.95 7.14
C ASP W 52 8.31 -40.65 7.81
N GLU W 53 9.22 -41.63 7.79
CA GLU W 53 10.52 -41.48 8.42
C GLU W 53 11.26 -40.24 7.92
N ARG W 54 10.84 -39.74 6.76
CA ARG W 54 11.47 -38.58 6.15
C ARG W 54 11.23 -37.32 6.97
N VAL W 55 10.25 -37.35 7.87
CA VAL W 55 9.83 -36.13 8.58
C VAL W 55 10.55 -35.90 9.91
N LEU W 56 10.62 -34.64 10.32
CA LEU W 56 11.26 -34.28 11.57
C LEU W 56 10.45 -33.23 12.31
N PHE W 57 9.33 -32.85 11.74
CA PHE W 57 8.41 -31.99 12.45
C PHE W 57 7.06 -31.85 11.77
N ALA W 58 6.01 -31.60 12.54
CA ALA W 58 4.65 -31.60 12.02
C ALA W 58 3.71 -30.60 12.72
N GLY W 59 3.74 -29.35 12.28
CA GLY W 59 3.08 -28.25 12.94
C GLY W 59 1.63 -28.45 13.30
N TYR W 60 0.77 -27.64 12.68
CA TYR W 60 -0.68 -27.80 12.80
C TYR W 60 -1.27 -27.13 14.02
N LYS W 61 -1.86 -25.95 13.83
CA LYS W 61 -2.67 -25.34 14.88
C LYS W 61 -3.34 -24.05 14.50
N VAL W 62 -4.64 -24.03 14.73
CA VAL W 62 -5.52 -22.89 14.53
C VAL W 62 -5.25 -21.73 15.47
N PRO W 63 -5.02 -20.53 14.92
CA PRO W 63 -4.48 -19.42 15.71
C PRO W 63 -5.56 -18.85 16.55
N HIS W 64 -6.79 -18.98 16.09
CA HIS W 64 -7.87 -18.37 16.81
C HIS W 64 -9.21 -18.85 16.28
N PRO W 65 -10.08 -19.29 17.18
CA PRO W 65 -11.26 -20.03 16.75
C PRO W 65 -12.25 -19.12 16.06
N LEU W 66 -11.88 -17.87 15.85
CA LEU W 66 -12.70 -16.99 15.05
C LEU W 66 -12.30 -16.99 13.56
N ASN W 67 -11.00 -16.87 13.28
CA ASN W 67 -10.50 -16.99 11.92
C ASN W 67 -10.56 -18.44 11.53
N HIS W 68 -11.25 -18.74 10.42
CA HIS W 68 -11.41 -20.12 9.99
C HIS W 68 -10.24 -20.64 9.14
N ASN W 69 -9.07 -20.78 9.73
CA ASN W 69 -7.90 -21.27 9.00
C ASN W 69 -6.98 -22.09 9.89
N PHE W 70 -5.71 -22.20 9.50
CA PHE W 70 -4.75 -22.95 10.32
C PHE W 70 -3.39 -23.13 9.63
N ILE W 71 -2.30 -23.15 10.41
CA ILE W 71 -0.98 -23.28 9.84
C ILE W 71 -0.47 -24.70 9.99
N LEU W 72 0.64 -24.98 9.32
CA LEU W 72 1.27 -26.30 9.35
C LEU W 72 2.77 -26.15 9.05
N ARG W 73 3.60 -26.55 9.99
CA ARG W 73 5.01 -26.38 9.80
C ARG W 73 5.61 -27.72 9.58
N VAL W 74 6.49 -27.85 8.59
CA VAL W 74 7.23 -29.08 8.44
C VAL W 74 8.74 -28.85 8.26
N GLN W 75 9.54 -29.65 8.96
CA GLN W 75 10.99 -29.52 8.90
C GLN W 75 11.55 -30.81 8.35
N THR W 76 12.45 -30.68 7.39
CA THR W 76 13.12 -31.80 6.73
C THR W 76 13.78 -31.27 5.45
N VAL W 77 15.10 -31.39 5.33
CA VAL W 77 15.97 -32.06 6.30
C VAL W 77 15.86 -33.58 6.19
N GLU W 78 16.78 -34.14 5.43
CA GLU W 78 17.71 -33.31 4.65
C GLU W 78 17.95 -33.85 3.24
N ASP W 79 17.10 -33.43 2.31
CA ASP W 79 17.24 -33.79 0.91
C ASP W 79 16.03 -33.28 0.15
N CYS W 80 14.88 -33.30 0.80
CA CYS W 80 13.66 -32.75 0.25
C CYS W 80 12.58 -32.96 1.30
N SER W 81 11.64 -32.02 1.39
CA SER W 81 11.52 -30.96 0.39
C SER W 81 11.23 -29.59 0.99
N PRO W 82 10.15 -29.46 1.78
CA PRO W 82 9.16 -30.43 2.26
C PRO W 82 7.78 -30.23 1.63
N LYS W 83 7.73 -29.52 0.51
CA LYS W 83 6.50 -29.38 -0.25
C LYS W 83 6.17 -30.73 -0.88
N GLN W 84 7.15 -31.62 -0.86
CA GLN W 84 6.97 -32.97 -1.39
C GLN W 84 6.58 -33.99 -0.31
N VAL W 85 6.94 -33.70 0.95
CA VAL W 85 6.69 -34.63 2.08
C VAL W 85 5.20 -34.72 2.41
N ILE W 86 4.57 -33.56 2.38
CA ILE W 86 3.15 -33.42 2.67
C ILE W 86 2.29 -33.93 1.49
N VAL W 87 2.78 -33.77 0.26
CA VAL W 87 2.05 -34.29 -0.89
C VAL W 87 2.15 -35.81 -0.93
N ASP W 88 3.36 -36.34 -0.77
CA ASP W 88 3.53 -37.78 -0.64
C ASP W 88 2.59 -38.28 0.45
N ALA W 89 2.32 -37.42 1.44
CA ALA W 89 1.39 -37.76 2.52
C ALA W 89 -0.05 -37.72 2.03
N ALA W 90 -0.47 -36.57 1.54
CA ALA W 90 -1.81 -36.41 0.99
C ALA W 90 -2.16 -37.52 0.02
N LYS W 91 -1.24 -37.86 -0.87
CA LYS W 91 -1.47 -38.92 -1.84
C LYS W 91 -1.69 -40.24 -1.08
N SER W 92 -0.85 -40.50 -0.09
CA SER W 92 -0.97 -41.75 0.65
C SER W 92 -2.31 -41.80 1.35
N LEU W 93 -2.95 -40.64 1.48
CA LEU W 93 -4.22 -40.57 2.18
C LEU W 93 -5.41 -40.86 1.27
N ILE W 94 -5.61 -40.04 0.26
CA ILE W 94 -6.70 -40.25 -0.67
C ILE W 94 -6.79 -41.72 -1.03
N THR W 95 -5.63 -42.33 -1.24
CA THR W 95 -5.59 -43.71 -1.67
C THR W 95 -5.94 -44.65 -0.53
N HIS W 96 -5.56 -44.29 0.70
CA HIS W 96 -5.93 -45.04 1.91
C HIS W 96 -7.40 -44.84 2.28
N LEU W 97 -7.99 -43.73 1.84
CA LEU W 97 -9.41 -43.53 2.04
C LEU W 97 -10.21 -44.52 1.21
N GLU W 98 -10.01 -44.53 -0.12
CA GLU W 98 -10.76 -45.48 -0.94
C GLU W 98 -10.71 -46.90 -0.38
N GLU W 99 -9.56 -47.30 0.19
CA GLU W 99 -9.42 -48.61 0.83
C GLU W 99 -10.64 -48.96 1.67
N ILE W 100 -11.25 -47.93 2.23
CA ILE W 100 -12.42 -48.11 3.08
C ILE W 100 -13.71 -47.74 2.32
N LYS W 101 -13.64 -46.73 1.46
CA LYS W 101 -14.79 -46.36 0.65
C LYS W 101 -15.29 -47.54 -0.17
N VAL W 102 -14.37 -48.46 -0.47
CA VAL W 102 -14.68 -49.64 -1.26
C VAL W 102 -15.19 -50.76 -0.37
N ASN W 103 -14.48 -51.03 0.73
CA ASN W 103 -14.95 -52.02 1.68
C ASN W 103 -16.37 -51.72 2.16
N PHE W 104 -16.68 -50.43 2.30
CA PHE W 104 -18.01 -50.01 2.68
C PHE W 104 -19.02 -50.38 1.58
N MET W 105 -18.79 -49.92 0.36
CA MET W 105 -19.71 -50.20 -0.74
C MET W 105 -19.70 -51.70 -1.04
N ARG W 106 -18.81 -52.45 -0.36
CA ARG W 106 -18.71 -53.89 -0.60
C ARG W 106 -19.45 -54.69 0.46
N GLU W 107 -19.27 -54.31 1.72
CA GLU W 107 -19.89 -55.04 2.80
C GLU W 107 -21.29 -54.55 3.13
N TRP W 108 -21.66 -53.39 2.60
CA TRP W 108 -23.03 -52.91 2.80
C TRP W 108 -24.01 -53.93 2.24
N GLU W 109 -24.13 -53.97 0.91
CA GLU W 109 -25.12 -54.82 0.27
C GLU W 109 -25.00 -56.26 0.70
N LEU W 110 -23.84 -56.59 1.27
CA LEU W 110 -23.54 -57.95 1.70
C LEU W 110 -24.24 -58.31 3.01
N LYS W 111 -24.48 -57.32 3.87
CA LYS W 111 -25.27 -57.58 5.06
C LYS W 111 -26.65 -56.96 4.91
N MET W 112 -26.97 -56.59 3.67
CA MET W 112 -28.33 -56.18 3.32
C MET W 112 -29.14 -57.38 2.89
N ILE W 113 -28.46 -58.45 2.53
CA ILE W 113 -29.15 -59.64 2.06
C ILE W 113 -29.71 -60.48 3.22
N SER W 114 -28.99 -60.54 4.34
CA SER W 114 -29.41 -61.39 5.46
C SER W 114 -30.70 -60.91 6.16
N VAL W 115 -31.08 -59.66 5.91
CA VAL W 115 -32.33 -59.13 6.47
C VAL W 115 -33.46 -59.24 5.46
N GLU W 116 -33.65 -60.43 4.90
CA GLU W 116 -34.64 -60.67 3.84
C GLU W 116 -34.39 -59.79 2.62
N GLY W 117 -35.30 -59.88 1.65
CA GLY W 117 -35.15 -59.17 0.39
C GLY W 117 -36.48 -58.76 -0.23
N VAL W 118 -36.78 -59.24 -1.43
CA VAL W 118 -35.91 -60.18 -2.13
C VAL W 118 -35.61 -59.71 -3.54
N GLU W 119 -35.61 -60.65 -4.48
CA GLU W 119 -35.32 -60.34 -5.88
C GLU W 119 -35.55 -61.55 -6.77
N THR X 19 -59.02 6.99 1.87
CA THR X 19 -58.81 6.42 3.19
C THR X 19 -58.74 4.90 3.16
N MET X 20 -58.51 4.28 4.31
CA MET X 20 -58.28 2.83 4.37
C MET X 20 -59.33 2.04 5.13
N ILE X 21 -59.03 0.75 5.30
CA ILE X 21 -59.91 -0.21 5.97
C ILE X 21 -59.36 -0.47 7.35
N TYR X 22 -60.24 -0.77 8.30
CA TYR X 22 -59.81 -1.20 9.64
C TYR X 22 -60.57 -2.44 10.08
N LEU X 23 -60.08 -3.10 11.13
CA LEU X 23 -60.72 -4.31 11.62
C LEU X 23 -60.98 -4.25 13.14
N CYS X 24 -62.16 -4.68 13.57
CA CYS X 24 -62.58 -4.61 14.97
C CYS X 24 -61.95 -5.70 15.81
N ALA X 25 -61.91 -5.50 17.13
CA ALA X 25 -61.29 -6.47 18.06
C ALA X 25 -62.06 -7.77 18.21
N ASP X 26 -63.38 -7.70 18.01
CA ASP X 26 -64.22 -8.86 18.18
C ASP X 26 -64.70 -9.43 16.84
N CYS X 27 -65.55 -8.67 16.17
CA CYS X 27 -66.18 -9.13 14.94
C CYS X 27 -65.13 -9.39 13.85
N GLY X 28 -64.36 -8.35 13.54
CA GLY X 28 -63.34 -8.43 12.52
C GLY X 28 -63.86 -7.99 11.17
N ALA X 29 -65.16 -7.70 11.07
CA ALA X 29 -65.74 -7.31 9.79
C ALA X 29 -65.08 -6.04 9.26
N ARG X 30 -65.06 -5.92 7.94
CA ARG X 30 -64.46 -4.76 7.31
C ARG X 30 -65.23 -3.50 7.68
N ASN X 31 -64.61 -2.64 8.48
CA ASN X 31 -65.23 -1.39 8.88
C ASN X 31 -65.04 -0.25 7.89
N THR X 32 -64.05 -0.40 7.01
CA THR X 32 -63.81 0.55 5.93
C THR X 32 -64.35 1.94 6.26
N ILE X 33 -63.78 2.58 7.29
CA ILE X 33 -64.31 3.83 7.79
C ILE X 33 -63.42 5.01 7.43
N GLN X 34 -64.02 6.18 7.36
CA GLN X 34 -63.37 7.37 6.83
C GLN X 34 -62.57 8.18 7.83
N ALA X 35 -61.52 8.82 7.33
CA ALA X 35 -60.65 9.64 8.15
C ALA X 35 -61.47 10.65 8.94
N LYS X 36 -60.91 11.06 10.08
CA LYS X 36 -61.57 12.03 10.96
C LYS X 36 -63.08 11.77 11.03
N GLU X 37 -63.49 10.92 11.96
CA GLU X 37 -64.91 10.65 12.16
C GLU X 37 -65.13 10.18 13.60
N VAL X 38 -65.53 8.93 13.76
CA VAL X 38 -65.68 8.33 15.08
C VAL X 38 -65.19 6.89 15.04
N ILE X 39 -64.40 6.50 16.02
CA ILE X 39 -63.87 5.15 16.05
C ILE X 39 -64.85 4.17 16.66
N ARG X 40 -65.36 3.26 15.84
CA ARG X 40 -66.35 2.28 16.28
C ARG X 40 -66.53 1.24 15.20
N CYS X 41 -67.71 0.66 15.10
CA CYS X 41 -67.96 -0.34 14.07
C CYS X 41 -69.21 -0.05 13.23
N ARG X 42 -69.98 -1.09 12.91
CA ARG X 42 -71.19 -0.92 12.10
C ARG X 42 -72.30 -1.87 12.51
N GLU X 43 -72.09 -3.16 12.31
CA GLU X 43 -73.12 -4.14 12.63
C GLU X 43 -72.80 -4.82 13.95
N CYS X 44 -72.61 -4.00 14.98
CA CYS X 44 -72.21 -4.50 16.29
C CYS X 44 -71.83 -3.37 17.24
N GLY X 45 -70.78 -3.61 18.02
CA GLY X 45 -70.36 -2.67 19.04
C GLY X 45 -68.86 -2.64 19.29
N HIS X 46 -68.48 -2.13 20.46
CA HIS X 46 -67.08 -1.96 20.87
C HIS X 46 -66.37 -0.94 19.99
N ARG X 47 -65.33 -0.32 20.51
CA ARG X 47 -64.66 0.75 19.77
C ARG X 47 -63.14 0.70 19.88
N VAL X 48 -62.51 -0.13 19.05
CA VAL X 48 -61.07 -0.24 19.02
C VAL X 48 -60.69 -0.39 17.56
N MET X 49 -60.10 -1.53 17.19
CA MET X 49 -59.69 -1.82 15.80
C MET X 49 -58.17 -1.83 15.46
N TYR X 50 -57.74 -2.95 14.87
CA TYR X 50 -56.39 -3.09 14.33
C TYR X 50 -56.39 -2.90 12.83
N LYS X 51 -55.28 -3.26 12.18
CA LYS X 51 -55.10 -2.93 10.76
C LYS X 51 -54.67 -4.13 9.92
N MET X 52 -55.32 -4.29 8.76
CA MET X 52 -55.04 -5.43 7.89
C MET X 52 -53.53 -5.54 7.61
N ARG X 53 -53.01 -6.77 7.56
CA ARG X 53 -51.60 -6.97 7.21
C ARG X 53 -51.40 -6.58 5.77
N THR X 54 -50.31 -5.90 5.47
CA THR X 54 -50.03 -5.50 4.09
C THR X 54 -49.85 -6.74 3.19
N LYS X 55 -49.69 -6.50 1.89
CA LYS X 55 -49.81 -7.58 0.90
C LYS X 55 -49.18 -8.92 1.27
N ARG X 56 -47.84 -9.08 1.23
CA ARG X 56 -46.87 -8.09 0.78
C ARG X 56 -45.52 -8.77 0.49
N MET X 57 -45.53 -10.10 0.39
CA MET X 57 -44.32 -10.90 0.16
C MET X 57 -43.07 -10.33 0.78
N VAL X 58 -42.78 -10.76 2.00
CA VAL X 58 -41.73 -10.16 2.79
C VAL X 58 -40.52 -11.08 3.02
N GLN X 59 -39.34 -10.52 2.81
CA GLN X 59 -38.09 -11.25 2.83
C GLN X 59 -37.80 -11.80 4.22
N PHE X 60 -37.86 -13.12 4.38
CA PHE X 60 -37.63 -13.78 5.68
C PHE X 60 -36.63 -14.93 5.69
N GLU X 61 -35.45 -14.71 6.26
CA GLU X 61 -34.48 -15.80 6.40
C GLU X 61 -35.04 -16.86 7.34
N ALA X 62 -34.64 -18.11 7.12
CA ALA X 62 -35.00 -19.20 8.02
C ALA X 62 -33.90 -19.56 9.01
N ARG X 63 -33.53 -18.63 9.90
CA ARG X 63 -32.50 -18.90 10.89
C ARG X 63 -32.88 -18.15 12.14
#